data_9H22
#
_entry.id   9H22
#
loop_
_entity.id
_entity.type
_entity.pdbx_description
1 polymer 'reaction centre S sub unit'
2 polymer 'Reaction center protein L chain'
3 polymer 'Reaction center protein M chain'
4 polymer 'reaction centre Ht su unit'
5 polymer 'reaction centre Hc sub unit'
6 polymer 'Photosynthetic reaction center cytochrome c subunit'
7 polymer 'Light-harvesting protein'
8 polymer 'Light-harvesting protein'
9 polymer 'Light-harvesting protein'
10 non-polymer 'BACTERIOCHLOROPHYLL A'
11 non-polymer 'BACTERIOPHEOPHYTIN A'
12 non-polymer DODECYL-BETA-D-MALTOSIDE
13 non-polymer 'MENAQUINONE 8'
14 non-polymer 'FE (III) ION'
15 non-polymer '(2R,5R,11R,14R)-5,8,11-trihydroxy-5,11-dioxido-17-oxo-2,14-bis(tetradecanoyloxy)-4,6,10,12,16-pentaoxa-5,11-diphosphatriacont-1-yl tetradecanoate'
16 non-polymer SPIRILLOXANTHIN
17 non-polymer 1,2-DIDECANOYL-SN-GLYCERO-3-PHOSPHOETHANOLAMINE
18 non-polymer 'HEME C'
19 non-polymer '(2~{E},4~{E},6~{E},10~{E},12~{E},14~{E},16~{E},18~{E},20~{E},22~{Z},24~{E},26~{E},28~{E})-23-methanoyl-31-methoxy-2,6,10,14,19,27,31-heptamethyl-dotriaconta-2,4,6,10,12,14,16,18,20,22,24,26,28-tridecaenoic acid'
20 water water
#
loop_
_entity_poly.entity_id
_entity_poly.type
_entity_poly.pdbx_seq_one_letter_code
_entity_poly.pdbx_strand_id
1 'polypeptide(L)'
;MMLRQDRPRVLSRVSTVVGIGALVAVAMAARSQGGQQATPPSAPQPPVAAPSAAPAATDSTMQDSTQRADTTAKADSMLA
MPDSMMMQHTAAAPAPQASAMWPVDPVTGQTIINGEPVVGRVFIMQKTDGTVKLGKWQAQYDGEPTAPEAANVGSSYTVP
APEHTRRMRGIMIQSTLWSIDGKRSARERRHYRPQTTGAALGQQ
;
S
2 'polypeptide(L)'
;MAMLSFEKKYRVRGGTLIGGDLFDFWFGPFYVGFFGVTTIFFVTLGTLLCVWGAAMGPTWNLWQISIAPPDLKYGLGLAP
LREGGLWQIITLCALGAFGSWALRQAEISRKLGMGMHIPWAYGGAVLAYATLVVIRPMLLGAWGHGFPYGIFSHLDWVSN
VGYQYLHFHYNPAHMIAVTFFFTNCLALAMHGSLILSVTNPKKGTPVGTSETENVFFRDLLGYSIGAIGIHRLGLFLAVG
AAVWSAICIVISGPFWTKGWPEWWNWWLNLPIWR
;
L
3 'polypeptide(L)'
;MLEYQNLFTRVQVRTVPEAGIEIDESTGTRYGTGTFSYLAGKFGDAQIGPIYLGWAGVLSLIFGFMAFEIIGLNMWASVG
WDPVEFIRQLPWLALEPPPPQYGLRVPPLAQGGWYLMAGFFLTISILLWWVRVYRRARALNMGTHLPWAFASAIFLYSTF
FFQPLLVGSWSEMVPFGIFPHLDWTSAFSIRYGNLYYNPFHALSIAFLYGSAVLFAMHGATILAVARLGGEREIEQITDR
GTAAERSMLFWRWTMGFNATMESIHRWSWWFAVLTTFSGGIGILLTGTVVDNWYLWGVKHGLVAPYPAQNTLTEEQQQLL
RGRYQGTAPDSFPSYVAPQPAMMLDSTAMMAPADSMKADSTKVDSAAAPSAPAAAAPPPAKPPAPSVGGKTP
;
M
4 'polypeptide(L)' MQYIDGAQIALYAFWLFFFGLIIYIRREDKREGYPLESPQGPREGWPAMPEKKTYIHRPTSGEGTH H
5 'polypeptide(L)'
;MSDIKAVPADSYNGSALIPTGDPMIDGVGPSSWANRSDTPDMTFHNTAKIVPMRLDPTYSIAKGDPDPRGLPVVAADKQV
AGTVIELWVNRAEPQVTYYEVQLTGSERRVMLPAGFVQWPNFGLWGNDKLLVKAITAAQFANVPALKRDDQITLLEEDMV
CAYYAGGHLYAMAERSEPII
;
K
6 'polypeptide(L)'
;MSILRRSIGLVAPLALLSLGACGDTATDSVQVGYRGTGMEQNYDHGDLKKQFAQVKIPTPLPPAGESPPGPLPWQNVQVL
NDISVGEFNRTMVAMSTWVAGTGNCAYCHNIANLAADTLPNGKPLYTKLVARRMLQMTRQINGQYSQHVKNTGVTCYTCH
MGKPLPNGLWFYSSQTDYLRHYLDRDGARVVTRDVAPSNANRSSVKQTEWTYALMISQSRSLGVNCTYCHNTRQFASWKE
APPARVTAYHGILMLRDVNQNYLSPLQPVYPSVRLGTQGDAPKAQCVTCHNGNYKPLYGAQMVKDYPALWGRADWNGVPF
QGLSPKADTTSAGAAPAAPAAAAPVPAVKRSSARTVPAPTVIGGAVGSPNTPK
;
C
7 'polypeptide(L)' MHRIWQGMDPQIIMSGLGFFLAGLALIIHMWAYSITGWPKYKKAQYNAQTPPTAVR AA,AB,AC,AD,AE,AF,AG,AH,AI,AJ,AK,AL,AM,AN,AO,AP,AQ,AR,AS,AT,AU,AV,AW,AX
8 'polypeptide(L)' MMEKGGMTEDEARRFHGYFVTGTLGYIIVAAVAHFLAWQWRPWF BA,BB,BC,BD,BE,BF,BG,BH,BI,BJ,BK,BL,BM,BN,BO,BP,BQ,BR,BS,BT,BU,BV,BW,BX,Ba,Bb,Bc,Bd,Be,Bf,Bg,Bh,Bi,Bj,Bk,Bl,Bm,Bn,Bo,Bp
9 'polypeptide(L)' MHRIWLMFDPRRVMVAMVGFLAVLALVIHFILLSSQRYSWIENGTLSAAQAPVGASAPAAAAEMSPLPPGR Aa,Ab,Ac,Ad,Ae,Af,Ag,Ah,Ai,Aj,Ak,Al,Am,An,Ao,Ap
#
loop_
_chem_comp.id
_chem_comp.type
_chem_comp.name
_chem_comp.formula
BCL non-polymer 'BACTERIOCHLOROPHYLL A' 'C55 H74 Mg N4 O6'
BPH non-polymer 'BACTERIOPHEOPHYTIN A' 'C55 H76 N4 O6'
CD4 non-polymer '(2R,5R,11R,14R)-5,8,11-trihydroxy-5,11-dioxido-17-oxo-2,14-bis(tetradecanoyloxy)-4,6,10,12,16-pentaoxa-5,11-diphosphatriacont-1-yl tetradecanoate' 'C65 H126 O17 P2'
CRT non-polymer SPIRILLOXANTHIN 'C42 H60 O2'
FE non-polymer 'FE (III) ION' 'Fe 3'
HEC non-polymer 'HEME C' 'C34 H34 Fe N4 O4'
LMT D-saccharide DODECYL-BETA-D-MALTOSIDE 'C24 H46 O11'
MQ8 non-polymer 'MENAQUINONE 8' 'C51 H72 O2'
PEX non-polymer 1,2-DIDECANOYL-SN-GLYCERO-3-PHOSPHOETHANOLAMINE 'C25 H49 N O8 P -1'
V7N non-polymer '(2~{E},4~{E},6~{E},10~{E},12~{E},14~{E},16~{E},18~{E},20~{E},22~{Z},24~{E},26~{E},28~{E})-23-methanoyl-31-methoxy-2,6,10,14,19,27,31-heptamethyl-dotriaconta-2,4,6,10,12,14,16,18,20,22,24,26,28-tridecaenoic acid' 'C41 H54 O4'
#
# COMPACT_ATOMS: atom_id res chain seq x y z
N MET A 101 6.37 17.12 48.34
CA MET A 101 5.75 16.05 49.12
C MET A 101 5.01 16.61 50.34
N TRP A 102 4.01 15.87 50.80
CA TRP A 102 3.23 16.30 51.95
C TRP A 102 4.07 16.23 53.22
N PRO A 103 3.72 17.01 54.25
CA PRO A 103 4.45 16.92 55.52
C PRO A 103 4.29 15.54 56.16
N VAL A 104 5.31 15.15 56.92
CA VAL A 104 5.37 13.85 57.58
C VAL A 104 5.39 14.07 59.08
N ASP A 105 4.56 13.32 59.80
CA ASP A 105 4.53 13.37 61.25
C ASP A 105 5.86 12.90 61.81
N PRO A 106 6.56 13.71 62.63
CA PRO A 106 7.88 13.29 63.13
C PRO A 106 7.83 12.23 64.21
N VAL A 107 6.65 11.85 64.70
CA VAL A 107 6.55 10.86 65.76
C VAL A 107 6.23 9.50 65.16
N THR A 108 5.11 9.40 64.46
CA THR A 108 4.65 8.15 63.86
C THR A 108 5.20 7.93 62.45
N GLY A 109 5.91 8.90 61.89
CA GLY A 109 6.37 8.78 60.51
C GLY A 109 5.25 8.68 59.51
N GLN A 110 4.12 9.32 59.77
CA GLN A 110 2.93 9.23 58.94
C GLN A 110 2.78 10.50 58.10
N THR A 111 2.36 10.31 56.85
CA THR A 111 2.05 11.45 56.00
C THR A 111 0.79 12.17 56.51
N ILE A 112 0.84 13.49 56.48
CA ILE A 112 -0.28 14.33 56.90
C ILE A 112 -0.82 15.07 55.68
N ILE A 113 -2.11 14.96 55.44
CA ILE A 113 -2.76 15.63 54.33
C ILE A 113 -3.82 16.57 54.89
N ASN A 114 -3.63 17.87 54.68
CA ASN A 114 -4.55 18.90 55.16
C ASN A 114 -4.81 18.76 56.66
N GLY A 115 -3.75 18.51 57.42
CA GLY A 115 -3.86 18.39 58.86
C GLY A 115 -4.37 17.06 59.37
N GLU A 116 -4.50 16.05 58.51
CA GLU A 116 -5.01 14.75 58.90
C GLU A 116 -3.99 13.67 58.58
N PRO A 117 -3.69 12.76 59.49
CA PRO A 117 -2.78 11.66 59.17
C PRO A 117 -3.42 10.65 58.24
N VAL A 118 -2.58 9.97 57.48
CA VAL A 118 -3.00 8.94 56.53
C VAL A 118 -2.38 7.62 56.94
N VAL A 119 -3.19 6.57 56.96
CA VAL A 119 -2.71 5.21 57.21
C VAL A 119 -2.35 4.59 55.87
N GLY A 120 -1.07 4.31 55.68
CA GLY A 120 -0.59 3.75 54.43
C GLY A 120 0.65 4.46 53.93
N ARG A 121 1.19 4.00 52.80
CA ARG A 121 2.37 4.62 52.19
C ARG A 121 1.90 5.55 51.08
N VAL A 122 1.91 6.85 51.37
CA VAL A 122 1.36 7.82 50.44
C VAL A 122 2.27 7.99 49.24
N PHE A 123 1.70 7.88 48.05
CA PHE A 123 2.40 8.15 46.81
C PHE A 123 1.62 9.20 46.03
N ILE A 124 2.34 9.98 45.22
CA ILE A 124 1.72 11.03 44.41
C ILE A 124 1.17 10.40 43.14
N MET A 125 -0.15 10.52 42.96
CA MET A 125 -0.81 9.92 41.81
C MET A 125 -0.37 10.57 40.51
N GLN A 126 -0.22 9.76 39.48
CA GLN A 126 0.09 10.26 38.15
C GLN A 126 -0.51 9.32 37.12
N LYS A 127 -0.70 9.84 35.91
CA LYS A 127 -1.21 9.02 34.82
C LYS A 127 -0.07 8.18 34.25
N THR A 128 -0.37 7.40 33.20
CA THR A 128 0.54 6.39 32.68
C THR A 128 1.90 6.97 32.31
N ASP A 129 2.95 6.53 33.03
CA ASP A 129 4.32 6.91 32.78
C ASP A 129 4.53 8.43 32.86
N GLY A 130 3.75 9.10 33.70
CA GLY A 130 3.90 10.52 33.89
C GLY A 130 3.64 11.36 32.66
N THR A 131 2.60 11.01 31.89
CA THR A 131 2.25 11.75 30.69
C THR A 131 1.27 12.86 31.02
N VAL A 132 1.37 13.96 30.27
CA VAL A 132 0.53 15.13 30.46
C VAL A 132 -0.04 15.55 29.10
N LYS A 133 -1.34 15.83 29.07
CA LYS A 133 -2.00 16.26 27.84
C LYS A 133 -1.35 17.52 27.28
N LEU A 134 -1.15 17.53 25.96
CA LEU A 134 -0.58 18.68 25.30
C LEU A 134 -1.58 19.84 25.26
N GLY A 135 -1.06 21.06 25.20
CA GLY A 135 -1.91 22.24 25.16
C GLY A 135 -1.90 22.95 23.83
N LYS A 136 -1.49 24.21 23.83
CA LYS A 136 -1.40 24.98 22.59
C LYS A 136 -0.20 24.54 21.77
N TRP A 137 -0.30 24.73 20.45
CA TRP A 137 0.83 24.36 19.60
C TRP A 137 2.03 25.27 19.83
N GLN A 138 1.81 26.55 20.14
CA GLN A 138 2.91 27.46 20.44
C GLN A 138 3.69 27.04 21.68
N ALA A 139 3.08 26.26 22.57
CA ALA A 139 3.75 25.74 23.75
C ALA A 139 4.65 24.54 23.44
N GLN A 140 4.63 24.05 22.19
CA GLN A 140 5.54 22.97 21.83
C GLN A 140 6.99 23.43 21.80
N TYR A 141 7.24 24.73 21.82
CA TYR A 141 8.58 25.29 21.76
C TYR A 141 9.07 25.82 23.09
N ASP A 142 8.42 25.43 24.19
CA ASP A 142 8.91 25.75 25.52
C ASP A 142 9.99 24.73 25.87
N GLY A 143 11.24 25.19 25.93
CA GLY A 143 12.37 24.33 26.15
C GLY A 143 13.11 23.94 24.89
N GLU A 144 12.48 24.08 23.73
CA GLU A 144 13.13 23.86 22.45
C GLU A 144 14.02 25.06 22.12
N PRO A 145 15.00 24.88 21.23
CA PRO A 145 15.84 26.01 20.84
C PRO A 145 15.04 27.07 20.10
N THR A 146 15.56 28.29 20.12
CA THR A 146 14.91 29.40 19.46
C THR A 146 14.86 29.18 17.95
N ALA A 147 14.13 30.04 17.27
CA ALA A 147 13.91 29.87 15.84
C ALA A 147 15.24 29.95 15.08
N PRO A 148 15.40 29.16 14.02
CA PRO A 148 16.65 29.22 13.26
C PRO A 148 16.80 30.55 12.53
N GLU A 149 18.05 30.89 12.26
CA GLU A 149 18.40 32.14 11.59
C GLU A 149 18.10 32.06 10.10
N ALA A 150 18.08 33.22 9.46
CA ALA A 150 17.77 33.29 8.04
C ALA A 150 18.85 32.61 7.21
N ALA A 151 18.43 32.07 6.07
CA ALA A 151 19.32 31.28 5.23
C ALA A 151 20.46 32.14 4.67
N ASN A 152 21.59 31.50 4.45
CA ASN A 152 22.73 32.12 3.77
C ASN A 152 22.56 31.91 2.26
N VAL A 153 22.22 32.98 1.55
CA VAL A 153 22.01 32.92 0.11
C VAL A 153 23.07 33.78 -0.56
N GLY A 154 23.84 33.17 -1.45
CA GLY A 154 24.88 33.88 -2.17
C GLY A 154 24.36 35.02 -3.02
N SER A 155 25.01 36.18 -2.93
CA SER A 155 24.59 37.34 -3.71
C SER A 155 24.77 37.11 -5.21
N SER A 156 25.88 36.51 -5.60
CA SER A 156 26.19 36.27 -7.00
C SER A 156 26.52 34.80 -7.22
N TYR A 157 26.47 34.38 -8.47
CA TYR A 157 26.68 32.99 -8.85
C TYR A 157 27.75 32.90 -9.94
N THR A 158 28.70 31.99 -9.76
CA THR A 158 29.75 31.74 -10.73
C THR A 158 29.56 30.36 -11.33
N VAL A 159 29.50 30.28 -12.64
CA VAL A 159 29.26 29.00 -13.32
C VAL A 159 30.49 28.11 -13.16
N PRO A 160 30.33 26.89 -12.67
CA PRO A 160 31.49 26.00 -12.49
C PRO A 160 31.95 25.42 -13.82
N ALA A 161 33.15 24.84 -13.79
CA ALA A 161 33.67 24.13 -14.93
C ALA A 161 32.81 22.88 -15.20
N PRO A 162 32.72 22.45 -16.46
CA PRO A 162 31.94 21.23 -16.75
C PRO A 162 32.42 20.02 -15.98
N GLU A 163 33.73 19.89 -15.76
CA GLU A 163 34.25 18.74 -15.04
C GLU A 163 33.81 18.71 -13.58
N HIS A 164 33.34 19.83 -13.03
CA HIS A 164 32.84 19.89 -11.68
C HIS A 164 31.31 19.89 -11.60
N THR A 165 30.63 19.56 -12.70
CA THR A 165 29.18 19.60 -12.76
C THR A 165 28.62 18.19 -12.89
N ARG A 166 27.59 17.89 -12.10
CA ARG A 166 26.94 16.59 -12.15
C ARG A 166 26.04 16.46 -13.37
N ARG A 167 26.07 15.29 -14.00
CA ARG A 167 25.10 15.01 -15.06
C ARG A 167 23.74 14.66 -14.47
N MET A 168 23.72 13.95 -13.35
CA MET A 168 22.47 13.53 -12.71
C MET A 168 21.98 14.64 -11.79
N ARG A 169 20.76 15.10 -12.03
CA ARG A 169 20.19 16.19 -11.25
C ARG A 169 19.30 15.72 -10.12
N GLY A 170 19.21 14.41 -9.88
CA GLY A 170 18.52 13.93 -8.70
C GLY A 170 19.20 14.39 -7.43
N ILE A 171 18.39 14.79 -6.44
CA ILE A 171 18.93 15.38 -5.23
C ILE A 171 19.63 14.34 -4.35
N MET A 172 19.02 13.16 -4.22
CA MET A 172 19.51 12.14 -3.29
C MET A 172 20.33 11.06 -3.99
N ILE A 173 21.04 11.40 -5.06
CA ILE A 173 21.77 10.37 -5.79
C ILE A 173 23.08 10.03 -5.10
N GLN A 174 23.64 10.94 -4.30
CA GLN A 174 24.92 10.68 -3.67
C GLN A 174 24.80 9.71 -2.49
N SER A 175 23.65 9.71 -1.82
CA SER A 175 23.47 8.86 -0.65
C SER A 175 22.70 7.59 -0.94
N THR A 176 21.92 7.54 -2.02
CA THR A 176 21.13 6.35 -2.34
C THR A 176 21.81 5.42 -3.33
N LEU A 177 22.60 5.96 -4.27
CA LEU A 177 23.26 5.14 -5.27
C LEU A 177 24.78 5.22 -5.18
N TRP A 178 25.35 6.42 -5.20
CA TRP A 178 26.80 6.54 -5.28
C TRP A 178 27.49 6.03 -4.02
N SER A 179 26.83 6.13 -2.86
CA SER A 179 27.40 5.60 -1.63
C SER A 179 27.50 4.09 -1.64
N ILE A 180 26.72 3.42 -2.48
CA ILE A 180 26.76 1.96 -2.60
C ILE A 180 27.28 1.50 -3.94
N ASP A 181 27.46 2.40 -4.91
CA ASP A 181 28.00 2.08 -6.21
C ASP A 181 29.48 2.43 -6.26
N GLY A 182 30.28 1.52 -6.81
CA GLY A 182 31.72 1.74 -6.91
C GLY A 182 32.31 1.28 -8.22
N LYS A 183 31.48 1.15 -9.25
CA LYS A 183 31.97 0.76 -10.57
C LYS A 183 32.76 1.91 -11.20
N ARG A 184 33.88 1.56 -11.84
CA ARG A 184 34.81 2.58 -12.32
C ARG A 184 34.21 3.41 -13.45
N SER A 185 33.67 2.76 -14.48
CA SER A 185 33.08 3.48 -15.60
C SER A 185 31.84 4.26 -15.17
N ALA A 186 31.01 3.66 -14.31
CA ALA A 186 29.85 4.36 -13.79
C ALA A 186 30.27 5.60 -13.00
N ARG A 187 31.34 5.48 -12.22
CA ARG A 187 31.88 6.64 -11.51
C ARG A 187 32.37 7.69 -12.49
N GLU A 188 32.98 7.27 -13.60
CA GLU A 188 33.46 8.21 -14.60
C GLU A 188 32.32 9.01 -15.23
N ARG A 189 31.18 8.36 -15.50
CA ARG A 189 30.08 9.05 -16.16
C ARG A 189 29.28 9.97 -15.21
N ARG A 190 29.77 10.23 -14.01
CA ARG A 190 29.02 11.04 -13.06
C ARG A 190 29.07 12.52 -13.39
N HIS A 191 30.15 12.99 -14.01
CA HIS A 191 30.33 14.40 -14.29
C HIS A 191 30.58 14.62 -15.77
N TYR A 192 30.42 15.86 -16.21
CA TYR A 192 30.71 16.21 -17.59
C TYR A 192 32.21 16.20 -17.84
N ARG A 193 32.57 16.14 -19.08
CA ARG A 193 33.99 16.08 -19.39
C ARG A 193 34.54 17.48 -19.68
N PRO A 194 35.84 17.70 -19.45
CA PRO A 194 36.43 19.00 -19.78
C PRO A 194 36.40 19.25 -21.28
N GLN A 195 36.29 20.53 -21.63
CA GLN A 195 36.15 20.94 -23.02
C GLN A 195 37.13 22.07 -23.34
N THR A 196 37.36 22.24 -24.63
CA THR A 196 38.22 23.30 -25.15
C THR A 196 37.64 23.73 -26.49
N THR A 197 38.44 24.43 -27.28
CA THR A 197 38.02 24.84 -28.62
C THR A 197 39.05 24.38 -29.65
N GLY A 198 38.63 24.32 -30.91
CA GLY A 198 39.54 23.92 -31.97
C GLY A 198 40.72 24.86 -32.12
N ALA A 199 40.48 26.16 -31.93
CA ALA A 199 41.56 27.13 -32.02
C ALA A 199 42.56 26.97 -30.87
N ALA A 200 42.07 26.65 -29.67
CA ALA A 200 42.95 26.44 -28.54
C ALA A 200 43.81 25.18 -28.71
N LEU A 201 43.29 24.20 -29.44
CA LEU A 201 44.04 22.98 -29.75
C LEU A 201 44.96 23.15 -30.95
N GLY A 202 44.95 24.32 -31.58
CA GLY A 202 45.76 24.54 -32.78
C GLY A 202 45.34 23.68 -33.94
N GLN A 203 44.03 23.53 -34.15
CA GLN A 203 43.52 22.72 -35.24
C GLN A 203 42.39 23.42 -35.98
N ALA B 2 -36.02 -7.86 12.60
CA ALA B 2 -36.90 -8.07 11.46
C ALA B 2 -36.23 -8.90 10.39
N MET B 3 -36.97 -9.22 9.32
CA MET B 3 -36.51 -10.12 8.29
C MET B 3 -36.82 -9.55 6.92
N LEU B 4 -35.95 -9.84 5.96
CA LEU B 4 -36.21 -9.46 4.58
C LEU B 4 -37.42 -10.24 4.04
N SER B 5 -37.94 -9.77 2.89
CA SER B 5 -39.14 -10.38 2.34
C SER B 5 -38.93 -11.85 2.00
N PHE B 6 -37.72 -12.23 1.59
CA PHE B 6 -37.38 -13.58 1.20
C PHE B 6 -36.61 -14.33 2.28
N GLU B 7 -36.40 -13.72 3.44
CA GLU B 7 -35.46 -14.26 4.42
C GLU B 7 -35.97 -15.54 5.06
N LYS B 8 -37.28 -15.63 5.27
CA LYS B 8 -37.83 -16.65 6.17
C LYS B 8 -37.49 -18.06 5.72
N LYS B 9 -37.57 -18.33 4.42
CA LYS B 9 -37.33 -19.67 3.91
C LYS B 9 -35.89 -20.13 4.06
N TYR B 10 -34.95 -19.20 4.28
CA TYR B 10 -33.54 -19.55 4.39
C TYR B 10 -33.09 -19.80 5.82
N ARG B 11 -33.87 -19.38 6.82
CA ARG B 11 -33.48 -19.52 8.22
C ARG B 11 -33.82 -20.93 8.69
N VAL B 12 -32.88 -21.85 8.54
CA VAL B 12 -33.06 -23.25 8.88
C VAL B 12 -31.99 -23.66 9.88
N ARG B 13 -32.00 -24.93 10.25
CA ARG B 13 -31.07 -25.47 11.22
C ARG B 13 -29.97 -26.26 10.52
N GLY B 14 -28.76 -26.19 11.06
CA GLY B 14 -27.64 -26.94 10.55
C GLY B 14 -26.59 -26.03 9.94
N GLY B 15 -25.40 -26.60 9.75
CA GLY B 15 -24.29 -25.88 9.17
C GLY B 15 -23.26 -25.39 10.17
N THR B 16 -23.55 -25.49 11.47
CA THR B 16 -22.60 -25.05 12.48
C THR B 16 -21.42 -26.01 12.57
N LEU B 17 -20.31 -25.47 13.06
CA LEU B 17 -19.10 -26.25 13.33
C LEU B 17 -19.01 -26.73 14.76
N ILE B 18 -19.35 -25.87 15.73
CA ILE B 18 -19.35 -26.21 17.14
C ILE B 18 -20.73 -25.89 17.70
N GLY B 19 -21.31 -26.83 18.44
CA GLY B 19 -22.63 -26.63 19.01
C GLY B 19 -23.73 -27.16 18.13
N GLY B 20 -24.94 -27.16 18.68
CA GLY B 20 -26.09 -27.70 17.99
C GLY B 20 -27.27 -26.76 17.97
N ASP B 21 -28.42 -27.23 18.45
CA ASP B 21 -29.61 -26.40 18.50
C ASP B 21 -29.54 -25.31 19.55
N LEU B 22 -28.57 -25.38 20.46
CA LEU B 22 -28.46 -24.36 21.52
C LEU B 22 -28.09 -23.00 20.94
N PHE B 23 -27.04 -22.96 20.12
CA PHE B 23 -26.52 -21.74 19.53
C PHE B 23 -26.92 -21.59 18.07
N ASP B 24 -28.15 -21.95 17.71
CA ASP B 24 -28.56 -21.95 16.31
C ASP B 24 -29.72 -20.99 16.10
N PHE B 25 -29.61 -19.77 16.62
CA PHE B 25 -30.70 -18.81 16.57
C PHE B 25 -30.21 -17.46 16.07
N TRP B 26 -31.15 -16.55 15.87
CA TRP B 26 -30.88 -15.21 15.37
C TRP B 26 -31.25 -14.18 16.42
N PHE B 27 -30.31 -13.30 16.74
CA PHE B 27 -30.56 -12.15 17.59
C PHE B 27 -30.73 -10.95 16.66
N GLY B 28 -31.97 -10.50 16.51
CA GLY B 28 -32.29 -9.49 15.53
C GLY B 28 -31.91 -9.96 14.13
N PRO B 29 -31.16 -9.12 13.41
CA PRO B 29 -30.65 -9.57 12.11
C PRO B 29 -29.43 -10.46 12.22
N PHE B 30 -28.72 -10.45 13.35
CA PHE B 30 -27.49 -11.21 13.47
C PHE B 30 -27.78 -12.69 13.68
N TYR B 31 -26.93 -13.54 13.13
CA TYR B 31 -26.93 -14.95 13.46
C TYR B 31 -25.97 -15.19 14.61
N VAL B 32 -26.41 -15.93 15.63
CA VAL B 32 -25.59 -16.25 16.79
C VAL B 32 -25.27 -17.74 16.72
N GLY B 33 -23.98 -18.07 16.78
CA GLY B 33 -23.58 -19.44 16.94
C GLY B 33 -22.73 -19.60 18.19
N PHE B 34 -21.97 -20.69 18.28
CA PHE B 34 -20.97 -20.77 19.33
C PHE B 34 -19.90 -19.70 19.16
N PHE B 35 -19.46 -19.49 17.92
CA PHE B 35 -18.46 -18.49 17.64
C PHE B 35 -19.01 -17.07 17.70
N GLY B 36 -20.31 -16.89 17.51
CA GLY B 36 -20.91 -15.59 17.81
C GLY B 36 -20.82 -15.26 19.29
N VAL B 37 -21.11 -16.24 20.16
CA VAL B 37 -20.99 -16.04 21.60
C VAL B 37 -19.54 -15.77 21.98
N THR B 38 -18.60 -16.52 21.41
CA THR B 38 -17.19 -16.30 21.69
C THR B 38 -16.73 -14.94 21.19
N THR B 39 -17.23 -14.51 20.03
CA THR B 39 -16.92 -13.19 19.50
C THR B 39 -17.42 -12.11 20.44
N ILE B 40 -18.64 -12.24 20.95
CA ILE B 40 -19.15 -11.25 21.89
C ILE B 40 -18.30 -11.21 23.15
N PHE B 41 -17.93 -12.37 23.67
CA PHE B 41 -17.10 -12.42 24.88
C PHE B 41 -15.79 -11.66 24.67
N PHE B 42 -15.06 -12.00 23.60
CA PHE B 42 -13.77 -11.37 23.36
C PHE B 42 -13.89 -9.89 23.03
N VAL B 43 -14.91 -9.49 22.25
CA VAL B 43 -15.10 -8.08 21.92
C VAL B 43 -15.38 -7.28 23.19
N THR B 44 -16.27 -7.80 24.05
CA THR B 44 -16.59 -7.07 25.28
C THR B 44 -15.37 -6.93 26.17
N LEU B 45 -14.64 -8.03 26.39
CA LEU B 45 -13.48 -7.96 27.28
C LEU B 45 -12.42 -7.03 26.72
N GLY B 46 -12.12 -7.13 25.41
CA GLY B 46 -11.12 -6.26 24.83
C GLY B 46 -11.50 -4.80 24.83
N THR B 47 -12.76 -4.49 24.50
CA THR B 47 -13.20 -3.10 24.49
C THR B 47 -13.20 -2.51 25.90
N LEU B 48 -13.64 -3.28 26.90
CA LEU B 48 -13.62 -2.78 28.27
C LEU B 48 -12.19 -2.55 28.76
N LEU B 49 -11.26 -3.43 28.38
CA LEU B 49 -9.88 -3.21 28.75
C LEU B 49 -9.27 -2.02 28.01
N CYS B 50 -9.71 -1.75 26.78
CA CYS B 50 -9.29 -0.55 26.08
C CYS B 50 -9.79 0.71 26.78
N VAL B 51 -11.04 0.67 27.25
CA VAL B 51 -11.58 1.81 27.99
C VAL B 51 -10.83 2.00 29.30
N TRP B 52 -10.44 0.90 29.95
CA TRP B 52 -9.63 1.02 31.16
C TRP B 52 -8.26 1.62 30.85
N GLY B 53 -7.65 1.21 29.74
CA GLY B 53 -6.38 1.81 29.35
C GLY B 53 -6.50 3.29 29.05
N ALA B 54 -7.63 3.70 28.46
CA ALA B 54 -7.90 5.12 28.28
C ALA B 54 -8.07 5.83 29.61
N ALA B 55 -8.73 5.20 30.57
CA ALA B 55 -8.92 5.78 31.89
C ALA B 55 -7.60 5.95 32.62
N MET B 56 -6.68 4.98 32.47
CA MET B 56 -5.37 5.09 33.08
C MET B 56 -4.52 6.20 32.46
N GLY B 57 -4.80 6.56 31.21
CA GLY B 57 -4.00 7.54 30.51
C GLY B 57 -4.42 8.97 30.83
N PRO B 58 -3.65 9.91 30.28
CA PRO B 58 -3.82 11.32 30.66
C PRO B 58 -5.00 12.04 30.00
N THR B 59 -5.73 11.39 29.09
CA THR B 59 -6.78 12.12 28.38
C THR B 59 -7.87 11.17 27.92
N TRP B 60 -9.06 11.73 27.72
CA TRP B 60 -10.19 11.03 27.13
C TRP B 60 -10.39 11.38 25.67
N ASN B 61 -9.53 12.25 25.10
CA ASN B 61 -9.63 12.59 23.70
C ASN B 61 -9.49 11.34 22.84
N LEU B 62 -10.41 11.18 21.89
CA LEU B 62 -10.44 9.96 21.09
C LEU B 62 -9.17 9.80 20.27
N TRP B 63 -8.64 10.90 19.72
CA TRP B 63 -7.46 10.80 18.88
C TRP B 63 -6.19 10.54 19.70
N GLN B 64 -6.13 11.01 20.95
CA GLN B 64 -4.91 10.95 21.74
C GLN B 64 -4.80 9.73 22.63
N ILE B 65 -5.84 8.92 22.74
CA ILE B 65 -5.80 7.72 23.58
C ILE B 65 -4.80 6.74 22.99
N SER B 66 -3.96 6.15 23.84
CA SER B 66 -2.91 5.25 23.36
C SER B 66 -2.57 4.22 24.43
N ILE B 67 -2.83 2.94 24.13
CA ILE B 67 -2.43 1.82 24.98
C ILE B 67 -1.17 1.21 24.37
N ALA B 68 -0.04 1.37 25.03
CA ALA B 68 1.23 1.04 24.40
C ALA B 68 1.72 -0.34 24.81
N PRO B 69 2.49 -1.00 23.95
CA PRO B 69 3.08 -2.31 24.29
C PRO B 69 4.19 -2.15 25.31
N PRO B 70 4.66 -3.24 25.92
CA PRO B 70 5.69 -3.12 26.97
C PRO B 70 7.06 -2.76 26.45
N ASP B 71 8.00 -2.55 27.37
CA ASP B 71 9.38 -2.34 27.02
C ASP B 71 9.98 -3.62 26.43
N LEU B 72 11.05 -3.44 25.64
CA LEU B 72 11.72 -4.58 25.03
C LEU B 72 12.39 -5.49 26.06
N LYS B 73 12.67 -4.97 27.26
CA LYS B 73 13.39 -5.72 28.28
C LYS B 73 12.58 -6.88 28.85
N TYR B 74 11.26 -6.90 28.63
CA TYR B 74 10.41 -7.99 29.09
C TYR B 74 10.26 -9.08 28.05
N GLY B 75 11.20 -9.21 27.12
CA GLY B 75 11.04 -9.99 25.91
C GLY B 75 10.30 -11.30 26.02
N LEU B 76 9.17 -11.39 25.32
CA LEU B 76 8.33 -12.58 25.22
C LEU B 76 7.67 -12.96 26.54
N GLY B 77 7.81 -12.14 27.58
CA GLY B 77 7.14 -12.37 28.84
C GLY B 77 5.98 -11.40 29.02
N LEU B 78 5.01 -11.81 29.84
CA LEU B 78 3.81 -11.00 30.10
C LEU B 78 4.15 -9.91 31.11
N ALA B 79 4.28 -8.68 30.62
CA ALA B 79 4.73 -7.57 31.44
C ALA B 79 3.69 -7.19 32.48
N PRO B 80 4.06 -6.39 33.48
CA PRO B 80 3.05 -5.89 34.43
C PRO B 80 1.97 -5.10 33.70
N LEU B 81 0.75 -5.21 34.23
CA LEU B 81 -0.43 -4.66 33.55
C LEU B 81 -0.26 -3.17 33.27
N ARG B 82 0.27 -2.43 34.23
CA ARG B 82 0.40 -0.98 34.06
C ARG B 82 1.59 -0.60 33.18
N GLU B 83 2.48 -1.53 32.86
CA GLU B 83 3.67 -1.26 32.07
C GLU B 83 3.66 -1.99 30.72
N GLY B 84 2.48 -2.18 30.14
CA GLY B 84 2.36 -2.83 28.85
C GLY B 84 1.70 -4.18 28.85
N GLY B 85 1.47 -4.78 30.02
CA GLY B 85 0.76 -6.06 30.06
C GLY B 85 -0.68 -5.93 29.60
N LEU B 86 -1.30 -4.79 29.85
CA LEU B 86 -2.67 -4.57 29.38
C LEU B 86 -2.74 -4.64 27.87
N TRP B 87 -1.73 -4.08 27.18
CA TRP B 87 -1.66 -4.19 25.73
C TRP B 87 -1.62 -5.66 25.29
N GLN B 88 -0.86 -6.49 26.01
CA GLN B 88 -0.78 -7.90 25.68
C GLN B 88 -2.11 -8.62 25.89
N ILE B 89 -2.82 -8.31 26.97
CA ILE B 89 -4.13 -8.92 27.18
C ILE B 89 -5.11 -8.50 26.10
N ILE B 90 -5.07 -7.21 25.72
CA ILE B 90 -5.94 -6.72 24.65
C ILE B 90 -5.60 -7.44 23.34
N THR B 91 -4.31 -7.68 23.09
CA THR B 91 -3.91 -8.39 21.90
C THR B 91 -4.45 -9.81 21.88
N LEU B 92 -4.42 -10.50 23.03
CA LEU B 92 -5.01 -11.83 23.10
C LEU B 92 -6.51 -11.79 22.82
N CYS B 93 -7.20 -10.80 23.39
CA CYS B 93 -8.63 -10.67 23.13
C CYS B 93 -8.91 -10.42 21.65
N ALA B 94 -8.09 -9.58 21.01
CA ALA B 94 -8.29 -9.27 19.59
C ALA B 94 -8.05 -10.50 18.72
N LEU B 95 -7.00 -11.27 19.03
CA LEU B 95 -6.76 -12.50 18.28
C LEU B 95 -7.93 -13.46 18.41
N GLY B 96 -8.42 -13.67 19.63
CA GLY B 96 -9.58 -14.52 19.81
C GLY B 96 -10.80 -14.02 19.05
N ALA B 97 -11.04 -12.71 19.09
CA ALA B 97 -12.21 -12.15 18.42
C ALA B 97 -12.12 -12.30 16.90
N PHE B 98 -10.94 -12.07 16.32
CA PHE B 98 -10.81 -12.19 14.87
C PHE B 98 -10.96 -13.64 14.42
N GLY B 99 -10.35 -14.58 15.16
CA GLY B 99 -10.54 -15.99 14.84
C GLY B 99 -12.00 -16.40 14.94
N SER B 100 -12.69 -15.94 15.99
CA SER B 100 -14.10 -16.26 16.15
C SER B 100 -14.94 -15.66 15.03
N TRP B 101 -14.60 -14.45 14.59
CA TRP B 101 -15.32 -13.83 13.48
C TRP B 101 -15.16 -14.66 12.21
N ALA B 102 -13.94 -15.11 11.92
CA ALA B 102 -13.74 -15.94 10.74
C ALA B 102 -14.52 -17.25 10.82
N LEU B 103 -14.49 -17.91 11.98
CA LEU B 103 -15.19 -19.19 12.10
C LEU B 103 -16.71 -19.02 12.06
N ARG B 104 -17.22 -17.93 12.63
CA ARG B 104 -18.65 -17.66 12.54
C ARG B 104 -19.06 -17.38 11.09
N GLN B 105 -18.22 -16.67 10.34
CA GLN B 105 -18.49 -16.48 8.92
C GLN B 105 -18.50 -17.81 8.18
N ALA B 106 -17.58 -18.71 8.53
CA ALA B 106 -17.57 -20.04 7.92
C ALA B 106 -18.86 -20.79 8.22
N GLU B 107 -19.35 -20.68 9.46
CA GLU B 107 -20.63 -21.31 9.81
C GLU B 107 -21.77 -20.72 8.98
N ILE B 108 -21.78 -19.40 8.80
CA ILE B 108 -22.86 -18.77 8.05
C ILE B 108 -22.83 -19.19 6.58
N SER B 109 -21.64 -19.28 5.99
CA SER B 109 -21.57 -19.67 4.58
C SER B 109 -21.92 -21.15 4.38
N ARG B 110 -21.63 -21.99 5.37
CA ARG B 110 -21.99 -23.41 5.34
C ARG B 110 -23.48 -23.63 5.50
N LYS B 111 -24.23 -22.59 5.84
CA LYS B 111 -25.65 -22.66 6.10
C LYS B 111 -26.49 -22.14 4.94
N LEU B 112 -25.92 -21.31 4.07
CA LEU B 112 -26.61 -20.79 2.91
C LEU B 112 -26.26 -21.53 1.63
N GLY B 113 -25.42 -22.56 1.71
CA GLY B 113 -25.01 -23.30 0.54
C GLY B 113 -23.90 -22.67 -0.25
N MET B 114 -23.27 -21.62 0.26
CA MET B 114 -22.25 -20.88 -0.45
C MET B 114 -20.89 -21.54 -0.29
N GLY B 115 -19.92 -21.03 -1.05
CA GLY B 115 -18.55 -21.47 -0.91
C GLY B 115 -17.90 -20.85 0.31
N MET B 116 -16.64 -21.23 0.52
CA MET B 116 -15.90 -20.85 1.72
C MET B 116 -14.95 -19.68 1.47
N HIS B 117 -15.24 -18.83 0.49
CA HIS B 117 -14.28 -17.83 0.07
C HIS B 117 -14.15 -16.69 1.06
N ILE B 118 -15.26 -16.24 1.64
CA ILE B 118 -15.24 -15.04 2.50
C ILE B 118 -14.37 -15.23 3.74
N PRO B 119 -14.49 -16.32 4.51
CA PRO B 119 -13.57 -16.48 5.65
C PRO B 119 -12.12 -16.52 5.24
N TRP B 120 -11.80 -17.15 4.11
CA TRP B 120 -10.40 -17.21 3.68
C TRP B 120 -9.90 -15.86 3.21
N ALA B 121 -10.77 -15.04 2.62
CA ALA B 121 -10.39 -13.69 2.24
C ALA B 121 -10.12 -12.83 3.47
N TYR B 122 -10.95 -12.96 4.51
CA TYR B 122 -10.72 -12.24 5.76
C TYR B 122 -9.47 -12.75 6.46
N GLY B 123 -9.12 -14.02 6.24
CA GLY B 123 -7.89 -14.57 6.78
C GLY B 123 -6.63 -13.86 6.34
N GLY B 124 -6.63 -13.23 5.17
CA GLY B 124 -5.47 -12.46 4.76
C GLY B 124 -5.20 -11.27 5.67
N ALA B 125 -6.25 -10.51 5.98
CA ALA B 125 -6.11 -9.41 6.93
C ALA B 125 -5.75 -9.91 8.32
N VAL B 126 -6.35 -11.03 8.74
CA VAL B 126 -6.00 -11.59 10.04
C VAL B 126 -4.53 -11.98 10.08
N LEU B 127 -4.03 -12.56 8.99
CA LEU B 127 -2.62 -12.93 8.91
C LEU B 127 -1.71 -11.71 8.94
N ALA B 128 -2.11 -10.63 8.28
CA ALA B 128 -1.31 -9.41 8.35
C ALA B 128 -1.24 -8.88 9.78
N TYR B 129 -2.36 -8.86 10.49
CA TYR B 129 -2.35 -8.41 11.87
C TYR B 129 -1.50 -9.30 12.76
N ALA B 130 -1.64 -10.63 12.59
CA ALA B 130 -0.86 -11.57 13.38
C ALA B 130 0.63 -11.44 13.10
N THR B 131 1.00 -11.20 11.84
CA THR B 131 2.39 -10.91 11.52
C THR B 131 2.86 -9.66 12.25
N LEU B 132 2.02 -8.64 12.32
CA LEU B 132 2.42 -7.42 12.99
C LEU B 132 2.65 -7.63 14.49
N VAL B 133 1.77 -8.36 15.17
CA VAL B 133 1.81 -8.42 16.63
C VAL B 133 2.29 -9.76 17.18
N VAL B 134 2.38 -10.82 16.37
CA VAL B 134 2.79 -12.10 16.91
C VAL B 134 4.08 -12.57 16.24
N ILE B 135 4.03 -12.78 14.93
CA ILE B 135 5.15 -13.44 14.24
C ILE B 135 6.40 -12.57 14.29
N ARG B 136 6.30 -11.31 13.87
CA ARG B 136 7.46 -10.43 13.88
C ARG B 136 7.99 -10.18 15.29
N PRO B 137 7.17 -9.85 16.29
CA PRO B 137 7.71 -9.72 17.64
C PRO B 137 8.35 -11.00 18.18
N MET B 138 7.81 -12.17 17.83
CA MET B 138 8.44 -13.42 18.25
C MET B 138 9.81 -13.60 17.60
N LEU B 139 9.90 -13.34 16.29
CA LEU B 139 11.20 -13.48 15.61
C LEU B 139 12.21 -12.48 16.17
N LEU B 140 11.76 -11.27 16.50
CA LEU B 140 12.65 -10.27 17.09
C LEU B 140 12.86 -10.49 18.58
N GLY B 141 12.02 -11.28 19.25
CA GLY B 141 12.27 -11.68 20.62
C GLY B 141 11.69 -10.81 21.71
N ALA B 142 10.72 -9.95 21.40
CA ALA B 142 10.10 -9.13 22.42
C ALA B 142 8.71 -8.73 21.95
N TRP B 143 7.74 -8.77 22.87
CA TRP B 143 6.39 -8.32 22.56
C TRP B 143 6.30 -6.82 22.37
N GLY B 144 7.31 -6.07 22.80
CA GLY B 144 7.36 -4.64 22.65
C GLY B 144 7.64 -4.16 21.25
N HIS B 145 7.80 -5.07 20.30
CA HIS B 145 7.93 -4.73 18.89
C HIS B 145 6.59 -4.55 18.20
N GLY B 146 5.47 -4.75 18.91
CA GLY B 146 4.17 -4.52 18.33
C GLY B 146 3.79 -3.06 18.29
N PHE B 147 2.67 -2.78 17.65
CA PHE B 147 2.30 -1.38 17.56
C PHE B 147 1.28 -1.01 18.63
N PRO B 148 1.32 0.23 19.12
CA PRO B 148 0.37 0.65 20.16
C PRO B 148 -1.04 0.78 19.62
N TYR B 149 -2.00 0.64 20.54
CA TYR B 149 -3.41 0.75 20.20
C TYR B 149 -3.86 2.18 20.47
N GLY B 150 -3.75 3.02 19.45
CA GLY B 150 -4.17 4.41 19.52
C GLY B 150 -4.33 4.96 18.11
N ILE B 151 -5.35 5.79 17.90
CA ILE B 151 -5.73 6.18 16.54
C ILE B 151 -4.59 6.90 15.84
N PHE B 152 -3.90 7.78 16.54
CA PHE B 152 -2.77 8.47 15.93
C PHE B 152 -1.42 8.04 16.47
N SER B 153 -1.38 7.32 17.59
CA SER B 153 -0.10 6.83 18.09
C SER B 153 0.41 5.64 17.28
N HIS B 154 -0.49 4.83 16.72
CA HIS B 154 -0.02 3.76 15.84
C HIS B 154 0.51 4.32 14.52
N LEU B 155 0.07 5.49 14.10
CA LEU B 155 0.72 6.19 12.98
C LEU B 155 2.14 6.62 13.34
N ASP B 156 2.36 7.09 14.56
CA ASP B 156 3.72 7.42 14.99
C ASP B 156 4.60 6.18 15.02
N TRP B 157 4.06 5.06 15.47
CA TRP B 157 4.82 3.81 15.42
C TRP B 157 5.18 3.44 13.99
N VAL B 158 4.23 3.57 13.06
CA VAL B 158 4.51 3.24 11.67
C VAL B 158 5.62 4.14 11.13
N SER B 159 5.55 5.44 11.44
CA SER B 159 6.57 6.37 10.95
C SER B 159 7.95 6.00 11.47
N ASN B 160 8.06 5.75 12.78
CA ASN B 160 9.37 5.46 13.36
C ASN B 160 9.91 4.12 12.86
N VAL B 161 9.04 3.11 12.72
CA VAL B 161 9.49 1.83 12.22
C VAL B 161 9.92 1.94 10.76
N GLY B 162 9.23 2.77 9.98
CA GLY B 162 9.64 2.98 8.61
C GLY B 162 11.00 3.66 8.51
N TYR B 163 11.25 4.64 9.37
CA TYR B 163 12.55 5.33 9.33
C TYR B 163 13.64 4.55 10.07
N GLN B 164 13.30 3.46 10.74
CA GLN B 164 14.31 2.54 11.25
C GLN B 164 15.17 1.95 10.14
N TYR B 165 14.67 1.95 8.91
CA TYR B 165 15.42 1.43 7.77
C TYR B 165 15.72 2.55 6.78
N LEU B 166 15.96 3.75 7.30
CA LEU B 166 16.42 4.91 6.56
C LEU B 166 15.39 5.37 5.54
N HIS B 167 15.14 4.56 4.52
CA HIS B 167 14.21 4.88 3.44
C HIS B 167 13.37 3.64 3.17
N PHE B 168 12.21 3.54 3.82
CA PHE B 168 11.36 2.35 3.71
C PHE B 168 10.74 2.18 2.33
N HIS B 169 10.75 3.21 1.49
CA HIS B 169 10.22 3.05 0.13
C HIS B 169 11.01 2.04 -0.67
N TYR B 170 12.29 1.84 -0.33
CA TYR B 170 13.17 0.96 -1.09
C TYR B 170 13.00 -0.51 -0.73
N ASN B 171 12.11 -0.84 0.20
CA ASN B 171 11.75 -2.22 0.47
C ASN B 171 11.07 -2.81 -0.76
N PRO B 172 11.63 -3.85 -1.38
CA PRO B 172 11.01 -4.39 -2.60
C PRO B 172 9.62 -4.95 -2.39
N ALA B 173 9.41 -5.65 -1.27
CA ALA B 173 8.09 -6.19 -0.99
C ALA B 173 7.09 -5.09 -0.67
N HIS B 174 7.54 -3.99 -0.06
CA HIS B 174 6.67 -2.84 0.12
C HIS B 174 6.24 -2.27 -1.22
N MET B 175 7.17 -2.20 -2.19
CA MET B 175 6.81 -1.72 -3.52
C MET B 175 5.78 -2.62 -4.19
N ILE B 176 5.96 -3.94 -4.09
CA ILE B 176 4.99 -4.87 -4.67
C ILE B 176 3.63 -4.71 -3.99
N ALA B 177 3.61 -4.59 -2.67
CA ALA B 177 2.34 -4.46 -1.96
C ALA B 177 1.64 -3.15 -2.31
N VAL B 178 2.41 -2.07 -2.45
CA VAL B 178 1.81 -0.79 -2.84
C VAL B 178 1.22 -0.89 -4.23
N THR B 179 1.92 -1.56 -5.14
CA THR B 179 1.39 -1.79 -6.47
C THR B 179 0.09 -2.56 -6.41
N PHE B 180 0.03 -3.59 -5.56
CA PHE B 180 -1.20 -4.36 -5.40
C PHE B 180 -2.35 -3.47 -4.92
N PHE B 181 -2.09 -2.62 -3.93
CA PHE B 181 -3.14 -1.73 -3.41
C PHE B 181 -3.63 -0.76 -4.47
N PHE B 182 -2.71 -0.12 -5.18
CA PHE B 182 -3.09 0.86 -6.20
C PHE B 182 -3.86 0.20 -7.34
N THR B 183 -3.39 -0.96 -7.81
CA THR B 183 -4.10 -1.68 -8.86
C THR B 183 -5.47 -2.13 -8.39
N ASN B 184 -5.58 -2.52 -7.12
CA ASN B 184 -6.88 -2.91 -6.59
C ASN B 184 -7.86 -1.75 -6.60
N CYS B 185 -7.41 -0.56 -6.19
CA CYS B 185 -8.30 0.60 -6.21
C CYS B 185 -8.72 0.94 -7.63
N LEU B 186 -7.78 0.88 -8.57
CA LEU B 186 -8.10 1.14 -9.97
C LEU B 186 -9.12 0.13 -10.51
N ALA B 187 -8.90 -1.16 -10.23
CA ALA B 187 -9.80 -2.20 -10.72
C ALA B 187 -11.17 -2.10 -10.09
N LEU B 188 -11.24 -1.75 -8.80
CA LEU B 188 -12.53 -1.57 -8.14
C LEU B 188 -13.30 -0.41 -8.77
N ALA B 189 -12.62 0.70 -9.04
CA ALA B 189 -13.29 1.81 -9.72
C ALA B 189 -13.81 1.38 -11.08
N MET B 190 -12.99 0.65 -11.85
CA MET B 190 -13.41 0.21 -13.17
C MET B 190 -14.61 -0.74 -13.10
N HIS B 191 -14.59 -1.68 -12.16
CA HIS B 191 -15.68 -2.65 -12.07
C HIS B 191 -16.98 -1.99 -11.62
N GLY B 192 -16.93 -1.16 -10.58
CA GLY B 192 -18.12 -0.44 -10.16
C GLY B 192 -18.68 0.44 -11.25
N SER B 193 -17.80 1.16 -11.96
CA SER B 193 -18.25 2.01 -13.06
C SER B 193 -18.89 1.20 -14.15
N LEU B 194 -18.28 0.09 -14.54
CA LEU B 194 -18.81 -0.74 -15.62
C LEU B 194 -20.19 -1.27 -15.28
N ILE B 195 -20.35 -1.86 -14.10
CA ILE B 195 -21.65 -2.41 -13.71
C ILE B 195 -22.70 -1.32 -13.63
N LEU B 196 -22.36 -0.19 -12.99
CA LEU B 196 -23.34 0.89 -12.85
C LEU B 196 -23.73 1.47 -14.20
N SER B 197 -22.76 1.65 -15.09
CA SER B 197 -23.04 2.22 -16.41
C SER B 197 -23.86 1.29 -17.29
N VAL B 198 -23.70 -0.02 -17.13
CA VAL B 198 -24.54 -0.96 -17.87
C VAL B 198 -25.95 -1.02 -17.30
N THR B 199 -26.10 -1.06 -15.97
CA THR B 199 -27.45 -1.13 -15.40
C THR B 199 -28.12 0.23 -15.32
N ASN B 200 -27.38 1.32 -15.45
CA ASN B 200 -27.93 2.68 -15.48
C ASN B 200 -27.40 3.39 -16.71
N PRO B 201 -27.93 3.06 -17.89
CA PRO B 201 -27.35 3.57 -19.13
C PRO B 201 -27.79 4.99 -19.45
N LYS B 202 -27.42 5.47 -20.63
CA LYS B 202 -27.92 6.75 -21.13
C LYS B 202 -29.44 6.77 -21.06
N LYS B 203 -29.99 7.85 -20.51
CA LYS B 203 -31.42 7.92 -20.28
C LYS B 203 -32.18 7.77 -21.59
N GLY B 204 -33.22 6.94 -21.56
CA GLY B 204 -34.01 6.62 -22.72
C GLY B 204 -33.64 5.32 -23.41
N THR B 205 -32.48 4.75 -23.07
CA THR B 205 -32.01 3.52 -23.69
C THR B 205 -32.20 2.34 -22.75
N PRO B 206 -32.37 1.14 -23.28
CA PRO B 206 -32.61 -0.03 -22.43
C PRO B 206 -31.36 -0.45 -21.67
N VAL B 207 -31.57 -1.31 -20.69
CA VAL B 207 -30.49 -1.82 -19.85
C VAL B 207 -29.56 -2.69 -20.70
N GLY B 208 -28.26 -2.45 -20.59
CA GLY B 208 -27.30 -3.19 -21.39
C GLY B 208 -27.16 -4.63 -20.97
N THR B 209 -26.49 -5.40 -21.82
CA THR B 209 -26.30 -6.83 -21.64
C THR B 209 -24.86 -7.12 -21.26
N SER B 210 -24.56 -8.42 -21.06
CA SER B 210 -23.22 -8.83 -20.67
C SER B 210 -22.22 -8.68 -21.81
N GLU B 211 -22.68 -8.71 -23.06
CA GLU B 211 -21.78 -8.48 -24.19
C GLU B 211 -21.35 -7.04 -24.29
N THR B 212 -22.18 -6.11 -23.81
CA THR B 212 -21.81 -4.69 -23.84
C THR B 212 -20.57 -4.43 -23.00
N GLU B 213 -20.47 -5.06 -21.83
CA GLU B 213 -19.29 -4.89 -20.98
C GLU B 213 -18.02 -5.32 -21.69
N ASN B 214 -18.02 -6.54 -22.24
CA ASN B 214 -16.84 -7.05 -22.93
C ASN B 214 -16.51 -6.21 -24.15
N VAL B 215 -17.52 -5.79 -24.91
CA VAL B 215 -17.28 -4.99 -26.10
C VAL B 215 -16.69 -3.63 -25.73
N PHE B 216 -17.20 -3.00 -24.66
CA PHE B 216 -16.67 -1.72 -24.23
C PHE B 216 -15.21 -1.84 -23.82
N PHE B 217 -14.90 -2.81 -22.97
CA PHE B 217 -13.52 -2.89 -22.49
C PHE B 217 -12.57 -3.36 -23.58
N ARG B 218 -13.07 -4.14 -24.54
CA ARG B 218 -12.24 -4.52 -25.68
C ARG B 218 -11.99 -3.33 -26.60
N ASP B 219 -13.00 -2.48 -26.78
CA ASP B 219 -12.82 -1.26 -27.57
C ASP B 219 -11.83 -0.31 -26.92
N LEU B 220 -11.87 -0.21 -25.59
CA LEU B 220 -11.02 0.74 -24.88
C LEU B 220 -9.59 0.24 -24.70
N LEU B 221 -9.42 -0.97 -24.16
CA LEU B 221 -8.10 -1.46 -23.81
C LEU B 221 -7.59 -2.57 -24.73
N GLY B 222 -8.46 -3.13 -25.58
CA GLY B 222 -8.08 -4.24 -26.41
C GLY B 222 -8.27 -5.60 -25.78
N TYR B 223 -8.46 -5.65 -24.46
CA TYR B 223 -8.72 -6.89 -23.76
C TYR B 223 -9.78 -6.64 -22.70
N SER B 224 -10.69 -7.60 -22.53
CA SER B 224 -11.72 -7.53 -21.51
C SER B 224 -11.72 -8.83 -20.72
N ILE B 225 -11.40 -8.74 -19.43
CA ILE B 225 -11.51 -9.91 -18.57
C ILE B 225 -12.98 -10.25 -18.35
N GLY B 226 -13.23 -11.47 -17.94
CA GLY B 226 -14.60 -11.94 -17.84
C GLY B 226 -15.35 -11.34 -16.65
N ALA B 227 -16.64 -11.70 -16.58
CA ALA B 227 -17.44 -11.36 -15.40
C ALA B 227 -16.93 -12.11 -14.18
N ILE B 228 -16.63 -13.40 -14.32
CA ILE B 228 -15.99 -14.13 -13.24
C ILE B 228 -14.53 -13.70 -13.11
N GLY B 229 -13.91 -13.32 -14.22
CA GLY B 229 -12.51 -12.94 -14.19
C GLY B 229 -12.25 -11.68 -13.38
N ILE B 230 -13.15 -10.70 -13.47
CA ILE B 230 -12.95 -9.47 -12.71
C ILE B 230 -13.07 -9.73 -11.21
N HIS B 231 -13.98 -10.61 -10.79
CA HIS B 231 -14.10 -10.93 -9.38
C HIS B 231 -12.92 -11.75 -8.88
N ARG B 232 -12.43 -12.68 -9.70
CA ARG B 232 -11.21 -13.40 -9.36
C ARG B 232 -10.04 -12.43 -9.22
N LEU B 233 -9.91 -11.48 -10.15
CA LEU B 233 -8.81 -10.53 -10.11
C LEU B 233 -8.93 -9.60 -8.90
N GLY B 234 -10.14 -9.15 -8.58
CA GLY B 234 -10.31 -8.31 -7.41
C GLY B 234 -9.96 -9.03 -6.13
N LEU B 235 -10.41 -10.28 -5.99
CA LEU B 235 -10.03 -11.07 -4.83
C LEU B 235 -8.52 -11.26 -4.74
N PHE B 236 -7.90 -11.62 -5.87
CA PHE B 236 -6.45 -11.85 -5.87
C PHE B 236 -5.70 -10.58 -5.51
N LEU B 237 -6.09 -9.44 -6.09
CA LEU B 237 -5.40 -8.17 -5.82
C LEU B 237 -5.56 -7.75 -4.37
N ALA B 238 -6.78 -7.78 -3.86
CA ALA B 238 -7.04 -7.33 -2.49
C ALA B 238 -6.34 -8.23 -1.47
N VAL B 239 -6.39 -9.54 -1.67
CA VAL B 239 -5.76 -10.44 -0.70
C VAL B 239 -4.24 -10.41 -0.84
N GLY B 240 -3.74 -10.33 -2.07
CA GLY B 240 -2.31 -10.26 -2.27
C GLY B 240 -1.70 -8.99 -1.71
N ALA B 241 -2.46 -7.90 -1.69
CA ALA B 241 -1.96 -6.70 -1.03
C ALA B 241 -1.64 -6.96 0.43
N ALA B 242 -2.56 -7.61 1.15
CA ALA B 242 -2.33 -7.93 2.55
C ALA B 242 -1.19 -8.95 2.72
N VAL B 243 -1.14 -9.96 1.86
CA VAL B 243 -0.09 -10.97 1.99
C VAL B 243 1.29 -10.35 1.76
N TRP B 244 1.40 -9.51 0.74
CA TRP B 244 2.68 -8.86 0.46
C TRP B 244 3.02 -7.82 1.52
N SER B 245 2.01 -7.20 2.14
CA SER B 245 2.27 -6.34 3.29
C SER B 245 2.88 -7.12 4.45
N ALA B 246 2.31 -8.30 4.74
CA ALA B 246 2.85 -9.14 5.79
C ALA B 246 4.28 -9.55 5.47
N ILE B 247 4.55 -9.91 4.22
CA ILE B 247 5.91 -10.25 3.81
C ILE B 247 6.85 -9.06 3.98
N CYS B 248 6.41 -7.87 3.56
CA CYS B 248 7.28 -6.70 3.62
C CYS B 248 7.62 -6.33 5.04
N ILE B 249 6.66 -6.46 5.97
CA ILE B 249 6.98 -6.09 7.34
C ILE B 249 7.77 -7.19 8.04
N VAL B 250 7.56 -8.46 7.69
CA VAL B 250 8.25 -9.53 8.39
C VAL B 250 9.72 -9.66 7.98
N ILE B 251 10.11 -9.12 6.82
CA ILE B 251 11.52 -9.17 6.43
C ILE B 251 12.33 -8.03 7.02
N SER B 252 11.68 -6.98 7.49
CA SER B 252 12.38 -5.83 8.06
C SER B 252 12.62 -6.07 9.54
N GLY B 253 13.89 -6.17 9.92
CA GLY B 253 14.30 -6.59 11.23
C GLY B 253 14.68 -8.05 11.35
N PRO B 254 13.73 -8.98 11.25
CA PRO B 254 14.10 -10.40 11.33
C PRO B 254 15.10 -10.85 10.27
N PHE B 255 15.03 -10.31 9.07
CA PHE B 255 15.90 -10.73 7.98
C PHE B 255 16.81 -9.63 7.45
N TRP B 256 16.37 -8.38 7.47
CA TRP B 256 17.17 -7.25 7.02
C TRP B 256 17.21 -6.21 8.13
N THR B 257 18.42 -5.84 8.54
CA THR B 257 18.60 -4.84 9.59
C THR B 257 19.29 -3.56 9.12
N LYS B 258 19.76 -3.51 7.88
CA LYS B 258 20.40 -2.32 7.35
C LYS B 258 19.37 -1.44 6.67
N GLY B 259 19.83 -0.31 6.13
CA GLY B 259 18.95 0.52 5.32
C GLY B 259 18.53 -0.22 4.06
N TRP B 260 17.26 -0.05 3.70
CA TRP B 260 16.71 -0.73 2.54
C TRP B 260 17.37 -0.34 1.22
N PRO B 261 17.73 0.93 0.98
CA PRO B 261 18.43 1.24 -0.27
C PRO B 261 19.69 0.41 -0.50
N GLU B 262 20.49 0.19 0.53
CA GLU B 262 21.69 -0.64 0.38
C GLU B 262 21.38 -2.05 -0.09
N TRP B 263 20.17 -2.56 0.17
CA TRP B 263 19.81 -3.89 -0.29
C TRP B 263 19.90 -4.02 -1.80
N TRP B 264 19.85 -2.91 -2.54
CA TRP B 264 19.89 -3.00 -3.99
C TRP B 264 21.30 -3.19 -4.52
N ASN B 265 22.29 -3.34 -3.64
CA ASN B 265 23.64 -3.69 -4.07
C ASN B 265 23.65 -4.90 -5.00
N TRP B 266 22.86 -5.93 -4.68
CA TRP B 266 22.85 -7.14 -5.49
C TRP B 266 22.55 -6.84 -6.94
N TRP B 267 21.71 -5.83 -7.19
CA TRP B 267 21.36 -5.52 -8.57
C TRP B 267 22.50 -4.79 -9.27
N LEU B 268 23.21 -3.94 -8.54
CA LEU B 268 24.30 -3.20 -9.14
C LEU B 268 25.55 -4.06 -9.34
N ASN B 269 25.63 -5.19 -8.65
CA ASN B 269 26.79 -6.06 -8.69
C ASN B 269 26.57 -7.31 -9.53
N LEU B 270 25.55 -7.31 -10.38
CA LEU B 270 25.38 -8.41 -11.31
C LEU B 270 26.61 -8.50 -12.22
N PRO B 271 27.05 -9.69 -12.59
CA PRO B 271 28.33 -9.81 -13.32
C PRO B 271 28.36 -9.09 -14.64
N ILE B 272 27.22 -8.86 -15.28
CA ILE B 272 27.18 -8.24 -16.60
C ILE B 272 27.62 -6.79 -16.58
N MET C 1 -11.23 -33.76 -4.42
CA MET C 1 -11.07 -33.70 -2.97
C MET C 1 -11.68 -32.42 -2.41
N LEU C 2 -11.18 -31.27 -2.84
CA LEU C 2 -11.76 -30.00 -2.44
C LEU C 2 -12.90 -29.62 -3.38
N GLU C 3 -13.80 -28.80 -2.86
CA GLU C 3 -14.85 -28.26 -3.71
C GLU C 3 -14.23 -27.35 -4.77
N TYR C 4 -14.90 -27.27 -5.92
CA TYR C 4 -14.44 -26.40 -6.99
C TYR C 4 -14.47 -24.95 -6.52
N GLN C 5 -13.31 -24.32 -6.40
CA GLN C 5 -13.19 -22.99 -5.82
C GLN C 5 -13.42 -21.87 -6.82
N ASN C 6 -13.66 -22.19 -8.09
CA ASN C 6 -13.89 -21.20 -9.14
C ASN C 6 -12.70 -20.25 -9.29
N LEU C 7 -11.49 -20.74 -9.01
CA LEU C 7 -10.29 -19.93 -9.12
C LEU C 7 -9.71 -19.95 -10.52
N PHE C 8 -9.81 -21.09 -11.21
CA PHE C 8 -9.31 -21.22 -12.57
C PHE C 8 -10.27 -22.10 -13.36
N THR C 9 -10.26 -21.93 -14.68
CA THR C 9 -11.15 -22.65 -15.58
C THR C 9 -10.38 -23.77 -16.29
N ARG C 10 -10.93 -24.98 -16.25
CA ARG C 10 -10.24 -26.13 -16.82
C ARG C 10 -10.63 -26.40 -18.27
N VAL C 11 -11.88 -26.12 -18.66
CA VAL C 11 -12.36 -26.40 -20.00
C VAL C 11 -12.77 -25.09 -20.64
N GLN C 12 -12.01 -24.65 -21.64
CA GLN C 12 -12.31 -23.45 -22.41
C GLN C 12 -13.12 -23.83 -23.64
N VAL C 13 -14.06 -22.96 -24.01
CA VAL C 13 -14.88 -23.15 -25.20
C VAL C 13 -14.60 -22.02 -26.18
N ARG C 14 -14.32 -22.38 -27.42
CA ARG C 14 -13.96 -21.43 -28.47
C ARG C 14 -15.12 -21.23 -29.43
N THR C 15 -15.06 -20.11 -30.15
CA THR C 15 -16.06 -19.77 -31.17
C THR C 15 -15.46 -18.69 -32.06
N VAL C 16 -16.27 -18.20 -32.98
CA VAL C 16 -15.82 -17.09 -33.85
C VAL C 16 -15.64 -15.84 -33.00
N PRO C 17 -14.56 -15.08 -33.20
CA PRO C 17 -14.34 -13.88 -32.37
C PRO C 17 -15.48 -12.88 -32.52
N GLU C 18 -15.80 -12.21 -31.42
CA GLU C 18 -16.91 -11.26 -31.41
C GLU C 18 -16.45 -9.94 -31.99
N ALA C 19 -17.04 -9.55 -33.11
CA ALA C 19 -16.66 -8.30 -33.78
C ALA C 19 -16.99 -7.08 -32.93
N GLY C 20 -18.12 -7.11 -32.22
CA GLY C 20 -18.51 -5.98 -31.41
C GLY C 20 -19.83 -5.38 -31.84
N ILE C 21 -20.50 -4.70 -30.92
CA ILE C 21 -21.76 -4.05 -31.22
C ILE C 21 -21.55 -2.96 -32.27
N GLU C 22 -22.50 -2.83 -33.19
CA GLU C 22 -22.38 -1.84 -34.26
C GLU C 22 -22.36 -0.43 -33.68
N ILE C 23 -21.28 0.29 -33.95
CA ILE C 23 -21.09 1.65 -33.46
C ILE C 23 -20.71 2.55 -34.62
N ASP C 24 -20.88 3.85 -34.41
CA ASP C 24 -20.51 4.84 -35.40
C ASP C 24 -19.01 4.79 -35.67
N GLU C 25 -18.64 4.78 -36.95
CA GLU C 25 -17.24 4.70 -37.36
C GLU C 25 -16.90 5.81 -38.34
N SER C 26 -17.36 7.02 -38.07
CA SER C 26 -17.07 8.14 -38.96
C SER C 26 -15.73 8.80 -38.63
N THR C 27 -15.31 8.76 -37.37
CA THR C 27 -14.05 9.37 -36.96
C THR C 27 -12.98 8.37 -36.58
N GLY C 28 -13.35 7.10 -36.37
CA GLY C 28 -12.40 6.08 -35.97
C GLY C 28 -12.97 4.72 -36.26
N THR C 29 -12.12 3.70 -36.16
CA THR C 29 -12.57 2.35 -36.48
C THR C 29 -11.88 1.36 -35.55
N ARG C 30 -12.34 0.11 -35.63
CA ARG C 30 -11.76 -0.98 -34.86
C ARG C 30 -10.62 -1.62 -35.63
N TYR C 31 -9.55 -1.94 -34.93
CA TYR C 31 -8.36 -2.55 -35.52
C TYR C 31 -8.17 -3.93 -34.91
N GLY C 32 -7.90 -4.91 -35.76
CA GLY C 32 -7.82 -6.29 -35.36
C GLY C 32 -9.12 -7.02 -35.58
N THR C 33 -9.03 -8.36 -35.51
CA THR C 33 -10.19 -9.22 -35.66
C THR C 33 -10.53 -10.01 -34.41
N GLY C 34 -9.59 -10.16 -33.48
CA GLY C 34 -9.83 -10.95 -32.29
C GLY C 34 -9.08 -12.27 -32.29
N THR C 35 -8.03 -12.35 -31.48
CA THR C 35 -7.28 -13.59 -31.28
C THR C 35 -7.60 -14.15 -29.91
N PHE C 36 -7.17 -15.37 -29.66
CA PHE C 36 -7.43 -16.06 -28.41
C PHE C 36 -6.13 -16.43 -27.72
N SER C 37 -6.05 -16.17 -26.42
CA SER C 37 -4.93 -16.58 -25.60
C SER C 37 -5.39 -17.66 -24.63
N TYR C 38 -4.69 -18.80 -24.64
CA TYR C 38 -5.05 -19.91 -23.78
C TYR C 38 -4.72 -19.60 -22.32
N LEU C 39 -3.52 -19.06 -22.08
CA LEU C 39 -3.12 -18.70 -20.72
C LEU C 39 -4.02 -17.62 -20.14
N ALA C 40 -4.37 -16.61 -20.95
CA ALA C 40 -5.32 -15.61 -20.48
C ALA C 40 -6.69 -16.21 -20.25
N GLY C 41 -7.08 -17.20 -21.07
CA GLY C 41 -8.37 -17.84 -20.91
C GLY C 41 -8.47 -18.72 -19.68
N LYS C 42 -7.34 -19.15 -19.13
CA LYS C 42 -7.39 -19.89 -17.87
C LYS C 42 -7.99 -19.03 -16.75
N PHE C 43 -7.55 -17.79 -16.62
CA PHE C 43 -7.96 -16.92 -15.52
C PHE C 43 -9.25 -16.16 -15.81
N GLY C 44 -9.40 -15.63 -17.02
CA GLY C 44 -10.61 -14.90 -17.37
C GLY C 44 -11.05 -15.15 -18.80
N ASP C 45 -11.41 -14.10 -19.51
CA ASP C 45 -11.74 -14.22 -20.92
C ASP C 45 -10.47 -14.42 -21.75
N ALA C 46 -10.64 -15.04 -22.91
CA ALA C 46 -9.49 -15.41 -23.73
C ALA C 46 -9.28 -14.55 -24.96
N GLN C 47 -10.23 -13.70 -25.32
CA GLN C 47 -10.15 -12.99 -26.59
C GLN C 47 -9.35 -11.70 -26.42
N ILE C 48 -8.22 -11.62 -27.12
CA ILE C 48 -7.51 -10.33 -27.29
C ILE C 48 -8.10 -9.71 -28.55
N GLY C 49 -9.24 -9.06 -28.37
CA GLY C 49 -10.07 -8.66 -29.48
C GLY C 49 -9.64 -7.37 -30.12
N PRO C 50 -10.47 -6.85 -31.02
CA PRO C 50 -10.14 -5.59 -31.69
C PRO C 50 -10.16 -4.44 -30.71
N ILE C 51 -9.42 -3.38 -31.05
CA ILE C 51 -9.38 -2.18 -30.23
C ILE C 51 -9.81 -1.00 -31.11
N TYR C 52 -10.70 -0.16 -30.57
CA TYR C 52 -11.16 1.00 -31.31
C TYR C 52 -10.15 2.13 -31.21
N LEU C 53 -9.91 2.81 -32.32
CA LEU C 53 -9.03 3.98 -32.36
C LEU C 53 -9.73 5.09 -33.12
N GLY C 54 -9.76 6.28 -32.53
CA GLY C 54 -10.37 7.44 -33.14
C GLY C 54 -9.50 8.67 -33.02
N TRP C 55 -10.13 9.85 -33.03
CA TRP C 55 -9.36 11.10 -32.97
C TRP C 55 -8.64 11.24 -31.63
N ALA C 56 -9.40 11.19 -30.53
CA ALA C 56 -8.85 11.44 -29.22
C ALA C 56 -7.80 10.41 -28.84
N GLY C 57 -8.04 9.14 -29.19
CA GLY C 57 -7.07 8.10 -28.88
C GLY C 57 -5.75 8.28 -29.61
N VAL C 58 -5.80 8.59 -30.90
CA VAL C 58 -4.58 8.82 -31.68
C VAL C 58 -3.82 10.02 -31.15
N LEU C 59 -4.54 11.13 -30.88
CA LEU C 59 -3.88 12.32 -30.37
C LEU C 59 -3.26 12.07 -29.00
N SER C 60 -3.98 11.34 -28.14
CA SER C 60 -3.45 10.98 -26.82
C SER C 60 -2.21 10.12 -26.95
N LEU C 61 -2.20 9.17 -27.88
CA LEU C 61 -1.03 8.33 -28.07
C LEU C 61 0.16 9.15 -28.53
N ILE C 62 -0.05 10.09 -29.46
CA ILE C 62 1.06 10.91 -29.96
C ILE C 62 1.65 11.76 -28.83
N PHE C 63 0.79 12.46 -28.07
CA PHE C 63 1.28 13.32 -27.01
C PHE C 63 1.95 12.50 -25.89
N GLY C 64 1.35 11.38 -25.52
CA GLY C 64 1.93 10.55 -24.47
C GLY C 64 3.27 9.96 -24.88
N PHE C 65 3.39 9.55 -26.15
CA PHE C 65 4.66 9.03 -26.61
C PHE C 65 5.72 10.12 -26.66
N MET C 66 5.33 11.35 -27.01
CA MET C 66 6.30 12.45 -26.96
C MET C 66 6.80 12.68 -25.53
N ALA C 67 5.89 12.67 -24.55
CA ALA C 67 6.32 12.83 -23.16
C ALA C 67 7.23 11.69 -22.73
N PHE C 68 6.86 10.45 -23.08
CA PHE C 68 7.66 9.28 -22.74
C PHE C 68 9.04 9.35 -23.37
N GLU C 69 9.13 9.80 -24.62
CA GLU C 69 10.42 9.94 -25.30
C GLU C 69 11.28 11.01 -24.64
N ILE C 70 10.69 12.15 -24.28
CA ILE C 70 11.46 13.20 -23.62
C ILE C 70 12.03 12.69 -22.30
N ILE C 71 11.19 12.02 -21.50
CA ILE C 71 11.65 11.50 -20.22
C ILE C 71 12.78 10.50 -20.42
N GLY C 72 12.57 9.54 -21.33
CA GLY C 72 13.58 8.52 -21.54
C GLY C 72 14.89 9.05 -22.06
N LEU C 73 14.83 10.02 -22.99
CA LEU C 73 16.06 10.57 -23.55
C LEU C 73 16.82 11.40 -22.51
N ASN C 74 16.11 12.13 -21.65
CA ASN C 74 16.82 12.84 -20.58
C ASN C 74 17.46 11.86 -19.60
N MET C 75 16.75 10.79 -19.26
CA MET C 75 17.34 9.75 -18.43
C MET C 75 18.59 9.17 -19.07
N TRP C 76 18.54 8.91 -20.37
CA TRP C 76 19.68 8.34 -21.07
C TRP C 76 20.85 9.31 -21.13
N ALA C 77 20.59 10.59 -21.35
CA ALA C 77 21.65 11.58 -21.34
C ALA C 77 22.27 11.75 -19.97
N SER C 78 21.52 11.51 -18.90
CA SER C 78 22.06 11.69 -17.55
C SER C 78 23.14 10.67 -17.20
N VAL C 79 23.22 9.55 -17.89
CA VAL C 79 24.28 8.57 -17.68
C VAL C 79 25.35 8.66 -18.78
N GLY C 80 25.40 9.76 -19.52
CA GLY C 80 26.37 9.90 -20.58
C GLY C 80 26.10 9.07 -21.81
N TRP C 81 24.84 8.69 -22.04
CA TRP C 81 24.40 7.90 -23.18
C TRP C 81 24.91 6.46 -23.13
N ASP C 82 25.23 5.96 -21.95
CA ASP C 82 25.68 4.58 -21.79
C ASP C 82 24.48 3.65 -21.70
N PRO C 83 24.29 2.74 -22.65
CA PRO C 83 23.15 1.82 -22.55
C PRO C 83 23.26 0.87 -21.37
N VAL C 84 24.48 0.45 -21.03
CA VAL C 84 24.68 -0.44 -19.89
C VAL C 84 24.34 0.29 -18.59
N GLU C 85 24.81 1.52 -18.44
CA GLU C 85 24.45 2.32 -17.28
C GLU C 85 22.98 2.70 -17.30
N PHE C 86 22.42 2.89 -18.49
CA PHE C 86 21.00 3.20 -18.63
C PHE C 86 20.14 2.07 -18.07
N ILE C 87 20.46 0.83 -18.41
CA ILE C 87 19.67 -0.29 -17.89
C ILE C 87 20.00 -0.57 -16.44
N ARG C 88 21.27 -0.52 -16.07
CA ARG C 88 21.67 -0.86 -14.71
C ARG C 88 21.13 0.14 -13.70
N GLN C 89 21.18 1.43 -14.02
CA GLN C 89 20.79 2.48 -13.09
C GLN C 89 19.39 3.01 -13.35
N LEU C 90 18.59 2.31 -14.15
CA LEU C 90 17.28 2.80 -14.55
C LEU C 90 16.38 3.23 -13.40
N PRO C 91 16.22 2.47 -12.31
CA PRO C 91 15.32 2.94 -11.24
C PRO C 91 15.79 4.21 -10.54
N TRP C 92 17.08 4.55 -10.61
CA TRP C 92 17.60 5.74 -9.94
C TRP C 92 17.59 6.98 -10.81
N LEU C 93 17.36 6.84 -12.11
CA LEU C 93 17.42 7.97 -13.03
C LEU C 93 16.13 8.79 -12.96
N ALA C 94 16.23 10.06 -13.33
CA ALA C 94 15.08 10.95 -13.25
C ALA C 94 15.21 12.08 -14.26
N LEU C 95 14.04 12.64 -14.61
CA LEU C 95 13.93 13.96 -15.24
C LEU C 95 13.44 14.90 -14.14
N GLU C 96 14.32 15.82 -13.71
CA GLU C 96 14.21 16.66 -12.52
C GLU C 96 13.54 18.00 -12.82
N PRO C 97 12.71 18.48 -11.90
CA PRO C 97 12.07 19.80 -12.05
C PRO C 97 13.08 20.93 -12.01
N PRO C 98 12.66 22.17 -12.33
CA PRO C 98 13.60 23.30 -12.39
C PRO C 98 14.14 23.68 -11.02
N PRO C 99 15.10 24.61 -10.97
CA PRO C 99 15.62 25.06 -9.67
C PRO C 99 14.62 25.94 -8.95
N PRO C 100 14.71 26.01 -7.62
CA PRO C 100 13.71 26.79 -6.85
C PRO C 100 13.75 28.29 -7.11
N GLN C 101 14.89 28.83 -7.52
CA GLN C 101 15.02 30.28 -7.64
C GLN C 101 14.34 30.85 -8.89
N TYR C 102 13.89 30.00 -9.82
CA TYR C 102 13.17 30.50 -10.98
C TYR C 102 11.70 30.74 -10.71
N GLY C 103 11.17 30.24 -9.60
CA GLY C 103 9.75 30.38 -9.34
C GLY C 103 8.95 29.75 -10.45
N LEU C 104 8.08 30.54 -11.07
CA LEU C 104 7.23 30.09 -12.15
C LEU C 104 7.72 30.55 -13.52
N ARG C 105 8.87 31.19 -13.59
CA ARG C 105 9.44 31.56 -14.87
C ARG C 105 10.08 30.35 -15.55
N VAL C 106 10.17 30.42 -16.87
CA VAL C 106 10.66 29.27 -17.66
C VAL C 106 12.12 29.02 -17.33
N PRO C 107 12.52 27.76 -17.11
CA PRO C 107 13.89 27.48 -16.73
C PRO C 107 14.75 27.17 -17.95
N PRO C 108 16.07 27.06 -17.78
CA PRO C 108 16.92 26.61 -18.88
C PRO C 108 16.57 25.18 -19.30
N LEU C 109 16.84 24.87 -20.57
CA LEU C 109 16.43 23.59 -21.14
C LEU C 109 17.04 22.42 -20.37
N ALA C 110 18.32 22.50 -20.05
CA ALA C 110 19.00 21.41 -19.36
C ALA C 110 18.75 21.41 -17.86
N GLN C 111 18.06 22.43 -17.33
CA GLN C 111 17.80 22.55 -15.90
C GLN C 111 16.31 22.73 -15.64
N GLY C 112 15.48 21.92 -16.30
CA GLY C 112 14.06 21.89 -16.02
C GLY C 112 13.15 22.21 -17.18
N GLY C 113 13.67 22.71 -18.31
CA GLY C 113 12.81 22.97 -19.45
C GLY C 113 12.22 21.70 -20.04
N TRP C 114 13.05 20.66 -20.19
CA TRP C 114 12.56 19.37 -20.64
C TRP C 114 11.49 18.82 -19.70
N TYR C 115 11.66 19.04 -18.40
CA TYR C 115 10.68 18.54 -17.43
C TYR C 115 9.31 19.15 -17.70
N LEU C 116 9.26 20.47 -17.89
CA LEU C 116 7.99 21.13 -18.14
C LEU C 116 7.38 20.71 -19.47
N MET C 117 8.19 20.54 -20.51
CA MET C 117 7.66 20.04 -21.78
C MET C 117 7.03 18.66 -21.60
N ALA C 118 7.73 17.75 -20.93
CA ALA C 118 7.22 16.41 -20.73
C ALA C 118 5.95 16.42 -19.90
N GLY C 119 5.91 17.24 -18.85
CA GLY C 119 4.72 17.33 -18.03
C GLY C 119 3.52 17.85 -18.79
N PHE C 120 3.74 18.88 -19.62
CA PHE C 120 2.65 19.42 -20.43
C PHE C 120 2.11 18.39 -21.41
N PHE C 121 3.00 17.65 -22.07
CA PHE C 121 2.55 16.65 -23.03
C PHE C 121 1.82 15.50 -22.35
N LEU C 122 2.31 15.07 -21.18
CA LEU C 122 1.65 14.03 -20.43
C LEU C 122 0.26 14.48 -19.99
N THR C 123 0.13 15.73 -19.54
CA THR C 123 -1.16 16.25 -19.12
C THR C 123 -2.14 16.28 -20.29
N ILE C 124 -1.68 16.73 -21.46
CA ILE C 124 -2.56 16.82 -22.61
C ILE C 124 -3.02 15.43 -23.02
N SER C 125 -2.10 14.45 -23.01
CA SER C 125 -2.49 13.09 -23.40
C SER C 125 -3.45 12.47 -22.40
N ILE C 126 -3.28 12.75 -21.11
CA ILE C 126 -4.21 12.23 -20.11
C ILE C 126 -5.61 12.81 -20.32
N LEU C 127 -5.70 14.12 -20.60
CA LEU C 127 -7.00 14.72 -20.86
C LEU C 127 -7.64 14.17 -22.15
N LEU C 128 -6.83 13.95 -23.18
CA LEU C 128 -7.36 13.37 -24.42
C LEU C 128 -7.83 11.94 -24.19
N TRP C 129 -7.13 11.18 -23.34
CA TRP C 129 -7.59 9.85 -22.99
C TRP C 129 -8.90 9.90 -22.23
N TRP C 130 -9.09 10.91 -21.38
CA TRP C 130 -10.38 11.08 -20.72
C TRP C 130 -11.48 11.30 -21.75
N VAL C 131 -11.22 12.13 -22.75
CA VAL C 131 -12.20 12.34 -23.82
C VAL C 131 -12.50 11.02 -24.53
N ARG C 132 -11.47 10.22 -24.80
CA ARG C 132 -11.66 8.94 -25.46
C ARG C 132 -12.51 7.99 -24.61
N VAL C 133 -12.27 7.95 -23.30
CA VAL C 133 -13.05 7.10 -22.42
C VAL C 133 -14.51 7.52 -22.43
N TYR C 134 -14.75 8.84 -22.37
CA TYR C 134 -16.11 9.36 -22.42
C TYR C 134 -16.81 8.96 -23.71
N ARG C 135 -16.13 9.11 -24.84
CA ARG C 135 -16.74 8.79 -26.12
C ARG C 135 -16.99 7.30 -26.30
N ARG C 136 -16.05 6.46 -25.86
CA ARG C 136 -16.28 5.02 -25.91
C ARG C 136 -17.47 4.62 -25.06
N ALA C 137 -17.64 5.28 -23.91
CA ALA C 137 -18.81 4.98 -23.07
C ALA C 137 -20.10 5.41 -23.76
N ARG C 138 -20.13 6.61 -24.33
CA ARG C 138 -21.38 7.09 -24.91
C ARG C 138 -21.69 6.48 -26.26
N ALA C 139 -20.71 5.87 -26.93
CA ALA C 139 -20.98 5.20 -28.20
C ALA C 139 -21.82 3.95 -28.00
N LEU C 140 -21.75 3.33 -26.84
CA LEU C 140 -22.50 2.13 -26.52
C LEU C 140 -23.74 2.42 -25.69
N ASN C 141 -24.12 3.69 -25.58
CA ASN C 141 -25.29 4.14 -24.83
C ASN C 141 -25.18 3.84 -23.35
N MET C 142 -23.96 3.71 -22.84
CA MET C 142 -23.74 3.45 -21.43
C MET C 142 -23.76 4.76 -20.64
N GLY C 143 -23.86 4.63 -19.32
CA GLY C 143 -23.68 5.78 -18.46
C GLY C 143 -22.21 6.19 -18.37
N THR C 144 -21.99 7.43 -17.96
CA THR C 144 -20.64 7.97 -17.85
C THR C 144 -20.08 7.85 -16.44
N HIS C 145 -20.11 6.66 -15.83
CA HIS C 145 -19.56 6.51 -14.49
C HIS C 145 -18.04 6.40 -14.54
N LEU C 146 -17.52 5.61 -15.48
CA LEU C 146 -16.07 5.50 -15.65
C LEU C 146 -15.41 6.83 -15.98
N PRO C 147 -15.96 7.68 -16.87
CA PRO C 147 -15.35 9.00 -17.05
C PRO C 147 -15.23 9.80 -15.76
N TRP C 148 -16.24 9.76 -14.89
CA TRP C 148 -16.18 10.57 -13.69
C TRP C 148 -15.38 9.93 -12.57
N ALA C 149 -15.07 8.63 -12.66
CA ALA C 149 -14.06 8.08 -11.76
C ALA C 149 -12.65 8.40 -12.23
N PHE C 150 -12.41 8.31 -13.54
CA PHE C 150 -11.15 8.75 -14.11
C PHE C 150 -10.92 10.23 -13.83
N ALA C 151 -11.99 11.02 -13.75
CA ALA C 151 -11.86 12.43 -13.41
C ALA C 151 -11.32 12.62 -11.99
N SER C 152 -11.74 11.79 -11.04
CA SER C 152 -11.18 11.86 -9.70
C SER C 152 -9.70 11.52 -9.69
N ALA C 153 -9.32 10.47 -10.45
CA ALA C 153 -7.90 10.16 -10.57
C ALA C 153 -7.12 11.34 -11.16
N ILE C 154 -7.68 11.98 -12.18
CA ILE C 154 -7.04 13.13 -12.82
C ILE C 154 -6.95 14.31 -11.85
N PHE C 155 -7.95 14.48 -10.99
CA PHE C 155 -7.89 15.55 -9.99
C PHE C 155 -6.71 15.38 -9.06
N LEU C 156 -6.52 14.16 -8.54
CA LEU C 156 -5.33 13.93 -7.71
C LEU C 156 -4.06 14.17 -8.51
N TYR C 157 -4.02 13.74 -9.77
CA TYR C 157 -2.83 13.96 -10.59
C TYR C 157 -2.56 15.45 -10.77
N SER C 158 -3.61 16.24 -10.97
CA SER C 158 -3.46 17.65 -11.27
C SER C 158 -3.09 18.47 -10.05
N THR C 159 -3.33 17.95 -8.84
CA THR C 159 -2.81 18.66 -7.67
C THR C 159 -1.29 18.72 -7.65
N PHE C 160 -0.60 17.75 -8.26
CA PHE C 160 0.86 17.80 -8.37
C PHE C 160 1.35 18.91 -9.29
N PHE C 161 0.45 19.54 -10.04
CA PHE C 161 0.74 20.77 -10.77
C PHE C 161 0.24 22.00 -10.05
N PHE C 162 -0.95 21.92 -9.44
CA PHE C 162 -1.57 23.10 -8.86
C PHE C 162 -0.94 23.51 -7.53
N GLN C 163 -0.55 22.54 -6.69
CA GLN C 163 0.12 22.89 -5.43
C GLN C 163 1.46 23.59 -5.66
N PRO C 164 2.35 23.11 -6.55
CA PRO C 164 3.56 23.88 -6.84
C PRO C 164 3.28 25.26 -7.42
N LEU C 165 2.18 25.41 -8.17
CA LEU C 165 1.83 26.73 -8.68
C LEU C 165 1.32 27.63 -7.56
N LEU C 166 0.59 27.06 -6.59
CA LEU C 166 0.07 27.86 -5.48
C LEU C 166 1.19 28.28 -4.53
N VAL C 167 2.15 27.40 -4.27
CA VAL C 167 3.29 27.81 -3.45
C VAL C 167 4.25 28.67 -4.23
N GLY C 168 4.21 28.63 -5.56
CA GLY C 168 4.91 29.56 -6.40
C GLY C 168 6.25 29.11 -6.94
N SER C 169 6.42 27.83 -7.26
CA SER C 169 7.69 27.36 -7.81
C SER C 169 7.47 26.01 -8.49
N TRP C 170 8.02 25.86 -9.70
CA TRP C 170 7.98 24.59 -10.39
C TRP C 170 8.96 23.57 -9.82
N SER C 171 9.90 24.00 -8.98
CA SER C 171 10.83 23.08 -8.33
C SER C 171 10.14 22.10 -7.38
N GLU C 172 8.93 22.40 -6.94
CA GLU C 172 8.24 21.54 -5.98
C GLU C 172 7.48 20.40 -6.65
N MET C 173 7.61 20.25 -7.96
CA MET C 173 6.90 19.23 -8.73
C MET C 173 7.57 17.87 -8.56
N VAL C 174 6.83 16.82 -8.94
CA VAL C 174 7.26 15.44 -8.79
C VAL C 174 8.21 15.05 -9.94
N PRO C 175 9.43 14.62 -9.65
CA PRO C 175 10.33 14.22 -10.73
C PRO C 175 9.88 12.93 -11.40
N PHE C 176 10.22 12.80 -12.68
CA PHE C 176 9.89 11.63 -13.47
C PHE C 176 10.96 10.58 -13.22
N GLY C 177 10.71 9.65 -12.31
CA GLY C 177 11.67 8.60 -12.01
C GLY C 177 11.10 7.60 -11.04
N ILE C 178 11.57 6.35 -11.11
CA ILE C 178 11.00 5.30 -10.27
C ILE C 178 11.35 5.52 -8.80
N PHE C 179 12.64 5.57 -8.50
CA PHE C 179 13.05 5.86 -7.13
C PHE C 179 12.93 7.34 -6.79
N PRO C 180 13.33 8.26 -7.68
CA PRO C 180 13.24 9.69 -7.30
C PRO C 180 11.84 10.19 -6.99
N HIS C 181 10.78 9.64 -7.58
CA HIS C 181 9.44 10.09 -7.20
C HIS C 181 9.05 9.58 -5.81
N LEU C 182 9.59 8.44 -5.38
CA LEU C 182 9.49 8.03 -3.99
C LEU C 182 10.30 8.93 -3.07
N ASP C 183 11.48 9.37 -3.53
CA ASP C 183 12.26 10.35 -2.78
C ASP C 183 11.48 11.64 -2.58
N TRP C 184 10.80 12.10 -3.62
CA TRP C 184 9.97 13.29 -3.51
C TRP C 184 8.83 13.07 -2.54
N THR C 185 8.20 11.89 -2.57
CA THR C 185 7.13 11.61 -1.62
C THR C 185 7.63 11.74 -0.18
N SER C 186 8.77 11.11 0.13
CA SER C 186 9.32 11.19 1.48
C SER C 186 9.68 12.63 1.86
N ALA C 187 10.35 13.35 0.96
CA ALA C 187 10.78 14.71 1.27
C ALA C 187 9.59 15.65 1.39
N PHE C 188 8.51 15.40 0.65
CA PHE C 188 7.30 16.20 0.79
C PHE C 188 6.68 16.01 2.15
N SER C 189 6.61 14.76 2.62
CA SER C 189 6.07 14.54 3.96
C SER C 189 6.95 15.20 5.02
N ILE C 190 8.27 15.10 4.87
CA ILE C 190 9.17 15.66 5.88
C ILE C 190 9.10 17.20 5.89
N ARG C 191 9.08 17.82 4.71
CA ARG C 191 9.15 19.26 4.61
C ARG C 191 7.96 19.93 5.30
N TYR C 192 6.77 19.36 5.16
CA TYR C 192 5.56 19.96 5.69
C TYR C 192 5.13 19.34 7.02
N GLY C 193 6.05 18.72 7.74
CA GLY C 193 5.81 18.27 9.09
C GLY C 193 4.88 17.09 9.24
N ASN C 194 5.29 15.92 8.74
CA ASN C 194 4.60 14.65 9.02
C ASN C 194 3.16 14.65 8.48
N LEU C 195 3.09 14.41 7.17
CA LEU C 195 1.83 14.27 6.45
C LEU C 195 0.87 13.23 7.04
N TYR C 196 1.31 12.43 8.02
CA TYR C 196 0.38 11.56 8.73
C TYR C 196 -0.71 12.35 9.43
N TYR C 197 -0.42 13.58 9.82
CA TYR C 197 -1.36 14.43 10.54
C TYR C 197 -2.17 15.32 9.62
N ASN C 198 -2.05 15.15 8.32
CA ASN C 198 -2.98 15.73 7.37
C ASN C 198 -4.30 14.96 7.46
N PRO C 199 -5.41 15.60 7.85
CA PRO C 199 -6.67 14.86 7.99
C PRO C 199 -7.17 14.25 6.69
N PHE C 200 -6.96 14.93 5.57
CA PHE C 200 -7.37 14.39 4.29
C PHE C 200 -6.46 13.27 3.80
N HIS C 201 -5.20 13.27 4.21
CA HIS C 201 -4.33 12.11 3.96
C HIS C 201 -4.83 10.90 4.73
N ALA C 202 -5.22 11.07 6.00
CA ALA C 202 -5.81 9.98 6.77
C ALA C 202 -7.12 9.52 6.14
N LEU C 203 -7.92 10.45 5.66
CA LEU C 203 -9.17 10.13 4.99
C LEU C 203 -8.93 9.27 3.75
N SER C 204 -7.99 9.70 2.91
CA SER C 204 -7.69 8.95 1.68
C SER C 204 -7.11 7.59 1.99
N ILE C 205 -6.32 7.47 3.06
CA ILE C 205 -5.83 6.15 3.48
C ILE C 205 -7.01 5.27 3.91
N ALA C 206 -7.97 5.84 4.63
CA ALA C 206 -9.14 5.07 5.02
C ALA C 206 -9.90 4.58 3.80
N PHE C 207 -10.03 5.42 2.78
CA PHE C 207 -10.75 5.00 1.57
C PHE C 207 -9.96 3.99 0.76
N LEU C 208 -8.63 4.08 0.75
CA LEU C 208 -7.82 3.09 0.03
C LEU C 208 -7.91 1.72 0.71
N TYR C 209 -7.75 1.69 2.03
CA TYR C 209 -7.93 0.43 2.74
C TYR C 209 -9.34 -0.11 2.56
N GLY C 210 -10.34 0.78 2.61
CA GLY C 210 -11.72 0.36 2.41
C GLY C 210 -11.99 -0.17 1.02
N SER C 211 -11.29 0.36 0.02
CA SER C 211 -11.39 -0.19 -1.32
C SER C 211 -10.85 -1.62 -1.35
N ALA C 212 -9.71 -1.85 -0.70
CA ALA C 212 -9.21 -3.22 -0.62
C ALA C 212 -10.18 -4.14 0.12
N VAL C 213 -10.73 -3.66 1.24
CA VAL C 213 -11.71 -4.43 2.01
C VAL C 213 -12.93 -4.76 1.17
N LEU C 214 -13.46 -3.76 0.47
CA LEU C 214 -14.68 -3.93 -0.31
C LEU C 214 -14.47 -4.87 -1.48
N PHE C 215 -13.33 -4.75 -2.16
CA PHE C 215 -13.10 -5.65 -3.29
C PHE C 215 -12.86 -7.08 -2.81
N ALA C 216 -12.15 -7.26 -1.70
CA ALA C 216 -12.00 -8.61 -1.16
C ALA C 216 -13.34 -9.21 -0.80
N MET C 217 -14.20 -8.42 -0.15
CA MET C 217 -15.50 -8.90 0.27
C MET C 217 -16.39 -9.23 -0.93
N HIS C 218 -16.46 -8.31 -1.90
CA HIS C 218 -17.30 -8.52 -3.07
C HIS C 218 -16.81 -9.67 -3.94
N GLY C 219 -15.50 -9.76 -4.16
CA GLY C 219 -14.97 -10.86 -4.94
C GLY C 219 -15.18 -12.20 -4.27
N ALA C 220 -14.94 -12.29 -2.96
CA ALA C 220 -15.21 -13.53 -2.25
C ALA C 220 -16.69 -13.88 -2.27
N THR C 221 -17.57 -12.89 -2.12
CA THR C 221 -19.00 -13.15 -2.13
C THR C 221 -19.46 -13.67 -3.47
N ILE C 222 -19.02 -13.05 -4.56
CA ILE C 222 -19.45 -13.48 -5.89
C ILE C 222 -18.86 -14.83 -6.24
N LEU C 223 -17.59 -15.06 -5.87
CA LEU C 223 -16.99 -16.37 -6.12
C LEU C 223 -17.68 -17.45 -5.29
N ALA C 224 -18.19 -17.10 -4.10
CA ALA C 224 -18.85 -18.07 -3.23
C ALA C 224 -20.24 -18.45 -3.71
N VAL C 225 -20.88 -17.62 -4.55
CA VAL C 225 -22.19 -17.91 -5.08
C VAL C 225 -22.15 -18.02 -6.61
N ALA C 226 -20.96 -18.17 -7.18
CA ALA C 226 -20.86 -18.37 -8.63
C ALA C 226 -21.43 -19.71 -9.07
N ARG C 227 -21.47 -20.69 -8.16
CA ARG C 227 -22.12 -21.97 -8.45
C ARG C 227 -23.62 -21.80 -8.69
N LEU C 228 -24.20 -20.69 -8.25
CA LEU C 228 -25.62 -20.42 -8.41
C LEU C 228 -25.90 -19.40 -9.50
N GLY C 229 -24.90 -19.05 -10.29
CA GLY C 229 -25.07 -18.06 -11.34
C GLY C 229 -24.90 -16.64 -10.87
N GLY C 230 -24.10 -16.43 -9.81
CA GLY C 230 -23.96 -15.11 -9.24
C GLY C 230 -23.08 -14.16 -10.01
N GLU C 231 -22.16 -14.69 -10.85
CA GLU C 231 -21.26 -13.81 -11.58
C GLU C 231 -21.98 -13.02 -12.67
N ARG C 232 -23.18 -13.45 -13.07
CA ARG C 232 -23.98 -12.72 -14.04
C ARG C 232 -24.82 -11.70 -13.29
N GLU C 233 -24.17 -10.60 -12.92
CA GLU C 233 -24.76 -9.64 -12.00
C GLU C 233 -25.84 -8.78 -12.64
N ILE C 234 -25.78 -8.58 -13.97
CA ILE C 234 -26.80 -7.78 -14.63
C ILE C 234 -28.17 -8.43 -14.48
N GLU C 235 -28.22 -9.75 -14.69
CA GLU C 235 -29.48 -10.47 -14.60
C GLU C 235 -29.92 -10.64 -13.16
N GLN C 236 -28.97 -10.79 -12.23
CA GLN C 236 -29.29 -10.81 -10.82
C GLN C 236 -29.77 -9.45 -10.32
N ILE C 237 -29.49 -8.39 -11.06
CA ILE C 237 -29.99 -7.07 -10.69
C ILE C 237 -31.38 -6.85 -11.27
N THR C 238 -31.56 -7.20 -12.55
CA THR C 238 -32.86 -7.01 -13.18
C THR C 238 -33.84 -8.15 -12.90
N ASP C 239 -33.37 -9.29 -12.40
CA ASP C 239 -34.25 -10.41 -12.04
C ASP C 239 -33.54 -11.17 -10.90
N ARG C 240 -33.90 -10.82 -9.68
CA ARG C 240 -33.11 -11.26 -8.53
C ARG C 240 -33.29 -12.76 -8.29
N GLY C 241 -32.18 -13.49 -8.39
CA GLY C 241 -32.19 -14.92 -8.19
C GLY C 241 -31.75 -15.31 -6.79
N THR C 242 -31.49 -16.61 -6.63
CA THR C 242 -31.10 -17.12 -5.32
C THR C 242 -29.67 -16.74 -4.96
N ALA C 243 -28.82 -16.47 -5.93
CA ALA C 243 -27.45 -16.05 -5.63
C ALA C 243 -27.42 -14.69 -4.97
N ALA C 244 -28.19 -13.73 -5.51
CA ALA C 244 -28.26 -12.40 -4.90
C ALA C 244 -28.92 -12.47 -3.54
N GLU C 245 -29.95 -13.30 -3.39
CA GLU C 245 -30.62 -13.45 -2.11
C GLU C 245 -29.66 -13.99 -1.05
N ARG C 246 -28.89 -15.02 -1.40
CA ARG C 246 -27.91 -15.57 -0.46
C ARG C 246 -26.79 -14.59 -0.16
N SER C 247 -26.35 -13.82 -1.16
CA SER C 247 -25.33 -12.81 -0.91
C SER C 247 -25.81 -11.77 0.08
N MET C 248 -27.07 -11.32 -0.07
CA MET C 248 -27.62 -10.37 0.88
C MET C 248 -27.74 -10.97 2.27
N LEU C 249 -28.25 -12.20 2.37
CA LEU C 249 -28.48 -12.79 3.68
C LEU C 249 -27.18 -13.09 4.42
N PHE C 250 -26.12 -13.49 3.70
CA PHE C 250 -24.85 -13.73 4.38
C PHE C 250 -24.40 -12.50 5.15
N TRP C 251 -24.36 -11.35 4.48
CA TRP C 251 -23.87 -10.14 5.13
C TRP C 251 -24.86 -9.58 6.13
N ARG C 252 -26.16 -9.77 5.89
CA ARG C 252 -27.13 -9.36 6.90
C ARG C 252 -26.97 -10.15 8.19
N TRP C 253 -26.76 -11.46 8.09
CA TRP C 253 -26.54 -12.27 9.28
C TRP C 253 -25.19 -11.98 9.90
N THR C 254 -24.20 -11.59 9.09
CA THR C 254 -22.85 -11.36 9.59
C THR C 254 -22.74 -10.04 10.34
N MET C 255 -22.98 -8.92 9.66
CA MET C 255 -22.75 -7.61 10.25
C MET C 255 -24.02 -6.83 10.54
N GLY C 256 -25.18 -7.44 10.35
CA GLY C 256 -26.44 -6.84 10.72
C GLY C 256 -27.09 -5.98 9.66
N PHE C 257 -26.36 -5.61 8.62
CA PHE C 257 -26.91 -4.84 7.52
C PHE C 257 -26.31 -5.33 6.22
N ASN C 258 -26.93 -4.96 5.11
CA ASN C 258 -26.53 -5.50 3.82
C ASN C 258 -26.79 -4.47 2.73
N ALA C 259 -26.29 -4.78 1.54
CA ALA C 259 -26.51 -4.02 0.32
C ALA C 259 -27.32 -4.90 -0.64
N THR C 260 -27.47 -4.42 -1.86
CA THR C 260 -28.05 -5.21 -2.94
C THR C 260 -26.97 -5.53 -3.97
N MET C 261 -27.35 -6.31 -4.98
CA MET C 261 -26.39 -6.66 -6.01
C MET C 261 -25.95 -5.43 -6.81
N GLU C 262 -26.81 -4.43 -6.92
CA GLU C 262 -26.49 -3.23 -7.66
C GLU C 262 -25.80 -2.17 -6.80
N SER C 263 -26.24 -1.99 -5.55
CA SER C 263 -25.72 -0.90 -4.73
C SER C 263 -24.37 -1.21 -4.11
N ILE C 264 -23.94 -2.48 -4.11
CA ILE C 264 -22.59 -2.79 -3.68
C ILE C 264 -21.57 -2.17 -4.65
N HIS C 265 -21.92 -2.11 -5.93
CA HIS C 265 -21.09 -1.41 -6.90
C HIS C 265 -21.11 0.10 -6.71
N ARG C 266 -22.21 0.67 -6.19
CA ARG C 266 -22.18 2.07 -5.78
C ARG C 266 -21.22 2.29 -4.63
N TRP C 267 -21.25 1.39 -3.63
CA TRP C 267 -20.28 1.46 -2.54
C TRP C 267 -18.85 1.44 -3.07
N SER C 268 -18.57 0.49 -3.97
CA SER C 268 -17.23 0.35 -4.52
C SER C 268 -16.80 1.60 -5.30
N TRP C 269 -17.69 2.09 -6.16
CA TRP C 269 -17.42 3.28 -6.94
C TRP C 269 -17.07 4.46 -6.05
N TRP C 270 -17.88 4.70 -5.02
CA TRP C 270 -17.65 5.87 -4.20
C TRP C 270 -16.40 5.73 -3.34
N PHE C 271 -16.11 4.53 -2.82
CA PHE C 271 -14.88 4.37 -2.05
C PHE C 271 -13.65 4.63 -2.92
N ALA C 272 -13.64 4.07 -4.13
CA ALA C 272 -12.50 4.27 -5.03
C ALA C 272 -12.36 5.73 -5.42
N VAL C 273 -13.45 6.40 -5.73
CA VAL C 273 -13.39 7.79 -6.16
C VAL C 273 -12.94 8.70 -5.01
N LEU C 274 -13.48 8.48 -3.82
CA LEU C 274 -13.14 9.29 -2.66
C LEU C 274 -11.67 9.14 -2.28
N THR C 275 -11.07 7.96 -2.54
CA THR C 275 -9.63 7.80 -2.27
C THR C 275 -8.81 8.92 -2.90
N THR C 276 -9.04 9.22 -4.18
CA THR C 276 -8.28 10.27 -4.84
C THR C 276 -8.84 11.66 -4.60
N PHE C 277 -10.15 11.80 -4.40
CA PHE C 277 -10.71 13.14 -4.20
C PHE C 277 -10.21 13.75 -2.88
N SER C 278 -10.33 13.01 -1.78
CA SER C 278 -9.88 13.55 -0.51
C SER C 278 -8.38 13.75 -0.47
N GLY C 279 -7.63 12.87 -1.14
CA GLY C 279 -6.20 13.06 -1.22
C GLY C 279 -5.80 14.31 -1.98
N GLY C 280 -6.49 14.58 -3.09
CA GLY C 280 -6.23 15.82 -3.81
C GLY C 280 -6.53 17.05 -2.98
N ILE C 281 -7.62 17.02 -2.21
CA ILE C 281 -7.89 18.13 -1.30
C ILE C 281 -6.76 18.27 -0.30
N GLY C 282 -6.29 17.16 0.27
CA GLY C 282 -5.22 17.22 1.25
C GLY C 282 -3.93 17.81 0.68
N ILE C 283 -3.59 17.44 -0.55
CA ILE C 283 -2.40 17.99 -1.19
C ILE C 283 -2.57 19.47 -1.47
N LEU C 284 -3.75 19.89 -1.92
CA LEU C 284 -3.96 21.30 -2.25
C LEU C 284 -3.88 22.18 -1.01
N LEU C 285 -4.17 21.62 0.17
CA LEU C 285 -4.13 22.38 1.42
C LEU C 285 -2.73 22.52 1.99
N THR C 286 -1.75 21.76 1.49
CA THR C 286 -0.43 21.70 2.08
C THR C 286 0.47 22.80 1.49
N GLY C 287 1.11 23.57 2.37
CA GLY C 287 1.99 24.63 1.96
C GLY C 287 1.28 25.92 1.59
N THR C 288 -0.04 25.90 1.49
CA THR C 288 -0.85 27.07 1.19
C THR C 288 -1.72 27.50 2.36
N VAL C 289 -2.35 26.55 3.04
CA VAL C 289 -3.09 26.84 4.27
C VAL C 289 -2.32 26.38 5.50
N VAL C 290 -1.72 25.19 5.43
CA VAL C 290 -0.98 24.60 6.55
C VAL C 290 0.43 24.30 6.09
N ASP C 291 1.41 24.73 6.88
CA ASP C 291 2.81 24.47 6.57
C ASP C 291 3.44 23.41 7.46
N ASN C 292 2.79 23.04 8.57
CA ASN C 292 3.28 22.02 9.49
C ASN C 292 2.08 21.26 9.99
N TRP C 293 1.89 20.04 9.47
CA TRP C 293 0.69 19.27 9.81
C TRP C 293 0.75 18.72 11.23
N TYR C 294 1.95 18.43 11.74
CA TYR C 294 2.07 18.02 13.13
C TYR C 294 1.63 19.12 14.08
N LEU C 295 1.99 20.36 13.76
CA LEU C 295 1.59 21.49 14.60
C LEU C 295 0.10 21.77 14.49
N TRP C 296 -0.48 21.57 13.30
CA TRP C 296 -1.92 21.64 13.14
C TRP C 296 -2.62 20.56 13.96
N GLY C 297 -2.03 19.37 14.00
CA GLY C 297 -2.59 18.30 14.81
C GLY C 297 -2.50 18.59 16.30
N VAL C 298 -1.41 19.20 16.74
CA VAL C 298 -1.32 19.61 18.14
C VAL C 298 -2.37 20.67 18.44
N LYS C 299 -2.56 21.63 17.53
CA LYS C 299 -3.57 22.66 17.71
C LYS C 299 -4.97 22.08 17.84
N HIS C 300 -5.29 21.05 17.05
CA HIS C 300 -6.62 20.47 17.04
C HIS C 300 -6.72 19.18 17.83
N GLY C 301 -5.78 18.95 18.75
CA GLY C 301 -5.83 17.81 19.64
C GLY C 301 -5.72 16.45 19.01
N LEU C 302 -4.76 16.27 18.11
CA LEU C 302 -4.56 14.99 17.43
C LEU C 302 -3.35 14.22 17.93
N VAL C 303 -2.47 14.84 18.70
CA VAL C 303 -1.15 14.30 18.98
C VAL C 303 -1.12 13.76 20.41
N ALA C 304 -0.73 12.50 20.55
CA ALA C 304 -0.63 11.84 21.85
C ALA C 304 0.64 12.30 22.58
N PRO C 305 0.56 12.48 23.89
CA PRO C 305 1.75 12.90 24.64
C PRO C 305 2.69 11.74 24.93
N TYR C 306 3.98 12.05 24.87
CA TYR C 306 5.03 11.12 25.28
C TYR C 306 5.89 11.81 26.32
N PRO C 307 6.53 11.05 27.20
CA PRO C 307 7.51 11.66 28.10
C PRO C 307 8.64 12.30 27.31
N ALA C 308 9.14 13.42 27.82
CA ALA C 308 10.26 14.09 27.17
C ALA C 308 11.48 13.18 27.16
N GLN C 309 12.13 13.10 26.01
CA GLN C 309 13.36 12.32 25.90
C GLN C 309 14.61 13.13 26.16
N ASN C 310 14.49 14.46 26.21
CA ASN C 310 15.64 15.32 26.48
C ASN C 310 15.17 16.67 26.96
N THR C 311 15.98 17.28 27.82
CA THR C 311 15.76 18.61 28.36
C THR C 311 16.98 19.47 28.03
N LEU C 312 16.74 20.72 27.63
CA LEU C 312 17.80 21.61 27.18
C LEU C 312 17.95 22.79 28.14
N THR C 313 19.19 23.17 28.39
CA THR C 313 19.48 24.31 29.24
C THR C 313 19.30 25.62 28.49
N GLU C 314 19.41 26.72 29.23
CA GLU C 314 19.19 28.04 28.63
C GLU C 314 20.21 28.35 27.54
N GLU C 315 21.48 28.00 27.77
CA GLU C 315 22.50 28.25 26.77
C GLU C 315 22.39 27.27 25.62
N GLN C 316 21.92 26.05 25.90
CA GLN C 316 21.73 25.05 24.86
C GLN C 316 20.64 25.47 23.87
N GLN C 317 19.59 26.11 24.38
CA GLN C 317 18.50 26.54 23.49
C GLN C 317 18.97 27.61 22.52
N GLN C 318 19.87 28.48 22.96
CA GLN C 318 20.44 29.45 22.02
C GLN C 318 21.44 28.78 21.09
N LEU C 319 22.23 27.85 21.61
CA LEU C 319 23.27 27.21 20.82
C LEU C 319 22.67 26.25 19.79
N LEU C 320 21.66 25.48 20.19
CA LEU C 320 21.11 24.45 19.31
C LEU C 320 20.24 25.01 18.21
N ARG C 321 19.88 26.30 18.26
CA ARG C 321 19.22 26.91 17.12
C ARG C 321 20.14 26.83 15.91
N GLY C 322 19.56 26.51 14.78
CA GLY C 322 20.37 26.36 13.60
C GLY C 322 20.20 27.52 12.64
N ARG C 323 20.16 27.20 11.36
CA ARG C 323 19.92 28.19 10.33
C ARG C 323 19.12 27.50 9.23
N TYR C 324 18.22 28.23 8.61
CA TYR C 324 17.50 27.67 7.48
C TYR C 324 18.46 27.44 6.32
N GLN C 325 18.23 26.36 5.59
CA GLN C 325 19.13 25.98 4.51
C GLN C 325 19.11 27.03 3.41
N GLY C 326 20.28 27.38 2.90
CA GLY C 326 20.41 28.37 1.85
C GLY C 326 20.91 27.78 0.56
N THR C 327 21.76 28.51 -0.15
CA THR C 327 22.27 28.05 -1.43
C THR C 327 23.58 27.28 -1.25
N ALA C 328 23.90 26.46 -2.24
CA ALA C 328 25.14 25.71 -2.22
C ALA C 328 26.32 26.61 -2.57
N PRO C 329 27.52 26.30 -2.09
CA PRO C 329 28.68 27.15 -2.38
C PRO C 329 29.11 27.03 -3.84
N ASP C 330 29.28 28.18 -4.49
CA ASP C 330 29.73 28.22 -5.88
C ASP C 330 31.23 28.45 -6.01
N SER C 331 31.97 28.33 -4.92
CA SER C 331 33.41 28.48 -4.94
C SER C 331 34.04 27.32 -4.18
N PHE C 332 35.29 27.02 -4.52
CA PHE C 332 36.08 26.00 -3.83
C PHE C 332 37.16 26.71 -3.03
N PRO C 333 36.88 27.08 -1.78
CA PRO C 333 37.82 27.93 -1.04
C PRO C 333 39.14 27.24 -0.74
N SER C 334 40.19 28.03 -0.68
CA SER C 334 41.51 27.59 -0.23
C SER C 334 41.78 28.21 1.13
N TYR C 335 42.16 27.38 2.09
CA TYR C 335 42.38 27.86 3.45
C TYR C 335 43.86 28.01 3.74
N MET D 1 -11.17 33.08 11.80
CA MET D 1 -10.52 33.57 13.00
C MET D 1 -9.27 32.75 13.30
N GLN D 2 -8.85 32.69 14.57
CA GLN D 2 -7.56 32.10 14.91
C GLN D 2 -7.64 30.57 15.05
N TYR D 3 -8.58 30.07 15.85
CA TYR D 3 -8.68 28.62 16.00
C TYR D 3 -9.21 27.97 14.72
N ILE D 4 -10.20 28.60 14.09
CA ILE D 4 -10.73 28.10 12.83
C ILE D 4 -9.74 28.40 11.71
N ASP D 5 -9.47 27.39 10.89
CA ASP D 5 -8.60 27.53 9.73
C ASP D 5 -9.21 26.76 8.57
N GLY D 6 -8.63 26.96 7.38
CA GLY D 6 -9.21 26.42 6.17
C GLY D 6 -9.28 24.90 6.16
N ALA D 7 -8.27 24.24 6.73
CA ALA D 7 -8.26 22.78 6.74
C ALA D 7 -9.43 22.24 7.57
N GLN D 8 -9.71 22.86 8.72
CA GLN D 8 -10.83 22.44 9.55
C GLN D 8 -12.17 22.66 8.84
N ILE D 9 -12.33 23.80 8.18
CA ILE D 9 -13.57 24.10 7.47
C ILE D 9 -13.79 23.09 6.35
N ALA D 10 -12.75 22.83 5.57
CA ALA D 10 -12.84 21.85 4.50
C ALA D 10 -13.14 20.46 5.04
N LEU D 11 -12.54 20.10 6.17
CA LEU D 11 -12.79 18.80 6.77
C LEU D 11 -14.25 18.63 7.17
N TYR D 12 -14.84 19.67 7.76
CA TYR D 12 -16.23 19.54 8.15
C TYR D 12 -17.17 19.56 6.95
N ALA D 13 -16.81 20.30 5.90
CA ALA D 13 -17.58 20.21 4.66
C ALA D 13 -17.53 18.79 4.09
N PHE D 14 -16.36 18.16 4.12
CA PHE D 14 -16.26 16.77 3.68
C PHE D 14 -17.09 15.84 4.55
N TRP D 15 -17.08 16.05 5.87
CA TRP D 15 -17.88 15.20 6.74
C TRP D 15 -19.36 15.28 6.39
N LEU D 16 -19.85 16.51 6.17
CA LEU D 16 -21.25 16.68 5.78
C LEU D 16 -21.55 15.96 4.46
N PHE D 17 -20.68 16.14 3.46
CA PHE D 17 -20.91 15.49 2.18
C PHE D 17 -20.89 13.97 2.34
N PHE D 18 -19.98 13.45 3.15
CA PHE D 18 -19.85 12.01 3.33
C PHE D 18 -21.09 11.44 4.02
N PHE D 19 -21.64 12.14 5.00
CA PHE D 19 -22.86 11.66 5.64
C PHE D 19 -24.04 11.68 4.67
N GLY D 20 -24.16 12.73 3.86
CA GLY D 20 -25.18 12.73 2.83
C GLY D 20 -25.03 11.58 1.85
N LEU D 21 -23.79 11.31 1.44
CA LEU D 21 -23.54 10.18 0.55
C LEU D 21 -23.91 8.85 1.18
N ILE D 22 -23.59 8.67 2.46
CA ILE D 22 -23.94 7.42 3.14
C ILE D 22 -25.45 7.26 3.20
N ILE D 23 -26.17 8.36 3.45
CA ILE D 23 -27.63 8.32 3.44
C ILE D 23 -28.15 7.90 2.08
N TYR D 24 -27.59 8.47 1.00
CA TYR D 24 -28.05 8.12 -0.34
C TYR D 24 -27.78 6.65 -0.68
N ILE D 25 -26.60 6.15 -0.33
CA ILE D 25 -26.28 4.76 -0.64
C ILE D 25 -27.13 3.80 0.19
N ARG D 26 -27.42 4.16 1.44
CA ARG D 26 -28.32 3.34 2.24
C ARG D 26 -29.74 3.38 1.69
N ARG D 27 -30.16 4.50 1.11
CA ARG D 27 -31.43 4.53 0.39
C ARG D 27 -31.44 3.53 -0.76
N GLU D 28 -30.33 3.48 -1.51
CA GLU D 28 -30.24 2.50 -2.59
C GLU D 28 -30.16 1.06 -2.08
N ASP D 29 -29.60 0.82 -0.90
CA ASP D 29 -29.47 -0.53 -0.38
C ASP D 29 -30.80 -1.20 -0.08
N LYS D 30 -31.89 -0.44 0.01
CA LYS D 30 -33.20 -0.99 0.37
C LYS D 30 -34.14 -1.08 -0.83
N ARG D 31 -33.61 -1.05 -2.04
CA ARG D 31 -34.45 -1.18 -3.23
C ARG D 31 -34.94 -2.61 -3.46
N GLU D 32 -34.33 -3.60 -2.81
CA GLU D 32 -34.78 -4.98 -2.94
C GLU D 32 -34.86 -5.63 -1.57
N GLY D 33 -35.96 -6.35 -1.34
CA GLY D 33 -36.15 -7.07 -0.09
C GLY D 33 -36.85 -6.30 1.01
N TYR D 34 -37.51 -5.20 0.70
CA TYR D 34 -38.18 -4.37 1.68
C TYR D 34 -39.65 -4.19 1.29
N PRO D 35 -40.53 -3.89 2.26
CA PRO D 35 -40.29 -3.68 3.69
C PRO D 35 -40.01 -4.97 4.44
N LEU D 36 -39.41 -4.86 5.62
CA LEU D 36 -39.05 -6.04 6.39
C LEU D 36 -40.30 -6.72 6.94
N GLU D 37 -40.16 -8.00 7.28
CA GLU D 37 -41.24 -8.79 7.84
C GLU D 37 -41.06 -8.86 9.35
N SER D 38 -42.01 -8.29 10.08
CA SER D 38 -41.97 -8.27 11.53
C SER D 38 -43.37 -8.50 12.08
N PRO D 39 -43.49 -9.09 13.28
CA PRO D 39 -44.81 -9.25 13.88
C PRO D 39 -45.54 -7.93 14.14
N GLN D 40 -44.80 -6.83 14.31
CA GLN D 40 -45.42 -5.54 14.54
C GLN D 40 -45.87 -4.85 13.25
N GLY D 41 -45.58 -5.43 12.09
CA GLY D 41 -46.01 -4.86 10.83
C GLY D 41 -44.84 -4.58 9.91
N PRO D 42 -45.11 -3.86 8.82
CA PRO D 42 -44.01 -3.45 7.94
C PRO D 42 -43.03 -2.55 8.67
N ARG D 43 -41.75 -2.72 8.37
CA ARG D 43 -40.69 -1.96 9.04
C ARG D 43 -39.79 -1.30 8.01
N GLU D 44 -39.45 -0.05 8.27
CA GLU D 44 -38.48 0.70 7.46
C GLU D 44 -37.51 1.39 8.40
N GLY D 45 -36.22 1.12 8.24
CA GLY D 45 -35.20 1.83 8.96
C GLY D 45 -34.98 3.21 8.38
N TRP D 46 -34.02 3.92 8.96
CA TRP D 46 -33.63 5.20 8.37
C TRP D 46 -32.44 5.01 7.44
N PRO D 47 -32.47 5.56 6.22
CA PRO D 47 -33.54 6.35 5.60
C PRO D 47 -34.70 5.47 5.17
N ALA D 48 -35.89 6.03 4.97
CA ALA D 48 -37.06 5.25 4.64
C ALA D 48 -36.92 4.63 3.25
N MET D 49 -37.93 3.84 2.88
CA MET D 49 -37.94 3.19 1.58
C MET D 49 -37.94 4.23 0.47
N PRO D 50 -37.19 4.01 -0.61
CA PRO D 50 -37.30 4.85 -1.80
C PRO D 50 -38.50 4.45 -2.66
N GLU D 51 -38.78 5.31 -3.64
CA GLU D 51 -39.85 5.04 -4.59
C GLU D 51 -39.48 3.87 -5.48
N LYS D 52 -40.49 3.21 -6.03
CA LYS D 52 -40.27 2.08 -6.92
C LYS D 52 -39.51 2.53 -8.16
N LYS D 53 -38.53 1.73 -8.56
CA LYS D 53 -37.73 1.98 -9.75
C LYS D 53 -37.95 0.86 -10.76
N THR D 54 -38.20 1.24 -12.01
CA THR D 54 -38.39 0.30 -13.09
C THR D 54 -37.33 0.54 -14.17
N TYR D 55 -36.95 -0.52 -14.86
CA TYR D 55 -35.96 -0.46 -15.91
C TYR D 55 -36.62 -0.39 -17.29
N ILE D 56 -35.77 -0.29 -18.32
CA ILE D 56 -36.20 -0.18 -19.70
C ILE D 56 -35.73 -1.42 -20.45
N HIS D 57 -36.64 -2.03 -21.20
CA HIS D 57 -36.34 -3.24 -21.95
C HIS D 57 -36.54 -2.99 -23.45
N ARG D 58 -35.68 -3.61 -24.25
CA ARG D 58 -35.76 -3.45 -25.70
C ARG D 58 -36.96 -4.22 -26.25
N PRO D 59 -37.61 -3.71 -27.30
CA PRO D 59 -38.78 -4.39 -27.84
C PRO D 59 -38.41 -5.66 -28.57
N THR D 60 -39.38 -6.56 -28.68
CA THR D 60 -39.19 -7.82 -29.39
C THR D 60 -39.76 -7.73 -30.80
N SER E 2 -47.26 -21.05 3.05
CA SER E 2 -47.95 -22.29 2.74
C SER E 2 -47.00 -23.31 2.11
N ASP E 3 -46.06 -22.83 1.31
CA ASP E 3 -45.07 -23.69 0.66
C ASP E 3 -43.77 -23.81 1.44
N ILE E 4 -43.69 -23.25 2.64
CA ILE E 4 -42.48 -23.36 3.46
C ILE E 4 -42.63 -24.60 4.33
N LYS E 5 -42.18 -25.74 3.80
CA LYS E 5 -42.24 -27.01 4.53
C LYS E 5 -41.14 -27.00 5.60
N ALA E 6 -41.40 -26.26 6.67
CA ALA E 6 -40.45 -26.11 7.76
C ALA E 6 -41.20 -25.62 9.00
N VAL E 7 -41.10 -26.38 10.08
CA VAL E 7 -41.75 -26.01 11.34
C VAL E 7 -40.73 -25.33 12.25
N PRO E 8 -41.13 -24.34 13.04
CA PRO E 8 -40.18 -23.74 14.00
C PRO E 8 -39.79 -24.72 15.09
N ALA E 9 -38.52 -24.61 15.52
CA ALA E 9 -38.01 -25.49 16.57
C ALA E 9 -38.72 -25.23 17.89
N ASP E 10 -38.77 -23.96 18.31
CA ASP E 10 -39.53 -23.57 19.49
C ASP E 10 -40.23 -22.26 19.20
N SER E 11 -40.98 -21.76 20.19
CA SER E 11 -41.76 -20.54 20.03
C SER E 11 -40.94 -19.27 20.24
N TYR E 12 -39.69 -19.40 20.71
CA TYR E 12 -38.84 -18.22 20.87
C TYR E 12 -38.47 -17.65 19.51
N ASN E 13 -38.63 -16.34 19.36
CA ASN E 13 -38.30 -15.71 18.09
C ASN E 13 -36.80 -15.76 17.85
N GLY E 14 -36.42 -15.82 16.58
CA GLY E 14 -35.05 -16.03 16.20
C GLY E 14 -34.63 -17.48 16.09
N SER E 15 -35.53 -18.42 16.35
CA SER E 15 -35.18 -19.83 16.32
C SER E 15 -35.07 -20.34 14.88
N ALA E 16 -34.29 -21.41 14.71
CA ALA E 16 -34.11 -22.03 13.41
C ALA E 16 -35.29 -22.93 13.06
N LEU E 17 -35.53 -23.08 11.77
CA LEU E 17 -36.59 -23.95 11.25
C LEU E 17 -36.06 -25.35 10.99
N ILE E 18 -36.97 -26.32 11.07
CA ILE E 18 -36.68 -27.73 10.81
C ILE E 18 -37.56 -28.17 9.65
N PRO E 19 -36.99 -28.65 8.54
CA PRO E 19 -37.82 -29.13 7.43
C PRO E 19 -38.66 -30.33 7.83
N THR E 20 -39.87 -30.41 7.29
CA THR E 20 -40.76 -31.53 7.55
C THR E 20 -40.48 -32.69 6.61
N GLY E 21 -40.59 -32.45 5.31
CA GLY E 21 -40.35 -33.48 4.32
C GLY E 21 -38.91 -33.52 3.85
N ASP E 22 -38.71 -33.64 2.54
CA ASP E 22 -37.36 -33.64 1.98
C ASP E 22 -37.01 -32.22 1.54
N PRO E 23 -36.03 -31.57 2.19
CA PRO E 23 -35.73 -30.17 1.83
C PRO E 23 -35.31 -29.97 0.38
N MET E 24 -34.67 -30.97 -0.24
CA MET E 24 -34.13 -30.80 -1.58
C MET E 24 -35.21 -30.45 -2.59
N ILE E 25 -36.33 -31.16 -2.57
CA ILE E 25 -37.42 -30.87 -3.52
C ILE E 25 -38.42 -29.89 -2.91
N ASP E 26 -38.54 -29.84 -1.58
CA ASP E 26 -39.44 -28.89 -0.96
C ASP E 26 -38.96 -27.46 -1.18
N GLY E 27 -37.65 -27.24 -1.09
CA GLY E 27 -37.09 -25.94 -1.38
C GLY E 27 -36.90 -25.04 -0.17
N VAL E 28 -36.27 -25.56 0.88
CA VAL E 28 -36.01 -24.80 2.09
C VAL E 28 -34.52 -24.83 2.37
N GLY E 29 -34.05 -23.82 3.11
CA GLY E 29 -32.66 -23.69 3.43
C GLY E 29 -31.82 -23.45 2.20
N PRO E 30 -30.63 -24.05 2.16
CA PRO E 30 -29.76 -23.88 0.98
C PRO E 30 -30.28 -24.57 -0.27
N SER E 31 -31.43 -25.24 -0.21
CA SER E 31 -32.06 -25.85 -1.37
C SER E 31 -33.13 -24.97 -1.99
N SER E 32 -33.26 -23.73 -1.53
CA SER E 32 -34.33 -22.87 -2.00
C SER E 32 -33.91 -22.14 -3.27
N TRP E 33 -34.92 -21.75 -4.05
CA TRP E 33 -34.70 -21.08 -5.32
C TRP E 33 -35.63 -19.88 -5.39
N ALA E 34 -35.24 -18.89 -6.20
CA ALA E 34 -36.04 -17.69 -6.37
C ALA E 34 -36.91 -17.82 -7.62
N ASN E 35 -38.15 -17.35 -7.50
CA ASN E 35 -39.11 -17.44 -8.61
C ASN E 35 -38.76 -16.37 -9.63
N ARG E 36 -37.95 -16.76 -10.61
CA ARG E 36 -37.60 -15.88 -11.73
C ARG E 36 -38.58 -16.11 -12.88
N SER E 37 -38.42 -15.33 -13.95
CA SER E 37 -39.31 -15.40 -15.08
C SER E 37 -39.20 -16.74 -15.80
N ASP E 38 -40.34 -17.22 -16.31
CA ASP E 38 -40.37 -18.48 -17.06
C ASP E 38 -40.18 -18.22 -18.56
N THR E 39 -39.15 -17.47 -18.90
CA THR E 39 -38.72 -17.21 -20.27
C THR E 39 -37.22 -17.42 -20.34
N PRO E 40 -36.69 -17.81 -21.49
CA PRO E 40 -35.25 -18.06 -21.59
C PRO E 40 -34.43 -16.78 -21.53
N ASP E 41 -33.19 -16.93 -21.10
CA ASP E 41 -32.23 -15.83 -21.13
C ASP E 41 -31.73 -15.61 -22.56
N MET E 42 -31.71 -14.35 -22.97
CA MET E 42 -31.45 -13.99 -24.36
C MET E 42 -30.09 -13.29 -24.50
N THR E 43 -29.59 -13.27 -25.72
CA THR E 43 -28.36 -12.56 -26.06
C THR E 43 -28.71 -11.17 -26.60
N PHE E 44 -27.70 -10.48 -27.13
CA PHE E 44 -27.94 -9.18 -27.76
C PHE E 44 -28.78 -9.29 -29.02
N HIS E 45 -28.82 -10.47 -29.65
CA HIS E 45 -29.52 -10.65 -30.91
C HIS E 45 -30.82 -11.46 -30.75
N ASN E 46 -31.36 -11.51 -29.54
CA ASN E 46 -32.61 -12.23 -29.25
C ASN E 46 -32.49 -13.71 -29.61
N THR E 47 -31.43 -14.34 -29.12
CA THR E 47 -31.24 -15.78 -29.25
C THR E 47 -31.01 -16.38 -27.87
N ALA E 48 -31.33 -17.67 -27.75
CA ALA E 48 -31.16 -18.35 -26.46
C ALA E 48 -29.69 -18.32 -26.04
N LYS E 49 -29.47 -17.86 -24.81
CA LYS E 49 -28.10 -17.61 -24.35
C LYS E 49 -27.37 -18.91 -24.04
N ILE E 50 -28.04 -19.84 -23.36
CA ILE E 50 -27.44 -21.11 -22.97
C ILE E 50 -28.03 -22.20 -23.85
N VAL E 51 -27.20 -22.78 -24.70
CA VAL E 51 -27.67 -23.80 -25.65
C VAL E 51 -26.68 -24.95 -25.71
N PRO E 52 -27.18 -26.14 -26.03
CA PRO E 52 -26.28 -27.28 -26.21
C PRO E 52 -25.36 -27.10 -27.42
N MET E 53 -24.19 -27.74 -27.33
CA MET E 53 -23.21 -27.63 -28.41
C MET E 53 -23.74 -28.22 -29.72
N ARG E 54 -24.60 -29.24 -29.64
CA ARG E 54 -25.16 -29.82 -30.85
C ARG E 54 -26.07 -28.85 -31.59
N LEU E 55 -26.58 -27.82 -30.91
CA LEU E 55 -27.44 -26.84 -31.56
C LEU E 55 -26.64 -25.74 -32.24
N ASP E 56 -25.35 -25.64 -31.98
CA ASP E 56 -24.51 -24.59 -32.57
C ASP E 56 -23.16 -25.20 -32.94
N PRO E 57 -22.94 -25.49 -34.22
CA PRO E 57 -21.69 -26.15 -34.61
C PRO E 57 -20.49 -25.23 -34.60
N THR E 58 -20.70 -23.91 -34.57
CA THR E 58 -19.59 -22.97 -34.57
C THR E 58 -18.73 -23.13 -33.32
N TYR E 59 -19.36 -23.40 -32.18
CA TYR E 59 -18.61 -23.58 -30.94
C TYR E 59 -17.85 -24.89 -30.95
N SER E 60 -16.73 -24.89 -30.23
CA SER E 60 -15.91 -26.09 -30.08
C SER E 60 -15.22 -26.01 -28.73
N ILE E 61 -14.27 -26.92 -28.49
CA ILE E 61 -13.50 -26.97 -27.26
C ILE E 61 -12.06 -26.62 -27.58
N ALA E 62 -11.49 -25.69 -26.81
CA ALA E 62 -10.13 -25.23 -27.06
C ALA E 62 -9.15 -26.38 -26.97
N LYS E 63 -8.23 -26.43 -27.93
CA LYS E 63 -7.18 -27.44 -27.93
C LYS E 63 -6.32 -27.30 -26.69
N GLY E 64 -6.07 -28.44 -26.01
CA GLY E 64 -5.38 -28.47 -24.74
C GLY E 64 -6.29 -28.81 -23.58
N ASP E 65 -7.59 -28.56 -23.73
CA ASP E 65 -8.55 -28.91 -22.69
C ASP E 65 -9.10 -30.31 -22.92
N PRO E 66 -9.21 -31.11 -21.87
CA PRO E 66 -9.86 -32.42 -22.00
C PRO E 66 -11.32 -32.28 -22.41
N ASP E 67 -11.77 -33.23 -23.22
CA ASP E 67 -13.16 -33.27 -23.64
C ASP E 67 -13.96 -34.01 -22.58
N PRO E 68 -14.87 -33.34 -21.85
CA PRO E 68 -15.61 -34.03 -20.80
C PRO E 68 -16.64 -35.03 -21.30
N ARG E 69 -17.05 -34.95 -22.58
CA ARG E 69 -18.00 -35.91 -23.10
C ARG E 69 -17.42 -37.32 -23.05
N GLY E 70 -18.29 -38.29 -22.74
CA GLY E 70 -17.88 -39.66 -22.59
C GLY E 70 -17.04 -39.95 -21.36
N LEU E 71 -17.08 -39.09 -20.36
CA LEU E 71 -16.38 -39.30 -19.11
C LEU E 71 -17.35 -39.68 -18.00
N PRO E 72 -16.94 -40.52 -17.06
CA PRO E 72 -17.81 -40.85 -15.93
C PRO E 72 -17.91 -39.68 -14.96
N VAL E 73 -19.08 -39.57 -14.31
CA VAL E 73 -19.32 -38.51 -13.34
C VAL E 73 -19.39 -39.17 -11.97
N VAL E 74 -18.31 -39.06 -11.19
CA VAL E 74 -18.26 -39.62 -9.86
C VAL E 74 -18.99 -38.68 -8.89
N ALA E 75 -19.84 -39.26 -8.05
CA ALA E 75 -20.70 -38.48 -7.18
C ALA E 75 -20.09 -38.40 -5.78
N ALA E 76 -20.87 -37.87 -4.83
CA ALA E 76 -20.35 -37.64 -3.48
C ALA E 76 -20.01 -38.95 -2.78
N ASP E 77 -20.76 -40.01 -3.06
CA ASP E 77 -20.56 -41.31 -2.43
C ASP E 77 -19.57 -42.18 -3.20
N LYS E 78 -18.68 -41.56 -3.99
CA LYS E 78 -17.68 -42.28 -4.80
C LYS E 78 -18.34 -43.30 -5.72
N GLN E 79 -19.58 -43.04 -6.14
CA GLN E 79 -20.33 -43.92 -7.03
C GLN E 79 -20.56 -43.19 -8.33
N VAL E 80 -20.15 -43.81 -9.44
CA VAL E 80 -20.38 -43.22 -10.75
C VAL E 80 -21.88 -43.14 -11.00
N ALA E 81 -22.37 -41.93 -11.25
CA ALA E 81 -23.80 -41.72 -11.46
C ALA E 81 -24.21 -41.68 -12.93
N GLY E 82 -23.28 -41.37 -13.82
CA GLY E 82 -23.63 -41.29 -15.22
C GLY E 82 -22.45 -40.91 -16.08
N THR E 83 -22.74 -40.55 -17.33
CA THR E 83 -21.70 -40.20 -18.29
C THR E 83 -22.09 -38.93 -19.03
N VAL E 84 -21.11 -38.08 -19.29
CA VAL E 84 -21.36 -36.81 -19.98
C VAL E 84 -21.62 -37.08 -21.46
N ILE E 85 -22.73 -36.54 -21.96
CA ILE E 85 -23.10 -36.74 -23.36
C ILE E 85 -23.24 -35.43 -24.13
N GLU E 86 -23.40 -34.29 -23.48
CA GLU E 86 -23.53 -33.03 -24.18
C GLU E 86 -23.09 -31.90 -23.25
N LEU E 87 -22.65 -30.81 -23.87
CA LEU E 87 -22.21 -29.61 -23.15
C LEU E 87 -23.12 -28.45 -23.54
N TRP E 88 -23.72 -27.80 -22.55
CA TRP E 88 -24.44 -26.55 -22.76
C TRP E 88 -23.48 -25.39 -22.53
N VAL E 89 -23.44 -24.46 -23.48
CA VAL E 89 -22.53 -23.33 -23.40
C VAL E 89 -23.34 -22.03 -23.36
N ASN E 90 -22.70 -21.01 -22.80
CA ASN E 90 -23.25 -19.66 -22.73
C ASN E 90 -22.78 -18.90 -23.96
N ARG E 91 -23.72 -18.48 -24.80
CA ARG E 91 -23.37 -17.87 -26.07
C ARG E 91 -22.89 -16.44 -25.92
N ALA E 92 -23.49 -15.67 -25.00
CA ALA E 92 -23.05 -14.29 -24.77
C ALA E 92 -21.61 -14.25 -24.30
N GLU E 93 -21.28 -14.99 -23.25
CA GLU E 93 -19.92 -15.13 -22.76
C GLU E 93 -19.48 -16.57 -22.94
N PRO E 94 -18.59 -16.87 -23.91
CA PRO E 94 -18.29 -18.27 -24.23
C PRO E 94 -17.62 -19.03 -23.09
N GLN E 95 -18.34 -19.97 -22.49
CA GLN E 95 -17.81 -20.79 -21.40
C GLN E 95 -18.70 -22.02 -21.27
N VAL E 96 -18.16 -23.03 -20.59
CA VAL E 96 -18.94 -24.22 -20.25
C VAL E 96 -19.82 -23.87 -19.05
N THR E 97 -21.13 -24.02 -19.22
CA THR E 97 -22.09 -23.71 -18.16
C THR E 97 -22.77 -24.95 -17.59
N TYR E 98 -23.04 -25.96 -18.42
CA TYR E 98 -23.72 -27.16 -17.96
C TYR E 98 -23.15 -28.40 -18.62
N TYR E 99 -23.39 -29.54 -17.97
CA TYR E 99 -23.03 -30.85 -18.47
C TYR E 99 -24.32 -31.68 -18.51
N GLU E 100 -24.65 -32.23 -19.67
CA GLU E 100 -25.77 -33.14 -19.76
C GLU E 100 -25.27 -34.54 -19.44
N VAL E 101 -25.85 -35.16 -18.42
CA VAL E 101 -25.40 -36.46 -17.94
C VAL E 101 -26.49 -37.49 -18.22
N GLN E 102 -26.11 -38.55 -18.92
CA GLN E 102 -26.96 -39.72 -19.08
C GLN E 102 -26.80 -40.63 -17.87
N LEU E 103 -27.92 -41.07 -17.33
CA LEU E 103 -27.93 -41.91 -16.13
C LEU E 103 -27.40 -43.31 -16.44
N THR E 104 -27.09 -44.05 -15.37
CA THR E 104 -26.58 -45.41 -15.51
C THR E 104 -27.60 -46.30 -16.21
N GLY E 105 -28.86 -46.21 -15.79
CA GLY E 105 -29.95 -46.91 -16.47
C GLY E 105 -30.49 -46.19 -17.68
N SER E 106 -29.92 -45.04 -18.02
CA SER E 106 -30.29 -44.23 -19.20
C SER E 106 -31.77 -43.88 -19.11
N GLU E 107 -32.40 -43.71 -20.28
CA GLU E 107 -33.83 -43.45 -20.45
C GLU E 107 -34.18 -42.02 -20.06
N ARG E 108 -33.25 -41.31 -19.42
CA ARG E 108 -33.42 -39.91 -19.08
C ARG E 108 -32.05 -39.23 -19.05
N ARG E 109 -32.08 -37.90 -18.91
CA ARG E 109 -30.88 -37.09 -18.84
C ARG E 109 -31.07 -36.01 -17.78
N VAL E 110 -29.97 -35.63 -17.13
CA VAL E 110 -30.03 -34.61 -16.09
C VAL E 110 -29.00 -33.53 -16.38
N MET E 111 -29.29 -32.31 -15.91
CA MET E 111 -28.39 -31.18 -16.10
C MET E 111 -27.52 -30.99 -14.85
N LEU E 112 -26.23 -30.79 -15.08
CA LEU E 112 -25.27 -30.62 -13.99
C LEU E 112 -24.55 -29.28 -14.16
N PRO E 113 -24.71 -28.34 -13.22
CA PRO E 113 -24.03 -27.04 -13.35
C PRO E 113 -22.52 -27.21 -13.34
N ALA E 114 -21.84 -26.41 -14.18
CA ALA E 114 -20.40 -26.54 -14.32
C ALA E 114 -19.68 -26.04 -13.07
N GLY E 115 -20.33 -25.19 -12.28
CA GLY E 115 -19.73 -24.68 -11.05
C GLY E 115 -19.65 -25.68 -9.93
N PHE E 116 -20.38 -26.79 -10.01
CA PHE E 116 -20.31 -27.86 -9.03
C PHE E 116 -19.41 -28.99 -9.45
N VAL E 117 -18.63 -28.81 -10.52
CA VAL E 117 -17.79 -29.84 -11.09
C VAL E 117 -16.34 -29.55 -10.74
N GLN E 118 -15.66 -30.54 -10.18
CA GLN E 118 -14.23 -30.45 -9.89
C GLN E 118 -13.51 -31.54 -10.69
N TRP E 119 -12.35 -31.21 -11.14
CA TRP E 119 -11.51 -32.14 -11.89
C TRP E 119 -10.45 -32.75 -11.00
N PRO E 120 -10.04 -33.99 -11.27
CA PRO E 120 -9.00 -34.63 -10.45
C PRO E 120 -7.71 -33.84 -10.50
N ASN E 121 -7.05 -33.74 -9.34
CA ASN E 121 -5.79 -33.01 -9.19
C ASN E 121 -5.92 -31.57 -9.68
N PHE E 122 -7.10 -30.98 -9.45
CA PHE E 122 -7.40 -29.61 -9.86
C PHE E 122 -7.22 -29.43 -11.37
N GLY E 123 -7.42 -30.50 -12.14
CA GLY E 123 -7.25 -30.42 -13.58
C GLY E 123 -5.82 -30.33 -14.04
N LEU E 124 -4.87 -30.78 -13.22
CA LEU E 124 -3.45 -30.77 -13.58
C LEU E 124 -2.99 -32.12 -14.12
N TRP E 125 -3.33 -33.20 -13.44
CA TRP E 125 -2.96 -34.54 -13.86
C TRP E 125 -4.04 -35.08 -14.81
N GLY E 126 -4.01 -36.39 -15.06
CA GLY E 126 -4.96 -37.02 -15.95
C GLY E 126 -6.41 -36.80 -15.58
N ASN E 127 -7.18 -36.21 -16.49
CA ASN E 127 -8.57 -35.88 -16.25
C ASN E 127 -9.43 -36.93 -16.93
N ASP E 128 -9.82 -37.96 -16.17
CA ASP E 128 -10.59 -39.07 -16.71
C ASP E 128 -11.91 -39.30 -15.98
N LYS E 129 -12.28 -38.43 -15.05
CA LYS E 129 -13.54 -38.55 -14.34
C LYS E 129 -13.99 -37.17 -13.90
N LEU E 130 -15.30 -37.03 -13.71
CA LEU E 130 -15.91 -35.77 -13.30
C LEU E 130 -16.32 -35.90 -11.85
N LEU E 131 -15.72 -35.08 -10.98
CA LEU E 131 -15.98 -35.16 -9.55
C LEU E 131 -17.09 -34.18 -9.16
N VAL E 132 -18.13 -34.70 -8.52
CA VAL E 132 -19.22 -33.88 -7.98
C VAL E 132 -19.36 -34.26 -6.51
N LYS E 133 -18.90 -33.38 -5.62
CA LYS E 133 -18.84 -33.66 -4.20
C LYS E 133 -20.14 -33.37 -3.47
N ALA E 134 -21.06 -32.62 -4.09
CA ALA E 134 -22.26 -32.19 -3.39
C ALA E 134 -23.29 -33.31 -3.28
N ILE E 135 -23.66 -33.90 -4.41
CA ILE E 135 -24.81 -34.79 -4.53
C ILE E 135 -24.33 -36.21 -4.74
N THR E 136 -24.98 -37.16 -4.09
CA THR E 136 -24.61 -38.56 -4.28
C THR E 136 -25.29 -39.12 -5.54
N ALA E 137 -24.89 -40.34 -5.90
CA ALA E 137 -25.32 -40.91 -7.18
C ALA E 137 -26.83 -41.11 -7.22
N ALA E 138 -27.43 -41.49 -6.08
CA ALA E 138 -28.86 -41.77 -6.07
C ALA E 138 -29.70 -40.51 -6.28
N GLN E 139 -29.17 -39.34 -5.88
CA GLN E 139 -29.94 -38.11 -5.96
C GLN E 139 -29.89 -37.45 -7.33
N PHE E 140 -28.98 -37.87 -8.21
CA PHE E 140 -28.98 -37.36 -9.57
C PHE E 140 -30.30 -37.62 -10.28
N ALA E 141 -31.01 -38.67 -9.87
CA ALA E 141 -32.28 -39.00 -10.48
C ALA E 141 -33.39 -38.05 -10.03
N ASN E 142 -33.16 -37.24 -9.01
CA ASN E 142 -34.14 -36.28 -8.53
C ASN E 142 -33.87 -34.86 -9.01
N VAL E 143 -32.83 -34.66 -9.82
CA VAL E 143 -32.56 -33.32 -10.35
C VAL E 143 -33.72 -32.88 -11.23
N PRO E 144 -34.30 -31.70 -11.02
CA PRO E 144 -35.50 -31.32 -11.77
C PRO E 144 -35.27 -31.32 -13.28
N ALA E 145 -36.24 -31.83 -14.00
CA ALA E 145 -36.15 -31.96 -15.45
C ALA E 145 -36.46 -30.63 -16.13
N LEU E 146 -36.07 -30.55 -17.40
CA LEU E 146 -36.31 -29.36 -18.21
C LEU E 146 -37.55 -29.54 -19.06
N LYS E 147 -38.17 -28.42 -19.45
CA LYS E 147 -39.35 -28.47 -20.29
C LYS E 147 -38.98 -28.83 -21.73
N ARG E 148 -37.88 -28.29 -22.23
CA ARG E 148 -37.38 -28.58 -23.56
C ARG E 148 -35.92 -29.03 -23.47
N ASP E 149 -35.38 -29.50 -24.59
CA ASP E 149 -34.00 -29.94 -24.65
C ASP E 149 -33.12 -28.99 -25.45
N ASP E 150 -33.65 -27.86 -25.90
CA ASP E 150 -32.89 -26.89 -26.67
C ASP E 150 -32.67 -25.58 -25.94
N GLN E 151 -33.47 -25.29 -24.91
CA GLN E 151 -33.38 -24.04 -24.17
C GLN E 151 -33.72 -24.32 -22.72
N ILE E 152 -33.20 -23.46 -21.84
CA ILE E 152 -33.45 -23.57 -20.41
C ILE E 152 -33.83 -22.18 -19.89
N THR E 153 -34.97 -22.10 -19.21
CA THR E 153 -35.42 -20.83 -18.70
C THR E 153 -34.67 -20.47 -17.42
N LEU E 154 -34.83 -19.21 -16.98
CA LEU E 154 -34.14 -18.76 -15.77
C LEU E 154 -34.67 -19.49 -14.54
N LEU E 155 -35.97 -19.78 -14.51
CA LEU E 155 -36.54 -20.51 -13.39
C LEU E 155 -35.93 -21.90 -13.25
N GLU E 156 -35.83 -22.64 -14.36
CA GLU E 156 -35.19 -23.95 -14.32
C GLU E 156 -33.73 -23.83 -13.95
N GLU E 157 -33.05 -22.81 -14.49
CA GLU E 157 -31.67 -22.54 -14.11
C GLU E 157 -31.51 -22.45 -12.59
N ASP E 158 -32.35 -21.62 -11.97
CA ASP E 158 -32.29 -21.44 -10.51
C ASP E 158 -32.65 -22.73 -9.78
N MET E 159 -33.64 -23.47 -10.31
CA MET E 159 -34.05 -24.71 -9.65
C MET E 159 -32.92 -25.74 -9.63
N VAL E 160 -32.27 -25.94 -10.77
CA VAL E 160 -31.18 -26.91 -10.84
C VAL E 160 -30.02 -26.47 -9.96
N CYS E 161 -29.66 -25.19 -10.02
CA CYS E 161 -28.55 -24.71 -9.20
C CYS E 161 -28.86 -24.85 -7.71
N ALA E 162 -30.10 -24.53 -7.31
CA ALA E 162 -30.48 -24.63 -5.91
C ALA E 162 -30.49 -26.08 -5.44
N TYR E 163 -31.01 -26.99 -6.26
CA TYR E 163 -30.99 -28.40 -5.89
C TYR E 163 -29.57 -28.89 -5.68
N TYR E 164 -28.65 -28.51 -6.57
CA TYR E 164 -27.28 -28.97 -6.41
C TYR E 164 -26.60 -28.32 -5.20
N ALA E 165 -26.91 -27.04 -4.94
CA ALA E 165 -26.28 -26.33 -3.82
C ALA E 165 -26.75 -26.86 -2.48
N GLY E 166 -28.03 -27.26 -2.39
CA GLY E 166 -28.56 -27.73 -1.13
C GLY E 166 -27.99 -29.06 -0.66
N GLY E 167 -27.35 -29.81 -1.55
CA GLY E 167 -26.78 -31.08 -1.14
C GLY E 167 -25.45 -30.97 -0.46
N HIS E 168 -24.91 -29.76 -0.31
CA HIS E 168 -23.74 -29.58 0.54
C HIS E 168 -24.12 -29.61 2.01
N LEU E 169 -25.41 -29.48 2.31
CA LEU E 169 -25.91 -29.64 3.67
C LEU E 169 -26.88 -30.80 3.83
N TYR E 170 -27.59 -31.22 2.78
CA TYR E 170 -28.64 -32.23 2.93
C TYR E 170 -28.38 -33.52 2.16
N ALA E 171 -27.14 -33.84 1.79
CA ALA E 171 -26.90 -35.08 1.08
C ALA E 171 -26.79 -36.24 2.06
N MET E 172 -25.80 -36.18 2.94
CA MET E 172 -25.64 -37.19 3.99
C MET E 172 -26.26 -36.66 5.28
N ALA E 173 -26.05 -37.38 6.38
CA ALA E 173 -26.50 -36.94 7.69
C ALA E 173 -25.40 -36.23 8.47
N GLU E 174 -24.14 -36.48 8.16
CA GLU E 174 -23.02 -35.86 8.85
C GLU E 174 -22.74 -34.45 8.36
N ARG E 175 -23.43 -34.00 7.32
CA ARG E 175 -23.19 -32.68 6.73
C ARG E 175 -23.92 -31.57 7.46
N SER E 176 -25.16 -31.82 7.87
CA SER E 176 -25.95 -30.86 8.61
C SER E 176 -25.63 -30.89 10.11
N GLU E 177 -24.75 -31.76 10.52
CA GLU E 177 -24.38 -31.97 11.90
C GLU E 177 -23.05 -31.28 12.21
N PRO E 178 -22.85 -30.83 13.44
CA PRO E 178 -21.59 -30.14 13.77
C PRO E 178 -20.42 -31.11 13.84
N ILE E 179 -19.23 -30.56 13.62
CA ILE E 179 -18.01 -31.36 13.61
C ILE E 179 -17.62 -31.86 14.99
N ILE E 180 -17.95 -31.11 16.05
CA ILE E 180 -17.85 -31.60 17.41
C ILE E 180 -19.24 -31.49 18.02
N THR F 25 18.28 -15.87 12.06
CA THR F 25 19.32 -14.97 12.54
C THR F 25 18.78 -14.08 13.66
N ALA F 26 19.45 -14.13 14.81
CA ALA F 26 19.05 -13.28 15.93
C ALA F 26 19.37 -11.83 15.64
N THR F 27 18.50 -10.94 16.10
CA THR F 27 18.69 -9.50 15.96
C THR F 27 18.74 -8.87 17.34
N ASP F 28 19.84 -8.17 17.62
CA ASP F 28 20.01 -7.43 18.86
C ASP F 28 19.32 -6.08 18.71
N SER F 29 18.34 -5.83 19.57
CA SER F 29 17.57 -4.58 19.52
C SER F 29 17.82 -3.79 20.78
N VAL F 30 18.11 -2.50 20.61
CA VAL F 30 18.31 -1.57 21.72
C VAL F 30 17.21 -0.53 21.64
N GLN F 31 16.42 -0.42 22.71
CA GLN F 31 15.35 0.56 22.76
C GLN F 31 15.92 1.92 23.11
N VAL F 32 15.65 2.92 22.28
CA VAL F 32 16.18 4.27 22.47
C VAL F 32 15.10 5.29 22.76
N GLY F 33 13.82 4.93 22.68
CA GLY F 33 12.74 5.85 22.98
C GLY F 33 11.69 5.21 23.87
N TYR F 34 10.62 5.95 24.08
CA TYR F 34 9.51 5.49 24.91
C TYR F 34 8.85 4.27 24.27
N ARG F 35 8.35 3.37 25.12
CA ARG F 35 7.76 2.14 24.65
C ARG F 35 6.59 2.40 23.71
N GLY F 36 6.55 1.65 22.62
CA GLY F 36 5.49 1.78 21.64
C GLY F 36 5.73 2.81 20.57
N THR F 37 6.77 3.64 20.69
CA THR F 37 7.01 4.68 19.70
C THR F 37 7.68 4.14 18.45
N GLY F 38 8.28 2.96 18.51
CA GLY F 38 9.03 2.44 17.38
C GLY F 38 10.46 2.94 17.28
N MET F 39 10.99 3.57 18.32
CA MET F 39 12.35 4.09 18.31
C MET F 39 13.29 3.02 18.85
N GLU F 40 13.90 2.26 17.95
CA GLU F 40 14.77 1.14 18.31
C GLU F 40 15.93 1.07 17.32
N GLN F 41 17.02 0.46 17.76
CA GLN F 41 18.19 0.20 16.93
C GLN F 41 18.37 -1.30 16.78
N ASN F 42 18.35 -1.79 15.54
CA ASN F 42 18.50 -3.21 15.26
C ASN F 42 19.91 -3.51 14.75
N TYR F 43 20.41 -4.68 15.12
CA TYR F 43 21.73 -5.13 14.73
C TYR F 43 21.67 -6.63 14.44
N ASP F 44 22.37 -7.07 13.41
CA ASP F 44 22.49 -8.50 13.15
C ASP F 44 23.57 -9.06 14.07
N HIS F 45 23.24 -10.14 14.79
CA HIS F 45 24.11 -10.60 15.87
C HIS F 45 25.46 -11.10 15.34
N GLY F 46 25.44 -11.90 14.27
CA GLY F 46 26.67 -12.52 13.81
C GLY F 46 27.70 -11.52 13.34
N ASP F 47 27.29 -10.60 12.45
CA ASP F 47 28.21 -9.59 11.96
C ASP F 47 28.62 -8.61 13.04
N LEU F 48 27.74 -8.31 13.98
CA LEU F 48 28.13 -7.47 15.10
C LEU F 48 29.24 -8.13 15.92
N LYS F 49 29.10 -9.44 16.21
CA LYS F 49 30.15 -10.14 16.94
C LYS F 49 31.45 -10.16 16.16
N LYS F 50 31.38 -10.45 14.85
CA LYS F 50 32.61 -10.47 14.07
C LYS F 50 33.27 -9.11 14.02
N GLN F 51 32.48 -8.05 13.87
CA GLN F 51 33.04 -6.70 13.79
C GLN F 51 33.65 -6.28 15.12
N PHE F 52 33.00 -6.65 16.23
CA PHE F 52 33.53 -6.28 17.54
C PHE F 52 34.79 -7.06 17.86
N ALA F 53 34.84 -8.33 17.46
CA ALA F 53 36.02 -9.16 17.74
C ALA F 53 37.25 -8.65 17.01
N GLN F 54 37.09 -8.19 15.77
CA GLN F 54 38.24 -7.83 14.94
C GLN F 54 38.95 -6.58 15.43
N VAL F 55 38.32 -5.77 16.27
CA VAL F 55 38.99 -4.60 16.81
C VAL F 55 40.05 -5.04 17.81
N LYS F 56 41.24 -4.46 17.70
CA LYS F 56 42.37 -4.83 18.56
C LYS F 56 43.00 -3.54 19.08
N ILE F 57 42.72 -3.21 20.33
CA ILE F 57 43.30 -2.01 20.93
C ILE F 57 44.78 -2.26 21.24
N PRO F 58 45.67 -1.35 20.86
CA PRO F 58 47.05 -1.44 21.36
C PRO F 58 47.07 -1.33 22.88
N THR F 59 47.91 -2.13 23.51
CA THR F 59 48.01 -2.09 24.96
C THR F 59 48.62 -0.77 25.41
N PRO F 60 48.12 -0.18 26.50
CA PRO F 60 48.72 1.06 27.00
C PRO F 60 50.17 0.85 27.37
N LEU F 61 51.01 1.84 27.04
CA LEU F 61 52.40 1.78 27.44
C LEU F 61 52.49 1.96 28.96
N PRO F 62 53.45 1.31 29.60
CA PRO F 62 53.65 1.50 31.03
C PRO F 62 53.98 2.96 31.33
N PRO F 63 53.42 3.51 32.41
CA PRO F 63 53.61 4.94 32.70
C PRO F 63 55.07 5.27 32.99
N ALA F 64 55.43 6.51 32.71
CA ALA F 64 56.77 7.05 32.98
C ALA F 64 56.58 8.32 33.80
N GLY F 65 56.61 8.18 35.12
CA GLY F 65 56.39 9.32 36.00
C GLY F 65 57.51 9.58 36.98
N GLU F 66 58.75 9.29 36.59
CA GLU F 66 59.91 9.54 37.44
C GLU F 66 61.05 10.19 36.67
N SER F 67 60.75 11.17 35.82
CA SER F 67 61.80 11.87 35.10
C SER F 67 62.52 12.83 36.04
N PRO F 68 63.79 13.14 35.77
CA PRO F 68 64.53 14.07 36.63
C PRO F 68 64.04 15.49 36.45
N PRO F 69 64.26 16.36 37.43
CA PRO F 69 63.93 17.79 37.26
C PRO F 69 64.99 18.53 36.44
N GLY F 70 65.02 18.25 35.14
CA GLY F 70 65.96 18.88 34.25
C GLY F 70 65.29 19.58 33.09
N PRO F 71 66.02 20.47 32.42
CA PRO F 71 65.47 21.16 31.26
C PRO F 71 65.27 20.21 30.08
N LEU F 72 64.43 20.63 29.16
CA LEU F 72 64.10 19.81 28.00
C LEU F 72 65.28 19.79 27.03
N PRO F 73 65.82 18.61 26.69
CA PRO F 73 66.93 18.53 25.73
C PRO F 73 66.46 18.48 24.29
N TRP F 74 65.49 19.32 23.96
CA TRP F 74 64.84 19.29 22.66
C TRP F 74 65.20 20.54 21.88
N GLN F 75 65.55 20.36 20.60
CA GLN F 75 65.95 21.49 19.77
C GLN F 75 64.78 22.09 19.01
N ASN F 76 64.07 21.28 18.24
CA ASN F 76 62.93 21.73 17.43
C ASN F 76 61.67 21.05 17.97
N VAL F 77 61.07 21.65 18.98
CA VAL F 77 59.82 21.17 19.56
C VAL F 77 58.98 22.38 19.94
N GLN F 78 57.84 22.57 19.27
CA GLN F 78 56.97 23.69 19.54
C GLN F 78 55.60 23.30 20.04
N VAL F 79 55.30 22.01 20.16
CA VAL F 79 54.01 21.53 20.65
C VAL F 79 54.17 20.83 22.00
N LEU F 80 55.02 19.81 22.07
CA LEU F 80 55.23 19.05 23.30
C LEU F 80 56.26 19.75 24.19
N ASN F 81 55.88 20.93 24.67
CA ASN F 81 56.73 21.76 25.51
C ASN F 81 56.41 21.64 26.99
N ASP F 82 55.19 21.27 27.34
CA ASP F 82 54.73 21.17 28.72
C ASP F 82 54.85 19.76 29.26
N ILE F 83 55.60 18.90 28.58
CA ILE F 83 55.66 17.48 28.88
C ILE F 83 57.08 17.11 29.28
N SER F 84 57.20 16.19 30.22
CA SER F 84 58.51 15.71 30.66
C SER F 84 59.19 14.93 29.54
N VAL F 85 60.40 14.47 29.81
CA VAL F 85 61.20 13.82 28.78
C VAL F 85 60.78 12.37 28.60
N GLY F 86 60.73 11.61 29.70
CA GLY F 86 60.36 10.21 29.60
C GLY F 86 58.98 10.01 29.01
N GLU F 87 58.02 10.82 29.44
CA GLU F 87 56.70 10.78 28.83
C GLU F 87 56.72 11.28 27.40
N PHE F 88 57.69 12.13 27.04
CA PHE F 88 57.86 12.50 25.63
C PHE F 88 58.21 11.28 24.79
N ASN F 89 59.17 10.47 25.25
CA ASN F 89 59.47 9.26 24.47
C ASN F 89 58.32 8.27 24.49
N ARG F 90 57.60 8.21 25.62
CA ARG F 90 56.38 7.40 25.66
C ARG F 90 55.40 7.82 24.58
N THR F 91 55.16 9.14 24.46
CA THR F 91 54.28 9.65 23.43
C THR F 91 54.80 9.32 22.04
N MET F 92 56.11 9.38 21.84
CA MET F 92 56.66 9.10 20.53
C MET F 92 56.44 7.63 20.15
N VAL F 93 56.65 6.72 21.09
CA VAL F 93 56.37 5.31 20.84
C VAL F 93 54.90 5.10 20.52
N ALA F 94 54.01 5.76 21.28
CA ALA F 94 52.59 5.64 21.02
C ALA F 94 52.23 6.17 19.64
N MET F 95 52.79 7.32 19.25
CA MET F 95 52.51 7.90 17.95
C MET F 95 52.96 6.97 16.84
N SER F 96 54.15 6.38 16.99
CA SER F 96 54.64 5.45 15.98
C SER F 96 53.71 4.24 15.85
N THR F 97 53.30 3.65 16.98
CA THR F 97 52.44 2.46 16.88
C THR F 97 51.05 2.81 16.38
N TRP F 98 50.59 4.05 16.60
CA TRP F 98 49.25 4.43 16.18
C TRP F 98 49.19 4.77 14.69
N VAL F 99 50.20 5.45 14.15
CA VAL F 99 50.18 5.91 12.77
C VAL F 99 51.00 5.00 11.86
N ALA F 100 52.31 4.90 12.11
CA ALA F 100 53.20 4.17 11.21
C ALA F 100 53.31 2.70 11.57
N GLY F 101 53.61 2.41 12.82
CA GLY F 101 53.87 1.05 13.26
C GLY F 101 54.88 1.05 14.39
N THR F 102 54.95 -0.09 15.07
CA THR F 102 55.85 -0.21 16.21
C THR F 102 57.30 0.04 15.79
N GLY F 103 58.00 0.86 16.57
CA GLY F 103 59.26 1.39 16.12
C GLY F 103 59.06 2.31 14.94
N ASN F 104 59.78 2.09 13.86
CA ASN F 104 59.53 2.76 12.58
C ASN F 104 59.60 4.28 12.73
N CYS F 105 60.81 4.75 13.07
CA CYS F 105 61.10 6.17 13.02
C CYS F 105 61.23 6.70 11.59
N ALA F 106 61.33 5.81 10.60
CA ALA F 106 61.62 6.24 9.25
C ALA F 106 60.43 6.87 8.56
N TYR F 107 59.22 6.72 9.11
CA TYR F 107 58.07 7.33 8.46
C TYR F 107 58.00 8.84 8.70
N CYS F 108 58.44 9.31 9.86
CA CYS F 108 58.39 10.73 10.17
C CYS F 108 59.75 11.37 10.37
N HIS F 109 60.77 10.60 10.72
CA HIS F 109 62.11 11.12 10.96
C HIS F 109 63.12 10.49 9.99
N ASN F 110 64.32 11.04 10.02
CA ASN F 110 65.53 10.31 9.65
C ASN F 110 66.25 9.95 10.93
N ILE F 111 66.79 8.72 10.98
CA ILE F 111 67.34 8.21 12.23
C ILE F 111 68.51 9.07 12.71
N ALA F 112 69.32 9.58 11.77
CA ALA F 112 70.55 10.25 12.15
C ALA F 112 70.29 11.51 12.97
N ASN F 113 69.36 12.35 12.52
CA ASN F 113 69.07 13.62 13.19
C ASN F 113 67.57 13.72 13.40
N LEU F 114 67.11 13.31 14.59
CA LEU F 114 65.68 13.33 14.87
C LEU F 114 65.12 14.75 14.95
N ALA F 115 65.97 15.74 15.20
CA ALA F 115 65.51 17.12 15.28
C ALA F 115 65.43 17.78 13.91
N ALA F 116 65.80 17.08 12.85
CA ALA F 116 65.82 17.66 11.52
C ALA F 116 64.43 17.64 10.91
N ASP F 117 64.03 18.76 10.33
CA ASP F 117 62.77 18.86 9.64
C ASP F 117 62.89 18.54 8.15
N THR F 118 64.10 18.35 7.65
CA THR F 118 64.34 18.14 6.22
C THR F 118 65.12 16.84 6.00
N LEU F 119 64.99 16.27 4.79
CA LEU F 119 65.72 15.08 4.41
C LEU F 119 67.18 15.44 4.21
N PRO F 120 68.03 14.45 4.25
CA PRO F 120 69.53 14.75 4.02
C PRO F 120 69.80 15.43 2.70
N ASN F 121 69.04 15.06 1.66
CA ASN F 121 69.15 15.77 0.37
C ASN F 121 68.71 17.22 0.45
N GLY F 122 67.64 17.49 1.18
CA GLY F 122 67.14 18.87 1.28
C GLY F 122 65.63 18.98 1.35
N LYS F 123 64.93 17.96 0.85
CA LYS F 123 63.48 17.98 0.84
C LYS F 123 62.94 17.96 2.26
N PRO F 124 61.93 18.78 2.57
CA PRO F 124 61.34 18.76 3.91
C PRO F 124 60.61 17.45 4.17
N LEU F 125 60.56 17.08 5.44
CA LEU F 125 59.83 15.88 5.87
C LEU F 125 58.38 16.28 6.04
N TYR F 126 57.53 15.90 5.09
CA TYR F 126 56.14 16.35 5.15
C TYR F 126 55.35 15.57 6.18
N THR F 127 55.68 14.29 6.38
CA THR F 127 55.00 13.50 7.40
C THR F 127 55.22 14.07 8.80
N LYS F 128 56.41 14.59 9.07
CA LYS F 128 56.68 15.15 10.40
C LYS F 128 55.95 16.47 10.60
N LEU F 129 55.89 17.30 9.56
CA LEU F 129 55.14 18.56 9.64
C LEU F 129 53.65 18.28 9.85
N VAL F 130 53.11 17.31 9.10
CA VAL F 130 51.71 16.93 9.27
C VAL F 130 51.47 16.40 10.67
N ALA F 131 52.39 15.57 11.19
CA ALA F 131 52.24 15.03 12.53
C ALA F 131 52.28 16.14 13.58
N ARG F 132 53.08 17.18 13.38
CA ARG F 132 53.08 18.30 14.32
C ARG F 132 51.76 19.06 14.30
N ARG F 133 51.30 19.43 13.11
CA ARG F 133 50.00 20.10 13.00
C ARG F 133 48.90 19.23 13.59
N MET F 134 49.05 17.91 13.50
CA MET F 134 47.97 17.05 13.93
C MET F 134 48.05 16.72 15.41
N LEU F 135 49.24 16.83 16.00
CA LEU F 135 49.33 16.91 17.46
C LEU F 135 48.54 18.10 17.96
N GLN F 136 48.73 19.26 17.32
CA GLN F 136 47.92 20.42 17.68
C GLN F 136 46.43 20.15 17.48
N MET F 137 46.07 19.48 16.38
CA MET F 137 44.66 19.20 16.09
C MET F 137 44.04 18.27 17.12
N THR F 138 44.77 17.22 17.52
CA THR F 138 44.27 16.30 18.54
C THR F 138 44.10 16.99 19.88
N ARG F 139 45.05 17.83 20.25
CA ARG F 139 44.88 18.59 21.49
C ARG F 139 43.67 19.50 21.42
N GLN F 140 43.45 20.15 20.27
CA GLN F 140 42.28 21.01 20.12
C GLN F 140 40.98 20.22 20.23
N ILE F 141 40.94 19.04 19.61
CA ILE F 141 39.73 18.21 19.70
C ILE F 141 39.45 17.81 21.13
N ASN F 142 40.48 17.34 21.84
CA ASN F 142 40.27 16.87 23.21
C ASN F 142 39.95 18.00 24.17
N GLY F 143 40.49 19.19 23.94
CA GLY F 143 40.29 20.29 24.86
C GLY F 143 39.07 21.15 24.60
N GLN F 144 38.88 21.56 23.36
CA GLN F 144 37.85 22.54 23.03
C GLN F 144 36.52 21.92 22.66
N TYR F 145 36.45 20.60 22.48
CA TYR F 145 35.23 19.95 22.03
C TYR F 145 34.90 18.77 22.94
N SER F 146 34.97 19.02 24.25
CA SER F 146 34.59 18.01 25.22
C SER F 146 33.11 17.67 25.15
N GLN F 147 32.28 18.59 24.66
CA GLN F 147 30.85 18.32 24.56
C GLN F 147 30.52 17.20 23.58
N HIS F 148 31.48 16.81 22.73
CA HIS F 148 31.32 15.66 21.87
C HIS F 148 32.05 14.42 22.36
N VAL F 149 33.24 14.59 22.92
CA VAL F 149 34.13 13.47 23.24
C VAL F 149 34.21 13.27 24.74
N LYS F 150 33.09 13.48 25.44
CA LYS F 150 33.05 13.53 26.90
C LYS F 150 33.81 12.38 27.53
N ASN F 151 34.94 12.69 28.17
CA ASN F 151 35.72 11.73 28.96
C ASN F 151 36.26 10.59 28.11
N THR F 152 35.86 10.53 26.85
CA THR F 152 36.38 9.59 25.88
C THR F 152 36.87 10.41 24.69
N GLY F 153 38.10 10.87 24.77
CA GLY F 153 38.67 11.70 23.73
C GLY F 153 39.08 10.89 22.53
N VAL F 154 40.01 11.43 21.76
CA VAL F 154 40.56 10.73 20.60
C VAL F 154 42.07 10.73 20.71
N THR F 155 42.68 9.69 20.16
CA THR F 155 44.12 9.63 19.93
C THR F 155 44.35 9.53 18.43
N CYS F 156 45.62 9.36 18.05
CA CYS F 156 45.93 9.10 16.66
C CYS F 156 45.31 7.81 16.17
N TYR F 157 45.12 6.85 17.08
CA TYR F 157 44.62 5.53 16.69
C TYR F 157 43.15 5.54 16.30
N THR F 158 42.37 6.48 16.85
CA THR F 158 40.94 6.50 16.54
C THR F 158 40.71 6.75 15.06
N CYS F 159 41.45 7.68 14.46
CA CYS F 159 41.34 7.95 13.04
C CYS F 159 42.23 7.03 12.20
N HIS F 160 43.47 6.81 12.64
CA HIS F 160 44.45 6.13 11.80
C HIS F 160 44.34 4.61 11.88
N MET F 161 44.09 4.07 13.07
CA MET F 161 43.95 2.63 13.27
C MET F 161 45.18 1.86 12.77
N GLY F 162 46.37 2.38 13.05
CA GLY F 162 47.59 1.71 12.68
C GLY F 162 48.02 1.90 11.24
N LYS F 163 47.34 2.74 10.48
CA LYS F 163 47.66 3.00 9.09
C LYS F 163 47.90 4.49 8.89
N PRO F 164 48.68 4.88 7.89
CA PRO F 164 48.89 6.31 7.62
C PRO F 164 47.69 7.01 7.02
N LEU F 165 46.82 6.31 6.30
CA LEU F 165 45.65 6.92 5.68
C LEU F 165 44.39 6.51 6.43
N PRO F 166 43.67 7.46 7.04
CA PRO F 166 42.39 7.12 7.69
C PRO F 166 41.27 6.87 6.69
N ASN F 167 40.07 6.65 7.18
CA ASN F 167 38.89 6.47 6.35
C ASN F 167 38.11 7.76 6.22
N GLY F 168 37.20 7.79 5.25
CA GLY F 168 36.34 8.94 5.09
C GLY F 168 36.99 10.18 4.53
N LEU F 169 38.14 10.04 3.87
CA LEU F 169 38.77 11.19 3.24
C LEU F 169 37.94 11.62 2.04
N TRP F 170 37.65 12.92 1.97
CA TRP F 170 36.86 13.46 0.87
C TRP F 170 37.50 14.76 0.39
N PHE F 171 37.20 15.10 -0.86
CA PHE F 171 37.77 16.25 -1.53
C PHE F 171 36.64 17.03 -2.20
N TYR F 172 37.01 18.10 -2.90
CA TYR F 172 36.06 18.90 -3.65
C TYR F 172 35.54 18.11 -4.84
N SER F 173 34.22 17.96 -4.94
CA SER F 173 33.61 17.32 -6.10
C SER F 173 32.68 18.26 -6.85
N SER F 174 31.63 18.76 -6.22
CA SER F 174 30.65 19.61 -6.88
C SER F 174 29.99 20.49 -5.83
N GLN F 175 29.11 21.39 -6.29
CA GLN F 175 28.53 22.37 -5.40
C GLN F 175 27.60 21.74 -4.37
N THR F 176 26.78 20.77 -4.80
CA THR F 176 25.74 20.21 -3.96
C THR F 176 26.19 18.98 -3.18
N ASP F 177 27.48 18.74 -3.07
CA ASP F 177 27.98 17.66 -2.22
C ASP F 177 27.71 17.98 -0.76
N TYR F 178 26.94 17.11 -0.09
CA TYR F 178 26.52 17.41 1.27
C TYR F 178 27.66 17.40 2.27
N LEU F 179 28.81 16.81 1.93
CA LEU F 179 29.97 16.84 2.82
C LEU F 179 30.49 18.25 3.05
N ARG F 180 30.15 19.20 2.18
CA ARG F 180 30.45 20.60 2.41
C ARG F 180 29.77 21.14 3.65
N HIS F 181 28.75 20.44 4.16
CA HIS F 181 28.15 20.79 5.44
C HIS F 181 29.16 20.74 6.57
N TYR F 182 30.26 20.02 6.40
CA TYR F 182 31.31 19.95 7.41
C TYR F 182 32.47 20.89 7.14
N LEU F 183 32.42 21.67 6.06
CA LEU F 183 33.52 22.59 5.76
C LEU F 183 33.10 24.06 5.80
N ASP F 184 32.19 24.47 4.92
CA ASP F 184 31.86 25.90 4.80
C ASP F 184 30.38 26.19 4.70
N ARG F 185 29.53 25.20 4.47
CA ARG F 185 28.10 25.40 4.52
C ARG F 185 27.64 25.55 5.96
N ASP F 186 26.50 26.21 6.13
CA ASP F 186 25.88 26.30 7.45
C ASP F 186 24.36 26.36 7.27
N GLY F 187 23.65 25.61 8.09
CA GLY F 187 22.21 25.60 8.04
C GLY F 187 21.61 24.44 7.28
N ALA F 188 20.81 23.63 7.97
CA ALA F 188 20.15 22.50 7.33
C ALA F 188 18.67 22.40 7.68
N ARG F 189 18.12 23.36 8.43
CA ARG F 189 16.73 23.31 8.83
C ARG F 189 15.80 23.62 7.65
N VAL F 190 14.69 22.90 7.58
CA VAL F 190 13.74 23.06 6.48
C VAL F 190 12.31 23.15 7.01
N VAL F 191 12.09 22.77 8.25
CA VAL F 191 10.74 22.63 8.80
C VAL F 191 10.28 23.95 9.39
N THR F 192 9.00 24.27 9.17
CA THR F 192 8.42 25.52 9.64
C THR F 192 8.02 25.42 11.10
N ARG F 193 8.27 26.50 11.85
CA ARG F 193 7.95 26.55 13.27
C ARG F 193 6.58 27.15 13.53
N ASP F 194 5.70 27.15 12.53
CA ASP F 194 4.36 27.70 12.63
C ASP F 194 3.38 26.71 12.03
N VAL F 195 2.09 26.98 12.22
CA VAL F 195 1.07 26.18 11.55
C VAL F 195 0.88 26.67 10.12
N ALA F 196 0.91 27.98 9.93
CA ALA F 196 0.62 28.64 8.67
C ALA F 196 1.92 29.01 7.95
N PRO F 197 1.92 28.97 6.62
CA PRO F 197 3.11 29.39 5.88
C PRO F 197 3.32 30.89 5.93
N SER F 198 4.59 31.28 5.84
CA SER F 198 4.98 32.68 5.75
C SER F 198 6.34 32.73 5.06
N ASN F 199 6.93 33.93 5.01
CA ASN F 199 8.23 34.11 4.39
C ASN F 199 9.38 33.86 5.34
N ALA F 200 9.10 33.50 6.60
CA ALA F 200 10.17 33.14 7.52
C ALA F 200 10.90 31.88 7.04
N ASN F 201 10.15 30.92 6.51
CA ASN F 201 10.71 29.70 5.95
C ASN F 201 10.18 29.52 4.53
N ARG F 202 11.09 29.50 3.57
CA ARG F 202 10.76 29.23 2.17
C ARG F 202 11.60 28.08 1.63
N SER F 203 11.80 27.04 2.42
CA SER F 203 12.60 25.90 1.99
C SER F 203 11.84 25.09 0.95
N SER F 204 12.57 24.61 -0.04
CA SER F 204 12.00 23.78 -1.09
C SER F 204 12.00 22.31 -0.67
N VAL F 205 11.23 21.51 -1.40
CA VAL F 205 11.28 20.07 -1.21
C VAL F 205 12.66 19.53 -1.62
N LYS F 206 13.32 20.18 -2.57
CA LYS F 206 14.67 19.78 -2.97
C LYS F 206 15.67 19.97 -1.84
N GLN F 207 15.56 21.07 -1.10
CA GLN F 207 16.43 21.27 0.05
C GLN F 207 16.17 20.22 1.13
N THR F 208 14.90 19.81 1.29
CA THR F 208 14.59 18.71 2.18
C THR F 208 15.24 17.42 1.72
N GLU F 209 15.27 17.18 0.40
CA GLU F 209 15.95 16.00 -0.12
C GLU F 209 17.45 16.05 0.15
N TRP F 210 18.05 17.24 0.05
CA TRP F 210 19.46 17.40 0.38
C TRP F 210 19.73 17.06 1.84
N THR F 211 18.88 17.58 2.74
CA THR F 211 19.03 17.26 4.16
C THR F 211 18.83 15.77 4.40
N TYR F 212 17.89 15.15 3.68
CA TYR F 212 17.67 13.72 3.78
C TYR F 212 18.91 12.93 3.40
N ALA F 213 19.57 13.32 2.31
CA ALA F 213 20.79 12.64 1.89
C ALA F 213 21.90 12.79 2.92
N LEU F 214 22.07 14.01 3.46
CA LEU F 214 23.09 14.21 4.48
C LEU F 214 22.83 13.38 5.72
N MET F 215 21.56 13.29 6.14
CA MET F 215 21.24 12.52 7.33
C MET F 215 21.33 11.02 7.10
N ILE F 216 21.05 10.55 5.89
CA ILE F 216 21.29 9.14 5.56
C ILE F 216 22.78 8.83 5.68
N SER F 217 23.63 9.74 5.18
CA SER F 217 25.07 9.54 5.31
C SER F 217 25.49 9.51 6.77
N GLN F 218 24.95 10.41 7.59
CA GLN F 218 25.27 10.41 9.01
C GLN F 218 24.86 9.10 9.68
N SER F 219 23.65 8.63 9.38
CA SER F 219 23.16 7.38 9.95
C SER F 219 24.07 6.22 9.57
N ARG F 220 24.50 6.15 8.32
CA ARG F 220 25.38 5.06 7.92
C ARG F 220 26.77 5.22 8.51
N SER F 221 27.22 6.44 8.73
CA SER F 221 28.52 6.69 9.35
C SER F 221 28.56 6.25 10.80
N LEU F 222 27.42 6.28 11.50
CA LEU F 222 27.37 5.79 12.88
C LEU F 222 26.76 4.41 13.01
N GLY F 223 26.33 3.79 11.91
CA GLY F 223 25.72 2.48 11.99
C GLY F 223 24.39 2.46 12.70
N VAL F 224 23.69 3.59 12.77
CA VAL F 224 22.41 3.70 13.45
C VAL F 224 21.34 4.06 12.43
N ASN F 225 20.10 4.18 12.89
CA ASN F 225 19.01 4.63 12.03
C ASN F 225 18.56 6.02 12.48
N CYS F 226 17.50 6.50 11.83
CA CYS F 226 17.03 7.87 12.06
C CYS F 226 16.53 8.08 13.48
N THR F 227 15.94 7.06 14.10
CA THR F 227 15.37 7.18 15.43
C THR F 227 16.41 7.27 16.54
N TYR F 228 17.69 7.12 16.20
CA TYR F 228 18.74 7.28 17.20
C TYR F 228 18.82 8.73 17.69
N CYS F 229 18.57 9.68 16.80
CA CYS F 229 18.60 11.09 17.16
C CYS F 229 17.27 11.79 16.91
N HIS F 230 16.22 11.07 16.55
CA HIS F 230 14.98 11.69 16.12
C HIS F 230 13.78 10.89 16.60
N ASN F 231 12.72 11.61 16.92
CA ASN F 231 11.37 11.06 16.91
C ASN F 231 10.77 11.51 15.58
N THR F 232 10.69 10.60 14.62
CA THR F 232 10.40 10.96 13.23
C THR F 232 8.99 11.48 13.04
N ARG F 233 8.12 11.36 14.04
CA ARG F 233 6.83 12.04 13.99
C ARG F 233 6.99 13.55 13.96
N GLN F 234 8.12 14.08 14.43
CA GLN F 234 8.47 15.48 14.20
C GLN F 234 9.99 15.57 14.25
N PHE F 235 10.61 15.63 13.08
CA PHE F 235 12.07 15.68 12.98
C PHE F 235 12.67 16.93 13.59
N ALA F 236 11.90 18.02 13.68
CA ALA F 236 12.44 19.28 14.18
C ALA F 236 12.52 19.34 15.69
N SER F 237 11.82 18.47 16.40
CA SER F 237 11.74 18.55 17.85
C SER F 237 13.02 18.05 18.52
N TRP F 238 13.53 18.81 19.48
CA TRP F 238 14.68 18.40 20.27
C TRP F 238 14.29 17.74 21.58
N LYS F 239 13.12 18.09 22.11
CA LYS F 239 12.66 17.53 23.37
C LYS F 239 12.15 16.10 23.21
N GLU F 240 11.63 15.77 22.03
CA GLU F 240 11.16 14.42 21.75
C GLU F 240 12.28 13.50 21.27
N ALA F 241 13.42 14.03 20.93
CA ALA F 241 14.56 13.28 20.43
C ALA F 241 15.47 12.85 21.56
N PRO F 242 16.21 11.76 21.38
CA PRO F 242 17.17 11.33 22.41
C PRO F 242 18.29 12.35 22.55
N PRO F 243 19.01 12.32 23.68
CA PRO F 243 20.10 13.30 23.88
C PRO F 243 21.20 13.21 22.83
N ALA F 244 21.36 12.06 22.15
CA ALA F 244 22.42 11.92 21.17
C ALA F 244 22.37 13.02 20.12
N ARG F 245 21.17 13.47 19.76
CA ARG F 245 21.05 14.54 18.76
C ARG F 245 21.88 15.75 19.15
N VAL F 246 21.78 16.19 20.42
CA VAL F 246 22.59 17.31 20.87
C VAL F 246 24.06 17.02 20.62
N THR F 247 24.52 15.84 21.04
CA THR F 247 25.90 15.46 20.80
C THR F 247 26.23 15.54 19.32
N ALA F 248 25.34 15.01 18.48
CA ALA F 248 25.60 15.02 17.04
C ALA F 248 25.82 16.43 16.54
N TYR F 249 25.04 17.39 17.04
CA TYR F 249 25.19 18.75 16.55
C TYR F 249 26.60 19.28 16.87
N HIS F 250 27.08 18.99 18.07
CA HIS F 250 28.43 19.41 18.41
C HIS F 250 29.46 18.74 17.51
N GLY F 251 29.22 17.48 17.14
CA GLY F 251 30.09 16.81 16.21
C GLY F 251 30.17 17.51 14.86
N ILE F 252 29.10 18.17 14.46
CA ILE F 252 29.17 19.00 13.27
C ILE F 252 30.13 20.16 13.49
N LEU F 253 29.94 20.90 14.59
CA LEU F 253 30.73 22.10 14.82
C LEU F 253 32.21 21.76 14.93
N MET F 254 32.54 20.73 15.70
CA MET F 254 33.92 20.27 15.79
C MET F 254 34.50 20.00 14.41
N LEU F 255 33.75 19.28 13.58
CA LEU F 255 34.26 18.98 12.24
C LEU F 255 34.56 20.26 11.48
N ARG F 256 33.66 21.24 11.58
CA ARG F 256 33.85 22.47 10.83
C ARG F 256 35.13 23.18 11.26
N ASP F 257 35.51 23.03 12.54
CA ASP F 257 36.79 23.57 12.97
C ASP F 257 37.93 22.74 12.39
N VAL F 258 37.84 21.42 12.55
CA VAL F 258 38.94 20.54 12.15
C VAL F 258 39.22 20.69 10.66
N ASN F 259 38.17 20.71 9.86
CA ASN F 259 38.34 20.77 8.42
C ASN F 259 38.77 22.14 7.95
N GLN F 260 38.54 23.18 8.75
CA GLN F 260 38.81 24.52 8.26
C GLN F 260 40.18 25.04 8.70
N ASN F 261 40.59 24.71 9.92
CA ASN F 261 41.77 25.30 10.51
C ASN F 261 42.94 24.35 10.63
N TYR F 262 42.74 23.05 10.44
CA TYR F 262 43.81 22.08 10.59
C TYR F 262 44.07 21.26 9.34
N LEU F 263 43.04 20.67 8.74
CA LEU F 263 43.28 19.81 7.59
C LEU F 263 43.44 20.58 6.29
N SER F 264 42.53 21.49 5.99
CA SER F 264 42.61 22.24 4.73
C SER F 264 43.88 23.07 4.61
N PRO F 265 44.30 23.87 5.60
CA PRO F 265 45.53 24.66 5.43
C PRO F 265 46.78 23.84 5.18
N LEU F 266 46.72 22.52 5.38
CA LEU F 266 47.83 21.63 5.05
C LEU F 266 47.93 21.35 3.56
N GLN F 267 47.25 22.13 2.72
CA GLN F 267 47.34 21.91 1.27
C GLN F 267 48.77 21.96 0.74
N PRO F 268 49.60 22.97 1.04
CA PRO F 268 50.93 23.04 0.40
C PRO F 268 51.95 22.04 0.96
N VAL F 269 51.61 21.29 2.01
CA VAL F 269 52.59 20.37 2.59
C VAL F 269 52.55 19.02 1.90
N TYR F 270 51.37 18.51 1.57
CA TYR F 270 51.24 17.18 1.00
C TYR F 270 51.89 17.08 -0.38
N PRO F 271 52.41 15.92 -0.74
CA PRO F 271 52.73 15.65 -2.13
C PRO F 271 51.46 15.50 -2.96
N SER F 272 51.62 15.66 -4.28
CA SER F 272 50.48 15.71 -5.18
C SER F 272 49.64 14.44 -5.13
N VAL F 273 50.25 13.31 -4.74
CA VAL F 273 49.50 12.07 -4.66
C VAL F 273 48.52 12.08 -3.49
N ARG F 274 48.71 12.97 -2.52
CA ARG F 274 47.81 13.03 -1.36
C ARG F 274 46.59 13.89 -1.63
N LEU F 275 46.71 14.89 -2.50
CA LEU F 275 45.64 15.84 -2.73
C LEU F 275 44.57 15.26 -3.65
N GLY F 276 43.50 16.03 -3.87
CA GLY F 276 42.41 15.61 -4.72
C GLY F 276 42.58 16.06 -6.16
N THR F 277 41.55 15.76 -6.97
CA THR F 277 41.61 16.08 -8.38
C THR F 277 41.60 17.59 -8.64
N GLN F 278 41.17 18.38 -7.66
CA GLN F 278 41.31 19.83 -7.70
C GLN F 278 42.55 20.31 -6.96
N GLY F 279 43.38 19.39 -6.47
CA GLY F 279 44.56 19.76 -5.72
C GLY F 279 44.28 20.37 -4.36
N ASP F 280 43.34 19.81 -3.62
CA ASP F 280 43.01 20.28 -2.28
C ASP F 280 43.30 19.18 -1.26
N ALA F 281 43.52 19.60 -0.02
CA ALA F 281 43.88 18.66 1.03
C ALA F 281 42.71 17.76 1.40
N PRO F 282 42.98 16.52 1.80
CA PRO F 282 41.91 15.63 2.26
C PRO F 282 41.25 16.16 3.52
N LYS F 283 39.94 15.94 3.63
CA LYS F 283 39.15 16.38 4.76
C LYS F 283 38.50 15.19 5.45
N ALA F 284 37.97 15.44 6.64
CA ALA F 284 37.42 14.38 7.49
C ALA F 284 35.91 14.51 7.60
N GLN F 285 35.25 13.37 7.82
CA GLN F 285 33.82 13.32 8.10
C GLN F 285 33.54 12.48 9.33
N CYS F 286 32.28 12.17 9.60
CA CYS F 286 31.93 11.42 10.81
C CYS F 286 32.53 10.03 10.79
N VAL F 287 32.51 9.37 9.63
CA VAL F 287 33.01 8.01 9.53
C VAL F 287 34.52 7.92 9.70
N THR F 288 35.23 9.05 9.65
CA THR F 288 36.66 9.03 9.88
C THR F 288 36.99 8.55 11.30
N CYS F 289 36.25 9.04 12.29
CA CYS F 289 36.40 8.54 13.65
C CYS F 289 35.48 7.36 13.93
N HIS F 290 34.22 7.42 13.49
CA HIS F 290 33.25 6.44 13.95
C HIS F 290 33.40 5.10 13.25
N ASN F 291 33.68 5.12 11.94
CA ASN F 291 33.81 3.89 11.15
C ASN F 291 32.61 2.97 11.32
N GLY F 292 31.41 3.55 11.22
CA GLY F 292 30.20 2.76 11.27
C GLY F 292 29.78 2.29 12.65
N ASN F 293 30.25 2.92 13.71
CA ASN F 293 29.89 2.54 15.07
C ASN F 293 29.32 3.75 15.81
N TYR F 294 28.38 3.47 16.73
CA TYR F 294 27.74 4.53 17.49
C TYR F 294 28.75 5.34 18.28
N LYS F 295 29.85 4.72 18.71
CA LYS F 295 30.97 5.41 19.32
C LYS F 295 32.24 4.88 18.67
N PRO F 296 33.26 5.72 18.54
CA PRO F 296 34.53 5.24 17.95
C PRO F 296 35.12 4.11 18.78
N LEU F 297 35.47 3.03 18.10
CA LEU F 297 36.06 1.85 18.74
C LEU F 297 35.15 1.31 19.84
N TYR F 298 33.85 1.41 19.62
CA TYR F 298 32.83 0.96 20.58
C TYR F 298 33.00 1.64 21.94
N GLY F 299 33.45 2.90 21.93
CA GLY F 299 33.61 3.63 23.16
C GLY F 299 34.88 3.32 23.92
N ALA F 300 35.89 2.78 23.25
CA ALA F 300 37.14 2.47 23.91
C ALA F 300 37.82 3.73 24.41
N GLN F 301 38.34 3.67 25.63
CA GLN F 301 39.04 4.79 26.25
C GLN F 301 40.54 4.55 26.12
N MET F 302 41.23 5.47 25.45
CA MET F 302 42.65 5.27 25.19
C MET F 302 43.48 6.50 25.57
N VAL F 303 42.89 7.70 25.46
CA VAL F 303 43.65 8.92 25.69
C VAL F 303 43.76 9.28 27.16
N LYS F 304 42.99 8.64 28.04
CA LYS F 304 43.14 8.88 29.47
C LYS F 304 44.53 8.47 29.97
N ASP F 305 45.20 7.56 29.27
CA ASP F 305 46.53 7.11 29.65
C ASP F 305 47.62 7.71 28.76
N TYR F 306 47.41 8.91 28.25
CA TYR F 306 48.38 9.59 27.38
C TYR F 306 48.18 11.09 27.54
N PRO F 307 48.70 11.67 28.63
CA PRO F 307 48.40 13.08 28.93
C PRO F 307 48.92 14.06 27.91
N ALA F 308 49.86 13.67 27.04
CA ALA F 308 50.40 14.61 26.06
C ALA F 308 49.33 15.03 25.06
N LEU F 309 48.29 14.22 24.90
CA LEU F 309 47.22 14.49 23.94
C LEU F 309 46.03 15.20 24.56
N TRP F 310 46.03 15.40 25.88
CA TRP F 310 44.92 16.08 26.53
C TRP F 310 44.93 17.56 26.17
N GLY F 311 43.75 18.17 26.17
CA GLY F 311 43.67 19.60 25.99
C GLY F 311 43.33 20.30 27.28
N ARG F 312 43.22 19.53 28.35
CA ARG F 312 42.78 20.03 29.64
C ARG F 312 43.89 19.88 30.68
N ALA F 313 43.63 20.43 31.86
CA ALA F 313 44.51 20.29 33.00
C ALA F 313 44.25 19.02 33.79
N ASP F 314 43.23 18.26 33.43
CA ASP F 314 42.87 17.02 34.10
C ASP F 314 41.83 16.30 33.26
N TRP F 315 41.90 14.98 33.23
CA TRP F 315 40.94 14.22 32.43
C TRP F 315 39.75 13.76 33.27
N ASN F 316 39.99 12.95 34.29
CA ASN F 316 38.93 12.44 35.17
C ASN F 316 39.32 12.66 36.63
N GLY F 317 39.71 13.89 36.94
CA GLY F 317 40.28 14.19 38.23
C GLY F 317 41.77 13.94 38.31
N VAL F 318 42.28 13.05 37.46
CA VAL F 318 43.72 12.81 37.33
C VAL F 318 44.36 14.11 36.84
N PRO F 319 45.23 14.74 37.63
CA PRO F 319 45.80 16.02 37.23
C PRO F 319 46.86 15.87 36.15
N PHE F 320 47.10 16.98 35.45
CA PHE F 320 48.14 17.07 34.43
C PHE F 320 49.38 17.66 35.07
N GLN F 321 50.52 16.99 34.90
CA GLN F 321 51.72 17.35 35.65
C GLN F 321 52.18 18.77 35.34
N GLY F 322 52.57 19.02 34.09
CA GLY F 322 53.04 20.33 33.71
C GLY F 322 54.34 20.73 34.38
N MET G 1 14.21 7.51 -77.87
CA MET G 1 14.57 8.14 -76.61
C MET G 1 13.33 8.64 -75.87
N HIS G 2 12.31 9.00 -76.64
CA HIS G 2 11.06 9.49 -76.07
C HIS G 2 10.26 8.40 -75.36
N ARG G 3 10.54 7.13 -75.65
CA ARG G 3 9.81 6.04 -75.03
C ARG G 3 10.07 5.92 -73.54
N ILE G 4 11.05 6.66 -73.01
CA ILE G 4 11.24 6.72 -71.58
C ILE G 4 10.05 7.41 -70.91
N TRP G 5 9.37 8.29 -71.62
CA TRP G 5 8.22 8.98 -71.05
C TRP G 5 6.94 8.17 -71.10
N GLN G 6 6.99 6.96 -71.67
CA GLN G 6 5.81 6.12 -71.74
C GLN G 6 5.39 5.65 -70.35
N GLY G 7 4.10 5.74 -70.07
CA GLY G 7 3.55 5.29 -68.81
C GLY G 7 3.66 6.25 -67.65
N MET G 8 4.22 7.43 -67.87
CA MET G 8 4.44 8.39 -66.80
C MET G 8 3.48 9.57 -66.91
N ASP G 9 3.17 10.17 -65.77
CA ASP G 9 2.34 11.36 -65.72
C ASP G 9 3.18 12.59 -66.03
N PRO G 10 2.85 13.39 -67.04
CA PRO G 10 3.61 14.62 -67.29
C PRO G 10 3.59 15.60 -66.13
N GLN G 11 2.47 15.68 -65.41
CA GLN G 11 2.40 16.55 -64.24
C GLN G 11 3.38 16.11 -63.17
N ILE G 12 3.49 14.80 -62.93
CA ILE G 12 4.44 14.31 -61.93
C ILE G 12 5.87 14.60 -62.36
N ILE G 13 6.18 14.43 -63.65
CA ILE G 13 7.51 14.74 -64.13
C ILE G 13 7.84 16.21 -63.90
N MET G 14 6.90 17.10 -64.24
CA MET G 14 7.17 18.52 -64.07
C MET G 14 7.26 18.92 -62.60
N SER G 15 6.45 18.31 -61.75
CA SER G 15 6.52 18.61 -60.32
C SER G 15 7.85 18.16 -59.72
N GLY G 16 8.33 16.97 -60.11
CA GLY G 16 9.62 16.51 -59.64
C GLY G 16 10.76 17.36 -60.15
N LEU G 17 10.69 17.76 -61.42
CA LEU G 17 11.70 18.65 -61.98
C LEU G 17 11.70 19.99 -61.27
N GLY G 18 10.53 20.53 -60.96
CA GLY G 18 10.46 21.79 -60.25
C GLY G 18 11.01 21.72 -58.85
N PHE G 19 10.72 20.62 -58.14
CA PHE G 19 11.30 20.43 -56.81
C PHE G 19 12.82 20.36 -56.90
N PHE G 20 13.35 19.56 -57.84
CA PHE G 20 14.79 19.53 -58.07
C PHE G 20 15.37 20.90 -58.31
N LEU G 21 14.81 21.65 -59.27
CA LEU G 21 15.40 22.92 -59.65
C LEU G 21 15.32 23.93 -58.51
N ALA G 22 14.21 23.95 -57.77
CA ALA G 22 14.09 24.87 -56.64
C ALA G 22 15.13 24.57 -55.57
N GLY G 23 15.23 23.30 -55.16
CA GLY G 23 16.21 22.96 -54.14
C GLY G 23 17.64 23.24 -54.58
N LEU G 24 17.97 22.87 -55.82
CA LEU G 24 19.32 23.10 -56.32
C LEU G 24 19.63 24.58 -56.41
N ALA G 25 18.68 25.38 -56.90
CA ALA G 25 18.89 26.83 -57.00
C ALA G 25 19.09 27.44 -55.62
N LEU G 26 18.32 27.00 -54.63
CA LEU G 26 18.51 27.52 -53.28
C LEU G 26 19.90 27.18 -52.74
N ILE G 27 20.31 25.93 -52.90
CA ILE G 27 21.62 25.51 -52.40
C ILE G 27 22.73 26.29 -53.09
N ILE G 28 22.66 26.43 -54.41
CA ILE G 28 23.75 27.08 -55.13
C ILE G 28 23.72 28.59 -54.93
N HIS G 29 22.55 29.18 -54.70
CA HIS G 29 22.52 30.61 -54.39
C HIS G 29 23.16 30.88 -53.03
N MET G 30 22.92 30.01 -52.05
CA MET G 30 23.61 30.17 -50.77
C MET G 30 25.12 29.99 -50.92
N TRP G 31 25.53 28.96 -51.67
CA TRP G 31 26.93 28.74 -52.01
C TRP G 31 27.56 29.99 -52.64
N ALA G 32 26.89 30.58 -53.62
CA ALA G 32 27.43 31.74 -54.33
C ALA G 32 27.45 32.98 -53.45
N TYR G 33 26.45 33.16 -52.59
CA TYR G 33 26.48 34.29 -51.66
C TYR G 33 27.69 34.19 -50.76
N SER G 34 27.98 32.98 -50.26
CA SER G 34 29.15 32.80 -49.41
C SER G 34 30.44 33.06 -50.19
N ILE G 35 30.51 32.61 -51.45
CA ILE G 35 31.75 32.72 -52.21
C ILE G 35 32.03 34.16 -52.59
N THR G 36 31.04 34.83 -53.22
CA THR G 36 31.27 36.19 -53.71
C THR G 36 31.22 37.23 -52.60
N GLY G 37 30.47 36.97 -51.54
CA GLY G 37 30.26 37.97 -50.50
C GLY G 37 29.50 39.19 -50.97
N TRP G 38 28.53 38.99 -51.88
CA TRP G 38 27.86 40.14 -52.51
C TRP G 38 26.95 40.89 -51.55
N PRO G 39 25.90 40.29 -50.98
CA PRO G 39 25.01 41.08 -50.14
C PRO G 39 25.73 41.67 -48.96
N LYS G 40 26.74 40.97 -48.44
CA LYS G 40 27.49 41.47 -47.30
C LYS G 40 28.16 42.81 -47.61
N TYR G 41 28.92 42.86 -48.70
CA TYR G 41 29.62 44.09 -49.03
C TYR G 41 28.66 45.21 -49.41
N LYS G 42 27.58 44.90 -50.14
CA LYS G 42 26.66 45.98 -50.47
C LYS G 42 25.89 46.48 -49.25
N LYS G 43 25.52 45.59 -48.33
CA LYS G 43 24.90 46.02 -47.09
C LYS G 43 25.86 46.89 -46.28
N ALA G 44 27.12 46.49 -46.19
CA ALA G 44 28.09 47.30 -45.46
C ALA G 44 28.26 48.67 -46.10
N GLN G 45 28.20 48.73 -47.43
CA GLN G 45 28.30 50.02 -48.09
C GLN G 45 27.07 50.90 -47.83
N TYR G 46 25.88 50.30 -47.82
CA TYR G 46 24.65 51.08 -47.62
C TYR G 46 24.29 51.29 -46.16
N ASN G 47 24.69 50.40 -45.26
CA ASN G 47 24.31 50.48 -43.85
C ASN G 47 25.45 51.01 -42.98
N ALA G 48 26.23 51.94 -43.52
CA ALA G 48 27.33 52.55 -42.79
C ALA G 48 27.74 53.87 -43.43
N GLY H 5 -2.82 4.22 -68.77
CA GLY H 5 -1.68 5.12 -68.65
C GLY H 5 -1.92 6.50 -69.24
N GLY H 6 -0.89 7.07 -69.83
CA GLY H 6 -1.01 8.38 -70.46
C GLY H 6 0.20 8.70 -71.30
N MET H 7 0.09 9.82 -72.01
CA MET H 7 1.16 10.35 -72.87
C MET H 7 1.54 9.31 -73.93
N THR H 8 0.60 9.11 -74.85
CA THR H 8 0.77 8.14 -75.92
C THR H 8 1.79 8.63 -76.93
N GLU H 9 1.97 7.85 -78.00
CA GLU H 9 3.13 8.02 -78.88
C GLU H 9 3.19 9.43 -79.46
N ASP H 10 2.09 9.91 -80.04
CA ASP H 10 2.06 11.28 -80.55
C ASP H 10 2.26 12.28 -79.42
N GLU H 11 1.57 12.06 -78.30
CA GLU H 11 1.73 12.94 -77.15
C GLU H 11 3.13 12.87 -76.58
N ALA H 12 3.71 11.67 -76.50
CA ALA H 12 5.06 11.54 -75.99
C ALA H 12 6.07 12.25 -76.88
N ARG H 13 5.89 12.15 -78.20
CA ARG H 13 6.81 12.82 -79.13
C ARG H 13 6.70 14.34 -79.01
N ARG H 14 5.48 14.87 -78.98
CA ARG H 14 5.31 16.31 -78.85
C ARG H 14 5.83 16.81 -77.51
N PHE H 15 5.61 16.03 -76.45
CA PHE H 15 6.11 16.36 -75.13
C PHE H 15 7.63 16.36 -75.12
N HIS H 16 8.24 15.41 -75.81
CA HIS H 16 9.70 15.37 -75.92
C HIS H 16 10.22 16.61 -76.62
N GLY H 17 9.57 17.02 -77.70
CA GLY H 17 10.00 18.23 -78.40
C GLY H 17 9.92 19.47 -77.52
N TYR H 18 8.78 19.67 -76.86
CA TYR H 18 8.64 20.84 -76.00
C TYR H 18 9.59 20.78 -74.81
N PHE H 19 9.82 19.58 -74.25
CA PHE H 19 10.76 19.41 -73.16
C PHE H 19 12.17 19.80 -73.57
N VAL H 20 12.58 19.39 -74.77
CA VAL H 20 13.91 19.73 -75.26
C VAL H 20 14.02 21.23 -75.49
N THR H 21 12.97 21.85 -76.04
CA THR H 21 12.99 23.30 -76.24
C THR H 21 13.15 24.03 -74.91
N GLY H 22 12.39 23.61 -73.90
CA GLY H 22 12.49 24.23 -72.60
C GLY H 22 13.86 24.06 -71.96
N THR H 23 14.42 22.86 -72.05
CA THR H 23 15.75 22.62 -71.49
C THR H 23 16.80 23.48 -72.20
N LEU H 24 16.72 23.58 -73.53
CA LEU H 24 17.66 24.41 -74.27
C LEU H 24 17.56 25.87 -73.84
N GLY H 25 16.34 26.40 -73.76
CA GLY H 25 16.18 27.78 -73.34
C GLY H 25 16.73 28.02 -71.94
N TYR H 26 16.43 27.09 -71.02
CA TYR H 26 16.88 27.22 -69.64
C TYR H 26 18.40 27.23 -69.56
N ILE H 27 19.05 26.31 -70.29
CA ILE H 27 20.50 26.25 -70.28
C ILE H 27 21.09 27.52 -70.87
N ILE H 28 20.48 28.03 -71.94
CA ILE H 28 21.00 29.25 -72.56
C ILE H 28 20.96 30.41 -71.58
N VAL H 29 19.81 30.62 -70.93
CA VAL H 29 19.70 31.79 -70.07
C VAL H 29 20.58 31.63 -68.83
N ALA H 30 20.73 30.40 -68.33
CA ALA H 30 21.66 30.16 -67.23
C ALA H 30 23.10 30.43 -67.64
N ALA H 31 23.46 30.09 -68.87
CA ALA H 31 24.80 30.40 -69.37
C ALA H 31 25.04 31.90 -69.44
N VAL H 32 24.05 32.66 -69.91
CA VAL H 32 24.20 34.12 -69.91
C VAL H 32 24.34 34.66 -68.49
N ALA H 33 23.58 34.09 -67.55
CA ALA H 33 23.69 34.50 -66.15
C ALA H 33 25.11 34.26 -65.62
N HIS H 34 25.67 33.09 -65.92
CA HIS H 34 27.03 32.77 -65.49
C HIS H 34 28.06 33.67 -66.16
N PHE H 35 27.85 34.01 -67.42
CA PHE H 35 28.76 34.92 -68.11
C PHE H 35 28.78 36.29 -67.45
N LEU H 36 27.60 36.83 -67.14
CA LEU H 36 27.53 38.10 -66.43
C LEU H 36 28.18 38.02 -65.05
N ALA H 37 27.90 36.93 -64.32
CA ALA H 37 28.50 36.77 -62.99
C ALA H 37 30.01 36.70 -63.08
N TRP H 38 30.54 36.01 -64.10
CA TRP H 38 31.98 35.92 -64.26
C TRP H 38 32.60 37.29 -64.52
N GLN H 39 31.96 38.10 -65.36
CA GLN H 39 32.44 39.46 -65.56
C GLN H 39 32.38 40.28 -64.28
N TRP H 40 31.37 40.06 -63.44
CA TRP H 40 31.23 40.88 -62.23
C TRP H 40 32.20 40.43 -61.13
N ARG H 41 32.24 39.15 -60.81
CA ARG H 41 33.15 38.63 -59.79
C ARG H 41 33.58 37.23 -60.17
N PRO H 42 34.72 37.09 -60.84
CA PRO H 42 35.19 35.75 -61.22
C PRO H 42 35.50 34.89 -60.01
N TRP H 43 35.16 33.61 -60.10
CA TRP H 43 35.25 32.72 -58.94
C TRP H 43 36.44 31.78 -58.99
N PHE H 44 37.34 31.96 -59.94
CA PHE H 44 38.57 31.17 -59.99
C PHE H 44 39.79 32.07 -59.88
N GLY I 6 -10.13 19.23 -63.93
CA GLY I 6 -11.05 18.81 -64.97
C GLY I 6 -11.19 19.83 -66.06
N MET I 7 -10.19 19.88 -66.95
CA MET I 7 -10.17 20.85 -68.03
C MET I 7 -10.07 20.11 -69.36
N THR I 8 -10.59 20.74 -70.41
CA THR I 8 -10.63 20.14 -71.74
C THR I 8 -9.57 20.78 -72.63
N GLU I 9 -9.54 20.39 -73.91
CA GLU I 9 -8.50 20.86 -74.81
C GLU I 9 -8.65 22.35 -75.12
N ASP I 10 -9.86 22.78 -75.49
CA ASP I 10 -10.09 24.18 -75.78
C ASP I 10 -9.98 25.03 -74.52
N GLU I 11 -10.49 24.51 -73.40
CA GLU I 11 -10.34 25.21 -72.14
C GLU I 11 -8.87 25.39 -71.77
N ALA I 12 -8.07 24.35 -71.98
CA ALA I 12 -6.64 24.46 -71.72
C ALA I 12 -5.99 25.48 -72.65
N ARG I 13 -6.38 25.49 -73.92
CA ARG I 13 -5.80 26.46 -74.86
C ARG I 13 -6.10 27.90 -74.45
N ARG I 14 -7.36 28.18 -74.12
CA ARG I 14 -7.73 29.54 -73.73
C ARG I 14 -7.11 29.94 -72.40
N PHE I 15 -7.11 29.02 -71.43
CA PHE I 15 -6.46 29.29 -70.15
C PHE I 15 -4.98 29.56 -70.33
N HIS I 16 -4.34 28.82 -71.24
CA HIS I 16 -2.90 28.98 -71.43
C HIS I 16 -2.60 30.32 -72.09
N GLY I 17 -3.44 30.76 -73.03
CA GLY I 17 -3.29 32.10 -73.57
C GLY I 17 -3.42 33.18 -72.52
N TYR I 18 -4.45 33.07 -71.67
CA TYR I 18 -4.64 34.06 -70.61
C TYR I 18 -3.47 34.02 -69.62
N PHE I 19 -2.99 32.83 -69.30
CA PHE I 19 -1.88 32.66 -68.36
C PHE I 19 -0.60 33.29 -68.92
N VAL I 20 -0.35 33.10 -70.21
CA VAL I 20 0.82 33.71 -70.84
C VAL I 20 0.73 35.23 -70.81
N THR I 21 -0.45 35.76 -71.12
CA THR I 21 -0.61 37.22 -71.08
C THR I 21 -0.39 37.78 -69.68
N GLY I 22 -0.96 37.11 -68.67
CA GLY I 22 -0.76 37.56 -67.30
C GLY I 22 0.69 37.49 -66.87
N THR I 23 1.39 36.42 -67.24
CA THR I 23 2.81 36.31 -66.92
C THR I 23 3.61 37.42 -67.58
N LEU I 24 3.31 37.74 -68.84
CA LEU I 24 4.03 38.82 -69.52
C LEU I 24 3.78 40.16 -68.85
N GLY I 25 2.53 40.43 -68.48
CA GLY I 25 2.25 41.68 -67.78
C GLY I 25 2.98 41.79 -66.46
N TYR I 26 2.96 40.70 -65.67
CA TYR I 26 3.71 40.68 -64.42
C TYR I 26 5.20 40.94 -64.66
N ILE I 27 5.77 40.31 -65.68
CA ILE I 27 7.20 40.47 -65.95
C ILE I 27 7.51 41.92 -66.32
N ILE I 28 6.68 42.53 -67.17
CA ILE I 28 6.94 43.92 -67.58
C ILE I 28 6.86 44.87 -66.39
N VAL I 29 5.84 44.69 -65.54
CA VAL I 29 5.72 45.56 -64.38
C VAL I 29 6.92 45.39 -63.45
N ALA I 30 7.34 44.15 -63.21
CA ALA I 30 8.50 43.90 -62.37
C ALA I 30 9.77 44.49 -62.97
N ALA I 31 9.92 44.44 -64.30
CA ALA I 31 11.07 45.05 -64.94
C ALA I 31 11.11 46.55 -64.73
N VAL I 32 9.95 47.21 -64.87
CA VAL I 32 9.90 48.65 -64.63
C VAL I 32 10.25 48.97 -63.19
N ALA I 33 9.73 48.18 -62.24
CA ALA I 33 10.04 48.41 -60.83
C ALA I 33 11.52 48.22 -60.55
N HIS I 34 12.13 47.19 -61.14
CA HIS I 34 13.56 46.95 -60.93
C HIS I 34 14.39 48.07 -61.53
N PHE I 35 13.98 48.61 -62.69
CA PHE I 35 14.69 49.75 -63.26
C PHE I 35 14.63 50.96 -62.34
N LEU I 36 13.44 51.25 -61.80
CA LEU I 36 13.31 52.37 -60.87
C LEU I 36 14.17 52.17 -59.64
N ALA I 37 14.16 50.96 -59.07
CA ALA I 37 14.96 50.68 -57.89
C ALA I 37 16.45 50.79 -58.17
N TRP I 38 16.88 50.35 -59.36
CA TRP I 38 18.29 50.47 -59.71
C TRP I 38 18.70 51.93 -59.83
N GLN I 39 17.85 52.75 -60.46
CA GLN I 39 18.14 54.17 -60.53
C GLN I 39 18.20 54.79 -59.14
N TRP I 40 17.40 54.28 -58.20
CA TRP I 40 17.41 54.82 -56.85
C TRP I 40 18.61 54.32 -56.04
N ARG I 41 18.75 53.00 -55.91
CA ARG I 41 19.86 52.43 -55.13
C ARG I 41 20.35 51.16 -55.81
N PRO I 42 21.37 51.27 -56.66
CA PRO I 42 21.92 50.08 -57.31
C PRO I 42 22.50 49.10 -56.30
N TRP I 43 22.29 47.81 -56.53
CA TRP I 43 22.66 46.79 -55.57
C TRP I 43 23.93 46.03 -55.96
N PHE I 44 24.64 46.48 -56.99
CA PHE I 44 25.93 45.89 -57.31
C PHE I 44 27.02 46.95 -57.23
N MET J 1 1.64 23.05 -76.23
CA MET J 1 2.21 23.48 -74.96
C MET J 1 1.09 23.72 -73.94
N HIS J 2 -0.08 24.06 -74.45
CA HIS J 2 -1.24 24.32 -73.61
C HIS J 2 -1.82 23.05 -73.01
N ARG J 3 -1.43 21.89 -73.49
CA ARG J 3 -2.00 20.63 -73.00
C ARG J 3 -1.47 20.24 -71.63
N ILE J 4 -0.52 21.00 -71.09
CA ILE J 4 -0.03 20.72 -69.74
C ILE J 4 -1.11 21.02 -68.70
N TRP J 5 -2.09 21.86 -69.03
CA TRP J 5 -3.16 22.18 -68.09
C TRP J 5 -4.38 21.28 -68.25
N GLN J 6 -4.32 20.29 -69.12
CA GLN J 6 -5.45 19.40 -69.31
C GLN J 6 -5.65 18.53 -68.07
N GLY J 7 -6.89 18.50 -67.57
CA GLY J 7 -7.24 17.66 -66.44
C GLY J 7 -7.10 18.31 -65.08
N MET J 8 -6.55 19.52 -65.01
CA MET J 8 -6.40 20.24 -63.75
C MET J 8 -7.23 21.51 -63.81
N ASP J 9 -7.98 21.77 -62.75
CA ASP J 9 -8.87 22.92 -62.74
C ASP J 9 -8.09 24.21 -62.51
N PRO J 10 -8.55 25.33 -63.09
CA PRO J 10 -7.78 26.57 -63.00
C PRO J 10 -7.75 27.18 -61.61
N GLN J 11 -8.77 26.96 -60.79
CA GLN J 11 -8.85 27.61 -59.49
C GLN J 11 -7.71 27.16 -58.57
N ILE J 12 -7.45 25.85 -58.54
CA ILE J 12 -6.36 25.32 -57.73
C ILE J 12 -5.02 25.87 -58.22
N ILE J 13 -4.84 25.93 -59.54
CA ILE J 13 -3.61 26.47 -60.10
C ILE J 13 -3.41 27.92 -59.69
N MET J 14 -4.48 28.71 -59.75
CA MET J 14 -4.35 30.12 -59.43
C MET J 14 -4.11 30.32 -57.94
N SER J 15 -4.73 29.50 -57.09
CA SER J 15 -4.46 29.60 -55.66
C SER J 15 -3.01 29.24 -55.34
N GLY J 16 -2.49 28.19 -55.96
CA GLY J 16 -1.09 27.84 -55.74
C GLY J 16 -0.14 28.89 -56.26
N LEU J 17 -0.43 29.47 -57.43
CA LEU J 17 0.39 30.54 -57.95
C LEU J 17 0.35 31.76 -57.04
N GLY J 18 -0.84 32.09 -56.51
CA GLY J 18 -0.93 33.21 -55.59
C GLY J 18 -0.15 32.99 -54.31
N PHE J 19 -0.23 31.78 -53.75
CA PHE J 19 0.57 31.46 -52.58
C PHE J 19 2.06 31.62 -52.86
N PHE J 20 2.52 31.04 -53.98
CA PHE J 20 3.91 31.18 -54.38
C PHE J 20 4.31 32.65 -54.49
N LEU J 21 3.56 33.43 -55.25
CA LEU J 21 3.97 34.81 -55.51
C LEU J 21 3.92 35.65 -54.24
N ALA J 22 2.95 35.41 -53.37
CA ALA J 22 2.90 36.11 -52.10
C ALA J 22 4.13 35.82 -51.26
N GLY J 23 4.46 34.55 -51.09
CA GLY J 23 5.63 34.20 -50.30
C GLY J 23 6.92 34.74 -50.88
N LEU J 24 7.08 34.64 -52.20
CA LEU J 24 8.29 35.14 -52.84
C LEU J 24 8.40 36.65 -52.67
N ALA J 25 7.31 37.38 -52.89
CA ALA J 25 7.35 38.82 -52.75
C ALA J 25 7.70 39.23 -51.33
N LEU J 26 7.12 38.55 -50.34
CA LEU J 26 7.43 38.89 -48.94
C LEU J 26 8.90 38.64 -48.62
N ILE J 27 9.41 37.47 -49.01
CA ILE J 27 10.79 37.14 -48.70
C ILE J 27 11.76 38.09 -49.41
N ILE J 28 11.50 38.37 -50.70
CA ILE J 28 12.42 39.24 -51.42
C ILE J 28 12.30 40.69 -50.96
N HIS J 29 11.12 41.10 -50.49
CA HIS J 29 11.02 42.44 -49.93
C HIS J 29 11.83 42.56 -48.64
N MET J 30 11.78 41.54 -47.77
CA MET J 30 12.62 41.58 -46.58
C MET J 30 14.10 41.59 -46.95
N TRP J 31 14.47 40.77 -47.94
CA TRP J 31 15.84 40.73 -48.44
C TRP J 31 16.29 42.09 -48.97
N ALA J 32 15.44 42.76 -49.74
CA ALA J 32 15.77 44.06 -50.29
C ALA J 32 15.85 45.13 -49.21
N TYR J 33 14.97 45.07 -48.21
CA TYR J 33 15.07 45.99 -47.09
C TYR J 33 16.41 45.85 -46.41
N SER J 34 16.86 44.61 -46.20
CA SER J 34 18.16 44.41 -45.57
C SER J 34 19.30 44.91 -46.45
N ILE J 35 19.20 44.74 -47.76
CA ILE J 35 20.30 45.12 -48.65
C ILE J 35 20.39 46.63 -48.81
N THR J 36 19.28 47.29 -49.15
CA THR J 36 19.30 48.70 -49.52
C THR J 36 19.43 49.64 -48.33
N GLY J 37 19.10 49.19 -47.13
CA GLY J 37 19.10 50.08 -45.98
C GLY J 37 17.86 50.93 -45.83
N TRP J 38 16.83 50.71 -46.64
CA TRP J 38 15.52 51.33 -46.55
C TRP J 38 14.56 50.43 -45.81
N PRO J 39 13.68 50.96 -44.96
CA PRO J 39 13.46 52.37 -44.63
C PRO J 39 14.22 52.81 -43.40
N LYS J 40 15.31 52.13 -43.04
CA LYS J 40 16.00 52.45 -41.80
C LYS J 40 16.56 53.87 -41.82
N TYR J 41 17.10 54.30 -42.96
CA TYR J 41 17.67 55.65 -43.02
C TYR J 41 16.58 56.72 -43.00
N LYS J 42 15.49 56.50 -43.75
CA LYS J 42 14.39 57.46 -43.72
C LYS J 42 13.71 57.49 -42.35
N LYS J 43 13.53 56.33 -41.72
CA LYS J 43 12.99 56.29 -40.38
C LYS J 43 13.90 57.02 -39.40
N ALA J 44 15.22 56.85 -39.56
CA ALA J 44 16.15 57.57 -38.70
C ALA J 44 16.03 59.08 -38.89
N GLN J 45 15.84 59.52 -40.13
CA GLN J 45 15.62 60.94 -40.38
C GLN J 45 14.34 61.43 -39.69
N TYR J 46 13.25 60.68 -39.82
CA TYR J 46 11.97 61.16 -39.31
C TYR J 46 11.80 60.96 -37.82
N ASN J 47 12.60 60.11 -37.19
CA ASN J 47 12.52 59.87 -35.75
C ASN J 47 13.67 60.55 -35.00
N ALA J 48 14.25 61.60 -35.58
CA ALA J 48 15.38 62.30 -34.98
C ALA J 48 14.91 63.28 -33.92
N MET K 1 -11.67 35.64 -69.19
CA MET K 1 -11.07 36.09 -67.94
C MET K 1 -12.06 35.97 -66.80
N HIS K 2 -13.35 36.16 -67.11
CA HIS K 2 -14.41 36.02 -66.14
C HIS K 2 -14.66 34.56 -65.77
N ARG K 3 -14.26 33.62 -66.61
CA ARG K 3 -14.55 32.21 -66.39
C ARG K 3 -13.89 31.67 -65.14
N ILE K 4 -12.94 32.42 -64.56
CA ILE K 4 -12.32 32.01 -63.31
C ILE K 4 -13.33 32.01 -62.16
N TRP K 5 -14.41 32.77 -62.25
CA TRP K 5 -15.36 32.84 -61.15
C TRP K 5 -16.41 31.74 -61.17
N GLN K 6 -16.47 30.92 -62.22
CA GLN K 6 -17.53 29.92 -62.32
C GLN K 6 -17.39 28.88 -61.21
N GLY K 7 -18.52 28.53 -60.61
CA GLY K 7 -18.56 27.54 -59.56
C GLY K 7 -18.19 28.06 -58.19
N MET K 8 -17.96 29.36 -58.04
CA MET K 8 -17.51 29.95 -56.80
C MET K 8 -18.63 30.75 -56.15
N ASP K 9 -18.67 30.73 -54.83
CA ASP K 9 -19.65 31.50 -54.08
C ASP K 9 -19.22 32.96 -54.02
N PRO K 10 -20.04 33.90 -54.49
CA PRO K 10 -19.65 35.31 -54.42
C PRO K 10 -19.41 35.81 -53.01
N GLN K 11 -20.17 35.31 -52.03
CA GLN K 11 -19.99 35.74 -50.65
C GLN K 11 -18.65 35.27 -50.08
N ILE K 12 -18.23 34.05 -50.42
CA ILE K 12 -16.92 33.59 -49.99
C ILE K 12 -15.82 34.45 -50.60
N ILE K 13 -15.96 34.79 -51.88
CA ILE K 13 -14.96 35.64 -52.53
C ILE K 13 -14.91 37.00 -51.83
N MET K 14 -16.07 37.58 -51.53
CA MET K 14 -16.10 38.88 -50.87
C MET K 14 -15.49 38.81 -49.48
N SER K 15 -15.80 37.75 -48.72
CA SER K 15 -15.22 37.63 -47.39
C SER K 15 -13.72 37.45 -47.43
N GLY K 16 -13.22 36.65 -48.37
CA GLY K 16 -11.78 36.48 -48.50
C GLY K 16 -11.08 37.75 -48.93
N LEU K 17 -11.68 38.48 -49.87
CA LEU K 17 -11.11 39.77 -50.29
C LEU K 17 -11.10 40.76 -49.14
N GLY K 18 -12.18 40.83 -48.37
CA GLY K 18 -12.21 41.72 -47.23
C GLY K 18 -11.19 41.35 -46.16
N PHE K 19 -11.02 40.05 -45.91
CA PHE K 19 -10.01 39.61 -44.95
C PHE K 19 -8.61 40.00 -45.42
N PHE K 20 -8.31 39.77 -46.70
CA PHE K 20 -7.00 40.11 -47.22
C PHE K 20 -6.74 41.61 -47.13
N LEU K 21 -7.73 42.42 -47.51
CA LEU K 21 -7.57 43.87 -47.44
C LEU K 21 -7.40 44.35 -46.01
N ALA K 22 -8.17 43.79 -45.07
CA ALA K 22 -8.05 44.20 -43.68
C ALA K 22 -6.68 43.86 -43.11
N GLY K 23 -6.21 42.63 -43.33
CA GLY K 23 -4.90 42.25 -42.81
C GLY K 23 -3.78 43.05 -43.43
N LEU K 24 -3.82 43.23 -44.75
CA LEU K 24 -2.78 44.00 -45.43
C LEU K 24 -2.80 45.45 -44.99
N ALA K 25 -3.99 46.04 -44.84
CA ALA K 25 -4.08 47.43 -44.43
C ALA K 25 -3.54 47.62 -43.02
N LEU K 26 -3.84 46.69 -42.11
CA LEU K 26 -3.32 46.81 -40.76
C LEU K 26 -1.80 46.68 -40.74
N ILE K 27 -1.26 45.73 -41.51
CA ILE K 27 0.19 45.55 -41.56
C ILE K 27 0.87 46.80 -42.12
N ILE K 28 0.35 47.32 -43.23
CA ILE K 28 1.00 48.47 -43.86
C ILE K 28 0.80 49.74 -43.05
N HIS K 29 -0.32 49.87 -42.32
CA HIS K 29 -0.48 51.02 -41.45
C HIS K 29 0.51 50.99 -40.31
N MET K 30 0.75 49.81 -39.73
CA MET K 30 1.76 49.73 -38.68
C MET K 30 3.15 50.03 -39.21
N TRP K 31 3.46 49.50 -40.40
CA TRP K 31 4.71 49.81 -41.09
C TRP K 31 4.88 51.32 -41.30
N ALA K 32 3.84 51.99 -41.77
CA ALA K 32 3.92 53.42 -42.04
C ALA K 32 4.00 54.24 -40.76
N TYR K 33 3.31 53.81 -39.70
CA TYR K 33 3.45 54.48 -38.41
C TYR K 33 4.90 54.43 -37.95
N SER K 34 5.54 53.28 -38.09
CA SER K 34 6.95 53.18 -37.70
C SER K 34 7.83 54.04 -38.58
N ILE K 35 7.55 54.10 -39.89
CA ILE K 35 8.41 54.84 -40.81
C ILE K 35 8.30 56.34 -40.56
N THR K 36 7.08 56.87 -40.50
CA THR K 36 6.89 58.31 -40.40
C THR K 36 6.97 58.82 -38.97
N GLY K 37 6.72 57.97 -37.98
CA GLY K 37 6.67 58.42 -36.60
C GLY K 37 5.58 59.43 -36.34
N TRP K 38 4.41 59.28 -36.99
CA TRP K 38 3.41 60.33 -36.93
C TRP K 38 2.73 60.42 -35.57
N PRO K 39 2.03 59.40 -35.08
CA PRO K 39 1.33 59.56 -33.80
C PRO K 39 2.29 59.88 -32.69
N LYS K 40 3.51 59.35 -32.73
CA LYS K 40 4.48 59.60 -31.68
C LYS K 40 4.81 61.08 -31.58
N TYR K 41 5.18 61.71 -32.69
CA TYR K 41 5.54 63.12 -32.64
C TYR K 41 4.36 64.02 -32.31
N LYS K 42 3.18 63.72 -32.87
CA LYS K 42 2.04 64.55 -32.50
C LYS K 42 1.63 64.37 -31.04
N LYS K 43 1.69 63.15 -30.52
CA LYS K 43 1.42 62.90 -29.11
C LYS K 43 2.41 63.64 -28.24
N ALA K 44 3.69 63.68 -28.64
CA ALA K 44 4.67 64.45 -27.89
C ALA K 44 4.31 65.92 -27.89
N GLN K 45 3.84 66.44 -29.02
CA GLN K 45 3.42 67.84 -29.06
C GLN K 45 2.27 68.12 -28.10
N TYR K 46 1.28 67.24 -28.07
CA TYR K 46 0.10 67.51 -27.25
C TYR K 46 0.27 67.07 -25.79
N ASN K 47 0.95 65.96 -25.56
CA ASN K 47 1.14 65.44 -24.19
C ASN K 47 2.47 65.93 -23.63
N ALA K 48 2.59 67.24 -23.52
CA ALA K 48 3.82 67.86 -23.04
C ALA K 48 3.85 67.90 -21.51
N GLY L 5 -23.63 24.05 -57.52
CA GLY L 5 -23.71 25.42 -57.04
C GLY L 5 -22.71 26.34 -57.72
N GLY L 6 -22.54 27.53 -57.15
CA GLY L 6 -21.64 28.51 -57.71
C GLY L 6 -22.29 29.35 -58.79
N MET L 7 -21.51 30.27 -59.33
CA MET L 7 -22.03 31.15 -60.36
C MET L 7 -21.99 30.44 -61.72
N THR L 8 -22.70 31.04 -62.67
CA THR L 8 -22.78 30.57 -64.04
C THR L 8 -22.00 31.52 -64.94
N GLU L 9 -22.05 31.29 -66.26
CA GLU L 9 -21.31 32.14 -67.19
C GLU L 9 -21.78 33.60 -67.12
N ASP L 10 -23.10 33.82 -67.13
CA ASP L 10 -23.60 35.19 -67.06
C ASP L 10 -23.34 35.81 -65.70
N GLU L 11 -23.56 35.04 -64.63
CA GLU L 11 -23.25 35.53 -63.29
C GLU L 11 -21.77 35.85 -63.15
N ALA L 12 -20.91 35.00 -63.70
CA ALA L 12 -19.47 35.26 -63.66
C ALA L 12 -19.11 36.51 -64.44
N ARG L 13 -19.73 36.72 -65.61
CA ARG L 13 -19.46 37.94 -66.38
C ARG L 13 -19.85 39.18 -65.59
N ARG L 14 -21.04 39.18 -65.00
CA ARG L 14 -21.50 40.35 -64.25
C ARG L 14 -20.62 40.59 -63.02
N PHE L 15 -20.33 39.52 -62.28
CA PHE L 15 -19.45 39.63 -61.13
C PHE L 15 -18.08 40.17 -61.52
N HIS L 16 -17.54 39.70 -62.65
CA HIS L 16 -16.24 40.20 -63.10
C HIS L 16 -16.28 41.68 -63.41
N GLY L 17 -17.31 42.14 -64.12
CA GLY L 17 -17.41 43.56 -64.41
C GLY L 17 -17.45 44.39 -63.14
N TYR L 18 -18.32 44.00 -62.20
CA TYR L 18 -18.44 44.77 -60.96
C TYR L 18 -17.15 44.73 -60.15
N PHE L 19 -16.49 43.57 -60.10
CA PHE L 19 -15.24 43.45 -59.37
C PHE L 19 -14.14 44.32 -59.98
N VAL L 20 -14.10 44.40 -61.31
CA VAL L 20 -13.09 45.22 -61.96
C VAL L 20 -13.31 46.70 -61.64
N THR L 21 -14.57 47.16 -61.71
CA THR L 21 -14.82 48.55 -61.36
C THR L 21 -14.52 48.83 -59.89
N GLY L 22 -14.87 47.90 -59.00
CA GLY L 22 -14.54 48.11 -57.60
C GLY L 22 -13.05 48.20 -57.35
N THR L 23 -12.28 47.31 -57.98
CA THR L 23 -10.82 47.37 -57.86
C THR L 23 -10.28 48.69 -58.37
N LEU L 24 -10.77 49.16 -59.52
CA LEU L 24 -10.27 50.41 -60.08
C LEU L 24 -10.56 51.59 -59.16
N GLY L 25 -11.79 51.65 -58.60
CA GLY L 25 -12.11 52.73 -57.68
C GLY L 25 -11.26 52.69 -56.42
N TYR L 26 -11.07 51.49 -55.86
CA TYR L 26 -10.21 51.35 -54.69
C TYR L 26 -8.79 51.81 -54.98
N ILE L 27 -8.26 51.44 -56.14
CA ILE L 27 -6.89 51.84 -56.49
C ILE L 27 -6.80 53.34 -56.66
N ILE L 28 -7.81 53.97 -57.28
CA ILE L 28 -7.77 55.42 -57.46
C ILE L 28 -7.78 56.13 -56.12
N VAL L 29 -8.65 55.69 -55.21
CA VAL L 29 -8.73 56.33 -53.91
C VAL L 29 -7.41 56.15 -53.14
N ALA L 30 -6.81 54.96 -53.23
CA ALA L 30 -5.50 54.74 -52.61
C ALA L 30 -4.42 55.61 -53.24
N ALA L 31 -4.49 55.84 -54.55
CA ALA L 31 -3.52 56.70 -55.21
C ALA L 31 -3.60 58.13 -54.69
N VAL L 32 -4.83 58.64 -54.50
CA VAL L 32 -4.98 59.95 -53.89
C VAL L 32 -4.41 59.97 -52.48
N ALA L 33 -4.67 58.91 -51.70
CA ALA L 33 -4.13 58.85 -50.35
C ALA L 33 -2.60 58.89 -50.36
N HIS L 34 -1.97 58.14 -51.25
CA HIS L 34 -0.51 58.13 -51.34
C HIS L 34 0.03 59.46 -51.81
N PHE L 35 -0.67 60.15 -52.70
CA PHE L 35 -0.26 61.49 -53.12
C PHE L 35 -0.23 62.44 -51.93
N LEU L 36 -1.32 62.47 -51.15
CA LEU L 36 -1.37 63.36 -49.99
C LEU L 36 -0.30 62.99 -48.97
N ALA L 37 -0.11 61.70 -48.72
CA ALA L 37 0.93 61.27 -47.78
C ALA L 37 2.31 61.65 -48.26
N TRP L 38 2.58 61.55 -49.57
CA TRP L 38 3.89 61.94 -50.09
C TRP L 38 4.14 63.42 -49.89
N GLN L 39 3.14 64.27 -50.12
CA GLN L 39 3.38 65.69 -49.83
C GLN L 39 3.56 65.95 -48.35
N TRP L 40 2.83 65.24 -47.47
CA TRP L 40 3.00 65.46 -46.04
C TRP L 40 4.38 65.01 -45.57
N ARG L 41 4.77 63.78 -45.91
CA ARG L 41 6.05 63.23 -45.47
C ARG L 41 6.52 62.22 -46.49
N PRO L 42 7.35 62.64 -47.45
CA PRO L 42 7.89 61.69 -48.43
C PRO L 42 8.79 60.66 -47.75
N TRP L 43 8.71 59.42 -48.23
CA TRP L 43 9.40 58.31 -47.59
C TRP L 43 10.65 57.87 -48.33
N PHE L 44 11.11 58.64 -49.31
CA PHE L 44 12.36 58.33 -50.01
C PHE L 44 13.36 59.46 -49.85
N GLY M 5 -33.02 31.21 -49.48
CA GLY M 5 -33.09 32.03 -48.28
C GLY M 5 -34.04 33.20 -48.41
N GLY M 6 -33.51 34.42 -48.26
CA GLY M 6 -34.31 35.62 -48.32
C GLY M 6 -33.69 36.66 -49.24
N MET M 7 -34.32 37.84 -49.26
CA MET M 7 -33.88 38.97 -50.06
C MET M 7 -33.77 38.57 -51.54
N THR M 8 -34.94 38.33 -52.12
CA THR M 8 -35.04 37.96 -53.53
C THR M 8 -34.59 39.10 -54.44
N GLU M 9 -34.65 38.87 -55.75
CA GLU M 9 -34.12 39.84 -56.72
C GLU M 9 -34.76 41.22 -56.53
N ASP M 10 -36.08 41.26 -56.37
CA ASP M 10 -36.77 42.53 -56.24
C ASP M 10 -36.61 43.15 -54.86
N GLU M 11 -36.35 42.34 -53.84
CA GLU M 11 -36.15 42.85 -52.49
C GLU M 11 -34.82 43.56 -52.36
N ALA M 12 -33.80 43.07 -53.06
CA ALA M 12 -32.45 43.55 -52.84
C ALA M 12 -32.21 44.91 -53.48
N ARG M 13 -33.00 45.30 -54.47
CA ARG M 13 -32.86 46.66 -54.97
C ARG M 13 -33.34 47.68 -53.95
N ARG M 14 -34.45 47.39 -53.27
CA ARG M 14 -34.89 48.25 -52.17
C ARG M 14 -33.86 48.24 -51.03
N PHE M 15 -33.38 47.06 -50.67
CA PHE M 15 -32.33 46.97 -49.65
C PHE M 15 -31.11 47.77 -50.04
N HIS M 16 -30.67 47.66 -51.29
CA HIS M 16 -29.47 48.35 -51.74
C HIS M 16 -29.66 49.86 -51.72
N GLY M 17 -30.83 50.34 -52.16
CA GLY M 17 -31.09 51.76 -52.10
C GLY M 17 -31.03 52.29 -50.68
N TYR M 18 -31.71 51.61 -49.75
CA TYR M 18 -31.68 52.06 -48.36
C TYR M 18 -30.28 51.97 -47.76
N PHE M 19 -29.55 50.90 -48.07
CA PHE M 19 -28.22 50.73 -47.51
C PHE M 19 -27.27 51.79 -48.06
N VAL M 20 -27.39 52.12 -49.33
CA VAL M 20 -26.56 53.15 -49.92
C VAL M 20 -26.88 54.51 -49.30
N THR M 21 -28.18 54.79 -49.10
CA THR M 21 -28.55 56.06 -48.48
C THR M 21 -28.00 56.15 -47.06
N GLY M 22 -28.10 55.07 -46.29
CA GLY M 22 -27.56 55.09 -44.94
C GLY M 22 -26.05 55.22 -44.90
N THR M 23 -25.35 54.47 -45.75
CA THR M 23 -23.90 54.57 -45.82
C THR M 23 -23.47 55.98 -46.18
N LEU M 24 -24.15 56.58 -47.16
CA LEU M 24 -23.85 57.95 -47.54
C LEU M 24 -24.06 58.89 -46.37
N GLY M 25 -25.24 58.83 -45.74
CA GLY M 25 -25.55 59.74 -44.65
C GLY M 25 -24.61 59.61 -43.46
N TYR M 26 -24.10 58.42 -43.20
CA TYR M 26 -23.07 58.24 -42.17
C TYR M 26 -21.82 59.05 -42.49
N ILE M 27 -21.44 59.12 -43.77
CA ILE M 27 -20.17 59.71 -44.16
C ILE M 27 -20.18 61.22 -43.96
N ILE M 28 -21.28 61.90 -44.29
CA ILE M 28 -21.30 63.36 -44.12
C ILE M 28 -21.15 63.74 -42.65
N VAL M 29 -21.88 63.05 -41.76
CA VAL M 29 -21.81 63.44 -40.36
C VAL M 29 -20.44 63.08 -39.79
N ALA M 30 -19.85 61.96 -40.23
CA ALA M 30 -18.48 61.67 -39.83
C ALA M 30 -17.52 62.74 -40.32
N ALA M 31 -17.72 63.22 -41.54
CA ALA M 31 -16.87 64.28 -42.09
C ALA M 31 -17.01 65.59 -41.31
N VAL M 32 -18.24 65.92 -40.90
CA VAL M 32 -18.44 67.11 -40.07
C VAL M 32 -17.72 66.97 -38.74
N ALA M 33 -17.81 65.78 -38.13
CA ALA M 33 -17.10 65.55 -36.88
C ALA M 33 -15.60 65.70 -37.06
N HIS M 34 -15.05 65.15 -38.16
CA HIS M 34 -13.62 65.27 -38.40
C HIS M 34 -13.21 66.72 -38.65
N PHE M 35 -14.04 67.48 -39.35
CA PHE M 35 -13.74 68.90 -39.56
C PHE M 35 -13.74 69.68 -38.25
N LEU M 36 -14.72 69.44 -37.39
CA LEU M 36 -14.76 70.11 -36.09
C LEU M 36 -13.54 69.74 -35.26
N ALA M 37 -13.18 68.46 -35.24
CA ALA M 37 -12.00 68.03 -34.50
C ALA M 37 -10.74 68.65 -35.07
N TRP M 38 -10.65 68.79 -36.40
CA TRP M 38 -9.48 69.41 -37.00
C TRP M 38 -9.37 70.87 -36.59
N GLN M 39 -10.50 71.58 -36.56
CA GLN M 39 -10.49 72.95 -36.08
C GLN M 39 -10.08 73.02 -34.61
N TRP M 40 -10.45 72.02 -33.81
CA TRP M 40 -10.14 72.05 -32.39
C TRP M 40 -8.69 71.65 -32.12
N ARG M 41 -8.28 70.48 -32.61
CA ARG M 41 -6.91 70.00 -32.40
C ARG M 41 -6.44 69.26 -33.65
N PRO M 42 -5.69 69.93 -34.52
CA PRO M 42 -5.17 69.25 -35.72
C PRO M 42 -4.16 68.18 -35.36
N TRP M 43 -4.25 67.04 -36.05
CA TRP M 43 -3.43 65.89 -35.70
C TRP M 43 -2.25 65.69 -36.65
N PHE M 44 -1.95 66.67 -37.48
CA PHE M 44 -0.77 66.59 -38.36
C PHE M 44 0.15 67.78 -38.13
N MET N 1 -25.12 45.37 -58.92
CA MET N 1 -24.42 45.72 -57.70
C MET N 1 -25.29 45.38 -56.49
N HIS N 2 -26.60 45.46 -56.68
CA HIS N 2 -27.54 45.07 -55.65
C HIS N 2 -27.68 43.56 -55.51
N ARG N 3 -27.07 42.79 -56.39
CA ARG N 3 -27.21 41.35 -56.40
C ARG N 3 -26.30 40.66 -55.40
N ILE N 4 -25.53 41.42 -54.62
CA ILE N 4 -24.67 40.81 -53.62
C ILE N 4 -25.47 40.43 -52.38
N TRP N 5 -26.65 41.03 -52.20
CA TRP N 5 -27.47 40.76 -51.03
C TRP N 5 -28.44 39.59 -51.20
N GLN N 6 -28.51 38.97 -52.37
CA GLN N 6 -29.40 37.82 -52.54
C GLN N 6 -28.97 36.66 -51.64
N GLY N 7 -29.97 35.90 -51.19
CA GLY N 7 -29.73 34.74 -50.37
C GLY N 7 -29.32 35.04 -48.95
N MET N 8 -29.29 36.31 -48.56
CA MET N 8 -28.82 36.74 -47.26
C MET N 8 -29.96 37.24 -46.40
N ASP N 9 -29.71 37.33 -45.10
CA ASP N 9 -30.67 37.85 -44.14
C ASP N 9 -30.36 39.32 -43.87
N PRO N 10 -31.28 40.24 -44.14
CA PRO N 10 -31.00 41.66 -43.87
C PRO N 10 -30.66 41.94 -42.42
N GLN N 11 -31.30 41.25 -41.48
CA GLN N 11 -31.00 41.42 -40.08
C GLN N 11 -29.57 41.01 -39.75
N ILE N 12 -29.11 39.91 -40.34
CA ILE N 12 -27.74 39.45 -40.09
C ILE N 12 -26.73 40.46 -40.63
N ILE N 13 -26.99 41.00 -41.83
CA ILE N 13 -26.07 41.99 -42.39
C ILE N 13 -26.03 43.25 -41.54
N MET N 14 -27.20 43.72 -41.09
CA MET N 14 -27.22 44.91 -40.25
C MET N 14 -26.52 44.66 -38.92
N SER N 15 -26.70 43.46 -38.36
CA SER N 15 -26.03 43.12 -37.12
C SER N 15 -24.51 43.09 -37.28
N GLY N 16 -24.03 42.52 -38.39
CA GLY N 16 -22.59 42.49 -38.62
C GLY N 16 -22.02 43.87 -38.86
N LEU N 17 -22.76 44.72 -39.59
CA LEU N 17 -22.33 46.10 -39.76
C LEU N 17 -22.27 46.83 -38.43
N GLY N 18 -23.26 46.62 -37.57
CA GLY N 18 -23.23 47.26 -36.26
C GLY N 18 -22.07 46.79 -35.41
N PHE N 19 -21.79 45.48 -35.44
CA PHE N 19 -20.61 44.94 -34.76
C PHE N 19 -19.33 45.61 -35.24
N PHE N 20 -19.13 45.64 -36.56
CA PHE N 20 -17.98 46.32 -37.13
C PHE N 20 -17.88 47.76 -36.66
N LEU N 21 -18.96 48.53 -36.80
CA LEU N 21 -18.91 49.95 -36.49
C LEU N 21 -18.67 50.19 -35.01
N ALA N 22 -19.26 49.38 -34.14
CA ALA N 22 -19.04 49.53 -32.71
C ALA N 22 -17.58 49.28 -32.35
N GLY N 23 -17.02 48.16 -32.82
CA GLY N 23 -15.64 47.86 -32.52
C GLY N 23 -14.68 48.91 -33.07
N LEU N 24 -14.92 49.33 -34.32
CA LEU N 24 -14.06 50.33 -34.93
C LEU N 24 -14.13 51.66 -34.19
N ALA N 25 -15.34 52.07 -33.79
CA ALA N 25 -15.48 53.32 -33.06
C ALA N 25 -14.76 53.26 -31.72
N LEU N 26 -14.87 52.14 -31.00
CA LEU N 26 -14.15 52.01 -29.74
C LEU N 26 -12.64 52.10 -29.94
N ILE N 27 -12.12 51.37 -30.94
CA ILE N 27 -10.69 51.37 -31.20
C ILE N 27 -10.21 52.77 -31.54
N ILE N 28 -10.91 53.45 -32.44
CA ILE N 28 -10.43 54.74 -32.90
C ILE N 28 -10.67 55.83 -31.87
N HIS N 29 -11.67 55.70 -31.00
CA HIS N 29 -11.84 56.67 -29.93
C HIS N 29 -10.71 56.54 -28.91
N MET N 30 -10.30 55.31 -28.59
CA MET N 30 -9.12 55.15 -27.72
C MET N 30 -7.87 55.73 -28.37
N TRP N 31 -7.67 55.43 -29.65
CA TRP N 31 -6.58 56.00 -30.44
C TRP N 31 -6.57 57.52 -30.38
N ALA N 32 -7.74 58.14 -30.58
CA ALA N 32 -7.83 59.59 -30.62
C ALA N 32 -7.62 60.21 -29.24
N TYR N 33 -8.13 59.56 -28.19
CA TYR N 33 -7.85 60.04 -26.83
C TYR N 33 -6.35 60.05 -26.58
N SER N 34 -5.66 59.00 -27.00
CA SER N 34 -4.21 58.96 -26.83
C SER N 34 -3.52 60.08 -27.61
N ILE N 35 -3.96 60.31 -28.86
CA ILE N 35 -3.26 61.27 -29.70
C ILE N 35 -3.49 62.70 -29.20
N THR N 36 -4.75 63.08 -28.98
CA THR N 36 -5.07 64.44 -28.58
C THR N 36 -4.84 64.70 -27.10
N GLY N 37 -4.97 63.69 -26.25
CA GLY N 37 -4.88 63.88 -24.81
C GLY N 37 -6.00 64.75 -24.26
N TRP N 38 -7.21 64.62 -24.80
CA TRP N 38 -8.28 65.55 -24.44
C TRP N 38 -8.77 65.37 -23.01
N PRO N 39 -9.30 64.21 -22.62
CA PRO N 39 -9.79 64.11 -21.24
C PRO N 39 -8.70 64.35 -20.23
N LYS N 40 -7.46 63.98 -20.55
CA LYS N 40 -6.36 64.17 -19.62
C LYS N 40 -6.17 65.64 -19.27
N TYR N 41 -6.03 66.49 -20.28
CA TYR N 41 -5.80 67.91 -20.01
C TYR N 41 -7.02 68.57 -19.39
N LYS N 42 -8.23 68.23 -19.84
CA LYS N 42 -9.39 68.86 -19.21
C LYS N 42 -9.59 68.41 -17.76
N LYS N 43 -9.33 67.13 -17.47
CA LYS N 43 -9.37 66.65 -16.10
C LYS N 43 -8.32 67.35 -15.25
N ALA N 44 -7.14 67.57 -15.80
CA ALA N 44 -6.12 68.31 -15.06
C ALA N 44 -6.60 69.71 -14.75
N GLN N 45 -7.31 70.35 -15.69
CA GLN N 45 -7.85 71.67 -15.42
C GLN N 45 -8.89 71.64 -14.30
N TYR N 46 -9.85 70.72 -14.38
CA TYR N 46 -10.98 70.74 -13.46
C TYR N 46 -10.67 70.12 -12.11
N ASN N 47 -9.55 69.40 -11.97
CA ASN N 47 -9.18 68.77 -10.71
C ASN N 47 -8.00 69.47 -10.05
N ALA N 48 -7.68 70.69 -10.48
CA ALA N 48 -6.57 71.46 -9.94
C ALA N 48 -7.03 72.50 -8.92
N GLN N 49 -8.06 72.15 -8.14
CA GLN N 49 -8.60 73.01 -7.09
C GLN N 49 -9.02 74.37 -7.64
N MET O 1 -37.61 51.10 -45.29
CA MET O 1 -37.38 51.61 -43.95
C MET O 1 -37.92 50.67 -42.87
N HIS O 2 -39.25 50.66 -42.71
CA HIS O 2 -39.90 49.86 -41.68
C HIS O 2 -39.79 48.35 -41.90
N ARG O 3 -39.47 47.91 -43.13
CA ARG O 3 -39.40 46.48 -43.40
C ARG O 3 -38.28 45.80 -42.62
N ILE O 4 -37.32 46.56 -42.09
CA ILE O 4 -36.30 45.97 -41.23
C ILE O 4 -36.91 45.43 -39.95
N TRP O 5 -38.06 45.97 -39.52
CA TRP O 5 -38.71 45.49 -38.31
C TRP O 5 -39.56 44.24 -38.54
N GLN O 6 -39.79 43.87 -39.80
CA GLN O 6 -40.68 42.76 -40.08
C GLN O 6 -40.06 41.45 -39.63
N GLY O 7 -40.81 40.68 -38.84
CA GLY O 7 -40.38 39.38 -38.38
C GLY O 7 -39.75 39.36 -36.99
N MET O 8 -39.58 40.49 -36.34
CA MET O 8 -38.96 40.56 -35.03
C MET O 8 -39.97 40.96 -33.97
N ASP O 9 -39.78 40.41 -32.77
CA ASP O 9 -40.67 40.71 -31.65
C ASP O 9 -40.37 42.12 -31.12
N PRO O 10 -41.37 43.00 -31.04
CA PRO O 10 -41.11 44.35 -30.49
C PRO O 10 -40.64 44.33 -29.05
N GLN O 11 -41.10 43.36 -28.25
CA GLN O 11 -40.71 43.31 -26.85
C GLN O 11 -39.20 43.10 -26.70
N ILE O 12 -38.64 42.13 -27.42
CA ILE O 12 -37.21 41.85 -27.30
C ILE O 12 -36.39 42.99 -27.88
N ILE O 13 -36.87 43.63 -28.95
CA ILE O 13 -36.18 44.80 -29.49
C ILE O 13 -36.10 45.89 -28.43
N MET O 14 -37.23 46.17 -27.77
CA MET O 14 -37.24 47.22 -26.76
C MET O 14 -36.39 46.84 -25.56
N SER O 15 -36.37 45.57 -25.17
CA SER O 15 -35.53 45.16 -24.05
C SER O 15 -34.05 45.31 -24.38
N GLY O 16 -33.65 44.91 -25.59
CA GLY O 16 -32.26 45.07 -25.97
C GLY O 16 -31.85 46.53 -26.06
N LEU O 17 -32.75 47.37 -26.59
CA LEU O 17 -32.48 48.79 -26.63
C LEU O 17 -32.38 49.38 -25.22
N GLY O 18 -33.24 48.92 -24.31
CA GLY O 18 -33.18 49.41 -22.94
C GLY O 18 -31.88 49.03 -22.25
N PHE O 19 -31.43 47.80 -22.47
CA PHE O 19 -30.12 47.39 -21.96
C PHE O 19 -29.01 48.27 -22.53
N PHE O 20 -29.04 48.51 -23.84
CA PHE O 20 -28.04 49.36 -24.46
C PHE O 20 -28.03 50.75 -23.83
N LEU O 21 -29.19 51.38 -23.73
CA LEU O 21 -29.25 52.74 -23.21
C LEU O 21 -28.82 52.79 -21.75
N ALA O 22 -29.24 51.81 -20.94
CA ALA O 22 -28.87 51.81 -19.54
C ALA O 22 -27.36 51.67 -19.35
N GLY O 23 -26.76 50.68 -20.01
CA GLY O 23 -25.32 50.49 -19.88
C GLY O 23 -24.53 51.67 -20.41
N LEU O 24 -24.93 52.20 -21.56
CA LEU O 24 -24.23 53.34 -22.13
C LEU O 24 -24.34 54.56 -21.22
N ALA O 25 -25.53 54.81 -20.68
CA ALA O 25 -25.71 55.95 -19.79
C ALA O 25 -24.86 55.82 -18.54
N LEU O 26 -24.81 54.62 -17.94
CA LEU O 26 -24.00 54.45 -16.74
C LEU O 26 -22.52 54.67 -17.03
N ILE O 27 -22.03 54.10 -18.14
CA ILE O 27 -20.62 54.25 -18.47
C ILE O 27 -20.28 55.71 -18.76
N ILE O 28 -21.12 56.40 -19.52
CA ILE O 28 -20.83 57.79 -19.84
C ILE O 28 -21.02 58.69 -18.62
N HIS O 29 -21.89 58.32 -17.69
CA HIS O 29 -22.02 59.11 -16.47
C HIS O 29 -20.76 59.00 -15.61
N MET O 30 -20.20 57.79 -15.49
CA MET O 30 -18.93 57.67 -14.77
C MET O 30 -17.82 58.44 -15.48
N TRP O 31 -17.78 58.35 -16.82
CA TRP O 31 -16.82 59.11 -17.62
C TRP O 31 -16.93 60.61 -17.37
N ALA O 32 -18.16 61.13 -17.36
CA ALA O 32 -18.38 62.55 -17.12
C ALA O 32 -18.05 62.95 -15.69
N TYR O 33 -18.32 62.08 -14.71
CA TYR O 33 -17.93 62.37 -13.34
C TYR O 33 -16.42 62.52 -13.25
N SER O 34 -15.69 61.63 -13.91
CA SER O 34 -14.23 61.74 -13.90
C SER O 34 -13.76 63.01 -14.60
N ILE O 35 -14.41 63.40 -15.69
CA ILE O 35 -13.94 64.56 -16.45
C ILE O 35 -14.23 65.86 -15.71
N THR O 36 -15.49 66.10 -15.37
CA THR O 36 -15.89 67.38 -14.79
C THR O 36 -15.46 67.57 -13.35
N GLY O 37 -15.09 66.50 -12.65
CA GLY O 37 -14.71 66.63 -11.26
C GLY O 37 -15.87 66.77 -10.31
N TRP O 38 -17.10 66.54 -10.76
CA TRP O 38 -18.33 66.50 -9.97
C TRP O 38 -18.70 65.06 -9.66
N PRO O 39 -19.18 64.74 -8.46
CA PRO O 39 -19.48 65.64 -7.34
C PRO O 39 -18.33 65.81 -6.36
N LYS O 40 -17.10 65.60 -6.80
CA LYS O 40 -15.97 65.61 -5.87
C LYS O 40 -15.80 66.96 -5.21
N TYR O 41 -15.94 68.05 -5.97
CA TYR O 41 -15.76 69.38 -5.39
C TYR O 41 -16.92 69.75 -4.48
N LYS O 42 -18.15 69.41 -4.88
CA LYS O 42 -19.29 69.70 -4.03
C LYS O 42 -19.24 68.90 -2.73
N LYS O 43 -18.89 67.62 -2.83
CA LYS O 43 -18.78 66.79 -1.63
C LYS O 43 -17.64 67.29 -0.74
N ALA O 44 -16.56 67.79 -1.34
CA ALA O 44 -15.50 68.40 -0.55
C ALA O 44 -16.00 69.64 0.18
N GLN O 45 -16.83 70.45 -0.49
CA GLN O 45 -17.40 71.62 0.16
C GLN O 45 -18.29 71.23 1.33
N TYR O 46 -19.11 70.20 1.16
CA TYR O 46 -20.07 69.80 2.19
C TYR O 46 -19.46 68.92 3.27
N ASN O 47 -18.24 68.43 3.08
CA ASN O 47 -17.56 67.62 4.09
C ASN O 47 -16.38 68.37 4.71
N ALA O 48 -16.31 69.68 4.49
CA ALA O 48 -15.31 70.54 5.11
C ALA O 48 -15.87 71.31 6.29
N GLN O 49 -17.01 70.89 6.82
CA GLN O 49 -17.66 71.59 7.93
C GLN O 49 -17.82 70.68 9.14
N MET P 7 -44.20 43.02 -38.07
CA MET P 7 -44.79 41.74 -38.43
C MET P 7 -45.51 41.83 -39.77
N THR P 8 -46.30 42.89 -39.95
CA THR P 8 -46.95 43.16 -41.23
C THR P 8 -46.53 44.55 -41.69
N GLU P 9 -46.88 44.87 -42.94
CA GLU P 9 -46.49 46.16 -43.50
C GLU P 9 -47.12 47.31 -42.71
N ASP P 10 -48.43 47.21 -42.42
CA ASP P 10 -49.10 48.29 -41.69
C ASP P 10 -48.66 48.34 -40.23
N GLU P 11 -48.57 47.18 -39.59
CA GLU P 11 -48.16 47.14 -38.19
C GLU P 11 -46.73 47.66 -38.01
N ALA P 12 -45.83 47.26 -38.91
CA ALA P 12 -44.44 47.71 -38.78
C ALA P 12 -44.29 49.15 -39.24
N ARG P 13 -45.16 49.61 -40.12
CA ARG P 13 -45.20 51.04 -40.45
C ARG P 13 -45.54 51.86 -39.22
N ARG P 14 -46.57 51.45 -38.48
CA ARG P 14 -46.95 52.13 -37.25
C ARG P 14 -45.85 52.05 -36.20
N PHE P 15 -45.29 50.85 -36.03
CA PHE P 15 -44.21 50.67 -35.06
C PHE P 15 -43.01 51.55 -35.39
N HIS P 16 -42.64 51.61 -36.68
CA HIS P 16 -41.52 52.44 -37.10
C HIS P 16 -41.82 53.91 -36.85
N GLY P 17 -43.04 54.35 -37.12
CA GLY P 17 -43.39 55.74 -36.83
C GLY P 17 -43.22 56.07 -35.36
N TYR P 18 -43.75 55.22 -34.47
CA TYR P 18 -43.65 55.55 -33.05
C TYR P 18 -42.22 55.40 -32.53
N PHE P 19 -41.47 54.41 -33.03
CA PHE P 19 -40.05 54.29 -32.67
C PHE P 19 -39.27 55.53 -33.11
N VAL P 20 -39.58 56.06 -34.29
CA VAL P 20 -38.88 57.23 -34.78
C VAL P 20 -39.18 58.44 -33.90
N THR P 21 -40.46 58.66 -33.56
CA THR P 21 -40.75 59.83 -32.73
C THR P 21 -40.17 59.69 -31.33
N GLY P 22 -40.18 58.47 -30.76
CA GLY P 22 -39.53 58.27 -29.47
C GLY P 22 -38.04 58.53 -29.52
N THR P 23 -37.38 58.05 -30.58
CA THR P 23 -35.96 58.32 -30.74
C THR P 23 -35.68 59.81 -30.85
N LEU P 24 -36.44 60.53 -31.67
CA LEU P 24 -36.22 61.96 -31.80
C LEU P 24 -36.44 62.68 -30.47
N GLY P 25 -37.49 62.31 -29.74
CA GLY P 25 -37.70 62.92 -28.43
C GLY P 25 -36.52 62.70 -27.49
N TYR P 26 -36.00 61.47 -27.47
CA TYR P 26 -34.81 61.18 -26.67
C TYR P 26 -33.65 62.07 -27.09
N ILE P 27 -33.46 62.24 -28.40
CA ILE P 27 -32.35 63.04 -28.91
C ILE P 27 -32.47 64.49 -28.47
N ILE P 28 -33.67 65.06 -28.60
CA ILE P 28 -33.83 66.47 -28.22
C ILE P 28 -33.63 66.66 -26.72
N VAL P 29 -34.16 65.74 -25.91
CA VAL P 29 -34.03 65.91 -24.47
C VAL P 29 -32.56 65.78 -24.06
N ALA P 30 -31.83 64.85 -24.70
CA ALA P 30 -30.41 64.71 -24.44
C ALA P 30 -29.62 65.93 -24.89
N ALA P 31 -30.01 66.53 -26.02
CA ALA P 31 -29.34 67.75 -26.49
C ALA P 31 -29.54 68.89 -25.50
N VAL P 32 -30.74 69.01 -24.93
CA VAL P 32 -30.96 70.03 -23.90
C VAL P 32 -30.08 69.76 -22.69
N ALA P 33 -29.97 68.49 -22.27
CA ALA P 33 -29.10 68.16 -21.15
C ALA P 33 -27.65 68.55 -21.44
N HIS P 34 -27.19 68.28 -22.67
CA HIS P 34 -25.82 68.61 -23.03
C HIS P 34 -25.60 70.12 -23.07
N PHE P 35 -26.60 70.88 -23.53
CA PHE P 35 -26.48 72.33 -23.52
C PHE P 35 -26.37 72.87 -22.09
N LEU P 36 -27.19 72.34 -21.18
CA LEU P 36 -27.09 72.75 -19.79
C LEU P 36 -25.73 72.40 -19.20
N ALA P 37 -25.25 71.19 -19.46
CA ALA P 37 -23.95 70.77 -18.94
C ALA P 37 -22.82 71.62 -19.51
N TRP P 38 -22.93 71.99 -20.79
CA TRP P 38 -21.90 72.83 -21.40
C TRP P 38 -21.88 74.21 -20.77
N GLN P 39 -23.06 74.78 -20.50
CA GLN P 39 -23.10 76.06 -19.81
C GLN P 39 -22.53 75.95 -18.40
N TRP P 40 -22.72 74.79 -17.76
CA TRP P 40 -22.24 74.61 -16.39
C TRP P 40 -20.72 74.40 -16.34
N ARG P 41 -20.22 73.40 -17.06
CA ARG P 41 -18.79 73.10 -17.07
C ARG P 41 -18.40 72.62 -18.47
N PRO P 42 -17.91 73.51 -19.33
CA PRO P 42 -17.50 73.09 -20.66
C PRO P 42 -16.34 72.10 -20.59
N TRP P 43 -16.39 71.09 -21.46
CA TRP P 43 -15.43 70.00 -21.40
C TRP P 43 -14.35 70.08 -22.47
N PHE P 44 -14.28 71.18 -23.21
CA PHE P 44 -13.25 71.35 -24.23
C PHE P 44 -12.32 72.50 -23.89
N GLY Q 6 -52.24 36.91 -21.89
CA GLY Q 6 -51.78 38.26 -21.69
C GLY Q 6 -52.88 39.29 -21.89
N MET Q 7 -52.50 40.57 -21.86
CA MET Q 7 -53.48 41.62 -22.05
C MET Q 7 -54.00 41.63 -23.48
N THR Q 8 -55.24 42.08 -23.63
CA THR Q 8 -55.86 42.30 -24.92
C THR Q 8 -55.83 43.79 -25.24
N GLU Q 9 -56.52 44.20 -26.32
CA GLU Q 9 -56.50 45.60 -26.71
C GLU Q 9 -57.03 46.51 -25.62
N ASP Q 10 -58.22 46.22 -25.10
CA ASP Q 10 -58.82 47.09 -24.09
C ASP Q 10 -58.06 47.00 -22.78
N GLU Q 11 -57.66 45.78 -22.39
CA GLU Q 11 -56.84 45.62 -21.18
C GLU Q 11 -55.56 46.42 -21.27
N ALA Q 12 -54.87 46.34 -22.42
CA ALA Q 12 -53.60 47.05 -22.57
C ALA Q 12 -53.81 48.55 -22.65
N ARG Q 13 -54.92 49.00 -23.26
CA ARG Q 13 -55.18 50.44 -23.33
C ARG Q 13 -55.43 51.01 -21.94
N ARG Q 14 -56.28 50.34 -21.15
CA ARG Q 14 -56.57 50.81 -19.81
C ARG Q 14 -55.34 50.72 -18.91
N PHE Q 15 -54.57 49.63 -19.05
CA PHE Q 15 -53.34 49.48 -18.28
C PHE Q 15 -52.34 50.57 -18.64
N HIS Q 16 -52.24 50.91 -19.94
CA HIS Q 16 -51.35 51.98 -20.37
C HIS Q 16 -51.78 53.31 -19.77
N GLY Q 17 -53.08 53.59 -19.77
CA GLY Q 17 -53.56 54.83 -19.16
C GLY Q 17 -53.19 54.93 -17.69
N TYR Q 18 -53.45 53.86 -16.94
CA TYR Q 18 -53.11 53.90 -15.52
C TYR Q 18 -51.61 53.96 -15.28
N PHE Q 19 -50.82 53.26 -16.09
CA PHE Q 19 -49.38 53.34 -15.97
C PHE Q 19 -48.87 54.74 -16.23
N VAL Q 20 -49.44 55.43 -17.24
CA VAL Q 20 -49.01 56.78 -17.57
C VAL Q 20 -49.35 57.74 -16.44
N THR Q 21 -50.56 57.62 -15.88
CA THR Q 21 -50.92 58.55 -14.81
C THR Q 21 -50.13 58.27 -13.54
N GLY Q 22 -49.85 56.99 -13.23
CA GLY Q 22 -49.00 56.70 -12.09
C GLY Q 22 -47.59 57.20 -12.26
N THR Q 23 -47.04 57.05 -13.48
CA THR Q 23 -45.70 57.57 -13.74
C THR Q 23 -45.67 59.09 -13.60
N LEU Q 24 -46.69 59.79 -14.10
CA LEU Q 24 -46.72 61.23 -13.96
C LEU Q 24 -46.79 61.65 -12.50
N GLY Q 25 -47.62 60.98 -11.70
CA GLY Q 25 -47.65 61.27 -10.28
C GLY Q 25 -46.32 61.03 -9.60
N TYR Q 26 -45.65 59.93 -9.94
CA TYR Q 26 -44.33 59.66 -9.38
C TYR Q 26 -43.33 60.75 -9.73
N ILE Q 27 -43.34 61.21 -10.99
CA ILE Q 27 -42.40 62.26 -11.39
C ILE Q 27 -42.69 63.57 -10.65
N ILE Q 28 -43.96 63.93 -10.49
CA ILE Q 28 -44.21 65.21 -9.82
C ILE Q 28 -43.85 65.13 -8.34
N VAL Q 29 -44.10 63.99 -7.70
CA VAL Q 29 -43.74 63.87 -6.28
C VAL Q 29 -42.21 63.90 -6.12
N ALA Q 30 -41.50 63.22 -7.02
CA ALA Q 30 -40.04 63.27 -7.00
C ALA Q 30 -39.52 64.68 -7.29
N ALA Q 31 -40.21 65.43 -8.15
CA ALA Q 31 -39.82 66.80 -8.43
C ALA Q 31 -39.95 67.68 -7.19
N VAL Q 32 -41.05 67.51 -6.44
CA VAL Q 32 -41.21 68.25 -5.19
C VAL Q 32 -40.09 67.88 -4.21
N ALA Q 33 -39.77 66.59 -4.13
CA ALA Q 33 -38.69 66.16 -3.24
C ALA Q 33 -37.36 66.80 -3.64
N HIS Q 34 -37.08 66.84 -4.95
CA HIS Q 34 -35.83 67.43 -5.42
C HIS Q 34 -35.79 68.93 -5.16
N PHE Q 35 -36.93 69.61 -5.29
CA PHE Q 35 -36.97 71.03 -4.99
C PHE Q 35 -36.66 71.29 -3.52
N LEU Q 36 -37.26 70.50 -2.63
CA LEU Q 36 -36.96 70.65 -1.21
C LEU Q 36 -35.49 70.38 -0.91
N ALA Q 37 -34.94 69.33 -1.50
CA ALA Q 37 -33.54 69.01 -1.27
C ALA Q 37 -32.62 70.12 -1.79
N TRP Q 38 -32.96 70.71 -2.94
CA TRP Q 38 -32.16 71.81 -3.47
C TRP Q 38 -32.22 73.01 -2.56
N GLN Q 39 -33.41 73.31 -2.01
CA GLN Q 39 -33.49 74.40 -1.04
C GLN Q 39 -32.63 74.11 0.17
N TRP Q 40 -32.55 72.84 0.58
CA TRP Q 40 -31.79 72.49 1.77
C TRP Q 40 -30.28 72.50 1.52
N ARG Q 41 -29.81 71.71 0.55
CA ARG Q 41 -28.39 71.65 0.22
C ARG Q 41 -28.21 71.51 -1.28
N PRO Q 42 -28.09 72.63 -1.98
CA PRO Q 42 -27.88 72.57 -3.44
C PRO Q 42 -26.57 71.85 -3.77
N TRP Q 43 -26.60 71.07 -4.85
CA TRP Q 43 -25.52 70.14 -5.15
C TRP Q 43 -24.70 70.55 -6.37
N PHE Q 44 -24.83 71.79 -6.84
CA PHE Q 44 -24.04 72.27 -7.95
C PHE Q 44 -23.22 73.49 -7.57
N MET R 1 -49.59 52.87 -28.81
CA MET R 1 -48.45 52.95 -27.91
C MET R 1 -48.57 51.86 -26.85
N HIS R 2 -49.81 51.61 -26.43
CA HIS R 2 -50.16 50.55 -25.49
C HIS R 2 -49.93 49.16 -26.06
N ARG R 3 -49.70 49.05 -27.37
CA ARG R 3 -49.50 47.75 -27.99
C ARG R 3 -48.27 47.04 -27.46
N ILE R 4 -47.32 47.80 -26.87
CA ILE R 4 -46.15 47.18 -26.26
C ILE R 4 -46.57 46.34 -25.06
N TRP R 5 -47.67 46.68 -24.39
CA TRP R 5 -48.11 45.91 -23.24
C TRP R 5 -48.88 44.66 -23.61
N GLN R 6 -49.34 44.56 -24.87
CA GLN R 6 -50.23 43.49 -25.26
C GLN R 6 -49.51 42.14 -25.25
N GLY R 7 -50.17 41.14 -24.69
CA GLY R 7 -49.56 39.83 -24.57
C GLY R 7 -48.58 39.69 -23.43
N MET R 8 -48.65 40.55 -22.43
CA MET R 8 -47.68 40.59 -21.36
C MET R 8 -48.38 40.59 -20.00
N ASP R 9 -47.69 40.07 -19.00
CA ASP R 9 -48.28 39.88 -17.68
C ASP R 9 -48.18 41.16 -16.86
N PRO R 10 -49.31 41.76 -16.43
CA PRO R 10 -49.23 42.98 -15.63
C PRO R 10 -48.50 42.81 -14.31
N GLN R 11 -48.64 41.66 -13.65
CA GLN R 11 -47.90 41.44 -12.42
C GLN R 11 -46.40 41.43 -12.67
N ILE R 12 -45.97 40.83 -13.78
CA ILE R 12 -44.55 40.84 -14.11
C ILE R 12 -44.07 42.27 -14.35
N ILE R 13 -44.89 43.09 -14.99
CA ILE R 13 -44.50 44.48 -15.25
C ILE R 13 -44.38 45.25 -13.93
N MET R 14 -45.36 45.09 -13.04
CA MET R 14 -45.27 45.73 -11.74
C MET R 14 -44.04 45.27 -10.97
N SER R 15 -43.75 43.97 -11.04
CA SER R 15 -42.62 43.42 -10.32
C SER R 15 -41.30 43.98 -10.83
N GLY R 16 -41.11 44.00 -12.15
CA GLY R 16 -39.89 44.55 -12.70
C GLY R 16 -39.74 46.04 -12.46
N LEU R 17 -40.86 46.77 -12.50
CA LEU R 17 -40.81 48.19 -12.19
C LEU R 17 -40.44 48.41 -10.73
N GLY R 18 -40.97 47.60 -9.83
CA GLY R 18 -40.60 47.70 -8.42
C GLY R 18 -39.14 47.40 -8.19
N PHE R 19 -38.61 46.38 -8.87
CA PHE R 19 -37.19 46.08 -8.78
C PHE R 19 -36.34 47.26 -9.24
N PHE R 20 -36.66 47.79 -10.43
CA PHE R 20 -35.94 48.94 -10.94
C PHE R 20 -35.97 50.10 -9.95
N LEU R 21 -37.16 50.47 -9.48
CA LEU R 21 -37.28 51.63 -8.63
C LEU R 21 -36.57 51.41 -7.29
N ALA R 22 -36.70 50.22 -6.70
CA ALA R 22 -36.05 49.97 -5.42
C ALA R 22 -34.54 49.99 -5.54
N GLY R 23 -33.98 49.29 -6.54
CA GLY R 23 -32.54 49.29 -6.69
C GLY R 23 -31.98 50.66 -7.01
N LEU R 24 -32.66 51.39 -7.91
CA LEU R 24 -32.21 52.73 -8.27
C LEU R 24 -32.29 53.67 -7.07
N ALA R 25 -33.38 53.59 -6.30
CA ALA R 25 -33.53 54.46 -5.15
C ALA R 25 -32.47 54.17 -4.09
N LEU R 26 -32.17 52.90 -3.86
CA LEU R 26 -31.13 52.57 -2.89
C LEU R 26 -29.77 53.11 -3.34
N ILE R 27 -29.43 52.91 -4.62
CA ILE R 27 -28.17 53.41 -5.14
C ILE R 27 -28.08 54.94 -5.02
N ILE R 28 -29.15 55.64 -5.42
CA ILE R 28 -29.10 57.09 -5.46
C ILE R 28 -29.18 57.67 -4.05
N HIS R 29 -29.87 57.00 -3.13
CA HIS R 29 -29.86 57.48 -1.75
C HIS R 29 -28.48 57.37 -1.15
N MET R 30 -27.77 56.28 -1.42
CA MET R 30 -26.42 56.16 -0.88
C MET R 30 -25.47 57.17 -1.53
N TRP R 31 -25.63 57.40 -2.84
CA TRP R 31 -24.89 58.42 -3.55
C TRP R 31 -25.15 59.82 -2.98
N ALA R 32 -26.41 60.14 -2.70
CA ALA R 32 -26.77 61.44 -2.15
C ALA R 32 -26.29 61.60 -0.71
N TYR R 33 -26.31 60.52 0.08
CA TYR R 33 -25.72 60.58 1.42
C TYR R 33 -24.24 60.92 1.32
N SER R 34 -23.54 60.30 0.38
CA SER R 34 -22.12 60.60 0.21
C SER R 34 -21.90 62.03 -0.23
N ILE R 35 -22.75 62.57 -1.09
CA ILE R 35 -22.58 63.95 -1.56
C ILE R 35 -22.88 64.95 -0.46
N THR R 36 -24.09 64.90 0.10
CA THR R 36 -24.54 65.95 1.02
C THR R 36 -23.87 65.90 2.37
N GLY R 37 -23.31 64.76 2.76
CA GLY R 37 -22.76 64.62 4.09
C GLY R 37 -23.80 64.38 5.18
N TRP R 38 -25.03 64.06 4.83
CA TRP R 38 -26.12 63.68 5.72
C TRP R 38 -26.27 62.17 5.74
N PRO R 39 -26.51 61.55 6.90
CA PRO R 39 -26.73 62.15 8.22
C PRO R 39 -25.46 62.25 9.04
N LYS R 40 -24.28 62.24 8.42
CA LYS R 40 -23.03 62.31 9.18
C LYS R 40 -23.00 63.52 10.10
N TYR R 41 -23.28 64.71 9.57
CA TYR R 41 -23.11 65.93 10.36
C TYR R 41 -24.15 66.03 11.46
N LYS R 42 -25.41 65.72 11.18
CA LYS R 42 -26.43 65.76 12.22
C LYS R 42 -26.20 64.70 13.29
N LYS R 43 -25.78 63.51 12.87
CA LYS R 43 -25.44 62.46 13.83
C LYS R 43 -24.30 62.89 14.73
N ALA R 44 -23.31 63.59 14.17
CA ALA R 44 -22.22 64.10 14.99
C ALA R 44 -22.68 65.23 15.91
N GLN R 45 -23.63 66.05 15.47
CA GLN R 45 -24.20 67.06 16.35
C GLN R 45 -24.85 66.42 17.56
N TYR R 46 -25.69 65.42 17.32
CA TYR R 46 -26.47 64.84 18.43
C TYR R 46 -25.63 63.92 19.30
N ASN R 47 -24.66 63.21 18.72
CA ASN R 47 -23.86 62.26 19.47
C ASN R 47 -22.66 62.90 20.15
N ALA R 48 -22.40 64.18 19.89
CA ALA R 48 -21.35 64.94 20.56
C ALA R 48 -21.89 66.29 21.02
N GLN R 49 -23.09 66.28 21.59
CA GLN R 49 -23.78 67.50 21.98
C GLN R 49 -23.20 68.06 23.28
N MET S 1 -58.09 50.73 -11.46
CA MET S 1 -56.96 50.54 -10.56
C MET S 1 -57.06 49.21 -9.81
N HIS S 2 -58.28 48.89 -9.37
CA HIS S 2 -58.53 47.68 -8.60
C HIS S 2 -58.18 46.41 -9.36
N ARG S 3 -58.22 46.44 -10.68
CA ARG S 3 -57.99 45.28 -11.52
C ARG S 3 -56.58 44.73 -11.39
N ILE S 4 -55.69 45.41 -10.66
CA ILE S 4 -54.37 44.86 -10.40
C ILE S 4 -54.44 43.74 -9.37
N TRP S 5 -55.54 43.60 -8.65
CA TRP S 5 -55.65 42.56 -7.63
C TRP S 5 -56.29 41.27 -8.14
N GLN S 6 -56.62 41.18 -9.43
CA GLN S 6 -57.37 40.02 -9.91
C GLN S 6 -56.50 38.77 -9.91
N GLY S 7 -57.04 37.69 -9.38
CA GLY S 7 -56.36 36.41 -9.40
C GLY S 7 -55.31 36.22 -8.33
N MET S 8 -55.17 37.17 -7.40
CA MET S 8 -54.16 37.09 -6.35
C MET S 8 -54.83 36.88 -5.00
N ASP S 9 -54.24 36.01 -4.19
CA ASP S 9 -54.79 35.71 -2.87
C ASP S 9 -54.62 36.92 -1.97
N PRO S 10 -55.69 37.47 -1.40
CA PRO S 10 -55.54 38.62 -0.50
C PRO S 10 -54.65 38.34 0.70
N GLN S 11 -54.68 37.10 1.22
CA GLN S 11 -53.82 36.75 2.34
C GLN S 11 -52.35 36.87 1.96
N ILE S 12 -51.99 36.47 0.74
CA ILE S 12 -50.60 36.59 0.31
C ILE S 12 -50.19 38.05 0.19
N ILE S 13 -51.09 38.89 -0.34
CA ILE S 13 -50.81 40.33 -0.40
C ILE S 13 -50.55 40.88 1.00
N MET S 14 -51.42 40.54 1.95
CA MET S 14 -51.28 41.06 3.30
C MET S 14 -50.01 40.56 3.95
N SER S 15 -49.68 39.28 3.76
CA SER S 15 -48.45 38.73 4.34
C SER S 15 -47.21 39.42 3.78
N GLY S 16 -47.18 39.62 2.46
CA GLY S 16 -46.03 40.29 1.86
C GLY S 16 -45.90 41.74 2.31
N LEU S 17 -47.02 42.45 2.39
CA LEU S 17 -46.98 43.83 2.87
C LEU S 17 -46.53 43.88 4.32
N GLY S 18 -46.98 42.94 5.15
CA GLY S 18 -46.55 42.92 6.54
C GLY S 18 -45.08 42.65 6.70
N PHE S 19 -44.55 41.70 5.92
CA PHE S 19 -43.11 41.43 5.96
C PHE S 19 -42.31 42.65 5.51
N PHE S 20 -42.74 43.28 4.40
CA PHE S 20 -42.09 44.51 3.96
C PHE S 20 -42.09 45.58 5.04
N LEU S 21 -43.25 45.85 5.63
CA LEU S 21 -43.36 46.93 6.61
C LEU S 21 -42.55 46.61 7.86
N ALA S 22 -42.53 45.35 8.29
CA ALA S 22 -41.74 44.99 9.47
C ALA S 22 -40.26 45.18 9.22
N GLY S 23 -39.76 44.68 8.09
CA GLY S 23 -38.34 44.86 7.80
C GLY S 23 -37.95 46.31 7.64
N LEU S 24 -38.78 47.09 6.96
CA LEU S 24 -38.50 48.50 6.76
C LEU S 24 -38.53 49.26 8.08
N ALA S 25 -39.50 48.96 8.94
CA ALA S 25 -39.57 49.63 10.23
C ALA S 25 -38.37 49.28 11.10
N LEU S 26 -37.92 48.02 11.07
CA LEU S 26 -36.74 47.65 11.83
C LEU S 26 -35.51 48.42 11.34
N ILE S 27 -35.30 48.46 10.03
CA ILE S 27 -34.13 49.14 9.47
C ILE S 27 -34.17 50.63 9.82
N ILE S 28 -35.34 51.26 9.66
CA ILE S 28 -35.39 52.70 9.87
C ILE S 28 -35.36 53.04 11.34
N HIS S 29 -35.86 52.17 12.21
CA HIS S 29 -35.74 52.43 13.64
C HIS S 29 -34.28 52.36 14.08
N MET S 30 -33.52 51.39 13.57
CA MET S 30 -32.09 51.36 13.88
C MET S 30 -31.37 52.58 13.33
N TRP S 31 -31.70 52.97 12.10
CA TRP S 31 -31.19 54.20 11.49
C TRP S 31 -31.47 55.43 12.35
N ALA S 32 -32.71 55.57 12.82
CA ALA S 32 -33.09 56.74 13.61
C ALA S 32 -32.47 56.72 14.99
N TYR S 33 -32.31 55.54 15.60
CA TYR S 33 -31.58 55.47 16.86
C TYR S 33 -30.16 55.96 16.68
N SER S 34 -29.52 55.56 15.58
CA SER S 34 -28.16 56.03 15.32
C SER S 34 -28.11 57.54 15.12
N ILE S 35 -29.10 58.10 14.40
CA ILE S 35 -29.06 59.52 14.08
C ILE S 35 -29.35 60.36 15.31
N THR S 36 -30.47 60.09 15.99
CA THR S 36 -30.88 60.91 17.12
C THR S 36 -30.07 60.62 18.39
N GLY S 37 -29.61 59.38 18.56
CA GLY S 37 -28.96 59.00 19.80
C GLY S 37 -29.87 59.03 21.00
N TRP S 38 -31.15 58.68 20.82
CA TRP S 38 -32.11 58.83 21.91
C TRP S 38 -31.86 57.86 23.06
N PRO S 39 -31.94 56.55 22.87
CA PRO S 39 -31.79 55.66 24.02
C PRO S 39 -30.44 55.82 24.66
N LYS S 40 -29.41 56.18 23.89
CA LYS S 40 -28.09 56.37 24.46
C LYS S 40 -28.08 57.51 25.48
N TYR S 41 -28.63 58.67 25.12
CA TYR S 41 -28.58 59.79 26.06
C TYR S 41 -29.49 59.56 27.26
N LYS S 42 -30.68 58.98 27.05
CA LYS S 42 -31.54 58.75 28.20
C LYS S 42 -30.96 57.67 29.12
N LYS S 43 -30.39 56.61 28.55
CA LYS S 43 -29.75 55.57 29.32
C LYS S 43 -28.55 56.09 30.08
N ALA S 44 -27.80 57.03 29.48
CA ALA S 44 -26.71 57.66 30.21
C ALA S 44 -27.22 58.49 31.37
N GLN S 45 -28.33 59.21 31.18
CA GLN S 45 -28.91 59.98 32.28
C GLN S 45 -29.32 59.08 33.44
N TYR S 46 -29.97 57.95 33.14
CA TYR S 46 -30.44 57.07 34.21
C TYR S 46 -29.35 56.16 34.76
N ASN S 47 -28.24 55.99 34.06
CA ASN S 47 -27.19 55.10 34.51
C ASN S 47 -26.06 55.81 35.24
N ALA S 48 -26.12 57.13 35.37
CA ALA S 48 -25.13 57.90 36.11
C ALA S 48 -25.54 58.16 37.55
N GLN S 49 -26.73 57.71 37.95
CA GLN S 49 -27.27 58.02 39.26
C GLN S 49 -26.95 56.92 40.27
N GLY T 6 -58.18 33.95 -7.86
CA GLY T 6 -58.21 34.91 -6.78
C GLY T 6 -59.56 35.58 -6.59
N MET T 7 -59.56 36.89 -6.41
CA MET T 7 -60.80 37.61 -6.22
C MET T 7 -61.47 37.87 -7.57
N THR T 8 -62.75 38.26 -7.49
CA THR T 8 -63.50 38.68 -8.66
C THR T 8 -63.42 40.19 -8.79
N GLU T 9 -64.02 40.73 -9.85
CA GLU T 9 -63.96 42.18 -10.08
C GLU T 9 -64.63 42.94 -8.95
N ASP T 10 -65.79 42.46 -8.49
CA ASP T 10 -66.43 43.09 -7.34
C ASP T 10 -65.61 42.90 -6.06
N GLU T 11 -65.12 41.68 -5.84
CA GLU T 11 -64.27 41.42 -4.69
C GLU T 11 -62.99 42.23 -4.76
N ALA T 12 -62.38 42.31 -5.94
CA ALA T 12 -61.18 43.10 -6.11
C ALA T 12 -61.44 44.57 -5.84
N ARG T 13 -62.58 45.12 -6.27
CA ARG T 13 -62.83 46.53 -6.05
C ARG T 13 -63.07 46.81 -4.57
N ARG T 14 -63.84 45.95 -3.89
CA ARG T 14 -64.05 46.15 -2.47
C ARG T 14 -62.74 46.06 -1.70
N PHE T 15 -61.91 45.07 -2.05
CA PHE T 15 -60.60 44.94 -1.43
C PHE T 15 -59.75 46.17 -1.70
N HIS T 16 -59.80 46.70 -2.92
CA HIS T 16 -59.02 47.88 -3.26
C HIS T 16 -59.47 49.08 -2.42
N GLY T 17 -60.78 49.23 -2.22
CA GLY T 17 -61.26 50.32 -1.38
C GLY T 17 -60.75 50.21 0.04
N TYR T 18 -60.84 49.01 0.62
CA TYR T 18 -60.34 48.82 1.98
C TYR T 18 -58.83 49.00 2.07
N PHE T 19 -58.08 48.50 1.09
CA PHE T 19 -56.64 48.66 1.05
C PHE T 19 -56.26 50.13 0.98
N VAL T 20 -56.96 50.91 0.14
CA VAL T 20 -56.65 52.32 0.00
C VAL T 20 -56.93 53.07 1.30
N THR T 21 -58.10 52.86 1.90
CA THR T 21 -58.38 53.59 3.14
C THR T 21 -57.41 53.21 4.25
N GLY T 22 -57.05 51.92 4.35
CA GLY T 22 -56.01 51.53 5.28
C GLY T 22 -54.68 52.20 4.99
N THR T 23 -54.37 52.41 3.71
CA THR T 23 -53.11 53.05 3.35
C THR T 23 -53.07 54.50 3.80
N LEU T 24 -54.13 55.27 3.57
CA LEU T 24 -54.14 56.63 4.10
C LEU T 24 -54.13 56.64 5.63
N GLY T 25 -54.83 55.70 6.25
CA GLY T 25 -54.81 55.62 7.70
C GLY T 25 -53.42 55.40 8.25
N TYR T 26 -52.63 54.55 7.59
CA TYR T 26 -51.24 54.36 7.96
C TYR T 26 -50.40 55.61 7.69
N ILE T 27 -50.62 56.24 6.53
CA ILE T 27 -49.78 57.38 6.13
C ILE T 27 -49.96 58.54 7.09
N ILE T 28 -51.20 58.88 7.44
CA ILE T 28 -51.43 60.04 8.29
C ILE T 28 -50.88 59.81 9.69
N VAL T 29 -51.00 58.58 10.19
CA VAL T 29 -50.50 58.27 11.53
C VAL T 29 -48.97 58.35 11.54
N ALA T 30 -48.33 57.84 10.49
CA ALA T 30 -46.88 58.02 10.36
C ALA T 30 -46.50 59.50 10.23
N ALA T 31 -47.32 60.30 9.56
CA ALA T 31 -47.06 61.73 9.44
C ALA T 31 -47.10 62.41 10.80
N VAL T 32 -48.09 62.07 11.63
CA VAL T 32 -48.15 62.62 12.98
C VAL T 32 -46.92 62.21 13.78
N ALA T 33 -46.51 60.94 13.65
CA ALA T 33 -45.31 60.49 14.35
C ALA T 33 -44.09 61.29 13.93
N HIS T 34 -43.93 61.52 12.62
CA HIS T 34 -42.79 62.29 12.14
C HIS T 34 -42.84 63.74 12.62
N PHE T 35 -44.04 64.31 12.71
CA PHE T 35 -44.15 65.68 13.21
C PHE T 35 -43.72 65.77 14.68
N LEU T 36 -44.17 64.83 15.50
CA LEU T 36 -43.72 64.81 16.90
C LEU T 36 -42.21 64.61 17.00
N ALA T 37 -41.67 63.69 16.19
CA ALA T 37 -40.22 63.48 16.20
C ALA T 37 -39.47 64.73 15.80
N TRP T 38 -39.99 65.45 14.80
CA TRP T 38 -39.34 66.68 14.36
C TRP T 38 -39.34 67.72 15.47
N GLN T 39 -40.46 67.87 16.17
CA GLN T 39 -40.48 68.82 17.28
C GLN T 39 -39.54 68.41 18.40
N TRP T 40 -39.34 67.10 18.62
CA TRP T 40 -38.48 66.67 19.70
C TRP T 40 -36.99 66.80 19.34
N ARG T 41 -36.57 66.11 18.28
CA ARG T 41 -35.17 66.19 17.83
C ARG T 41 -35.15 66.24 16.31
N PRO T 42 -35.18 67.43 15.74
CA PRO T 42 -35.20 67.54 14.27
C PRO T 42 -33.90 67.05 13.65
N TRP T 43 -34.04 66.43 12.48
CA TRP T 43 -32.90 66.00 11.69
C TRP T 43 -32.63 67.03 10.61
N PHE T 44 -31.49 66.87 9.92
CA PHE T 44 -30.87 67.94 9.13
C PHE T 44 -31.28 69.35 9.54
N MET U 1 -64.77 44.81 6.08
CA MET U 1 -63.40 44.70 6.57
C MET U 1 -63.26 43.54 7.55
N HIS U 2 -64.37 42.84 7.79
CA HIS U 2 -64.37 41.64 8.61
C HIS U 2 -64.17 40.38 7.79
N ARG U 3 -64.08 40.50 6.47
CA ARG U 3 -64.02 39.36 5.58
C ARG U 3 -62.61 38.81 5.41
N ILE U 4 -61.60 39.47 5.97
CA ILE U 4 -60.24 38.95 5.93
C ILE U 4 -60.14 37.64 6.71
N TRP U 5 -60.99 37.46 7.71
CA TRP U 5 -60.97 36.26 8.53
C TRP U 5 -61.56 35.05 7.84
N GLN U 6 -62.32 35.25 6.76
CA GLN U 6 -63.01 34.16 6.10
C GLN U 6 -62.00 33.20 5.48
N GLY U 7 -62.09 31.93 5.84
CA GLY U 7 -61.20 30.91 5.34
C GLY U 7 -60.05 30.55 6.23
N MET U 8 -59.99 31.07 7.45
CA MET U 8 -58.88 30.85 8.36
C MET U 8 -59.37 30.29 9.68
N ASP U 9 -58.62 29.35 10.24
CA ASP U 9 -58.95 28.79 11.54
C ASP U 9 -58.68 29.81 12.64
N PRO U 10 -59.67 30.14 13.48
CA PRO U 10 -59.43 31.15 14.53
C PRO U 10 -58.32 30.79 15.49
N GLN U 11 -58.17 29.49 15.80
CA GLN U 11 -57.12 29.06 16.72
C GLN U 11 -55.74 29.36 16.16
N ILE U 12 -55.55 29.21 14.86
CA ILE U 12 -54.27 29.54 14.23
C ILE U 12 -53.98 31.03 14.37
N ILE U 13 -54.99 31.87 14.13
CA ILE U 13 -54.80 33.31 14.29
C ILE U 13 -54.40 33.64 15.71
N MET U 14 -55.09 33.05 16.69
CA MET U 14 -54.79 33.37 18.08
C MET U 14 -53.41 32.85 18.47
N SER U 15 -53.00 31.70 17.97
CA SER U 15 -51.67 31.18 18.26
C SER U 15 -50.58 32.08 17.68
N GLY U 16 -50.75 32.52 16.43
CA GLY U 16 -49.78 33.42 15.84
C GLY U 16 -49.72 34.76 16.54
N LEU U 17 -50.88 35.29 16.93
CA LEU U 17 -50.91 36.54 17.67
C LEU U 17 -50.23 36.40 19.03
N GLY U 18 -50.47 35.27 19.71
CA GLY U 18 -49.83 35.05 20.98
C GLY U 18 -48.32 34.96 20.87
N PHE U 19 -47.83 34.27 19.83
CA PHE U 19 -46.39 34.23 19.60
C PHE U 19 -45.82 35.62 19.36
N PHE U 20 -46.46 36.38 18.46
CA PHE U 20 -46.05 37.76 18.20
C PHE U 20 -45.99 38.57 19.48
N LEU U 21 -47.06 38.56 20.26
CA LEU U 21 -47.13 39.42 21.44
C LEU U 21 -46.15 38.98 22.51
N ALA U 22 -45.94 37.67 22.68
CA ALA U 22 -44.95 37.19 23.64
C ALA U 22 -43.56 37.67 23.28
N GLY U 23 -43.15 37.45 22.03
CA GLY U 23 -41.81 37.87 21.63
C GLY U 23 -41.62 39.37 21.69
N LEU U 24 -42.62 40.12 21.24
CA LEU U 24 -42.52 41.58 21.25
C LEU U 24 -42.46 42.12 22.67
N ALA U 25 -43.28 41.58 23.57
CA ALA U 25 -43.26 42.01 24.95
C ALA U 25 -41.93 41.69 25.62
N LEU U 26 -41.36 40.51 25.33
CA LEU U 26 -40.07 40.18 25.93
C LEU U 26 -38.97 41.13 25.43
N ILE U 27 -38.95 41.39 24.13
CA ILE U 27 -37.93 42.26 23.56
C ILE U 27 -38.07 43.68 24.13
N ILE U 28 -39.30 44.20 24.18
CA ILE U 28 -39.46 45.57 24.66
C ILE U 28 -39.24 45.66 26.16
N HIS U 29 -39.54 44.59 26.91
CA HIS U 29 -39.25 44.63 28.35
C HIS U 29 -37.74 44.68 28.59
N MET U 30 -36.95 43.91 27.83
CA MET U 30 -35.51 44.01 27.96
C MET U 30 -34.99 45.38 27.53
N TRP U 31 -35.54 45.92 26.45
CA TRP U 31 -35.21 47.25 25.98
C TRP U 31 -35.46 48.30 27.06
N ALA U 32 -36.63 48.24 27.71
CA ALA U 32 -36.97 49.17 28.77
C ALA U 32 -36.14 48.96 30.03
N TYR U 33 -35.77 47.71 30.34
CA TYR U 33 -34.87 47.48 31.47
C TYR U 33 -33.54 48.18 31.23
N SER U 34 -33.00 48.06 30.02
CA SER U 34 -31.72 48.73 29.74
C SER U 34 -31.88 50.24 29.75
N ILE U 35 -33.01 50.76 29.28
CA ILE U 35 -33.17 52.20 29.16
C ILE U 35 -33.39 52.84 30.54
N THR U 36 -34.34 52.32 31.32
CA THR U 36 -34.73 52.96 32.57
C THR U 36 -33.74 52.73 33.69
N GLY U 37 -32.87 51.73 33.58
CA GLY U 37 -31.98 51.40 34.68
C GLY U 37 -32.60 50.60 35.79
N TRP U 38 -33.82 50.10 35.63
CA TRP U 38 -34.52 49.22 36.53
C TRP U 38 -34.43 47.78 36.04
N PRO U 39 -34.28 46.79 36.92
CA PRO U 39 -34.22 46.85 38.38
C PRO U 39 -32.83 47.01 38.94
N LYS U 40 -31.87 47.49 38.15
CA LYS U 40 -30.49 47.52 38.59
C LYS U 40 -30.30 48.41 39.82
N TYR U 41 -30.97 49.56 39.86
CA TYR U 41 -30.78 50.48 40.97
C TYR U 41 -31.41 49.94 42.26
N LYS U 42 -32.60 49.36 42.16
CA LYS U 42 -33.24 48.77 43.35
C LYS U 42 -32.48 47.54 43.82
N LYS U 43 -31.99 46.73 42.89
CA LYS U 43 -31.18 45.56 43.27
C LYS U 43 -29.90 46.00 43.96
N ALA U 44 -29.29 47.09 43.49
CA ALA U 44 -28.13 47.65 44.16
C ALA U 44 -28.48 48.14 45.57
N GLN U 45 -29.66 48.76 45.73
CA GLN U 45 -30.09 49.18 47.05
C GLN U 45 -30.20 47.98 47.99
N TYR U 46 -30.78 46.88 47.52
CA TYR U 46 -30.98 45.73 48.40
C TYR U 46 -29.74 44.87 48.57
N ASN U 47 -28.73 45.03 47.72
CA ASN U 47 -27.48 44.29 47.90
C ASN U 47 -26.41 45.08 48.64
N ALA U 48 -26.50 46.40 48.64
CA ALA U 48 -25.48 47.21 49.30
C ALA U 48 -25.53 47.03 50.82
N GLN U 49 -26.73 47.06 51.40
CA GLN U 49 -26.87 46.95 52.84
C GLN U 49 -27.10 45.50 53.27
N GLY V 6 -65.56 27.92 7.46
CA GLY V 6 -66.96 28.29 7.34
C GLY V 6 -67.33 29.50 8.15
N MET V 7 -67.20 30.68 7.54
CA MET V 7 -67.47 31.94 8.22
C MET V 7 -68.68 32.60 7.58
N THR V 8 -69.73 32.80 8.36
CA THR V 8 -70.93 33.48 7.91
C THR V 8 -70.77 34.99 8.13
N GLU V 9 -71.66 35.75 7.51
CA GLU V 9 -71.58 37.20 7.66
C GLU V 9 -72.06 37.63 9.05
N ASP V 10 -73.07 36.95 9.60
CA ASP V 10 -73.51 37.26 10.96
C ASP V 10 -72.42 36.94 11.98
N GLU V 11 -71.79 35.76 11.86
CA GLU V 11 -70.70 35.42 12.76
C GLU V 11 -69.52 36.37 12.56
N ALA V 12 -69.27 36.79 11.31
CA ALA V 12 -68.20 37.74 11.07
C ALA V 12 -68.49 39.06 11.78
N ARG V 13 -69.72 39.56 11.68
CA ARG V 13 -70.07 40.81 12.34
C ARG V 13 -69.90 40.70 13.85
N ARG V 14 -70.46 39.66 14.46
CA ARG V 14 -70.37 39.53 15.92
C ARG V 14 -68.93 39.34 16.38
N PHE V 15 -68.21 38.40 15.74
CA PHE V 15 -66.83 38.12 16.09
C PHE V 15 -65.95 39.35 15.92
N HIS V 16 -66.11 40.08 14.81
CA HIS V 16 -65.31 41.27 14.57
C HIS V 16 -65.65 42.36 15.60
N GLY V 17 -66.94 42.53 15.91
CA GLY V 17 -67.33 43.53 16.89
C GLY V 17 -66.73 43.27 18.25
N TYR V 18 -66.58 42.01 18.63
CA TYR V 18 -65.93 41.71 19.91
C TYR V 18 -64.41 41.63 19.82
N PHE V 19 -63.85 41.20 18.68
CA PHE V 19 -62.41 41.19 18.49
C PHE V 19 -61.83 42.60 18.50
N VAL V 20 -62.52 43.54 17.85
CA VAL V 20 -62.07 44.91 17.83
C VAL V 20 -62.02 45.47 19.24
N THR V 21 -63.08 45.22 20.04
CA THR V 21 -63.07 45.73 21.40
C THR V 21 -62.07 45.00 22.28
N GLY V 22 -61.74 43.74 21.98
CA GLY V 22 -60.67 43.08 22.70
C GLY V 22 -59.31 43.72 22.42
N THR V 23 -59.03 44.01 21.16
CA THR V 23 -57.82 44.75 20.82
C THR V 23 -57.81 46.15 21.44
N LEU V 24 -58.96 46.83 21.47
CA LEU V 24 -59.03 48.13 22.14
C LEU V 24 -58.78 48.01 23.64
N GLY V 25 -59.31 46.96 24.26
CA GLY V 25 -59.03 46.78 25.68
C GLY V 25 -57.55 46.57 25.94
N TYR V 26 -56.91 45.73 25.14
CA TYR V 26 -55.45 45.60 25.23
C TYR V 26 -54.75 46.93 25.01
N ILE V 27 -55.23 47.73 24.05
CA ILE V 27 -54.62 49.00 23.72
C ILE V 27 -54.69 49.95 24.90
N ILE V 28 -55.88 50.10 25.50
CA ILE V 28 -56.04 51.05 26.60
C ILE V 28 -55.29 50.57 27.83
N VAL V 29 -55.22 49.25 28.04
CA VAL V 29 -54.49 48.74 29.19
C VAL V 29 -52.99 49.04 29.03
N ALA V 30 -52.47 48.83 27.83
CA ALA V 30 -51.09 49.22 27.55
C ALA V 30 -50.87 50.71 27.69
N ALA V 31 -51.85 51.53 27.27
CA ALA V 31 -51.74 52.97 27.40
C ALA V 31 -51.68 53.39 28.87
N VAL V 32 -52.49 52.77 29.72
CA VAL V 32 -52.45 53.08 31.15
C VAL V 32 -51.10 52.68 31.73
N ALA V 33 -50.57 51.51 31.34
CA ALA V 33 -49.25 51.11 31.81
C ALA V 33 -48.19 52.11 31.38
N HIS V 34 -48.24 52.57 30.14
CA HIS V 34 -47.28 53.55 29.65
C HIS V 34 -47.42 54.88 30.40
N PHE V 35 -48.66 55.28 30.71
CA PHE V 35 -48.88 56.51 31.44
C PHE V 35 -48.28 56.44 32.83
N LEU V 36 -48.43 55.30 33.50
CA LEU V 36 -47.81 55.13 34.82
C LEU V 36 -46.29 55.13 34.72
N ALA V 37 -45.75 54.43 33.71
CA ALA V 37 -44.30 54.40 33.53
C ALA V 37 -43.73 55.78 33.24
N TRP V 38 -44.48 56.64 32.55
CA TRP V 38 -43.97 57.96 32.23
C TRP V 38 -43.79 58.80 33.49
N GLN V 39 -44.77 58.77 34.40
CA GLN V 39 -44.60 59.50 35.64
C GLN V 39 -43.59 58.84 36.57
N TRP V 40 -43.34 57.54 36.41
CA TRP V 40 -42.27 56.94 37.19
C TRP V 40 -40.90 57.34 36.65
N ARG V 41 -40.62 57.03 35.39
CA ARG V 41 -39.32 57.34 34.78
C ARG V 41 -39.54 57.74 33.34
N PRO V 42 -39.63 59.04 33.06
CA PRO V 42 -39.77 59.49 31.67
C PRO V 42 -38.56 59.10 30.83
N TRP V 43 -38.82 58.76 29.57
CA TRP V 43 -37.76 58.26 28.69
C TRP V 43 -37.38 59.23 27.59
N PHE V 44 -37.80 60.49 27.68
CA PHE V 44 -37.36 61.49 26.71
C PHE V 44 -36.70 62.69 27.39
N MET W 1 -67.50 33.76 22.66
CA MET W 1 -66.18 33.84 23.27
C MET W 1 -65.70 32.46 23.71
N HIS W 2 -66.61 31.68 24.27
CA HIS W 2 -66.30 30.29 24.60
C HIS W 2 -66.00 29.45 23.38
N ARG W 3 -66.43 29.90 22.20
CA ARG W 3 -66.29 29.14 20.97
C ARG W 3 -64.84 28.89 20.59
N ILE W 4 -63.90 29.62 21.19
CA ILE W 4 -62.49 29.38 20.92
C ILE W 4 -62.07 28.01 21.44
N TRP W 5 -62.74 27.50 22.47
CA TRP W 5 -62.39 26.18 22.98
C TRP W 5 -63.02 25.05 22.18
N GLN W 6 -63.78 25.37 21.14
CA GLN W 6 -64.53 24.36 20.41
C GLN W 6 -63.60 23.52 19.55
N GLY W 7 -63.74 22.20 19.65
CA GLY W 7 -62.92 21.30 18.88
C GLY W 7 -61.53 21.04 19.42
N MET W 8 -61.25 21.46 20.65
CA MET W 8 -59.94 21.29 21.26
C MET W 8 -60.06 20.42 22.50
N ASP W 9 -59.01 19.64 22.76
CA ASP W 9 -59.00 18.75 23.92
C ASP W 9 -58.75 19.56 25.19
N PRO W 10 -59.61 19.45 26.19
CA PRO W 10 -59.39 20.23 27.43
C PRO W 10 -58.10 19.86 28.16
N GLN W 11 -57.68 18.60 28.10
CA GLN W 11 -56.45 18.20 28.77
C GLN W 11 -55.23 18.84 28.13
N ILE W 12 -55.22 19.00 26.80
CA ILE W 12 -54.12 19.71 26.16
C ILE W 12 -54.10 21.17 26.61
N ILE W 13 -55.27 21.79 26.76
CA ILE W 13 -55.33 23.16 27.26
C ILE W 13 -54.74 23.23 28.66
N MET W 14 -55.12 22.29 29.52
CA MET W 14 -54.59 22.29 30.89
C MET W 14 -53.09 22.08 30.91
N SER W 15 -52.57 21.18 30.07
CA SER W 15 -51.14 20.93 30.05
C SER W 15 -50.37 22.13 29.52
N GLY W 16 -50.89 22.79 28.47
CA GLY W 16 -50.22 23.97 27.98
C GLY W 16 -50.24 25.12 28.98
N LEU W 17 -51.37 25.29 29.67
CA LEU W 17 -51.44 26.32 30.70
C LEU W 17 -50.51 26.02 31.85
N GLY W 18 -50.42 24.76 32.27
CA GLY W 18 -49.50 24.40 33.34
C GLY W 18 -48.05 24.61 32.95
N PHE W 19 -47.70 24.29 31.70
CA PHE W 19 -46.35 24.55 31.23
C PHE W 19 -46.04 26.04 31.25
N PHE W 20 -46.94 26.86 30.69
CA PHE W 20 -46.75 28.30 30.72
C PHE W 20 -46.57 28.82 32.14
N LEU W 21 -47.45 28.42 33.05
CA LEU W 21 -47.42 28.95 34.40
C LEU W 21 -46.17 28.49 35.15
N ALA W 22 -45.77 27.23 34.97
CA ALA W 22 -44.56 26.74 35.63
C ALA W 22 -43.31 27.46 35.13
N GLY W 23 -43.17 27.60 33.81
CA GLY W 23 -42.00 28.28 33.28
C GLY W 23 -41.95 29.73 33.69
N LEU W 24 -43.08 30.43 33.60
CA LEU W 24 -43.13 31.83 33.99
C LEU W 24 -42.84 31.99 35.48
N ALA W 25 -43.40 31.12 36.32
CA ALA W 25 -43.16 31.21 37.75
C ALA W 25 -41.70 30.99 38.09
N LEU W 26 -41.05 30.03 37.42
CA LEU W 26 -39.65 29.79 37.69
C LEU W 26 -38.80 30.98 37.27
N ILE W 27 -39.06 31.52 36.08
CA ILE W 27 -38.30 32.67 35.60
C ILE W 27 -38.48 33.87 36.53
N ILE W 28 -39.72 34.16 36.91
CA ILE W 28 -39.97 35.35 37.71
C ILE W 28 -39.52 35.16 39.15
N HIS W 29 -39.51 33.91 39.65
CA HIS W 29 -38.95 33.69 40.97
C HIS W 29 -37.44 33.91 40.98
N MET W 30 -36.75 33.48 39.93
CA MET W 30 -35.31 33.77 39.86
C MET W 30 -35.06 35.27 39.72
N TRP W 31 -35.86 35.94 38.90
CA TRP W 31 -35.81 37.39 38.77
C TRP W 31 -36.01 38.08 40.12
N ALA W 32 -37.00 37.64 40.90
CA ALA W 32 -37.29 38.27 42.18
C ALA W 32 -36.22 37.96 43.21
N TYR W 33 -35.66 36.76 43.18
CA TYR W 33 -34.55 36.44 44.07
C TYR W 33 -33.36 37.35 43.79
N SER W 34 -33.06 37.58 42.51
CA SER W 34 -31.97 38.48 42.16
C SER W 34 -32.27 39.90 42.58
N ILE W 35 -33.52 40.34 42.46
CA ILE W 35 -33.86 41.72 42.80
C ILE W 35 -33.82 41.95 44.31
N THR W 36 -34.56 41.14 45.06
CA THR W 36 -34.65 41.32 46.51
C THR W 36 -33.41 40.84 47.24
N GLY W 37 -32.70 39.86 46.68
CA GLY W 37 -31.58 39.24 47.37
C GLY W 37 -31.98 38.52 48.64
N TRP W 38 -33.14 37.87 48.64
CA TRP W 38 -33.70 37.37 49.90
C TRP W 38 -32.94 36.15 50.44
N PRO W 39 -32.85 35.03 49.70
CA PRO W 39 -32.15 33.89 50.29
C PRO W 39 -30.72 34.21 50.63
N LYS W 40 -30.06 35.08 49.85
CA LYS W 40 -28.68 35.43 50.14
C LYS W 40 -28.54 36.03 51.54
N TYR W 41 -29.35 37.05 51.86
CA TYR W 41 -29.22 37.70 53.15
C TYR W 41 -29.68 36.82 54.30
N LYS W 42 -30.75 36.03 54.10
CA LYS W 42 -31.13 35.14 55.21
C LYS W 42 -30.11 34.04 55.45
N LYS W 43 -29.55 33.45 54.39
CA LYS W 43 -28.48 32.48 54.54
C LYS W 43 -27.25 33.10 55.18
N ALA W 44 -26.98 34.37 54.86
CA ALA W 44 -25.86 35.05 55.49
C ALA W 44 -26.09 35.20 57.00
N GLN W 45 -27.32 35.54 57.39
CA GLN W 45 -27.62 35.64 58.81
C GLN W 45 -27.47 34.30 59.52
N TYR W 46 -27.96 33.23 58.91
CA TYR W 46 -27.95 31.94 59.59
C TYR W 46 -26.65 31.16 59.42
N ASN W 47 -25.74 31.61 58.56
CA ASN W 47 -24.46 30.95 58.36
C ASN W 47 -23.31 31.69 59.02
N ALA W 48 -23.59 32.82 59.67
CA ALA W 48 -22.59 33.55 60.43
C ALA W 48 -22.58 33.14 61.90
N GLN W 49 -23.37 32.14 62.25
CA GLN W 49 -23.47 31.66 63.63
C GLN W 49 -22.70 30.36 63.82
N MET X 7 -65.04 20.40 23.77
CA MET X 7 -65.22 19.91 22.41
C MET X 7 -66.39 20.61 21.71
N THR X 8 -67.61 20.19 22.03
CA THR X 8 -68.78 20.82 21.46
C THR X 8 -69.08 22.15 22.15
N GLU X 9 -70.05 22.87 21.60
CA GLU X 9 -70.33 24.23 22.05
C GLU X 9 -70.83 24.27 23.49
N ASP X 10 -71.63 23.29 23.90
CA ASP X 10 -72.14 23.29 25.27
C ASP X 10 -71.02 23.08 26.29
N GLU X 11 -70.19 22.06 26.07
CA GLU X 11 -69.07 21.85 26.97
C GLU X 11 -68.01 22.93 26.81
N ALA X 12 -67.91 23.57 25.65
CA ALA X 12 -67.02 24.72 25.52
C ALA X 12 -67.52 25.87 26.38
N ARG X 13 -68.84 26.09 26.45
CA ARG X 13 -69.39 27.14 27.31
C ARG X 13 -69.11 26.84 28.78
N ARG X 14 -69.38 25.61 29.20
CA ARG X 14 -69.16 25.24 30.60
C ARG X 14 -67.68 25.28 30.98
N PHE X 15 -66.80 24.79 30.10
CA PHE X 15 -65.38 24.85 30.34
C PHE X 15 -64.89 26.29 30.34
N HIS X 16 -65.46 27.15 29.50
CA HIS X 16 -65.07 28.56 29.51
C HIS X 16 -65.43 29.22 30.82
N GLY X 17 -66.63 28.92 31.35
CA GLY X 17 -66.99 29.47 32.65
C GLY X 17 -66.04 29.04 33.74
N TYR X 18 -65.72 27.75 33.78
CA TYR X 18 -64.78 27.26 34.79
C TYR X 18 -63.39 27.86 34.60
N PHE X 19 -62.93 28.00 33.36
CA PHE X 19 -61.65 28.63 33.09
C PHE X 19 -61.63 30.06 33.59
N VAL X 20 -62.73 30.79 33.39
CA VAL X 20 -62.77 32.19 33.80
C VAL X 20 -62.73 32.31 35.32
N THR X 21 -63.50 31.49 36.02
CA THR X 21 -63.47 31.60 37.49
C THR X 21 -62.11 31.16 38.04
N GLY X 22 -61.50 30.13 37.46
CA GLY X 22 -60.17 29.74 37.89
C GLY X 22 -59.13 30.82 37.66
N THR X 23 -59.20 31.47 36.49
CA THR X 23 -58.31 32.58 36.20
C THR X 23 -58.50 33.72 37.20
N LEU X 24 -59.75 34.03 37.52
CA LEU X 24 -60.03 35.12 38.46
C LEU X 24 -59.46 34.81 39.84
N GLY X 25 -59.69 33.59 40.33
CA GLY X 25 -59.11 33.21 41.61
C GLY X 25 -57.60 33.26 41.62
N TYR X 26 -56.98 32.79 40.54
CA TYR X 26 -55.52 32.86 40.42
C TYR X 26 -55.03 34.30 40.46
N ILE X 27 -55.70 35.20 39.76
CA ILE X 27 -55.29 36.61 39.74
C ILE X 27 -55.41 37.21 41.14
N ILE X 28 -56.52 36.97 41.82
CA ILE X 28 -56.67 37.60 43.14
C ILE X 28 -55.67 37.04 44.13
N VAL X 29 -55.38 35.74 44.05
CA VAL X 29 -54.39 35.14 44.96
C VAL X 29 -53.00 35.70 44.67
N ALA X 30 -52.64 35.85 43.39
CA ALA X 30 -51.38 36.48 43.04
C ALA X 30 -51.32 37.93 43.49
N ALA X 31 -52.46 38.63 43.45
CA ALA X 31 -52.50 40.01 43.91
C ALA X 31 -52.21 40.11 45.40
N VAL X 32 -52.78 39.21 46.19
CA VAL X 32 -52.47 39.19 47.62
C VAL X 32 -50.99 38.90 47.84
N ALA X 33 -50.43 37.95 47.09
CA ALA X 33 -49.02 37.66 47.23
C ALA X 33 -48.17 38.89 46.91
N HIS X 34 -48.52 39.62 45.85
CA HIS X 34 -47.77 40.82 45.49
C HIS X 34 -47.92 41.91 46.54
N PHE X 35 -49.10 42.04 47.15
CA PHE X 35 -49.26 43.00 48.24
C PHE X 35 -48.33 42.66 49.41
N LEU X 36 -48.29 41.39 49.81
CA LEU X 36 -47.41 40.99 50.91
C LEU X 36 -45.96 41.27 50.58
N ALA X 37 -45.53 40.90 49.37
CA ALA X 37 -44.15 41.15 48.96
C ALA X 37 -43.84 42.64 48.92
N TRP X 38 -44.80 43.46 48.50
CA TRP X 38 -44.55 44.90 48.46
C TRP X 38 -44.39 45.48 49.85
N GLN X 39 -45.22 45.03 50.81
CA GLN X 39 -45.01 45.48 52.18
C GLN X 39 -43.68 44.97 52.74
N TRP X 40 -43.16 43.87 52.22
CA TRP X 40 -41.87 43.36 52.71
C TRP X 40 -40.70 44.05 52.02
N ARG X 41 -40.61 43.92 50.69
CA ARG X 41 -39.54 44.54 49.90
C ARG X 41 -40.16 45.29 48.74
N PRO X 42 -40.44 46.58 48.90
CA PRO X 42 -40.89 47.37 47.75
C PRO X 42 -39.81 47.45 46.69
N TRP X 43 -40.19 47.20 45.44
CA TRP X 43 -39.22 47.08 44.36
C TRP X 43 -39.17 48.31 43.46
N PHE X 44 -39.81 49.40 43.84
CA PHE X 44 -39.72 50.64 43.08
C PHE X 44 -39.11 51.75 43.92
N MET Y 1 -66.40 20.74 36.96
CA MET Y 1 -65.15 20.66 37.71
C MET Y 1 -64.60 19.24 37.70
N HIS Y 2 -65.46 18.28 38.04
CA HIS Y 2 -65.04 16.87 38.09
C HIS Y 2 -64.85 16.26 36.71
N ARG Y 3 -65.45 16.84 35.67
CA ARG Y 3 -65.36 16.27 34.34
C ARG Y 3 -63.95 16.33 33.78
N ILE Y 4 -63.04 17.08 34.42
CA ILE Y 4 -61.65 17.05 34.03
C ILE Y 4 -61.07 15.65 34.19
N TRP Y 5 -61.64 14.83 35.09
CA TRP Y 5 -61.12 13.49 35.30
C TRP Y 5 -61.75 12.45 34.39
N GLN Y 6 -62.71 12.85 33.54
CA GLN Y 6 -63.35 11.89 32.65
C GLN Y 6 -62.37 11.44 31.57
N GLY Y 7 -62.31 10.13 31.34
CA GLY Y 7 -61.49 9.57 30.29
C GLY Y 7 -60.07 9.25 30.68
N MET Y 8 -59.62 9.63 31.87
CA MET Y 8 -58.29 9.31 32.33
C MET Y 8 -58.34 8.12 33.29
N ASP Y 9 -57.19 7.78 33.85
CA ASP Y 9 -57.09 6.65 34.76
C ASP Y 9 -56.59 7.17 36.10
N PRO Y 10 -57.22 6.75 37.21
CA PRO Y 10 -56.75 7.22 38.53
C PRO Y 10 -55.29 6.90 38.80
N GLN Y 11 -54.80 5.75 38.33
CA GLN Y 11 -53.44 5.34 38.67
C GLN Y 11 -52.40 6.27 38.06
N ILE Y 12 -52.58 6.67 36.80
CA ILE Y 12 -51.60 7.56 36.18
C ILE Y 12 -51.65 8.94 36.81
N ILE Y 13 -52.84 9.42 37.16
CA ILE Y 13 -52.96 10.71 37.82
C ILE Y 13 -52.24 10.68 39.16
N MET Y 14 -52.46 9.62 39.95
CA MET Y 14 -51.82 9.55 41.26
C MET Y 14 -50.32 9.36 41.13
N SER Y 15 -49.87 8.61 40.11
CA SER Y 15 -48.44 8.44 39.92
C SER Y 15 -47.76 9.74 39.51
N GLY Y 16 -48.40 10.51 38.63
CA GLY Y 16 -47.84 11.81 38.25
C GLY Y 16 -47.83 12.79 39.40
N LEU Y 17 -48.90 12.79 40.21
CA LEU Y 17 -48.91 13.64 41.40
C LEU Y 17 -47.83 13.23 42.39
N GLY Y 18 -47.62 11.92 42.57
CA GLY Y 18 -46.59 11.46 43.47
C GLY Y 18 -45.19 11.85 43.00
N PHE Y 19 -44.94 11.71 41.69
CA PHE Y 19 -43.66 12.14 41.14
C PHE Y 19 -43.44 13.63 41.35
N PHE Y 20 -44.46 14.44 41.03
CA PHE Y 20 -44.39 15.88 41.27
C PHE Y 20 -44.07 16.19 42.72
N LEU Y 21 -44.83 15.61 43.65
CA LEU Y 21 -44.67 15.94 45.05
C LEU Y 21 -43.33 15.48 45.59
N ALA Y 22 -42.87 14.29 45.19
CA ALA Y 22 -41.57 13.81 45.64
C ALA Y 22 -40.45 14.71 45.15
N GLY Y 23 -40.45 15.05 43.86
CA GLY Y 23 -39.41 15.92 43.34
C GLY Y 23 -39.43 17.30 43.97
N LEU Y 24 -40.63 17.89 44.10
CA LEU Y 24 -40.74 19.22 44.68
C LEU Y 24 -40.30 19.23 46.14
N ALA Y 25 -40.74 18.24 46.91
CA ALA Y 25 -40.37 18.16 48.31
C ALA Y 25 -38.88 17.98 48.48
N LEU Y 26 -38.25 17.18 47.61
CA LEU Y 26 -36.81 16.99 47.69
C LEU Y 26 -36.06 18.29 47.41
N ILE Y 27 -36.47 19.01 46.34
CA ILE Y 27 -35.84 20.27 46.00
C ILE Y 27 -36.00 21.28 47.13
N ILE Y 28 -37.21 21.39 47.68
CA ILE Y 28 -37.45 22.41 48.69
C ILE Y 28 -36.80 22.03 50.02
N HIS Y 29 -36.63 20.74 50.31
CA HIS Y 29 -35.89 20.37 51.50
C HIS Y 29 -34.42 20.76 51.36
N MET Y 30 -33.83 20.58 50.17
CA MET Y 30 -32.49 21.12 49.93
C MET Y 30 -32.45 22.63 50.18
N TRP Y 31 -33.37 23.35 49.54
CA TRP Y 31 -33.47 24.79 49.66
C TRP Y 31 -33.55 25.23 51.12
N ALA Y 32 -34.40 24.57 51.91
CA ALA Y 32 -34.58 24.91 53.31
C ALA Y 32 -33.38 24.55 54.16
N TYR Y 33 -32.72 23.42 53.86
CA TYR Y 33 -31.49 23.09 54.58
C TYR Y 33 -30.44 24.17 54.39
N SER Y 34 -30.31 24.67 53.16
CA SER Y 34 -29.33 25.72 52.90
C SER Y 34 -29.73 27.04 53.56
N ILE Y 35 -31.04 27.35 53.58
CA ILE Y 35 -31.48 28.62 54.12
C ILE Y 35 -31.34 28.65 55.65
N THR Y 36 -31.89 27.64 56.33
CA THR Y 36 -31.91 27.64 57.78
C THR Y 36 -30.57 27.27 58.40
N GLY Y 37 -29.71 26.61 57.65
CA GLY Y 37 -28.55 25.97 58.25
C GLY Y 37 -28.93 24.88 59.23
N TRP Y 38 -30.03 24.15 58.95
CA TRP Y 38 -30.59 23.15 59.85
C TRP Y 38 -29.57 22.12 60.30
N PRO Y 39 -29.14 21.18 59.47
CA PRO Y 39 -28.39 20.06 60.04
C PRO Y 39 -26.97 20.47 60.40
N LYS Y 40 -26.48 21.53 59.73
CA LYS Y 40 -25.09 21.92 59.91
C LYS Y 40 -24.80 22.39 61.32
N TYR Y 41 -25.67 23.22 61.90
CA TYR Y 41 -25.40 23.78 63.21
C TYR Y 41 -25.52 22.73 64.31
N LYS Y 42 -26.44 21.78 64.17
CA LYS Y 42 -26.53 20.71 65.17
C LYS Y 42 -25.40 19.71 65.02
N LYS Y 43 -25.06 19.35 63.78
CA LYS Y 43 -23.91 18.49 63.52
C LYS Y 43 -22.63 19.10 64.05
N ALA Y 44 -22.51 20.43 64.02
CA ALA Y 44 -21.34 21.08 64.59
C ALA Y 44 -21.26 20.85 66.09
N GLN Y 45 -22.38 20.93 66.80
CA GLN Y 45 -22.36 20.74 68.25
C GLN Y 45 -22.05 19.29 68.60
N TYR Y 46 -22.71 18.35 67.95
CA TYR Y 46 -22.49 16.95 68.33
C TYR Y 46 -21.12 16.46 67.89
N ASN Y 47 -20.71 16.80 66.68
CA ASN Y 47 -19.41 16.39 66.16
C ASN Y 47 -18.34 17.44 66.46
N ALA Y 48 -18.18 17.71 67.75
CA ALA Y 48 -17.21 18.68 68.21
C ALA Y 48 -16.13 18.02 69.05
N GLY Z 5 -62.90 3.78 28.45
CA GLY Z 5 -63.18 5.13 28.92
C GLY Z 5 -62.32 5.54 30.09
N GLY Z 6 -62.81 5.30 31.30
CA GLY Z 6 -62.08 5.65 32.50
C GLY Z 6 -62.68 6.84 33.23
N MET Z 7 -63.16 6.59 34.45
CA MET Z 7 -63.74 7.62 35.30
C MET Z 7 -64.91 8.32 34.61
N THR Z 8 -66.00 7.56 34.46
CA THR Z 8 -67.24 8.12 33.95
C THR Z 8 -67.83 9.09 34.97
N GLU Z 9 -68.99 9.65 34.63
CA GLU Z 9 -69.55 10.77 35.39
C GLU Z 9 -69.62 10.48 36.89
N ASP Z 10 -70.17 9.33 37.27
CA ASP Z 10 -70.29 9.00 38.68
C ASP Z 10 -68.93 8.70 39.30
N GLU Z 11 -68.10 7.92 38.60
CA GLU Z 11 -66.76 7.65 39.09
C GLU Z 11 -65.93 8.91 39.16
N ALA Z 12 -66.04 9.79 38.15
CA ALA Z 12 -65.27 11.02 38.17
C ALA Z 12 -65.72 11.93 39.29
N ARG Z 13 -67.02 11.96 39.57
CA ARG Z 13 -67.53 12.79 40.65
C ARG Z 13 -67.04 12.28 42.00
N ARG Z 14 -67.08 10.97 42.21
CA ARG Z 14 -66.62 10.41 43.49
C ARG Z 14 -65.11 10.53 43.65
N PHE Z 15 -64.36 10.31 42.56
CA PHE Z 15 -62.91 10.50 42.62
C PHE Z 15 -62.57 11.94 42.92
N HIS Z 16 -63.26 12.89 42.29
CA HIS Z 16 -63.03 14.29 42.60
C HIS Z 16 -63.37 14.59 44.05
N GLY Z 17 -64.46 14.02 44.55
CA GLY Z 17 -64.82 14.24 45.94
C GLY Z 17 -63.73 13.81 46.90
N TYR Z 18 -63.17 12.62 46.69
CA TYR Z 18 -62.05 12.18 47.52
C TYR Z 18 -60.81 13.03 47.31
N PHE Z 19 -60.56 13.46 46.06
CA PHE Z 19 -59.36 14.22 45.73
C PHE Z 19 -59.34 15.56 46.46
N VAL Z 20 -60.48 16.25 46.53
CA VAL Z 20 -60.51 17.55 47.19
C VAL Z 20 -60.16 17.41 48.68
N THR Z 21 -60.73 16.41 49.36
CA THR Z 21 -60.42 16.24 50.76
C THR Z 21 -58.97 15.81 50.98
N GLY Z 22 -58.43 14.97 50.10
CA GLY Z 22 -57.02 14.62 50.22
C GLY Z 22 -56.11 15.82 50.05
N THR Z 23 -56.39 16.63 49.03
CA THR Z 23 -55.63 17.87 48.82
C THR Z 23 -55.75 18.80 50.02
N LEU Z 24 -56.97 18.96 50.55
CA LEU Z 24 -57.17 19.84 51.69
C LEU Z 24 -56.38 19.36 52.91
N GLY Z 25 -56.40 18.05 53.17
CA GLY Z 25 -55.63 17.51 54.27
C GLY Z 25 -54.14 17.75 54.09
N TYR Z 26 -53.64 17.56 52.87
CA TYR Z 26 -52.23 17.82 52.62
C TYR Z 26 -51.88 19.28 52.87
N ILE Z 27 -52.72 20.20 52.40
CA ILE Z 27 -52.43 21.63 52.59
C ILE Z 27 -52.49 22.00 54.07
N ILE Z 28 -53.46 21.46 54.81
CA ILE Z 28 -53.53 21.78 56.24
C ILE Z 28 -52.30 21.26 56.97
N VAL Z 29 -51.88 20.04 56.66
CA VAL Z 29 -50.76 19.47 57.39
C VAL Z 29 -49.48 20.22 57.05
N ALA Z 30 -49.31 20.61 55.78
CA ALA Z 30 -48.18 21.46 55.40
C ALA Z 30 -48.23 22.84 56.05
N ALA Z 31 -49.44 23.39 56.24
CA ALA Z 31 -49.56 24.67 56.92
C ALA Z 31 -49.10 24.58 58.36
N VAL Z 32 -49.49 23.52 59.06
CA VAL Z 32 -49.00 23.32 60.42
C VAL Z 32 -47.48 23.17 60.43
N ALA Z 33 -46.94 22.41 59.47
CA ALA Z 33 -45.49 22.27 59.38
C ALA Z 33 -44.80 23.62 59.20
N HIS Z 34 -45.35 24.47 58.32
CA HIS Z 34 -44.74 25.78 58.08
C HIS Z 34 -44.86 26.67 59.31
N PHE Z 35 -45.97 26.60 60.03
CA PHE Z 35 -46.10 27.39 61.25
C PHE Z 35 -45.06 26.99 62.29
N LEU Z 36 -44.89 25.68 62.50
CA LEU Z 36 -43.87 25.21 63.44
C LEU Z 36 -42.48 25.64 63.00
N ALA Z 37 -42.18 25.52 61.70
CA ALA Z 37 -40.87 25.92 61.20
C ALA Z 37 -40.66 27.42 61.38
N TRP Z 38 -41.69 28.23 61.18
CA TRP Z 38 -41.57 29.67 61.35
C TRP Z 38 -41.29 30.02 62.81
N GLN Z 39 -41.95 29.33 63.74
CA GLN Z 39 -41.61 29.54 65.14
C GLN Z 39 -40.18 29.13 65.44
N TRP Z 40 -39.66 28.11 64.74
CA TRP Z 40 -38.31 27.66 65.00
C TRP Z 40 -37.27 28.61 64.41
N ARG Z 41 -37.31 28.80 63.09
CA ARG Z 41 -36.35 29.67 62.40
C ARG Z 41 -37.08 30.44 61.31
N PRO Z 42 -37.55 31.65 61.60
CA PRO Z 42 -38.22 32.44 60.56
C PRO Z 42 -37.27 32.76 59.43
N TRP Z 43 -37.78 32.69 58.20
CA TRP Z 43 -36.95 32.85 57.02
C TRP Z 43 -37.04 34.24 56.41
N PHE Z 44 -37.67 35.19 57.10
CA PHE Z 44 -37.68 36.58 56.66
C PHE Z 44 -37.08 37.46 57.74
N HIS AA 2 -60.31 3.26 49.01
CA HIS AA 2 -60.10 1.81 49.01
C HIS AA 2 -60.35 1.22 47.64
N ARG AA 3 -61.06 1.97 46.79
CA ARG AA 3 -61.28 1.54 45.42
C ARG AA 3 -60.05 1.71 44.54
N ILE AA 4 -58.99 2.35 45.05
CA ILE AA 4 -57.78 2.54 44.27
C ILE AA 4 -57.07 1.21 44.03
N TRP AA 5 -57.21 0.25 44.96
CA TRP AA 5 -56.46 -0.99 44.85
C TRP AA 5 -57.03 -1.93 43.79
N GLN AA 6 -58.18 -1.64 43.21
CA GLN AA 6 -58.81 -2.56 42.27
C GLN AA 6 -57.94 -2.71 41.02
N GLY AA 7 -57.77 -3.96 40.59
CA GLY AA 7 -57.01 -4.26 39.40
C GLY AA 7 -55.51 -4.37 39.58
N MET AA 8 -55.03 -4.44 40.83
CA MET AA 8 -53.60 -4.51 41.10
C MET AA 8 -53.28 -5.70 41.98
N ASP AA 9 -52.13 -6.31 41.71
CA ASP AA 9 -51.66 -7.44 42.51
C ASP AA 9 -51.22 -6.97 43.89
N PRO AA 10 -51.73 -7.54 44.97
CA PRO AA 10 -51.25 -7.15 46.31
C PRO AA 10 -49.77 -7.41 46.53
N GLN AA 11 -49.22 -8.46 45.91
CA GLN AA 11 -47.80 -8.74 46.08
C GLN AA 11 -46.93 -7.67 45.42
N ILE AA 12 -47.36 -7.14 44.27
CA ILE AA 12 -46.63 -6.03 43.66
C ILE AA 12 -46.65 -4.81 44.56
N ILE AA 13 -47.81 -4.51 45.15
CA ILE AA 13 -47.93 -3.40 46.08
C ILE AA 13 -46.99 -3.58 47.26
N MET AA 14 -46.98 -4.77 47.84
CA MET AA 14 -46.14 -5.02 49.01
C MET AA 14 -44.66 -4.96 48.65
N SER AA 15 -44.28 -5.47 47.48
CA SER AA 15 -42.89 -5.43 47.06
C SER AA 15 -42.42 -3.99 46.86
N GLY AA 16 -43.26 -3.17 46.21
CA GLY AA 16 -42.91 -1.78 46.01
C GLY AA 16 -42.82 -1.02 47.32
N LEU AA 17 -43.75 -1.28 48.25
CA LEU AA 17 -43.68 -0.64 49.55
C LEU AA 17 -42.45 -1.07 50.32
N GLY AA 18 -42.08 -2.36 50.21
CA GLY AA 18 -40.88 -2.82 50.89
C GLY AA 18 -39.63 -2.16 50.34
N PHE AA 19 -39.55 -2.02 49.01
CA PHE AA 19 -38.42 -1.31 48.42
C PHE AA 19 -38.37 0.14 48.89
N PHE AA 20 -39.52 0.83 48.83
CA PHE AA 20 -39.61 2.20 49.32
C PHE AA 20 -39.11 2.32 50.76
N LEU AA 21 -39.66 1.50 51.65
CA LEU AA 21 -39.33 1.62 53.07
C LEU AA 21 -37.89 1.23 53.35
N ALA AA 22 -37.36 0.23 52.65
CA ALA AA 22 -35.96 -0.14 52.83
C ALA AA 22 -35.04 1.01 52.45
N GLY AA 23 -35.23 1.57 51.26
CA GLY AA 23 -34.38 2.66 50.83
C GLY AA 23 -34.51 3.89 51.71
N LEU AA 24 -35.74 4.24 52.09
CA LEU AA 24 -35.95 5.40 52.93
C LEU AA 24 -35.32 5.21 54.30
N ALA AA 25 -35.48 4.03 54.89
CA ALA AA 25 -34.88 3.76 56.20
C ALA AA 25 -33.36 3.83 56.13
N LEU AA 26 -32.77 3.26 55.07
CA LEU AA 26 -31.32 3.33 54.93
C LEU AA 26 -30.84 4.77 54.82
N ILE AA 27 -31.50 5.56 53.97
CA ILE AA 27 -31.06 6.94 53.76
C ILE AA 27 -31.21 7.76 55.04
N ILE AA 28 -32.34 7.62 55.73
CA ILE AA 28 -32.54 8.42 56.94
C ILE AA 28 -31.64 7.92 58.07
N HIS AA 29 -31.29 6.64 58.10
CA HIS AA 29 -30.35 6.18 59.11
C HIS AA 29 -28.96 6.78 58.88
N MET AA 30 -28.51 6.86 57.63
CA MET AA 30 -27.24 7.51 57.37
C MET AA 30 -27.29 9.00 57.72
N TRP AA 31 -28.40 9.65 57.36
CA TRP AA 31 -28.62 11.05 57.72
C TRP AA 31 -28.52 11.25 59.24
N ALA AA 32 -29.21 10.41 60.01
CA ALA AA 32 -29.18 10.50 61.46
C ALA AA 32 -27.80 10.19 62.04
N TYR AA 33 -27.06 9.25 61.43
CA TYR AA 33 -25.70 8.98 61.89
C TYR AA 33 -24.85 10.23 61.77
N SER AA 34 -24.93 10.91 60.62
CA SER AA 34 -24.14 12.12 60.45
C SER AA 34 -24.58 13.22 61.41
N ILE AA 35 -25.89 13.34 61.64
CA ILE AA 35 -26.40 14.42 62.49
C ILE AA 35 -26.01 14.20 63.95
N THR AA 36 -26.23 13.00 64.47
CA THR AA 36 -26.03 12.75 65.89
C THR AA 36 -24.59 12.42 66.23
N GLY AA 37 -23.84 11.86 65.28
CA GLY AA 37 -22.49 11.40 65.55
C GLY AA 37 -22.41 10.28 66.55
N TRP AA 38 -23.37 9.34 66.52
CA TRP AA 38 -23.40 8.29 67.54
C TRP AA 38 -22.28 7.27 67.36
N PRO AA 39 -22.21 6.54 66.24
CA PRO AA 39 -21.17 5.50 66.16
C PRO AA 39 -19.80 6.10 66.31
N LYS AA 40 -19.59 7.33 65.83
CA LYS AA 40 -18.26 7.93 65.90
C LYS AA 40 -17.82 8.09 67.35
N TYR AA 41 -18.65 8.70 68.19
CA TYR AA 41 -18.24 8.93 69.58
C TYR AA 41 -18.11 7.62 70.35
N LYS AA 42 -19.05 6.69 70.16
CA LYS AA 42 -18.92 5.46 70.94
C LYS AA 42 -17.74 4.61 70.47
N LYS AA 43 -17.51 4.56 69.15
CA LYS AA 43 -16.37 3.86 68.59
C LYS AA 43 -15.06 4.50 69.04
N ALA AA 44 -15.04 5.82 69.15
CA ALA AA 44 -13.86 6.50 69.67
C ALA AA 44 -13.59 6.10 71.11
N GLN AA 45 -14.66 5.95 71.91
CA GLN AA 45 -14.47 5.47 73.27
C GLN AA 45 -13.91 4.05 73.29
N TYR AA 46 -14.43 3.17 72.44
CA TYR AA 46 -13.98 1.78 72.49
C TYR AA 46 -12.69 1.51 71.72
N ASN AA 47 -12.27 2.42 70.84
CA ASN AA 47 -11.07 2.23 70.05
C ASN AA 47 -9.96 3.19 70.45
N ALA AA 48 -9.94 3.63 71.71
CA ALA AA 48 -8.90 4.50 72.22
C ALA AA 48 -7.85 3.75 73.02
N GLN AA 49 -7.93 2.42 73.08
CA GLN AA 49 -7.01 1.63 73.88
C GLN AA 49 -6.16 0.71 73.01
N GLY BA 6 -56.81 -9.02 38.21
CA GLY BA 6 -56.26 -8.13 39.22
C GLY BA 6 -56.90 -8.29 40.58
N MET BA 7 -57.45 -7.21 41.10
CA MET BA 7 -58.12 -7.20 42.40
C MET BA 7 -59.56 -6.72 42.23
N THR BA 8 -60.47 -7.36 42.94
CA THR BA 8 -61.88 -7.00 42.87
C THR BA 8 -62.23 -6.03 43.98
N GLU BA 9 -63.48 -5.58 44.00
CA GLU BA 9 -63.93 -4.65 45.04
C GLU BA 9 -63.87 -5.29 46.42
N ASP BA 10 -64.26 -6.55 46.53
CA ASP BA 10 -64.24 -7.22 47.83
C ASP BA 10 -62.81 -7.33 48.35
N GLU BA 11 -61.91 -7.88 47.51
CA GLU BA 11 -60.51 -8.01 47.90
C GLU BA 11 -59.86 -6.64 48.13
N ALA BA 12 -60.22 -5.64 47.33
CA ALA BA 12 -59.63 -4.32 47.53
C ALA BA 12 -60.05 -3.74 48.88
N ARG BA 13 -61.32 -3.94 49.27
CA ARG BA 13 -61.79 -3.44 50.55
C ARG BA 13 -61.08 -4.14 51.70
N ARG BA 14 -60.95 -5.47 51.61
CA ARG BA 14 -60.25 -6.21 52.66
C ARG BA 14 -58.77 -5.85 52.73
N PHE BA 15 -58.13 -5.68 51.58
CA PHE BA 15 -56.73 -5.32 51.56
C PHE BA 15 -56.52 -3.91 52.10
N HIS BA 16 -57.45 -3.00 51.81
CA HIS BA 16 -57.39 -1.66 52.39
C HIS BA 16 -57.54 -1.72 53.90
N GLY BA 17 -58.45 -2.57 54.39
CA GLY BA 17 -58.59 -2.72 55.83
C GLY BA 17 -57.31 -3.19 56.50
N TYR BA 18 -56.65 -4.19 55.92
CA TYR BA 18 -55.38 -4.65 56.47
C TYR BA 18 -54.28 -3.60 56.34
N PHE BA 19 -54.24 -2.92 55.21
CA PHE BA 19 -53.21 -1.92 54.93
C PHE BA 19 -53.27 -0.77 55.93
N VAL BA 20 -54.48 -0.30 56.26
CA VAL BA 20 -54.59 0.86 57.14
C VAL BA 20 -54.02 0.53 58.52
N THR BA 21 -54.37 -0.64 59.06
CA THR BA 21 -53.87 -0.98 60.39
C THR BA 21 -52.38 -1.26 60.36
N GLY BA 22 -51.87 -1.87 59.29
CA GLY BA 22 -50.42 -2.03 59.17
C GLY BA 22 -49.70 -0.70 59.17
N THR BA 23 -50.21 0.26 58.39
CA THR BA 23 -49.62 1.60 58.34
C THR BA 23 -49.67 2.27 59.70
N LEU BA 24 -50.80 2.15 60.41
CA LEU BA 24 -50.92 2.78 61.71
C LEU BA 24 -49.97 2.17 62.72
N GLY BA 25 -49.80 0.84 62.69
CA GLY BA 25 -48.84 0.21 63.58
C GLY BA 25 -47.42 0.66 63.30
N TYR BA 26 -47.06 0.75 62.02
CA TYR BA 26 -45.73 1.25 61.67
C TYR BA 26 -45.52 2.67 62.17
N ILE BA 27 -46.54 3.53 61.99
CA ILE BA 27 -46.43 4.91 62.44
C ILE BA 27 -46.28 4.99 63.96
N ILE BA 28 -47.04 4.19 64.70
CA ILE BA 28 -46.95 4.21 66.17
C ILE BA 28 -45.57 3.77 66.62
N VAL BA 29 -45.06 2.68 66.03
CA VAL BA 29 -43.78 2.15 66.49
C VAL BA 29 -42.65 3.13 66.15
N ALA BA 30 -42.73 3.77 64.98
CA ALA BA 30 -41.78 4.82 64.64
C ALA BA 30 -41.90 6.02 65.57
N ALA BA 31 -43.10 6.35 66.02
CA ALA BA 31 -43.26 7.45 66.97
C ALA BA 31 -42.56 7.13 68.29
N VAL BA 32 -42.71 5.91 68.78
CA VAL BA 32 -42.00 5.52 69.99
C VAL BA 32 -40.49 5.60 69.79
N ALA BA 33 -40.01 5.13 68.64
CA ALA BA 33 -38.58 5.18 68.37
C ALA BA 33 -38.08 6.63 68.32
N HIS BA 34 -38.85 7.51 67.70
CA HIS BA 34 -38.45 8.92 67.61
C HIS BA 34 -38.47 9.59 68.98
N PHE BA 35 -39.42 9.23 69.84
CA PHE BA 35 -39.43 9.75 71.20
C PHE BA 35 -38.16 9.33 71.95
N LEU BA 36 -37.79 8.05 71.85
CA LEU BA 36 -36.57 7.59 72.51
C LEU BA 36 -35.36 8.33 71.96
N ALA BA 37 -35.29 8.50 70.65
CA ALA BA 37 -34.18 9.22 70.03
C ALA BA 37 -34.12 10.67 70.51
N TRP BA 38 -35.26 11.33 70.61
CA TRP BA 38 -35.28 12.71 71.06
C TRP BA 38 -34.78 12.82 72.49
N GLN BA 39 -35.21 11.90 73.36
CA GLN BA 39 -34.71 11.93 74.73
C GLN BA 39 -33.21 11.71 74.76
N TRP BA 40 -32.69 10.86 73.88
CA TRP BA 40 -31.26 10.54 73.93
C TRP BA 40 -30.41 11.68 73.37
N ARG BA 41 -30.66 12.08 72.12
CA ARG BA 41 -29.93 13.18 71.50
C ARG BA 41 -30.89 14.02 70.68
N PRO BA 42 -31.46 15.06 71.29
CA PRO BA 42 -32.39 15.92 70.55
C PRO BA 42 -31.68 16.59 69.38
N TRP BA 43 -32.39 16.72 68.26
CA TRP BA 43 -31.75 17.25 67.07
C TRP BA 43 -32.07 18.70 66.79
N PHE BA 44 -33.09 19.28 67.41
CA PHE BA 44 -33.36 20.70 67.22
C PHE BA 44 -32.79 21.52 68.36
N MET CA 1 -54.66 -12.09 56.40
CA MET CA 1 -53.23 -11.96 56.67
C MET CA 1 -52.44 -12.97 55.86
N HIS CA 2 -52.76 -14.25 56.07
CA HIS CA 2 -52.14 -15.34 55.33
C HIS CA 2 -52.35 -15.25 53.83
N ARG CA 3 -53.36 -14.51 53.39
CA ARG CA 3 -53.78 -14.51 51.99
C ARG CA 3 -52.71 -13.94 51.06
N ILE CA 4 -51.69 -13.26 51.59
CA ILE CA 4 -50.63 -12.76 50.74
C ILE CA 4 -49.74 -13.89 50.24
N TRP CA 5 -49.75 -15.04 50.90
CA TRP CA 5 -48.90 -16.14 50.47
C TRP CA 5 -49.51 -16.93 49.32
N GLN CA 6 -50.67 -16.53 48.80
CA GLN CA 6 -51.32 -17.28 47.73
C GLN CA 6 -50.50 -17.23 46.46
N GLY CA 7 -50.40 -18.38 45.79
CA GLY CA 7 -49.75 -18.43 44.49
C GLY CA 7 -48.25 -18.30 44.51
N MET CA 8 -47.62 -18.35 45.68
CA MET CA 8 -46.18 -18.21 45.80
C MET CA 8 -45.55 -19.53 46.20
N ASP CA 9 -44.37 -19.80 45.65
CA ASP CA 9 -43.63 -20.99 46.02
C ASP CA 9 -43.03 -20.80 47.40
N PRO CA 10 -43.30 -21.68 48.36
CA PRO CA 10 -42.65 -21.54 49.69
C PRO CA 10 -41.14 -21.62 49.62
N GLN CA 11 -40.60 -22.37 48.66
CA GLN CA 11 -39.15 -22.46 48.51
C GLN CA 11 -38.56 -21.13 48.09
N ILE CA 12 -39.24 -20.40 47.20
CA ILE CA 12 -38.78 -19.06 46.82
C ILE CA 12 -38.80 -18.12 48.02
N ILE CA 13 -39.84 -18.23 48.84
CA ILE CA 13 -39.95 -17.36 50.03
C ILE CA 13 -38.82 -17.67 51.00
N MET CA 14 -38.53 -18.95 51.24
CA MET CA 14 -37.43 -19.32 52.12
C MET CA 14 -36.09 -18.87 51.55
N SER CA 15 -35.91 -18.98 50.24
CA SER CA 15 -34.67 -18.51 49.63
C SER CA 15 -34.49 -17.01 49.82
N GLY CA 16 -35.55 -16.23 49.60
CA GLY CA 16 -35.46 -14.80 49.78
C GLY CA 16 -35.23 -14.41 51.22
N LEU CA 17 -35.90 -15.09 52.15
CA LEU CA 17 -35.70 -14.81 53.57
C LEU CA 17 -34.28 -15.15 53.99
N GLY CA 18 -33.75 -16.28 53.54
CA GLY CA 18 -32.38 -16.62 53.87
C GLY CA 18 -31.38 -15.64 53.29
N PHE CA 19 -31.61 -15.19 52.06
CA PHE CA 19 -30.72 -14.21 51.45
C PHE CA 19 -30.74 -12.90 52.22
N PHE CA 20 -31.94 -12.39 52.53
CA PHE CA 20 -32.08 -11.19 53.34
C PHE CA 20 -31.37 -11.33 54.68
N LEU CA 21 -31.63 -12.43 55.40
CA LEU CA 21 -31.05 -12.60 56.73
C LEU CA 21 -29.53 -12.69 56.66
N ALA CA 22 -29.00 -13.45 55.69
CA ALA CA 22 -27.55 -13.59 55.57
C ALA CA 22 -26.89 -12.25 55.27
N GLY CA 23 -27.42 -11.51 54.31
CA GLY CA 23 -26.81 -10.23 53.96
C GLY CA 23 -26.90 -9.21 55.08
N LEU CA 24 -28.07 -9.13 55.72
CA LEU CA 24 -28.22 -8.20 56.84
C LEU CA 24 -27.31 -8.58 58.00
N ALA CA 25 -27.20 -9.88 58.29
CA ALA CA 25 -26.33 -10.32 59.36
C ALA CA 25 -24.87 -9.98 59.07
N LEU CA 26 -24.43 -10.19 57.83
CA LEU CA 26 -23.05 -9.84 57.49
C LEU CA 26 -22.80 -8.34 57.63
N ILE CA 27 -23.73 -7.52 57.12
CA ILE CA 27 -23.56 -6.07 57.20
C ILE CA 27 -23.51 -5.61 58.65
N ILE CA 28 -24.45 -6.10 59.48
CA ILE CA 28 -24.51 -5.62 60.85
C ILE CA 28 -23.37 -6.19 61.69
N HIS CA 29 -22.89 -7.39 61.37
CA HIS CA 29 -21.73 -7.91 62.09
C HIS CA 29 -20.50 -7.07 61.79
N MET CA 30 -20.33 -6.64 60.54
CA MET CA 30 -19.21 -5.76 60.22
C MET CA 30 -19.34 -4.42 60.92
N TRP CA 31 -20.55 -3.86 60.92
CA TRP CA 31 -20.87 -2.65 61.67
C TRP CA 31 -20.50 -2.79 63.15
N ALA CA 32 -20.88 -3.89 63.77
CA ALA CA 32 -20.63 -4.10 65.19
C ALA CA 32 -19.15 -4.34 65.48
N TYR CA 33 -18.45 -5.04 64.60
CA TYR CA 33 -17.00 -5.17 64.75
C TYR CA 33 -16.33 -3.80 64.75
N SER CA 34 -16.76 -2.93 63.84
CA SER CA 34 -16.21 -1.59 63.79
C SER CA 34 -16.54 -0.81 65.07
N ILE CA 35 -17.76 -0.97 65.59
CA ILE CA 35 -18.17 -0.19 66.74
C ILE CA 35 -17.45 -0.65 68.01
N THR CA 36 -17.50 -1.95 68.29
CA THR CA 36 -16.95 -2.46 69.55
C THR CA 36 -15.43 -2.63 69.51
N GLY CA 37 -14.88 -2.82 68.32
CA GLY CA 37 -13.46 -3.12 68.20
C GLY CA 37 -13.07 -4.44 68.82
N TRP CA 38 -13.97 -5.44 68.78
CA TRP CA 38 -13.73 -6.65 69.56
C TRP CA 38 -12.57 -7.48 69.03
N PRO CA 39 -12.60 -7.98 67.78
CA PRO CA 39 -11.49 -8.84 67.35
C PRO CA 39 -10.16 -8.12 67.42
N LYS CA 40 -10.14 -6.81 67.17
CA LYS CA 40 -8.88 -6.06 67.21
C LYS CA 40 -8.25 -6.14 68.59
N TYR CA 41 -9.00 -5.79 69.63
CA TYR CA 41 -8.43 -5.78 70.97
C TYR CA 41 -8.07 -7.18 71.46
N LYS CA 42 -8.91 -8.18 71.18
CA LYS CA 42 -8.53 -9.51 71.64
C LYS CA 42 -7.34 -10.08 70.86
N LYS CA 43 -7.26 -9.81 69.56
CA LYS CA 43 -6.09 -10.20 68.79
C LYS CA 43 -4.83 -9.53 69.33
N ALA CA 44 -4.90 -8.24 69.62
CA ALA CA 44 -3.74 -7.54 70.14
C ALA CA 44 -3.31 -8.11 71.48
N GLN CA 45 -4.27 -8.55 72.29
CA GLN CA 45 -3.92 -9.22 73.54
C GLN CA 45 -3.20 -10.55 73.28
N TYR CA 46 -3.75 -11.38 72.39
CA TYR CA 46 -3.19 -12.71 72.19
C TYR CA 46 -2.00 -12.73 71.25
N ASN CA 47 -1.77 -11.66 70.49
CA ASN CA 47 -0.65 -11.60 69.56
C ASN CA 47 0.40 -10.59 69.98
N ALA CA 48 0.48 -10.30 71.28
CA ALA CA 48 1.47 -9.37 71.81
C ALA CA 48 2.81 -10.08 71.99
N GLY DA 6 -48.94 -22.67 42.05
CA GLY DA 6 -48.66 -21.73 43.12
C GLY DA 6 -48.88 -22.31 44.51
N MET DA 7 -49.61 -21.57 45.33
CA MET DA 7 -49.96 -22.02 46.68
C MET DA 7 -51.43 -21.74 46.91
N THR DA 8 -52.12 -22.67 47.58
CA THR DA 8 -53.54 -22.52 47.83
C THR DA 8 -53.77 -21.96 49.23
N GLU DA 9 -55.04 -21.77 49.59
CA GLU DA 9 -55.36 -21.03 50.82
C GLU DA 9 -55.02 -21.82 52.07
N ASP DA 10 -55.34 -23.12 52.10
CA ASP DA 10 -55.09 -23.90 53.31
C ASP DA 10 -53.60 -23.97 53.62
N GLU DA 11 -52.79 -24.30 52.61
CA GLU DA 11 -51.36 -24.33 52.81
C GLU DA 11 -50.81 -22.92 53.02
N ALA DA 12 -51.50 -21.90 52.51
CA ALA DA 12 -51.11 -20.52 52.82
C ALA DA 12 -51.27 -20.23 54.31
N ARG DA 13 -52.37 -20.67 54.91
CA ARG DA 13 -52.58 -20.44 56.34
C ARG DA 13 -51.59 -21.23 57.18
N ARG DA 14 -51.32 -22.48 56.80
CA ARG DA 14 -50.34 -23.25 57.55
C ARG DA 14 -48.94 -22.67 57.43
N PHE DA 15 -48.55 -22.29 56.21
CA PHE DA 15 -47.30 -21.57 56.00
C PHE DA 15 -47.23 -20.32 56.85
N HIS DA 16 -48.31 -19.56 56.91
CA HIS DA 16 -48.30 -18.33 57.68
C HIS DA 16 -48.11 -18.59 59.17
N GLY DA 17 -48.80 -19.60 59.70
CA GLY DA 17 -48.62 -19.93 61.10
C GLY DA 17 -47.19 -20.32 61.43
N TYR DA 18 -46.61 -21.20 60.62
CA TYR DA 18 -45.22 -21.59 60.86
C TYR DA 18 -44.25 -20.43 60.65
N PHE DA 19 -44.53 -19.55 59.70
CA PHE DA 19 -43.69 -18.38 59.47
C PHE DA 19 -43.70 -17.46 60.68
N VAL DA 20 -44.88 -17.21 61.25
CA VAL DA 20 -44.97 -16.35 62.42
C VAL DA 20 -44.25 -16.98 63.61
N THR DA 21 -44.40 -18.30 63.78
CA THR DA 21 -43.70 -18.98 64.87
C THR DA 21 -42.19 -18.86 64.72
N GLY DA 22 -41.68 -19.08 63.51
CA GLY DA 22 -40.25 -18.96 63.29
C GLY DA 22 -39.75 -17.54 63.49
N THR DA 23 -40.52 -16.55 63.05
CA THR DA 23 -40.15 -15.16 63.26
C THR DA 23 -40.08 -14.83 64.74
N LEU DA 24 -41.05 -15.30 65.53
CA LEU DA 24 -41.03 -15.03 66.96
C LEU DA 24 -39.83 -15.70 67.63
N GLY DA 25 -39.53 -16.95 67.26
CA GLY DA 25 -38.37 -17.61 67.83
C GLY DA 25 -37.08 -16.89 67.50
N TYR DA 26 -36.93 -16.48 66.24
CA TYR DA 26 -35.76 -15.74 65.82
C TYR DA 26 -35.61 -14.43 66.59
N ILE DA 27 -36.72 -13.71 66.77
CA ILE DA 27 -36.67 -12.44 67.48
C ILE DA 27 -36.29 -12.65 68.95
N ILE DA 28 -36.83 -13.69 69.58
CA ILE DA 28 -36.49 -13.96 70.98
C ILE DA 28 -35.00 -14.28 71.11
N VAL DA 29 -34.50 -15.13 70.22
CA VAL DA 29 -33.09 -15.53 70.30
C VAL DA 29 -32.19 -14.31 70.08
N ALA DA 30 -32.53 -13.47 69.10
CA ALA DA 30 -31.77 -12.25 68.86
C ALA DA 30 -31.85 -11.29 70.04
N ALA DA 31 -32.99 -11.22 70.72
CA ALA DA 31 -33.11 -10.36 71.89
C ALA DA 31 -32.16 -10.81 73.00
N VAL DA 32 -32.06 -12.12 73.24
CA VAL DA 32 -31.11 -12.62 74.23
C VAL DA 32 -29.68 -12.27 73.82
N ALA DA 33 -29.37 -12.45 72.53
CA ALA DA 33 -28.04 -12.08 72.05
C ALA DA 33 -27.73 -10.61 72.31
N HIS DA 34 -28.70 -9.73 72.04
CA HIS DA 34 -28.49 -8.31 72.26
C HIS DA 34 -28.34 -7.98 73.74
N PHE DA 35 -29.08 -8.68 74.60
CA PHE DA 35 -28.91 -8.46 76.04
C PHE DA 35 -27.50 -8.81 76.50
N LEU DA 36 -27.00 -9.96 76.06
CA LEU DA 36 -25.62 -10.33 76.40
C LEU DA 36 -24.63 -9.31 75.86
N ALA DA 37 -24.82 -8.87 74.62
CA ALA DA 37 -23.92 -7.90 74.02
C ALA DA 37 -23.93 -6.58 74.79
N TRP DA 38 -25.12 -6.13 75.20
CA TRP DA 38 -25.20 -4.88 75.95
C TRP DA 38 -24.49 -5.01 77.29
N GLN DA 39 -24.67 -6.15 77.97
CA GLN DA 39 -23.94 -6.35 79.21
C GLN DA 39 -22.43 -6.40 78.98
N TRP DA 40 -21.99 -6.77 77.77
CA TRP DA 40 -20.56 -6.83 77.47
C TRP DA 40 -20.00 -5.48 77.06
N ARG DA 41 -20.56 -4.87 76.01
CA ARG DA 41 -20.11 -3.56 75.52
C ARG DA 41 -21.32 -2.74 75.13
N PRO DA 42 -21.86 -1.94 76.06
CA PRO DA 42 -22.97 -1.06 75.71
C PRO DA 42 -22.58 -0.07 74.62
N TRP DA 43 -23.50 0.17 73.70
CA TRP DA 43 -23.21 0.98 72.53
C TRP DA 43 -23.84 2.36 72.59
N PHE DA 44 -24.38 2.76 73.73
CA PHE DA 44 -24.92 4.11 73.90
C PHE DA 44 -24.26 4.80 75.09
N MET EA 1 -44.65 -28.51 58.97
CA MET EA 1 -43.26 -28.34 59.37
C MET EA 1 -42.34 -29.09 58.41
N HIS EA 2 -42.64 -30.37 58.20
CA HIS EA 2 -41.90 -31.23 57.30
C HIS EA 2 -42.22 -30.98 55.84
N ARG EA 3 -43.38 -30.40 55.54
CA ARG EA 3 -43.79 -30.20 54.15
C ARG EA 3 -42.95 -29.13 53.45
N ILE EA 4 -42.00 -28.52 54.16
CA ILE EA 4 -41.01 -27.68 53.48
C ILE EA 4 -40.13 -28.54 52.59
N TRP EA 5 -39.94 -29.81 52.94
CA TRP EA 5 -39.10 -30.70 52.14
C TRP EA 5 -39.87 -31.40 51.02
N GLN EA 6 -41.17 -31.22 50.93
CA GLN EA 6 -41.94 -31.93 49.91
C GLN EA 6 -41.61 -31.40 48.52
N GLY EA 7 -41.29 -32.31 47.62
CA GLY EA 7 -40.93 -31.93 46.26
C GLY EA 7 -39.46 -31.67 46.03
N MET EA 8 -38.61 -31.90 47.02
CA MET EA 8 -37.20 -31.59 46.94
C MET EA 8 -36.36 -32.85 46.97
N ASP EA 9 -35.28 -32.85 46.20
CA ASP EA 9 -34.33 -33.95 46.19
C ASP EA 9 -33.49 -33.93 47.46
N PRO EA 10 -33.48 -35.01 48.24
CA PRO EA 10 -32.62 -35.04 49.44
C PRO EA 10 -31.15 -34.90 49.13
N GLN EA 11 -30.68 -35.44 47.99
CA GLN EA 11 -29.28 -35.31 47.64
C GLN EA 11 -28.89 -33.86 47.45
N ILE EA 12 -29.74 -33.07 46.80
CA ILE EA 12 -29.45 -31.66 46.63
C ILE EA 12 -29.42 -30.94 47.98
N ILE EA 13 -30.34 -31.29 48.87
CA ILE EA 13 -30.36 -30.67 50.21
C ILE EA 13 -29.06 -30.98 50.95
N MET EA 14 -28.64 -32.24 50.94
CA MET EA 14 -27.43 -32.62 51.65
C MET EA 14 -26.20 -32.01 51.02
N SER EA 15 -26.14 -31.95 49.69
CA SER EA 15 -24.99 -31.33 49.04
C SER EA 15 -24.91 -29.84 49.35
N GLY EA 16 -26.04 -29.14 49.34
CA GLY EA 16 -26.03 -27.73 49.67
C GLY EA 16 -25.65 -27.49 51.12
N LEU EA 17 -26.17 -28.31 52.04
CA LEU EA 17 -25.79 -28.19 53.43
C LEU EA 17 -24.30 -28.45 53.63
N GLY EA 18 -23.76 -29.46 52.96
CA GLY EA 18 -22.33 -29.73 53.07
C GLY EA 18 -21.47 -28.60 52.53
N PHE EA 19 -21.87 -28.03 51.39
CA PHE EA 19 -21.15 -26.87 50.85
C PHE EA 19 -21.19 -25.70 51.83
N PHE EA 20 -22.36 -25.39 52.37
CA PHE EA 20 -22.49 -24.33 53.37
C PHE EA 20 -21.58 -24.58 54.56
N LEU EA 21 -21.68 -25.77 55.16
CA LEU EA 21 -20.92 -26.05 56.37
C LEU EA 21 -19.43 -26.04 56.11
N ALA EA 22 -18.99 -26.58 54.97
CA ALA EA 22 -17.56 -26.59 54.67
C ALA EA 22 -17.00 -25.19 54.48
N GLY EA 23 -17.68 -24.37 53.67
CA GLY EA 23 -17.22 -23.00 53.49
C GLY EA 23 -17.23 -22.20 54.78
N LEU EA 24 -18.30 -22.36 55.57
CA LEU EA 24 -18.41 -21.63 56.83
C LEU EA 24 -17.32 -22.06 57.81
N ALA EA 25 -17.05 -23.37 57.89
CA ALA EA 25 -16.00 -23.86 58.79
C ALA EA 25 -14.64 -23.36 58.36
N LEU EA 26 -14.38 -23.30 57.05
CA LEU EA 26 -13.12 -22.73 56.59
C LEU EA 26 -12.98 -21.28 57.00
N ILE EA 27 -14.02 -20.47 56.76
CA ILE EA 27 -13.98 -19.06 57.08
C ILE EA 27 -13.75 -18.86 58.58
N ILE EA 28 -14.49 -19.59 59.41
CA ILE EA 28 -14.40 -19.37 60.84
C ILE EA 28 -13.11 -19.95 61.41
N HIS EA 29 -12.56 -21.01 60.81
CA HIS EA 29 -11.26 -21.49 61.28
C HIS EA 29 -10.16 -20.49 60.96
N MET EA 30 -10.19 -19.86 59.80
CA MET EA 30 -9.24 -18.78 59.52
C MET EA 30 -9.41 -17.62 60.50
N TRP EA 31 -10.67 -17.23 60.75
CA TRP EA 31 -10.97 -16.17 61.71
C TRP EA 31 -10.43 -16.50 63.09
N ALA EA 32 -10.62 -17.75 63.55
CA ALA EA 32 -10.17 -18.15 64.87
C ALA EA 32 -8.65 -18.25 64.94
N TYR EA 33 -8.00 -18.72 63.87
CA TYR EA 33 -6.55 -18.73 63.85
C TYR EA 33 -6.00 -17.32 63.99
N SER EA 34 -6.62 -16.36 63.29
CA SER EA 34 -6.21 -14.97 63.42
C SER EA 34 -6.45 -14.43 64.83
N ILE EA 35 -7.56 -14.80 65.45
CA ILE EA 35 -7.91 -14.25 66.76
C ILE EA 35 -7.01 -14.81 67.86
N THR EA 36 -6.98 -16.14 68.00
CA THR EA 36 -6.24 -16.76 69.09
C THR EA 36 -4.74 -16.77 68.83
N GLY EA 37 -4.33 -16.78 67.57
CA GLY EA 37 -2.92 -16.91 67.24
C GLY EA 37 -2.32 -18.24 67.63
N TRP EA 38 -3.09 -19.32 67.51
CA TRP EA 38 -2.64 -20.62 68.03
C TRP EA 38 -1.45 -21.18 67.25
N PRO EA 39 -1.59 -21.55 65.98
CA PRO EA 39 -0.48 -22.23 65.33
C PRO EA 39 0.75 -21.35 65.26
N LYS EA 40 0.56 -20.03 65.22
CA LYS EA 40 1.70 -19.13 65.19
C LYS EA 40 2.56 -19.26 66.43
N TYR EA 41 1.95 -19.16 67.61
CA TYR EA 41 2.74 -19.26 68.84
C TYR EA 41 3.31 -20.65 69.03
N LYS EA 42 2.54 -21.70 68.74
CA LYS EA 42 3.11 -23.04 68.92
C LYS EA 42 4.24 -23.32 67.93
N LYS EA 43 4.07 -22.91 66.68
CA LYS EA 43 5.10 -23.09 65.66
C LYS EA 43 6.35 -22.28 65.99
N ALA EA 44 6.18 -21.07 66.53
CA ALA EA 44 7.33 -20.29 66.96
C ALA EA 44 8.04 -20.95 68.13
N GLN EA 45 7.29 -21.60 69.02
CA GLN EA 45 7.92 -22.33 70.11
C GLN EA 45 8.72 -23.52 69.61
N TYR EA 46 8.19 -24.25 68.62
CA TYR EA 46 8.86 -25.45 68.12
C TYR EA 46 9.90 -25.16 67.06
N ASN EA 47 9.96 -23.95 66.51
CA ASN EA 47 10.94 -23.61 65.50
C ASN EA 47 11.95 -22.59 66.01
N ALA EA 48 12.10 -22.47 67.33
CA ALA EA 48 13.11 -21.62 67.94
C ALA EA 48 14.19 -22.42 68.65
N GLN EA 49 14.43 -23.66 68.22
CA GLN EA 49 15.40 -24.54 68.87
C GLN EA 49 16.57 -24.83 67.94
N GLY FA 5 -42.68 -35.84 41.39
CA GLY FA 5 -41.56 -34.99 41.77
C GLY FA 5 -40.49 -35.74 42.53
N GLY FA 6 -40.45 -35.54 43.85
CA GLY FA 6 -39.53 -36.27 44.70
C GLY FA 6 -39.75 -36.04 46.18
N MET FA 7 -39.50 -37.06 46.99
CA MET FA 7 -39.63 -37.00 48.45
C MET FA 7 -41.02 -36.53 48.87
N THR FA 8 -41.98 -37.42 48.65
CA THR FA 8 -43.38 -37.15 48.94
C THR FA 8 -43.62 -37.07 50.45
N GLU FA 9 -44.90 -36.96 50.84
CA GLU FA 9 -45.26 -36.61 52.21
C GLU FA 9 -44.61 -37.53 53.25
N ASP FA 10 -44.69 -38.84 53.04
CA ASP FA 10 -44.13 -39.78 54.00
C ASP FA 10 -42.61 -39.70 54.05
N GLU FA 11 -41.98 -39.68 52.88
CA GLU FA 11 -40.54 -39.51 52.82
C GLU FA 11 -40.12 -38.17 53.41
N ALA FA 12 -40.93 -37.13 53.22
CA ALA FA 12 -40.60 -35.82 53.77
C ALA FA 12 -40.66 -35.84 55.29
N ARG FA 13 -41.66 -36.52 55.85
CA ARG FA 13 -41.75 -36.64 57.31
C ARG FA 13 -40.55 -37.38 57.88
N ARG FA 14 -40.20 -38.52 57.27
CA ARG FA 14 -39.08 -39.30 57.78
C ARG FA 14 -37.76 -38.53 57.63
N PHE FA 15 -37.59 -37.83 56.50
CA PHE FA 15 -36.39 -37.03 56.29
C PHE FA 15 -36.32 -35.90 57.29
N HIS FA 16 -37.46 -35.27 57.60
CA HIS FA 16 -37.48 -34.25 58.64
C HIS FA 16 -37.00 -34.79 59.97
N GLY FA 17 -37.50 -35.97 60.37
CA GLY FA 17 -37.04 -36.54 61.62
C GLY FA 17 -35.54 -36.76 61.65
N TYR FA 18 -34.99 -37.36 60.60
CA TYR FA 18 -33.55 -37.63 60.57
C TYR FA 18 -32.74 -36.34 60.54
N PHE FA 19 -33.21 -35.35 59.76
CA PHE FA 19 -32.49 -34.07 59.65
C PHE FA 19 -32.47 -33.34 60.97
N VAL FA 20 -33.58 -33.35 61.71
CA VAL FA 20 -33.60 -32.73 63.03
C VAL FA 20 -32.63 -33.43 63.97
N THR FA 21 -32.62 -34.77 63.95
CA THR FA 21 -31.70 -35.48 64.84
C THR FA 21 -30.25 -35.15 64.51
N GLY FA 22 -29.92 -35.12 63.23
CA GLY FA 22 -28.55 -34.80 62.84
C GLY FA 22 -28.15 -33.38 63.20
N THR FA 23 -29.06 -32.43 62.98
CA THR FA 23 -28.79 -31.04 63.36
C THR FA 23 -28.55 -30.93 64.85
N LEU FA 24 -29.37 -31.59 65.66
CA LEU FA 24 -29.20 -31.52 67.10
C LEU FA 24 -27.84 -32.09 67.52
N GLY FA 25 -27.48 -33.25 66.99
CA GLY FA 25 -26.16 -33.80 67.31
C GLY FA 25 -25.03 -32.89 66.91
N TYR FA 26 -25.13 -32.27 65.72
CA TYR FA 26 -24.09 -31.36 65.26
C TYR FA 26 -23.94 -30.17 66.19
N ILE FA 27 -25.07 -29.56 66.59
CA ILE FA 27 -25.01 -28.41 67.49
C ILE FA 27 -24.42 -28.80 68.83
N ILE FA 28 -24.79 -29.96 69.36
CA ILE FA 28 -24.26 -30.38 70.66
C ILE FA 28 -22.74 -30.54 70.58
N VAL FA 29 -22.26 -31.20 69.54
CA VAL FA 29 -20.83 -31.46 69.46
C VAL FA 29 -20.06 -30.16 69.25
N ALA FA 30 -20.62 -29.23 68.46
CA ALA FA 30 -20.02 -27.91 68.32
C ALA FA 30 -19.99 -27.16 69.64
N ALA FA 31 -21.05 -27.28 70.44
CA ALA FA 31 -21.08 -26.63 71.75
C ALA FA 31 -19.98 -27.15 72.65
N VAL FA 32 -19.75 -28.47 72.66
CA VAL FA 32 -18.65 -29.03 73.45
C VAL FA 32 -17.31 -28.49 72.96
N ALA FA 33 -17.14 -28.40 71.63
CA ALA FA 33 -15.89 -27.87 71.09
C ALA FA 33 -15.67 -26.42 71.52
N HIS FA 34 -16.73 -25.61 71.50
CA HIS FA 34 -16.60 -24.22 71.92
C HIS FA 34 -16.32 -24.12 73.41
N PHE FA 35 -16.89 -25.00 74.22
CA PHE FA 35 -16.57 -25.04 75.63
C PHE FA 35 -15.08 -25.30 75.86
N LEU FA 36 -14.54 -26.31 75.17
CA LEU FA 36 -13.11 -26.61 75.31
C LEU FA 36 -12.24 -25.44 74.86
N ALA FA 37 -12.61 -24.83 73.73
CA ALA FA 37 -11.86 -23.67 73.23
C ALA FA 37 -11.91 -22.51 74.20
N TRP FA 38 -13.06 -22.29 74.84
CA TRP FA 38 -13.16 -21.20 75.82
C TRP FA 38 -12.26 -21.46 77.01
N GLN FA 39 -12.28 -22.69 77.54
CA GLN FA 39 -11.36 -23.00 78.64
C GLN FA 39 -9.91 -22.83 78.23
N TRP FA 40 -9.60 -23.06 76.95
CA TRP FA 40 -8.21 -22.94 76.52
C TRP FA 40 -7.80 -21.49 76.30
N ARG FA 41 -8.56 -20.75 75.48
CA ARG FA 41 -8.25 -19.34 75.21
C ARG FA 41 -9.55 -18.57 75.01
N PRO FA 42 -10.04 -17.90 76.05
CA PRO FA 42 -11.27 -17.12 75.90
C PRO FA 42 -11.06 -15.94 74.98
N TRP FA 43 -12.11 -15.58 74.24
CA TRP FA 43 -12.01 -14.60 73.18
C TRP FA 43 -12.73 -13.30 73.50
N PHE FA 44 -13.13 -13.08 74.75
CA PHE FA 44 -13.78 -11.83 75.13
C PHE FA 44 -13.05 -11.11 76.26
N GLY GA 6 -29.13 -47.44 39.77
CA GLY GA 6 -28.38 -47.16 40.97
C GLY GA 6 -28.37 -48.32 41.95
N MET GA 7 -28.73 -48.04 43.20
CA MET GA 7 -28.79 -49.06 44.23
C MET GA 7 -30.25 -49.29 44.65
N THR GA 8 -30.44 -50.37 45.40
CA THR GA 8 -31.74 -50.76 45.92
C THR GA 8 -31.74 -50.62 47.44
N GLU GA 9 -32.83 -51.05 48.07
CA GLU GA 9 -32.93 -50.94 49.52
C GLU GA 9 -31.99 -51.91 50.22
N ASP GA 10 -31.99 -53.19 49.80
CA ASP GA 10 -31.10 -54.16 50.40
C ASP GA 10 -29.64 -53.81 50.15
N GLU GA 11 -29.31 -53.36 48.93
CA GLU GA 11 -27.96 -52.91 48.64
C GLU GA 11 -27.60 -51.71 49.49
N ALA GA 12 -28.55 -50.79 49.68
CA ALA GA 12 -28.29 -49.61 50.51
C ALA GA 12 -27.99 -50.01 51.95
N ARG GA 13 -28.74 -50.96 52.50
CA ARG GA 13 -28.48 -51.39 53.88
C ARG GA 13 -27.13 -52.07 54.01
N ARG GA 14 -26.81 -52.97 53.07
CA ARG GA 14 -25.52 -53.66 53.14
C ARG GA 14 -24.36 -52.69 53.01
N PHE GA 15 -24.45 -51.75 52.06
CA PHE GA 15 -23.45 -50.72 51.90
C PHE GA 15 -23.36 -49.84 53.14
N HIS GA 16 -24.48 -49.51 53.76
CA HIS GA 16 -24.45 -48.70 54.97
C HIS GA 16 -23.71 -49.39 56.09
N GLY GA 17 -23.96 -50.68 56.29
CA GLY GA 17 -23.22 -51.42 57.30
C GLY GA 17 -21.73 -51.41 57.04
N TYR GA 18 -21.32 -51.72 55.81
CA TYR GA 18 -19.89 -51.72 55.50
C TYR GA 18 -19.27 -50.34 55.65
N PHE GA 19 -19.98 -49.30 55.19
CA PHE GA 19 -19.48 -47.94 55.27
C PHE GA 19 -19.31 -47.50 56.72
N VAL GA 20 -20.26 -47.84 57.59
CA VAL GA 20 -20.18 -47.43 58.98
C VAL GA 20 -19.01 -48.12 59.67
N THR GA 21 -18.83 -49.43 59.44
CA THR GA 21 -17.71 -50.08 60.10
C THR GA 21 -16.37 -49.58 59.57
N GLY GA 22 -16.26 -49.30 58.27
CA GLY GA 22 -15.04 -48.72 57.75
C GLY GA 22 -14.74 -47.35 58.35
N THR GA 23 -15.77 -46.50 58.47
CA THR GA 23 -15.59 -45.19 59.06
C THR GA 23 -15.14 -45.30 60.51
N LEU GA 24 -15.73 -46.23 61.26
CA LEU GA 24 -15.34 -46.42 62.65
C LEU GA 24 -13.89 -46.88 62.75
N GLY GA 25 -13.48 -47.81 61.89
CA GLY GA 25 -12.08 -48.23 61.90
C GLY GA 25 -11.12 -47.09 61.58
N TYR GA 26 -11.47 -46.30 60.56
CA TYR GA 26 -10.63 -45.16 60.20
C TYR GA 26 -10.50 -44.18 61.36
N ILE GA 27 -11.62 -43.88 62.02
CA ILE GA 27 -11.59 -42.92 63.13
C ILE GA 27 -10.80 -43.47 64.30
N ILE GA 28 -10.96 -44.76 64.62
CA ILE GA 28 -10.21 -45.35 65.73
C ILE GA 28 -8.71 -45.27 65.47
N VAL GA 29 -8.31 -45.66 64.25
CA VAL GA 29 -6.89 -45.70 63.94
C VAL GA 29 -6.31 -44.29 63.92
N ALA GA 30 -7.07 -43.31 63.41
CA ALA GA 30 -6.64 -41.92 63.46
C ALA GA 30 -6.52 -41.42 64.89
N ALA GA 31 -7.42 -41.84 65.77
CA ALA GA 31 -7.33 -41.46 67.18
C ALA GA 31 -6.06 -41.99 67.81
N VAL GA 32 -5.69 -43.24 67.51
CA VAL GA 32 -4.44 -43.78 68.02
C VAL GA 32 -3.25 -42.99 67.50
N ALA GA 33 -3.27 -42.65 66.20
CA ALA GA 33 -2.17 -41.86 65.64
C ALA GA 33 -2.07 -40.50 66.32
N HIS GA 34 -3.20 -39.84 66.56
CA HIS GA 34 -3.18 -38.56 67.26
C HIS GA 34 -2.67 -38.68 68.68
N PHE GA 35 -3.01 -39.78 69.37
CA PHE GA 35 -2.47 -39.99 70.71
C PHE GA 35 -0.95 -40.10 70.69
N LEU GA 36 -0.41 -40.88 69.75
CA LEU GA 36 1.04 -41.00 69.67
C LEU GA 36 1.69 -39.66 69.32
N ALA GA 37 1.08 -38.90 68.42
CA ALA GA 37 1.61 -37.58 68.09
C ALA GA 37 1.57 -36.65 69.28
N TRP GA 38 0.50 -36.71 70.09
CA TRP GA 38 0.42 -35.86 71.27
C TRP GA 38 1.51 -36.21 72.26
N GLN GA 39 1.75 -37.51 72.47
CA GLN GA 39 2.84 -37.90 73.35
C GLN GA 39 4.19 -37.43 72.82
N TRP GA 40 4.37 -37.43 71.50
CA TRP GA 40 5.66 -37.04 70.95
C TRP GA 40 5.86 -35.52 70.96
N ARG GA 41 4.94 -34.78 70.35
CA ARG GA 41 5.02 -33.32 70.32
C ARG GA 41 3.62 -32.72 70.43
N PRO GA 42 3.19 -32.37 71.65
CA PRO GA 42 1.89 -31.75 71.80
C PRO GA 42 1.83 -30.38 71.13
N TRP GA 43 0.65 -30.03 70.63
CA TRP GA 43 0.49 -28.85 69.80
C TRP GA 43 -0.37 -27.76 70.45
N PHE GA 44 -0.51 -27.80 71.76
CA PHE GA 44 -1.25 -26.76 72.47
C PHE GA 44 -0.42 -26.19 73.61
N HIS HA 2 -30.06 -45.32 56.16
CA HIS HA 2 -29.42 -45.95 55.02
C HIS HA 2 -30.14 -45.58 53.74
N ARG HA 3 -31.21 -44.81 53.87
CA ARG HA 3 -32.03 -44.43 52.72
C ARG HA 3 -31.33 -43.42 51.82
N ILE HA 4 -30.29 -42.74 52.33
CA ILE HA 4 -29.62 -41.73 51.54
C ILE HA 4 -28.82 -42.37 50.41
N TRP HA 5 -28.43 -43.64 50.55
CA TRP HA 5 -27.61 -44.29 49.54
C TRP HA 5 -28.40 -44.73 48.32
N GLN HA 6 -29.73 -44.69 48.37
CA GLN HA 6 -30.55 -45.16 47.26
C GLN HA 6 -30.26 -44.36 46.00
N GLY HA 7 -30.15 -45.08 44.87
CA GLY HA 7 -29.94 -44.44 43.59
C GLY HA 7 -28.53 -43.98 43.32
N MET HA 8 -27.55 -44.44 44.08
CA MET HA 8 -26.17 -44.00 43.96
C MET HA 8 -25.25 -45.19 43.70
N ASP HA 9 -24.23 -44.97 42.87
CA ASP HA 9 -23.27 -46.01 42.56
C ASP HA 9 -22.21 -46.09 43.65
N PRO HA 10 -21.97 -47.26 44.25
CA PRO HA 10 -20.96 -47.34 45.31
C PRO HA 10 -19.55 -46.99 44.85
N GLN HA 11 -19.21 -47.27 43.60
CA GLN HA 11 -17.86 -46.93 43.10
C GLN HA 11 -17.65 -45.43 43.08
N ILE HA 12 -18.65 -44.68 42.62
CA ILE HA 12 -18.55 -43.23 42.59
C ILE HA 12 -18.44 -42.66 44.00
N ILE HA 13 -19.23 -43.18 44.93
CA ILE HA 13 -19.16 -42.72 46.32
C ILE HA 13 -17.77 -42.98 46.89
N MET HA 14 -17.24 -44.18 46.65
CA MET HA 14 -15.93 -44.53 47.18
C MET HA 14 -14.85 -43.64 46.58
N SER HA 15 -14.94 -43.33 45.29
CA SER HA 15 -13.93 -42.50 44.66
C SER HA 15 -13.99 -41.06 45.18
N GLY HA 16 -15.18 -40.51 45.33
CA GLY HA 16 -15.29 -39.16 45.84
C GLY HA 16 -14.76 -39.05 47.26
N LEU HA 17 -15.13 -40.01 48.11
CA LEU HA 17 -14.54 -40.10 49.43
C LEU HA 17 -13.04 -40.31 49.38
N GLY HA 18 -12.54 -41.10 48.41
CA GLY HA 18 -11.11 -41.33 48.33
C GLY HA 18 -10.34 -40.05 48.06
N PHE HA 19 -10.80 -39.26 47.09
CA PHE HA 19 -10.06 -38.00 46.94
C PHE HA 19 -10.29 -37.01 48.06
N PHE HA 20 -11.48 -36.97 48.65
CA PHE HA 20 -11.62 -36.12 49.82
C PHE HA 20 -10.59 -36.46 50.88
N LEU HA 21 -10.50 -37.75 51.24
CA LEU HA 21 -9.56 -38.17 52.27
C LEU HA 21 -8.12 -37.92 51.86
N ALA HA 22 -7.79 -38.16 50.59
CA ALA HA 22 -6.41 -37.99 50.15
C ALA HA 22 -5.99 -36.52 50.24
N GLY HA 23 -6.80 -35.61 49.70
CA GLY HA 23 -6.44 -34.21 49.75
C GLY HA 23 -6.42 -33.66 51.16
N LEU HA 24 -7.39 -34.08 51.98
CA LEU HA 24 -7.41 -33.63 53.36
C LEU HA 24 -6.17 -34.10 54.12
N ALA HA 25 -5.78 -35.36 53.92
CA ALA HA 25 -4.60 -35.87 54.59
C ALA HA 25 -3.33 -35.16 54.12
N LEU HA 26 -3.22 -34.88 52.83
CA LEU HA 26 -2.04 -34.15 52.34
C LEU HA 26 -1.97 -32.77 52.95
N ILE HA 27 -3.09 -32.03 52.95
CA ILE HA 27 -3.10 -30.68 53.48
C ILE HA 27 -2.78 -30.67 54.97
N ILE HA 28 -3.39 -31.57 55.73
CA ILE HA 28 -3.16 -31.58 57.17
C ILE HA 28 -1.76 -32.08 57.49
N HIS HA 29 -1.18 -32.93 56.64
CA HIS HA 29 0.20 -33.34 56.86
C HIS HA 29 1.16 -32.16 56.66
N MET HA 30 0.95 -31.36 55.61
CA MET HA 30 1.80 -30.18 55.45
C MET HA 30 1.62 -29.21 56.60
N TRP HA 31 0.36 -29.00 57.01
CA TRP HA 31 0.04 -28.17 58.18
C TRP HA 31 0.79 -28.63 59.42
N ALA HA 32 0.75 -29.94 59.71
CA ALA HA 32 1.43 -30.50 60.87
C ALA HA 32 2.95 -30.41 60.75
N TYR HA 33 3.48 -30.55 59.54
CA TYR HA 33 4.92 -30.37 59.34
C TYR HA 33 5.32 -28.95 59.73
N SER HA 34 4.53 -27.96 59.32
CA SER HA 34 4.85 -26.58 59.69
C SER HA 34 4.72 -26.37 61.19
N ILE HA 35 3.71 -26.97 61.82
CA ILE HA 35 3.48 -26.72 63.24
C ILE HA 35 4.56 -27.37 64.09
N THR HA 36 4.78 -28.67 63.90
CA THR HA 36 5.73 -29.41 64.72
C THR HA 36 7.18 -29.12 64.33
N GLY HA 37 7.45 -28.90 63.06
CA GLY HA 37 8.82 -28.76 62.58
C GLY HA 37 9.63 -30.04 62.65
N TRP HA 38 9.01 -31.19 62.36
CA TRP HA 38 9.70 -32.47 62.54
C TRP HA 38 10.79 -32.70 61.50
N PRO HA 39 10.49 -32.72 60.20
CA PRO HA 39 11.56 -32.99 59.23
C PRO HA 39 12.65 -31.96 59.32
N LYS HA 40 12.32 -30.71 59.65
CA LYS HA 40 13.35 -29.67 59.70
C LYS HA 40 14.41 -29.98 60.74
N TYR HA 41 14.00 -30.28 61.98
CA TYR HA 41 14.99 -30.56 63.02
C TYR HA 41 15.71 -31.88 62.78
N LYS HA 42 15.01 -32.92 62.30
CA LYS HA 42 15.74 -34.15 62.02
C LYS HA 42 16.75 -33.98 60.88
N LYS HA 43 16.36 -33.25 59.83
CA LYS HA 43 17.29 -32.96 58.74
C LYS HA 43 18.48 -32.15 59.24
N ALA HA 44 18.23 -31.17 60.09
CA ALA HA 44 19.32 -30.39 60.65
C ALA HA 44 20.30 -31.28 61.40
N GLN HA 45 19.78 -32.28 62.11
CA GLN HA 45 20.68 -33.22 62.77
C GLN HA 45 21.47 -34.04 61.76
N TYR HA 46 20.79 -34.64 60.79
CA TYR HA 46 21.44 -35.59 59.89
C TYR HA 46 22.27 -34.93 58.81
N ASN HA 47 22.07 -33.64 58.56
CA ASN HA 47 22.83 -32.93 57.54
C ASN HA 47 23.92 -32.05 58.15
N ALA HA 48 24.20 -32.21 59.44
CA ALA HA 48 25.28 -31.48 60.11
C ALA HA 48 26.30 -32.42 60.73
N GLN HA 49 26.17 -33.73 60.53
CA GLN HA 49 27.12 -34.69 61.07
C GLN HA 49 28.48 -34.55 60.38
N MET IA 1 -18.20 -56.75 50.95
CA MET IA 1 -16.81 -56.32 50.88
C MET IA 1 -16.26 -56.46 49.48
N HIS IA 2 -16.36 -57.68 48.95
CA HIS IA 2 -15.87 -57.97 47.60
C HIS IA 2 -16.74 -57.39 46.51
N ARG IA 3 -18.02 -57.12 46.79
CA ARG IA 3 -18.92 -56.64 45.75
C ARG IA 3 -18.52 -55.28 45.22
N ILE IA 4 -17.59 -54.59 45.88
CA ILE IA 4 -17.09 -53.32 45.35
C ILE IA 4 -16.38 -53.52 44.03
N TRP IA 5 -15.81 -54.72 43.80
CA TRP IA 5 -15.10 -54.95 42.54
C TRP IA 5 -16.02 -55.36 41.40
N GLN IA 6 -17.32 -55.50 41.65
CA GLN IA 6 -18.22 -55.97 40.62
C GLN IA 6 -18.35 -54.93 39.51
N GLY IA 7 -18.36 -55.41 38.26
CA GLY IA 7 -18.57 -54.55 37.12
C GLY IA 7 -17.36 -53.76 36.66
N MET IA 8 -16.17 -54.08 37.15
CA MET IA 8 -14.97 -53.34 36.84
C MET IA 8 -13.92 -54.25 36.20
N ASP IA 9 -13.07 -53.65 35.37
CA ASP IA 9 -12.00 -54.37 34.71
C ASP IA 9 -10.85 -54.61 35.68
N PRO IA 10 -10.47 -55.86 35.95
CA PRO IA 10 -9.34 -56.08 36.88
C PRO IA 10 -8.03 -55.48 36.40
N GLN IA 11 -7.81 -55.44 35.08
CA GLN IA 11 -6.59 -54.85 34.55
C GLN IA 11 -6.51 -53.35 34.81
N ILE IA 12 -7.63 -52.63 34.69
CA ILE IA 12 -7.63 -51.20 35.00
C ILE IA 12 -7.40 -50.99 36.49
N ILE IA 13 -7.94 -51.86 37.33
CA ILE IA 13 -7.67 -51.78 38.77
C ILE IA 13 -6.18 -51.95 39.04
N MET IA 14 -5.56 -52.93 38.38
CA MET IA 14 -4.14 -53.16 38.59
C MET IA 14 -3.31 -52.00 38.06
N SER IA 15 -3.73 -51.38 36.96
CA SER IA 15 -3.06 -50.18 36.47
C SER IA 15 -3.16 -49.05 37.48
N GLY IA 16 -4.35 -48.81 38.02
CA GLY IA 16 -4.49 -47.76 39.02
C GLY IA 16 -3.64 -48.02 40.23
N LEU IA 17 -3.60 -49.28 40.70
CA LEU IA 17 -2.76 -49.63 41.84
C LEU IA 17 -1.29 -49.42 41.54
N GLY IA 18 -0.82 -49.85 40.36
CA GLY IA 18 0.58 -49.67 40.02
C GLY IA 18 0.98 -48.22 39.89
N PHE IA 19 0.12 -47.41 39.28
CA PHE IA 19 0.38 -45.97 39.18
C PHE IA 19 0.45 -45.33 40.56
N PHE IA 20 -0.54 -45.63 41.42
CA PHE IA 20 -0.52 -45.12 42.77
C PHE IA 20 0.78 -45.50 43.49
N LEU IA 21 1.14 -46.77 43.45
CA LEU IA 21 2.30 -47.23 44.19
C LEU IA 21 3.59 -46.63 43.65
N ALA IA 22 3.72 -46.54 42.33
CA ALA IA 22 4.93 -45.97 41.76
C ALA IA 22 5.07 -44.49 42.12
N GLY IA 23 4.01 -43.71 41.93
CA GLY IA 23 4.10 -42.29 42.24
C GLY IA 23 4.35 -42.03 43.71
N LEU IA 24 3.64 -42.76 44.58
CA LEU IA 24 3.83 -42.59 46.01
C LEU IA 24 5.23 -43.01 46.44
N ALA IA 25 5.73 -44.12 45.89
CA ALA IA 25 7.06 -44.58 46.25
C ALA IA 25 8.12 -43.58 45.82
N LEU IA 26 7.97 -43.00 44.63
CA LEU IA 26 8.95 -42.01 44.19
C LEU IA 26 8.90 -40.77 45.08
N ILE IA 27 7.70 -40.31 45.43
CA ILE IA 27 7.55 -39.14 46.30
C ILE IA 27 8.20 -39.39 47.66
N ILE IA 28 7.91 -40.55 48.26
CA ILE IA 28 8.41 -40.79 49.61
C ILE IA 28 9.90 -41.13 49.59
N HIS IA 29 10.40 -41.72 48.50
CA HIS IA 29 11.84 -41.92 48.40
C HIS IA 29 12.57 -40.59 48.33
N MET IA 30 12.01 -39.62 47.60
CA MET IA 30 12.62 -38.29 47.56
C MET IA 30 12.56 -37.61 48.93
N TRP IA 31 11.40 -37.69 49.58
CA TRP IA 31 11.25 -37.22 50.95
C TRP IA 31 12.28 -37.83 51.90
N ALA IA 32 12.47 -39.15 51.84
CA ALA IA 32 13.40 -39.82 52.72
C ALA IA 32 14.85 -39.50 52.39
N TYR IA 33 15.18 -39.34 51.10
CA TYR IA 33 16.53 -38.89 50.74
C TYR IA 33 16.81 -37.53 51.35
N SER IA 34 15.83 -36.64 51.30
CA SER IA 34 16.00 -35.33 51.91
C SER IA 34 16.18 -35.43 53.43
N ILE IA 35 15.41 -36.30 54.07
CA ILE IA 35 15.45 -36.38 55.53
C ILE IA 35 16.76 -37.01 56.01
N THR IA 36 17.06 -38.22 55.55
CA THR IA 36 18.26 -38.92 56.00
C THR IA 36 19.53 -38.37 55.39
N GLY IA 37 19.45 -37.82 54.19
CA GLY IA 37 20.65 -37.36 53.49
C GLY IA 37 21.61 -38.47 53.13
N TRP IA 38 21.09 -39.62 52.69
CA TRP IA 38 21.96 -40.78 52.51
C TRP IA 38 22.86 -40.65 51.28
N PRO IA 39 22.34 -40.50 50.06
CA PRO IA 39 23.24 -40.47 48.91
C PRO IA 39 24.25 -39.35 49.02
N LYS IA 40 23.86 -38.22 49.61
CA LYS IA 40 24.78 -37.10 49.74
C LYS IA 40 26.01 -37.48 50.57
N TYR IA 41 25.79 -38.03 51.76
CA TYR IA 41 26.92 -38.32 52.64
C TYR IA 41 27.78 -39.45 52.10
N LYS IA 42 27.16 -40.51 51.58
CA LYS IA 42 27.99 -41.59 51.04
C LYS IA 42 28.76 -41.14 49.81
N LYS IA 43 28.12 -40.37 48.92
CA LYS IA 43 28.79 -39.83 47.75
C LYS IA 43 29.94 -38.92 48.16
N ALA IA 44 29.73 -38.07 49.16
CA ALA IA 44 30.82 -37.23 49.64
C ALA IA 44 31.96 -38.06 50.20
N GLN IA 45 31.65 -39.22 50.79
CA GLN IA 45 32.73 -40.11 51.22
C GLN IA 45 33.51 -40.65 50.04
N TYR IA 46 32.82 -41.09 48.99
CA TYR IA 46 33.49 -41.82 47.91
C TYR IA 46 34.13 -40.93 46.84
N ASN IA 47 33.84 -39.63 46.82
CA ASN IA 47 34.55 -38.70 45.93
C ASN IA 47 35.28 -37.63 46.73
N ALA IA 48 36.01 -38.06 47.75
CA ALA IA 48 36.81 -37.13 48.56
C ALA IA 48 38.06 -36.69 47.79
N GLY JA 6 -18.11 -56.32 33.24
CA GLY JA 6 -16.80 -56.69 33.74
C GLY JA 6 -16.81 -57.95 34.58
N MET JA 7 -16.32 -57.83 35.81
CA MET JA 7 -16.35 -58.95 36.73
C MET JA 7 -17.77 -59.23 37.21
N THR JA 8 -18.02 -60.49 37.59
CA THR JA 8 -19.26 -60.89 38.23
C THR JA 8 -18.98 -61.24 39.68
N GLU JA 9 -20.03 -61.64 40.40
CA GLU JA 9 -19.94 -61.75 41.86
C GLU JA 9 -18.90 -62.78 42.29
N ASP JA 10 -18.89 -63.95 41.65
CA ASP JA 10 -17.99 -65.03 42.08
C ASP JA 10 -16.52 -64.68 41.78
N GLU JA 11 -16.24 -64.24 40.56
CA GLU JA 11 -14.87 -63.90 40.24
C GLU JA 11 -14.43 -62.63 40.96
N ALA JA 12 -15.39 -61.76 41.30
CA ALA JA 12 -15.08 -60.64 42.19
C ALA JA 12 -14.68 -61.12 43.57
N ARG JA 13 -15.33 -62.16 44.10
CA ARG JA 13 -14.91 -62.71 45.39
C ARG JA 13 -13.50 -63.25 45.32
N ARG JA 14 -13.20 -64.02 44.27
CA ARG JA 14 -11.86 -64.59 44.14
C ARG JA 14 -10.81 -63.49 43.97
N PHE JA 15 -11.11 -62.49 43.15
CA PHE JA 15 -10.20 -61.38 42.94
C PHE JA 15 -9.98 -60.60 44.23
N HIS JA 16 -11.04 -60.39 45.01
CA HIS JA 16 -10.91 -59.71 46.28
C HIS JA 16 -10.01 -60.47 47.24
N GLY JA 17 -10.19 -61.79 47.32
CA GLY JA 17 -9.33 -62.57 48.19
C GLY JA 17 -7.87 -62.45 47.81
N TYR JA 18 -7.57 -62.56 46.50
CA TYR JA 18 -6.20 -62.42 46.06
C TYR JA 18 -5.66 -61.02 46.31
N PHE JA 19 -6.51 -60.00 46.14
CA PHE JA 19 -6.11 -58.62 46.43
C PHE JA 19 -5.75 -58.44 47.88
N VAL JA 20 -6.56 -58.99 48.80
CA VAL JA 20 -6.28 -58.83 50.22
C VAL JA 20 -4.98 -59.52 50.59
N THR JA 21 -4.75 -60.74 50.09
CA THR JA 21 -3.50 -61.40 50.48
C THR JA 21 -2.29 -60.67 49.89
N GLY JA 22 -2.40 -60.16 48.65
CA GLY JA 22 -1.31 -59.38 48.10
C GLY JA 22 -1.02 -58.12 48.88
N THR JA 23 -2.07 -57.40 49.29
CA THR JA 23 -1.90 -56.21 50.12
C THR JA 23 -1.23 -56.54 51.45
N LEU JA 24 -1.66 -57.63 52.08
CA LEU JA 24 -1.07 -58.04 53.35
C LEU JA 24 0.41 -58.36 53.21
N GLY JA 25 0.78 -59.12 52.17
CA GLY JA 25 2.19 -59.40 51.94
C GLY JA 25 3.01 -58.14 51.68
N TYR JA 26 2.46 -57.23 50.88
CA TYR JA 26 3.13 -55.96 50.62
C TYR JA 26 3.37 -55.18 51.91
N ILE JA 27 2.36 -55.14 52.79
CA ILE JA 27 2.49 -54.42 54.04
C ILE JA 27 3.57 -55.04 54.91
N ILE JA 28 3.64 -56.38 54.95
CA ILE JA 28 4.70 -57.02 55.74
C ILE JA 28 6.07 -56.65 55.20
N VAL JA 29 6.24 -56.70 53.88
CA VAL JA 29 7.56 -56.41 53.32
C VAL JA 29 7.95 -54.95 53.60
N ALA JA 30 6.98 -54.04 53.46
CA ALA JA 30 7.25 -52.65 53.80
C ALA JA 30 7.58 -52.47 55.28
N ALA JA 31 6.92 -53.24 56.15
CA ALA JA 31 7.23 -53.18 57.57
C ALA JA 31 8.67 -53.61 57.84
N VAL JA 32 9.12 -54.66 57.17
CA VAL JA 32 10.52 -55.08 57.33
C VAL JA 32 11.47 -53.99 56.85
N ALA JA 33 11.15 -53.37 55.71
CA ALA JA 33 12.01 -52.30 55.20
C ALA JA 33 12.09 -51.14 56.18
N HIS JA 34 10.95 -50.73 56.74
CA HIS JA 34 10.96 -49.64 57.70
C HIS JA 34 11.70 -50.03 58.97
N PHE JA 35 11.59 -51.30 59.37
CA PHE JA 35 12.30 -51.78 60.55
C PHE JA 35 13.80 -51.66 60.36
N LEU JA 36 14.31 -52.05 59.19
CA LEU JA 36 15.74 -51.94 58.92
C LEU JA 36 16.16 -50.47 58.84
N ALA JA 37 15.34 -49.64 58.19
CA ALA JA 37 15.67 -48.22 58.08
C ALA JA 37 15.75 -47.55 59.44
N TRP JA 38 14.87 -47.95 60.37
CA TRP JA 38 14.87 -47.31 61.68
C TRP JA 38 16.18 -47.56 62.43
N GLN JA 39 16.66 -48.81 62.41
CA GLN JA 39 17.94 -49.08 63.06
C GLN JA 39 19.09 -48.41 62.33
N TRP JA 40 19.00 -48.24 61.02
CA TRP JA 40 20.07 -47.53 60.33
C TRP JA 40 20.06 -46.04 60.65
N ARG JA 41 18.90 -45.40 60.60
CA ARG JA 41 18.80 -43.95 60.82
C ARG JA 41 17.42 -43.62 61.33
N PRO JA 42 17.23 -43.55 62.65
CA PRO JA 42 15.93 -43.17 63.19
C PRO JA 42 15.55 -41.76 62.79
N TRP JA 43 14.27 -41.56 62.45
CA TRP JA 43 13.82 -40.27 61.95
C TRP JA 43 13.02 -39.48 62.97
N PHE JA 44 13.01 -39.91 64.22
CA PHE JA 44 12.35 -39.16 65.29
C PHE JA 44 13.34 -38.82 66.39
N GLY KA 5 -9.65 -62.28 20.07
CA GLY KA 5 -9.00 -63.38 20.78
C GLY KA 5 -8.50 -63.01 22.16
N GLY KA 6 -7.27 -63.42 22.45
CA GLY KA 6 -6.68 -63.20 23.76
C GLY KA 6 -6.01 -64.45 24.31
N MET KA 7 -5.93 -64.56 25.63
CA MET KA 7 -5.37 -65.73 26.26
C MET KA 7 -6.46 -66.73 26.64
N THR KA 8 -6.04 -67.92 27.03
CA THR KA 8 -6.91 -69.01 27.44
C THR KA 8 -6.64 -69.35 28.91
N GLU KA 9 -7.23 -70.44 29.37
CA GLU KA 9 -7.10 -70.82 30.77
C GLU KA 9 -5.82 -71.61 31.03
N ASP KA 10 -5.58 -72.68 30.26
CA ASP KA 10 -4.48 -73.60 30.56
C ASP KA 10 -3.14 -72.96 30.24
N GLU KA 11 -2.97 -72.45 29.02
CA GLU KA 11 -1.72 -71.81 28.69
C GLU KA 11 -1.47 -70.56 29.51
N ALA KA 12 -2.52 -69.97 30.09
CA ALA KA 12 -2.30 -68.95 31.10
C ALA KA 12 -1.58 -69.52 32.32
N ARG KA 13 -1.96 -70.72 32.77
CA ARG KA 13 -1.23 -71.35 33.88
C ARG KA 13 0.22 -71.61 33.49
N ARG KA 14 0.44 -72.15 32.28
CA ARG KA 14 1.83 -72.46 31.88
C ARG KA 14 2.66 -71.19 31.75
N PHE KA 15 2.09 -70.15 31.14
CA PHE KA 15 2.79 -68.88 31.01
C PHE KA 15 3.07 -68.27 32.37
N HIS KA 16 2.13 -68.41 33.32
CA HIS KA 16 2.36 -67.92 34.67
C HIS KA 16 3.50 -68.67 35.33
N GLY KA 17 3.57 -69.99 35.14
CA GLY KA 17 4.68 -70.74 35.71
C GLY KA 17 6.02 -70.29 35.17
N TYR KA 18 6.11 -70.13 33.85
CA TYR KA 18 7.37 -69.66 33.27
C TYR KA 18 7.69 -68.23 33.70
N PHE KA 19 6.68 -67.37 33.82
CA PHE KA 19 6.91 -66.00 34.28
C PHE KA 19 7.45 -66.00 35.70
N VAL KA 20 6.86 -66.82 36.58
CA VAL KA 20 7.33 -66.89 37.96
C VAL KA 20 8.77 -67.37 38.02
N THR KA 21 9.09 -68.45 37.28
CA THR KA 21 10.45 -68.96 37.36
C THR KA 21 11.47 -67.98 36.77
N GLY KA 22 11.11 -67.29 35.69
CA GLY KA 22 11.99 -66.25 35.17
C GLY KA 22 12.20 -65.12 36.16
N THR KA 23 11.12 -64.72 36.84
CA THR KA 23 11.24 -63.67 37.84
C THR KA 23 12.16 -64.09 38.99
N LEU KA 24 12.02 -65.33 39.46
CA LEU KA 24 12.91 -65.79 40.52
C LEU KA 24 14.36 -65.85 40.06
N GLY KA 25 14.60 -66.32 38.83
CA GLY KA 25 15.95 -66.32 38.31
C GLY KA 25 16.55 -64.93 38.26
N TYR KA 26 15.80 -63.96 37.74
CA TYR KA 26 16.24 -62.58 37.70
C TYR KA 26 16.53 -62.05 39.10
N ILE KA 27 15.65 -62.36 40.06
CA ILE KA 27 15.82 -61.89 41.43
C ILE KA 27 17.11 -62.43 42.02
N ILE KA 28 17.39 -63.72 41.82
CA ILE KA 28 18.57 -64.29 42.46
C ILE KA 28 19.85 -63.77 41.81
N VAL KA 29 19.87 -63.62 40.48
CA VAL KA 29 21.08 -63.07 39.88
C VAL KA 29 21.30 -61.65 40.34
N ALA KA 30 20.23 -60.86 40.44
CA ALA KA 30 20.35 -59.50 40.97
C ALA KA 30 20.86 -59.49 42.41
N ALA KA 31 20.41 -60.45 43.22
CA ALA KA 31 20.90 -60.55 44.59
C ALA KA 31 22.39 -60.84 44.64
N VAL KA 32 22.87 -61.74 43.77
CA VAL KA 32 24.31 -62.00 43.73
C VAL KA 32 25.07 -60.76 43.28
N ALA KA 33 24.53 -60.03 42.29
CA ALA KA 33 25.19 -58.82 41.83
C ALA KA 33 25.28 -57.79 42.95
N HIS KA 34 24.21 -57.63 43.73
CA HIS KA 34 24.23 -56.70 44.86
C HIS KA 34 25.19 -57.16 45.95
N PHE KA 35 25.29 -58.48 46.17
CA PHE KA 35 26.27 -59.00 47.13
C PHE KA 35 27.68 -58.62 46.72
N LEU KA 36 28.03 -58.86 45.45
CA LEU KA 36 29.36 -58.52 44.97
C LEU KA 36 29.61 -57.01 45.06
N ALA KA 37 28.62 -56.20 44.68
CA ALA KA 37 28.79 -54.75 44.78
C ALA KA 37 28.99 -54.32 46.23
N TRP KA 38 28.28 -54.94 47.17
CA TRP KA 38 28.44 -54.60 48.58
C TRP KA 38 29.84 -54.91 49.07
N GLN KA 39 30.35 -56.10 48.74
CA GLN KA 39 31.69 -56.41 49.19
C GLN KA 39 32.73 -55.56 48.48
N TRP KA 40 32.42 -55.05 47.29
CA TRP KA 40 33.34 -54.14 46.62
C TRP KA 40 33.30 -52.75 47.24
N ARG KA 41 32.13 -52.11 47.25
CA ARG KA 41 31.99 -50.76 47.80
C ARG KA 41 30.63 -50.64 48.47
N PRO KA 42 30.54 -50.89 49.77
CA PRO KA 42 29.26 -50.76 50.46
C PRO KA 42 28.77 -49.32 50.41
N TRP KA 43 27.46 -49.16 50.26
CA TRP KA 43 26.87 -47.85 50.06
C TRP KA 43 26.19 -47.29 51.31
N PHE KA 44 26.34 -47.95 52.44
CA PHE KA 44 25.73 -47.47 53.68
C PHE KA 44 26.79 -47.11 54.72
N MET LA 1 -4.19 -67.00 40.25
CA MET LA 1 -3.36 -65.81 40.11
C MET LA 1 -3.00 -65.61 38.64
N HIS LA 2 -3.28 -66.62 37.84
CA HIS LA 2 -2.95 -66.62 36.42
C HIS LA 2 -4.07 -66.05 35.55
N ARG LA 3 -5.20 -65.69 36.14
CA ARG LA 3 -6.32 -65.18 35.37
C ARG LA 3 -6.17 -63.71 35.01
N ILE LA 4 -5.17 -63.03 35.56
CA ILE LA 4 -4.89 -61.67 35.12
C ILE LA 4 -4.40 -61.67 33.68
N TRP LA 5 -3.65 -62.70 33.29
CA TRP LA 5 -3.12 -62.79 31.94
C TRP LA 5 -4.17 -63.12 30.90
N GLN LA 6 -5.39 -63.47 31.31
CA GLN LA 6 -6.42 -63.83 30.34
C GLN LA 6 -6.83 -62.62 29.51
N GLY LA 7 -6.91 -62.83 28.20
CA GLY LA 7 -7.27 -61.78 27.28
C GLY LA 7 -6.16 -60.81 26.93
N MET LA 8 -4.94 -61.05 27.42
CA MET LA 8 -3.82 -60.16 27.18
C MET LA 8 -2.79 -60.84 26.29
N ASP LA 9 -2.24 -60.08 25.35
CA ASP LA 9 -1.23 -60.61 24.46
C ASP LA 9 0.08 -60.79 25.20
N PRO LA 10 0.67 -62.00 25.21
CA PRO LA 10 1.99 -62.16 25.85
C PRO LA 10 3.07 -61.29 25.23
N GLN LA 11 2.99 -61.00 23.93
CA GLN LA 11 3.96 -60.10 23.33
C GLN LA 11 3.90 -58.71 23.95
N ILE LA 12 2.69 -58.19 24.17
CA ILE LA 12 2.57 -56.86 24.77
C ILE LA 12 3.05 -56.88 26.22
N ILE LA 13 2.76 -57.96 26.95
CA ILE LA 13 3.23 -58.07 28.33
C ILE LA 13 4.76 -58.06 28.37
N MET LA 14 5.39 -58.85 27.50
CA MET LA 14 6.84 -58.91 27.50
C MET LA 14 7.45 -57.60 27.04
N SER LA 15 6.82 -56.94 26.07
CA SER LA 15 7.31 -55.65 25.60
C SER LA 15 7.26 -54.61 26.71
N GLY LA 16 6.15 -54.55 27.46
CA GLY LA 16 6.06 -53.62 28.56
C GLY LA 16 7.04 -53.95 29.68
N LEU LA 17 7.21 -55.24 29.97
CA LEU LA 17 8.16 -55.64 30.99
C LEU LA 17 9.58 -55.24 30.62
N GLY LA 18 9.98 -55.48 29.37
CA GLY LA 18 11.29 -55.07 28.91
C GLY LA 18 11.48 -53.57 28.87
N PHE LA 19 10.47 -52.83 28.46
CA PHE LA 19 10.51 -51.37 28.47
C PHE LA 19 10.71 -50.86 29.89
N PHE LA 20 10.01 -51.44 30.87
CA PHE LA 20 10.22 -51.11 32.27
C PHE LA 20 11.64 -51.43 32.73
N LEU LA 21 12.09 -52.67 32.48
CA LEU LA 21 13.35 -53.13 33.04
C LEU LA 21 14.54 -52.37 32.48
N ALA LA 22 14.51 -52.07 31.18
CA ALA LA 22 15.62 -51.33 30.58
C ALA LA 22 15.74 -49.93 31.16
N GLY LA 23 14.62 -49.21 31.25
CA GLY LA 23 14.67 -47.87 31.80
C GLY LA 23 15.07 -47.86 33.27
N LEU LA 24 14.55 -48.80 34.05
CA LEU LA 24 14.92 -48.87 35.45
C LEU LA 24 16.41 -49.16 35.61
N ALA LA 25 16.94 -50.10 34.82
CA ALA LA 25 18.36 -50.40 34.89
C ALA LA 25 19.21 -49.19 34.50
N LEU LA 26 18.80 -48.46 33.47
CA LEU LA 26 19.53 -47.27 33.07
C LEU LA 26 19.58 -46.23 34.18
N ILE LA 27 18.42 -45.94 34.77
CA ILE LA 27 18.35 -44.92 35.81
C ILE LA 27 19.18 -45.34 37.02
N ILE LA 28 19.05 -46.60 37.44
CA ILE LA 28 19.75 -47.03 38.64
C ILE LA 28 21.25 -47.19 38.39
N HIS LA 29 21.65 -47.51 37.17
CA HIS LA 29 23.08 -47.55 36.88
C HIS LA 29 23.69 -46.16 36.94
N MET LA 30 22.98 -45.14 36.41
CA MET LA 30 23.46 -43.77 36.56
C MET LA 30 23.53 -43.38 38.04
N TRP LA 31 22.50 -43.72 38.81
CA TRP LA 31 22.48 -43.46 40.25
C TRP LA 31 23.67 -44.09 40.95
N ALA LA 32 23.96 -45.36 40.65
CA ALA LA 32 25.07 -46.08 41.28
C ALA LA 32 26.42 -45.53 40.85
N TYR LA 33 26.57 -45.14 39.58
CA TYR LA 33 27.82 -44.49 39.17
C TYR LA 33 28.05 -43.23 39.97
N SER LA 34 27.00 -42.42 40.15
CA SER LA 34 27.15 -41.20 40.91
C SER LA 34 27.50 -41.47 42.36
N ILE LA 35 26.91 -42.52 42.95
CA ILE LA 35 27.15 -42.81 44.36
C ILE LA 35 28.57 -43.35 44.56
N THR LA 36 28.91 -44.44 43.88
CA THR LA 36 30.20 -45.09 44.08
C THR LA 36 31.35 -44.31 43.47
N GLY LA 37 31.12 -43.58 42.39
CA GLY LA 37 32.19 -42.92 41.67
C GLY LA 37 33.17 -43.88 41.02
N TRP LA 38 32.67 -44.99 40.46
CA TRP LA 38 33.57 -46.04 39.96
C TRP LA 38 34.32 -45.62 38.71
N PRO LA 39 33.67 -45.34 37.58
CA PRO LA 39 34.45 -45.04 36.37
C PRO LA 39 35.32 -43.83 36.56
N LYS LA 40 34.91 -42.88 37.40
CA LYS LA 40 35.70 -41.68 37.60
C LYS LA 40 37.06 -42.00 38.22
N TYR LA 41 37.07 -42.75 39.32
CA TYR LA 41 38.33 -43.06 39.97
C TYR LA 41 39.19 -43.99 39.12
N LYS LA 42 38.57 -44.95 38.43
CA LYS LA 42 39.36 -45.81 37.55
C LYS LA 42 39.99 -45.00 36.40
N LYS LA 43 39.21 -44.12 35.78
CA LYS LA 43 39.72 -43.28 34.70
C LYS LA 43 40.83 -42.37 35.19
N ALA LA 44 40.66 -41.80 36.38
CA ALA LA 44 41.71 -40.96 36.93
C ALA LA 44 43.00 -41.73 37.14
N GLN LA 45 42.89 -42.99 37.58
CA GLN LA 45 44.09 -43.81 37.70
C GLN LA 45 44.74 -44.06 36.34
N TYR LA 46 43.94 -44.45 35.35
CA TYR LA 46 44.50 -44.77 34.04
C TYR LA 46 44.87 -43.55 33.22
N ASN LA 47 44.20 -42.41 33.41
CA ASN LA 47 44.45 -41.22 32.62
C ASN LA 47 45.30 -40.21 33.36
N ALA LA 48 46.30 -40.68 34.10
CA ALA LA 48 47.20 -39.81 34.84
C ALA LA 48 48.05 -38.95 33.91
N MET MA 1 8.09 -72.73 26.56
CA MET MA 1 8.98 -71.58 26.59
C MET MA 1 9.31 -71.13 25.17
N HIS MA 2 9.38 -72.09 24.25
CA HIS MA 2 9.52 -71.77 22.84
C HIS MA 2 8.25 -71.15 22.27
N ARG MA 3 7.12 -71.28 22.97
CA ARG MA 3 5.83 -70.86 22.45
C ARG MA 3 5.70 -69.34 22.32
N ILE MA 4 6.65 -68.58 22.86
CA ILE MA 4 6.65 -67.14 22.61
C ILE MA 4 7.00 -66.85 21.15
N TRP MA 5 7.87 -67.65 20.54
CA TRP MA 5 8.36 -67.34 19.20
C TRP MA 5 7.26 -67.44 18.15
N GLN MA 6 6.28 -68.30 18.35
CA GLN MA 6 5.25 -68.50 17.34
C GLN MA 6 4.42 -67.24 17.15
N GLY MA 7 4.06 -66.95 15.90
CA GLY MA 7 3.25 -65.81 15.56
C GLY MA 7 4.01 -64.63 14.99
N MET MA 8 5.34 -64.65 15.00
CA MET MA 8 6.13 -63.53 14.50
C MET MA 8 7.20 -64.02 13.54
N ASP MA 9 7.67 -63.09 12.72
CA ASP MA 9 8.65 -63.40 11.68
C ASP MA 9 10.03 -63.59 12.29
N PRO MA 10 10.71 -64.72 12.05
CA PRO MA 10 12.07 -64.88 12.58
C PRO MA 10 13.05 -63.86 12.06
N GLN MA 11 12.88 -63.40 10.82
CA GLN MA 11 13.79 -62.39 10.27
C GLN MA 11 13.69 -61.09 11.03
N ILE MA 12 12.47 -60.69 11.40
CA ILE MA 12 12.29 -59.45 12.15
C ILE MA 12 12.98 -59.56 13.51
N ILE MA 13 12.82 -60.71 14.17
CA ILE MA 13 13.43 -60.90 15.48
C ILE MA 13 14.95 -60.83 15.37
N MET MA 14 15.50 -61.52 14.37
CA MET MA 14 16.95 -61.54 14.23
C MET MA 14 17.49 -60.16 13.87
N SER MA 15 16.77 -59.43 13.02
CA SER MA 15 17.25 -58.11 12.60
C SER MA 15 17.18 -57.11 13.73
N GLY MA 16 16.10 -57.14 14.53
CA GLY MA 16 16.03 -56.28 15.69
C GLY MA 16 17.06 -56.62 16.74
N LEU MA 17 17.30 -57.91 16.97
CA LEU MA 17 18.38 -58.31 17.87
C LEU MA 17 19.73 -57.82 17.37
N GLY MA 18 19.97 -57.92 16.06
CA GLY MA 18 21.24 -57.47 15.52
C GLY MA 18 21.44 -55.98 15.68
N PHE MA 19 20.39 -55.20 15.43
CA PHE MA 19 20.50 -53.76 15.63
C PHE MA 19 20.75 -53.42 17.10
N PHE MA 20 20.00 -54.05 18.02
CA PHE MA 20 20.25 -53.87 19.45
C PHE MA 20 21.69 -54.19 19.81
N LEU MA 21 22.20 -55.33 19.36
CA LEU MA 21 23.55 -55.74 19.75
C LEU MA 21 24.61 -54.82 19.16
N ALA MA 22 24.43 -54.38 17.91
CA ALA MA 22 25.39 -53.46 17.33
C ALA MA 22 25.43 -52.14 18.09
N GLY MA 23 24.26 -51.58 18.42
CA GLY MA 23 24.24 -50.34 19.18
C GLY MA 23 24.84 -50.49 20.55
N LEU MA 24 24.49 -51.57 21.26
CA LEU MA 24 25.03 -51.80 22.59
C LEU MA 24 26.54 -51.99 22.55
N ALA MA 25 27.03 -52.74 21.56
CA ALA MA 25 28.47 -52.96 21.43
C ALA MA 25 29.20 -51.66 21.16
N LEU MA 26 28.67 -50.81 20.28
CA LEU MA 26 29.32 -49.53 20.02
C LEU MA 26 29.36 -48.66 21.28
N ILE MA 27 28.24 -48.58 21.99
CA ILE MA 27 28.18 -47.74 23.17
C ILE MA 27 29.14 -48.24 24.24
N ILE MA 28 29.16 -49.56 24.47
CA ILE MA 28 30.03 -50.09 25.51
C ILE MA 28 31.49 -50.04 25.09
N HIS MA 29 31.78 -50.11 23.78
CA HIS MA 29 33.16 -49.94 23.35
C HIS MA 29 33.64 -48.52 23.60
N MET MA 30 32.80 -47.52 23.34
CA MET MA 30 33.17 -46.15 23.65
C MET MA 30 33.37 -45.95 25.16
N TRP MA 31 32.47 -46.54 25.96
CA TRP MA 31 32.59 -46.52 27.41
C TRP MA 31 33.92 -47.14 27.87
N ALA MA 32 34.28 -48.29 27.31
CA ALA MA 32 35.52 -48.96 27.69
C ALA MA 32 36.74 -48.20 27.21
N TYR MA 33 36.69 -47.58 26.04
CA TYR MA 33 37.79 -46.73 25.60
C TYR MA 33 38.01 -45.60 26.59
N SER MA 34 36.93 -44.97 27.04
CA SER MA 34 37.05 -43.90 28.02
C SER MA 34 37.61 -44.40 29.34
N ILE MA 35 37.26 -45.62 29.74
CA ILE MA 35 37.71 -46.12 31.04
C ILE MA 35 39.18 -46.55 30.99
N THR MA 36 39.53 -47.46 30.07
CA THR MA 36 40.86 -48.07 30.09
C THR MA 36 41.96 -47.13 29.64
N GLY MA 37 41.63 -46.03 28.98
CA GLY MA 37 42.66 -45.15 28.46
C GLY MA 37 43.32 -45.62 27.19
N TRP MA 38 42.81 -46.68 26.55
CA TRP MA 38 43.20 -47.21 25.26
C TRP MA 38 42.25 -46.69 24.20
N PRO MA 39 42.74 -46.34 23.00
CA PRO MA 39 44.12 -46.39 22.53
C PRO MA 39 44.88 -45.10 22.75
N LYS MA 40 44.51 -44.30 23.75
CA LYS MA 40 45.17 -43.01 23.95
C LYS MA 40 46.64 -43.18 24.29
N TYR MA 41 46.97 -44.15 25.13
CA TYR MA 41 48.37 -44.30 25.54
C TYR MA 41 49.23 -44.89 24.43
N LYS MA 42 48.71 -45.88 23.69
CA LYS MA 42 49.45 -46.41 22.56
C LYS MA 42 49.59 -45.38 21.44
N LYS MA 43 48.53 -44.60 21.21
CA LYS MA 43 48.62 -43.52 20.23
C LYS MA 43 49.65 -42.48 20.65
N ALA MA 44 49.70 -42.16 21.94
CA ALA MA 44 50.71 -41.21 22.41
C ALA MA 44 52.11 -41.75 22.23
N GLN MA 45 52.31 -43.05 22.49
CA GLN MA 45 53.65 -43.61 22.34
C GLN MA 45 54.04 -43.77 20.88
N TYR MA 46 53.09 -43.98 19.98
CA TYR MA 46 53.42 -44.12 18.56
C TYR MA 46 53.49 -42.78 17.84
N ASN MA 47 52.96 -41.72 18.44
CA ASN MA 47 53.08 -40.38 17.89
C ASN MA 47 54.17 -39.58 18.59
N ALA MA 48 54.98 -40.24 19.41
CA ALA MA 48 56.13 -39.63 20.06
C ALA MA 48 57.46 -40.13 19.50
N GLN MA 49 57.47 -41.22 18.76
CA GLN MA 49 58.69 -41.71 18.14
C GLN MA 49 58.69 -41.37 16.66
N GLY NA 6 3.08 -65.91 10.60
CA GLY NA 6 4.14 -65.97 11.59
C GLY NA 6 4.76 -67.35 11.69
N MET NA 7 5.33 -67.66 12.86
CA MET NA 7 5.88 -68.98 13.10
C MET NA 7 4.82 -69.89 13.69
N THR NA 8 4.99 -71.19 13.46
CA THR NA 8 4.12 -72.20 14.04
C THR NA 8 4.88 -72.91 15.16
N GLU NA 9 4.26 -73.95 15.74
CA GLU NA 9 4.84 -74.61 16.90
C GLU NA 9 6.18 -75.27 16.56
N ASP NA 10 6.24 -76.00 15.45
CA ASP NA 10 7.49 -76.67 15.09
C ASP NA 10 8.56 -75.66 14.71
N GLU NA 11 8.20 -74.65 13.92
CA GLU NA 11 9.15 -73.59 13.60
C GLU NA 11 9.60 -72.86 14.86
N ALA NA 12 8.67 -72.60 15.78
CA ALA NA 12 9.04 -71.95 17.03
C ALA NA 12 10.02 -72.79 17.82
N ARG NA 13 9.80 -74.10 17.91
CA ARG NA 13 10.71 -74.95 18.66
C ARG NA 13 12.10 -75.00 18.03
N ARG NA 14 12.17 -75.13 16.71
CA ARG NA 14 13.46 -75.18 16.04
C ARG NA 14 14.21 -73.85 16.16
N PHE NA 15 13.48 -72.75 15.97
CA PHE NA 15 14.07 -71.42 16.12
C PHE NA 15 14.54 -71.20 17.54
N HIS NA 16 13.78 -71.70 18.53
CA HIS NA 16 14.19 -71.58 19.91
C HIS NA 16 15.49 -72.33 20.17
N GLY NA 17 15.61 -73.55 19.64
CA GLY NA 17 16.85 -74.29 19.82
C GLY NA 17 18.04 -73.56 19.23
N TYR NA 18 17.90 -73.10 17.98
CA TYR NA 18 19.00 -72.37 17.34
C TYR NA 18 19.32 -71.07 18.08
N PHE NA 19 18.29 -70.34 18.49
CA PHE NA 19 18.48 -69.08 19.19
C PHE NA 19 19.20 -69.29 20.50
N VAL NA 20 18.84 -70.35 21.23
CA VAL NA 20 19.47 -70.62 22.51
C VAL NA 20 20.94 -71.00 22.33
N THR NA 21 21.24 -71.91 21.41
CA THR NA 21 22.64 -72.27 21.24
C THR NA 21 23.47 -71.08 20.77
N GLY NA 22 22.92 -70.24 19.89
CA GLY NA 22 23.62 -69.02 19.51
C GLY NA 22 23.84 -68.08 20.68
N THR NA 23 22.86 -67.94 21.56
CA THR NA 23 23.00 -67.06 22.71
C THR NA 23 24.11 -67.54 23.64
N LEU NA 24 24.14 -68.84 23.93
CA LEU NA 24 25.22 -69.34 24.78
C LEU NA 24 26.58 -69.21 24.10
N GLY NA 25 26.66 -69.44 22.79
CA GLY NA 25 27.93 -69.23 22.10
C GLY NA 25 28.42 -67.80 22.22
N TYR NA 26 27.52 -66.84 21.98
CA TYR NA 26 27.87 -65.42 22.09
C TYR NA 26 28.30 -65.07 23.52
N ILE NA 27 27.57 -65.56 24.52
CA ILE NA 27 27.92 -65.27 25.91
C ILE NA 27 29.27 -65.88 26.26
N ILE NA 28 29.56 -67.08 25.76
CA ILE NA 28 30.83 -67.73 26.06
C ILE NA 28 31.99 -66.94 25.49
N VAL NA 29 31.90 -66.55 24.22
CA VAL NA 29 33.02 -65.84 23.61
C VAL NA 29 33.19 -64.46 24.25
N ALA NA 30 32.07 -63.83 24.63
CA ALA NA 30 32.15 -62.57 25.36
C ALA NA 30 32.81 -62.75 26.72
N ALA NA 31 32.52 -63.87 27.40
CA ALA NA 31 33.18 -64.14 28.68
C ALA NA 31 34.68 -64.28 28.51
N VAL NA 32 35.12 -64.98 27.45
CA VAL NA 32 36.55 -65.10 27.20
C VAL NA 32 37.16 -63.72 26.92
N ALA NA 33 36.47 -62.89 26.15
CA ALA NA 33 36.97 -61.55 25.88
C ALA NA 33 37.11 -60.74 27.15
N HIS NA 34 36.12 -60.82 28.04
CA HIS NA 34 36.18 -60.11 29.31
C HIS NA 34 37.33 -60.61 30.18
N PHE NA 35 37.57 -61.92 30.18
CA PHE NA 35 38.70 -62.49 30.90
C PHE NA 35 40.03 -61.90 30.41
N LEU NA 36 40.22 -61.90 29.09
CA LEU NA 36 41.45 -61.37 28.51
C LEU NA 36 41.60 -59.88 28.83
N ALA NA 37 40.52 -59.13 28.71
CA ALA NA 37 40.56 -57.71 29.04
C ALA NA 37 40.86 -57.49 30.52
N TRP NA 38 40.37 -58.37 31.40
CA TRP NA 38 40.66 -58.23 32.81
C TRP NA 38 42.14 -58.39 33.09
N GLN NA 39 42.77 -59.43 32.51
CA GLN NA 39 44.21 -59.58 32.73
C GLN NA 39 45.00 -58.46 32.04
N TRP NA 40 44.47 -57.86 30.98
CA TRP NA 40 45.18 -56.75 30.36
C TRP NA 40 45.10 -55.49 31.24
N ARG NA 41 43.89 -55.01 31.51
CA ARG NA 41 43.69 -53.80 32.31
C ARG NA 41 42.50 -53.99 33.23
N PRO NA 42 42.72 -54.35 34.49
CA PRO NA 42 41.60 -54.48 35.44
C PRO NA 42 40.89 -53.14 35.62
N TRP NA 43 39.56 -53.20 35.72
CA TRP NA 43 38.74 -51.99 35.79
C TRP NA 43 38.07 -51.81 37.13
N PHE NA 44 38.63 -52.38 38.20
CA PHE NA 44 38.09 -52.20 39.54
C PHE NA 44 39.18 -51.85 40.54
N GLY OA 6 11.35 -64.70 -3.35
CA GLY OA 6 12.37 -65.18 -2.44
C GLY OA 6 13.06 -66.43 -2.93
N MET OA 7 13.72 -67.15 -2.02
CA MET OA 7 14.39 -68.40 -2.35
C MET OA 7 13.72 -69.56 -1.63
N THR OA 8 13.90 -70.76 -2.18
CA THR OA 8 13.29 -71.97 -1.65
C THR OA 8 14.30 -72.71 -0.76
N GLU OA 9 13.94 -73.93 -0.34
CA GLU OA 9 14.75 -74.63 0.67
C GLU OA 9 16.10 -75.07 0.13
N ASP OA 10 16.12 -75.73 -1.03
CA ASP OA 10 17.38 -76.30 -1.52
C ASP OA 10 18.39 -75.22 -1.89
N GLU OA 11 17.94 -74.21 -2.62
CA GLU OA 11 18.81 -73.08 -2.91
C GLU OA 11 19.20 -72.31 -1.66
N ALA OA 12 18.36 -72.34 -0.61
CA ALA OA 12 18.78 -71.77 0.65
C ALA OA 12 19.92 -72.57 1.27
N ARG OA 13 19.87 -73.90 1.18
CA ARG OA 13 20.98 -74.71 1.66
C ARG OA 13 22.27 -74.39 0.91
N ARG OA 14 22.18 -74.31 -0.41
CA ARG OA 14 23.37 -74.03 -1.20
C ARG OA 14 23.92 -72.64 -0.89
N PHE OA 15 23.02 -71.65 -0.78
CA PHE OA 15 23.43 -70.30 -0.41
C PHE OA 15 24.10 -70.29 0.95
N HIS OA 16 23.54 -71.02 1.91
CA HIS OA 16 24.13 -71.06 3.25
C HIS OA 16 25.52 -71.65 3.23
N GLY OA 17 25.72 -72.74 2.48
CA GLY OA 17 27.04 -73.33 2.40
C GLY OA 17 28.07 -72.40 1.80
N TYR OA 18 27.72 -71.77 0.67
CA TYR OA 18 28.67 -70.85 0.05
C TYR OA 18 28.87 -69.59 0.87
N PHE OA 19 27.84 -69.11 1.56
CA PHE OA 19 28.00 -67.96 2.45
C PHE OA 19 28.94 -68.30 3.59
N VAL OA 20 28.81 -69.50 4.16
CA VAL OA 20 29.67 -69.85 5.29
C VAL OA 20 31.11 -70.00 4.84
N THR OA 21 31.33 -70.59 3.66
CA THR OA 21 32.71 -70.73 3.20
C THR OA 21 33.33 -69.38 2.82
N GLY OA 22 32.52 -68.47 2.28
CA GLY OA 22 33.03 -67.13 2.00
C GLY OA 22 33.37 -66.37 3.26
N THR OA 23 32.51 -66.46 4.27
CA THR OA 23 32.80 -65.86 5.56
C THR OA 23 34.08 -66.43 6.15
N LEU OA 24 34.25 -67.75 6.06
CA LEU OA 24 35.48 -68.36 6.54
C LEU OA 24 36.70 -67.76 5.84
N GLY OA 25 36.76 -67.89 4.52
CA GLY OA 25 37.90 -67.33 3.79
C GLY OA 25 38.20 -65.89 4.16
N TYR OA 26 37.15 -65.07 4.32
CA TYR OA 26 37.36 -63.71 4.80
C TYR OA 26 38.01 -63.69 6.17
N ILE OA 27 37.59 -64.57 7.07
CA ILE OA 27 38.15 -64.61 8.43
C ILE OA 27 39.63 -64.93 8.38
N ILE OA 28 40.01 -65.98 7.63
CA ILE OA 28 41.42 -66.34 7.57
C ILE OA 28 42.25 -65.22 6.94
N VAL OA 29 41.76 -64.61 5.87
CA VAL OA 29 42.54 -63.55 5.22
C VAL OA 29 42.73 -62.37 6.17
N ALA OA 30 41.67 -61.98 6.89
CA ALA OA 30 41.79 -60.91 7.88
C ALA OA 30 42.72 -61.30 9.03
N ALA OA 31 42.72 -62.58 9.41
CA ALA OA 31 43.61 -63.04 10.47
C ALA OA 31 45.07 -62.89 10.08
N VAL OA 32 45.41 -63.26 8.84
CA VAL OA 32 46.78 -63.04 8.36
C VAL OA 32 47.11 -61.56 8.33
N ALA OA 33 46.16 -60.73 7.89
CA ALA OA 33 46.40 -59.28 7.87
C ALA OA 33 46.71 -58.77 9.28
N HIS OA 34 45.94 -59.19 10.27
CA HIS OA 34 46.18 -58.75 11.64
C HIS OA 34 47.49 -59.28 12.20
N PHE OA 35 47.86 -60.51 11.85
CA PHE OA 35 49.17 -61.03 12.25
C PHE OA 35 50.30 -60.17 11.72
N LEU OA 36 50.27 -59.83 10.43
CA LEU OA 36 51.31 -58.97 9.87
C LEU OA 36 51.33 -57.61 10.54
N ALA OA 37 50.15 -57.02 10.75
CA ALA OA 37 50.08 -55.72 11.41
C ALA OA 37 50.64 -55.79 12.83
N TRP OA 38 50.37 -56.88 13.55
CA TRP OA 38 50.92 -57.01 14.89
C TRP OA 38 52.44 -57.08 14.87
N GLN OA 39 53.01 -57.86 13.94
CA GLN OA 39 54.46 -57.87 13.84
C GLN OA 39 55.03 -56.50 13.49
N TRP OA 40 54.31 -55.72 12.69
CA TRP OA 40 54.85 -54.40 12.33
C TRP OA 40 54.74 -53.40 13.47
N ARG OA 41 53.53 -53.24 14.03
CA ARG OA 41 53.32 -52.28 15.12
C ARG OA 41 52.26 -52.83 16.06
N PRO OA 42 52.67 -53.52 17.11
CA PRO OA 42 51.70 -54.02 18.09
C PRO OA 42 51.00 -52.88 18.80
N TRP OA 43 49.69 -53.04 19.02
CA TRP OA 43 48.86 -51.94 19.50
C TRP OA 43 48.47 -52.07 20.98
N PHE OA 44 49.04 -53.03 21.69
CA PHE OA 44 48.75 -53.15 23.12
C PHE OA 44 50.00 -52.88 23.94
N MET PA 1 19.64 -74.40 10.26
CA MET PA 1 20.16 -73.06 10.53
C MET PA 1 20.15 -72.22 9.26
N HIS PA 2 19.96 -72.88 8.13
CA HIS PA 2 19.88 -72.21 6.83
C HIS PA 2 18.50 -71.63 6.55
N ARG PA 3 17.48 -72.04 7.32
CA ARG PA 3 16.12 -71.59 7.06
C ARG PA 3 15.92 -70.10 7.28
N ILE PA 4 16.91 -69.43 7.91
CA ILE PA 4 16.85 -67.98 8.02
C ILE PA 4 16.94 -67.33 6.66
N TRP PA 5 17.66 -67.94 5.72
CA TRP PA 5 17.83 -67.33 4.40
C TRP PA 5 16.61 -67.49 3.51
N GLN PA 6 15.60 -68.23 3.96
CA GLN PA 6 14.47 -68.55 3.12
C GLN PA 6 13.63 -67.30 2.86
N GLY PA 7 13.28 -67.08 1.59
CA GLY PA 7 12.44 -65.97 1.23
C GLY PA 7 13.14 -64.63 1.09
N MET PA 8 14.47 -64.60 1.13
CA MET PA 8 15.24 -63.37 1.00
C MET PA 8 16.07 -63.41 -0.27
N ASP PA 9 16.01 -62.34 -1.05
CA ASP PA 9 16.73 -62.29 -2.32
C ASP PA 9 18.23 -62.34 -2.07
N PRO PA 10 18.98 -63.14 -2.84
CA PRO PA 10 20.44 -63.17 -2.64
C PRO PA 10 21.11 -61.83 -2.91
N GLN PA 11 20.60 -61.06 -3.87
CA GLN PA 11 21.21 -59.78 -4.18
C GLN PA 11 21.05 -58.77 -3.05
N ILE PA 12 19.88 -58.76 -2.40
CA ILE PA 12 19.69 -57.88 -1.25
C ILE PA 12 20.68 -58.22 -0.15
N ILE PA 13 20.82 -59.51 0.16
CA ILE PA 13 21.73 -59.94 1.21
C ILE PA 13 23.16 -59.56 0.84
N MET PA 14 23.55 -59.82 -0.40
CA MET PA 14 24.92 -59.55 -0.83
C MET PA 14 25.23 -58.07 -0.80
N SER PA 15 24.31 -57.23 -1.27
CA SER PA 15 24.53 -55.78 -1.22
C SER PA 15 24.63 -55.29 0.21
N GLY PA 16 23.72 -55.73 1.08
CA GLY PA 16 23.78 -55.32 2.47
C GLY PA 16 25.08 -55.71 3.13
N LEU PA 17 25.51 -56.96 2.91
CA LEU PA 17 26.77 -57.42 3.47
C LEU PA 17 27.96 -56.65 2.93
N GLY PA 18 28.01 -56.45 1.61
CA GLY PA 18 29.15 -55.76 1.02
C GLY PA 18 29.28 -54.34 1.52
N PHE PA 19 28.16 -53.63 1.62
CA PHE PA 19 28.26 -52.25 2.05
C PHE PA 19 28.41 -52.10 3.56
N PHE PA 20 27.89 -53.06 4.35
CA PHE PA 20 28.32 -53.21 5.73
C PHE PA 20 29.83 -53.34 5.85
N LEU PA 21 30.44 -54.25 5.10
CA LEU PA 21 31.88 -54.46 5.18
C LEU PA 21 32.64 -53.22 4.71
N ALA PA 22 32.14 -52.54 3.69
CA ALA PA 22 32.81 -51.33 3.22
C ALA PA 22 32.80 -50.23 4.27
N GLY PA 23 31.63 -49.97 4.87
CA GLY PA 23 31.58 -48.97 5.92
C GLY PA 23 32.45 -49.32 7.11
N LEU PA 24 32.39 -50.58 7.56
CA LEU PA 24 33.17 -51.00 8.71
C LEU PA 24 34.66 -50.90 8.41
N ALA PA 25 35.09 -51.32 7.21
CA ALA PA 25 36.49 -51.28 6.86
C ALA PA 25 36.99 -49.85 6.75
N LEU PA 26 36.17 -48.94 6.23
CA LEU PA 26 36.58 -47.54 6.17
C LEU PA 26 36.75 -46.97 7.57
N ILE PA 27 35.77 -47.23 8.44
CA ILE PA 27 35.85 -46.73 9.82
C ILE PA 27 37.08 -47.28 10.52
N ILE PA 28 37.37 -48.57 10.37
CA ILE PA 28 38.47 -49.16 11.14
C ILE PA 28 39.82 -48.86 10.50
N HIS PA 29 39.91 -48.73 9.18
CA HIS PA 29 41.18 -48.29 8.60
C HIS PA 29 41.50 -46.87 9.05
N MET PA 30 40.47 -46.03 9.22
CA MET PA 30 40.72 -44.67 9.72
C MET PA 30 41.12 -44.69 11.19
N TRP PA 31 40.45 -45.52 11.99
CA TRP PA 31 40.82 -45.72 13.40
C TRP PA 31 42.25 -46.21 13.54
N ALA PA 32 42.66 -47.16 12.70
CA ALA PA 32 44.02 -47.67 12.72
C ALA PA 32 45.04 -46.65 12.23
N TYR PA 33 44.68 -45.84 11.23
CA TYR PA 33 45.57 -44.75 10.82
C TYR PA 33 45.81 -43.81 11.98
N SER PA 34 44.76 -43.49 12.74
CA SER PA 34 44.93 -42.64 13.91
C SER PA 34 45.82 -43.29 14.96
N ILE PA 35 45.64 -44.59 15.19
CA ILE PA 35 46.35 -45.26 16.28
C ILE PA 35 47.84 -45.41 15.95
N THR PA 36 48.15 -45.92 14.76
CA THR PA 36 49.55 -46.21 14.44
C THR PA 36 50.30 -44.99 13.94
N GLY PA 37 49.60 -44.03 13.34
CA GLY PA 37 50.26 -42.90 12.72
C GLY PA 37 51.12 -43.28 11.52
N TRP PA 38 50.64 -44.22 10.70
CA TRP PA 38 51.50 -44.75 9.64
C TRP PA 38 51.70 -43.77 8.50
N PRO PA 39 50.67 -43.31 7.79
CA PRO PA 39 50.92 -42.42 6.66
C PRO PA 39 51.65 -41.18 7.08
N LYS PA 40 51.34 -40.65 8.26
CA LYS PA 40 51.98 -39.43 8.73
C LYS PA 40 53.48 -39.60 8.82
N TYR PA 41 53.94 -40.64 9.53
CA TYR PA 41 55.37 -40.79 9.74
C TYR PA 41 56.10 -41.15 8.45
N LYS PA 42 55.53 -42.04 7.63
CA LYS PA 42 56.24 -42.39 6.40
C LYS PA 42 56.30 -41.21 5.44
N LYS PA 43 55.20 -40.48 5.29
CA LYS PA 43 55.17 -39.33 4.41
C LYS PA 43 56.09 -38.22 4.92
N ALA PA 44 56.21 -38.07 6.25
CA ALA PA 44 57.17 -37.12 6.78
C ALA PA 44 58.60 -37.55 6.48
N GLN PA 45 58.87 -38.86 6.50
CA GLN PA 45 60.19 -39.33 6.09
C GLN PA 45 60.49 -38.98 4.64
N TYR PA 46 59.52 -39.21 3.75
CA TYR PA 46 59.77 -38.99 2.33
C TYR PA 46 59.68 -37.53 1.90
N ASN PA 47 59.14 -36.66 2.75
CA ASN PA 47 58.98 -35.25 2.44
C ASN PA 47 59.74 -34.38 3.42
N ALA PA 48 60.96 -34.80 3.76
CA ALA PA 48 61.78 -34.08 4.72
C ALA PA 48 62.55 -32.96 4.04
N GLY QA 6 18.81 -62.35 -17.31
CA GLY QA 6 18.38 -63.67 -17.72
C GLY QA 6 19.48 -64.47 -18.39
N MET QA 7 20.16 -65.30 -17.62
CA MET QA 7 21.28 -66.07 -18.13
C MET QA 7 21.28 -67.46 -17.51
N THR QA 8 21.80 -68.42 -18.27
CA THR QA 8 21.62 -69.85 -17.98
C THR QA 8 22.90 -70.46 -17.39
N GLU QA 9 22.82 -71.76 -17.12
CA GLU QA 9 23.86 -72.42 -16.34
C GLU QA 9 25.14 -72.61 -17.16
N ASP QA 10 25.00 -72.98 -18.43
CA ASP QA 10 26.18 -73.13 -19.29
C ASP QA 10 26.94 -71.82 -19.40
N GLU QA 11 26.25 -70.72 -19.70
CA GLU QA 11 26.92 -69.44 -19.75
C GLU QA 11 27.36 -69.02 -18.35
N ALA QA 12 26.64 -69.45 -17.31
CA ALA QA 12 27.07 -69.17 -15.95
C ALA QA 12 28.47 -69.71 -15.71
N ARG QA 13 28.68 -70.99 -16.02
CA ARG QA 13 29.98 -71.59 -15.82
C ARG QA 13 31.04 -70.96 -16.73
N ARG QA 14 30.70 -70.70 -17.99
CA ARG QA 14 31.69 -70.10 -18.89
C ARG QA 14 32.11 -68.72 -18.42
N PHE QA 15 31.13 -67.87 -18.09
CA PHE QA 15 31.40 -66.51 -17.65
C PHE QA 15 32.09 -66.49 -16.30
N HIS QA 16 31.74 -67.42 -15.41
CA HIS QA 16 32.42 -67.49 -14.12
C HIS QA 16 33.88 -67.84 -14.31
N GLY QA 17 34.17 -68.80 -15.19
CA GLY QA 17 35.56 -69.12 -15.47
C GLY QA 17 36.32 -67.94 -16.03
N TYR QA 18 35.72 -67.27 -17.03
CA TYR QA 18 36.40 -66.14 -17.65
C TYR QA 18 36.62 -65.02 -16.65
N PHE QA 19 35.61 -64.71 -15.83
CA PHE QA 19 35.74 -63.66 -14.84
C PHE QA 19 36.77 -64.03 -13.77
N VAL QA 20 36.84 -65.31 -13.40
CA VAL QA 20 37.82 -65.73 -12.41
C VAL QA 20 39.24 -65.57 -12.95
N THR QA 21 39.46 -66.00 -14.19
CA THR QA 21 40.80 -65.82 -14.76
C THR QA 21 41.14 -64.35 -14.94
N GLY QA 22 40.16 -63.53 -15.32
CA GLY QA 22 40.42 -62.11 -15.45
C GLY QA 22 40.78 -61.47 -14.13
N THR QA 23 40.03 -61.79 -13.07
CA THR QA 23 40.34 -61.28 -11.74
C THR QA 23 41.71 -61.76 -11.29
N LEU QA 24 42.01 -63.05 -11.52
CA LEU QA 24 43.32 -63.57 -11.13
C LEU QA 24 44.43 -62.81 -11.82
N GLY QA 25 44.35 -62.66 -13.14
CA GLY QA 25 45.40 -61.95 -13.86
C GLY QA 25 45.54 -60.51 -13.41
N TYR QA 26 44.42 -59.84 -13.16
CA TYR QA 26 44.47 -58.47 -12.66
C TYR QA 26 45.16 -58.41 -11.31
N ILE QA 27 44.90 -59.39 -10.43
CA ILE QA 27 45.59 -59.46 -9.15
C ILE QA 27 47.09 -59.70 -9.35
N ILE QA 28 47.48 -60.58 -10.26
CA ILE QA 28 48.92 -60.82 -10.43
C ILE QA 28 49.62 -59.55 -10.91
N VAL QA 29 49.03 -58.86 -11.88
CA VAL QA 29 49.72 -57.69 -12.41
C VAL QA 29 49.74 -56.57 -11.35
N ALA QA 30 48.69 -56.46 -10.54
CA ALA QA 30 48.70 -55.51 -9.42
C ALA QA 30 49.77 -55.89 -8.40
N ALA QA 31 49.93 -57.18 -8.12
CA ALA QA 31 50.97 -57.63 -7.19
C ALA QA 31 52.35 -57.30 -7.71
N VAL QA 32 52.58 -57.48 -9.01
CA VAL QA 32 53.87 -57.11 -9.59
C VAL QA 32 54.11 -55.60 -9.47
N ALA QA 33 53.06 -54.81 -9.70
CA ALA QA 33 53.18 -53.37 -9.54
C ALA QA 33 53.56 -53.01 -8.11
N HIS QA 34 52.92 -53.64 -7.13
CA HIS QA 34 53.24 -53.38 -5.73
C HIS QA 34 54.65 -53.83 -5.38
N PHE QA 35 55.09 -54.95 -5.94
CA PHE QA 35 56.47 -55.40 -5.70
C PHE QA 35 57.48 -54.42 -6.23
N LEU QA 36 57.28 -53.91 -7.45
CA LEU QA 36 58.19 -52.92 -8.00
C LEU QA 36 58.18 -51.64 -7.19
N ALA QA 37 56.99 -51.20 -6.77
CA ALA QA 37 56.90 -50.00 -5.94
C ALA QA 37 57.63 -50.18 -4.62
N TRP QA 38 57.51 -51.37 -4.01
CA TRP QA 38 58.21 -51.64 -2.76
C TRP QA 38 59.72 -51.62 -2.97
N GLN QA 39 60.19 -52.24 -4.05
CA GLN QA 39 61.62 -52.21 -4.33
C GLN QA 39 62.12 -50.78 -4.59
N TRP QA 40 61.24 -49.91 -5.09
CA TRP QA 40 61.64 -48.53 -5.36
C TRP QA 40 61.58 -47.68 -4.11
N ARG QA 41 60.41 -47.63 -3.47
CA ARG QA 41 60.22 -46.82 -2.26
C ARG QA 41 59.29 -47.54 -1.28
N PRO QA 42 59.84 -48.33 -0.37
CA PRO QA 42 58.99 -49.02 0.61
C PRO QA 42 58.27 -48.04 1.52
N TRP QA 43 57.02 -48.38 1.86
CA TRP QA 43 56.15 -47.46 2.58
C TRP QA 43 55.93 -47.87 4.03
N PHE QA 44 56.80 -48.70 4.58
CA PHE QA 44 56.70 -49.07 5.98
C PHE QA 44 58.02 -48.83 6.70
N MET RA 1 28.14 -71.52 -6.90
CA MET RA 1 28.89 -70.29 -6.69
C MET RA 1 28.64 -69.33 -7.84
N HIS RA 2 28.44 -69.89 -9.04
CA HIS RA 2 28.17 -69.10 -10.23
C HIS RA 2 26.73 -68.62 -10.31
N ARG RA 3 25.86 -69.11 -9.43
CA ARG RA 3 24.45 -68.79 -9.51
C ARG RA 3 24.14 -67.37 -9.07
N ILE RA 4 25.09 -66.68 -8.44
CA ILE RA 4 24.85 -65.30 -8.05
C ILE RA 4 24.70 -64.40 -9.28
N TRP RA 5 25.38 -64.73 -10.37
CA TRP RA 5 25.27 -63.91 -11.57
C TRP RA 5 23.95 -64.13 -12.29
N GLN RA 6 23.28 -65.26 -12.04
CA GLN RA 6 22.10 -65.61 -12.81
C GLN RA 6 20.97 -64.62 -12.57
N GLY RA 7 20.36 -64.14 -13.65
CA GLY RA 7 19.32 -63.15 -13.58
C GLY RA 7 19.79 -61.72 -13.69
N MET RA 8 21.11 -61.47 -13.76
CA MET RA 8 21.66 -60.14 -13.80
C MET RA 8 22.34 -59.87 -15.14
N ASP RA 9 22.25 -58.63 -15.58
CA ASP RA 9 22.85 -58.22 -16.85
C ASP RA 9 24.36 -58.16 -16.73
N PRO RA 10 25.12 -58.92 -17.52
CA PRO RA 10 26.59 -58.83 -17.43
C PRO RA 10 27.15 -57.46 -17.75
N GLN RA 11 26.50 -56.71 -18.65
CA GLN RA 11 26.97 -55.36 -18.94
C GLN RA 11 26.89 -54.47 -17.71
N ILE RA 12 25.83 -54.62 -16.92
CA ILE RA 12 25.69 -53.85 -15.69
C ILE RA 12 26.80 -54.20 -14.70
N ILE RA 13 27.10 -55.49 -14.57
CA ILE RA 13 28.19 -55.90 -13.68
C ILE RA 13 29.51 -55.31 -14.13
N MET RA 14 29.78 -55.37 -15.43
CA MET RA 14 31.05 -54.84 -15.93
C MET RA 14 31.14 -53.33 -15.74
N SER RA 15 30.04 -52.60 -15.99
CA SER RA 15 30.05 -51.16 -15.79
C SER RA 15 30.25 -50.79 -14.33
N GLY RA 16 29.58 -51.50 -13.43
CA GLY RA 16 29.75 -51.21 -12.02
C GLY RA 16 31.15 -51.52 -11.53
N LEU RA 17 31.73 -52.63 -12.00
CA LEU RA 17 33.10 -52.94 -11.66
C LEU RA 17 34.05 -51.88 -12.21
N GLY RA 18 33.80 -51.40 -13.44
CA GLY RA 18 34.64 -50.38 -14.01
C GLY RA 18 34.59 -49.08 -13.23
N PHE RA 19 33.39 -48.65 -12.85
CA PHE RA 19 33.23 -47.39 -12.09
C PHE RA 19 33.89 -47.53 -10.72
N PHE RA 20 33.83 -48.74 -10.15
CA PHE RA 20 34.42 -48.99 -8.81
C PHE RA 20 35.95 -48.99 -8.91
N LEU RA 21 36.50 -49.61 -9.97
CA LEU RA 21 37.94 -49.67 -10.13
C LEU RA 21 38.51 -48.31 -10.49
N ALA RA 22 37.81 -47.54 -11.32
CA ALA RA 22 38.29 -46.21 -11.68
C ALA RA 22 38.35 -45.29 -10.46
N GLY RA 23 37.26 -45.23 -9.68
CA GLY RA 23 37.28 -44.37 -8.50
C GLY RA 23 38.31 -44.81 -7.49
N LEU RA 24 38.40 -46.11 -7.23
CA LEU RA 24 39.36 -46.62 -6.26
C LEU RA 24 40.79 -46.35 -6.72
N ALA RA 25 41.08 -46.55 -8.00
CA ALA RA 25 42.42 -46.31 -8.51
C ALA RA 25 42.78 -44.84 -8.42
N LEU RA 26 41.85 -43.94 -8.72
CA LEU RA 26 42.14 -42.52 -8.62
C LEU RA 26 42.47 -42.14 -7.17
N ILE RA 27 41.64 -42.59 -6.22
CA ILE RA 27 41.84 -42.24 -4.82
C ILE RA 27 43.15 -42.80 -4.31
N ILE RA 28 43.44 -44.07 -4.64
CA ILE RA 28 44.68 -44.67 -4.13
C ILE RA 28 45.90 -44.07 -4.81
N HIS RA 29 45.79 -43.65 -6.07
CA HIS RA 29 46.94 -43.01 -6.71
C HIS RA 29 47.24 -41.66 -6.04
N MET RA 30 46.21 -40.89 -5.69
CA MET RA 30 46.47 -39.66 -4.94
C MET RA 30 47.07 -39.95 -3.57
N TRP RA 31 46.52 -40.95 -2.88
CA TRP RA 31 47.09 -41.41 -1.61
C TRP RA 31 48.57 -41.73 -1.74
N ALA RA 32 48.94 -42.52 -2.77
CA ALA RA 32 50.32 -42.93 -2.94
C ALA RA 32 51.21 -41.77 -3.35
N TYR RA 33 50.71 -40.84 -4.16
CA TYR RA 33 51.48 -39.66 -4.48
C TYR RA 33 51.81 -38.87 -3.22
N SER RA 34 50.82 -38.72 -2.34
CA SER RA 34 51.05 -38.00 -1.10
C SER RA 34 52.07 -38.71 -0.23
N ILE RA 35 51.99 -40.04 -0.14
CA ILE RA 35 52.91 -40.77 0.73
C ILE RA 35 54.33 -40.74 0.18
N THR RA 36 54.52 -41.23 -1.05
CA THR RA 36 55.86 -41.35 -1.61
C THR RA 36 56.44 -39.99 -2.01
N GLY RA 37 55.58 -39.05 -2.38
CA GLY RA 37 56.07 -37.77 -2.87
C GLY RA 37 56.86 -37.88 -4.16
N TRP RA 38 56.43 -38.74 -5.08
CA TRP RA 38 57.25 -39.02 -6.26
C TRP RA 38 57.27 -37.86 -7.25
N PRO RA 39 56.13 -37.43 -7.81
CA PRO RA 39 56.21 -36.39 -8.83
C PRO RA 39 56.83 -35.13 -8.28
N LYS RA 40 56.61 -34.84 -6.99
CA LYS RA 40 57.14 -33.64 -6.39
C LYS RA 40 58.66 -33.63 -6.42
N TYR RA 41 59.30 -34.70 -5.95
CA TYR RA 41 60.76 -34.72 -5.92
C TYR RA 41 61.35 -34.77 -7.32
N LYS RA 42 60.78 -35.58 -8.22
CA LYS RA 42 61.35 -35.63 -9.55
C LYS RA 42 61.18 -34.31 -10.28
N LYS RA 43 60.01 -33.69 -10.15
CA LYS RA 43 59.75 -32.39 -10.75
C LYS RA 43 60.67 -31.33 -10.17
N ALA RA 44 60.92 -31.39 -8.87
CA ALA RA 44 61.83 -30.43 -8.25
C ALA RA 44 63.24 -30.59 -8.79
N GLN RA 45 63.68 -31.82 -9.00
CA GLN RA 45 65.00 -32.04 -9.60
C GLN RA 45 65.05 -31.51 -11.02
N TYR RA 46 64.01 -31.73 -11.80
CA TYR RA 46 64.00 -31.31 -13.20
C TYR RA 46 63.74 -29.82 -13.39
N ASN RA 47 63.21 -29.13 -12.38
CA ASN RA 47 62.93 -27.71 -12.49
C ASN RA 47 64.09 -26.85 -12.02
N ALA RA 48 65.23 -27.45 -11.67
CA ALA RA 48 66.43 -26.72 -11.28
C ALA RA 48 67.55 -26.92 -12.29
N GLN RA 49 67.22 -27.31 -13.51
CA GLN RA 49 68.20 -27.61 -14.56
C GLN RA 49 69.16 -28.71 -14.10
N GLY SA 6 22.58 -55.54 -34.51
CA GLY SA 6 22.68 -55.74 -33.08
C GLY SA 6 23.93 -56.52 -32.71
N MET SA 7 24.82 -56.68 -33.69
CA MET SA 7 26.10 -57.36 -33.50
C MET SA 7 25.90 -58.80 -33.02
N THR SA 8 25.40 -59.62 -33.95
CA THR SA 8 25.16 -61.02 -33.68
C THR SA 8 26.47 -61.76 -33.43
N GLU SA 9 26.39 -63.09 -33.24
CA GLU SA 9 27.57 -63.88 -32.90
C GLU SA 9 28.69 -63.67 -33.91
N ASP SA 10 28.38 -63.85 -35.20
CA ASP SA 10 29.42 -63.79 -36.23
C ASP SA 10 30.07 -62.42 -36.28
N GLU SA 11 29.27 -61.36 -36.16
CA GLU SA 11 29.81 -60.01 -36.10
C GLU SA 11 30.69 -59.82 -34.87
N ALA SA 12 30.24 -60.35 -33.73
CA ALA SA 12 30.96 -60.17 -32.48
C ALA SA 12 32.35 -60.81 -32.53
N ARG SA 13 32.45 -62.02 -33.09
CA ARG SA 13 33.75 -62.69 -33.14
C ARG SA 13 34.76 -61.88 -33.95
N ARG SA 14 34.36 -61.44 -35.14
CA ARG SA 14 35.26 -60.70 -36.01
C ARG SA 14 35.61 -59.34 -35.39
N PHE SA 15 34.63 -58.67 -34.80
CA PHE SA 15 34.88 -57.39 -34.15
C PHE SA 15 35.84 -57.56 -32.98
N HIS SA 16 35.69 -58.64 -32.22
CA HIS SA 16 36.62 -58.92 -31.13
C HIS SA 16 38.03 -59.13 -31.65
N GLY SA 17 38.19 -59.88 -32.73
CA GLY SA 17 39.53 -60.09 -33.27
C GLY SA 17 40.18 -58.78 -33.70
N TYR SA 18 39.43 -57.96 -34.45
CA TYR SA 18 39.97 -56.67 -34.88
C TYR SA 18 40.28 -55.76 -33.70
N PHE SA 19 39.40 -55.75 -32.69
CA PHE SA 19 39.60 -54.91 -31.51
C PHE SA 19 40.84 -55.33 -30.73
N VAL SA 20 41.05 -56.64 -30.59
CA VAL SA 20 42.23 -57.12 -29.86
C VAL SA 20 43.49 -56.76 -30.63
N THR SA 21 43.47 -56.91 -31.96
CA THR SA 21 44.65 -56.53 -32.74
C THR SA 21 44.95 -55.05 -32.61
N GLY SA 22 43.93 -54.20 -32.69
CA GLY SA 22 44.15 -52.78 -32.55
C GLY SA 22 44.67 -52.40 -31.18
N THR SA 23 44.12 -53.00 -30.13
CA THR SA 23 44.60 -52.75 -28.78
C THR SA 23 46.06 -53.16 -28.62
N LEU SA 24 46.42 -54.32 -29.16
CA LEU SA 24 47.81 -54.77 -29.07
C LEU SA 24 48.74 -53.81 -29.78
N GLY SA 25 48.38 -53.39 -31.00
CA GLY SA 25 49.22 -52.44 -31.71
C GLY SA 25 49.38 -51.12 -30.97
N TYR SA 26 48.29 -50.62 -30.39
CA TYR SA 26 48.35 -49.38 -29.64
C TYR SA 26 49.27 -49.52 -28.42
N ILE SA 27 49.20 -50.67 -27.74
CA ILE SA 27 50.05 -50.88 -26.57
C ILE SA 27 51.53 -50.95 -26.97
N ILE SA 28 51.85 -51.63 -28.07
CA ILE SA 28 53.25 -51.66 -28.51
C ILE SA 28 53.74 -50.26 -28.88
N VAL SA 29 52.92 -49.48 -29.57
CA VAL SA 29 53.33 -48.12 -29.93
C VAL SA 29 53.56 -47.28 -28.67
N ALA SA 30 52.67 -47.40 -27.68
CA ALA SA 30 52.84 -46.68 -26.43
C ALA SA 30 54.11 -47.12 -25.71
N ALA SA 31 54.41 -48.42 -25.76
CA ALA SA 31 55.63 -48.92 -25.11
C ALA SA 31 56.88 -48.35 -25.75
N VAL SA 32 56.91 -48.28 -27.09
CA VAL SA 32 58.05 -47.66 -27.76
C VAL SA 32 58.18 -46.20 -27.37
N ALA SA 33 57.06 -45.49 -27.31
CA ALA SA 33 57.09 -44.08 -26.89
C ALA SA 33 57.64 -43.94 -25.49
N HIS SA 34 57.21 -44.82 -24.57
CA HIS SA 34 57.70 -44.73 -23.19
C HIS SA 34 59.17 -45.07 -23.10
N PHE SA 35 59.65 -46.02 -23.90
CA PHE SA 35 61.08 -46.31 -23.92
C PHE SA 35 61.89 -45.10 -24.36
N LEU SA 36 61.46 -44.46 -25.46
CA LEU SA 36 62.16 -43.28 -25.95
C LEU SA 36 62.16 -42.16 -24.91
N ALA SA 37 61.01 -41.93 -24.27
CA ALA SA 37 60.92 -40.91 -23.24
C ALA SA 37 61.81 -41.22 -22.06
N TRP SA 38 61.88 -42.50 -21.67
CA TRP SA 38 62.72 -42.88 -20.54
C TRP SA 38 64.20 -42.61 -20.84
N GLN SA 39 64.65 -42.94 -22.05
CA GLN SA 39 66.03 -42.63 -22.39
C GLN SA 39 66.25 -41.13 -22.44
N TRP SA 40 65.23 -40.37 -22.84
CA TRP SA 40 65.39 -38.91 -22.90
C TRP SA 40 65.39 -38.29 -21.50
N ARG SA 41 64.38 -38.59 -20.69
CA ARG SA 41 64.28 -38.01 -19.35
C ARG SA 41 63.62 -39.04 -18.44
N PRO SA 42 64.40 -39.85 -17.74
CA PRO SA 42 63.82 -40.81 -16.80
C PRO SA 42 63.08 -40.09 -15.67
N TRP SA 43 61.95 -40.67 -15.26
CA TRP SA 43 61.07 -40.01 -14.30
C TRP SA 43 61.12 -40.63 -12.91
N PHE SA 44 62.01 -41.58 -12.67
CA PHE SA 44 62.20 -42.11 -11.32
C PHE SA 44 63.60 -41.79 -10.84
N HIS TA 2 34.71 -62.15 -25.02
CA HIS TA 2 34.61 -62.01 -26.47
C HIS TA 2 33.17 -62.11 -26.92
N ARG TA 3 32.29 -62.47 -25.99
CA ARG TA 3 30.86 -62.54 -26.27
C ARG TA 3 30.09 -61.33 -25.74
N ILE TA 4 30.74 -60.50 -24.93
CA ILE TA 4 30.10 -59.30 -24.40
C ILE TA 4 29.80 -58.24 -25.45
N TRP TA 5 30.34 -58.40 -26.67
CA TRP TA 5 29.98 -57.48 -27.74
C TRP TA 5 28.57 -57.69 -28.25
N GLN TA 6 27.92 -58.79 -27.87
CA GLN TA 6 26.55 -59.05 -28.32
C GLN TA 6 25.61 -57.95 -27.87
N GLY TA 7 24.73 -57.54 -28.77
CA GLY TA 7 23.76 -56.52 -28.45
C GLY TA 7 24.33 -55.14 -28.25
N MET TA 8 25.50 -54.86 -28.80
CA MET TA 8 26.17 -53.58 -28.62
C MET TA 8 26.57 -53.00 -29.96
N ASP TA 9 26.23 -51.73 -30.17
CA ASP TA 9 26.62 -51.04 -31.39
C ASP TA 9 28.13 -50.85 -31.43
N PRO TA 10 28.80 -51.20 -32.54
CA PRO TA 10 30.26 -51.05 -32.58
C PRO TA 10 30.71 -49.60 -32.67
N GLN TA 11 29.93 -48.76 -33.34
CA GLN TA 11 30.26 -47.34 -33.39
C GLN TA 11 30.20 -46.71 -32.01
N ILE TA 12 29.22 -47.11 -31.20
CA ILE TA 12 29.13 -46.62 -29.82
C ILE TA 12 30.39 -46.99 -29.04
N ILE TA 13 30.84 -48.24 -29.18
CA ILE TA 13 32.02 -48.69 -28.46
C ILE TA 13 33.24 -47.91 -28.92
N MET TA 14 33.41 -47.76 -30.23
CA MET TA 14 34.58 -47.05 -30.76
C MET TA 14 34.57 -45.58 -30.35
N SER TA 15 33.40 -44.95 -30.37
CA SER TA 15 33.32 -43.55 -29.97
C SER TA 15 33.65 -43.37 -28.50
N GLY TA 16 33.10 -44.24 -27.64
CA GLY TA 16 33.42 -44.15 -26.22
C GLY TA 16 34.89 -44.40 -25.94
N LEU TA 17 35.47 -45.40 -26.60
CA LEU TA 17 36.90 -45.67 -26.42
C LEU TA 17 37.74 -44.50 -26.91
N GLY TA 18 37.37 -43.90 -28.05
CA GLY TA 18 38.12 -42.77 -28.55
C GLY TA 18 38.06 -41.58 -27.63
N PHE TA 19 36.88 -41.30 -27.07
CA PHE TA 19 36.75 -40.20 -26.13
C PHE TA 19 37.57 -40.47 -24.86
N PHE TA 20 37.49 -41.69 -24.34
CA PHE TA 20 38.35 -42.10 -23.23
C PHE TA 20 39.82 -41.86 -23.54
N LEU TA 21 40.30 -42.36 -24.69
CA LEU TA 21 41.71 -42.25 -25.00
C LEU TA 21 42.14 -40.81 -25.17
N ALA TA 22 41.30 -39.98 -25.80
CA ALA TA 22 41.65 -38.58 -25.99
C ALA TA 22 41.75 -37.84 -24.66
N GLY TA 23 40.76 -38.02 -23.78
CA GLY TA 23 40.82 -37.36 -22.48
C GLY TA 23 42.00 -37.82 -21.65
N LEU TA 24 42.25 -39.13 -21.62
CA LEU TA 24 43.36 -39.65 -20.86
C LEU TA 24 44.69 -39.13 -21.40
N ALA TA 25 44.84 -39.09 -22.73
CA ALA TA 25 46.08 -38.60 -23.31
C ALA TA 25 46.30 -37.13 -23.00
N LEU TA 26 45.23 -36.33 -23.02
CA LEU TA 26 45.39 -34.92 -22.64
C LEU TA 26 45.86 -34.78 -21.20
N ILE TA 27 45.19 -35.50 -20.28
CA ILE TA 27 45.55 -35.39 -18.87
C ILE TA 27 46.99 -35.83 -18.64
N ILE TA 28 47.36 -36.99 -19.20
CA ILE TA 28 48.71 -37.50 -18.95
C ILE TA 28 49.76 -36.67 -19.67
N HIS TA 29 49.45 -36.09 -20.82
CA HIS TA 29 50.42 -35.24 -21.49
C HIS TA 29 50.73 -34.01 -20.66
N MET TA 30 49.71 -33.39 -20.05
CA MET TA 30 50.04 -32.24 -19.21
C MET TA 30 50.71 -32.64 -17.90
N TRP TA 31 50.33 -33.80 -17.35
CA TRP TA 31 51.04 -34.35 -16.20
C TRP TA 31 52.52 -34.54 -16.51
N ALA TA 32 52.84 -35.09 -17.69
CA ALA TA 32 54.21 -35.30 -18.10
C ALA TA 32 54.93 -33.99 -18.40
N TYR TA 33 54.23 -33.00 -18.96
CA TYR TA 33 54.84 -31.69 -19.16
C TYR TA 33 55.28 -31.11 -17.83
N SER TA 34 54.42 -31.20 -16.81
CA SER TA 34 54.80 -30.69 -15.49
C SER TA 34 55.95 -31.48 -14.88
N ILE TA 35 55.95 -32.79 -15.06
CA ILE TA 35 56.99 -33.61 -14.44
C ILE TA 35 58.34 -33.36 -15.09
N THR TA 36 58.43 -33.57 -16.41
CA THR TA 36 59.71 -33.43 -17.11
C THR TA 36 60.13 -31.98 -17.28
N GLY TA 37 59.18 -31.06 -17.39
CA GLY TA 37 59.51 -29.67 -17.66
C GLY TA 37 60.13 -29.45 -19.03
N TRP TA 38 59.66 -30.19 -20.05
CA TRP TA 38 60.29 -30.08 -21.36
C TRP TA 38 60.01 -28.76 -22.05
N PRO TA 39 58.75 -28.36 -22.27
CA PRO TA 39 58.53 -27.10 -23.00
C PRO TA 39 59.13 -25.92 -22.28
N LYS TA 40 59.16 -25.93 -20.95
CA LYS TA 40 59.70 -24.79 -20.23
C LYS TA 40 61.17 -24.59 -20.53
N TYR TA 41 61.98 -25.64 -20.42
CA TYR TA 41 63.41 -25.49 -20.67
C TYR TA 41 63.69 -25.20 -22.14
N LYS TA 42 63.02 -25.88 -23.07
CA LYS TA 42 63.30 -25.59 -24.46
C LYS TA 42 62.84 -24.20 -24.87
N LYS TA 43 61.72 -23.74 -24.31
CA LYS TA 43 61.23 -22.39 -24.58
C LYS TA 43 62.15 -21.34 -24.00
N ALA TA 44 62.75 -21.63 -22.83
CA ALA TA 44 63.73 -20.73 -22.26
C ALA TA 44 64.97 -20.62 -23.12
N GLN TA 45 65.42 -21.73 -23.69
CA GLN TA 45 66.61 -21.67 -24.54
C GLN TA 45 66.39 -20.81 -25.79
N TYR TA 46 65.15 -20.73 -26.28
CA TYR TA 46 64.85 -20.00 -27.50
C TYR TA 46 64.39 -18.56 -27.24
N ASN TA 47 64.39 -18.11 -25.99
CA ASN TA 47 64.12 -16.72 -25.66
C ASN TA 47 65.35 -16.00 -25.11
N ALA TA 48 66.46 -16.69 -24.93
CA ALA TA 48 67.70 -16.08 -24.47
C ALA TA 48 68.64 -15.74 -25.61
N GLN TA 49 68.24 -15.98 -26.85
CA GLN TA 49 69.08 -15.72 -28.00
C GLN TA 49 69.03 -14.25 -28.41
N GLY UA 6 22.46 -45.00 -45.21
CA GLY UA 6 23.82 -45.24 -44.76
C GLY UA 6 24.77 -45.61 -45.88
N MET UA 7 25.77 -46.42 -45.56
CA MET UA 7 26.73 -46.91 -46.54
C MET UA 7 26.69 -48.44 -46.57
N THR UA 8 26.75 -49.01 -47.76
CA THR UA 8 26.72 -50.45 -47.93
C THR UA 8 28.14 -51.01 -48.06
N GLU UA 9 28.23 -52.34 -48.07
CA GLU UA 9 29.53 -52.99 -48.01
C GLU UA 9 30.34 -52.76 -49.29
N ASP UA 10 29.67 -52.73 -50.45
CA ASP UA 10 30.38 -52.60 -51.71
C ASP UA 10 31.13 -51.28 -51.83
N GLU UA 11 30.71 -50.24 -51.10
CA GLU UA 11 31.46 -48.99 -51.10
C GLU UA 11 32.86 -49.20 -50.55
N ALA UA 12 32.96 -49.92 -49.43
CA ALA UA 12 34.20 -49.95 -48.67
C ALA UA 12 35.33 -50.62 -49.43
N ARG UA 13 35.02 -51.62 -50.27
CA ARG UA 13 36.10 -52.34 -50.94
C ARG UA 13 36.91 -51.43 -51.86
N ARG UA 14 36.23 -50.66 -52.71
CA ARG UA 14 36.94 -49.72 -53.57
C ARG UA 14 37.32 -48.45 -52.81
N PHE UA 15 36.67 -48.17 -51.68
CA PHE UA 15 37.00 -47.00 -50.89
C PHE UA 15 38.31 -47.19 -50.13
N HIS UA 16 38.58 -48.43 -49.73
CA HIS UA 16 39.65 -48.71 -48.79
C HIS UA 16 41.02 -48.49 -49.40
N GLY UA 17 41.25 -49.01 -50.61
CA GLY UA 17 42.57 -48.87 -51.22
C GLY UA 17 42.97 -47.41 -51.39
N TYR UA 18 42.08 -46.61 -51.96
CA TYR UA 18 42.36 -45.19 -52.15
C TYR UA 18 42.48 -44.45 -50.82
N PHE UA 19 41.64 -44.77 -49.83
CA PHE UA 19 41.73 -44.09 -48.54
C PHE UA 19 43.06 -44.39 -47.85
N VAL UA 20 43.48 -45.66 -47.85
CA VAL UA 20 44.73 -46.04 -47.22
C VAL UA 20 45.89 -45.39 -47.95
N THR UA 21 45.86 -45.40 -49.30
CA THR UA 21 46.93 -44.75 -50.06
C THR UA 21 46.99 -43.26 -49.75
N GLY UA 22 45.82 -42.62 -49.61
CA GLY UA 22 45.80 -41.19 -49.34
C GLY UA 22 46.36 -40.85 -47.96
N THR UA 23 45.98 -41.62 -46.94
CA THR UA 23 46.51 -41.33 -45.61
C THR UA 23 47.98 -41.69 -45.50
N LEU UA 24 48.45 -42.71 -46.24
CA LEU UA 24 49.88 -42.98 -46.25
C LEU UA 24 50.63 -41.84 -46.95
N GLY UA 25 49.99 -41.21 -47.94
CA GLY UA 25 50.59 -40.04 -48.57
C GLY UA 25 50.50 -38.77 -47.72
N TYR UA 26 49.56 -38.74 -46.78
CA TYR UA 26 49.43 -37.57 -45.92
C TYR UA 26 50.31 -37.65 -44.68
N ILE UA 27 50.52 -38.86 -44.17
CA ILE UA 27 51.49 -39.06 -43.09
C ILE UA 27 52.84 -38.53 -43.52
N ILE UA 28 53.26 -38.85 -44.75
CA ILE UA 28 54.61 -38.50 -45.18
C ILE UA 28 54.77 -37.00 -45.43
N VAL UA 29 53.73 -36.30 -45.86
CA VAL UA 29 53.87 -34.85 -46.01
C VAL UA 29 53.93 -34.17 -44.65
N ALA UA 30 53.12 -34.63 -43.68
CA ALA UA 30 53.32 -34.14 -42.32
C ALA UA 30 54.71 -34.49 -41.79
N ALA UA 31 55.23 -35.66 -42.17
CA ALA UA 31 56.55 -36.09 -41.72
C ALA UA 31 57.65 -35.20 -42.27
N VAL UA 32 57.58 -34.86 -43.56
CA VAL UA 32 58.61 -33.99 -44.13
C VAL UA 32 58.48 -32.59 -43.54
N ALA UA 33 57.25 -32.13 -43.26
CA ALA UA 33 57.12 -30.85 -42.58
C ALA UA 33 57.81 -30.88 -41.22
N HIS UA 34 57.60 -31.95 -40.45
CA HIS UA 34 58.25 -32.06 -39.14
C HIS UA 34 59.76 -32.16 -39.27
N PHE UA 35 60.25 -32.95 -40.23
CA PHE UA 35 61.70 -33.12 -40.37
C PHE UA 35 62.36 -31.82 -40.75
N LEU UA 36 61.74 -31.06 -41.64
CA LEU UA 36 62.34 -29.82 -42.11
C LEU UA 36 62.20 -28.71 -41.09
N ALA UA 37 61.15 -28.75 -40.25
CA ALA UA 37 61.07 -27.84 -39.12
C ALA UA 37 62.08 -28.21 -38.04
N TRP UA 38 62.38 -29.49 -37.87
CA TRP UA 38 63.36 -29.91 -36.88
C TRP UA 38 64.76 -29.50 -37.29
N GLN UA 39 65.05 -29.49 -38.59
CA GLN UA 39 66.35 -29.10 -39.08
C GLN UA 39 66.66 -27.65 -38.74
N TRP UA 40 65.64 -26.83 -38.47
CA TRP UA 40 65.79 -25.40 -38.30
C TRP UA 40 65.82 -25.00 -36.83
N ARG UA 41 64.89 -25.51 -36.03
CA ARG UA 41 64.85 -25.27 -34.58
C ARG UA 41 64.41 -26.54 -33.87
N PRO UA 42 65.34 -27.44 -33.56
CA PRO UA 42 64.98 -28.66 -32.85
C PRO UA 42 64.44 -28.35 -31.46
N TRP UA 43 63.46 -29.15 -31.03
CA TRP UA 43 62.70 -28.85 -29.83
C TRP UA 43 63.01 -29.79 -28.68
N PHE UA 44 64.11 -30.52 -28.74
CA PHE UA 44 64.55 -31.34 -27.61
C PHE UA 44 65.96 -30.94 -27.18
N HIS VA 2 36.98 -52.21 -42.32
CA HIS VA 2 36.25 -51.41 -43.31
C HIS VA 2 34.77 -51.40 -43.00
N ARG VA 3 34.29 -52.44 -42.31
CA ARG VA 3 32.88 -52.57 -42.00
C ARG VA 3 32.40 -51.57 -40.95
N ILE VA 4 33.33 -50.93 -40.22
CA ILE VA 4 32.94 -49.93 -39.23
C ILE VA 4 32.30 -48.71 -39.89
N TRP VA 5 32.64 -48.44 -41.14
CA TRP VA 5 32.03 -47.32 -41.85
C TRP VA 5 30.59 -47.59 -42.27
N GLN VA 6 30.12 -48.83 -42.17
CA GLN VA 6 28.80 -49.18 -42.66
C GLN VA 6 27.71 -48.48 -41.87
N GLY VA 7 26.68 -48.03 -42.58
CA GLY VA 7 25.55 -47.37 -41.96
C GLY VA 7 25.76 -45.91 -41.61
N MET VA 8 26.88 -45.32 -41.99
CA MET VA 8 27.22 -43.95 -41.65
C MET VA 8 27.41 -43.13 -42.91
N ASP VA 9 27.10 -41.84 -42.81
CA ASP VA 9 27.20 -40.93 -43.94
C ASP VA 9 28.65 -40.51 -44.12
N PRO VA 10 29.27 -40.76 -45.28
CA PRO VA 10 30.67 -40.34 -45.47
C PRO VA 10 30.88 -38.84 -45.35
N GLN VA 11 29.88 -38.04 -45.72
CA GLN VA 11 30.02 -36.59 -45.62
C GLN VA 11 30.17 -36.15 -44.17
N ILE VA 12 29.39 -36.74 -43.26
CA ILE VA 12 29.51 -36.42 -41.84
C ILE VA 12 30.87 -36.87 -41.31
N ILE VA 13 31.33 -38.04 -41.72
CA ILE VA 13 32.64 -38.52 -41.30
C ILE VA 13 33.73 -37.55 -41.73
N MET VA 14 33.66 -37.10 -42.99
CA MET VA 14 34.67 -36.19 -43.50
C MET VA 14 34.61 -34.84 -42.78
N SER VA 15 33.40 -34.35 -42.49
CA SER VA 15 33.27 -33.10 -41.77
C SER VA 15 33.84 -33.21 -40.36
N GLY VA 16 33.55 -34.30 -39.67
CA GLY VA 16 34.09 -34.49 -38.33
C GLY VA 16 35.60 -34.62 -38.33
N LEU VA 17 36.15 -35.32 -39.32
CA LEU VA 17 37.60 -35.40 -39.45
C LEU VA 17 38.22 -34.04 -39.72
N GLY VA 18 37.58 -33.24 -40.57
CA GLY VA 18 38.07 -31.89 -40.82
C GLY VA 18 38.04 -31.02 -39.57
N PHE VA 19 36.98 -31.17 -38.77
CA PHE VA 19 36.91 -30.44 -37.50
C PHE VA 19 38.03 -30.85 -36.57
N PHE VA 20 38.23 -32.17 -36.41
CA PHE VA 20 39.34 -32.66 -35.61
C PHE VA 20 40.66 -32.07 -36.06
N LEU VA 21 40.96 -32.17 -37.37
CA LEU VA 21 42.23 -31.69 -37.88
C LEU VA 21 42.38 -30.19 -37.69
N ALA VA 22 41.31 -29.43 -37.93
CA ALA VA 22 41.40 -27.98 -37.83
C ALA VA 22 41.66 -27.53 -36.39
N GLY VA 23 40.87 -28.04 -35.44
CA GLY VA 23 41.07 -27.64 -34.06
C GLY VA 23 42.41 -28.09 -33.52
N LEU VA 24 42.81 -29.32 -33.84
CA LEU VA 24 44.10 -29.82 -33.37
C LEU VA 24 45.24 -29.01 -33.97
N ALA VA 25 45.17 -28.70 -35.27
CA ALA VA 25 46.23 -27.93 -35.91
C ALA VA 25 46.32 -26.53 -35.36
N LEU VA 26 45.18 -25.91 -35.04
CA LEU VA 26 45.21 -24.59 -34.42
C LEU VA 26 45.91 -24.65 -33.07
N ILE VA 27 45.52 -25.61 -32.24
CA ILE VA 27 46.13 -25.77 -30.91
C ILE VA 27 47.64 -25.98 -31.04
N ILE VA 28 48.06 -26.82 -31.98
CA ILE VA 28 49.48 -27.19 -32.04
C ILE VA 28 50.31 -26.11 -32.74
N HIS VA 29 49.76 -25.38 -33.72
CA HIS VA 29 50.51 -24.26 -34.26
C HIS VA 29 50.70 -23.19 -33.19
N MET VA 30 49.70 -22.98 -32.32
CA MET VA 30 49.90 -22.07 -31.18
C MET VA 30 50.98 -22.58 -30.23
N TRP VA 31 50.91 -23.85 -29.87
CA TRP VA 31 51.92 -24.49 -29.02
C TRP VA 31 53.33 -24.31 -29.60
N ALA VA 32 53.49 -24.56 -30.90
CA ALA VA 32 54.79 -24.42 -31.55
C ALA VA 32 55.22 -22.96 -31.62
N TYR VA 33 54.30 -22.02 -31.81
CA TYR VA 33 54.65 -20.61 -31.77
C TYR VA 33 55.25 -20.25 -30.42
N SER VA 34 54.65 -20.75 -29.34
CA SER VA 34 55.20 -20.47 -28.02
C SER VA 34 56.57 -21.12 -27.84
N ILE VA 35 56.73 -22.36 -28.31
CA ILE VA 35 57.97 -23.09 -28.07
C ILE VA 35 59.13 -22.47 -28.84
N THR VA 36 58.94 -22.23 -30.14
CA THR VA 36 60.03 -21.74 -30.98
C THR VA 36 60.19 -20.23 -30.89
N GLY VA 37 59.10 -19.49 -30.70
CA GLY VA 37 59.14 -18.05 -30.76
C GLY VA 37 59.46 -17.49 -32.13
N TRP VA 38 58.90 -18.08 -33.19
CA TRP VA 38 59.29 -17.68 -34.54
C TRP VA 38 58.73 -16.31 -34.93
N PRO VA 39 57.40 -16.09 -34.94
CA PRO VA 39 56.92 -14.80 -35.41
C PRO VA 39 57.48 -13.66 -34.59
N LYS VA 40 57.65 -13.89 -33.29
CA LYS VA 40 58.16 -12.84 -32.41
C LYS VA 40 59.55 -12.39 -32.83
N TYR VA 41 60.48 -13.33 -32.99
CA TYR VA 41 61.85 -12.94 -33.30
C TYR VA 41 61.97 -12.35 -34.71
N LYS VA 42 61.28 -12.92 -35.70
CA LYS VA 42 61.37 -12.32 -37.02
C LYS VA 42 60.68 -10.96 -37.08
N LYS VA 43 59.58 -10.79 -36.35
CA LYS VA 43 58.92 -9.50 -36.26
C LYS VA 43 59.82 -8.47 -35.58
N ALA VA 44 60.55 -8.89 -34.55
CA ALA VA 44 61.48 -7.98 -33.91
C ALA VA 44 62.60 -7.58 -34.84
N GLN VA 45 63.07 -8.50 -35.69
CA GLN VA 45 64.07 -8.14 -36.68
C GLN VA 45 63.54 -7.14 -37.69
N TYR VA 46 62.32 -7.37 -38.21
CA TYR VA 46 61.81 -6.51 -39.27
C TYR VA 46 61.17 -5.22 -38.78
N ASN VA 47 60.90 -5.10 -37.49
CA ASN VA 47 60.27 -3.90 -36.94
C ASN VA 47 61.25 -3.02 -36.19
N ALA VA 48 62.53 -3.39 -36.16
CA ALA VA 48 63.58 -2.56 -35.57
C ALA VA 48 64.32 -1.75 -36.63
N GLN VA 49 63.72 -1.55 -37.80
CA GLN VA 49 64.36 -0.82 -38.89
C GLN VA 49 63.62 0.48 -39.19
N MET WA 1 36.83 -41.32 -56.13
CA MET WA 1 37.07 -40.09 -55.39
C MET WA 1 35.95 -39.07 -55.63
N HIS WA 2 35.43 -39.05 -56.85
CA HIS WA 2 34.37 -38.11 -57.20
C HIS WA 2 33.05 -38.41 -56.52
N ARG WA 3 32.85 -39.64 -56.04
CA ARG WA 3 31.59 -40.01 -55.42
C ARG WA 3 31.31 -39.23 -54.14
N ILE WA 4 32.32 -38.57 -53.58
CA ILE WA 4 32.09 -37.73 -52.40
C ILE WA 4 31.24 -36.53 -52.77
N TRP WA 5 31.28 -36.08 -54.03
CA TRP WA 5 30.48 -34.93 -54.41
C TRP WA 5 29.02 -35.29 -54.71
N GLN WA 6 28.67 -36.56 -54.67
CA GLN WA 6 27.31 -36.97 -55.00
C GLN WA 6 26.33 -36.50 -53.93
N GLY WA 7 25.14 -36.12 -54.38
CA GLY WA 7 24.08 -35.74 -53.46
C GLY WA 7 24.19 -34.36 -52.87
N MET WA 8 25.11 -33.53 -53.35
CA MET WA 8 25.28 -32.18 -52.84
C MET WA 8 25.25 -31.17 -53.98
N ASP WA 9 24.94 -29.92 -53.65
CA ASP WA 9 24.89 -28.86 -54.65
C ASP WA 9 26.30 -28.34 -54.93
N PRO WA 10 26.69 -28.23 -56.20
CA PRO WA 10 27.97 -27.57 -56.49
C PRO WA 10 28.04 -26.14 -55.98
N GLN WA 11 26.90 -25.41 -56.02
CA GLN WA 11 26.91 -24.03 -55.58
C GLN WA 11 27.22 -23.89 -54.10
N ILE WA 12 26.68 -24.78 -53.26
CA ILE WA 12 26.99 -24.66 -51.83
C ILE WA 12 28.44 -24.99 -51.56
N ILE WA 13 29.01 -25.96 -52.29
CA ILE WA 13 30.44 -26.27 -52.13
C ILE WA 13 31.28 -25.06 -52.52
N MET WA 14 30.97 -24.43 -53.65
CA MET WA 14 31.73 -23.26 -54.06
C MET WA 14 31.57 -22.10 -53.09
N SER WA 15 30.36 -21.91 -52.56
CA SER WA 15 30.12 -20.82 -51.62
C SER WA 15 30.89 -21.03 -50.33
N GLY WA 16 30.86 -22.26 -49.80
CA GLY WA 16 31.61 -22.55 -48.58
C GLY WA 16 33.11 -22.45 -48.79
N LEU WA 17 33.60 -22.91 -49.94
CA LEU WA 17 35.02 -22.78 -50.25
C LEU WA 17 35.41 -21.32 -50.37
N GLY WA 18 34.57 -20.50 -50.99
CA GLY WA 18 34.87 -19.08 -51.10
C GLY WA 18 34.89 -18.39 -49.76
N PHE WA 19 33.95 -18.73 -48.87
CA PHE WA 19 33.98 -18.18 -47.52
C PHE WA 19 35.24 -18.60 -46.78
N PHE WA 20 35.56 -19.90 -46.82
CA PHE WA 20 36.81 -20.39 -46.25
C PHE WA 20 38.01 -19.59 -46.73
N LEU WA 21 38.19 -19.50 -48.05
CA LEU WA 21 39.37 -18.87 -48.60
C LEU WA 21 39.41 -17.39 -48.26
N ALA WA 22 38.28 -16.70 -48.30
CA ALA WA 22 38.27 -15.27 -47.99
C ALA WA 22 38.65 -15.02 -46.55
N GLY WA 23 38.04 -15.74 -45.62
CA GLY WA 23 38.39 -15.55 -44.22
C GLY WA 23 39.83 -15.89 -43.92
N LEU WA 24 40.31 -17.02 -44.47
CA LEU WA 24 41.69 -17.42 -44.24
C LEU WA 24 42.66 -16.41 -44.84
N ALA WA 25 42.35 -15.89 -46.03
CA ALA WA 25 43.23 -14.91 -46.66
C ALA WA 25 43.29 -13.62 -45.86
N LEU WA 26 42.15 -13.17 -45.32
CA LEU WA 26 42.18 -11.96 -44.49
C LEU WA 26 43.04 -12.18 -43.25
N ILE WA 27 42.84 -13.31 -42.57
CA ILE WA 27 43.62 -13.58 -41.36
C ILE WA 27 45.10 -13.65 -41.68
N ILE WA 28 45.48 -14.36 -42.75
CA ILE WA 28 46.90 -14.53 -43.06
C ILE WA 28 47.50 -13.23 -43.60
N HIS WA 29 46.72 -12.41 -44.29
CA HIS WA 29 47.26 -11.13 -44.75
C HIS WA 29 47.55 -10.21 -43.56
N MET WA 30 46.68 -10.21 -42.55
CA MET WA 30 46.98 -9.44 -41.35
C MET WA 30 48.21 -9.98 -40.63
N TRP WA 31 48.29 -11.31 -40.49
CA TRP WA 31 49.46 -11.98 -39.93
C TRP WA 31 50.74 -11.58 -40.66
N ALA WA 32 50.70 -11.56 -41.99
CA ALA WA 32 51.87 -11.23 -42.79
C ALA WA 32 52.23 -9.76 -42.72
N TYR WA 33 51.23 -8.87 -42.67
CA TYR WA 33 51.52 -7.46 -42.47
C TYR WA 33 52.26 -7.27 -41.15
N SER WA 34 51.84 -7.95 -40.09
CA SER WA 34 52.54 -7.84 -38.83
C SER WA 34 53.96 -8.39 -38.91
N ILE WA 35 54.14 -9.55 -39.55
CA ILE WA 35 55.46 -10.17 -39.58
C ILE WA 35 56.44 -9.35 -40.41
N THR WA 36 56.04 -8.97 -41.62
CA THR WA 36 56.93 -8.25 -42.53
C THR WA 36 57.09 -6.79 -42.16
N GLY WA 37 56.03 -6.16 -41.64
CA GLY WA 37 56.04 -4.73 -41.43
C GLY WA 37 56.13 -3.93 -42.71
N TRP WA 38 55.42 -4.38 -43.76
CA TRP WA 38 55.56 -3.73 -45.07
C TRP WA 38 54.86 -2.38 -45.13
N PRO WA 39 53.54 -2.30 -44.93
CA PRO WA 39 52.90 -0.99 -45.08
C PRO WA 39 53.48 0.03 -44.14
N LYS WA 40 53.88 -0.39 -42.93
CA LYS WA 40 54.43 0.54 -41.97
C LYS WA 40 55.70 1.19 -42.48
N TYR WA 41 56.65 0.40 -42.98
CA TYR WA 41 57.91 0.98 -43.42
C TYR WA 41 57.73 1.81 -44.69
N LYS WA 42 56.94 1.34 -45.65
CA LYS WA 42 56.77 2.15 -46.85
C LYS WA 42 56.00 3.43 -46.55
N LYS WA 43 54.98 3.36 -45.71
CA LYS WA 43 54.21 4.54 -45.35
C LYS WA 43 55.06 5.54 -44.59
N ALA WA 44 55.90 5.07 -43.67
CA ALA WA 44 56.82 5.96 -42.98
C ALA WA 44 57.76 6.64 -43.94
N GLN WA 45 58.21 5.91 -44.97
CA GLN WA 45 59.05 6.54 -45.98
C GLN WA 45 58.29 7.63 -46.75
N TYR WA 46 57.03 7.37 -47.11
CA TYR WA 46 56.26 8.34 -47.88
C TYR WA 46 55.65 9.44 -47.03
N ASN WA 47 55.38 9.19 -45.75
CA ASN WA 47 54.80 10.18 -44.86
C ASN WA 47 55.87 10.79 -43.95
N ALA WA 48 57.06 11.01 -44.48
CA ALA WA 48 58.16 11.58 -43.72
C ALA WA 48 57.95 13.08 -43.50
N LYS XA 4 17.79 -37.84 -59.94
CA LYS XA 4 17.45 -37.64 -58.54
C LYS XA 4 17.72 -36.21 -58.11
N GLY XA 5 18.97 -35.90 -57.80
CA GLY XA 5 19.34 -34.59 -57.29
C GLY XA 5 20.35 -33.86 -58.14
N GLY XA 6 21.33 -33.24 -57.51
CA GLY XA 6 22.34 -32.51 -58.23
C GLY XA 6 23.56 -33.34 -58.58
N MET XA 7 24.31 -32.84 -59.57
CA MET XA 7 25.56 -33.39 -60.07
C MET XA 7 25.57 -34.92 -60.16
N THR XA 8 24.76 -35.46 -61.07
CA THR XA 8 24.80 -36.89 -61.38
C THR XA 8 26.18 -37.29 -61.88
N GLU XA 9 26.38 -38.61 -61.99
CA GLU XA 9 27.71 -39.18 -62.09
C GLU XA 9 28.55 -38.55 -63.19
N ASP XA 10 27.97 -38.32 -64.37
CA ASP XA 10 28.74 -37.76 -65.48
C ASP XA 10 29.20 -36.34 -65.18
N GLU XA 11 28.28 -35.44 -64.85
CA GLU XA 11 28.72 -34.10 -64.54
C GLU XA 11 29.39 -34.03 -63.18
N ALA XA 12 29.22 -35.05 -62.33
CA ALA XA 12 30.00 -35.09 -61.10
C ALA XA 12 31.47 -35.37 -61.40
N ARG XA 13 31.74 -36.27 -62.34
CA ARG XA 13 33.11 -36.48 -62.80
C ARG XA 13 33.65 -35.23 -63.46
N ARG XA 14 32.84 -34.57 -64.29
CA ARG XA 14 33.30 -33.36 -64.97
C ARG XA 14 33.57 -32.24 -63.96
N PHE XA 15 32.72 -32.15 -62.93
CA PHE XA 15 32.91 -31.20 -61.85
C PHE XA 15 34.20 -31.49 -61.08
N HIS XA 16 34.47 -32.77 -60.82
CA HIS XA 16 35.73 -33.13 -60.19
C HIS XA 16 36.92 -32.70 -61.04
N GLY XA 17 36.83 -32.88 -62.36
CA GLY XA 17 37.91 -32.44 -63.23
C GLY XA 17 38.17 -30.96 -63.13
N TYR XA 18 37.12 -30.14 -63.30
CA TYR XA 18 37.31 -28.69 -63.17
C TYR XA 18 37.76 -28.30 -61.77
N PHE XA 19 37.26 -28.96 -60.74
CA PHE XA 19 37.58 -28.58 -59.37
C PHE XA 19 39.04 -28.87 -59.05
N VAL XA 20 39.55 -30.01 -59.51
CA VAL XA 20 40.96 -30.31 -59.32
C VAL XA 20 41.82 -29.36 -60.14
N THR XA 21 41.37 -29.02 -61.35
CA THR XA 21 42.12 -28.05 -62.15
C THR XA 21 42.21 -26.71 -61.45
N GLY XA 22 41.10 -26.23 -60.89
CA GLY XA 22 41.12 -24.95 -60.19
C GLY XA 22 41.96 -24.98 -58.93
N THR XA 23 41.86 -26.06 -58.15
CA THR XA 23 42.68 -26.19 -56.96
C THR XA 23 44.17 -26.19 -57.31
N LEU XA 24 44.54 -26.92 -58.36
CA LEU XA 24 45.92 -26.94 -58.81
C LEU XA 24 46.39 -25.55 -59.21
N GLY XA 25 45.62 -24.88 -60.08
CA GLY XA 25 46.02 -23.55 -60.52
C GLY XA 25 46.18 -22.58 -59.37
N TYR XA 26 45.24 -22.62 -58.42
CA TYR XA 26 45.36 -21.80 -57.21
C TYR XA 26 46.63 -22.11 -56.45
N ILE XA 27 46.97 -23.38 -56.32
CA ILE XA 27 48.16 -23.78 -55.58
C ILE XA 27 49.42 -23.23 -56.27
N ILE XA 28 49.50 -23.34 -57.60
CA ILE XA 28 50.66 -22.81 -58.30
C ILE XA 28 50.77 -21.30 -58.17
N VAL XA 29 49.66 -20.58 -58.33
CA VAL XA 29 49.79 -19.12 -58.28
C VAL XA 29 50.16 -18.67 -56.86
N ALA XA 30 49.64 -19.37 -55.84
CA ALA XA 30 50.06 -19.10 -54.47
C ALA XA 30 51.52 -19.45 -54.24
N ALA XA 31 52.01 -20.52 -54.87
CA ALA XA 31 53.42 -20.88 -54.75
C ALA XA 31 54.31 -19.79 -55.32
N VAL XA 32 53.92 -19.24 -56.47
CA VAL XA 32 54.69 -18.14 -57.05
C VAL XA 32 54.64 -16.91 -56.15
N ALA XA 33 53.47 -16.63 -55.56
CA ALA XA 33 53.37 -15.49 -54.65
C ALA XA 33 54.29 -15.66 -53.44
N HIS XA 34 54.32 -16.86 -52.86
CA HIS XA 34 55.21 -17.11 -51.73
C HIS XA 34 56.67 -17.04 -52.14
N PHE XA 35 56.99 -17.48 -53.35
CA PHE XA 35 58.34 -17.36 -53.89
C PHE XA 35 58.79 -15.90 -53.94
N LEU XA 36 57.96 -15.05 -54.55
CA LEU XA 36 58.29 -13.63 -54.66
C LEU XA 36 58.40 -12.99 -53.28
N ALA XA 37 57.49 -13.35 -52.37
CA ALA XA 37 57.57 -12.81 -51.01
C ALA XA 37 58.85 -13.22 -50.33
N TRP XA 38 59.28 -14.48 -50.52
CA TRP XA 38 60.50 -14.94 -49.88
C TRP XA 38 61.72 -14.19 -50.41
N GLN XA 39 61.79 -13.96 -51.72
CA GLN XA 39 62.88 -13.13 -52.21
C GLN XA 39 62.77 -11.68 -51.78
N TRP XA 40 61.59 -11.19 -51.45
CA TRP XA 40 61.48 -9.81 -51.00
C TRP XA 40 61.83 -9.67 -49.51
N ARG XA 41 61.16 -10.44 -48.65
CA ARG XA 41 61.43 -10.39 -47.21
C ARG XA 41 61.27 -11.78 -46.63
N PRO XA 42 62.37 -12.54 -46.50
CA PRO XA 42 62.28 -13.89 -45.96
C PRO XA 42 61.83 -13.87 -44.50
N TRP XA 43 60.99 -14.83 -44.13
CA TRP XA 43 60.38 -14.83 -42.81
C TRP XA 43 61.00 -15.84 -41.85
N PHE XA 44 62.11 -16.47 -42.22
CA PHE XA 44 62.78 -17.41 -41.33
C PHE XA 44 64.21 -16.98 -41.06
N MET YA 1 32.06 -25.99 -67.79
CA MET YA 1 32.55 -24.96 -66.87
C MET YA 1 31.49 -23.88 -66.72
N HIS YA 2 30.77 -23.62 -67.82
CA HIS YA 2 29.66 -22.68 -67.82
C HIS YA 2 28.47 -23.18 -67.02
N ARG YA 3 28.39 -24.48 -66.75
CA ARG YA 3 27.24 -25.05 -66.06
C ARG YA 3 27.08 -24.54 -64.64
N ILE YA 4 28.12 -23.92 -64.07
CA ILE YA 4 27.97 -23.30 -62.75
C ILE YA 4 26.97 -22.15 -62.82
N TRP YA 5 26.86 -21.50 -63.97
CA TRP YA 5 25.87 -20.43 -64.14
C TRP YA 5 24.46 -20.96 -64.35
N GLN YA 6 24.31 -22.25 -64.65
CA GLN YA 6 23.00 -22.78 -64.97
C GLN YA 6 22.15 -22.86 -63.70
N GLY YA 7 20.92 -22.36 -63.79
CA GLY YA 7 20.02 -22.34 -62.66
C GLY YA 7 20.07 -21.10 -61.80
N MET YA 8 20.89 -20.11 -62.14
CA MET YA 8 20.97 -18.87 -61.39
C MET YA 8 20.28 -17.74 -62.17
N ASP YA 9 20.35 -16.54 -61.62
CA ASP YA 9 19.74 -15.36 -62.19
C ASP YA 9 20.83 -14.35 -62.53
N PRO YA 10 21.02 -13.99 -63.80
CA PRO YA 10 22.16 -13.11 -64.15
C PRO YA 10 22.11 -11.77 -63.44
N GLN YA 11 20.92 -11.22 -63.21
CA GLN YA 11 20.81 -9.95 -62.49
C GLN YA 11 21.37 -10.07 -61.07
N ILE YA 12 21.06 -11.17 -60.39
CA ILE YA 12 21.56 -11.38 -59.03
C ILE YA 12 23.09 -11.49 -59.04
N ILE YA 13 23.64 -12.21 -60.01
CA ILE YA 13 25.08 -12.36 -60.11
C ILE YA 13 25.74 -11.00 -60.35
N MET YA 14 25.19 -10.21 -61.26
CA MET YA 14 25.76 -8.91 -61.55
C MET YA 14 25.65 -7.99 -60.33
N SER YA 15 24.54 -8.05 -59.60
CA SER YA 15 24.38 -7.23 -58.41
C SER YA 15 25.41 -7.60 -57.34
N GLY YA 16 25.59 -8.90 -57.10
CA GLY YA 16 26.55 -9.32 -56.10
C GLY YA 16 27.98 -9.01 -56.49
N LEU YA 17 28.31 -9.19 -57.77
CA LEU YA 17 29.64 -8.83 -58.25
C LEU YA 17 29.87 -7.33 -58.16
N GLY YA 18 28.84 -6.53 -58.45
CA GLY YA 18 28.98 -5.09 -58.30
C GLY YA 18 29.18 -4.66 -56.86
N PHE YA 19 28.42 -5.25 -55.94
CA PHE YA 19 28.63 -4.97 -54.51
C PHE YA 19 30.04 -5.32 -54.09
N PHE YA 20 30.50 -6.53 -54.43
CA PHE YA 20 31.86 -6.94 -54.11
C PHE YA 20 32.90 -5.97 -54.66
N LEU YA 21 32.82 -5.68 -55.96
CA LEU YA 21 33.83 -4.85 -56.59
C LEU YA 21 33.83 -3.43 -56.04
N ALA YA 22 32.64 -2.86 -55.78
CA ALA YA 22 32.58 -1.52 -55.24
C ALA YA 22 33.19 -1.46 -53.84
N GLY YA 23 32.83 -2.41 -52.97
CA GLY YA 23 33.39 -2.41 -51.63
C GLY YA 23 34.89 -2.63 -51.63
N LEU YA 24 35.37 -3.54 -52.47
CA LEU YA 24 36.79 -3.81 -52.55
C LEU YA 24 37.54 -2.59 -53.07
N ALA YA 25 36.99 -1.91 -54.08
CA ALA YA 25 37.62 -0.71 -54.62
C ALA YA 25 37.69 0.38 -53.56
N LEU YA 26 36.63 0.56 -52.78
CA LEU YA 26 36.65 1.57 -51.72
C LEU YA 26 37.72 1.25 -50.68
N ILE YA 27 37.76 0.00 -50.23
CA ILE YA 27 38.71 -0.39 -49.19
C ILE YA 27 40.14 -0.23 -49.68
N ILE YA 28 40.43 -0.71 -50.89
CA ILE YA 28 41.80 -0.64 -51.38
C ILE YA 28 42.17 0.80 -51.74
N HIS YA 29 41.21 1.64 -52.11
CA HIS YA 29 41.54 3.04 -52.35
C HIS YA 29 41.93 3.73 -51.05
N MET YA 30 41.23 3.44 -49.95
CA MET YA 30 41.65 4.02 -48.67
C MET YA 30 43.01 3.48 -48.25
N TRP YA 31 43.24 2.18 -48.45
CA TRP YA 31 44.53 1.56 -48.17
C TRP YA 31 45.65 2.24 -48.96
N ALA YA 32 45.43 2.49 -50.25
CA ALA YA 32 46.42 3.14 -51.09
C ALA YA 32 46.62 4.61 -50.70
N TYR YA 33 45.56 5.31 -50.29
CA TYR YA 33 45.74 6.68 -49.81
C TYR YA 33 46.64 6.70 -48.59
N SER YA 34 46.44 5.75 -47.68
CA SER YA 34 47.29 5.68 -46.50
C SER YA 34 48.74 5.36 -46.87
N ILE YA 35 48.94 4.45 -47.82
CA ILE YA 35 50.30 4.02 -48.14
C ILE YA 35 51.05 5.10 -48.92
N THR YA 36 50.49 5.58 -50.02
CA THR YA 36 51.16 6.58 -50.85
C THR YA 36 51.17 7.96 -50.19
N GLY YA 37 50.16 8.27 -49.40
CA GLY YA 37 50.03 9.61 -48.85
C GLY YA 37 49.78 10.69 -49.89
N TRP YA 38 48.99 10.37 -50.93
CA TRP YA 38 48.86 11.30 -52.05
C TRP YA 38 48.02 12.52 -51.71
N PRO YA 39 46.73 12.39 -51.34
CA PRO YA 39 45.97 13.60 -51.09
C PRO YA 39 46.58 14.44 -50.00
N LYS YA 40 47.24 13.84 -49.01
CA LYS YA 40 47.83 14.62 -47.94
C LYS YA 40 48.86 15.61 -48.47
N TYR YA 41 49.83 15.13 -49.25
CA TYR YA 41 50.86 16.02 -49.77
C TYR YA 41 50.32 17.02 -50.79
N LYS YA 42 49.38 16.62 -51.64
CA LYS YA 42 48.84 17.61 -52.57
C LYS YA 42 48.00 18.67 -51.85
N LYS YA 43 47.22 18.29 -50.84
CA LYS YA 43 46.50 19.26 -50.04
C LYS YA 43 47.45 20.18 -49.30
N ALA YA 44 48.57 19.65 -48.80
CA ALA YA 44 49.55 20.49 -48.15
C ALA YA 44 50.10 21.53 -49.12
N GLN YA 45 50.39 21.12 -50.35
CA GLN YA 45 50.88 22.07 -51.35
C GLN YA 45 49.85 23.15 -51.64
N TYR YA 46 48.59 22.75 -51.87
CA TYR YA 46 47.58 23.72 -52.29
C TYR YA 46 46.98 24.51 -51.14
N ASN YA 47 47.29 24.15 -49.90
CA ASN YA 47 46.83 24.93 -48.75
C ASN YA 47 47.93 25.78 -48.14
N ALA YA 48 49.20 25.41 -48.33
CA ALA YA 48 50.30 26.27 -47.95
C ALA YA 48 50.45 27.48 -48.87
N GLN YA 49 49.75 27.50 -50.00
CA GLN YA 49 49.74 28.65 -50.89
C GLN YA 49 48.90 29.78 -50.31
N GLY ZA 5 15.25 -22.53 -61.88
CA GLY ZA 5 15.17 -21.13 -62.25
C GLY ZA 5 15.49 -20.88 -63.70
N GLY ZA 6 16.27 -19.83 -63.96
CA GLY ZA 6 16.61 -19.48 -65.32
C GLY ZA 6 17.98 -19.97 -65.77
N MET ZA 7 18.54 -19.31 -66.77
CA MET ZA 7 19.88 -19.61 -67.29
C MET ZA 7 19.97 -21.07 -67.78
N THR ZA 8 19.23 -21.34 -68.84
CA THR ZA 8 19.36 -22.61 -69.54
C THR ZA 8 20.76 -22.73 -70.15
N GLU ZA 9 21.04 -23.90 -70.73
CA GLU ZA 9 22.41 -24.24 -71.10
C GLU ZA 9 22.99 -23.27 -72.12
N ASP ZA 10 22.20 -22.88 -73.12
CA ASP ZA 10 22.72 -22.01 -74.17
C ASP ZA 10 22.98 -20.60 -73.64
N GLU ZA 11 22.02 -20.04 -72.90
CA GLU ZA 11 22.27 -18.72 -72.33
C GLU ZA 11 23.35 -18.78 -71.27
N ALA ZA 12 23.52 -19.92 -70.62
CA ALA ZA 12 24.66 -20.10 -69.73
C ALA ZA 12 25.97 -20.00 -70.49
N ARG ZA 13 26.07 -20.63 -71.66
CA ARG ZA 13 27.28 -20.52 -72.46
C ARG ZA 13 27.52 -19.07 -72.89
N ARG ZA 14 26.48 -18.40 -73.37
CA ARG ZA 14 26.62 -17.02 -73.84
C ARG ZA 14 27.03 -16.08 -72.71
N PHE ZA 15 26.41 -16.25 -71.54
CA PHE ZA 15 26.72 -15.41 -70.41
C PHE ZA 15 28.11 -15.72 -69.87
N HIS ZA 16 28.55 -16.98 -69.94
CA HIS ZA 16 29.91 -17.29 -69.54
C HIS ZA 16 30.91 -16.61 -70.47
N GLY ZA 17 30.64 -16.62 -71.77
CA GLY ZA 17 31.54 -15.93 -72.69
C GLY ZA 17 31.62 -14.44 -72.40
N TYR ZA 18 30.46 -13.81 -72.22
CA TYR ZA 18 30.44 -12.37 -71.93
C TYR ZA 18 31.09 -12.06 -70.58
N PHE ZA 19 30.84 -12.88 -69.56
CA PHE ZA 19 31.46 -12.69 -68.26
C PHE ZA 19 32.97 -12.81 -68.35
N VAL ZA 20 33.47 -13.77 -69.13
CA VAL ZA 20 34.91 -13.96 -69.26
C VAL ZA 20 35.54 -12.76 -69.95
N THR ZA 21 34.94 -12.28 -71.05
CA THR ZA 21 35.56 -11.15 -71.73
C THR ZA 21 35.50 -9.88 -70.87
N GLY ZA 22 34.42 -9.68 -70.12
CA GLY ZA 22 34.37 -8.56 -69.20
C GLY ZA 22 35.40 -8.64 -68.10
N THR ZA 23 35.58 -9.85 -67.55
CA THR ZA 23 36.59 -10.05 -66.51
C THR ZA 23 37.99 -9.74 -67.05
N LEU ZA 24 38.28 -10.21 -68.25
CA LEU ZA 24 39.59 -9.93 -68.85
C LEU ZA 24 39.78 -8.44 -69.11
N GLY ZA 25 38.74 -7.76 -69.60
CA GLY ZA 25 38.87 -6.32 -69.82
C GLY ZA 25 39.13 -5.56 -68.54
N TYR ZA 26 38.38 -5.88 -67.48
CA TYR ZA 26 38.64 -5.30 -66.17
C TYR ZA 26 40.05 -5.60 -65.70
N ILE ZA 27 40.53 -6.82 -65.93
CA ILE ZA 27 41.87 -7.22 -65.52
C ILE ZA 27 42.92 -6.36 -66.19
N ILE ZA 28 42.82 -6.20 -67.51
CA ILE ZA 28 43.83 -5.44 -68.25
C ILE ZA 28 43.79 -3.97 -67.85
N VAL ZA 29 42.58 -3.42 -67.68
CA VAL ZA 29 42.48 -2.01 -67.32
C VAL ZA 29 43.10 -1.76 -65.95
N ALA ZA 30 42.84 -2.66 -64.99
CA ALA ZA 30 43.48 -2.57 -63.68
C ALA ZA 30 44.99 -2.75 -63.78
N ALA ZA 31 45.46 -3.62 -64.66
CA ALA ZA 31 46.90 -3.81 -64.85
C ALA ZA 31 47.56 -2.52 -65.32
N VAL ZA 32 46.93 -1.82 -66.27
CA VAL ZA 32 47.48 -0.54 -66.72
C VAL ZA 32 47.48 0.48 -65.59
N ALA ZA 33 46.40 0.51 -64.78
CA ALA ZA 33 46.35 1.44 -63.67
C ALA ZA 33 47.48 1.18 -62.68
N HIS ZA 34 47.73 -0.09 -62.34
CA HIS ZA 34 48.82 -0.41 -61.44
C HIS ZA 34 50.17 -0.08 -62.04
N PHE ZA 35 50.34 -0.31 -63.35
CA PHE ZA 35 51.59 0.03 -64.02
C PHE ZA 35 51.88 1.52 -63.90
N LEU ZA 36 50.86 2.36 -64.09
CA LEU ZA 36 51.07 3.80 -63.96
C LEU ZA 36 51.34 4.21 -62.52
N ALA ZA 37 50.62 3.60 -61.57
CA ALA ZA 37 50.83 3.96 -60.18
C ALA ZA 37 52.20 3.51 -59.67
N TRP ZA 38 52.79 2.49 -60.30
CA TRP ZA 38 54.10 2.04 -59.84
C TRP ZA 38 55.18 3.06 -60.18
N GLN ZA 39 55.17 3.60 -61.40
CA GLN ZA 39 56.10 4.65 -61.75
C GLN ZA 39 55.83 5.93 -60.97
N TRP ZA 40 54.55 6.22 -60.69
CA TRP ZA 40 54.27 7.41 -59.89
C TRP ZA 40 54.82 7.27 -58.48
N ARG ZA 41 54.47 6.17 -57.79
CA ARG ZA 41 54.92 5.96 -56.41
C ARG ZA 41 54.96 4.47 -56.12
N PRO ZA 42 56.12 3.83 -56.29
CA PRO ZA 42 56.21 2.40 -56.01
C PRO ZA 42 55.99 2.13 -54.52
N TRP ZA 43 55.33 1.01 -54.22
CA TRP ZA 43 54.95 0.70 -52.86
C TRP ZA 43 55.86 -0.34 -52.20
N PHE ZA 44 56.92 -0.77 -52.88
CA PHE ZA 44 57.90 -1.66 -52.28
C PHE ZA 44 59.26 -0.96 -52.21
N MET AB 1 24.94 -8.28 -75.16
CA MET AB 1 25.08 -7.68 -73.84
C MET AB 1 23.75 -7.11 -73.35
N HIS AB 2 22.88 -6.75 -74.30
CA HIS AB 2 21.60 -6.14 -73.97
C HIS AB 2 20.68 -7.07 -73.20
N ARG AB 3 20.92 -8.38 -73.25
CA ARG AB 3 20.03 -9.35 -72.63
C ARG AB 3 19.99 -9.21 -71.11
N ILE AB 4 20.93 -8.47 -70.53
CA ILE AB 4 20.89 -8.22 -69.10
C ILE AB 4 19.71 -7.32 -68.74
N TRP AB 5 19.30 -6.44 -69.65
CA TRP AB 5 18.22 -5.52 -69.32
C TRP AB 5 16.84 -6.17 -69.37
N GLN AB 6 16.75 -7.41 -69.83
CA GLN AB 6 15.45 -8.07 -69.96
C GLN AB 6 14.79 -8.26 -68.61
N GLY AB 7 13.51 -7.95 -68.53
CA GLY AB 7 12.74 -8.15 -67.32
C GLY AB 7 12.80 -7.02 -66.31
N MET AB 8 13.62 -6.00 -66.55
CA MET AB 8 13.80 -4.92 -65.60
C MET AB 8 13.02 -3.69 -66.04
N ASP AB 9 12.60 -2.90 -65.07
CA ASP AB 9 11.88 -1.67 -65.35
C ASP AB 9 12.87 -0.56 -65.70
N PRO AB 10 12.77 0.06 -66.89
CA PRO AB 10 13.74 1.10 -67.24
C PRO AB 10 13.72 2.29 -66.30
N GLN AB 11 12.56 2.61 -65.73
CA GLN AB 11 12.48 3.72 -64.79
C GLN AB 11 13.21 3.41 -63.49
N ILE AB 12 13.12 2.16 -63.01
CA ILE AB 12 13.88 1.75 -61.83
C ILE AB 12 15.37 1.88 -62.10
N ILE AB 13 15.79 1.46 -63.30
CA ILE AB 13 17.21 1.57 -63.67
C ILE AB 13 17.64 3.02 -63.70
N MET AB 14 16.81 3.89 -64.26
CA MET AB 14 17.18 5.31 -64.33
C MET AB 14 17.22 5.94 -62.95
N SER AB 15 16.31 5.55 -62.06
CA SER AB 15 16.35 6.04 -60.69
C SER AB 15 17.63 5.58 -59.98
N GLY AB 16 18.00 4.30 -60.15
CA GLY AB 16 19.22 3.83 -59.53
C GLY AB 16 20.46 4.50 -60.09
N LEU AB 17 20.48 4.74 -61.40
CA LEU AB 17 21.61 5.44 -62.01
C LEU AB 17 21.71 6.87 -61.51
N GLY AB 18 20.58 7.57 -61.43
CA GLY AB 18 20.60 8.92 -60.91
C GLY AB 18 21.05 8.98 -59.47
N PHE AB 19 20.60 8.03 -58.65
CA PHE AB 19 21.05 7.97 -57.26
C PHE AB 19 22.54 7.74 -57.17
N PHE AB 20 23.06 6.75 -57.91
CA PHE AB 20 24.49 6.51 -57.96
C PHE AB 20 25.26 7.77 -58.35
N LEU AB 21 24.85 8.41 -59.44
CA LEU AB 21 25.59 9.55 -59.94
C LEU AB 21 25.54 10.72 -58.96
N ALA AB 22 24.38 10.98 -58.36
CA ALA AB 22 24.27 12.09 -57.43
C ALA AB 22 25.12 11.87 -56.17
N GLY AB 23 25.04 10.67 -55.59
CA GLY AB 23 25.84 10.39 -54.41
C GLY AB 23 27.33 10.43 -54.69
N LEU AB 24 27.76 9.82 -55.80
CA LEU AB 24 29.17 9.81 -56.12
C LEU AB 24 29.67 11.22 -56.45
N ALA AB 25 28.87 12.01 -57.18
CA ALA AB 25 29.28 13.36 -57.52
C ALA AB 25 29.39 14.23 -56.28
N LEU AB 26 28.46 14.07 -55.33
CA LEU AB 26 28.57 14.83 -54.09
C LEU AB 26 29.82 14.45 -53.31
N ILE AB 27 30.09 13.14 -53.20
CA ILE AB 27 31.27 12.68 -52.47
C ILE AB 27 32.55 13.21 -53.12
N ILE AB 28 32.65 13.10 -54.45
CA ILE AB 28 33.88 13.49 -55.11
C ILE AB 28 34.01 15.00 -55.19
N HIS AB 29 32.90 15.74 -55.22
CA HIS AB 29 33.01 17.20 -55.15
C HIS AB 29 33.54 17.64 -53.80
N MET AB 30 33.08 17.01 -52.71
CA MET AB 30 33.66 17.33 -51.40
C MET AB 30 35.15 16.96 -51.35
N TRP AB 31 35.49 15.79 -51.88
CA TRP AB 31 36.88 15.36 -51.97
C TRP AB 31 37.74 16.37 -52.73
N ALA AB 32 37.25 16.84 -53.88
CA ALA AB 32 38.00 17.78 -54.69
C ALA AB 32 38.09 19.15 -54.03
N TYR AB 33 37.03 19.58 -53.33
CA TYR AB 33 37.11 20.82 -52.57
C TYR AB 33 38.20 20.72 -51.51
N SER AB 34 38.26 19.60 -50.80
CA SER AB 34 39.28 19.44 -49.77
C SER AB 34 40.68 19.39 -50.35
N ILE AB 35 40.83 18.83 -51.55
CA ILE AB 35 42.15 18.73 -52.15
C ILE AB 35 42.61 20.07 -52.71
N THR AB 36 41.81 20.67 -53.60
CA THR AB 36 42.24 21.87 -54.31
C THR AB 36 42.28 23.10 -53.43
N GLY AB 37 41.56 23.11 -52.32
CA GLY AB 37 41.44 24.31 -51.51
C GLY AB 37 40.46 25.34 -52.04
N TRP AB 38 39.70 25.01 -53.07
CA TRP AB 38 38.61 25.80 -53.63
C TRP AB 38 37.30 25.42 -52.98
N PRO AB 39 36.42 26.37 -52.67
CA PRO AB 39 36.52 27.82 -52.91
C PRO AB 39 37.08 28.59 -51.73
N LYS AB 40 37.84 27.93 -50.84
CA LYS AB 40 38.29 28.59 -49.62
C LYS AB 40 39.17 29.79 -49.93
N TYR AB 41 40.08 29.66 -50.89
CA TYR AB 41 41.00 30.75 -51.17
C TYR AB 41 40.30 31.93 -51.85
N LYS AB 42 39.39 31.64 -52.78
CA LYS AB 42 38.62 32.72 -53.40
C LYS AB 42 37.68 33.39 -52.41
N LYS AB 43 37.06 32.60 -51.53
CA LYS AB 43 36.21 33.18 -50.48
C LYS AB 43 37.03 34.07 -49.56
N ALA AB 44 38.25 33.66 -49.22
CA ALA AB 44 39.12 34.51 -48.42
C ALA AB 44 39.49 35.79 -49.16
N GLN AB 45 39.70 35.71 -50.47
CA GLN AB 45 39.97 36.94 -51.24
C GLN AB 45 38.79 37.90 -51.18
N TYR AB 46 37.58 37.40 -51.38
CA TYR AB 46 36.43 38.30 -51.48
C TYR AB 46 35.87 38.72 -50.13
N ASN AB 47 36.33 38.13 -49.03
CA ASN AB 47 35.82 38.45 -47.70
C ASN AB 47 36.94 38.88 -46.77
N ALA AB 48 37.84 39.73 -47.29
CA ALA AB 48 38.99 40.21 -46.53
C ALA AB 48 38.54 41.01 -45.30
N GLY BB 5 6.56 -8.87 -66.40
CA GLY BB 5 7.92 -8.36 -66.52
C GLY BB 5 8.10 -7.46 -67.74
N GLY BB 6 8.58 -6.25 -67.51
CA GLY BB 6 8.76 -5.29 -68.59
C GLY BB 6 10.07 -5.49 -69.33
N MET BB 7 10.25 -4.65 -70.35
CA MET BB 7 11.46 -4.63 -71.18
C MET BB 7 11.74 -6.00 -71.79
N THR BB 8 10.86 -6.37 -72.72
CA THR BB 8 11.10 -7.53 -73.57
C THR BB 8 12.35 -7.29 -74.42
N GLU BB 9 12.75 -8.34 -75.15
CA GLU BB 9 14.07 -8.36 -75.76
C GLU BB 9 14.28 -7.22 -76.74
N ASP BB 10 13.27 -6.88 -77.54
CA ASP BB 10 13.41 -5.81 -78.52
C ASP BB 10 13.64 -4.46 -77.83
N GLU BB 11 12.77 -4.10 -76.91
CA GLU BB 11 12.95 -2.84 -76.21
C GLU BB 11 14.12 -2.87 -75.25
N ALA BB 12 14.53 -4.04 -74.77
CA ALA BB 12 15.78 -4.16 -74.04
C ALA BB 12 16.96 -3.79 -74.93
N ARG BB 13 16.96 -4.26 -76.18
CA ARG BB 13 18.04 -3.89 -77.10
C ARG BB 13 18.05 -2.40 -77.40
N ARG BB 14 16.87 -1.83 -77.63
CA ARG BB 14 16.78 -0.39 -77.88
C ARG BB 14 17.28 0.41 -76.70
N PHE BB 15 16.85 0.03 -75.49
CA PHE BB 15 17.28 0.71 -74.28
C PHE BB 15 18.78 0.57 -74.08
N HIS BB 16 19.33 -0.60 -74.42
CA HIS BB 16 20.78 -0.78 -74.32
C HIS BB 16 21.52 0.18 -75.23
N GLY BB 17 21.05 0.35 -76.47
CA GLY BB 17 21.69 1.30 -77.36
C GLY BB 17 21.66 2.72 -76.82
N TYR BB 18 20.50 3.17 -76.34
CA TYR BB 18 20.41 4.52 -75.80
C TYR BB 18 21.27 4.68 -74.55
N PHE BB 19 21.29 3.66 -73.69
CA PHE BB 19 22.11 3.72 -72.49
C PHE BB 19 23.59 3.84 -72.82
N VAL BB 20 24.05 3.08 -73.81
CA VAL BB 20 25.46 3.12 -74.17
C VAL BB 20 25.83 4.49 -74.74
N THR BB 21 25.00 5.04 -75.63
CA THR BB 21 25.36 6.35 -76.17
C THR BB 21 25.31 7.44 -75.10
N GLY BB 22 24.35 7.38 -74.18
CA GLY BB 22 24.34 8.32 -73.07
C GLY BB 22 25.56 8.21 -72.18
N THR BB 23 25.99 6.97 -71.91
CA THR BB 23 27.19 6.77 -71.11
C THR BB 23 28.42 7.35 -71.78
N LEU BB 24 28.55 7.16 -73.10
CA LEU BB 24 29.68 7.75 -73.81
C LEU BB 24 29.65 9.27 -73.76
N GLY BB 25 28.48 9.87 -73.94
CA GLY BB 25 28.38 11.33 -73.85
C GLY BB 25 28.78 11.84 -72.48
N TYR BB 26 28.27 11.19 -71.43
CA TYR BB 26 28.63 11.57 -70.07
C TYR BB 26 30.13 11.46 -69.83
N ILE BB 27 30.73 10.36 -70.29
CA ILE BB 27 32.16 10.14 -70.06
C ILE BB 27 32.99 11.19 -70.78
N ILE BB 28 32.63 11.51 -72.02
CA ILE BB 28 33.44 12.47 -72.77
C ILE BB 28 33.30 13.86 -72.17
N VAL BB 29 32.11 14.23 -71.70
CA VAL BB 29 31.93 15.54 -71.11
C VAL BB 29 32.68 15.64 -69.77
N ALA BB 30 32.68 14.54 -69.00
CA ALA BB 30 33.48 14.47 -67.79
C ALA BB 30 34.97 14.58 -68.11
N ALA BB 31 35.41 13.97 -69.21
CA ALA BB 31 36.82 14.07 -69.60
C ALA BB 31 37.21 15.50 -69.91
N VAL BB 32 36.34 16.24 -70.61
CA VAL BB 32 36.61 17.66 -70.84
C VAL BB 32 36.71 18.41 -69.51
N ALA BB 33 35.80 18.13 -68.58
CA ALA BB 33 35.87 18.79 -67.28
C ALA BB 33 37.18 18.49 -66.57
N HIS BB 34 37.63 17.24 -66.62
CA HIS BB 34 38.86 16.86 -65.94
C HIS BB 34 40.07 17.50 -66.58
N PHE BB 35 40.07 17.62 -67.91
CA PHE BB 35 41.17 18.32 -68.58
C PHE BB 35 41.25 19.78 -68.13
N LEU BB 36 40.10 20.46 -68.08
CA LEU BB 36 40.10 21.85 -67.63
C LEU BB 36 40.59 21.97 -66.19
N ALA BB 37 40.10 21.10 -65.31
CA ALA BB 37 40.53 21.14 -63.92
C ALA BB 37 42.02 20.86 -63.78
N TRP BB 38 42.56 19.95 -64.59
CA TRP BB 38 44.00 19.70 -64.57
C TRP BB 38 44.78 20.92 -65.00
N GLN BB 39 44.32 21.61 -66.04
CA GLN BB 39 44.99 22.85 -66.44
C GLN BB 39 44.91 23.90 -65.35
N TRP BB 40 43.88 23.88 -64.52
CA TRP BB 40 43.73 24.89 -63.46
C TRP BB 40 44.58 24.56 -62.23
N ARG BB 41 44.37 23.39 -61.64
CA ARG BB 41 45.12 22.97 -60.45
C ARG BB 41 45.37 21.47 -60.53
N PRO BB 42 46.50 21.06 -61.11
CA PRO BB 42 46.78 19.63 -61.25
C PRO BB 42 46.97 18.95 -59.90
N TRP BB 43 46.43 17.75 -59.79
CA TRP BB 43 46.62 16.90 -58.63
C TRP BB 43 47.76 15.93 -58.90
N PHE BB 44 48.38 15.44 -57.82
CA PHE BB 44 49.70 14.78 -57.89
C PHE BB 44 50.57 15.27 -59.04
N HIS CB 2 9.72 -54.79 0.56
CA HIS CB 2 9.39 -54.62 -0.85
C HIS CB 2 7.93 -54.23 -1.01
N ARG CB 3 7.13 -54.53 0.01
CA ARG CB 3 5.72 -54.14 0.01
C ARG CB 3 5.53 -52.67 0.33
N ILE CB 4 6.61 -51.95 0.68
CA ILE CB 4 6.52 -50.52 0.90
C ILE CB 4 6.17 -49.79 -0.39
N TRP CB 5 6.59 -50.33 -1.54
CA TRP CB 5 6.32 -49.67 -2.81
C TRP CB 5 4.88 -49.80 -3.26
N LEU CB 6 4.14 -50.79 -2.76
CA LEU CB 6 2.71 -50.82 -3.03
C LEU CB 6 1.94 -49.78 -2.23
N MET CB 7 2.55 -49.23 -1.18
CA MET CB 7 1.95 -48.22 -0.34
C MET CB 7 2.16 -46.81 -0.88
N PHE CB 8 3.34 -46.52 -1.41
CA PHE CB 8 3.66 -45.22 -2.00
C PHE CB 8 4.14 -45.42 -3.42
N ASP CB 9 3.66 -44.58 -4.33
CA ASP CB 9 4.09 -44.65 -5.72
C ASP CB 9 5.58 -44.37 -5.80
N PRO CB 10 6.38 -45.29 -6.36
CA PRO CB 10 7.83 -45.03 -6.47
C PRO CB 10 8.17 -43.77 -7.25
N ARG CB 11 7.35 -43.36 -8.21
CA ARG CB 11 7.60 -42.11 -8.93
C ARG CB 11 7.57 -40.92 -7.97
N ARG CB 12 6.51 -40.81 -7.17
CA ARG CB 12 6.41 -39.74 -6.19
C ARG CB 12 7.55 -39.80 -5.18
N VAL CB 13 7.88 -41.00 -4.71
CA VAL CB 13 8.93 -41.14 -3.70
C VAL CB 13 10.28 -40.73 -4.29
N MET CB 14 10.56 -41.11 -5.53
CA MET CB 14 11.82 -40.74 -6.15
C MET CB 14 11.90 -39.24 -6.38
N VAL CB 15 10.80 -38.61 -6.80
CA VAL CB 15 10.81 -37.17 -6.98
C VAL CB 15 11.08 -36.48 -5.66
N ALA CB 16 10.37 -36.88 -4.60
CA ALA CB 16 10.58 -36.26 -3.29
C ALA CB 16 11.98 -36.52 -2.77
N MET CB 17 12.51 -37.72 -3.00
CA MET CB 17 13.84 -38.07 -2.52
C MET CB 17 14.91 -37.25 -3.21
N VAL CB 18 14.87 -37.18 -4.54
CA VAL CB 18 15.84 -36.38 -5.27
C VAL CB 18 15.74 -34.91 -4.87
N GLY CB 19 14.52 -34.38 -4.79
CA GLY CB 19 14.36 -32.99 -4.42
C GLY CB 19 14.90 -32.69 -3.04
N PHE CB 20 14.53 -33.51 -2.05
CA PHE CB 20 14.99 -33.28 -0.68
C PHE CB 20 16.50 -33.42 -0.58
N LEU CB 21 17.07 -34.44 -1.22
CA LEU CB 21 18.50 -34.66 -1.10
C LEU CB 21 19.29 -33.56 -1.79
N ALA CB 22 18.80 -33.09 -2.94
CA ALA CB 22 19.45 -31.98 -3.63
C ALA CB 22 19.37 -30.68 -2.82
N VAL CB 23 18.20 -30.39 -2.24
CA VAL CB 23 18.07 -29.20 -1.43
C VAL CB 23 18.99 -29.29 -0.21
N LEU CB 24 19.07 -30.46 0.41
CA LEU CB 24 19.96 -30.63 1.56
C LEU CB 24 21.41 -30.43 1.17
N ALA CB 25 21.83 -31.00 0.03
CA ALA CB 25 23.21 -30.84 -0.40
C ALA CB 25 23.54 -29.38 -0.68
N LEU CB 26 22.65 -28.68 -1.38
CA LEU CB 26 22.87 -27.26 -1.66
C LEU CB 26 22.94 -26.46 -0.36
N VAL CB 27 22.06 -26.76 0.59
CA VAL CB 27 22.02 -26.01 1.84
C VAL CB 27 23.30 -26.25 2.63
N ILE CB 28 23.77 -27.49 2.69
CA ILE CB 28 24.99 -27.78 3.44
C ILE CB 28 26.20 -27.14 2.77
N HIS CB 29 26.30 -27.24 1.45
CA HIS CB 29 27.43 -26.63 0.75
C HIS CB 29 27.44 -25.13 0.95
N PHE CB 30 26.26 -24.50 0.95
CA PHE CB 30 26.21 -23.05 1.10
C PHE CB 30 26.44 -22.62 2.55
N ILE CB 31 26.03 -23.44 3.52
CA ILE CB 31 26.35 -23.15 4.92
C ILE CB 31 27.85 -23.23 5.14
N LEU CB 32 28.50 -24.25 4.59
CA LEU CB 32 29.95 -24.37 4.73
C LEU CB 32 30.66 -23.23 4.00
N LEU CB 33 30.17 -22.85 2.83
CA LEU CB 33 30.82 -21.79 2.05
C LEU CB 33 30.67 -20.43 2.74
N SER CB 34 29.61 -20.23 3.50
CA SER CB 34 29.38 -18.98 4.20
C SER CB 34 30.07 -18.91 5.54
N SER CB 35 30.71 -19.99 5.98
CA SER CB 35 31.43 -20.01 7.24
C SER CB 35 32.82 -19.41 7.06
N GLN CB 36 33.59 -19.37 8.14
CA GLN CB 36 34.96 -18.87 8.09
C GLN CB 36 35.98 -19.99 7.98
N ARG CB 37 35.77 -21.09 8.70
CA ARG CB 37 36.70 -22.21 8.67
C ARG CB 37 36.63 -22.99 7.36
N TYR CB 38 35.46 -23.08 6.73
CA TYR CB 38 35.28 -23.92 5.54
C TYR CB 38 34.88 -23.12 4.31
N SER CB 39 35.33 -21.88 4.20
CA SER CB 39 35.16 -21.10 2.96
C SER CB 39 36.23 -21.54 1.96
N TRP CB 40 36.05 -22.75 1.43
CA TRP CB 40 37.11 -23.43 0.71
C TRP CB 40 37.52 -22.74 -0.58
N ILE CB 41 36.64 -21.95 -1.19
CA ILE CB 41 37.01 -21.29 -2.44
C ILE CB 41 38.08 -20.23 -2.19
N GLU CB 42 38.03 -19.56 -1.05
CA GLU CB 42 39.05 -18.56 -0.73
C GLU CB 42 40.22 -19.14 0.05
N ASN CB 43 39.96 -19.91 1.10
CA ASN CB 43 41.01 -20.33 2.02
C ASN CB 43 41.28 -21.83 1.97
N GLY CB 44 40.88 -22.51 0.90
CA GLY CB 44 41.01 -23.96 0.85
C GLY CB 44 42.42 -24.46 0.76
N THR CB 45 43.37 -23.60 0.40
CA THR CB 45 44.76 -24.00 0.28
C THR CB 45 45.51 -23.98 1.61
N LEU CB 46 44.93 -23.37 2.65
CA LEU CB 46 45.54 -23.41 3.97
C LEU CB 46 45.55 -24.82 4.53
N SER CB 47 46.52 -25.08 5.40
CA SER CB 47 46.57 -26.36 6.09
C SER CB 47 45.56 -26.38 7.23
N ALA CB 48 45.40 -27.56 7.83
CA ALA CB 48 44.42 -27.70 8.91
C ALA CB 48 44.84 -26.92 10.14
N ALA CB 49 46.12 -26.60 10.27
CA ALA CB 49 46.59 -25.83 11.41
C ALA CB 49 46.42 -24.35 11.17
N GLN CB 50 46.49 -23.90 9.91
CA GLN CB 50 46.31 -22.50 9.59
C GLN CB 50 44.84 -22.12 9.39
N ALA CB 51 43.94 -23.10 9.31
CA ALA CB 51 42.54 -22.80 9.09
C ALA CB 51 41.94 -22.10 10.30
N PRO CB 52 40.98 -21.20 10.09
CA PRO CB 52 40.38 -20.48 11.22
C PRO CB 52 39.67 -21.43 12.18
N VAL CB 53 39.73 -21.10 13.46
CA VAL CB 53 39.03 -21.84 14.51
C VAL CB 53 38.19 -20.84 15.30
N GLY CB 54 36.99 -21.26 15.66
CA GLY CB 54 36.16 -20.41 16.50
C GLY CB 54 36.78 -20.18 17.86
N ALA CB 55 36.48 -19.02 18.42
CA ALA CB 55 37.10 -18.62 19.69
C ALA CB 55 36.65 -19.54 20.82
N SER CB 56 37.55 -19.78 21.76
CA SER CB 56 37.26 -20.59 22.94
C SER CB 56 36.58 -19.71 23.98
N ALA CB 57 36.50 -20.20 25.22
CA ALA CB 57 35.91 -19.46 26.33
C ALA CB 57 36.58 -18.10 26.49
N PRO CB 58 35.88 -17.01 26.22
CA PRO CB 58 36.53 -15.69 26.16
C PRO CB 58 36.49 -14.96 27.50
N ALA CB 59 37.18 -13.83 27.53
CA ALA CB 59 37.24 -12.97 28.70
C ALA CB 59 36.34 -11.75 28.48
N ALA CB 60 36.29 -10.88 29.48
CA ALA CB 60 35.41 -9.71 29.44
C ALA CB 60 36.16 -8.50 28.90
N ALA CB 61 35.46 -7.37 28.86
CA ALA CB 61 36.00 -6.12 28.36
C ALA CB 61 35.67 -4.99 29.34
N ALA CB 62 36.39 -3.88 29.22
CA ALA CB 62 36.24 -2.74 30.11
C ALA CB 62 35.82 -1.51 29.31
N GLU CB 63 34.77 -0.84 29.78
CA GLU CB 63 34.23 0.37 29.17
C GLU CB 63 34.05 0.25 27.67
N MET CB 64 33.75 -0.94 27.17
CA MET CB 64 33.62 -1.19 25.74
C MET CB 64 32.40 -2.07 25.52
N SER CB 65 31.40 -1.53 24.83
CA SER CB 65 30.17 -2.25 24.56
C SER CB 65 29.93 -2.31 23.06
N PRO CB 66 29.69 -3.49 22.50
CA PRO CB 66 29.32 -3.56 21.07
C PRO CB 66 28.00 -2.89 20.76
N LEU CB 67 27.10 -2.78 21.74
CA LEU CB 67 25.76 -2.24 21.59
C LEU CB 67 25.66 -0.85 22.21
N PRO CB 68 24.89 0.05 21.62
CA PRO CB 68 24.68 1.36 22.22
C PRO CB 68 23.83 1.24 23.47
N PRO CB 69 23.90 2.22 24.37
CA PRO CB 69 23.12 2.13 25.62
C PRO CB 69 21.62 2.17 25.38
N GLY CB 70 20.88 1.55 26.28
CA GLY CB 70 19.43 1.52 26.20
C GLY CB 70 18.77 2.61 27.01
N MET DB 7 -1.35 -58.06 -9.52
CA MET DB 7 -0.09 -57.50 -9.04
C MET DB 7 0.90 -58.63 -8.79
N THR DB 8 1.85 -58.81 -9.71
CA THR DB 8 2.93 -59.77 -9.52
C THR DB 8 4.14 -59.06 -8.93
N GLU DB 9 4.73 -59.67 -7.91
CA GLU DB 9 5.84 -59.06 -7.20
C GLU DB 9 7.11 -58.98 -8.03
N ASP DB 10 7.15 -59.65 -9.18
CA ASP DB 10 8.36 -59.67 -9.99
C ASP DB 10 8.85 -58.27 -10.31
N GLU DB 11 7.93 -57.31 -10.50
CA GLU DB 11 8.33 -55.92 -10.69
C GLU DB 11 8.87 -55.32 -9.39
N ALA DB 12 8.17 -55.54 -8.28
CA ALA DB 12 8.58 -54.94 -7.01
C ALA DB 12 9.88 -55.56 -6.49
N ARG DB 13 10.13 -56.84 -6.75
CA ARG DB 13 11.39 -57.43 -6.34
C ARG DB 13 12.57 -56.76 -7.02
N ARG DB 14 12.51 -56.61 -8.35
CA ARG DB 14 13.63 -55.99 -9.06
C ARG DB 14 13.75 -54.52 -8.69
N PHE DB 15 12.63 -53.82 -8.51
CA PHE DB 15 12.70 -52.41 -8.13
C PHE DB 15 13.34 -52.24 -6.76
N HIS DB 16 12.93 -53.07 -5.79
CA HIS DB 16 13.52 -53.00 -4.47
C HIS DB 16 15.00 -53.35 -4.49
N GLY DB 17 15.39 -54.34 -5.30
CA GLY DB 17 16.79 -54.65 -5.44
C GLY DB 17 17.61 -53.47 -5.94
N TYR DB 18 17.19 -52.88 -7.07
CA TYR DB 18 17.92 -51.72 -7.57
C TYR DB 18 17.89 -50.55 -6.61
N PHE DB 19 16.77 -50.31 -5.93
CA PHE DB 19 16.68 -49.17 -5.03
C PHE DB 19 17.61 -49.33 -3.83
N VAL DB 20 17.62 -50.50 -3.21
CA VAL DB 20 18.48 -50.72 -2.06
C VAL DB 20 19.94 -50.68 -2.47
N THR DB 21 20.28 -51.27 -3.62
CA THR DB 21 21.66 -51.22 -4.08
C THR DB 21 22.09 -49.77 -4.34
N GLY DB 22 21.24 -48.99 -4.99
CA GLY DB 22 21.58 -47.59 -5.24
C GLY DB 22 21.73 -46.78 -3.97
N THR DB 23 20.81 -46.97 -3.02
CA THR DB 23 20.88 -46.24 -1.76
C THR DB 23 22.17 -46.58 -0.99
N LEU DB 24 22.50 -47.86 -0.90
CA LEU DB 24 23.69 -48.26 -0.17
C LEU DB 24 24.97 -47.77 -0.86
N GLY DB 25 25.02 -47.88 -2.20
CA GLY DB 25 26.17 -47.37 -2.92
C GLY DB 25 26.35 -45.87 -2.75
N TYR DB 26 25.25 -45.13 -2.79
CA TYR DB 26 25.32 -43.69 -2.56
C TYR DB 26 25.82 -43.36 -1.17
N ILE DB 27 25.36 -44.10 -0.15
CA ILE DB 27 25.87 -43.88 1.20
C ILE DB 27 27.38 -44.15 1.26
N ILE DB 28 27.84 -45.20 0.60
CA ILE DB 28 29.27 -45.51 0.62
C ILE DB 28 30.08 -44.41 -0.07
N VAL DB 29 29.59 -43.91 -1.20
CA VAL DB 29 30.30 -42.84 -1.89
C VAL DB 29 30.35 -41.58 -1.03
N ALA DB 30 29.26 -41.27 -0.33
CA ALA DB 30 29.27 -40.14 0.58
C ALA DB 30 30.24 -40.35 1.73
N ALA DB 31 30.35 -41.58 2.22
CA ALA DB 31 31.30 -41.88 3.29
C ALA DB 31 32.74 -41.67 2.82
N VAL DB 32 33.05 -42.08 1.59
CA VAL DB 32 34.40 -41.85 1.07
C VAL DB 32 34.67 -40.36 0.88
N ALA DB 33 33.65 -39.61 0.44
CA ALA DB 33 33.81 -38.16 0.33
C ALA DB 33 34.09 -37.53 1.69
N HIS DB 34 33.37 -37.99 2.73
CA HIS DB 34 33.62 -37.48 4.07
C HIS DB 34 35.00 -37.88 4.57
N PHE DB 35 35.48 -39.07 4.21
CA PHE DB 35 36.84 -39.47 4.57
C PHE DB 35 37.88 -38.54 3.95
N LEU DB 36 37.71 -38.21 2.66
CA LEU DB 36 38.63 -37.29 2.01
C LEU DB 36 38.57 -35.91 2.65
N ALA DB 37 37.36 -35.42 2.95
CA ALA DB 37 37.23 -34.13 3.61
C ALA DB 37 37.91 -34.13 4.97
N TRP DB 38 37.78 -35.24 5.70
CA TRP DB 38 38.44 -35.35 7.00
C TRP DB 38 39.95 -35.30 6.85
N GLN DB 39 40.49 -36.00 5.85
CA GLN DB 39 41.93 -35.92 5.60
C GLN DB 39 42.35 -34.50 5.25
N TRP DB 40 41.47 -33.72 4.64
CA TRP DB 40 41.83 -32.35 4.27
C TRP DB 40 41.74 -31.39 5.45
N ARG DB 41 40.58 -31.36 6.13
CA ARG DB 41 40.35 -30.41 7.21
C ARG DB 41 39.36 -31.00 8.20
N PRO DB 42 39.84 -31.66 9.26
CA PRO DB 42 38.93 -32.29 10.22
C PRO DB 42 38.09 -31.25 10.96
N TRP DB 43 36.85 -31.62 11.27
CA TRP DB 43 35.96 -30.71 11.96
C TRP DB 43 35.77 -31.04 13.44
N PHE DB 44 36.39 -32.09 13.93
CA PHE DB 44 36.37 -32.39 15.37
C PHE DB 44 37.79 -32.40 15.91
N HIS EB 2 -0.68 -54.15 15.81
CA HIS EB 2 -1.56 -53.48 16.77
C HIS EB 2 -2.80 -52.91 16.12
N ARG EB 3 -3.87 -52.80 16.91
CA ARG EB 3 -5.14 -52.32 16.40
C ARG EB 3 -5.10 -50.83 16.08
N ILE EB 4 -4.06 -50.11 16.51
CA ILE EB 4 -3.93 -48.69 16.20
C ILE EB 4 -3.86 -48.49 14.69
N TRP EB 5 -3.30 -49.44 13.95
CA TRP EB 5 -3.24 -49.34 12.50
C TRP EB 5 -4.59 -49.55 11.85
N LEU EB 6 -5.55 -50.17 12.54
CA LEU EB 6 -6.92 -50.15 12.07
C LEU EB 6 -7.65 -48.88 12.45
N MET EB 7 -7.10 -48.12 13.41
CA MET EB 7 -7.69 -46.85 13.83
C MET EB 7 -7.08 -45.67 13.09
N PHE EB 8 -5.84 -45.81 12.64
CA PHE EB 8 -5.09 -44.74 11.98
C PHE EB 8 -4.50 -45.28 10.69
N ASP EB 9 -4.64 -44.52 9.62
CA ASP EB 9 -4.09 -44.95 8.34
C ASP EB 9 -2.56 -44.99 8.42
N PRO EB 10 -1.94 -46.14 8.14
CA PRO EB 10 -0.47 -46.19 8.20
C PRO EB 10 0.22 -45.20 7.28
N ARG EB 11 -0.33 -44.95 6.09
CA ARG EB 11 0.28 -43.96 5.20
C ARG EB 11 0.26 -42.57 5.83
N ARG EB 12 -0.90 -42.15 6.34
CA ARG EB 12 -1.00 -40.83 6.96
C ARG EB 12 -0.08 -40.71 8.16
N VAL EB 13 -0.04 -41.72 9.02
CA VAL EB 13 0.78 -41.67 10.21
C VAL EB 13 2.26 -41.64 9.83
N MET EB 14 2.65 -42.44 8.84
CA MET EB 14 4.06 -42.48 8.43
C MET EB 14 4.48 -41.14 7.83
N VAL EB 15 3.65 -40.55 6.99
CA VAL EB 15 4.01 -39.25 6.39
C VAL EB 15 4.09 -38.18 7.48
N ALA EB 16 3.12 -38.15 8.39
CA ALA EB 16 3.16 -37.17 9.46
C ALA EB 16 4.38 -37.35 10.34
N MET EB 17 4.72 -38.60 10.66
CA MET EB 17 5.87 -38.87 11.51
C MET EB 17 7.17 -38.45 10.83
N VAL EB 18 7.32 -38.77 9.55
CA VAL EB 18 8.54 -38.41 8.84
C VAL EB 18 8.67 -36.89 8.75
N GLY EB 19 7.58 -36.19 8.44
CA GLY EB 19 7.64 -34.74 8.37
C GLY EB 19 7.96 -34.10 9.71
N PHE EB 20 7.30 -34.56 10.78
CA PHE EB 20 7.57 -34.03 12.10
C PHE EB 20 9.00 -34.29 12.53
N LEU EB 21 9.51 -35.50 12.27
CA LEU EB 21 10.89 -35.83 12.61
C LEU EB 21 11.88 -34.96 11.85
N ALA EB 22 11.65 -34.76 10.55
CA ALA EB 22 12.55 -33.93 9.77
C ALA EB 22 12.58 -32.50 10.28
N VAL EB 23 11.40 -31.93 10.53
CA VAL EB 23 11.35 -30.55 11.02
C VAL EB 23 12.02 -30.45 12.39
N LEU EB 24 11.76 -31.41 13.27
CA LEU EB 24 12.36 -31.38 14.60
C LEU EB 24 13.88 -31.49 14.54
N ALA EB 25 14.39 -32.40 13.71
CA ALA EB 25 15.83 -32.57 13.61
C ALA EB 25 16.49 -31.32 13.05
N LEU EB 26 15.88 -30.71 12.02
CA LEU EB 26 16.43 -29.47 11.49
C LEU EB 26 16.42 -28.37 12.54
N VAL EB 27 15.34 -28.28 13.31
CA VAL EB 27 15.24 -27.25 14.34
C VAL EB 27 16.32 -27.44 15.39
N ILE EB 28 16.54 -28.68 15.83
CA ILE EB 28 17.54 -28.94 16.86
C ILE EB 28 18.94 -28.65 16.34
N HIS EB 29 19.25 -29.11 15.13
CA HIS EB 29 20.57 -28.86 14.56
C HIS EB 29 20.82 -27.36 14.40
N PHE EB 30 19.80 -26.61 13.98
CA PHE EB 30 19.99 -25.18 13.77
C PHE EB 30 20.10 -24.42 15.09
N ILE EB 31 19.35 -24.83 16.11
CA ILE EB 31 19.51 -24.25 17.44
C ILE EB 31 20.93 -24.47 17.94
N LEU EB 32 21.45 -25.68 17.78
CA LEU EB 32 22.81 -25.96 18.20
C LEU EB 32 23.82 -25.13 17.40
N LEU EB 33 23.59 -24.98 16.10
CA LEU EB 33 24.52 -24.23 15.26
C LEU EB 33 24.53 -22.75 15.63
N SER EB 34 23.38 -22.22 16.04
CA SER EB 34 23.31 -20.81 16.42
C SER EB 34 23.87 -20.54 17.82
N SER EB 35 24.11 -21.58 18.62
CA SER EB 35 24.63 -21.40 19.97
C SER EB 35 26.13 -21.13 19.93
N GLN EB 36 26.68 -20.77 21.09
CA GLN EB 36 28.11 -20.51 21.22
C GLN EB 36 28.89 -21.77 21.55
N ARG EB 37 28.35 -22.61 22.43
CA ARG EB 37 29.05 -23.79 22.89
C ARG EB 37 29.06 -24.90 21.84
N TYR EB 38 28.04 -25.00 21.01
CA TYR EB 38 27.90 -26.11 20.07
C TYR EB 38 27.87 -25.66 18.62
N SER EB 39 28.56 -24.56 18.30
CA SER EB 39 28.70 -24.12 16.91
C SER EB 39 29.83 -24.91 16.26
N TRP EB 40 29.54 -26.20 16.01
CA TRP EB 40 30.58 -27.17 15.69
C TRP EB 40 31.30 -26.88 14.38
N ILE EB 41 30.67 -26.18 13.44
CA ILE EB 41 31.32 -25.92 12.16
C ILE EB 41 32.54 -25.02 12.35
N GLU EB 42 32.47 -24.08 13.30
CA GLU EB 42 33.61 -23.21 13.57
C GLU EB 42 34.48 -23.69 14.73
N ASN EB 43 33.89 -24.16 15.83
CA ASN EB 43 34.66 -24.48 17.03
C ASN EB 43 34.65 -25.96 17.38
N GLY EB 44 34.35 -26.83 16.42
CA GLY EB 44 34.23 -28.25 16.70
C GLY EB 44 35.53 -28.92 17.07
N THR EB 45 36.66 -28.33 16.72
CA THR EB 45 37.97 -28.90 17.03
C THR EB 45 38.41 -28.60 18.46
N LEU EB 46 37.74 -27.68 19.15
CA LEU EB 46 38.04 -27.41 20.54
C LEU EB 46 37.74 -28.62 21.42
N SER EB 47 38.53 -28.78 22.48
CA SER EB 47 38.28 -29.84 23.43
C SER EB 47 37.15 -29.44 24.37
N ALA EB 48 36.78 -30.36 25.27
CA ALA EB 48 35.65 -30.08 26.16
C ALA EB 48 36.01 -28.99 27.17
N ALA EB 49 37.30 -28.79 27.43
CA ALA EB 49 37.71 -27.77 28.37
C ALA EB 49 37.74 -26.39 27.73
N GLN EB 50 38.05 -26.32 26.44
CA GLN EB 50 38.13 -25.04 25.75
C GLN EB 50 36.78 -24.57 25.21
N ALA EB 51 35.79 -25.44 25.15
CA ALA EB 51 34.50 -25.04 24.60
C ALA EB 51 33.86 -23.97 25.48
N PRO EB 52 33.11 -23.04 24.90
CA PRO EB 52 32.49 -21.99 25.70
C PRO EB 52 31.48 -22.56 26.69
N VAL EB 53 31.32 -21.85 27.81
CA VAL EB 53 30.32 -22.16 28.82
C VAL EB 53 29.61 -20.86 29.19
N GLY EB 54 28.29 -20.93 29.34
CA GLY EB 54 27.55 -19.76 29.76
C GLY EB 54 27.92 -19.34 31.17
N ALA EB 55 27.80 -18.05 31.44
CA ALA EB 55 28.20 -17.48 32.71
C ALA EB 55 27.16 -17.75 33.79
N SER EB 56 27.51 -17.35 35.01
CA SER EB 56 26.59 -17.43 36.15
C SER EB 56 25.91 -16.08 36.38
N ALA EB 57 25.12 -15.67 35.39
CA ALA EB 57 24.41 -14.40 35.47
C ALA EB 57 22.90 -14.62 35.51
N MET FB 7 -6.31 -54.85 7.17
CA MET FB 7 -7.65 -55.21 6.68
C MET FB 7 -8.04 -56.62 7.13
N THR FB 8 -7.13 -57.58 6.94
CA THR FB 8 -7.37 -58.94 7.42
C THR FB 8 -6.80 -59.18 8.82
N GLU FB 9 -6.26 -58.14 9.45
CA GLU FB 9 -5.70 -58.13 10.80
C GLU FB 9 -4.42 -58.96 10.90
N ASP FB 10 -4.01 -59.65 9.84
CA ASP FB 10 -2.71 -60.31 9.80
C ASP FB 10 -1.64 -59.37 9.27
N GLU FB 11 -1.94 -58.65 8.19
CA GLU FB 11 -1.02 -57.63 7.71
C GLU FB 11 -0.87 -56.49 8.71
N ALA FB 12 -1.85 -56.31 9.60
CA ALA FB 12 -1.67 -55.37 10.70
C ALA FB 12 -0.55 -55.83 11.62
N ARG FB 13 -0.53 -57.11 11.98
CA ARG FB 13 0.58 -57.64 12.77
C ARG FB 13 1.90 -57.53 12.02
N ARG FB 14 1.89 -57.83 10.73
CA ARG FB 14 3.14 -57.78 9.96
C ARG FB 14 3.68 -56.36 9.87
N PHE FB 15 2.81 -55.40 9.54
CA PHE FB 15 3.20 -54.00 9.52
C PHE FB 15 3.66 -53.53 10.88
N HIS FB 16 3.00 -53.97 11.95
CA HIS FB 16 3.43 -53.58 13.28
C HIS FB 16 4.85 -54.07 13.57
N GLY FB 17 5.14 -55.31 13.18
CA GLY FB 17 6.50 -55.80 13.35
C GLY FB 17 7.52 -54.98 12.58
N TYR FB 18 7.23 -54.69 11.31
CA TYR FB 18 8.15 -53.91 10.50
C TYR FB 18 8.36 -52.50 11.06
N PHE FB 19 7.26 -51.84 11.43
CA PHE FB 19 7.33 -50.48 11.98
C PHE FB 19 8.08 -50.47 13.31
N VAL FB 20 7.83 -51.48 14.15
CA VAL FB 20 8.47 -51.53 15.46
C VAL FB 20 9.97 -51.74 15.31
N THR FB 21 10.38 -52.64 14.40
CA THR FB 21 11.82 -52.85 14.24
C THR FB 21 12.50 -51.62 13.62
N GLY FB 22 11.84 -50.95 12.68
CA GLY FB 22 12.39 -49.72 12.16
C GLY FB 22 12.54 -48.64 13.22
N THR FB 23 11.52 -48.47 14.05
CA THR FB 23 11.58 -47.50 15.14
C THR FB 23 12.68 -47.84 16.13
N LEU FB 24 12.81 -49.12 16.48
CA LEU FB 24 13.82 -49.54 17.44
C LEU FB 24 15.22 -49.25 16.91
N GLY FB 25 15.46 -49.57 15.63
CA GLY FB 25 16.76 -49.29 15.06
C GLY FB 25 17.06 -47.81 14.97
N TYR FB 26 16.08 -47.00 14.58
CA TYR FB 26 16.27 -45.56 14.56
C TYR FB 26 16.61 -45.03 15.95
N ILE FB 27 15.94 -45.54 16.98
CA ILE FB 27 16.19 -45.08 18.35
C ILE FB 27 17.58 -45.50 18.82
N ILE FB 28 18.00 -46.73 18.54
CA ILE FB 28 19.32 -47.14 19.00
C ILE FB 28 20.41 -46.38 18.25
N VAL FB 29 20.19 -46.07 16.98
CA VAL FB 29 21.21 -45.32 16.24
C VAL FB 29 21.29 -43.90 16.78
N ALA FB 30 20.15 -43.32 17.16
CA ALA FB 30 20.15 -42.04 17.86
C ALA FB 30 20.86 -42.13 19.20
N ALA FB 31 20.72 -43.25 19.91
CA ALA FB 31 21.42 -43.43 21.17
C ALA FB 31 22.93 -43.43 20.97
N VAL FB 32 23.40 -44.14 19.94
CA VAL FB 32 24.82 -44.12 19.62
C VAL FB 32 25.29 -42.71 19.28
N ALA FB 33 24.50 -41.98 18.50
CA ALA FB 33 24.87 -40.61 18.16
C ALA FB 33 24.96 -39.72 19.40
N HIS FB 34 24.01 -39.86 20.32
CA HIS FB 34 24.03 -39.05 21.53
C HIS FB 34 25.20 -39.41 22.42
N PHE FB 35 25.54 -40.70 22.52
CA PHE FB 35 26.71 -41.09 23.31
C PHE FB 35 28.00 -40.55 22.69
N LEU FB 36 28.13 -40.62 21.37
CA LEU FB 36 29.29 -40.05 20.70
C LEU FB 36 29.41 -38.55 20.99
N ALA FB 37 28.30 -37.81 20.83
CA ALA FB 37 28.31 -36.39 21.12
C ALA FB 37 28.63 -36.10 22.58
N TRP FB 38 28.17 -36.95 23.50
CA TRP FB 38 28.48 -36.76 24.90
C TRP FB 38 29.97 -36.91 25.16
N GLN FB 39 30.59 -37.93 24.56
CA GLN FB 39 32.03 -38.08 24.71
C GLN FB 39 32.78 -36.89 24.12
N TRP FB 40 32.29 -36.33 23.02
CA TRP FB 40 32.97 -35.21 22.40
C TRP FB 40 32.81 -33.92 23.22
N ARG FB 41 31.60 -33.62 23.67
CA ARG FB 41 31.33 -32.38 24.39
C ARG FB 41 30.09 -32.51 25.27
N PRO FB 42 30.23 -32.92 26.53
CA PRO FB 42 29.05 -33.16 27.36
C PRO FB 42 28.28 -31.87 27.63
N TRP FB 43 26.96 -31.99 27.68
CA TRP FB 43 26.11 -30.83 27.93
C TRP FB 43 25.62 -30.75 29.37
N PHE FB 44 25.97 -31.70 30.22
CA PHE FB 44 25.66 -31.60 31.64
C PHE FB 44 26.94 -31.65 32.45
N MET GB 1 -16.77 -45.63 33.22
CA MET GB 1 -15.78 -44.67 32.79
C MET GB 1 -15.52 -44.78 31.30
N HIS GB 2 -15.45 -46.02 30.81
CA HIS GB 2 -15.24 -46.27 29.39
C HIS GB 2 -16.33 -45.68 28.50
N ARG GB 3 -17.52 -45.43 29.05
CA ARG GB 3 -18.62 -44.88 28.28
C ARG GB 3 -18.30 -43.51 27.70
N ILE GB 4 -17.27 -42.83 28.22
CA ILE GB 4 -16.85 -41.56 27.65
C ILE GB 4 -16.48 -41.74 26.18
N TRP GB 5 -15.89 -42.88 25.82
CA TRP GB 5 -15.53 -43.11 24.43
C TRP GB 5 -16.73 -43.37 23.55
N LEU GB 6 -17.91 -43.61 24.12
CA LEU GB 6 -19.12 -43.64 23.32
C LEU GB 6 -19.57 -42.23 22.95
N MET GB 7 -19.17 -41.24 23.74
CA MET GB 7 -19.54 -39.85 23.47
C MET GB 7 -18.52 -39.17 22.57
N PHE GB 8 -17.23 -39.34 22.87
CA PHE GB 8 -16.16 -38.74 22.08
C PHE GB 8 -15.50 -39.78 21.19
N ASP GB 9 -15.26 -39.39 19.94
CA ASP GB 9 -14.54 -40.24 19.01
C ASP GB 9 -13.11 -40.43 19.48
N PRO GB 10 -12.65 -41.65 19.74
CA PRO GB 10 -11.28 -41.83 20.25
C PRO GB 10 -10.20 -41.31 19.32
N ARG GB 11 -10.42 -41.38 18.00
CA ARG GB 11 -9.43 -40.83 17.07
C ARG GB 11 -9.28 -39.32 17.25
N ARG GB 12 -10.40 -38.60 17.31
CA ARG GB 12 -10.35 -37.15 17.48
C ARG GB 12 -9.69 -36.77 18.79
N VAL GB 13 -10.05 -37.48 19.87
CA VAL GB 13 -9.46 -37.18 21.18
C VAL GB 13 -7.97 -37.45 21.16
N MET GB 14 -7.55 -38.57 20.55
CA MET GB 14 -6.12 -38.89 20.52
C MET GB 14 -5.34 -37.84 19.73
N VAL GB 15 -5.87 -37.41 18.59
CA VAL GB 15 -5.18 -36.40 17.79
C VAL GB 15 -5.09 -35.09 18.54
N ALA GB 16 -6.19 -34.65 19.15
CA ALA GB 16 -6.18 -33.39 19.89
C ALA GB 16 -5.23 -33.46 21.08
N MET GB 17 -5.23 -34.58 21.79
CA MET GB 17 -4.36 -34.72 22.95
C MET GB 17 -2.90 -34.72 22.54
N VAL GB 18 -2.56 -35.42 21.47
CA VAL GB 18 -1.16 -35.44 21.03
C VAL GB 18 -0.72 -34.05 20.61
N GLY GB 19 -1.58 -33.34 19.86
CA GLY GB 19 -1.22 -31.98 19.47
C GLY GB 19 -1.02 -31.05 20.64
N PHE GB 20 -1.95 -31.09 21.60
CA PHE GB 20 -1.82 -30.25 22.79
C PHE GB 20 -0.57 -30.58 23.57
N LEU GB 21 -0.28 -31.87 23.74
CA LEU GB 21 0.88 -32.28 24.51
C LEU GB 21 2.17 -31.84 23.83
N ALA GB 22 2.24 -31.97 22.51
CA ALA GB 22 3.42 -31.52 21.77
C ALA GB 22 3.61 -30.02 21.89
N VAL GB 23 2.54 -29.24 21.73
CA VAL GB 23 2.66 -27.79 21.85
C VAL GB 23 3.09 -27.40 23.26
N LEU GB 24 2.51 -28.04 24.27
CA LEU GB 24 2.88 -27.74 25.65
C LEU GB 24 4.34 -28.07 25.93
N ALA GB 25 4.81 -29.24 25.46
CA ALA GB 25 6.20 -29.61 25.67
C ALA GB 25 7.15 -28.64 24.99
N LEU GB 26 6.83 -28.25 23.75
CA LEU GB 26 7.68 -27.29 23.06
C LEU GB 26 7.69 -25.94 23.77
N VAL GB 27 6.53 -25.50 24.26
CA VAL GB 27 6.46 -24.22 24.95
C VAL GB 27 7.27 -24.25 26.24
N ILE GB 28 7.19 -25.34 27.00
CA ILE GB 28 7.94 -25.42 28.24
C ILE GB 28 9.44 -25.49 27.98
N HIS GB 29 9.86 -26.30 27.00
CA HIS GB 29 11.28 -26.37 26.67
C HIS GB 29 11.79 -25.00 26.20
N PHE GB 30 11.00 -24.28 25.41
CA PHE GB 30 11.39 -22.95 24.97
C PHE GB 30 11.46 -21.95 26.12
N ILE GB 31 10.51 -22.01 27.05
CA ILE GB 31 10.55 -21.14 28.21
C ILE GB 31 11.82 -21.38 29.00
N LEU GB 32 12.16 -22.65 29.23
CA LEU GB 32 13.38 -22.97 29.97
C LEU GB 32 14.62 -22.52 29.22
N LEU GB 33 14.62 -22.67 27.88
CA LEU GB 33 15.76 -22.26 27.09
C LEU GB 33 15.96 -20.75 27.09
N SER GB 34 14.87 -19.99 27.19
CA SER GB 34 14.95 -18.53 27.20
C SER GB 34 15.32 -17.96 28.56
N SER GB 35 15.32 -18.77 29.61
CA SER GB 35 15.64 -18.30 30.95
C SER GB 35 17.15 -18.20 31.14
N GLN GB 36 17.55 -17.50 32.19
CA GLN GB 36 18.96 -17.45 32.55
C GLN GB 36 19.41 -18.70 33.30
N ARG GB 37 18.57 -19.21 34.19
CA ARG GB 37 18.97 -20.31 35.06
C ARG GB 37 18.97 -21.65 34.34
N TYR GB 38 18.09 -21.85 33.36
CA TYR GB 38 17.93 -23.16 32.74
C TYR GB 38 18.23 -23.15 31.24
N SER GB 39 19.09 -22.24 30.78
CA SER GB 39 19.56 -22.28 29.40
C SER GB 39 20.61 -23.38 29.26
N TRP GB 40 20.11 -24.61 29.25
CA TRP GB 40 20.98 -25.78 29.40
C TRP GB 40 21.94 -25.96 28.22
N ILE GB 41 21.59 -25.48 27.02
CA ILE GB 41 22.52 -25.58 25.91
C ILE GB 41 23.78 -24.78 26.21
N GLU GB 42 23.64 -23.63 26.86
CA GLU GB 42 24.80 -22.77 27.12
C GLU GB 42 25.45 -23.10 28.46
N ASN GB 43 24.73 -22.93 29.58
CA ASN GB 43 25.40 -23.19 30.86
C ASN GB 43 25.51 -24.69 31.12
N GLY GB 44 24.40 -25.35 31.39
CA GLY GB 44 24.33 -26.79 31.22
C GLY GB 44 25.22 -27.57 32.15
N THR GB 45 26.53 -27.29 32.05
CA THR GB 45 27.57 -27.99 32.78
C THR GB 45 27.91 -27.35 34.12
N LEU GB 46 27.37 -26.17 34.40
CA LEU GB 46 27.51 -25.56 35.72
C LEU GB 46 26.83 -26.43 36.77
N SER GB 47 27.40 -26.46 37.97
CA SER GB 47 26.74 -27.16 39.06
C SER GB 47 25.61 -26.29 39.60
N ALA GB 48 24.81 -26.89 40.50
CA ALA GB 48 23.63 -26.19 40.99
C ALA GB 48 23.98 -24.97 41.82
N ALA GB 49 25.22 -24.92 42.34
CA ALA GB 49 25.63 -23.77 43.14
C ALA GB 49 26.10 -22.62 42.25
N GLN GB 50 26.62 -22.93 41.07
CA GLN GB 50 27.04 -21.92 40.13
C GLN GB 50 25.95 -21.50 39.15
N ALA GB 51 24.82 -22.19 39.15
CA ALA GB 51 23.74 -21.83 38.25
C ALA GB 51 23.17 -20.46 38.65
N PRO GB 52 22.74 -19.66 37.69
CA PRO GB 52 22.19 -18.33 38.01
C PRO GB 52 20.97 -18.43 38.90
N VAL GB 53 20.80 -17.45 39.78
CA VAL GB 53 19.65 -17.33 40.65
C VAL GB 53 19.11 -15.91 40.55
N GLY GB 54 17.79 -15.78 40.45
CA GLY GB 54 17.19 -14.46 40.38
C GLY GB 54 17.45 -13.64 41.63
N ALA GB 55 17.33 -12.33 41.46
CA ALA GB 55 17.68 -11.39 42.51
C ALA GB 55 16.70 -11.46 43.68
N SER GB 56 17.22 -11.24 44.88
CA SER GB 56 16.40 -11.21 46.08
C SER GB 56 15.68 -9.87 46.20
N MET HB 7 -18.09 -48.55 18.13
CA MET HB 7 -18.90 -47.76 19.02
C MET HB 7 -19.77 -48.62 19.93
N THR HB 8 -19.25 -49.80 20.26
CA THR HB 8 -19.92 -50.73 21.16
C THR HB 8 -19.27 -50.70 22.54
N GLU HB 9 -19.89 -51.42 23.48
CA GLU HB 9 -19.39 -51.44 24.85
C GLU HB 9 -18.04 -52.15 24.95
N ASP HB 10 -17.88 -53.27 24.24
CA ASP HB 10 -16.69 -54.10 24.40
C ASP HB 10 -15.45 -53.41 23.85
N GLU HB 11 -15.54 -52.84 22.64
CA GLU HB 11 -14.40 -52.13 22.10
C GLU HB 11 -14.10 -50.88 22.91
N ALA HB 12 -15.12 -50.25 23.49
CA ALA HB 12 -14.87 -49.15 24.41
C ALA HB 12 -14.10 -49.60 25.63
N ARG HB 13 -14.46 -50.77 26.19
CA ARG HB 13 -13.70 -51.32 27.30
C ARG HB 13 -12.23 -51.53 26.94
N ARG HB 14 -12.00 -52.15 25.77
CA ARG HB 14 -10.63 -52.44 25.35
C ARG HB 14 -9.83 -51.15 25.14
N PHE HB 15 -10.41 -50.18 24.44
CA PHE HB 15 -9.70 -48.94 24.18
C PHE HB 15 -9.47 -48.17 25.47
N HIS HB 16 -10.42 -48.19 26.40
CA HIS HB 16 -10.23 -47.53 27.68
C HIS HB 16 -9.09 -48.15 28.46
N GLY HB 17 -8.99 -49.49 28.46
CA GLY HB 17 -7.86 -50.11 29.13
C GLY HB 17 -6.53 -49.68 28.55
N TYR HB 18 -6.42 -49.69 27.21
CA TYR HB 18 -5.16 -49.26 26.60
C TYR HB 18 -4.87 -47.79 26.87
N PHE HB 19 -5.89 -46.94 26.78
CA PHE HB 19 -5.72 -45.52 27.02
C PHE HB 19 -5.28 -45.23 28.45
N VAL HB 20 -5.87 -45.94 29.42
CA VAL HB 20 -5.53 -45.71 30.81
C VAL HB 20 -4.12 -46.19 31.10
N THR HB 21 -3.73 -47.34 30.57
CA THR HB 21 -2.36 -47.79 30.78
C THR HB 21 -1.35 -46.84 30.12
N GLY HB 22 -1.68 -46.32 28.93
CA GLY HB 22 -0.80 -45.37 28.29
C GLY HB 22 -0.64 -44.08 29.08
N THR HB 23 -1.75 -43.53 29.59
CA THR HB 23 -1.68 -42.31 30.38
C THR HB 23 -0.90 -42.54 31.67
N LEU HB 24 -1.16 -43.66 32.35
CA LEU HB 24 -0.34 -44.11 33.46
C LEU HB 24 1.14 -44.03 33.15
N GLY HB 25 1.56 -44.78 32.13
CA GLY HB 25 2.98 -44.88 31.83
C GLY HB 25 3.59 -43.55 31.46
N TYR HB 26 2.87 -42.74 30.70
CA TYR HB 26 3.38 -41.42 30.34
C TYR HB 26 3.61 -40.57 31.59
N ILE HB 27 2.65 -40.55 32.52
CA ILE HB 27 2.82 -39.74 33.71
C ILE HB 27 3.99 -40.24 34.54
N ILE HB 28 4.14 -41.56 34.68
CA ILE HB 28 5.23 -42.10 35.48
C ILE HB 28 6.58 -41.77 34.86
N VAL HB 29 6.69 -41.89 33.54
CA VAL HB 29 7.96 -41.62 32.87
C VAL HB 29 8.30 -40.14 32.99
N ALA HB 30 7.30 -39.26 32.85
CA ALA HB 30 7.54 -37.83 33.06
C ALA HB 30 7.97 -37.54 34.50
N ALA HB 31 7.40 -38.25 35.47
CA ALA HB 31 7.81 -38.08 36.86
C ALA HB 31 9.26 -38.45 37.06
N VAL HB 32 9.71 -39.55 36.44
CA VAL HB 32 11.12 -39.92 36.53
C VAL HB 32 12.01 -38.88 35.86
N ALA HB 33 11.56 -38.32 34.73
CA ALA HB 33 12.32 -37.25 34.09
C ALA HB 33 12.46 -36.04 35.01
N HIS HB 34 11.38 -35.69 35.70
CA HIS HB 34 11.43 -34.58 36.66
C HIS HB 34 12.34 -34.90 37.84
N PHE HB 35 12.39 -36.15 38.27
CA PHE HB 35 13.32 -36.55 39.31
C PHE HB 35 14.77 -36.37 38.87
N LEU HB 36 15.08 -36.78 37.63
CA LEU HB 36 16.43 -36.57 37.10
C LEU HB 36 16.77 -35.09 37.01
N ALA HB 37 15.84 -34.28 36.52
CA ALA HB 37 16.07 -32.84 36.43
C ALA HB 37 16.26 -32.22 37.81
N TRP HB 38 15.53 -32.71 38.82
CA TRP HB 38 15.74 -32.21 40.18
C TRP HB 38 17.13 -32.56 40.69
N GLN HB 39 17.61 -33.76 40.39
CA GLN HB 39 18.98 -34.11 40.78
C GLN HB 39 19.99 -33.19 40.11
N TRP HB 40 19.77 -32.85 38.84
CA TRP HB 40 20.73 -32.00 38.14
C TRP HB 40 20.69 -30.56 38.65
N ARG HB 41 19.51 -29.96 38.73
CA ARG HB 41 19.38 -28.55 39.08
C ARG HB 41 18.01 -28.26 39.68
N PRO HB 42 17.86 -28.33 41.00
CA PRO HB 42 16.54 -28.14 41.60
C PRO HB 42 16.04 -26.71 41.45
N TRP HB 43 14.73 -26.58 41.24
CA TRP HB 43 14.13 -25.28 40.99
C TRP HB 43 13.41 -24.70 42.21
N PHE HB 44 13.43 -25.39 43.34
CA PHE HB 44 12.87 -24.85 44.58
C PHE HB 44 13.91 -24.86 45.69
N HIS IB 2 -28.50 -34.73 37.41
CA HIS IB 2 -29.28 -33.50 37.49
C HIS IB 2 -29.88 -33.16 36.13
N ARG IB 3 -30.89 -32.30 36.13
CA ARG IB 3 -31.62 -31.99 34.91
C ARG IB 3 -30.90 -31.00 34.02
N ILE IB 4 -29.80 -30.41 34.49
CA ILE IB 4 -29.07 -29.45 33.67
C ILE IB 4 -28.55 -30.13 32.40
N TRP IB 5 -28.19 -31.41 32.49
CA TRP IB 5 -27.73 -32.13 31.32
C TRP IB 5 -28.84 -32.39 30.31
N LEU IB 6 -30.10 -32.22 30.70
CA LEU IB 6 -31.17 -32.23 29.71
C LEU IB 6 -31.24 -30.93 28.94
N MET IB 7 -30.85 -29.82 29.56
CA MET IB 7 -30.86 -28.54 28.86
C MET IB 7 -29.58 -28.32 28.07
N PHE IB 8 -28.46 -28.82 28.58
CA PHE IB 8 -27.15 -28.60 27.99
C PHE IB 8 -26.50 -29.93 27.66
N ASP IB 9 -26.03 -30.08 26.44
CA ASP IB 9 -25.41 -31.32 26.01
C ASP IB 9 -24.08 -31.51 26.73
N PRO IB 10 -23.86 -32.65 27.39
CA PRO IB 10 -22.59 -32.84 28.12
C PRO IB 10 -21.36 -32.73 27.25
N ARG IB 11 -21.43 -33.26 26.03
CA ARG IB 11 -20.28 -33.31 25.15
C ARG IB 11 -19.77 -31.92 24.81
N ARG IB 12 -20.68 -30.99 24.54
CA ARG IB 12 -20.30 -29.63 24.19
C ARG IB 12 -19.85 -28.85 25.41
N VAL IB 13 -20.56 -29.02 26.53
CA VAL IB 13 -20.27 -28.28 27.74
C VAL IB 13 -18.88 -28.61 28.25
N MET IB 14 -18.53 -29.90 28.29
CA MET IB 14 -17.24 -30.24 28.87
C MET IB 14 -16.08 -29.85 27.97
N VAL IB 15 -16.27 -29.85 26.64
CA VAL IB 15 -15.23 -29.35 25.75
C VAL IB 15 -15.03 -27.85 25.95
N ALA IB 16 -16.13 -27.10 26.05
CA ALA IB 16 -16.01 -25.66 26.29
C ALA IB 16 -15.33 -25.38 27.62
N MET IB 17 -15.68 -26.13 28.67
CA MET IB 17 -15.07 -25.89 29.97
C MET IB 17 -13.60 -26.30 29.98
N VAL IB 18 -13.23 -27.35 29.25
CA VAL IB 18 -11.82 -27.72 29.16
C VAL IB 18 -11.03 -26.60 28.47
N GLY IB 19 -11.57 -26.05 27.39
CA GLY IB 19 -10.90 -24.93 26.74
C GLY IB 19 -10.74 -23.73 27.64
N PHE IB 20 -11.82 -23.33 28.32
CA PHE IB 20 -11.74 -22.18 29.21
C PHE IB 20 -10.76 -22.43 30.35
N LEU IB 21 -10.78 -23.62 30.93
CA LEU IB 21 -9.91 -23.92 32.06
C LEU IB 21 -8.45 -23.91 31.63
N ALA IB 22 -8.13 -24.47 30.47
CA ALA IB 22 -6.77 -24.44 29.98
C ALA IB 22 -6.29 -23.02 29.73
N VAL IB 23 -7.14 -22.20 29.10
CA VAL IB 23 -6.75 -20.81 28.83
C VAL IB 23 -6.51 -20.07 30.15
N LEU IB 24 -7.40 -20.26 31.12
CA LEU IB 24 -7.26 -19.56 32.40
C LEU IB 24 -5.99 -19.99 33.12
N ALA IB 25 -5.70 -21.28 33.14
CA ALA IB 25 -4.48 -21.75 33.80
C ALA IB 25 -3.24 -21.20 33.12
N LEU IB 26 -3.22 -21.18 31.78
CA LEU IB 26 -2.07 -20.62 31.08
C LEU IB 26 -1.89 -19.15 31.40
N VAL IB 27 -2.99 -18.39 31.42
CA VAL IB 27 -2.89 -16.96 31.68
C VAL IB 27 -2.37 -16.70 33.10
N ILE IB 28 -2.86 -17.47 34.08
CA ILE IB 28 -2.41 -17.27 35.46
C ILE IB 28 -0.93 -17.63 35.59
N HIS IB 29 -0.52 -18.77 35.02
CA HIS IB 29 0.89 -19.17 35.10
C HIS IB 29 1.78 -18.13 34.45
N PHE IB 30 1.35 -17.57 33.31
CA PHE IB 30 2.16 -16.58 32.61
C PHE IB 30 2.22 -15.25 33.36
N ILE IB 31 1.12 -14.86 34.01
CA ILE IB 31 1.13 -13.66 34.82
C ILE IB 31 2.10 -13.81 35.98
N LEU IB 32 2.08 -14.97 36.63
CA LEU IB 32 2.99 -15.22 37.74
C LEU IB 32 4.45 -15.28 37.27
N LEU IB 33 4.68 -15.84 36.08
CA LEU IB 33 6.03 -16.13 35.62
C LEU IB 33 6.86 -14.86 35.43
N SER IB 34 6.23 -13.78 34.98
CA SER IB 34 6.97 -12.55 34.71
C SER IB 34 6.90 -11.54 35.84
N SER IB 35 6.25 -11.87 36.95
CA SER IB 35 6.28 -11.00 38.11
C SER IB 35 7.64 -11.06 38.79
N GLN IB 36 7.91 -10.09 39.65
CA GLN IB 36 9.16 -10.10 40.41
C GLN IB 36 9.13 -11.15 41.50
N ARG IB 37 8.02 -11.24 42.24
CA ARG IB 37 7.94 -12.10 43.40
C ARG IB 37 7.83 -13.58 43.04
N TYR IB 38 7.17 -13.91 41.94
CA TYR IB 38 6.85 -15.30 41.62
C TYR IB 38 7.46 -15.76 40.31
N SER IB 39 8.62 -15.21 39.94
CA SER IB 39 9.38 -15.70 38.78
C SER IB 39 10.14 -16.97 39.17
N TRP IB 40 9.38 -18.05 39.35
CA TRP IB 40 9.92 -19.25 39.97
C TRP IB 40 11.00 -19.93 39.13
N ILE IB 41 11.02 -19.72 37.82
CA ILE IB 41 12.09 -20.30 37.01
C ILE IB 41 13.43 -19.70 37.37
N GLU IB 42 13.45 -18.40 37.69
CA GLU IB 42 14.69 -17.76 38.10
C GLU IB 42 14.90 -17.80 39.62
N ASN IB 43 13.90 -17.40 40.41
CA ASN IB 43 14.11 -17.23 41.85
C ASN IB 43 13.39 -18.27 42.69
N GLY IB 44 13.05 -19.42 42.13
CA GLY IB 44 12.29 -20.40 42.88
C GLY IB 44 13.01 -20.98 44.08
N THR IB 45 14.34 -20.90 44.09
CA THR IB 45 15.13 -21.44 45.19
C THR IB 45 15.27 -20.48 46.36
N LEU IB 46 14.89 -19.22 46.19
CA LEU IB 46 14.89 -18.27 47.30
C LEU IB 46 13.86 -18.68 48.36
N SER IB 47 14.16 -18.33 49.60
CA SER IB 47 13.20 -18.55 50.67
C SER IB 47 12.15 -17.45 50.66
N ALA IB 48 11.11 -17.63 51.48
CA ALA IB 48 10.03 -16.65 51.51
C ALA IB 48 10.50 -15.31 52.04
N ALA IB 49 11.49 -15.30 52.92
CA ALA IB 49 12.02 -14.04 53.44
C ALA IB 49 12.80 -13.29 52.38
N GLN IB 50 13.49 -14.00 51.50
CA GLN IB 50 14.31 -13.34 50.48
C GLN IB 50 13.54 -12.97 49.22
N ALA IB 51 12.31 -13.43 49.07
CA ALA IB 51 11.56 -13.16 47.85
C ALA IB 51 11.23 -11.68 47.74
N PRO IB 52 11.24 -11.12 46.52
CA PRO IB 52 10.93 -9.70 46.36
C PRO IB 52 9.51 -9.35 46.79
N VAL IB 53 9.35 -8.14 47.33
CA VAL IB 53 8.06 -7.60 47.71
C VAL IB 53 7.94 -6.22 47.08
N GLY IB 54 6.85 -5.98 46.35
CA GLY IB 54 6.64 -4.66 45.78
C GLY IB 54 6.44 -3.62 46.86
N ALA IB 55 7.00 -2.44 46.63
CA ALA IB 55 6.95 -1.37 47.61
C ALA IB 55 5.54 -0.81 47.76
N THR JB 8 -33.01 -41.43 28.92
CA THR JB 8 -32.19 -40.23 28.78
C THR JB 8 -31.96 -39.57 30.14
N GLU JB 9 -32.98 -39.61 31.00
CA GLU JB 9 -32.80 -39.07 32.35
C GLU JB 9 -31.89 -39.96 33.19
N ASP JB 10 -31.99 -41.28 33.02
CA ASP JB 10 -31.11 -42.19 33.77
C ASP JB 10 -29.66 -42.01 33.37
N GLU JB 11 -29.38 -41.88 32.06
CA GLU JB 11 -28.01 -41.63 31.65
C GLU JB 11 -27.56 -40.24 32.05
N ALA JB 12 -28.50 -39.29 32.17
CA ALA JB 12 -28.16 -38.00 32.75
C ALA JB 12 -27.70 -38.14 34.20
N ARG JB 13 -28.39 -38.97 34.98
CA ARG JB 13 -27.94 -39.25 36.34
C ARG JB 13 -26.57 -39.89 36.37
N ARG JB 14 -26.37 -40.88 35.50
CA ARG JB 14 -25.10 -41.61 35.46
C ARG JB 14 -23.96 -40.69 35.06
N PHE JB 15 -24.19 -39.78 34.11
CA PHE JB 15 -23.15 -38.85 33.73
C PHE JB 15 -22.94 -37.80 34.83
N HIS JB 16 -24.01 -37.40 35.50
CA HIS JB 16 -23.89 -36.38 36.53
C HIS JB 16 -23.05 -36.86 37.69
N GLY JB 17 -23.21 -38.12 38.09
CA GLY JB 17 -22.35 -38.64 39.16
C GLY JB 17 -20.88 -38.59 38.79
N TYR JB 18 -20.54 -39.05 37.58
CA TYR JB 18 -19.16 -39.02 37.14
C TYR JB 18 -18.63 -37.60 37.02
N PHE JB 19 -19.43 -36.69 36.48
CA PHE JB 19 -18.99 -35.31 36.33
C PHE JB 19 -18.76 -34.66 37.69
N VAL JB 20 -19.65 -34.92 38.65
CA VAL JB 20 -19.50 -34.33 39.97
C VAL JB 20 -18.25 -34.87 40.65
N THR JB 21 -18.00 -36.18 40.51
CA THR JB 21 -16.79 -36.74 41.11
C THR JB 21 -15.53 -36.18 40.45
N GLY JB 22 -15.54 -36.03 39.12
CA GLY JB 22 -14.39 -35.46 38.44
C GLY JB 22 -14.13 -34.03 38.84
N THR JB 23 -15.18 -33.20 38.90
CA THR JB 23 -15.02 -31.82 39.33
C THR JB 23 -14.53 -31.73 40.77
N LEU JB 24 -15.07 -32.57 41.64
CA LEU JB 24 -14.65 -32.58 43.03
C LEU JB 24 -13.17 -32.94 43.15
N GLY JB 25 -12.74 -33.97 42.42
CA GLY JB 25 -11.33 -34.32 42.41
C GLY JB 25 -10.45 -33.21 41.87
N TYR JB 26 -10.85 -32.59 40.76
CA TYR JB 26 -10.12 -31.44 40.25
C TYR JB 26 -9.93 -30.38 41.34
N ILE JB 27 -11.01 -30.06 42.06
CA ILE JB 27 -10.96 -29.01 43.06
C ILE JB 27 -10.04 -29.38 44.21
N ILE JB 28 -10.11 -30.63 44.69
CA ILE JB 28 -9.21 -31.04 45.76
C ILE JB 28 -7.75 -31.04 45.29
N VAL JB 29 -7.48 -31.45 44.06
CA VAL JB 29 -6.09 -31.46 43.65
C VAL JB 29 -5.56 -30.02 43.57
N ALA JB 30 -6.41 -29.10 43.11
CA ALA JB 30 -6.02 -27.69 43.06
C ALA JB 30 -5.86 -27.09 44.44
N ALA JB 31 -6.66 -27.54 45.41
CA ALA JB 31 -6.52 -27.10 46.79
C ALA JB 31 -5.18 -27.54 47.39
N VAL JB 32 -4.78 -28.79 47.14
CA VAL JB 32 -3.46 -29.23 47.58
C VAL JB 32 -2.36 -28.41 46.92
N ALA JB 33 -2.51 -28.11 45.63
CA ALA JB 33 -1.50 -27.30 44.95
C ALA JB 33 -1.39 -25.90 45.57
N HIS JB 34 -2.53 -25.29 45.89
CA HIS JB 34 -2.52 -23.97 46.50
C HIS JB 34 -1.93 -24.00 47.91
N PHE JB 35 -2.19 -25.06 48.68
CA PHE JB 35 -1.57 -25.14 50.01
C PHE JB 35 -0.06 -25.31 49.90
N LEU JB 36 0.42 -26.11 48.95
CA LEU JB 36 1.86 -26.21 48.72
C LEU JB 36 2.47 -24.87 48.35
N ALA JB 37 1.83 -24.15 47.42
CA ALA JB 37 2.33 -22.84 47.03
C ALA JB 37 2.33 -21.86 48.20
N TRP JB 38 1.33 -21.95 49.07
CA TRP JB 38 1.28 -21.06 50.22
C TRP JB 38 2.40 -21.37 51.21
N GLN JB 39 2.67 -22.65 51.44
CA GLN JB 39 3.79 -23.00 52.31
C GLN JB 39 5.12 -22.51 51.72
N TRP JB 40 5.26 -22.58 50.41
CA TRP JB 40 6.52 -22.20 49.77
C TRP JB 40 6.71 -20.68 49.77
N ARG JB 41 5.67 -19.93 49.39
CA ARG JB 41 5.78 -18.48 49.24
C ARG JB 41 4.40 -17.83 49.37
N PRO JB 42 4.00 -17.40 50.56
CA PRO JB 42 2.64 -16.88 50.73
C PRO JB 42 2.45 -15.57 49.99
N TRP JB 43 1.23 -15.35 49.50
CA TRP JB 43 0.92 -14.15 48.75
C TRP JB 43 0.17 -13.10 49.55
N PHE JB 44 -0.21 -13.41 50.79
CA PHE JB 44 -0.81 -12.42 51.68
C PHE JB 44 0.06 -12.21 52.91
N HIS KB 2 -41.41 -14.72 37.28
CA HIS KB 2 -41.47 -16.17 37.21
C HIS KB 2 -41.94 -16.66 35.84
N ARG KB 3 -42.74 -15.83 35.17
CA ARG KB 3 -43.17 -16.09 33.81
C ARG KB 3 -42.22 -15.46 32.80
N ILE KB 4 -41.11 -14.91 33.27
CA ILE KB 4 -40.11 -14.29 32.39
C ILE KB 4 -39.48 -15.33 31.48
N TRP KB 5 -39.47 -16.59 31.91
CA TRP KB 5 -38.87 -17.66 31.13
C TRP KB 5 -39.74 -18.09 29.95
N LEU KB 6 -40.95 -17.57 29.85
CA LEU KB 6 -41.76 -17.80 28.66
C LEU KB 6 -41.40 -16.82 27.55
N MET KB 7 -40.94 -15.62 27.91
CA MET KB 7 -40.52 -14.64 26.92
C MET KB 7 -39.05 -14.81 26.54
N PHE KB 8 -38.25 -15.41 27.41
CA PHE KB 8 -36.82 -15.58 27.18
C PHE KB 8 -36.44 -17.05 27.36
N ASP KB 9 -35.57 -17.53 26.49
CA ASP KB 9 -35.10 -18.90 26.58
C ASP KB 9 -34.17 -19.06 27.77
N PRO KB 10 -34.49 -19.95 28.73
CA PRO KB 10 -33.60 -20.11 29.89
C PRO KB 10 -32.17 -20.46 29.54
N ARG KB 11 -31.97 -21.27 28.50
CA ARG KB 11 -30.62 -21.68 28.11
C ARG KB 11 -29.81 -20.49 27.60
N ARG KB 12 -30.40 -19.68 26.72
CA ARG KB 12 -29.69 -18.51 26.22
C ARG KB 12 -29.42 -17.51 27.33
N VAL KB 13 -30.38 -17.33 28.25
CA VAL KB 13 -30.18 -16.43 29.37
C VAL KB 13 -29.03 -16.92 30.24
N MET KB 14 -28.96 -18.22 30.48
CA MET KB 14 -27.87 -18.77 31.28
C MET KB 14 -26.52 -18.53 30.62
N VAL KB 15 -26.43 -18.78 29.31
CA VAL KB 15 -25.17 -18.55 28.62
C VAL KB 15 -24.78 -17.08 28.68
N ALA KB 16 -25.74 -16.18 28.45
CA ALA KB 16 -25.44 -14.76 28.47
C ALA KB 16 -25.00 -14.31 29.86
N MET KB 17 -25.66 -14.78 30.91
CA MET KB 17 -25.29 -14.39 32.26
C MET KB 17 -23.91 -14.90 32.63
N VAL KB 18 -23.59 -16.15 32.28
CA VAL KB 18 -22.26 -16.67 32.57
C VAL KB 18 -21.20 -15.85 31.84
N GLY KB 19 -21.44 -15.53 30.57
CA GLY KB 19 -20.47 -14.73 29.84
C GLY KB 19 -20.29 -13.34 30.42
N PHE KB 20 -21.40 -12.68 30.78
CA PHE KB 20 -21.32 -11.34 31.34
C PHE KB 20 -20.56 -11.35 32.67
N LEU KB 21 -20.84 -12.33 33.52
CA LEU KB 21 -20.13 -12.41 34.79
C LEU KB 21 -18.66 -12.72 34.60
N ALA KB 22 -18.32 -13.58 33.64
CA ALA KB 22 -16.91 -13.84 33.35
C ALA KB 22 -16.19 -12.57 32.93
N VAL KB 23 -16.79 -11.82 32.00
CA VAL KB 23 -16.16 -10.60 31.52
C VAL KB 23 -16.00 -9.59 32.65
N LEU KB 24 -17.04 -9.42 33.47
CA LEU KB 24 -16.97 -8.45 34.56
C LEU KB 24 -15.91 -8.85 35.58
N ALA KB 25 -15.86 -10.13 35.96
CA ALA KB 25 -14.88 -10.57 36.94
C ALA KB 25 -13.47 -10.40 36.42
N LEU KB 26 -13.22 -10.77 35.16
CA LEU KB 26 -11.88 -10.61 34.60
C LEU KB 26 -11.49 -9.14 34.52
N VAL KB 27 -12.44 -8.27 34.14
CA VAL KB 27 -12.13 -6.85 34.02
C VAL KB 27 -11.79 -6.26 35.39
N ILE KB 28 -12.55 -6.64 36.42
CA ILE KB 28 -12.29 -6.10 37.76
C ILE KB 28 -10.95 -6.60 38.29
N HIS KB 29 -10.68 -7.90 38.15
CA HIS KB 29 -9.41 -8.44 38.61
C HIS KB 29 -8.24 -7.78 37.89
N PHE KB 30 -8.39 -7.54 36.58
CA PHE KB 30 -7.33 -6.91 35.80
C PHE KB 30 -7.14 -5.45 36.19
N ILE KB 31 -8.24 -4.73 36.43
CA ILE KB 31 -8.14 -3.34 36.85
C ILE KB 31 -7.40 -3.25 38.19
N LEU KB 32 -7.74 -4.14 39.12
CA LEU KB 32 -7.05 -4.17 40.41
C LEU KB 32 -5.58 -4.50 40.24
N LEU KB 33 -5.26 -5.43 39.33
CA LEU KB 33 -3.86 -5.77 39.08
C LEU KB 33 -3.09 -4.58 38.53
N SER KB 34 -3.72 -3.77 37.68
CA SER KB 34 -3.05 -2.59 37.16
C SER KB 34 -2.77 -1.55 38.23
N SER KB 35 -3.56 -1.54 39.30
CA SER KB 35 -3.45 -0.52 40.32
C SER KB 35 -2.17 -0.68 41.13
N GLN KB 36 -1.87 0.33 41.96
CA GLN KB 36 -0.73 0.26 42.85
C GLN KB 36 -1.11 -0.34 44.20
N ARG KB 37 -2.23 0.09 44.76
CA ARG KB 37 -2.63 -0.34 46.09
C ARG KB 37 -3.03 -1.82 46.10
N TYR KB 38 -3.56 -2.34 45.00
CA TYR KB 38 -4.11 -3.68 44.96
C TYR KB 38 -3.42 -4.58 43.94
N SER KB 39 -2.13 -4.37 43.69
CA SER KB 39 -1.34 -5.29 42.87
C SER KB 39 -0.88 -6.44 43.75
N TRP KB 40 -1.82 -7.30 44.11
CA TRP KB 40 -1.61 -8.29 45.16
C TRP KB 40 -0.53 -9.30 44.83
N ILE KB 41 -0.22 -9.52 43.56
CA ILE KB 41 0.85 -10.46 43.22
C ILE KB 41 2.19 -9.97 43.77
N GLU KB 42 2.45 -8.68 43.65
CA GLU KB 42 3.70 -8.14 44.16
C GLU KB 42 3.60 -7.71 45.63
N ASN KB 43 2.57 -6.95 46.00
CA ASN KB 43 2.51 -6.32 47.31
C ASN KB 43 1.44 -6.91 48.22
N GLY KB 44 1.02 -8.14 47.98
CA GLY KB 44 -0.06 -8.71 48.77
C GLY KB 44 0.30 -8.96 50.21
N THR KB 45 1.59 -9.12 50.51
CA THR KB 45 2.04 -9.42 51.86
C THR KB 45 2.15 -8.18 52.74
N LEU KB 46 2.05 -6.98 52.16
CA LEU KB 46 2.08 -5.76 52.95
C LEU KB 46 0.86 -5.64 53.84
N SER KB 47 1.05 -5.09 55.03
CA SER KB 47 -0.09 -4.81 55.89
C SER KB 47 -0.82 -3.56 55.41
N ALA KB 48 -2.00 -3.33 55.98
CA ALA KB 48 -2.79 -2.19 55.54
C ALA KB 48 -2.14 -0.86 55.91
N ALA KB 49 -1.17 -0.87 56.81
CA ALA KB 49 -0.51 0.37 57.20
C ALA KB 49 0.67 0.70 56.30
N GLN KB 50 1.12 -0.25 55.48
CA GLN KB 50 2.19 0.01 54.51
C GLN KB 50 1.69 -0.11 53.08
N ALA KB 51 0.40 -0.32 52.88
CA ALA KB 51 -0.09 -0.42 51.52
C ALA KB 51 -0.14 0.96 50.88
N PRO KB 52 0.13 1.06 49.58
CA PRO KB 52 0.17 2.38 48.94
C PRO KB 52 -1.17 3.09 49.01
N VAL KB 53 -1.12 4.41 49.18
CA VAL KB 53 -2.27 5.29 49.11
C VAL KB 53 -1.93 6.43 48.17
N GLY KB 54 -2.81 6.69 47.21
CA GLY KB 54 -2.57 7.78 46.28
C GLY KB 54 -2.96 9.13 46.85
N ALA KB 55 -2.23 10.16 46.42
CA ALA KB 55 -2.49 11.53 46.84
C ALA KB 55 -2.35 12.46 45.64
N SER KB 56 -2.79 13.70 45.83
CA SER KB 56 -2.83 14.68 44.75
C SER KB 56 -1.45 15.30 44.51
N ALA KB 57 -1.10 15.44 43.23
CA ALA KB 57 0.17 16.02 42.82
C ALA KB 57 0.19 17.54 42.99
N PRO KB 58 -0.78 18.29 42.43
CA PRO KB 58 -0.74 19.75 42.59
C PRO KB 58 -0.79 20.20 44.03
N ALA KB 59 -1.45 19.45 44.90
CA ALA KB 59 -1.56 19.83 46.30
C ALA KB 59 -0.39 19.36 47.15
N ALA KB 60 0.48 18.51 46.63
CA ALA KB 60 1.59 17.95 47.40
C ALA KB 60 2.53 19.03 47.90
N MET LB 7 -42.41 -25.91 28.03
CA MET LB 7 -42.57 -24.56 28.57
C MET LB 7 -43.94 -24.34 29.19
N THR LB 8 -44.37 -25.29 30.01
CA THR LB 8 -45.57 -25.09 30.79
C THR LB 8 -45.26 -24.25 32.02
N GLU LB 9 -46.33 -23.85 32.72
CA GLU LB 9 -46.17 -23.18 34.01
C GLU LB 9 -45.41 -24.06 34.99
N ASP LB 10 -45.86 -25.32 35.12
CA ASP LB 10 -45.22 -26.26 36.05
C ASP LB 10 -43.74 -26.41 35.75
N GLU LB 11 -43.34 -26.16 34.52
CA GLU LB 11 -41.97 -26.41 34.08
C GLU LB 11 -41.12 -25.14 34.11
N ALA LB 12 -41.73 -23.97 34.01
CA ALA LB 12 -41.06 -22.71 34.30
C ALA LB 12 -40.84 -22.47 35.79
N ARG LB 13 -41.79 -22.87 36.65
CA ARG LB 13 -41.63 -22.66 38.09
C ARG LB 13 -40.37 -23.34 38.62
N ARG LB 14 -40.09 -24.56 38.15
CA ARG LB 14 -38.91 -25.29 38.63
C ARG LB 14 -37.63 -24.55 38.28
N PHE LB 15 -37.49 -24.12 37.03
CA PHE LB 15 -36.29 -23.40 36.64
C PHE LB 15 -36.20 -22.07 37.36
N HIS LB 16 -37.32 -21.41 37.62
CA HIS LB 16 -37.29 -20.17 38.38
C HIS LB 16 -36.78 -20.41 39.79
N GLY LB 17 -37.23 -21.49 40.43
CA GLY LB 17 -36.75 -21.79 41.77
C GLY LB 17 -35.25 -22.01 41.80
N TYR LB 18 -34.74 -22.85 40.90
CA TYR LB 18 -33.30 -23.08 40.86
C TYR LB 18 -32.52 -21.80 40.53
N PHE LB 19 -33.02 -21.00 39.58
CA PHE LB 19 -32.33 -19.78 39.20
C PHE LB 19 -32.26 -18.78 40.35
N VAL LB 20 -33.35 -18.64 41.09
CA VAL LB 20 -33.36 -17.71 42.22
C VAL LB 20 -32.43 -18.19 43.32
N THR LB 21 -32.45 -19.50 43.61
CA THR LB 21 -31.53 -20.01 44.62
C THR LB 21 -30.08 -19.84 44.20
N GLY LB 22 -29.79 -20.05 42.93
CA GLY LB 22 -28.42 -19.87 42.44
C GLY LB 22 -27.95 -18.43 42.53
N THR LB 23 -28.81 -17.49 42.14
CA THR LB 23 -28.45 -16.09 42.26
C THR LB 23 -28.26 -15.68 43.73
N LEU LB 24 -29.17 -16.09 44.61
CA LEU LB 24 -29.01 -15.96 46.05
C LEU LB 24 -27.61 -16.38 46.50
N GLY LB 25 -27.30 -17.65 46.25
CA GLY LB 25 -26.05 -18.20 46.75
C GLY LB 25 -24.84 -17.50 46.17
N TYR LB 26 -24.86 -17.20 44.87
CA TYR LB 26 -23.73 -16.52 44.26
C TYR LB 26 -23.49 -15.16 44.89
N ILE LB 27 -24.56 -14.39 45.11
CA ILE LB 27 -24.40 -13.07 45.70
C ILE LB 27 -23.90 -13.18 47.13
N ILE LB 28 -24.38 -14.16 47.89
CA ILE LB 28 -23.93 -14.30 49.27
C ILE LB 28 -22.45 -14.69 49.33
N VAL LB 29 -22.04 -15.62 48.46
CA VAL LB 29 -20.63 -16.04 48.44
C VAL LB 29 -19.74 -14.88 48.04
N ALA LB 30 -20.19 -14.06 47.09
CA ALA LB 30 -19.44 -12.86 46.72
C ALA LB 30 -19.37 -11.85 47.87
N ALA LB 31 -20.44 -11.73 48.65
CA ALA LB 31 -20.42 -10.87 49.83
C ALA LB 31 -19.39 -11.35 50.84
N VAL LB 32 -19.30 -12.67 51.05
CA VAL LB 32 -18.27 -13.21 51.93
C VAL LB 32 -16.87 -12.91 51.40
N ALA LB 33 -16.68 -13.03 50.09
CA ALA LB 33 -15.39 -12.69 49.49
C ALA LB 33 -15.04 -11.23 49.74
N HIS LB 34 -16.01 -10.33 49.60
CA HIS LB 34 -15.76 -8.92 49.85
C HIS LB 34 -15.47 -8.65 51.32
N PHE LB 35 -16.11 -9.38 52.23
CA PHE LB 35 -15.79 -9.25 53.66
C PHE LB 35 -14.34 -9.64 53.93
N LEU LB 36 -13.90 -10.76 53.36
CA LEU LB 36 -12.51 -11.18 53.53
C LEU LB 36 -11.54 -10.15 52.97
N ALA LB 37 -11.82 -9.65 51.76
CA ALA LB 37 -10.97 -8.64 51.16
C ALA LB 37 -10.95 -7.36 51.98
N TRP LB 38 -12.07 -7.00 52.62
CA TRP LB 38 -12.09 -5.82 53.48
C TRP LB 38 -11.20 -6.04 54.69
N GLN LB 39 -11.22 -7.23 55.27
CA GLN LB 39 -10.32 -7.51 56.38
C GLN LB 39 -8.86 -7.39 55.94
N TRP LB 40 -8.53 -7.87 54.75
CA TRP LB 40 -7.14 -7.83 54.31
C TRP LB 40 -6.68 -6.41 53.98
N ARG LB 41 -7.46 -5.68 53.20
CA ARG LB 41 -7.04 -4.35 52.75
C ARG LB 41 -8.26 -3.50 52.41
N PRO LB 42 -8.79 -2.73 53.36
CA PRO LB 42 -10.00 -1.96 53.09
C PRO LB 42 -9.76 -0.85 52.07
N TRP LB 43 -10.80 -0.58 51.27
CA TRP LB 43 -10.69 0.40 50.19
C TRP LB 43 -11.39 1.71 50.48
N PHE LB 44 -11.97 1.88 51.67
CA PHE LB 44 -12.58 3.15 52.04
C PHE LB 44 -12.02 3.64 53.37
N MET MB 1 -51.29 4.08 30.02
CA MET MB 1 -49.90 3.93 30.45
C MET MB 1 -49.36 2.55 30.12
N HIS MB 2 -50.22 1.53 30.15
CA HIS MB 2 -49.82 0.20 29.73
C HIS MB 2 -49.90 0.03 28.22
N ARG MB 3 -50.54 0.96 27.50
CA ARG MB 3 -50.64 0.86 26.06
C ARG MB 3 -49.30 1.06 25.36
N ILE MB 4 -48.30 1.60 26.06
CA ILE MB 4 -46.98 1.70 25.44
C ILE MB 4 -46.45 0.31 25.12
N TRP MB 5 -46.76 -0.68 25.96
CA TRP MB 5 -46.36 -2.05 25.68
C TRP MB 5 -47.09 -2.64 24.48
N LEU MB 6 -48.17 -2.01 24.03
CA LEU MB 6 -48.79 -2.40 22.77
C LEU MB 6 -48.17 -1.70 21.57
N MET MB 7 -47.42 -0.62 21.79
CA MET MB 7 -46.69 0.03 20.71
C MET MB 7 -45.24 -0.42 20.65
N PHE MB 8 -44.63 -0.64 21.81
CA PHE MB 8 -43.30 -1.23 21.93
C PHE MB 8 -43.43 -2.54 22.69
N ASP MB 9 -42.96 -3.63 22.10
CA ASP MB 9 -43.09 -4.92 22.75
C ASP MB 9 -42.09 -5.03 23.91
N PRO MB 10 -42.47 -5.76 24.97
CA PRO MB 10 -41.60 -5.81 26.16
C PRO MB 10 -40.22 -6.38 25.93
N ARG MB 11 -40.07 -7.36 25.03
CA ARG MB 11 -38.77 -8.00 24.84
C ARG MB 11 -37.72 -7.01 24.37
N ARG MB 12 -38.01 -6.29 23.30
CA ARG MB 12 -37.05 -5.35 22.73
C ARG MB 12 -36.78 -4.19 23.68
N VAL MB 13 -37.81 -3.72 24.39
CA VAL MB 13 -37.61 -2.64 25.37
C VAL MB 13 -36.68 -3.10 26.48
N MET MB 14 -36.90 -4.30 27.00
CA MET MB 14 -36.03 -4.79 28.07
C MET MB 14 -34.60 -4.98 27.60
N VAL MB 15 -34.40 -5.50 26.39
CA VAL MB 15 -33.04 -5.68 25.90
C VAL MB 15 -32.34 -4.34 25.73
N ALA MB 16 -33.01 -3.38 25.08
CA ALA MB 16 -32.42 -2.07 24.87
C ALA MB 16 -32.15 -1.36 26.19
N MET MB 17 -33.08 -1.45 27.13
CA MET MB 17 -32.89 -0.82 28.42
C MET MB 17 -31.71 -1.40 29.16
N VAL MB 18 -31.60 -2.73 29.19
CA VAL MB 18 -30.48 -3.36 29.88
C VAL MB 18 -29.16 -2.94 29.25
N GLY MB 19 -29.08 -2.95 27.92
CA GLY MB 19 -27.83 -2.57 27.27
C GLY MB 19 -27.45 -1.12 27.52
N PHE MB 20 -28.42 -0.21 27.37
CA PHE MB 20 -28.14 1.21 27.59
C PHE MB 20 -27.73 1.47 29.03
N LEU MB 21 -28.42 0.86 29.98
CA LEU MB 21 -28.10 1.06 31.39
C LEU MB 21 -26.70 0.54 31.71
N ALA MB 22 -26.35 -0.63 31.18
CA ALA MB 22 -25.01 -1.16 31.42
C ALA MB 22 -23.94 -0.26 30.84
N VAL MB 23 -24.13 0.21 29.60
CA VAL MB 23 -23.13 1.07 28.99
C VAL MB 23 -22.98 2.37 29.76
N LEU MB 24 -24.10 2.98 30.16
CA LEU MB 24 -24.02 4.23 30.91
C LEU MB 24 -23.33 4.03 32.26
N ALA MB 25 -23.65 2.95 32.96
CA ALA MB 25 -23.02 2.70 34.25
C ALA MB 25 -21.51 2.51 34.09
N LEU MB 26 -21.09 1.73 33.10
CA LEU MB 26 -19.66 1.53 32.90
C LEU MB 26 -18.98 2.83 32.53
N VAL MB 27 -19.62 3.66 31.70
CA VAL MB 27 -19.03 4.92 31.28
C VAL MB 27 -18.82 5.84 32.49
N ILE MB 28 -19.82 5.93 33.37
CA ILE MB 28 -19.72 6.82 34.52
C ILE MB 28 -18.67 6.30 35.50
N HIS MB 29 -18.66 4.99 35.76
CA HIS MB 29 -17.66 4.43 36.66
C HIS MB 29 -16.25 4.67 36.11
N PHE MB 30 -16.06 4.55 34.80
CA PHE MB 30 -14.74 4.76 34.22
C PHE MB 30 -14.33 6.22 34.23
N ILE MB 31 -15.27 7.13 33.99
CA ILE MB 31 -14.97 8.56 34.08
C ILE MB 31 -14.52 8.90 35.49
N LEU MB 32 -15.23 8.39 36.50
CA LEU MB 32 -14.82 8.63 37.88
C LEU MB 32 -13.45 8.04 38.17
N LEU MB 33 -13.17 6.85 37.64
CA LEU MB 33 -11.87 6.23 37.86
C LEU MB 33 -10.74 7.05 37.26
N SER MB 34 -10.98 7.66 36.10
CA SER MB 34 -9.93 8.44 35.44
C SER MB 34 -9.65 9.79 36.11
N SER MB 35 -10.52 10.25 37.00
CA SER MB 35 -10.33 11.53 37.66
C SER MB 35 -9.31 11.42 38.79
N GLN MB 36 -8.93 12.57 39.33
CA GLN MB 36 -8.06 12.59 40.50
C GLN MB 36 -8.86 12.49 41.80
N ARG MB 37 -9.97 13.22 41.88
CA ARG MB 37 -10.74 13.29 43.10
C ARG MB 37 -11.43 11.96 43.42
N TYR MB 38 -11.86 11.22 42.39
CA TYR MB 38 -12.65 10.01 42.61
C TYR MB 38 -11.97 8.75 42.09
N SER MB 39 -10.64 8.73 42.09
CA SER MB 39 -9.90 7.52 41.75
C SER MB 39 -9.85 6.61 42.99
N TRP MB 40 -11.01 6.02 43.28
CA TRP MB 40 -11.22 5.36 44.56
C TRP MB 40 -10.37 4.11 44.75
N ILE MB 41 -9.92 3.47 43.68
CA ILE MB 41 -9.02 2.34 43.84
C ILE MB 41 -7.71 2.79 44.47
N GLU MB 42 -7.25 4.00 44.14
CA GLU MB 42 -6.00 4.50 44.70
C GLU MB 42 -6.22 5.27 46.00
N ASN MB 43 -6.99 6.37 45.97
CA ASN MB 43 -7.10 7.14 47.20
C ASN MB 43 -8.09 6.48 48.15
N GLY MB 44 -9.38 6.52 47.85
CA GLY MB 44 -10.32 5.61 48.46
C GLY MB 44 -10.50 5.80 49.96
N THR MB 45 -9.40 5.62 50.69
CA THR MB 45 -9.39 5.71 52.14
C THR MB 45 -9.14 7.12 52.67
N LEU MB 46 -8.84 8.07 51.78
CA LEU MB 46 -8.75 9.46 52.16
C LEU MB 46 -10.13 9.99 52.57
N SER MB 47 -10.13 10.91 53.53
CA SER MB 47 -11.36 11.57 53.91
C SER MB 47 -11.69 12.70 52.94
N ALA MB 48 -12.89 13.27 53.10
CA ALA MB 48 -13.33 14.29 52.15
C ALA MB 48 -12.48 15.55 52.24
N ALA MB 49 -11.81 15.77 53.37
CA ALA MB 49 -10.95 16.93 53.49
C ALA MB 49 -9.58 16.68 52.85
N GLN MB 50 -9.20 15.42 52.70
CA GLN MB 50 -7.92 15.07 52.10
C GLN MB 50 -8.01 14.80 50.60
N ALA MB 51 -9.21 14.69 50.05
CA ALA MB 51 -9.36 14.37 48.65
C ALA MB 51 -8.93 15.54 47.78
N PRO MB 52 -8.42 15.27 46.57
CA PRO MB 52 -8.04 16.35 45.66
C PRO MB 52 -9.22 17.22 45.25
N VAL MB 53 -8.94 18.50 45.03
CA VAL MB 53 -9.90 19.45 44.48
C VAL MB 53 -9.24 20.14 43.29
N GLY MB 54 -10.02 20.39 42.25
CA GLY MB 54 -9.49 21.10 41.09
C GLY MB 54 -9.09 22.52 41.45
N ALA MB 55 -8.17 23.07 40.67
CA ALA MB 55 -7.64 24.39 40.93
C ALA MB 55 -8.71 25.46 40.77
N SER MB 56 -8.60 26.51 41.58
CA SER MB 56 -9.55 27.61 41.53
C SER MB 56 -9.46 28.38 40.21
N GLU NB 11 -51.31 -10.07 29.68
CA GLU NB 11 -51.73 -8.74 29.28
C GLU NB 11 -50.61 -7.73 29.52
N ALA NB 12 -50.81 -6.50 29.04
CA ALA NB 12 -49.85 -5.44 29.29
C ALA NB 12 -49.91 -4.96 30.74
N ARG NB 13 -51.05 -5.11 31.41
CA ARG NB 13 -51.16 -4.67 32.79
C ARG NB 13 -50.28 -5.51 33.71
N ARG NB 14 -50.28 -6.82 33.51
CA ARG NB 14 -49.49 -7.70 34.37
C ARG NB 14 -47.99 -7.48 34.16
N PHE NB 15 -47.57 -7.25 32.92
CA PHE NB 15 -46.17 -6.92 32.68
C PHE NB 15 -45.84 -5.54 33.26
N HIS NB 16 -46.78 -4.60 33.15
CA HIS NB 16 -46.53 -3.25 33.63
C HIS NB 16 -46.31 -3.21 35.12
N GLY NB 17 -47.08 -4.00 35.88
CA GLY NB 17 -46.87 -4.03 37.31
C GLY NB 17 -45.45 -4.44 37.69
N TYR NB 18 -44.99 -5.57 37.16
CA TYR NB 18 -43.64 -6.04 37.48
C TYR NB 18 -42.57 -5.08 36.97
N PHE NB 19 -42.76 -4.53 35.76
CA PHE NB 19 -41.78 -3.61 35.21
C PHE NB 19 -41.65 -2.36 36.06
N VAL NB 20 -42.78 -1.80 36.50
CA VAL NB 20 -42.74 -0.59 37.33
C VAL NB 20 -42.11 -0.89 38.68
N THR NB 21 -42.46 -2.02 39.29
CA THR NB 21 -41.86 -2.37 40.57
C THR NB 21 -40.35 -2.55 40.47
N GLY NB 22 -39.89 -3.25 39.43
CA GLY NB 22 -38.46 -3.44 39.26
C GLY NB 22 -37.74 -2.13 38.96
N THR NB 23 -38.34 -1.27 38.14
CA THR NB 23 -37.73 0.02 37.84
C THR NB 23 -37.60 0.87 39.09
N LEU NB 24 -38.65 0.92 39.90
CA LEU NB 24 -38.59 1.70 41.13
C LEU NB 24 -37.54 1.14 42.09
N GLY NB 25 -37.49 -0.18 42.25
CA GLY NB 25 -36.48 -0.77 43.11
C GLY NB 25 -35.08 -0.44 42.66
N TYR NB 26 -34.81 -0.56 41.35
CA TYR NB 26 -33.50 -0.19 40.82
C TYR NB 26 -33.19 1.28 41.08
N ILE NB 27 -34.15 2.15 40.78
CA ILE NB 27 -33.90 3.59 40.84
C ILE NB 27 -33.54 4.01 42.25
N ILE NB 28 -34.19 3.44 43.25
CA ILE NB 28 -33.93 3.94 44.59
C ILE NB 28 -32.93 3.09 45.38
N VAL NB 29 -32.56 1.91 44.89
CA VAL NB 29 -31.27 1.37 45.31
C VAL NB 29 -30.16 2.29 44.82
N ALA NB 30 -30.32 2.85 43.61
CA ALA NB 30 -29.37 3.87 43.14
C ALA NB 30 -29.42 5.13 43.99
N ALA NB 31 -30.59 5.50 44.49
CA ALA NB 31 -30.69 6.62 45.42
C ALA NB 31 -29.88 6.37 46.70
N VAL NB 32 -29.98 5.15 47.26
CA VAL NB 32 -29.15 4.81 48.41
C VAL NB 32 -27.67 4.88 48.07
N ALA NB 33 -27.29 4.38 46.89
CA ALA NB 33 -25.89 4.43 46.49
C ALA NB 33 -25.39 5.87 46.40
N HIS NB 34 -26.20 6.76 45.84
CA HIS NB 34 -25.79 8.16 45.71
C HIS NB 34 -25.69 8.84 47.07
N PHE NB 35 -26.61 8.54 47.98
CA PHE NB 35 -26.52 9.13 49.32
C PHE NB 35 -25.27 8.65 50.06
N LEU NB 36 -24.94 7.36 49.93
CA LEU NB 36 -23.71 6.84 50.51
C LEU NB 36 -22.49 7.55 49.95
N ALA NB 37 -22.41 7.67 48.62
CA ALA NB 37 -21.28 8.32 47.99
C ALA NB 37 -21.18 9.79 48.41
N TRP NB 38 -22.32 10.46 48.58
CA TRP NB 38 -22.30 11.84 49.02
C TRP NB 38 -21.78 11.97 50.44
N GLN NB 39 -22.20 11.07 51.34
CA GLN NB 39 -21.66 11.11 52.69
C GLN NB 39 -20.17 10.82 52.71
N TRP NB 40 -19.68 10.02 51.77
CA TRP NB 40 -18.26 9.70 51.74
C TRP NB 40 -17.41 10.81 51.13
N ARG NB 41 -17.85 11.37 50.01
CA ARG NB 41 -17.07 12.37 49.29
C ARG NB 41 -17.99 13.23 48.43
N PRO NB 42 -18.47 14.36 48.94
CA PRO NB 42 -19.41 15.18 48.16
C PRO NB 42 -18.76 15.76 46.91
N TRP NB 43 -19.55 15.86 45.86
CA TRP NB 43 -19.08 16.42 44.59
C TRP NB 43 -19.53 17.86 44.39
N PHE NB 44 -20.32 18.41 45.29
CA PHE NB 44 -20.62 19.84 45.29
C PHE NB 44 -20.15 20.43 46.61
N MET OB 1 -50.27 19.98 14.51
CA MET OB 1 -50.83 19.24 15.63
C MET OB 1 -52.11 18.50 15.24
N HIS OB 2 -52.79 19.01 14.21
CA HIS OB 2 -54.05 18.41 13.80
C HIS OB 2 -53.84 17.05 13.13
N ARG OB 3 -52.90 16.98 12.19
CA ARG OB 3 -52.66 15.79 11.38
C ARG OB 3 -51.18 15.46 11.35
N ILE OB 4 -50.54 15.46 12.52
CA ILE OB 4 -49.11 15.17 12.56
C ILE OB 4 -48.81 13.70 12.80
N TRP OB 5 -49.78 12.92 13.29
CA TRP OB 5 -49.54 11.51 13.57
C TRP OB 5 -50.16 10.58 12.54
N LEU OB 6 -51.15 11.04 11.78
CA LEU OB 6 -51.55 10.32 10.58
C LEU OB 6 -50.56 10.52 9.44
N MET OB 7 -49.69 11.51 9.55
CA MET OB 7 -48.73 11.88 8.54
C MET OB 7 -47.31 11.47 8.88
N PHE OB 8 -47.02 11.28 10.17
CA PHE OB 8 -45.73 10.83 10.67
C PHE OB 8 -45.97 9.65 11.60
N ASP OB 9 -45.13 8.63 11.49
CA ASP OB 9 -45.28 7.45 12.33
C ASP OB 9 -44.90 7.77 13.77
N PRO OB 10 -45.80 7.62 14.73
CA PRO OB 10 -45.43 7.93 16.14
C PRO OB 10 -44.27 7.10 16.66
N ARG OB 11 -44.18 5.83 16.29
CA ARG OB 11 -43.06 5.00 16.74
C ARG OB 11 -41.73 5.51 16.19
N ARG OB 12 -41.69 5.83 14.90
CA ARG OB 12 -40.48 6.36 14.31
C ARG OB 12 -40.08 7.67 14.96
N VAL OB 13 -41.04 8.56 15.19
CA VAL OB 13 -40.75 9.85 15.80
C VAL OB 13 -40.22 9.67 17.21
N MET OB 14 -40.84 8.78 18.00
CA MET OB 14 -40.36 8.55 19.36
C MET OB 14 -38.93 8.02 19.37
N VAL OB 15 -38.63 7.03 18.52
CA VAL OB 15 -37.28 6.49 18.52
C VAL OB 15 -36.27 7.54 18.07
N ALA OB 16 -36.59 8.29 17.01
CA ALA OB 16 -35.66 9.29 16.51
C ALA OB 16 -35.41 10.39 17.53
N MET OB 17 -36.47 10.87 18.19
CA MET OB 17 -36.29 11.95 19.15
C MET OB 17 -35.58 11.47 20.41
N VAL OB 18 -35.84 10.24 20.86
CA VAL OB 18 -35.09 9.73 22.00
C VAL OB 18 -33.61 9.62 21.66
N GLY OB 19 -33.27 9.11 20.47
CA GLY OB 19 -31.88 9.04 20.08
C GLY OB 19 -31.24 10.41 19.98
N PHE OB 20 -31.95 11.37 19.38
CA PHE OB 20 -31.40 12.72 19.24
C PHE OB 20 -31.16 13.37 20.60
N LEU OB 21 -32.11 13.24 21.52
CA LEU OB 21 -31.95 13.86 22.82
C LEU OB 21 -30.84 13.19 23.63
N ALA OB 22 -30.72 11.87 23.53
CA ALA OB 22 -29.64 11.18 24.23
C ALA OB 22 -28.28 11.64 23.71
N VAL OB 23 -28.13 11.73 22.39
CA VAL OB 23 -26.86 12.15 21.82
C VAL OB 23 -26.55 13.60 22.20
N LEU OB 24 -27.56 14.47 22.12
CA LEU OB 24 -27.34 15.88 22.48
C LEU OB 24 -26.97 16.04 23.94
N ALA OB 25 -27.64 15.31 24.82
CA ALA OB 25 -27.32 15.38 26.25
C ALA OB 25 -25.90 14.90 26.52
N LEU OB 26 -25.50 13.79 25.88
CA LEU OB 26 -24.12 13.32 26.05
C LEU OB 26 -23.12 14.36 25.55
N VAL OB 27 -23.42 14.98 24.40
CA VAL OB 27 -22.49 15.95 23.83
C VAL OB 27 -22.35 17.18 24.74
N ILE OB 28 -23.47 17.66 25.29
CA ILE OB 28 -23.40 18.83 26.17
C ILE OB 28 -22.68 18.49 27.47
N HIS OB 29 -22.98 17.34 28.07
CA HIS OB 29 -22.31 16.95 29.30
C HIS OB 29 -20.81 16.80 29.08
N PHE OB 30 -20.40 16.23 27.94
CA PHE OB 30 -18.99 16.07 27.65
C PHE OB 30 -18.30 17.40 27.35
N ILE OB 31 -18.98 18.32 26.66
CA ILE OB 31 -18.40 19.64 26.44
C ILE OB 31 -18.17 20.33 27.77
N LEU OB 32 -19.15 20.25 28.67
CA LEU OB 32 -18.97 20.86 29.99
C LEU OB 32 -17.84 20.19 30.77
N LEU OB 33 -17.74 18.86 30.69
CA LEU OB 33 -16.70 18.16 31.43
C LEU OB 33 -15.31 18.48 30.89
N SER OB 34 -15.19 18.70 29.58
CA SER OB 34 -13.89 18.99 28.98
C SER OB 34 -13.41 20.40 29.30
N SER OB 35 -14.29 21.28 29.75
CA SER OB 35 -13.92 22.66 30.02
C SER OB 35 -13.21 22.78 31.37
N GLN OB 36 -12.73 23.99 31.67
CA GLN OB 36 -12.08 24.26 32.94
C GLN OB 36 -13.05 24.78 33.99
N ARG OB 37 -13.97 25.66 33.60
CA ARG OB 37 -14.91 26.24 34.55
C ARG OB 37 -15.91 25.21 35.05
N TYR OB 38 -16.32 24.28 34.19
CA TYR OB 38 -17.39 23.35 34.52
C TYR OB 38 -16.92 21.90 34.54
N SER OB 39 -15.67 21.67 34.93
CA SER OB 39 -15.17 20.32 35.17
C SER OB 39 -15.59 19.88 36.58
N TRP OB 40 -16.87 19.54 36.69
CA TRP OB 40 -17.49 19.40 38.00
C TRP OB 40 -16.98 18.19 38.78
N ILE OB 41 -16.45 17.16 38.11
CA ILE OB 41 -15.92 16.01 38.83
C ILE OB 41 -14.74 16.42 39.71
N GLU OB 42 -13.88 17.30 39.20
CA GLU OB 42 -12.72 17.75 39.96
C GLU OB 42 -13.02 18.96 40.83
N ASN OB 43 -13.60 20.03 40.26
CA ASN OB 43 -13.76 21.29 40.97
C ASN OB 43 -15.20 21.61 41.30
N GLY OB 44 -16.06 20.60 41.41
CA GLY OB 44 -17.45 20.88 41.70
C GLY OB 44 -17.71 21.45 43.07
N THR OB 45 -16.80 21.24 44.02
CA THR OB 45 -16.96 21.75 45.38
C THR OB 45 -16.58 23.21 45.52
N LEU OB 46 -15.95 23.79 44.51
CA LEU OB 46 -15.62 25.22 44.54
C LEU OB 46 -16.88 26.07 44.50
N SER OB 47 -16.81 27.22 45.15
CA SER OB 47 -17.89 28.19 45.05
C SER OB 47 -17.77 28.98 43.75
N ALA OB 48 -18.82 29.73 43.43
CA ALA OB 48 -18.86 30.41 42.14
C ALA OB 48 -17.81 31.50 42.04
N ALA OB 49 -17.28 31.96 43.17
CA ALA OB 49 -16.24 32.99 43.14
C ALA OB 49 -14.88 32.39 42.87
N GLN OB 50 -14.67 31.13 43.26
CA GLN OB 50 -13.40 30.46 43.04
C GLN OB 50 -13.35 29.67 41.74
N ALA OB 51 -14.46 29.54 41.04
CA ALA OB 51 -14.45 28.78 39.80
C ALA OB 51 -13.62 29.49 38.74
N PRO OB 52 -12.95 28.75 37.87
CA PRO OB 52 -12.13 29.38 36.82
C PRO OB 52 -12.98 30.24 35.88
N VAL OB 53 -12.40 31.33 35.41
CA VAL OB 53 -13.01 32.22 34.43
C VAL OB 53 -12.02 32.45 33.31
N GLY OB 54 -12.51 32.52 32.07
CA GLY OB 54 -11.65 32.77 30.94
C GLY OB 54 -11.04 34.16 30.97
N ALA OB 55 -9.95 34.31 30.23
CA ALA OB 55 -9.18 35.54 30.26
C ALA OB 55 -9.97 36.70 29.66
N SER OB 56 -9.78 37.89 30.23
CA SER OB 56 -10.46 39.10 29.81
C SER OB 56 -9.51 40.04 29.08
N ALA OB 57 -10.10 40.98 28.34
CA ALA OB 57 -9.32 42.00 27.66
C ALA OB 57 -9.11 43.21 28.56
N MET PB 7 -53.84 4.10 11.09
CA MET PB 7 -53.98 5.07 12.16
C MET PB 7 -55.07 6.08 11.82
N THR PB 8 -56.08 6.18 12.68
CA THR PB 8 -57.22 7.06 12.47
C THR PB 8 -57.16 8.23 13.45
N GLU PB 9 -58.22 9.05 13.42
CA GLU PB 9 -58.18 10.32 14.14
C GLU PB 9 -58.23 10.12 15.65
N ASP PB 10 -59.03 9.17 16.13
CA ASP PB 10 -59.20 9.01 17.57
C ASP PB 10 -57.91 8.57 18.24
N GLU PB 11 -57.24 7.55 17.69
CA GLU PB 11 -55.99 7.11 18.28
C GLU PB 11 -54.91 8.17 18.15
N ALA PB 12 -54.91 8.92 17.04
CA ALA PB 12 -53.97 10.03 16.92
C ALA PB 12 -54.21 11.10 17.98
N ARG PB 13 -55.46 11.45 18.27
CA ARG PB 13 -55.76 12.41 19.32
C ARG PB 13 -55.31 11.90 20.69
N ARG PB 14 -55.61 10.63 20.99
CA ARG PB 14 -55.26 10.09 22.30
C ARG PB 14 -53.75 10.02 22.48
N PHE PB 15 -53.01 9.70 21.41
CA PHE PB 15 -51.56 9.71 21.49
C PHE PB 15 -51.01 11.12 21.60
N HIS PB 16 -51.63 12.07 20.88
CA HIS PB 16 -51.17 13.45 20.89
C HIS PB 16 -51.26 14.06 22.29
N GLY PB 17 -52.33 13.76 23.01
CA GLY PB 17 -52.43 14.29 24.37
C GLY PB 17 -51.26 13.87 25.24
N TYR PB 18 -50.98 12.57 25.29
CA TYR PB 18 -49.86 12.08 26.09
C TYR PB 18 -48.53 12.60 25.59
N PHE PB 19 -48.34 12.70 24.27
CA PHE PB 19 -47.06 13.18 23.75
C PHE PB 19 -46.82 14.64 24.14
N VAL PB 20 -47.86 15.47 24.04
CA VAL PB 20 -47.70 16.88 24.42
C VAL PB 20 -47.43 17.00 25.91
N THR PB 21 -48.16 16.24 26.73
CA THR PB 21 -47.90 16.30 28.17
C THR PB 21 -46.49 15.86 28.50
N GLY PB 22 -46.01 14.79 27.86
CA GLY PB 22 -44.65 14.34 28.11
C GLY PB 22 -43.60 15.34 27.68
N THR PB 23 -43.78 15.95 26.51
CA THR PB 23 -42.83 16.95 26.05
C THR PB 23 -42.77 18.13 27.00
N LEU PB 24 -43.93 18.67 27.38
CA LEU PB 24 -43.94 19.83 28.26
C LEU PB 24 -43.40 19.50 29.65
N GLY PB 25 -43.73 18.32 30.18
CA GLY PB 25 -43.21 17.93 31.47
C GLY PB 25 -41.70 17.76 31.46
N TYR PB 26 -41.17 17.16 30.39
CA TYR PB 26 -39.72 17.03 30.28
C TYR PB 26 -39.05 18.39 30.19
N ILE PB 27 -39.63 19.33 29.45
CA ILE PB 27 -39.05 20.66 29.36
C ILE PB 27 -39.08 21.36 30.71
N ILE PB 28 -40.16 21.18 31.47
CA ILE PB 28 -40.22 21.79 32.80
C ILE PB 28 -39.16 21.20 33.74
N VAL PB 29 -38.98 19.89 33.68
CA VAL PB 29 -37.95 19.26 34.52
C VAL PB 29 -36.57 19.78 34.15
N ALA PB 30 -36.29 19.92 32.84
CA ALA PB 30 -35.03 20.49 32.42
C ALA PB 30 -34.87 21.95 32.86
N ALA PB 31 -35.97 22.70 32.88
CA ALA PB 31 -35.91 24.07 33.40
C ALA PB 31 -35.52 24.09 34.86
N VAL PB 32 -36.07 23.17 35.66
CA VAL PB 32 -35.68 23.07 37.07
C VAL PB 32 -34.20 22.70 37.18
N ALA PB 33 -33.73 21.79 36.33
CA ALA PB 33 -32.32 21.43 36.36
C ALA PB 33 -31.43 22.63 36.05
N HIS PB 34 -31.83 23.45 35.08
CA HIS PB 34 -31.05 24.65 34.76
C HIS PB 34 -31.12 25.67 35.89
N PHE PB 35 -32.24 25.76 36.59
CA PHE PB 35 -32.33 26.63 37.76
C PHE PB 35 -31.34 26.20 38.84
N LEU PB 36 -31.27 24.90 39.10
CA LEU PB 36 -30.33 24.38 40.11
C LEU PB 36 -28.89 24.65 39.70
N ALA PB 37 -28.55 24.37 38.43
CA ALA PB 37 -27.21 24.65 37.95
C ALA PB 37 -26.86 26.12 38.02
N TRP PB 38 -27.83 27.00 37.76
CA TRP PB 38 -27.59 28.43 37.87
C TRP PB 38 -27.30 28.84 39.30
N GLN PB 39 -28.04 28.28 40.26
CA GLN PB 39 -27.73 28.55 41.66
C GLN PB 39 -26.33 28.09 42.02
N TRP PB 40 -25.91 26.92 41.51
CA TRP PB 40 -24.60 26.40 41.86
C TRP PB 40 -23.47 27.22 41.23
N ARG PB 41 -23.57 27.51 39.93
CA ARG PB 41 -22.47 28.15 39.20
C ARG PB 41 -22.99 28.84 37.94
N PRO PB 42 -23.42 30.09 38.03
CA PRO PB 42 -24.01 30.75 36.85
C PRO PB 42 -23.00 30.94 35.72
N TRP PB 43 -23.49 30.80 34.49
CA TRP PB 43 -22.63 30.88 33.32
C TRP PB 43 -22.68 32.24 32.63
N PHE PB 44 -23.55 33.14 33.08
CA PHE PB 44 -23.53 34.53 32.64
C PHE PB 44 -23.29 35.43 33.83
N ILE QB 4 -49.56 25.68 -3.95
CA ILE QB 4 -48.34 25.98 -3.22
C ILE QB 4 -47.58 24.70 -2.88
N TRP QB 5 -48.11 23.91 -1.95
CA TRP QB 5 -47.48 22.67 -1.52
C TRP QB 5 -47.95 21.48 -2.33
N LEU QB 6 -47.86 21.59 -3.66
CA LEU QB 6 -48.27 20.50 -4.54
C LEU QB 6 -47.15 19.95 -5.41
N MET QB 7 -46.07 20.69 -5.61
CA MET QB 7 -44.97 20.26 -6.46
C MET QB 7 -43.70 19.99 -5.66
N PHE QB 8 -43.80 19.79 -4.34
CA PHE QB 8 -42.60 19.65 -3.54
C PHE QB 8 -42.69 18.62 -2.42
N ASP QB 9 -43.82 17.93 -2.22
CA ASP QB 9 -43.94 16.89 -1.21
C ASP QB 9 -43.58 17.38 0.19
N PRO QB 10 -44.50 18.05 0.88
CA PRO QB 10 -44.21 18.64 2.20
C PRO QB 10 -43.40 17.77 3.16
N ARG QB 11 -43.51 16.45 3.06
CA ARG QB 11 -42.76 15.57 3.95
C ARG QB 11 -41.26 15.71 3.75
N ARG QB 12 -40.81 15.59 2.50
CA ARG QB 12 -39.40 15.79 2.18
C ARG QB 12 -38.95 17.19 2.55
N VAL QB 13 -39.79 18.19 2.30
CA VAL QB 13 -39.45 19.56 2.66
C VAL QB 13 -39.20 19.67 4.16
N MET QB 14 -40.07 19.08 4.97
CA MET QB 14 -39.94 19.21 6.42
C MET QB 14 -38.70 18.49 6.93
N VAL QB 15 -38.44 17.28 6.43
CA VAL QB 15 -37.24 16.57 6.89
C VAL QB 15 -35.98 17.32 6.50
N ALA QB 16 -35.92 17.79 5.25
CA ALA QB 16 -34.74 18.54 4.80
C ALA QB 16 -34.57 19.83 5.60
N MET QB 17 -35.67 20.54 5.86
CA MET QB 17 -35.59 21.80 6.58
C MET QB 17 -35.12 21.57 8.01
N VAL QB 18 -35.65 20.55 8.68
CA VAL QB 18 -35.21 20.24 10.05
C VAL QB 18 -33.73 19.89 10.06
N GLY QB 19 -33.29 19.04 9.13
CA GLY QB 19 -31.88 18.67 9.10
C GLY QB 19 -30.97 19.86 8.85
N PHE QB 20 -31.34 20.71 7.89
CA PHE QB 20 -30.53 21.88 7.59
C PHE QB 20 -30.46 22.83 8.78
N LEU QB 21 -31.60 23.06 9.45
CA LEU QB 21 -31.60 23.96 10.59
C LEU QB 21 -30.76 23.42 11.73
N ALA QB 22 -30.85 22.11 12.01
CA ALA QB 22 -30.04 21.53 13.06
C ALA QB 22 -28.55 21.64 12.74
N VAL QB 23 -28.18 21.32 11.50
CA VAL QB 23 -26.76 21.40 11.12
C VAL QB 23 -26.26 22.83 11.22
N LEU QB 24 -27.04 23.79 10.73
CA LEU QB 24 -26.61 25.19 10.76
C LEU QB 24 -26.48 25.70 12.19
N ALA QB 25 -27.43 25.36 13.06
CA ALA QB 25 -27.33 25.79 14.44
C ALA QB 25 -26.13 25.20 15.13
N LEU QB 26 -25.85 23.91 14.90
CA LEU QB 26 -24.67 23.29 15.50
C LEU QB 26 -23.39 23.95 14.99
N VAL QB 27 -23.32 24.25 13.69
CA VAL QB 27 -22.14 24.87 13.12
C VAL QB 27 -21.91 26.25 13.73
N ILE QB 28 -22.98 27.06 13.83
CA ILE QB 28 -22.82 28.40 14.38
C ILE QB 28 -22.42 28.35 15.84
N HIS QB 29 -23.09 27.49 16.63
CA HIS QB 29 -22.76 27.39 18.04
C HIS QB 29 -21.32 26.96 18.24
N PHE QB 30 -20.84 26.01 17.44
CA PHE QB 30 -19.45 25.56 17.59
C PHE QB 30 -18.45 26.60 17.12
N ILE QB 31 -18.75 27.33 16.05
CA ILE QB 31 -17.87 28.40 15.61
C ILE QB 31 -17.74 29.47 16.69
N LEU QB 32 -18.87 29.83 17.31
CA LEU QB 32 -18.84 30.79 18.40
C LEU QB 32 -18.05 30.24 19.59
N LEU QB 33 -18.23 28.95 19.88
CA LEU QB 33 -17.54 28.35 21.02
C LEU QB 33 -16.03 28.30 20.81
N SER QB 34 -15.57 28.20 19.56
CA SER QB 34 -14.14 28.17 19.29
C SER QB 34 -13.51 29.55 19.21
N SER QB 35 -14.29 30.62 19.21
CA SER QB 35 -13.74 31.97 19.16
C SER QB 35 -13.26 32.42 20.53
N GLN QB 36 -12.53 33.52 20.55
CA GLN QB 36 -12.07 34.08 21.82
C GLN QB 36 -13.12 34.96 22.47
N ARG QB 37 -13.81 35.77 21.66
CA ARG QB 37 -14.78 36.73 22.21
C ARG QB 37 -16.03 36.05 22.74
N TYR QB 38 -16.43 34.93 22.16
CA TYR QB 38 -17.71 34.30 22.48
C TYR QB 38 -17.55 32.88 22.99
N SER QB 39 -16.45 32.59 23.69
CA SER QB 39 -16.26 31.28 24.33
C SER QB 39 -17.03 31.23 25.64
N TRP QB 40 -18.36 31.17 25.52
CA TRP QB 40 -19.24 31.49 26.62
C TRP QB 40 -19.14 30.50 27.78
N ILE QB 41 -18.70 29.27 27.56
CA ILE QB 41 -18.55 28.33 28.66
C ILE QB 41 -17.53 28.84 29.65
N GLU QB 42 -16.41 29.37 29.16
CA GLU QB 42 -15.35 29.86 30.03
C GLU QB 42 -15.54 31.32 30.43
N ASN QB 43 -15.84 32.19 29.47
CA ASN QB 43 -15.80 33.63 29.72
C ASN QB 43 -17.17 34.29 29.65
N GLY QB 44 -18.25 33.51 29.77
CA GLY QB 44 -19.58 34.08 29.66
C GLY QB 44 -19.94 35.04 30.76
N THR QB 45 -19.25 34.97 31.90
CA THR QB 45 -19.53 35.85 33.03
C THR QB 45 -18.89 37.23 32.88
N LEU QB 46 -17.99 37.40 31.93
CA LEU QB 46 -17.38 38.71 31.68
C LEU QB 46 -18.42 39.69 31.14
N SER QB 47 -18.24 40.96 31.48
CA SER QB 47 -19.09 41.99 30.91
C SER QB 47 -18.65 42.30 29.48
N ALA QB 48 -19.45 43.10 28.78
CA ALA QB 48 -19.14 43.42 27.40
C ALA QB 48 -17.84 44.21 27.28
N ALA QB 49 -17.46 44.93 28.34
CA ALA QB 49 -16.23 45.70 28.29
C ALA QB 49 -15.00 44.82 28.50
N GLN QB 50 -15.15 43.73 29.26
CA GLN QB 50 -14.04 42.85 29.55
C GLN QB 50 -13.89 41.71 28.53
N ALA QB 51 -14.84 41.56 27.62
CA ALA QB 51 -14.74 40.49 26.64
C ALA QB 51 -13.61 40.76 25.65
N PRO QB 52 -12.98 39.72 25.12
CA PRO QB 52 -11.90 39.92 24.14
C PRO QB 52 -12.38 40.61 22.88
N VAL QB 53 -11.47 41.37 22.27
CA VAL QB 53 -11.70 42.00 20.97
C VAL QB 53 -10.48 41.71 20.10
N GLY QB 54 -10.73 41.43 18.82
CA GLY QB 54 -9.64 41.21 17.89
C GLY QB 54 -8.80 42.45 17.70
N ALA QB 55 -7.56 42.22 17.26
CA ALA QB 55 -6.59 43.30 17.15
C ALA QB 55 -7.00 44.32 16.10
N SER QB 56 -6.71 45.59 16.38
CA SER QB 56 -7.00 46.68 15.44
C SER QB 56 -6.16 46.54 14.17
N GLU RB 9 -55.56 21.29 -3.30
CA GLU RB 9 -56.10 20.33 -2.37
C GLU RB 9 -56.37 20.99 -1.02
N ASP RB 10 -57.34 20.45 -0.28
CA ASP RB 10 -57.60 20.94 1.08
C ASP RB 10 -56.40 20.71 1.98
N GLU RB 11 -55.69 19.59 1.79
CA GLU RB 11 -54.56 19.27 2.65
C GLU RB 11 -53.47 20.34 2.57
N ALA RB 12 -53.15 20.80 1.37
CA ALA RB 12 -52.12 21.81 1.17
C ALA RB 12 -52.60 23.20 1.53
N ARG RB 13 -53.73 23.30 2.22
CA ARG RB 13 -54.20 24.55 2.79
C ARG RB 13 -54.42 24.48 4.30
N ARG RB 14 -54.66 23.29 4.86
CA ARG RB 14 -54.70 23.13 6.29
C ARG RB 14 -53.30 22.90 6.87
N PHE RB 15 -52.48 22.11 6.17
CA PHE RB 15 -51.10 21.93 6.58
C PHE RB 15 -50.33 23.24 6.50
N HIS RB 16 -50.65 24.07 5.49
CA HIS RB 16 -49.92 25.30 5.27
C HIS RB 16 -50.08 26.28 6.42
N GLY RB 17 -51.28 26.37 7.00
CA GLY RB 17 -51.48 27.27 8.11
C GLY RB 17 -50.62 26.91 9.32
N TYR RB 18 -50.60 25.64 9.69
CA TYR RB 18 -49.75 25.19 10.79
C TYR RB 18 -48.28 25.38 10.47
N PHE RB 19 -47.86 25.11 9.23
CA PHE RB 19 -46.47 25.32 8.87
C PHE RB 19 -46.07 26.78 9.00
N VAL RB 20 -46.93 27.70 8.54
CA VAL RB 20 -46.62 29.11 8.62
C VAL RB 20 -46.58 29.57 10.08
N THR RB 21 -47.52 29.10 10.89
CA THR RB 21 -47.52 29.48 12.30
C THR RB 21 -46.27 28.98 13.01
N GLY RB 22 -45.87 27.73 12.75
CA GLY RB 22 -44.65 27.22 13.34
C GLY RB 22 -43.41 27.96 12.87
N THR RB 23 -43.35 28.28 11.58
CA THR RB 23 -42.21 29.02 11.07
C THR RB 23 -42.11 30.39 11.71
N LEU RB 24 -43.24 31.09 11.82
CA LEU RB 24 -43.23 32.40 12.46
C LEU RB 24 -42.79 32.29 13.92
N GLY RB 25 -43.37 31.35 14.67
CA GLY RB 25 -42.99 31.19 16.06
C GLY RB 25 -41.51 30.92 16.23
N TYR RB 26 -40.96 30.02 15.40
CA TYR RB 26 -39.54 29.72 15.47
C TYR RB 26 -38.69 30.95 15.14
N ILE RB 27 -39.03 31.64 14.06
CA ILE RB 27 -38.25 32.80 13.61
C ILE RB 27 -38.18 33.83 14.72
N ILE RB 28 -39.29 34.08 15.40
CA ILE RB 28 -39.28 35.22 16.29
C ILE RB 28 -38.90 34.84 17.72
N VAL RB 29 -38.97 33.56 18.06
CA VAL RB 29 -38.26 33.08 19.25
C VAL RB 29 -36.75 33.25 19.03
N ALA RB 30 -36.28 32.98 17.80
CA ALA RB 30 -34.89 33.29 17.45
C ALA RB 30 -34.59 34.78 17.53
N ALA RB 31 -35.54 35.63 17.15
CA ALA RB 31 -35.34 37.07 17.31
C ALA RB 31 -35.16 37.46 18.77
N VAL RB 32 -35.97 36.88 19.67
CA VAL RB 32 -35.78 37.11 21.10
C VAL RB 32 -34.39 36.67 21.55
N ALA RB 33 -33.95 35.50 21.08
CA ALA RB 33 -32.61 35.02 21.45
C ALA RB 33 -31.53 35.98 20.98
N HIS RB 34 -31.66 36.49 19.75
CA HIS RB 34 -30.65 37.39 19.22
C HIS RB 34 -30.64 38.72 19.98
N PHE RB 35 -31.81 39.22 20.38
CA PHE RB 35 -31.85 40.43 21.19
C PHE RB 35 -31.19 40.23 22.55
N LEU RB 36 -31.46 39.08 23.18
CA LEU RB 36 -30.79 38.77 24.44
C LEU RB 36 -29.28 38.73 24.28
N ALA RB 37 -28.80 38.05 23.24
CA ALA RB 37 -27.36 37.98 23.01
C ALA RB 37 -26.76 39.35 22.71
N TRP RB 38 -27.50 40.21 22.01
CA TRP RB 38 -27.01 41.56 21.76
C TRP RB 38 -26.87 42.35 23.05
N GLN RB 39 -27.85 42.24 23.95
CA GLN RB 39 -27.73 42.92 25.22
C GLN RB 39 -26.55 42.40 26.03
N TRP RB 40 -26.30 41.08 25.96
CA TRP RB 40 -25.23 40.50 26.76
C TRP RB 40 -23.86 40.85 26.20
N ARG RB 41 -23.67 40.75 24.89
CA ARG RB 41 -22.35 40.94 24.28
C ARG RB 41 -22.48 41.28 22.81
N PRO RB 42 -22.64 42.56 22.45
CA PRO RB 42 -22.87 42.91 21.05
C PRO RB 42 -21.67 42.60 20.17
N TRP RB 43 -21.96 42.26 18.92
CA TRP RB 43 -20.91 41.86 17.98
C TRP RB 43 -20.58 42.92 16.95
N PHE RB 44 -21.27 44.06 16.96
CA PHE RB 44 -20.93 45.17 16.08
C PHE RB 44 -20.57 46.39 16.91
N MET SB 1 -38.62 36.42 -22.01
CA MET SB 1 -37.90 35.24 -21.58
C MET SB 1 -38.72 34.42 -20.60
N HIS SB 2 -39.61 33.57 -21.13
CA HIS SB 2 -40.52 32.81 -20.28
C HIS SB 2 -40.59 31.32 -20.60
N ARG SB 3 -40.41 30.95 -21.86
CA ARG SB 3 -40.66 29.57 -22.29
C ARG SB 3 -39.50 28.63 -21.97
N ILE SB 4 -38.62 29.04 -21.05
CA ILE SB 4 -37.55 28.16 -20.61
C ILE SB 4 -38.06 27.07 -19.67
N TRP SB 5 -39.24 27.25 -19.08
CA TRP SB 5 -39.76 26.29 -18.12
C TRP SB 5 -40.40 25.09 -18.79
N LEU SB 6 -40.90 25.24 -20.02
CA LEU SB 6 -41.26 24.06 -20.82
C LEU SB 6 -40.03 23.35 -21.34
N MET SB 7 -38.87 24.01 -21.29
CA MET SB 7 -37.62 23.49 -21.82
C MET SB 7 -36.67 23.02 -20.74
N PHE SB 8 -36.85 23.52 -19.51
CA PHE SB 8 -36.11 23.09 -18.33
C PHE SB 8 -37.10 22.75 -17.23
N ASP SB 9 -36.89 21.60 -16.57
CA ASP SB 9 -37.76 21.20 -15.47
C ASP SB 9 -37.68 22.22 -14.34
N PRO SB 10 -38.80 22.85 -13.95
CA PRO SB 10 -38.73 23.86 -12.89
C PRO SB 10 -38.19 23.34 -11.58
N ARG SB 11 -38.59 22.13 -11.19
CA ARG SB 11 -38.18 21.59 -9.89
C ARG SB 11 -36.68 21.36 -9.83
N ARG SB 12 -36.12 20.70 -10.84
CA ARG SB 12 -34.68 20.46 -10.86
C ARG SB 12 -33.89 21.75 -10.92
N VAL SB 13 -34.37 22.73 -11.67
CA VAL SB 13 -33.70 24.03 -11.74
C VAL SB 13 -33.70 24.70 -10.37
N MET SB 14 -34.84 24.69 -9.69
CA MET SB 14 -34.89 25.34 -8.37
C MET SB 14 -34.00 24.63 -7.37
N VAL SB 15 -33.98 23.30 -7.39
CA VAL SB 15 -33.11 22.57 -6.47
C VAL SB 15 -31.65 22.91 -6.75
N ALA SB 16 -31.25 22.88 -8.02
CA ALA SB 16 -29.87 23.18 -8.37
C ALA SB 16 -29.48 24.60 -7.97
N MET SB 17 -30.36 25.57 -8.21
CA MET SB 17 -30.00 26.95 -7.90
C MET SB 17 -29.99 27.22 -6.40
N VAL SB 18 -30.90 26.60 -5.64
CA VAL SB 18 -30.85 26.77 -4.19
C VAL SB 18 -29.57 26.15 -3.63
N GLY SB 19 -29.19 24.98 -4.12
CA GLY SB 19 -27.93 24.40 -3.69
C GLY SB 19 -26.73 25.26 -4.04
N PHE SB 20 -26.67 25.75 -5.28
CA PHE SB 20 -25.55 26.60 -5.69
C PHE SB 20 -25.50 27.87 -4.86
N LEU SB 21 -26.66 28.48 -4.62
CA LEU SB 21 -26.70 29.75 -3.91
C LEU SB 21 -26.31 29.56 -2.45
N ALA SB 22 -26.74 28.47 -1.82
CA ALA SB 22 -26.32 28.19 -0.45
C ALA SB 22 -24.82 27.95 -0.38
N VAL SB 23 -24.27 27.20 -1.34
CA VAL SB 23 -22.83 26.96 -1.35
C VAL SB 23 -22.07 28.27 -1.52
N LEU SB 24 -22.54 29.13 -2.42
CA LEU SB 24 -21.90 30.42 -2.62
C LEU SB 24 -21.94 31.28 -1.37
N ALA SB 25 -23.10 31.31 -0.70
CA ALA SB 25 -23.22 32.10 0.52
C ALA SB 25 -22.26 31.60 1.60
N LEU SB 26 -22.19 30.27 1.79
CA LEU SB 26 -21.27 29.72 2.77
C LEU SB 26 -19.83 30.04 2.42
N VAL SB 27 -19.47 29.93 1.14
CA VAL SB 27 -18.10 30.18 0.72
C VAL SB 27 -17.73 31.63 0.98
N ILE SB 28 -18.61 32.57 0.63
CA ILE SB 28 -18.30 33.98 0.83
C ILE SB 28 -18.20 34.29 2.32
N HIS SB 29 -19.13 33.80 3.13
CA HIS SB 29 -19.10 34.09 4.56
C HIS SB 29 -17.81 33.54 5.18
N PHE SB 30 -17.39 32.34 4.77
CA PHE SB 30 -16.19 31.76 5.36
C PHE SB 30 -14.92 32.45 4.86
N ILE SB 31 -14.89 32.89 3.61
CA ILE SB 31 -13.75 33.66 3.12
C ILE SB 31 -13.62 34.96 3.90
N LEU SB 32 -14.74 35.65 4.12
CA LEU SB 32 -14.71 36.87 4.92
C LEU SB 32 -14.29 36.60 6.35
N LEU SB 33 -14.75 35.47 6.92
CA LEU SB 33 -14.38 35.14 8.29
C LEU SB 33 -12.90 34.85 8.43
N SER SB 34 -12.29 34.25 7.40
CA SER SB 34 -10.87 33.93 7.45
C SER SB 34 -9.97 35.12 7.19
N SER SB 35 -10.51 36.26 6.80
CA SER SB 35 -9.70 37.43 6.52
C SER SB 35 -9.34 38.16 7.81
N GLN SB 36 -8.49 39.17 7.68
CA GLN SB 36 -8.13 40.03 8.80
C GLN SB 36 -9.11 41.19 8.98
N ARG SB 37 -9.50 41.81 7.88
CA ARG SB 37 -10.35 42.99 7.93
C ARG SB 37 -11.79 42.66 8.33
N TYR SB 38 -12.29 41.47 7.98
CA TYR SB 38 -13.70 41.14 8.17
C TYR SB 38 -13.89 39.90 9.05
N SER SB 39 -13.02 39.71 10.04
CA SER SB 39 -13.22 38.64 11.02
C SER SB 39 -14.19 39.12 12.09
N TRP SB 40 -15.45 39.26 11.66
CA TRP SB 40 -16.44 40.01 12.45
C TRP SB 40 -16.74 39.37 13.80
N ILE SB 41 -16.51 38.07 13.95
CA ILE SB 41 -16.73 37.45 15.26
C ILE SB 41 -15.78 38.03 16.29
N GLU SB 42 -14.52 38.25 15.91
CA GLU SB 42 -13.54 38.78 16.84
C GLU SB 42 -13.49 40.30 16.83
N ASN SB 43 -13.47 40.93 15.64
CA ASN SB 43 -13.22 42.36 15.54
C ASN SB 43 -14.41 43.14 14.98
N GLY SB 44 -15.61 42.58 15.06
CA GLY SB 44 -16.77 43.27 14.53
C GLY SB 44 -17.13 44.55 15.26
N THR SB 45 -16.66 44.70 16.50
CA THR SB 45 -16.93 45.88 17.31
C THR SB 45 -16.00 47.05 16.99
N LEU SB 46 -14.93 46.83 16.23
CA LEU SB 46 -14.06 47.91 15.81
C LEU SB 46 -14.79 48.82 14.81
N SER SB 47 -14.51 50.12 14.88
CA SER SB 47 -15.05 51.03 13.89
C SER SB 47 -14.27 50.88 12.59
N ALA SB 48 -14.81 51.50 11.53
CA ALA SB 48 -14.20 51.35 10.21
C ALA SB 48 -12.82 51.99 10.15
N ALA SB 49 -12.50 52.88 11.08
CA ALA SB 49 -11.20 53.53 11.08
C ALA SB 49 -10.15 52.66 11.74
N GLN SB 50 -10.56 51.76 12.62
CA GLN SB 50 -9.64 50.87 13.32
C GLN SB 50 -9.55 49.49 12.69
N ALA SB 51 -10.36 49.20 11.67
CA ALA SB 51 -10.32 47.90 11.03
C ALA SB 51 -9.00 47.72 10.29
N PRO SB 52 -8.48 46.50 10.23
CA PRO SB 52 -7.23 46.25 9.51
C PRO SB 52 -7.34 46.59 8.03
N VAL SB 53 -6.25 47.08 7.46
CA VAL SB 53 -6.14 47.38 6.04
C VAL SB 53 -4.87 46.74 5.51
N GLY SB 54 -4.92 46.24 4.29
CA GLY SB 54 -3.75 45.62 3.69
C GLY SB 54 -2.62 46.61 3.50
N ALA SB 55 -1.41 46.08 3.42
CA ALA SB 55 -0.21 46.90 3.37
C ALA SB 55 -0.21 47.79 2.13
N SER SB 56 0.03 49.08 2.34
CA SER SB 56 0.01 50.05 1.27
C SER SB 56 1.37 50.08 0.59
N ALA SB 57 1.39 49.81 -0.70
CA ALA SB 57 2.64 49.78 -1.46
C ALA SB 57 2.48 50.53 -2.77
N MET TB 7 -47.64 19.51 -19.59
CA MET TB 7 -47.63 20.93 -19.22
C MET TB 7 -48.53 21.78 -20.09
N THR TB 8 -48.70 23.05 -19.72
CA THR TB 8 -49.51 24.00 -20.46
C THR TB 8 -48.71 25.28 -20.66
N GLU TB 9 -49.31 26.24 -21.36
CA GLU TB 9 -48.77 27.59 -21.43
C GLU TB 9 -49.21 28.42 -20.24
N ASP TB 10 -50.16 27.93 -19.45
CA ASP TB 10 -50.62 28.63 -18.27
C ASP TB 10 -50.01 28.08 -16.99
N GLU TB 11 -49.49 26.85 -17.02
CA GLU TB 11 -48.76 26.32 -15.88
C GLU TB 11 -47.31 26.79 -15.84
N ALA TB 12 -46.83 27.42 -16.91
CA ALA TB 12 -45.49 27.98 -16.93
C ALA TB 12 -45.47 29.49 -16.87
N ARG TB 13 -46.61 30.16 -17.02
CA ARG TB 13 -46.64 31.59 -16.78
C ARG TB 13 -46.96 31.93 -15.34
N ARG TB 14 -47.87 31.18 -14.70
CA ARG TB 14 -48.15 31.42 -13.30
C ARG TB 14 -46.98 31.01 -12.42
N PHE TB 15 -46.19 30.02 -12.84
CA PHE TB 15 -44.97 29.70 -12.13
C PHE TB 15 -43.88 30.74 -12.42
N HIS TB 16 -43.82 31.21 -13.67
CA HIS TB 16 -42.85 32.24 -14.02
C HIS TB 16 -43.06 33.50 -13.19
N GLY TB 17 -44.31 33.87 -12.94
CA GLY TB 17 -44.57 35.04 -12.13
C GLY TB 17 -43.99 34.94 -10.74
N TYR TB 18 -44.26 33.82 -10.05
CA TYR TB 18 -43.76 33.65 -8.70
C TYR TB 18 -42.24 33.49 -8.68
N PHE TB 19 -41.66 32.82 -9.67
CA PHE TB 19 -40.21 32.69 -9.72
C PHE TB 19 -39.53 34.04 -9.95
N VAL TB 20 -40.10 34.87 -10.83
CA VAL TB 20 -39.55 36.20 -11.06
C VAL TB 20 -39.68 37.06 -9.81
N THR TB 21 -40.82 36.98 -9.12
CA THR TB 21 -40.99 37.77 -7.91
C THR TB 21 -40.05 37.28 -6.80
N GLY TB 22 -39.81 35.98 -6.72
CA GLY TB 22 -38.86 35.48 -5.74
C GLY TB 22 -37.45 35.96 -6.00
N THR TB 23 -37.01 35.91 -7.26
CA THR TB 23 -35.69 36.44 -7.59
C THR TB 23 -35.61 37.95 -7.35
N LEU TB 24 -36.64 38.69 -7.77
CA LEU TB 24 -36.85 40.07 -7.37
C LEU TB 24 -36.53 40.31 -5.91
N GLY TB 25 -37.33 39.69 -5.04
CA GLY TB 25 -37.24 39.97 -3.63
C GLY TB 25 -35.90 39.58 -3.05
N TYR TB 26 -35.37 38.44 -3.47
CA TYR TB 26 -34.10 37.99 -2.93
C TYR TB 26 -32.98 38.97 -3.28
N ILE TB 27 -32.97 39.46 -4.52
CA ILE TB 27 -31.93 40.42 -4.91
C ILE TB 27 -32.09 41.75 -4.16
N ILE TB 28 -33.32 42.21 -3.98
CA ILE TB 28 -33.51 43.46 -3.25
C ILE TB 28 -33.08 43.33 -1.80
N VAL TB 29 -33.40 42.20 -1.17
CA VAL TB 29 -33.03 42.01 0.23
C VAL TB 29 -31.51 41.89 0.36
N ALA TB 30 -30.86 41.24 -0.61
CA ALA TB 30 -29.40 41.23 -0.62
C ALA TB 30 -28.82 42.62 -0.81
N ALA TB 31 -29.47 43.46 -1.61
CA ALA TB 31 -29.00 44.84 -1.77
C ALA TB 31 -29.09 45.61 -0.47
N VAL TB 32 -30.17 45.43 0.28
CA VAL TB 32 -30.27 46.09 1.59
C VAL TB 32 -29.22 45.56 2.55
N ALA TB 33 -28.95 44.25 2.52
CA ALA TB 33 -27.90 43.69 3.36
C ALA TB 33 -26.54 44.29 3.02
N HIS TB 34 -26.26 44.44 1.72
CA HIS TB 34 -24.98 45.03 1.30
C HIS TB 34 -24.90 46.50 1.70
N PHE TB 35 -26.01 47.22 1.64
CA PHE TB 35 -26.03 48.60 2.10
C PHE TB 35 -25.71 48.70 3.59
N LEU TB 36 -26.30 47.83 4.40
CA LEU TB 36 -26.02 47.83 5.83
C LEU TB 36 -24.56 47.48 6.12
N ALA TB 37 -24.04 46.46 5.44
CA ALA TB 37 -22.64 46.10 5.61
C ALA TB 37 -21.70 47.20 5.16
N TRP TB 38 -22.11 47.99 4.16
CA TRP TB 38 -21.31 49.13 3.74
C TRP TB 38 -21.31 50.20 4.82
N GLN TB 39 -22.47 50.43 5.46
CA GLN TB 39 -22.51 51.38 6.57
C GLN TB 39 -21.59 50.94 7.70
N TRP TB 40 -21.54 49.64 7.98
CA TRP TB 40 -20.73 49.15 9.09
C TRP TB 40 -19.24 49.21 8.77
N ARG TB 41 -18.84 48.73 7.61
CA ARG TB 41 -17.41 48.65 7.26
C ARG TB 41 -17.22 48.60 5.75
N PRO TB 42 -17.07 49.74 5.08
CA PRO TB 42 -16.96 49.73 3.62
C PRO TB 42 -15.68 49.05 3.14
N TRP TB 43 -15.78 48.39 1.99
CA TRP TB 43 -14.66 47.64 1.45
C TRP TB 43 -13.98 48.33 0.28
N PHE TB 44 -14.42 49.52 -0.10
CA PHE TB 44 -13.73 50.29 -1.12
C PHE TB 44 -13.34 51.68 -0.59
N HIS UB 2 -30.68 30.43 -35.72
CA HIS UB 2 -29.61 30.76 -36.66
C HIS UB 2 -29.03 29.49 -37.27
N ARG UB 3 -29.81 28.41 -37.20
CA ARG UB 3 -29.47 27.08 -37.72
C ARG UB 3 -28.28 26.46 -37.00
N ILE UB 4 -27.65 27.18 -36.07
CA ILE UB 4 -26.71 26.53 -35.17
C ILE UB 4 -27.46 25.78 -34.07
N TRP UB 5 -28.71 26.15 -33.79
CA TRP UB 5 -29.53 25.42 -32.85
C TRP UB 5 -30.09 24.13 -33.43
N LEU UB 6 -30.15 24.03 -34.75
CA LEU UB 6 -30.53 22.76 -35.37
C LEU UB 6 -29.42 21.72 -35.20
N MET UB 7 -28.17 22.13 -35.36
CA MET UB 7 -27.04 21.23 -35.22
C MET UB 7 -26.53 21.13 -33.78
N PHE UB 8 -26.89 22.06 -32.91
CA PHE UB 8 -26.48 22.04 -31.52
C PHE UB 8 -27.69 22.17 -30.62
N ASP UB 9 -27.86 21.23 -29.70
CA ASP UB 9 -28.99 21.25 -28.79
C ASP UB 9 -28.92 22.47 -27.89
N PRO UB 10 -29.98 23.28 -27.80
CA PRO UB 10 -29.95 24.42 -26.87
C PRO UB 10 -29.72 24.03 -25.42
N ARG UB 11 -30.25 22.89 -24.95
CA ARG UB 11 -30.02 22.48 -23.58
C ARG UB 11 -28.54 22.23 -23.32
N ARG UB 12 -27.92 21.39 -24.16
CA ARG UB 12 -26.51 21.07 -23.97
C ARG UB 12 -25.64 22.31 -24.09
N VAL UB 13 -25.92 23.16 -25.09
CA VAL UB 13 -25.12 24.36 -25.29
C VAL UB 13 -25.24 25.29 -24.10
N MET UB 14 -26.45 25.51 -23.62
CA MET UB 14 -26.64 26.46 -22.52
C MET UB 14 -26.06 25.92 -21.22
N VAL UB 15 -26.17 24.61 -20.97
CA VAL UB 15 -25.58 24.04 -19.77
C VAL UB 15 -24.06 24.15 -19.81
N ALA UB 16 -23.46 23.83 -20.96
CA ALA UB 16 -22.02 23.97 -21.10
C ALA UB 16 -21.58 25.42 -20.95
N MET UB 17 -22.35 26.35 -21.52
CA MET UB 17 -22.01 27.76 -21.42
C MET UB 17 -22.10 28.25 -19.98
N VAL UB 18 -23.13 27.87 -19.25
CA VAL UB 18 -23.27 28.29 -17.86
C VAL UB 18 -22.14 27.73 -17.01
N GLY UB 19 -21.82 26.44 -17.20
CA GLY UB 19 -20.72 25.86 -16.45
C GLY UB 19 -19.39 26.53 -16.76
N PHE UB 20 -19.11 26.75 -18.05
CA PHE UB 20 -17.87 27.40 -18.44
C PHE UB 20 -17.79 28.81 -17.88
N LEU UB 21 -18.90 29.55 -17.94
CA LEU UB 21 -18.89 30.93 -17.46
C LEU UB 21 -18.68 30.99 -15.97
N ALA UB 22 -19.35 30.13 -15.21
CA ALA UB 22 -19.16 30.10 -13.76
C ALA UB 22 -17.73 29.72 -13.40
N VAL UB 23 -17.17 28.71 -14.06
CA VAL UB 23 -15.81 28.30 -13.75
C VAL UB 23 -14.83 29.42 -14.08
N LEU UB 24 -15.00 30.06 -15.24
CA LEU UB 24 -14.11 31.15 -15.62
C LEU UB 24 -14.20 32.32 -14.65
N ALA UB 25 -15.42 32.69 -14.24
CA ALA UB 25 -15.57 33.79 -13.30
C ALA UB 25 -14.93 33.47 -11.95
N LEU UB 26 -15.12 32.24 -11.46
CA LEU UB 26 -14.49 31.86 -10.19
C LEU UB 26 -12.98 31.87 -10.32
N VAL UB 27 -12.45 31.38 -11.44
CA VAL UB 27 -11.00 31.34 -11.63
C VAL UB 27 -10.43 32.76 -11.66
N ILE UB 28 -11.09 33.67 -12.38
CA ILE UB 28 -10.59 35.03 -12.48
C ILE UB 28 -10.67 35.74 -11.12
N HIS UB 29 -11.79 35.59 -10.41
CA HIS UB 29 -11.91 36.22 -9.11
C HIS UB 29 -10.86 35.67 -8.14
N PHE UB 30 -10.61 34.36 -8.17
CA PHE UB 30 -9.60 33.78 -7.30
C PHE UB 30 -8.19 34.24 -7.67
N ILE UB 31 -7.89 34.35 -8.96
CA ILE UB 31 -6.58 34.82 -9.39
C ILE UB 31 -6.36 36.24 -8.91
N LEU UB 32 -7.37 37.10 -9.06
CA LEU UB 32 -7.27 38.47 -8.55
C LEU UB 32 -7.11 38.49 -7.04
N LEU UB 33 -7.83 37.64 -6.33
CA LEU UB 33 -7.77 37.62 -4.87
C LEU UB 33 -6.43 37.13 -4.36
N SER UB 34 -5.76 36.26 -5.12
CA SER UB 34 -4.45 35.75 -4.73
C SER UB 34 -3.31 36.69 -5.08
N SER UB 35 -3.58 37.77 -5.81
CA SER UB 35 -2.55 38.70 -6.21
C SER UB 35 -2.28 39.72 -5.11
N GLN UB 36 -1.26 40.55 -5.33
CA GLN UB 36 -0.92 41.61 -4.39
C GLN UB 36 -1.67 42.90 -4.70
N ARG UB 37 -1.83 43.23 -5.98
CA ARG UB 37 -2.44 44.50 -6.37
C ARG UB 37 -3.96 44.49 -6.18
N TYR UB 38 -4.61 43.34 -6.38
CA TYR UB 38 -6.06 43.28 -6.41
C TYR UB 38 -6.62 42.36 -5.33
N SER UB 39 -5.97 42.27 -4.18
CA SER UB 39 -6.50 41.51 -3.05
C SER UB 39 -7.52 42.37 -2.31
N TRP UB 40 -8.69 42.53 -2.94
CA TRP UB 40 -9.61 43.59 -2.58
C TRP UB 40 -10.24 43.41 -1.21
N ILE UB 41 -10.29 42.19 -0.67
CA ILE UB 41 -10.87 42.01 0.67
C ILE UB 41 -10.05 42.78 1.70
N GLU UB 42 -8.73 42.73 1.60
CA GLU UB 42 -7.88 43.43 2.54
C GLU UB 42 -7.55 44.86 2.10
N ASN UB 43 -7.08 45.06 0.88
CA ASN UB 43 -6.56 46.35 0.46
C ASN UB 43 -7.53 47.13 -0.43
N GLY UB 44 -8.82 46.79 -0.40
CA GLY UB 44 -9.75 47.41 -1.31
C GLY UB 44 -9.96 48.89 -1.06
N THR UB 45 -9.72 49.35 0.16
CA THR UB 45 -9.91 50.75 0.51
C THR UB 45 -8.72 51.63 0.13
N LEU UB 46 -7.61 51.05 -0.32
CA LEU UB 46 -6.50 51.84 -0.81
C LEU UB 46 -6.86 52.54 -2.10
N SER UB 47 -6.33 53.75 -2.27
CA SER UB 47 -6.52 54.46 -3.52
C SER UB 47 -5.61 53.87 -4.59
N ALA UB 48 -5.81 54.32 -5.83
CA ALA UB 48 -5.07 53.74 -6.94
C ALA UB 48 -3.58 54.04 -6.84
N ALA UB 49 -3.22 55.14 -6.18
CA ALA UB 49 -1.81 55.50 -6.05
C ALA UB 49 -1.15 54.73 -4.91
N GLN UB 50 -1.93 54.25 -3.94
CA GLN UB 50 -1.38 53.44 -2.86
C GLN UB 50 -1.40 51.95 -3.14
N ALA UB 51 -2.00 51.53 -4.25
CA ALA UB 51 -2.10 50.10 -4.53
C ALA UB 51 -0.73 49.55 -4.91
N PRO UB 52 -0.43 48.30 -4.55
CA PRO UB 52 0.86 47.70 -4.92
C PRO UB 52 1.04 47.64 -6.43
N VAL UB 53 2.29 47.83 -6.86
CA VAL UB 53 2.68 47.70 -8.26
C VAL UB 53 3.85 46.73 -8.33
N GLY UB 54 3.87 45.89 -9.36
CA GLY UB 54 4.95 44.95 -9.53
C GLY UB 54 6.27 45.64 -9.80
N ALA UB 55 7.35 44.92 -9.50
CA ALA UB 55 8.69 45.48 -9.58
C ALA UB 55 9.02 45.91 -11.00
N SER UB 56 9.65 47.07 -11.12
CA SER UB 56 10.04 47.64 -12.40
C SER UB 56 11.46 47.20 -12.77
N ALA UB 57 11.87 47.55 -13.98
CA ALA UB 57 13.22 47.23 -14.46
C ALA UB 57 14.28 47.99 -13.67
N MET VB 7 -36.15 21.93 -32.60
CA MET VB 7 -36.72 20.87 -33.42
C MET VB 7 -37.03 21.37 -34.82
N THR VB 8 -37.62 22.55 -34.92
CA THR VB 8 -38.01 23.14 -36.20
C THR VB 8 -37.28 24.46 -36.42
N GLU VB 9 -37.58 25.11 -37.54
CA GLU VB 9 -36.95 26.38 -37.87
C GLU VB 9 -37.51 27.53 -37.06
N ASP VB 10 -38.84 27.56 -36.87
CA ASP VB 10 -39.46 28.64 -36.10
C ASP VB 10 -38.98 28.61 -34.66
N GLU VB 11 -38.86 27.42 -34.07
CA GLU VB 11 -38.35 27.31 -32.72
C GLU VB 11 -36.94 27.88 -32.62
N ALA VB 12 -36.09 27.60 -33.63
CA ALA VB 12 -34.74 28.12 -33.63
C ALA VB 12 -34.73 29.64 -33.73
N ARG VB 13 -35.55 30.21 -34.62
CA ARG VB 13 -35.66 31.67 -34.70
C ARG VB 13 -36.04 32.26 -33.35
N ARG VB 14 -37.10 31.72 -32.74
CA ARG VB 14 -37.60 32.27 -31.47
C ARG VB 14 -36.56 32.16 -30.38
N PHE VB 15 -35.88 31.01 -30.28
CA PHE VB 15 -34.90 30.84 -29.22
C PHE VB 15 -33.68 31.72 -29.46
N HIS VB 16 -33.29 31.89 -30.73
CA HIS VB 16 -32.14 32.73 -31.03
C HIS VB 16 -32.38 34.18 -30.66
N GLY VB 17 -33.61 34.68 -30.85
CA GLY VB 17 -33.91 36.03 -30.43
C GLY VB 17 -33.59 36.27 -28.96
N TYR VB 18 -34.13 35.44 -28.07
CA TYR VB 18 -33.91 35.61 -26.64
C TYR VB 18 -32.47 35.30 -26.25
N PHE VB 19 -31.83 34.33 -26.91
CA PHE VB 19 -30.44 34.06 -26.62
C PHE VB 19 -29.56 35.26 -26.93
N VAL VB 20 -29.80 35.92 -28.07
CA VAL VB 20 -29.04 37.10 -28.42
C VAL VB 20 -29.30 38.22 -27.43
N THR VB 21 -30.56 38.43 -27.05
CA THR VB 21 -30.86 39.49 -26.09
C THR VB 21 -30.19 39.24 -24.74
N GLY VB 22 -30.27 38.01 -24.24
CA GLY VB 22 -29.65 37.70 -22.96
C GLY VB 22 -28.13 37.78 -23.00
N THR VB 23 -27.53 37.34 -24.12
CA THR VB 23 -26.08 37.45 -24.26
C THR VB 23 -25.64 38.91 -24.26
N LEU VB 24 -26.36 39.77 -25.00
CA LEU VB 24 -26.03 41.17 -25.00
C LEU VB 24 -26.14 41.77 -23.61
N GLY VB 25 -27.24 41.49 -22.91
CA GLY VB 25 -27.41 42.01 -21.57
C GLY VB 25 -26.30 41.59 -20.62
N TYR VB 26 -25.93 40.30 -20.66
CA TYR VB 26 -24.86 39.82 -19.81
C TYR VB 26 -23.54 40.52 -20.15
N ILE VB 27 -23.23 40.58 -21.44
CA ILE VB 27 -21.97 41.24 -21.92
C ILE VB 27 -22.02 42.74 -21.61
N ILE VB 28 -23.21 43.31 -21.52
CA ILE VB 28 -23.34 44.77 -21.24
C ILE VB 28 -23.14 45.01 -19.74
N VAL VB 29 -23.73 44.17 -18.90
CA VAL VB 29 -23.55 44.32 -17.43
C VAL VB 29 -22.06 44.15 -17.15
N ALA VB 30 -21.38 43.27 -17.89
CA ALA VB 30 -19.97 43.08 -17.62
C ALA VB 30 -19.11 44.25 -18.09
N ALA VB 31 -19.50 44.90 -19.18
CA ALA VB 31 -18.79 46.12 -19.61
C ALA VB 31 -18.87 47.21 -18.54
N VAL VB 32 -20.04 47.42 -17.95
CA VAL VB 32 -20.18 48.41 -16.88
C VAL VB 32 -19.34 48.01 -15.68
N ALA VB 33 -19.34 46.71 -15.34
CA ALA VB 33 -18.51 46.25 -14.22
C ALA VB 33 -17.03 46.54 -14.48
N HIS VB 34 -16.57 46.28 -15.70
CA HIS VB 34 -15.16 46.53 -16.03
C HIS VB 34 -14.83 48.01 -15.99
N PHE VB 35 -15.75 48.87 -16.44
CA PHE VB 35 -15.51 50.30 -16.36
C PHE VB 35 -15.43 50.79 -14.92
N LEU VB 36 -16.31 50.27 -14.05
CA LEU VB 36 -16.25 50.61 -12.64
C LEU VB 36 -14.92 50.18 -12.03
N ALA VB 37 -14.47 48.96 -12.36
CA ALA VB 37 -13.19 48.49 -11.84
C ALA VB 37 -12.03 49.33 -12.37
N TRP VB 38 -12.12 49.79 -13.62
CA TRP VB 38 -11.07 50.66 -14.16
C TRP VB 38 -11.01 51.98 -13.43
N GLN VB 39 -12.17 52.57 -13.11
CA GLN VB 39 -12.16 53.79 -12.32
C GLN VB 39 -11.54 53.55 -10.94
N TRP VB 40 -11.86 52.42 -10.32
CA TRP VB 40 -11.34 52.15 -8.98
C TRP VB 40 -9.84 51.88 -8.99
N ARG VB 41 -9.37 51.01 -9.87
CA ARG VB 41 -7.97 50.60 -9.89
C ARG VB 41 -7.57 50.10 -11.27
N PRO VB 42 -7.09 50.98 -12.16
CA PRO VB 42 -6.78 50.55 -13.53
C PRO VB 42 -5.63 49.57 -13.58
N TRP VB 43 -5.70 48.64 -14.53
CA TRP VB 43 -4.69 47.61 -14.65
C TRP VB 43 -3.69 47.87 -15.77
N PHE VB 44 -3.84 48.95 -16.52
CA PHE VB 44 -2.86 49.34 -17.51
C PHE VB 44 -2.32 50.73 -17.19
N MET WB 1 -13.91 22.62 -52.15
CA MET WB 1 -13.39 22.99 -50.83
C MET WB 1 -14.44 22.74 -49.76
N HIS WB 2 -15.69 23.12 -50.04
CA HIS WB 2 -16.79 22.80 -49.15
C HIS WB 2 -16.98 21.30 -48.99
N ARG WB 3 -16.53 20.51 -49.97
CA ARG WB 3 -16.68 19.06 -49.94
C ARG WB 3 -15.97 18.42 -48.75
N ILE WB 4 -15.05 19.13 -48.10
CA ILE WB 4 -14.42 18.59 -46.89
C ILE WB 4 -15.47 18.30 -45.84
N TRP WB 5 -16.57 19.06 -45.83
CA TRP WB 5 -17.63 18.82 -44.85
C TRP WB 5 -18.44 17.58 -45.15
N LEU WB 6 -18.24 16.96 -46.31
CA LEU WB 6 -18.78 15.62 -46.54
C LEU WB 6 -17.84 14.54 -46.05
N MET WB 7 -16.58 14.87 -45.78
CA MET WB 7 -15.62 13.91 -45.26
C MET WB 7 -15.53 13.98 -43.74
N PHE WB 8 -15.75 15.15 -43.17
CA PHE WB 8 -15.64 15.38 -41.73
C PHE WB 8 -16.92 16.00 -41.22
N ASP WB 9 -17.45 15.44 -40.16
CA ASP WB 9 -18.69 15.95 -39.57
C ASP WB 9 -18.47 17.38 -39.07
N PRO WB 10 -19.26 18.35 -39.51
CA PRO WB 10 -19.08 19.72 -39.01
C PRO WB 10 -19.23 19.83 -37.50
N ARG WB 11 -20.13 19.06 -36.90
CA ARG WB 11 -20.35 19.13 -35.46
C ARG WB 11 -19.09 18.73 -34.70
N ARG WB 12 -18.50 17.59 -35.05
CA ARG WB 12 -17.29 17.12 -34.40
C ARG WB 12 -16.13 18.10 -34.62
N VAL WB 13 -16.01 18.60 -35.85
CA VAL WB 13 -14.91 19.52 -36.16
C VAL WB 13 -15.03 20.80 -35.35
N MET WB 14 -16.25 21.36 -35.24
CA MET WB 14 -16.42 22.58 -34.46
C MET WB 14 -16.15 22.34 -32.99
N VAL WB 15 -16.61 21.22 -32.45
CA VAL WB 15 -16.36 20.96 -31.02
C VAL WB 15 -14.86 20.81 -30.76
N ALA WB 16 -14.17 20.04 -31.59
CA ALA WB 16 -12.73 19.86 -31.42
C ALA WB 16 -11.98 21.18 -31.59
N MET WB 17 -12.37 21.98 -32.59
CA MET WB 17 -11.73 23.27 -32.83
C MET WB 17 -11.91 24.21 -31.65
N VAL WB 18 -13.13 24.27 -31.10
CA VAL WB 18 -13.39 25.15 -29.96
C VAL WB 18 -12.58 24.71 -28.76
N GLY WB 19 -12.55 23.40 -28.49
CA GLY WB 19 -11.74 22.92 -27.38
C GLY WB 19 -10.27 23.25 -27.53
N PHE WB 20 -9.72 23.01 -28.72
CA PHE WB 20 -8.31 23.32 -28.97
C PHE WB 20 -8.04 24.81 -28.81
N LEU WB 21 -8.91 25.65 -29.35
CA LEU WB 21 -8.70 27.09 -29.29
C LEU WB 21 -8.75 27.60 -27.85
N ALA WB 22 -9.70 27.08 -27.06
CA ALA WB 22 -9.77 27.48 -25.66
C ALA WB 22 -8.53 27.04 -24.90
N VAL WB 23 -8.05 25.81 -25.14
CA VAL WB 23 -6.86 25.35 -24.45
C VAL WB 23 -5.65 26.19 -24.84
N LEU WB 24 -5.51 26.50 -26.13
CA LEU WB 24 -4.39 27.31 -26.58
C LEU WB 24 -4.43 28.71 -25.97
N ALA WB 25 -5.61 29.33 -25.95
CA ALA WB 25 -5.73 30.67 -25.37
C ALA WB 25 -5.38 30.66 -23.89
N LEU WB 26 -5.90 29.68 -23.15
CA LEU WB 26 -5.58 29.61 -21.72
C LEU WB 26 -4.09 29.38 -21.50
N VAL WB 27 -3.47 28.52 -22.31
CA VAL WB 27 -2.04 28.25 -22.15
C VAL WB 27 -1.22 29.50 -22.43
N ILE WB 28 -1.56 30.24 -23.48
CA ILE WB 28 -0.80 31.45 -23.81
C ILE WB 28 -0.98 32.51 -22.73
N HIS WB 29 -2.22 32.72 -22.27
CA HIS WB 29 -2.45 33.70 -21.20
C HIS WB 29 -1.69 33.32 -19.94
N PHE WB 30 -1.67 32.03 -19.59
CA PHE WB 30 -0.97 31.60 -18.40
C PHE WB 30 0.54 31.73 -18.53
N ILE WB 31 1.09 31.41 -19.71
CA ILE WB 31 2.52 31.58 -19.93
C ILE WB 31 2.90 33.05 -19.79
N LEU WB 32 2.09 33.93 -20.35
CA LEU WB 32 2.36 35.36 -20.22
C LEU WB 32 2.26 35.81 -18.76
N LEU WB 33 1.26 35.30 -18.03
CA LEU WB 33 1.08 35.71 -16.64
C LEU WB 33 2.20 35.21 -15.75
N SER WB 34 2.80 34.06 -16.07
CA SER WB 34 3.92 33.54 -15.29
C SER WB 34 5.24 34.24 -15.59
N SER WB 35 5.32 35.01 -16.66
CA SER WB 35 6.57 35.67 -17.04
C SER WB 35 6.81 36.89 -16.18
N GLN WB 36 8.01 37.47 -16.33
CA GLN WB 36 8.34 38.71 -15.64
C GLN WB 36 7.85 39.92 -16.41
N ARG WB 37 8.11 39.96 -17.72
CA ARG WB 37 7.80 41.12 -18.53
C ARG WB 37 6.30 41.32 -18.71
N TYR WB 38 5.51 40.25 -18.75
CA TYR WB 38 4.11 40.34 -19.10
C TYR WB 38 3.17 39.83 -18.01
N SER WB 39 3.58 39.95 -16.75
CA SER WB 39 2.71 39.60 -15.62
C SER WB 39 1.77 40.77 -15.35
N TRP WB 40 0.82 40.96 -16.26
CA TRP WB 40 0.07 42.21 -16.37
C TRP WB 40 -0.79 42.51 -15.14
N ILE WB 41 -1.16 41.50 -14.37
CA ILE WB 41 -2.01 41.75 -13.21
C ILE WB 41 -1.28 42.58 -12.17
N GLU WB 42 0.02 42.35 -12.01
CA GLU WB 42 0.80 43.11 -11.05
C GLU WB 42 1.47 44.34 -11.65
N ASN WB 43 2.11 44.19 -12.81
CA ASN WB 43 2.96 45.25 -13.36
C ASN WB 43 2.39 45.84 -14.65
N GLY WB 44 1.09 45.66 -14.92
CA GLY WB 44 0.52 46.13 -16.16
C GLY WB 44 0.50 47.64 -16.32
N THR WB 45 0.65 48.37 -15.22
CA THR WB 45 0.63 49.83 -15.26
C THR WB 45 1.98 50.45 -15.60
N LEU WB 46 3.04 49.66 -15.61
CA LEU WB 46 4.35 50.17 -16.03
C LEU WB 46 4.34 50.56 -17.49
N SER WB 47 5.15 51.57 -17.82
CA SER WB 47 5.35 51.93 -19.22
C SER WB 47 6.25 50.91 -19.89
N ALA WB 48 6.31 50.97 -21.22
CA ALA WB 48 7.09 49.98 -21.97
C ALA WB 48 8.57 50.10 -21.67
N ALA WB 49 9.03 51.26 -21.24
CA ALA WB 49 10.43 51.43 -20.87
C ALA WB 49 10.71 51.01 -19.43
N GLN WB 50 9.68 50.85 -18.61
CA GLN WB 50 9.83 50.36 -17.25
C GLN WB 50 9.64 48.86 -17.13
N ALA WB 51 9.08 48.21 -18.15
CA ALA WB 51 8.81 46.79 -18.08
C ALA WB 51 10.12 46.00 -18.06
N PRO WB 52 10.14 44.86 -17.37
CA PRO WB 52 11.37 44.06 -17.30
C PRO WB 52 11.80 43.55 -18.67
N VAL WB 53 13.12 43.42 -18.83
CA VAL WB 53 13.73 42.89 -20.04
C VAL WB 53 14.73 41.82 -19.62
N GLY WB 54 14.83 40.76 -20.41
CA GLY WB 54 15.77 39.69 -20.11
C GLY WB 54 17.21 40.15 -20.22
N ALA WB 55 18.10 39.39 -19.58
CA ALA WB 55 19.50 39.77 -19.48
C ALA WB 55 20.16 39.80 -20.85
N SER WB 56 20.89 40.88 -21.12
CA SER WB 56 21.55 41.08 -22.40
C SER WB 56 22.92 40.40 -22.43
N MET XB 7 -25.03 14.63 -45.45
CA MET XB 7 -25.41 15.95 -45.96
C MET XB 7 -25.32 15.98 -47.49
N THR XB 8 -25.91 17.01 -48.08
CA THR XB 8 -25.82 17.22 -49.51
C THR XB 8 -24.76 18.26 -49.81
N GLU XB 9 -24.47 18.44 -51.10
CA GLU XB 9 -23.42 19.37 -51.51
C GLU XB 9 -23.80 20.82 -51.17
N ASP XB 10 -25.08 21.17 -51.33
CA ASP XB 10 -25.47 22.56 -51.09
C ASP XB 10 -25.51 22.88 -49.59
N GLU XB 11 -25.87 21.90 -48.76
CA GLU XB 11 -25.78 22.08 -47.32
C GLU XB 11 -24.33 22.36 -46.90
N ALA XB 12 -23.39 21.58 -47.45
CA ALA XB 12 -21.99 21.81 -47.17
C ALA XB 12 -21.51 23.13 -47.75
N ARG XB 13 -22.06 23.55 -48.88
CA ARG XB 13 -21.74 24.86 -49.43
C ARG XB 13 -22.12 25.97 -48.45
N ARG XB 14 -23.33 25.93 -47.94
CA ARG XB 14 -23.78 26.98 -47.03
C ARG XB 14 -23.02 26.96 -45.72
N PHE XB 15 -22.80 25.77 -45.14
CA PHE XB 15 -22.01 25.70 -43.92
C PHE XB 15 -20.59 26.19 -44.16
N HIS XB 16 -20.00 25.86 -45.31
CA HIS XB 16 -18.65 26.31 -45.62
C HIS XB 16 -18.59 27.83 -45.71
N GLY XB 17 -19.57 28.45 -46.34
CA GLY XB 17 -19.58 29.91 -46.40
C GLY XB 17 -19.60 30.52 -45.01
N TYR XB 18 -20.50 30.02 -44.15
CA TYR XB 18 -20.58 30.56 -42.80
C TYR XB 18 -19.29 30.32 -42.02
N PHE XB 19 -18.71 29.13 -42.14
CA PHE XB 19 -17.49 28.79 -41.40
C PHE XB 19 -16.31 29.63 -41.87
N VAL XB 20 -16.18 29.85 -43.18
CA VAL XB 20 -15.09 30.67 -43.69
C VAL XB 20 -15.22 32.10 -43.21
N THR XB 21 -16.43 32.66 -43.26
CA THR XB 21 -16.62 34.02 -42.79
C THR XB 21 -16.30 34.14 -41.30
N GLY XB 22 -16.76 33.17 -40.49
CA GLY XB 22 -16.48 33.21 -39.07
C GLY XB 22 -14.99 33.11 -38.76
N THR XB 23 -14.30 32.19 -39.43
CA THR XB 23 -12.87 32.03 -39.21
C THR XB 23 -12.10 33.31 -39.54
N LEU XB 24 -12.40 33.90 -40.70
CA LEU XB 24 -11.67 35.11 -41.09
C LEU XB 24 -11.98 36.28 -40.17
N GLY XB 25 -13.23 36.42 -39.74
CA GLY XB 25 -13.55 37.45 -38.78
C GLY XB 25 -12.83 37.26 -37.46
N TYR XB 26 -12.74 36.02 -37.00
CA TYR XB 26 -11.99 35.73 -35.78
C TYR XB 26 -10.52 36.12 -35.91
N ILE XB 27 -9.91 35.81 -37.06
CA ILE XB 27 -8.52 36.16 -37.27
C ILE XB 27 -8.34 37.67 -37.25
N ILE XB 28 -9.25 38.42 -37.88
CA ILE XB 28 -9.13 39.88 -37.88
C ILE XB 28 -9.25 40.44 -36.47
N VAL XB 29 -10.20 39.95 -35.68
CA VAL XB 29 -10.37 40.46 -34.32
C VAL XB 29 -9.13 40.16 -33.48
N ALA XB 30 -8.56 38.96 -33.64
CA ALA XB 30 -7.32 38.63 -32.93
C ALA XB 30 -6.17 39.52 -33.38
N ALA XB 31 -6.11 39.85 -34.67
CA ALA XB 31 -5.07 40.75 -35.18
C ALA XB 31 -5.18 42.13 -34.55
N VAL XB 32 -6.40 42.65 -34.42
CA VAL XB 32 -6.58 43.94 -33.76
C VAL XB 32 -6.19 43.88 -32.29
N ALA XB 33 -6.52 42.77 -31.62
CA ALA XB 33 -6.09 42.60 -30.24
C ALA XB 33 -4.56 42.62 -30.13
N HIS XB 34 -3.89 41.98 -31.07
CA HIS XB 34 -2.43 42.00 -31.08
C HIS XB 34 -1.88 43.39 -31.36
N PHE XB 35 -2.53 44.15 -32.23
CA PHE XB 35 -2.10 45.53 -32.48
C PHE XB 35 -2.20 46.37 -31.21
N LEU XB 36 -3.30 46.22 -30.47
CA LEU XB 36 -3.44 46.93 -29.20
C LEU XB 36 -2.36 46.52 -28.21
N ALA XB 37 -2.13 45.22 -28.07
CA ALA XB 37 -1.10 44.74 -27.16
C ALA XB 37 0.29 45.23 -27.57
N TRP XB 38 0.52 45.40 -28.87
CA TRP XB 38 1.78 45.97 -29.33
C TRP XB 38 1.91 47.43 -28.93
N GLN XB 39 0.80 48.18 -29.02
CA GLN XB 39 0.83 49.57 -28.54
C GLN XB 39 1.15 49.63 -27.05
N TRP XB 40 0.61 48.70 -26.27
CA TRP XB 40 0.84 48.73 -24.82
C TRP XB 40 2.27 48.32 -24.47
N ARG XB 41 2.75 47.20 -25.01
CA ARG XB 41 4.05 46.66 -24.61
C ARG XB 41 4.63 45.78 -25.71
N PRO XB 42 5.44 46.33 -26.61
CA PRO XB 42 5.97 45.52 -27.72
C PRO XB 42 6.87 44.39 -27.23
N TRP XB 43 6.81 43.26 -27.92
CA TRP XB 43 7.60 42.10 -27.55
C TRP XB 43 8.82 41.90 -28.44
N PHE XB 44 9.01 42.74 -29.46
CA PHE XB 44 10.23 42.71 -30.26
C PHE XB 44 10.91 44.06 -30.22
N HIS YB 2 -4.04 11.19 -55.41
CA HIS YB 2 -3.03 10.20 -55.68
C HIS YB 2 -3.45 8.85 -55.15
N ARG YB 3 -2.81 7.80 -55.65
CA ARG YB 3 -3.09 6.45 -55.20
C ARG YB 3 -2.74 6.25 -53.74
N ILE YB 4 -1.93 7.13 -53.16
CA ILE YB 4 -1.62 7.04 -51.74
C ILE YB 4 -2.89 7.17 -50.91
N TRP YB 5 -3.90 7.87 -51.44
CA TRP YB 5 -5.17 8.00 -50.74
C TRP YB 5 -6.06 6.78 -50.89
N LEU YB 6 -5.73 5.87 -51.81
CA LEU YB 6 -6.49 4.62 -51.87
C LEU YB 6 -5.99 3.64 -50.80
N MET YB 7 -4.69 3.61 -50.53
CA MET YB 7 -4.19 2.74 -49.48
C MET YB 7 -4.46 3.32 -48.10
N PHE YB 8 -4.34 4.63 -47.95
CA PHE YB 8 -4.55 5.31 -46.67
C PHE YB 8 -5.79 6.19 -46.78
N ASP YB 9 -6.76 5.95 -45.91
CA ASP YB 9 -7.95 6.78 -45.87
C ASP YB 9 -7.58 8.18 -45.43
N PRO YB 10 -7.95 9.22 -46.20
CA PRO YB 10 -7.62 10.59 -45.79
C PRO YB 10 -8.16 10.96 -44.41
N ARG YB 11 -9.27 10.36 -44.00
CA ARG YB 11 -9.87 10.70 -42.71
C ARG YB 11 -8.92 10.42 -41.56
N ARG YB 12 -8.23 9.27 -41.59
CA ARG YB 12 -7.37 8.89 -40.47
C ARG YB 12 -6.01 9.57 -40.56
N VAL YB 13 -5.46 9.68 -41.78
CA VAL YB 13 -4.14 10.27 -41.94
C VAL YB 13 -4.19 11.77 -41.67
N MET YB 14 -5.33 12.42 -41.92
CA MET YB 14 -5.45 13.84 -41.59
C MET YB 14 -5.32 14.07 -40.09
N VAL YB 15 -5.98 13.24 -39.28
CA VAL YB 15 -5.89 13.40 -37.83
C VAL YB 15 -4.48 13.09 -37.34
N ALA YB 16 -3.87 12.03 -37.88
CA ALA YB 16 -2.49 11.72 -37.49
C ALA YB 16 -1.54 12.85 -37.86
N MET YB 17 -1.72 13.43 -39.05
CA MET YB 17 -0.86 14.51 -39.51
C MET YB 17 -1.03 15.77 -38.67
N VAL YB 18 -2.28 16.13 -38.36
CA VAL YB 18 -2.53 17.29 -37.53
C VAL YB 18 -1.92 17.10 -36.15
N GLY YB 19 -2.07 15.91 -35.57
CA GLY YB 19 -1.47 15.67 -34.26
C GLY YB 19 0.05 15.75 -34.29
N PHE YB 20 0.66 15.19 -35.33
CA PHE YB 20 2.11 15.25 -35.43
C PHE YB 20 2.60 16.68 -35.58
N LEU YB 21 1.95 17.47 -36.44
CA LEU YB 21 2.36 18.86 -36.60
C LEU YB 21 2.15 19.67 -35.34
N ALA YB 22 1.05 19.42 -34.62
CA ALA YB 22 0.81 20.11 -33.36
C ALA YB 22 1.90 19.81 -32.35
N VAL YB 23 2.24 18.53 -32.17
CA VAL YB 23 3.24 18.18 -31.18
C VAL YB 23 4.60 18.72 -31.59
N LEU YB 24 4.92 18.73 -32.89
CA LEU YB 24 6.22 19.22 -33.33
C LEU YB 24 6.33 20.73 -33.12
N ALA YB 25 5.30 21.49 -33.50
CA ALA YB 25 5.34 22.93 -33.30
C ALA YB 25 5.41 23.29 -31.83
N LEU YB 26 4.64 22.59 -30.99
CA LEU YB 26 4.71 22.86 -29.56
C LEU YB 26 6.09 22.54 -29.00
N VAL YB 27 6.69 21.43 -29.43
CA VAL YB 27 8.03 21.06 -28.97
C VAL YB 27 9.04 22.14 -29.34
N ILE YB 28 8.99 22.61 -30.59
CA ILE YB 28 9.99 23.59 -31.02
C ILE YB 28 9.80 24.93 -30.32
N HIS YB 29 8.56 25.40 -30.22
CA HIS YB 29 8.31 26.65 -29.52
C HIS YB 29 8.75 26.56 -28.05
N PHE YB 30 8.51 25.42 -27.40
CA PHE YB 30 8.92 25.26 -26.01
C PHE YB 30 10.44 25.20 -25.87
N ILE YB 31 11.11 24.50 -26.77
CA ILE YB 31 12.57 24.45 -26.75
C ILE YB 31 13.15 25.85 -26.91
N LEU YB 32 12.60 26.62 -27.84
CA LEU YB 32 13.08 27.99 -28.04
C LEU YB 32 12.80 28.85 -26.80
N LEU YB 33 11.64 28.64 -26.16
CA LEU YB 33 11.31 29.41 -24.97
C LEU YB 33 12.22 29.08 -23.80
N SER YB 34 12.73 27.86 -23.73
CA SER YB 34 13.62 27.45 -22.64
C SER YB 34 15.09 27.75 -22.91
N SER YB 35 15.43 28.33 -24.07
CA SER YB 35 16.81 28.67 -24.38
C SER YB 35 17.09 30.11 -23.96
N GLN YB 36 18.38 30.41 -23.76
CA GLN YB 36 18.77 31.77 -23.42
C GLN YB 36 18.68 32.70 -24.63
N ARG YB 37 19.13 32.23 -25.78
CA ARG YB 37 19.21 33.07 -26.97
C ARG YB 37 17.84 33.43 -27.53
N TYR YB 38 16.85 32.53 -27.40
CA TYR YB 38 15.57 32.69 -28.07
C TYR YB 38 14.39 32.70 -27.11
N SER YB 39 14.62 33.08 -25.85
CA SER YB 39 13.53 33.25 -24.88
C SER YB 39 12.82 34.58 -25.17
N TRP YB 40 12.02 34.57 -26.24
CA TRP YB 40 11.55 35.81 -26.84
C TRP YB 40 10.59 36.56 -25.94
N ILE YB 41 9.86 35.87 -25.07
CA ILE YB 41 8.91 36.55 -24.22
C ILE YB 41 9.63 37.49 -23.24
N GLU YB 42 10.81 37.10 -22.79
CA GLU YB 42 11.59 37.98 -21.92
C GLU YB 42 12.57 38.86 -22.67
N ASN YB 43 13.32 38.33 -23.64
CA ASN YB 43 14.38 39.11 -24.27
C ASN YB 43 14.10 39.42 -25.74
N GLY YB 44 12.83 39.39 -26.17
CA GLY YB 44 12.54 39.61 -27.58
C GLY YB 44 12.89 40.99 -28.08
N THR YB 45 12.94 41.99 -27.19
CA THR YB 45 13.25 43.35 -27.58
C THR YB 45 14.74 43.60 -27.79
N LEU YB 46 15.60 42.70 -27.36
CA LEU YB 46 17.03 42.82 -27.60
C LEU YB 46 17.34 42.73 -29.09
N SER YB 47 18.36 43.47 -29.52
CA SER YB 47 18.82 43.34 -30.89
C SER YB 47 19.67 42.09 -31.03
N ALA YB 48 20.04 41.78 -32.27
CA ALA YB 48 20.78 40.54 -32.53
C ALA YB 48 22.17 40.58 -31.91
N ALA YB 49 22.70 41.77 -31.64
CA ALA YB 49 24.03 41.87 -31.08
C ALA YB 49 24.02 41.77 -29.56
N GLN YB 50 22.89 42.05 -28.93
CA GLN YB 50 22.75 41.91 -27.49
C GLN YB 50 22.24 40.55 -27.06
N ALA YB 51 21.79 39.71 -28.00
CA ALA YB 51 21.26 38.41 -27.65
C ALA YB 51 22.38 37.49 -27.17
N PRO YB 52 22.09 36.60 -26.22
CA PRO YB 52 23.12 35.70 -25.72
C PRO YB 52 23.62 34.75 -26.81
N VAL YB 53 24.88 34.37 -26.70
CA VAL YB 53 25.54 33.45 -27.62
C VAL YB 53 26.31 32.42 -26.82
N GLY YB 54 26.23 31.16 -27.25
CA GLY YB 54 27.09 30.12 -26.73
C GLY YB 54 26.98 29.89 -25.23
N ALA YB 55 25.76 29.76 -24.75
CA ALA YB 55 25.54 29.67 -23.31
C ALA YB 55 24.88 28.36 -22.92
N SER YB 56 25.44 27.25 -23.41
CA SER YB 56 24.94 25.92 -23.03
C SER YB 56 24.99 25.75 -21.52
N ALA YB 57 26.20 25.66 -20.96
CA ALA YB 57 26.44 25.74 -19.52
C ALA YB 57 25.49 24.87 -18.72
N PRO YB 58 25.74 23.56 -18.62
CA PRO YB 58 24.76 22.66 -17.95
C PRO YB 58 24.33 23.15 -16.58
N ALA YB 59 25.24 23.70 -15.78
CA ALA YB 59 24.87 24.38 -14.54
C ALA YB 59 24.92 25.89 -14.72
N ALA YB 60 24.11 26.40 -15.64
CA ALA YB 60 24.06 27.84 -15.89
C ALA YB 60 23.45 28.61 -14.72
N ALA YB 61 22.66 27.94 -13.88
CA ALA YB 61 22.05 28.54 -12.71
C ALA YB 61 22.31 27.66 -11.49
N ALA YB 62 22.12 28.25 -10.31
CA ALA YB 62 22.23 27.50 -9.08
C ALA YB 62 21.13 26.46 -8.99
N GLU YB 63 21.48 25.28 -8.47
CA GLU YB 63 20.50 24.21 -8.31
C GLU YB 63 19.80 24.26 -6.96
N MET YB 64 20.52 24.62 -5.90
CA MET YB 64 20.01 24.58 -4.54
C MET YB 64 19.81 26.00 -4.04
N SER YB 65 18.60 26.29 -3.55
CA SER YB 65 18.25 27.59 -3.02
C SER YB 65 16.84 27.49 -2.43
N PRO YB 66 16.47 28.42 -1.55
CA PRO YB 66 15.08 28.47 -1.09
C PRO YB 66 14.17 29.06 -2.17
N LEU YB 67 12.87 28.94 -1.93
CA LEU YB 67 11.89 29.53 -2.81
C LEU YB 67 11.98 31.05 -2.74
N PRO YB 68 11.64 31.74 -3.82
CA PRO YB 68 11.56 33.20 -3.77
C PRO YB 68 10.27 33.64 -3.11
N PRO YB 69 10.19 34.88 -2.65
CA PRO YB 69 8.88 35.42 -2.27
C PRO YB 69 8.05 35.73 -3.52
N GLY YB 70 7.49 34.70 -4.14
CA GLY YB 70 6.69 34.87 -5.34
C GLY YB 70 5.81 33.69 -5.67
N MET ZB 7 -13.99 5.19 -51.55
CA MET ZB 7 -13.31 6.29 -52.22
C MET ZB 7 -12.82 5.87 -53.60
N THR ZB 8 -13.33 6.53 -54.64
CA THR ZB 8 -12.98 6.17 -56.00
C THR ZB 8 -11.69 6.87 -56.42
N GLU ZB 9 -11.28 6.64 -57.67
CA GLU ZB 9 -10.06 7.26 -58.15
C GLU ZB 9 -10.25 8.76 -58.37
N ASP ZB 10 -11.42 9.15 -58.88
CA ASP ZB 10 -11.66 10.58 -59.11
C ASP ZB 10 -11.72 11.34 -57.79
N GLU ZB 11 -12.30 10.72 -56.76
CA GLU ZB 11 -12.31 11.34 -55.44
C GLU ZB 11 -10.91 11.51 -54.90
N ALA ZB 12 -10.04 10.52 -55.12
CA ALA ZB 12 -8.64 10.65 -54.70
C ALA ZB 12 -7.93 11.76 -55.47
N ARG ZB 13 -8.17 11.86 -56.77
CA ARG ZB 13 -7.60 12.96 -57.54
C ARG ZB 13 -8.05 14.31 -57.01
N ARG ZB 14 -9.34 14.45 -56.76
CA ARG ZB 14 -9.88 15.73 -56.31
C ARG ZB 14 -9.36 16.08 -54.92
N PHE ZB 15 -9.23 15.09 -54.04
CA PHE ZB 15 -8.68 15.35 -52.72
C PHE ZB 15 -7.21 15.71 -52.81
N HIS ZB 16 -6.47 15.05 -53.72
CA HIS ZB 16 -5.05 15.30 -53.84
C HIS ZB 16 -4.77 16.72 -54.31
N GLY ZB 17 -5.58 17.23 -55.23
CA GLY ZB 17 -5.37 18.61 -55.66
C GLY ZB 17 -5.40 19.60 -54.50
N TYR ZB 18 -6.48 19.56 -53.71
CA TYR ZB 18 -6.61 20.45 -52.56
C TYR ZB 18 -5.55 20.17 -51.51
N PHE ZB 19 -5.23 18.91 -51.26
CA PHE ZB 19 -4.22 18.60 -50.24
C PHE ZB 19 -2.86 19.15 -50.65
N VAL ZB 20 -2.51 19.04 -51.94
CA VAL ZB 20 -1.23 19.54 -52.40
C VAL ZB 20 -1.18 21.07 -52.31
N THR ZB 21 -2.25 21.75 -52.74
CA THR ZB 21 -2.19 23.20 -52.67
C THR ZB 21 -2.17 23.71 -51.22
N GLY ZB 22 -2.94 23.08 -50.34
CA GLY ZB 22 -2.90 23.47 -48.93
C GLY ZB 22 -1.56 23.19 -48.29
N THR ZB 23 -0.97 22.04 -48.63
CA THR ZB 23 0.38 21.72 -48.14
C THR ZB 23 1.40 22.75 -48.59
N LEU ZB 24 1.36 23.13 -49.87
CA LEU ZB 24 2.32 24.11 -50.37
C LEU ZB 24 2.17 25.45 -49.66
N GLY ZB 25 0.93 25.94 -49.57
CA GLY ZB 25 0.69 27.21 -48.92
C GLY ZB 25 1.13 27.22 -47.47
N TYR ZB 26 0.73 26.22 -46.70
CA TYR ZB 26 1.19 26.11 -45.33
C TYR ZB 26 2.71 26.03 -45.26
N ILE ZB 27 3.30 25.16 -46.09
CA ILE ZB 27 4.69 24.77 -45.92
C ILE ZB 27 5.59 25.97 -46.09
N ILE ZB 28 5.20 26.92 -46.96
CA ILE ZB 28 6.16 27.99 -47.17
C ILE ZB 28 5.63 29.37 -46.79
N VAL ZB 29 4.39 29.44 -46.30
CA VAL ZB 29 4.11 30.46 -45.29
C VAL ZB 29 5.04 30.25 -44.09
N ALA ZB 30 5.32 28.98 -43.76
CA ALA ZB 30 6.40 28.70 -42.81
C ALA ZB 30 7.75 29.20 -43.29
N ALA ZB 31 8.02 29.21 -44.59
CA ALA ZB 31 9.27 29.78 -45.10
C ALA ZB 31 9.33 31.29 -44.84
N VAL ZB 32 8.22 31.99 -45.05
CA VAL ZB 32 8.17 33.41 -44.71
C VAL ZB 32 8.43 33.61 -43.23
N ALA ZB 33 7.84 32.78 -42.38
CA ALA ZB 33 8.08 32.89 -40.94
C ALA ZB 33 9.56 32.70 -40.61
N HIS ZB 34 10.19 31.70 -41.22
CA HIS ZB 34 11.60 31.42 -40.94
C HIS ZB 34 12.48 32.58 -41.41
N PHE ZB 35 12.16 33.17 -42.56
CA PHE ZB 35 12.95 34.31 -43.04
C PHE ZB 35 12.79 35.51 -42.12
N LEU ZB 36 11.59 35.76 -41.62
CA LEU ZB 36 11.40 36.84 -40.64
C LEU ZB 36 12.22 36.59 -39.39
N ALA ZB 37 12.19 35.37 -38.86
CA ALA ZB 37 12.97 35.05 -37.68
C ALA ZB 37 14.46 35.17 -37.93
N TRP ZB 38 14.92 34.81 -39.14
CA TRP ZB 38 16.33 34.97 -39.47
C TRP ZB 38 16.73 36.43 -39.52
N GLN ZB 39 15.86 37.29 -40.06
CA GLN ZB 39 16.14 38.72 -40.02
C GLN ZB 39 16.25 39.22 -38.59
N TRP ZB 40 15.37 38.74 -37.72
CA TRP ZB 40 15.35 39.24 -36.34
C TRP ZB 40 16.55 38.74 -35.53
N ARG ZB 41 16.86 37.45 -35.62
CA ARG ZB 41 17.90 36.86 -34.79
C ARG ZB 41 18.45 35.60 -35.46
N PRO ZB 42 19.52 35.71 -36.23
CA PRO ZB 42 20.03 34.54 -36.97
C PRO ZB 42 20.56 33.47 -36.02
N TRP ZB 43 20.43 32.21 -36.43
CA TRP ZB 43 20.88 31.10 -35.61
C TRP ZB 43 22.12 30.41 -36.17
N PHE ZB 44 22.69 30.91 -37.25
CA PHE ZB 44 23.94 30.37 -37.78
C PHE ZB 44 24.97 31.49 -37.97
N HIS AC 2 10.07 -6.03 -56.61
CA HIS AC 2 8.66 -5.66 -56.50
C HIS AC 2 7.88 -6.74 -55.79
N ARG AC 3 8.27 -7.99 -56.01
CA ARG AC 3 7.54 -9.12 -55.45
C ARG AC 3 7.66 -9.21 -53.93
N ILE AC 4 8.60 -8.48 -53.32
CA ILE AC 4 8.64 -8.37 -51.86
C ILE AC 4 7.30 -7.87 -51.33
N TRP AC 5 6.63 -7.01 -52.08
CA TRP AC 5 5.36 -6.44 -51.65
C TRP AC 5 4.22 -7.44 -51.72
N LEU AC 6 4.44 -8.61 -52.31
CA LEU AC 6 3.47 -9.69 -52.16
C LEU AC 6 3.71 -10.47 -50.88
N MET AC 7 4.91 -10.41 -50.33
CA MET AC 7 5.24 -11.09 -49.09
C MET AC 7 5.04 -10.20 -47.88
N PHE AC 8 5.08 -8.88 -48.06
CA PHE AC 8 4.88 -7.92 -46.99
C PHE AC 8 3.82 -6.92 -47.41
N ASP AC 9 2.94 -6.56 -46.49
CA ASP AC 9 1.94 -5.54 -46.76
C ASP AC 9 2.60 -4.18 -46.90
N PRO AC 10 2.43 -3.48 -48.03
CA PRO AC 10 3.03 -2.14 -48.15
C PRO AC 10 2.53 -1.15 -47.11
N ARG AC 11 1.27 -1.25 -46.70
CA ARG AC 11 0.72 -0.33 -45.71
C ARG AC 11 1.46 -0.45 -44.39
N ARG AC 12 1.57 -1.67 -43.86
CA ARG AC 12 2.25 -1.88 -42.59
C ARG AC 12 3.72 -1.54 -42.67
N VAL AC 13 4.37 -1.90 -43.78
CA VAL AC 13 5.78 -1.60 -43.95
C VAL AC 13 6.01 -0.09 -43.94
N MET AC 14 5.17 0.66 -44.66
CA MET AC 14 5.36 2.10 -44.72
C MET AC 14 5.05 2.77 -43.39
N VAL AC 15 4.05 2.26 -42.66
CA VAL AC 15 3.75 2.84 -41.36
C VAL AC 15 4.91 2.61 -40.39
N ALA AC 16 5.45 1.38 -40.38
CA ALA AC 16 6.59 1.08 -39.52
C ALA AC 16 7.80 1.90 -39.92
N MET AC 17 8.05 2.06 -41.22
CA MET AC 17 9.19 2.85 -41.68
C MET AC 17 9.05 4.31 -41.25
N VAL AC 18 7.87 4.89 -41.45
CA VAL AC 18 7.68 6.30 -41.08
C VAL AC 18 7.86 6.48 -39.58
N GLY AC 19 7.27 5.59 -38.78
CA GLY AC 19 7.43 5.71 -37.34
C GLY AC 19 8.87 5.57 -36.89
N PHE AC 20 9.56 4.55 -37.41
CA PHE AC 20 10.95 4.34 -37.01
C PHE AC 20 11.82 5.52 -37.43
N LEU AC 21 11.62 6.03 -38.64
CA LEU AC 21 12.46 7.12 -39.12
C LEU AC 21 12.20 8.40 -38.34
N ALA AC 22 10.93 8.68 -37.99
CA ALA AC 22 10.64 9.84 -37.15
C ALA AC 22 11.29 9.71 -35.78
N VAL AC 23 11.21 8.53 -35.17
CA VAL AC 23 11.82 8.34 -33.85
C VAL AC 23 13.34 8.50 -33.95
N LEU AC 24 13.95 7.94 -34.98
CA LEU AC 24 15.40 8.05 -35.15
C LEU AC 24 15.83 9.49 -35.35
N ALA AC 25 15.10 10.25 -36.17
CA ALA AC 25 15.43 11.65 -36.38
C ALA AC 25 15.30 12.45 -35.09
N LEU AC 26 14.24 12.18 -34.32
CA LEU AC 26 14.09 12.86 -33.04
C LEU AC 26 15.24 12.54 -32.10
N VAL AC 27 15.65 11.27 -32.06
CA VAL AC 27 16.72 10.86 -31.16
C VAL AC 27 18.04 11.52 -31.55
N ILE AC 28 18.34 11.57 -32.84
CA ILE AC 28 19.59 12.19 -33.28
C ILE AC 28 19.59 13.69 -33.00
N HIS AC 29 18.49 14.38 -33.34
CA HIS AC 29 18.41 15.81 -33.06
C HIS AC 29 18.54 16.08 -31.56
N PHE AC 30 17.94 15.23 -30.72
CA PHE AC 30 18.05 15.40 -29.28
C PHE AC 30 19.48 15.20 -28.79
N ILE AC 31 20.16 14.15 -29.27
CA ILE AC 31 21.54 13.91 -28.85
C ILE AC 31 22.42 15.09 -29.24
N LEU AC 32 22.24 15.61 -30.45
CA LEU AC 32 23.02 16.77 -30.86
C LEU AC 32 22.71 17.98 -29.98
N LEU AC 33 21.43 18.19 -29.66
CA LEU AC 33 21.05 19.35 -28.86
C LEU AC 33 21.60 19.26 -27.44
N SER AC 34 21.71 18.05 -26.90
CA SER AC 34 22.26 17.87 -25.56
C SER AC 34 23.76 18.02 -25.49
N SER AC 35 24.47 17.92 -26.61
CA SER AC 35 25.91 18.00 -26.63
C SER AC 35 26.37 19.45 -26.46
N GLN AC 36 27.67 19.61 -26.24
CA GLN AC 36 28.27 20.92 -26.16
C GLN AC 36 28.67 21.46 -27.52
N ARG AC 37 29.23 20.61 -28.38
CA ARG AC 37 29.73 21.05 -29.68
C ARG AC 37 28.60 21.39 -30.64
N TYR AC 38 27.45 20.72 -30.52
CA TYR AC 38 26.38 20.86 -31.50
C TYR AC 38 25.08 21.34 -30.87
N SER AC 39 25.16 22.13 -29.81
CA SER AC 39 23.98 22.77 -29.22
C SER AC 39 23.68 24.03 -30.03
N TRP AC 40 23.09 23.81 -31.20
CA TRP AC 40 23.02 24.86 -32.22
C TRP AC 40 22.09 26.00 -31.85
N ILE AC 41 21.11 25.77 -30.99
CA ILE AC 41 20.22 26.86 -30.59
C ILE AC 41 21.01 27.96 -29.89
N GLU AC 42 22.03 27.58 -29.11
CA GLU AC 42 22.88 28.53 -28.44
C GLU AC 42 24.22 28.74 -29.14
N ASN AC 43 24.80 27.70 -29.75
CA ASN AC 43 26.13 27.76 -30.35
C ASN AC 43 26.13 28.11 -31.83
N GLY AC 44 24.98 28.12 -32.49
CA GLY AC 44 24.96 28.02 -33.94
C GLY AC 44 25.75 29.11 -34.65
N THR AC 45 25.83 30.30 -34.07
CA THR AC 45 26.53 31.41 -34.70
C THR AC 45 28.04 31.35 -34.52
N LEU AC 46 28.56 30.47 -33.65
CA LEU AC 46 29.99 30.31 -33.52
C LEU AC 46 30.59 29.68 -34.77
N SER AC 47 31.79 30.11 -35.14
CA SER AC 47 32.50 29.47 -36.23
C SER AC 47 33.06 28.13 -35.77
N ALA AC 48 33.53 27.34 -36.73
CA ALA AC 48 33.97 25.98 -36.42
C ALA AC 48 35.17 25.98 -35.50
N ALA AC 49 36.05 26.98 -35.63
CA ALA AC 49 37.23 27.05 -34.79
C ALA AC 49 36.89 27.30 -33.32
N GLN AC 50 35.88 28.14 -33.07
CA GLN AC 50 35.50 28.46 -31.70
C GLN AC 50 34.42 27.55 -31.15
N ALA AC 51 33.98 26.55 -31.91
CA ALA AC 51 33.04 25.58 -31.38
C ALA AC 51 33.73 24.66 -30.37
N PRO AC 52 33.01 24.20 -29.36
CA PRO AC 52 33.64 23.37 -28.33
C PRO AC 52 34.16 22.05 -28.88
N VAL AC 53 35.26 21.58 -28.28
CA VAL AC 53 35.81 20.27 -28.58
C VAL AC 53 36.11 19.54 -27.26
N MET BC 7 -3.39 -7.92 -53.80
CA MET BC 7 -2.40 -7.30 -54.68
C MET BC 7 -1.95 -8.25 -55.77
N THR BC 8 -1.80 -7.72 -56.99
CA THR BC 8 -1.29 -8.48 -58.12
C THR BC 8 0.16 -8.10 -58.38
N GLU BC 9 0.76 -8.79 -59.36
CA GLU BC 9 2.16 -8.52 -59.68
C GLU BC 9 2.35 -7.13 -60.26
N ASP BC 10 1.44 -6.68 -61.12
CA ASP BC 10 1.59 -5.34 -61.69
C ASP BC 10 1.35 -4.27 -60.63
N GLU BC 11 0.44 -4.52 -59.69
CA GLU BC 11 0.28 -3.62 -58.55
C GLU BC 11 1.56 -3.54 -57.74
N ALA BC 12 2.21 -4.68 -57.51
CA ALA BC 12 3.48 -4.68 -56.78
C ALA BC 12 4.55 -3.93 -57.53
N ARG BC 13 4.61 -4.11 -58.86
CA ARG BC 13 5.58 -3.37 -59.67
C ARG BC 13 5.35 -1.86 -59.57
N ARG BC 14 4.09 -1.45 -59.68
CA ARG BC 14 3.78 -0.01 -59.64
C ARG BC 14 4.07 0.59 -58.28
N PHE BC 15 3.78 -0.14 -57.20
CA PHE BC 15 4.15 0.38 -55.88
C PHE BC 15 5.66 0.40 -55.70
N HIS BC 16 6.36 -0.60 -56.26
CA HIS BC 16 7.81 -0.64 -56.16
C HIS BC 16 8.45 0.57 -56.81
N GLY BC 17 7.94 0.98 -57.97
CA GLY BC 17 8.51 2.15 -58.62
C GLY BC 17 8.50 3.39 -57.74
N TYR BC 18 7.32 3.72 -57.22
CA TYR BC 18 7.20 4.89 -56.34
C TYR BC 18 8.03 4.72 -55.07
N PHE BC 19 8.00 3.53 -54.48
CA PHE BC 19 8.73 3.32 -53.22
C PHE BC 19 10.23 3.51 -53.43
N VAL BC 20 10.77 2.93 -54.51
CA VAL BC 20 12.20 3.02 -54.76
C VAL BC 20 12.60 4.45 -55.07
N THR BC 21 11.82 5.13 -55.91
CA THR BC 21 12.15 6.51 -56.23
C THR BC 21 12.09 7.41 -55.00
N GLY BC 22 11.04 7.26 -54.18
CA GLY BC 22 10.93 8.07 -52.98
C GLY BC 22 12.04 7.81 -51.99
N THR BC 23 12.38 6.54 -51.78
CA THR BC 23 13.46 6.20 -50.86
C THR BC 23 14.79 6.79 -51.32
N LEU BC 24 15.12 6.61 -52.60
CA LEU BC 24 16.39 7.11 -53.11
C LEU BC 24 16.45 8.64 -53.08
N GLY BC 25 15.35 9.30 -53.42
CA GLY BC 25 15.33 10.75 -53.35
C GLY BC 25 15.47 11.27 -51.93
N TYR BC 26 14.83 10.59 -50.98
CA TYR BC 26 15.00 10.94 -49.57
C TYR BC 26 16.45 10.81 -49.14
N ILE BC 27 17.13 9.74 -49.57
CA ILE BC 27 18.54 9.59 -49.24
C ILE BC 27 19.37 10.72 -49.84
N ILE BC 28 19.07 11.13 -51.08
CA ILE BC 28 19.82 12.23 -51.70
C ILE BC 28 19.62 13.53 -50.92
N VAL BC 29 18.38 13.82 -50.51
CA VAL BC 29 18.13 15.05 -49.76
C VAL BC 29 18.86 15.02 -48.42
N ALA BC 30 18.86 13.86 -47.75
CA ALA BC 30 19.61 13.73 -46.51
C ALA BC 30 21.11 13.92 -46.74
N ALA BC 31 21.62 13.43 -47.87
CA ALA BC 31 23.04 13.62 -48.19
C ALA BC 31 23.37 15.10 -48.36
N VAL BC 32 22.49 15.84 -49.03
CA VAL BC 32 22.71 17.28 -49.18
C VAL BC 32 22.67 17.98 -47.83
N ALA BC 33 21.75 17.57 -46.95
CA ALA BC 33 21.70 18.15 -45.62
C ALA BC 33 22.99 17.89 -44.86
N HIS BC 34 23.55 16.68 -44.99
CA HIS BC 34 24.81 16.38 -44.34
C HIS BC 34 25.96 17.17 -44.93
N PHE BC 35 25.94 17.42 -46.24
CA PHE BC 35 26.96 18.27 -46.86
C PHE BC 35 26.91 19.69 -46.28
N LEU BC 36 25.72 20.25 -46.16
CA LEU BC 36 25.60 21.58 -45.57
C LEU BC 36 26.07 21.60 -44.13
N ALA BC 37 25.68 20.60 -43.34
CA ALA BC 37 26.13 20.54 -41.95
C ALA BC 37 27.64 20.38 -41.85
N TRP BC 38 28.25 19.65 -42.78
CA TRP BC 38 29.71 19.53 -42.77
C TRP BC 38 30.37 20.86 -43.09
N GLN BC 39 29.80 21.63 -44.02
CA GLN BC 39 30.33 22.96 -44.30
C GLN BC 39 30.25 23.85 -43.07
N TRP BC 40 29.15 23.78 -42.33
CA TRP BC 40 28.98 24.65 -41.17
C TRP BC 40 29.87 24.24 -40.00
N ARG BC 41 29.93 22.94 -39.69
CA ARG BC 41 30.68 22.47 -38.52
C ARG BC 41 31.07 21.01 -38.68
N PRO BC 42 32.26 20.72 -39.20
CA PRO BC 42 32.64 19.32 -39.42
C PRO BC 42 32.78 18.56 -38.11
N TRP BC 43 32.43 17.28 -38.16
CA TRP BC 43 32.45 16.44 -36.96
C TRP BC 43 33.61 15.45 -36.95
N PHE BC 44 34.50 15.52 -37.93
CA PHE BC 44 35.71 14.70 -37.92
C PHE BC 44 36.93 15.56 -38.14
N MET CC 1 21.21 -24.23 -49.75
CA MET CC 1 20.62 -24.18 -48.42
C MET CC 1 19.30 -23.42 -48.41
N HIS CC 2 18.64 -23.36 -49.57
CA HIS CC 2 17.36 -22.69 -49.67
C HIS CC 2 16.26 -23.35 -48.85
N ARG CC 3 16.38 -24.65 -48.55
CA ARG CC 3 15.31 -25.37 -47.87
C ARG CC 3 15.05 -24.86 -46.47
N ILE CC 4 15.95 -24.04 -45.91
CA ILE CC 4 15.70 -23.41 -44.63
C ILE CC 4 14.41 -22.61 -44.68
N TRP CC 5 14.12 -21.98 -45.83
CA TRP CC 5 12.90 -21.20 -45.95
C TRP CC 5 11.64 -22.06 -45.96
N LEU CC 6 11.78 -23.36 -46.20
CA LEU CC 6 10.63 -24.26 -46.05
C LEU CC 6 10.42 -24.67 -44.61
N MET CC 7 11.44 -24.56 -43.77
CA MET CC 7 11.26 -24.87 -42.35
C MET CC 7 10.86 -23.64 -41.56
N PHE CC 8 11.35 -22.47 -41.96
CA PHE CC 8 11.08 -21.21 -41.29
C PHE CC 8 10.39 -20.25 -42.25
N ASP CC 9 9.34 -19.59 -41.80
CA ASP CC 9 8.66 -18.61 -42.61
C ASP CC 9 9.60 -17.45 -42.93
N PRO CC 10 9.84 -17.13 -44.20
CA PRO CC 10 10.73 -15.99 -44.51
C PRO CC 10 10.26 -14.68 -43.90
N ARG CC 11 8.95 -14.46 -43.81
CA ARG CC 11 8.43 -13.21 -43.26
C ARG CC 11 8.84 -13.02 -41.80
N ARG CC 12 8.55 -14.02 -40.95
CA ARG CC 12 8.90 -13.90 -39.54
C ARG CC 12 10.40 -13.88 -39.33
N VAL CC 13 11.15 -14.66 -40.11
CA VAL CC 13 12.60 -14.67 -40.00
C VAL CC 13 13.16 -13.28 -40.30
N MET CC 14 12.70 -12.67 -41.39
CA MET CC 14 13.21 -11.35 -41.76
C MET CC 14 12.81 -10.29 -40.76
N VAL CC 15 11.58 -10.37 -40.23
CA VAL CC 15 11.17 -9.39 -39.21
C VAL CC 15 12.05 -9.51 -37.98
N ALA CC 16 12.26 -10.74 -37.50
CA ALA CC 16 13.08 -10.93 -36.31
C ALA CC 16 14.53 -10.52 -36.56
N MET CC 17 15.06 -10.83 -37.73
CA MET CC 17 16.42 -10.44 -38.07
C MET CC 17 16.56 -8.92 -38.12
N VAL CC 18 15.60 -8.24 -38.73
CA VAL CC 18 15.66 -6.78 -38.81
C VAL CC 18 15.63 -6.18 -37.41
N GLY CC 19 14.72 -6.67 -36.56
CA GLY CC 19 14.65 -6.14 -35.21
C GLY CC 19 15.91 -6.36 -34.41
N PHE CC 20 16.44 -7.59 -34.45
CA PHE CC 20 17.67 -7.89 -33.72
C PHE CC 20 18.83 -7.04 -34.23
N LEU CC 21 18.95 -6.89 -35.55
CA LEU CC 21 20.05 -6.15 -36.13
C LEU CC 21 19.96 -4.67 -35.76
N ALA CC 22 18.76 -4.09 -35.79
CA ALA CC 22 18.59 -2.70 -35.41
C ALA CC 22 18.94 -2.48 -33.94
N VAL CC 23 18.48 -3.37 -33.06
CA VAL CC 23 18.79 -3.23 -31.64
C VAL CC 23 20.30 -3.35 -31.41
N LEU CC 24 20.95 -4.31 -32.07
CA LEU CC 24 22.38 -4.49 -31.90
C LEU CC 24 23.15 -3.27 -32.40
N ALA CC 25 22.77 -2.73 -33.55
CA ALA CC 25 23.44 -1.55 -34.08
C ALA CC 25 23.29 -0.37 -33.13
N LEU CC 26 22.09 -0.17 -32.59
CA LEU CC 26 21.88 0.91 -31.63
C LEU CC 26 22.74 0.73 -30.39
N VAL CC 27 22.81 -0.50 -29.86
CA VAL CC 27 23.58 -0.73 -28.65
C VAL CC 27 25.06 -0.48 -28.89
N ILE CC 28 25.59 -0.92 -30.04
CA ILE CC 28 27.01 -0.69 -30.32
C ILE CC 28 27.29 0.79 -30.49
N HIS CC 29 26.45 1.50 -31.25
CA HIS CC 29 26.66 2.93 -31.46
C HIS CC 29 26.64 3.68 -30.13
N PHE CC 30 25.73 3.32 -29.23
CA PHE CC 30 25.65 4.04 -27.96
C PHE CC 30 26.76 3.65 -26.99
N ILE CC 31 27.20 2.39 -27.00
CA ILE CC 31 28.37 2.01 -26.22
C ILE CC 31 29.57 2.81 -26.65
N LEU CC 32 29.76 2.97 -27.96
CA LEU CC 32 30.86 3.80 -28.44
C LEU CC 32 30.68 5.26 -28.04
N LEU CC 33 29.47 5.78 -28.17
CA LEU CC 33 29.23 7.20 -27.88
C LEU CC 33 29.48 7.53 -26.41
N SER CC 34 29.14 6.60 -25.51
CA SER CC 34 29.32 6.87 -24.09
C SER CC 34 30.76 6.73 -23.62
N SER CC 35 31.62 6.09 -24.41
CA SER CC 35 33.00 5.91 -24.00
C SER CC 35 33.77 7.23 -24.11
N GLN CC 36 34.95 7.26 -23.47
CA GLN CC 36 35.81 8.43 -23.58
C GLN CC 36 36.52 8.48 -24.91
N ARG CC 37 36.94 7.32 -25.43
CA ARG CC 37 37.78 7.27 -26.62
C ARG CC 37 36.99 7.54 -27.90
N TYR CC 38 35.73 7.12 -27.95
CA TYR CC 38 34.95 7.12 -29.19
C TYR CC 38 33.66 7.94 -29.08
N SER CC 39 33.72 9.11 -28.43
CA SER CC 39 32.53 9.95 -28.36
C SER CC 39 32.12 10.45 -29.74
N TRP CC 40 33.07 10.96 -30.50
CA TRP CC 40 32.95 11.31 -31.92
C TRP CC 40 31.98 12.46 -32.17
N ILE CC 41 31.23 12.88 -31.16
CA ILE CC 41 30.38 14.05 -31.28
C ILE CC 41 31.01 15.25 -30.61
N GLU CC 42 31.69 15.02 -29.49
CA GLU CC 42 32.52 16.04 -28.90
C GLU CC 42 33.97 15.97 -29.39
N ASN CC 43 34.54 14.76 -29.51
CA ASN CC 43 35.96 14.63 -29.79
C ASN CC 43 36.26 14.01 -31.15
N GLY CC 44 35.29 14.01 -32.07
CA GLY CC 44 35.50 13.38 -33.36
C GLY CC 44 36.56 14.03 -34.21
N THR CC 45 36.84 15.31 -33.97
CA THR CC 45 37.86 16.02 -34.73
C THR CC 45 39.27 15.77 -34.21
N LEU CC 46 39.41 15.12 -33.06
CA LEU CC 46 40.72 14.74 -32.56
C LEU CC 46 41.35 13.64 -33.42
N SER CC 47 42.67 13.66 -33.51
CA SER CC 47 43.37 12.62 -34.24
C SER CC 47 43.59 11.42 -33.33
N ALA CC 48 44.08 10.33 -33.92
CA ALA CC 48 44.23 9.08 -33.18
C ALA CC 48 45.26 9.20 -32.08
N ALA CC 49 46.20 10.14 -32.20
CA ALA CC 49 47.21 10.31 -31.15
C ALA CC 49 46.69 11.15 -30.00
N GLN CC 50 45.70 12.01 -30.24
CA GLN CC 50 45.12 12.82 -29.18
C GLN CC 50 43.92 12.17 -28.51
N ALA CC 51 43.40 11.07 -29.06
CA ALA CC 51 42.22 10.45 -28.49
C ALA CC 51 42.55 9.78 -27.15
N PRO CC 52 41.59 9.74 -26.23
CA PRO CC 52 41.87 9.12 -24.92
C PRO CC 52 42.16 7.64 -25.03
N VAL CC 53 42.99 7.15 -24.11
CA VAL CC 53 43.32 5.73 -23.99
C VAL CC 53 43.12 5.32 -22.54
N GLY CC 54 42.64 4.09 -22.34
CA GLY CC 54 42.43 3.60 -20.98
C GLY CC 54 43.74 3.47 -20.22
N ALA CC 55 43.64 3.52 -18.89
CA ALA CC 55 44.81 3.54 -18.04
C ALA CC 55 45.56 2.22 -18.09
N SER CC 56 46.89 2.31 -18.11
CA SER CC 56 47.74 1.12 -18.09
C SER CC 56 47.84 0.56 -16.68
N MET DC 7 4.18 -22.48 -50.72
CA MET DC 7 5.58 -22.21 -50.99
C MET DC 7 6.28 -23.40 -51.63
N THR DC 8 6.54 -23.29 -52.93
CA THR DC 8 7.24 -24.33 -53.65
C THR DC 8 8.75 -24.17 -53.44
N GLU DC 9 9.51 -25.14 -53.93
CA GLU DC 9 10.97 -25.02 -53.88
C GLU DC 9 11.44 -23.95 -54.86
N ASP DC 10 10.67 -23.71 -55.93
CA ASP DC 10 11.02 -22.65 -56.87
C ASP DC 10 10.99 -21.28 -56.20
N GLU DC 11 9.91 -20.97 -55.48
CA GLU DC 11 9.81 -19.69 -54.79
C GLU DC 11 10.85 -19.58 -53.69
N ALA DC 12 11.14 -20.68 -52.98
CA ALA DC 12 12.17 -20.65 -51.96
C ALA DC 12 13.53 -20.34 -52.56
N ARG DC 13 13.87 -20.98 -53.68
CA ARG DC 13 15.16 -20.71 -54.33
C ARG DC 13 15.23 -19.28 -54.82
N ARG DC 14 14.15 -18.78 -55.42
CA ARG DC 14 14.14 -17.42 -55.93
C ARG DC 14 14.30 -16.41 -54.81
N PHE DC 15 13.63 -16.64 -53.68
CA PHE DC 15 13.78 -15.76 -52.52
C PHE DC 15 15.19 -15.85 -51.95
N HIS DC 16 15.74 -17.06 -51.90
CA HIS DC 16 17.07 -17.26 -51.31
C HIS DC 16 18.15 -16.53 -52.09
N GLY DC 17 18.05 -16.50 -53.42
CA GLY DC 17 19.01 -15.73 -54.19
C GLY DC 17 19.03 -14.26 -53.80
N TYR DC 18 17.84 -13.65 -53.69
CA TYR DC 18 17.75 -12.26 -53.31
C TYR DC 18 18.26 -12.04 -51.89
N PHE DC 19 17.93 -12.94 -50.98
CA PHE DC 19 18.35 -12.80 -49.59
C PHE DC 19 19.87 -12.88 -49.46
N VAL DC 20 20.49 -13.80 -50.20
CA VAL DC 20 21.94 -13.93 -50.16
C VAL DC 20 22.60 -12.68 -50.74
N THR DC 21 22.06 -12.16 -51.85
CA THR DC 21 22.62 -10.94 -52.42
C THR DC 21 22.51 -9.77 -51.47
N GLY DC 22 21.35 -9.61 -50.80
CA GLY DC 22 21.20 -8.52 -49.86
C GLY DC 22 22.12 -8.65 -48.66
N THR DC 23 22.27 -9.87 -48.15
CA THR DC 23 23.16 -10.12 -47.04
C THR DC 23 24.60 -9.77 -47.41
N LEU DC 24 25.02 -10.16 -48.61
CA LEU DC 24 26.37 -9.82 -49.04
C LEU DC 24 26.56 -8.32 -49.17
N GLY DC 25 25.56 -7.62 -49.72
CA GLY DC 25 25.66 -6.18 -49.80
C GLY DC 25 25.80 -5.52 -48.44
N TYR DC 26 24.99 -5.96 -47.48
CA TYR DC 26 25.07 -5.43 -46.12
C TYR DC 26 26.44 -5.68 -45.51
N ILE DC 27 26.96 -6.91 -45.64
CA ILE DC 27 28.26 -7.23 -45.05
C ILE DC 27 29.37 -6.41 -45.69
N ILE DC 28 29.32 -6.23 -47.01
CA ILE DC 28 30.37 -5.46 -47.68
C ILE DC 28 30.33 -4.00 -47.26
N VAL DC 29 29.14 -3.42 -47.15
CA VAL DC 29 29.08 -2.03 -46.72
C VAL DC 29 29.57 -1.88 -45.28
N ALA DC 30 29.27 -2.87 -44.42
CA ALA DC 30 29.80 -2.86 -43.07
C ALA DC 30 31.32 -3.00 -43.05
N ALA DC 31 31.89 -3.79 -43.96
CA ALA DC 31 33.34 -3.89 -44.05
C ALA DC 31 33.97 -2.55 -44.43
N VAL DC 32 33.36 -1.85 -45.39
CA VAL DC 32 33.85 -0.51 -45.75
C VAL DC 32 33.78 0.44 -44.56
N ALA DC 33 32.66 0.39 -43.82
CA ALA DC 33 32.52 1.24 -42.64
C ALA DC 33 33.60 0.94 -41.60
N HIS DC 34 33.87 -0.34 -41.38
CA HIS DC 34 34.86 -0.72 -40.37
C HIS DC 34 36.27 -0.31 -40.81
N PHE DC 35 36.58 -0.40 -42.10
CA PHE DC 35 37.86 0.08 -42.57
C PHE DC 35 38.01 1.59 -42.42
N LEU DC 36 36.95 2.34 -42.73
CA LEU DC 36 36.97 3.78 -42.51
C LEU DC 36 37.21 4.12 -41.04
N ALA DC 37 36.48 3.46 -40.14
CA ALA DC 37 36.65 3.70 -38.72
C ALA DC 37 38.05 3.32 -38.24
N TRP DC 38 38.62 2.24 -38.79
CA TRP DC 38 39.97 1.85 -38.40
C TRP DC 38 40.98 2.88 -38.83
N GLN DC 39 40.84 3.43 -40.04
CA GLN DC 39 41.75 4.49 -40.47
C GLN DC 39 41.63 5.71 -39.58
N TRP DC 40 40.40 6.05 -39.18
CA TRP DC 40 40.20 7.24 -38.36
C TRP DC 40 40.75 7.07 -36.95
N ARG DC 41 40.43 5.95 -36.29
CA ARG DC 41 40.79 5.77 -34.90
C ARG DC 41 40.85 4.28 -34.54
N PRO DC 42 42.00 3.64 -34.66
CA PRO DC 42 42.05 2.18 -34.45
C PRO DC 42 41.76 1.80 -33.02
N TRP DC 43 41.14 0.63 -32.85
CA TRP DC 43 40.76 0.16 -31.53
C TRP DC 43 41.67 -0.94 -31.00
N PHE DC 44 42.66 -1.37 -31.77
CA PHE DC 44 43.66 -2.32 -31.28
C PHE DC 44 45.05 -1.74 -31.41
N MET EC 1 22.31 -41.91 -35.11
CA MET EC 1 22.64 -40.66 -34.44
C MET EC 1 21.62 -39.61 -34.82
N HIS EC 2 21.11 -39.69 -36.04
CA HIS EC 2 20.17 -38.74 -36.58
C HIS EC 2 18.74 -38.99 -36.13
N ARG EC 3 18.51 -40.01 -35.30
CA ARG EC 3 17.18 -40.27 -34.74
C ARG EC 3 16.80 -39.26 -33.66
N ILE EC 4 17.75 -38.45 -33.18
CA ILE EC 4 17.44 -37.46 -32.15
C ILE EC 4 16.34 -36.52 -32.60
N TRP EC 5 16.32 -36.18 -33.89
CA TRP EC 5 15.31 -35.27 -34.41
C TRP EC 5 13.91 -35.87 -34.47
N LEU EC 6 13.78 -37.17 -34.24
CA LEU EC 6 12.45 -37.77 -34.15
C LEU EC 6 11.82 -37.60 -32.78
N MET EC 7 12.59 -37.19 -31.78
CA MET EC 7 12.06 -36.88 -30.46
C MET EC 7 11.93 -35.38 -30.20
N PHE EC 8 12.69 -34.57 -30.92
CA PHE EC 8 12.66 -33.12 -30.75
C PHE EC 8 12.44 -32.46 -32.10
N ASP EC 9 11.55 -31.49 -32.14
CA ASP EC 9 11.28 -30.74 -33.36
C ASP EC 9 12.51 -29.94 -33.76
N PRO EC 10 13.08 -30.18 -34.94
CA PRO EC 10 14.25 -29.38 -35.36
C PRO EC 10 13.96 -27.90 -35.45
N ARG EC 11 12.75 -27.52 -35.86
CA ARG EC 11 12.37 -26.12 -35.91
C ARG EC 11 12.36 -25.50 -34.51
N ARG EC 12 11.85 -26.22 -33.52
CA ARG EC 12 11.83 -25.73 -32.15
C ARG EC 12 13.15 -25.94 -31.43
N VAL EC 13 14.09 -26.65 -32.03
CA VAL EC 13 15.41 -26.82 -31.44
C VAL EC 13 16.38 -25.76 -31.94
N MET EC 14 16.34 -25.45 -33.23
CA MET EC 14 17.23 -24.42 -33.77
C MET EC 14 16.91 -23.05 -33.17
N VAL EC 15 15.63 -22.75 -32.96
CA VAL EC 15 15.25 -21.46 -32.38
C VAL EC 15 15.79 -21.33 -30.97
N ALA EC 16 15.64 -22.38 -30.15
CA ALA EC 16 16.17 -22.33 -28.79
C ALA EC 16 17.68 -22.25 -28.78
N MET EC 17 18.33 -23.00 -29.68
CA MET EC 17 19.79 -22.95 -29.76
C MET EC 17 20.28 -21.56 -30.15
N VAL EC 18 19.64 -20.94 -31.13
CA VAL EC 18 20.04 -19.60 -31.55
C VAL EC 18 19.82 -18.60 -30.43
N GLY EC 19 18.68 -18.68 -29.74
CA GLY EC 19 18.42 -17.76 -28.65
C GLY EC 19 19.42 -17.90 -27.51
N PHE EC 20 19.69 -19.14 -27.11
CA PHE EC 20 20.68 -19.37 -26.04
C PHE EC 20 22.05 -18.90 -26.47
N LEU EC 21 22.45 -19.16 -27.71
CA LEU EC 21 23.78 -18.79 -28.17
C LEU EC 21 23.93 -17.26 -28.21
N ALA EC 22 22.89 -16.57 -28.69
CA ALA EC 22 22.92 -15.12 -28.70
C ALA EC 22 23.01 -14.55 -27.29
N VAL EC 23 22.20 -15.08 -26.37
CA VAL EC 23 22.24 -14.58 -25.00
C VAL EC 23 23.60 -14.82 -24.37
N LEU EC 24 24.18 -16.00 -24.59
CA LEU EC 24 25.48 -16.32 -24.01
C LEU EC 24 26.56 -15.42 -24.57
N ALA EC 25 26.56 -15.19 -25.89
CA ALA EC 25 27.55 -14.32 -26.49
C ALA EC 25 27.45 -12.90 -25.93
N LEU EC 26 26.22 -12.39 -25.82
CA LEU EC 26 26.04 -11.04 -25.28
C LEU EC 26 26.51 -10.96 -23.83
N VAL EC 27 26.21 -11.98 -23.03
CA VAL EC 27 26.60 -11.98 -21.63
C VAL EC 27 28.13 -12.00 -21.50
N ILE EC 28 28.80 -12.83 -22.29
CA ILE EC 28 30.26 -12.89 -22.20
C ILE EC 28 30.89 -11.57 -22.64
N HIS EC 29 30.42 -11.03 -23.76
CA HIS EC 29 30.96 -9.74 -24.24
C HIS EC 29 30.75 -8.66 -23.19
N PHE EC 30 29.60 -8.65 -22.53
CA PHE EC 30 29.32 -7.61 -21.54
C PHE EC 30 30.14 -7.79 -20.26
N ILE EC 31 30.35 -9.04 -19.83
CA ILE EC 31 31.21 -9.29 -18.68
C ILE EC 31 32.62 -8.82 -18.98
N LEU EC 32 33.12 -9.11 -20.17
CA LEU EC 32 34.45 -8.64 -20.55
C LEU EC 32 34.50 -7.11 -20.60
N LEU EC 33 33.46 -6.48 -21.12
CA LEU EC 33 33.44 -5.02 -21.24
C LEU EC 33 33.41 -4.35 -19.88
N SER EC 34 32.73 -4.96 -18.91
CA SER EC 34 32.65 -4.37 -17.57
C SER EC 34 33.89 -4.64 -16.72
N SER EC 35 34.83 -5.44 -17.21
CA SER EC 35 36.07 -5.68 -16.48
C SER EC 35 37.07 -4.57 -16.75
N GLN EC 36 38.17 -4.60 -16.02
CA GLN EC 36 39.25 -3.63 -16.19
C GLN EC 36 40.27 -4.06 -17.22
N ARG EC 37 40.67 -5.34 -17.17
CA ARG EC 37 41.69 -5.84 -18.08
C ARG EC 37 41.20 -5.90 -19.52
N TYR EC 38 39.91 -6.18 -19.74
CA TYR EC 38 39.39 -6.43 -21.07
C TYR EC 38 38.33 -5.42 -21.49
N SER EC 39 38.44 -4.17 -21.01
CA SER EC 39 37.60 -3.08 -21.51
C SER EC 39 38.19 -2.56 -22.81
N TRP EC 40 37.93 -3.31 -23.87
CA TRP EC 40 38.65 -3.12 -25.13
C TRP EC 40 38.26 -1.83 -25.85
N ILE EC 41 37.10 -1.25 -25.55
CA ILE EC 41 36.72 0.00 -26.20
C ILE EC 41 37.66 1.12 -25.77
N GLU EC 42 38.10 1.10 -24.52
CA GLU EC 42 39.02 2.13 -24.01
C GLU EC 42 40.48 1.72 -24.11
N ASN EC 43 40.85 0.55 -23.58
CA ASN EC 43 42.26 0.17 -23.48
C ASN EC 43 42.69 -0.82 -24.54
N GLY EC 44 41.89 -1.03 -25.59
CA GLY EC 44 42.20 -2.05 -26.57
C GLY EC 44 43.50 -1.81 -27.33
N THR EC 45 44.00 -0.58 -27.32
CA THR EC 45 45.26 -0.25 -27.98
C THR EC 45 46.48 -0.53 -27.11
N LEU EC 46 46.29 -0.88 -25.85
CA LEU EC 46 47.39 -1.28 -24.98
C LEU EC 46 47.96 -2.63 -25.39
N SER EC 47 49.24 -2.83 -25.12
CA SER EC 47 49.85 -4.12 -25.33
C SER EC 47 49.59 -5.04 -24.15
N ALA EC 48 49.91 -6.32 -24.32
CA ALA EC 48 49.57 -7.29 -23.28
C ALA EC 48 50.35 -7.05 -22.00
N ALA EC 49 51.49 -6.36 -22.09
CA ALA EC 49 52.26 -6.05 -20.88
C ALA EC 49 51.70 -4.82 -20.18
N GLN EC 50 51.08 -3.91 -20.91
CA GLN EC 50 50.51 -2.71 -20.32
C GLN EC 50 49.09 -2.91 -19.83
N ALA EC 51 48.45 -4.04 -20.15
CA ALA EC 51 47.08 -4.25 -19.75
C ALA EC 51 46.98 -4.45 -18.23
N PRO EC 52 45.89 -4.00 -17.62
CA PRO EC 52 45.74 -4.15 -16.17
C PRO EC 52 45.70 -5.60 -15.74
N VAL EC 53 46.24 -5.85 -14.54
CA VAL EC 53 46.20 -7.16 -13.91
C VAL EC 53 45.64 -6.99 -12.51
N GLY EC 54 44.80 -7.94 -12.08
CA GLY EC 54 44.16 -7.84 -10.80
C GLY EC 54 45.14 -7.97 -9.64
N ALA EC 55 44.68 -7.54 -8.47
CA ALA EC 55 45.54 -7.50 -7.29
C ALA EC 55 46.03 -8.89 -6.91
N SER EC 56 47.29 -8.97 -6.55
CA SER EC 56 47.95 -10.21 -6.19
C SER EC 56 47.82 -10.45 -4.68
N ALA EC 57 48.54 -11.44 -4.17
CA ALA EC 57 48.55 -11.72 -2.75
C ALA EC 57 49.76 -11.06 -2.08
N MET FC 7 9.50 -35.85 -41.79
CA MET FC 7 10.05 -36.62 -40.68
C MET FC 7 10.47 -38.00 -41.16
N THR FC 8 10.99 -38.07 -42.37
CA THR FC 8 11.49 -39.31 -42.95
C THR FC 8 13.00 -39.40 -42.78
N GLU FC 9 13.50 -40.64 -42.76
CA GLU FC 9 14.89 -40.85 -42.36
C GLU FC 9 15.88 -40.29 -43.37
N ASP FC 10 15.51 -40.24 -44.66
CA ASP FC 10 16.40 -39.65 -45.65
C ASP FC 10 16.51 -38.15 -45.49
N GLU FC 11 15.38 -37.46 -45.33
CA GLU FC 11 15.44 -36.02 -45.10
C GLU FC 11 16.07 -35.71 -43.74
N ALA FC 12 15.92 -36.62 -42.77
CA ALA FC 12 16.61 -36.45 -41.50
C ALA FC 12 18.12 -36.66 -41.65
N ARG FC 13 18.53 -37.54 -42.55
CA ARG FC 13 19.96 -37.65 -42.88
C ARG FC 13 20.47 -36.35 -43.48
N ARG FC 14 19.71 -35.76 -44.39
CA ARG FC 14 20.13 -34.49 -44.99
C ARG FC 14 20.21 -33.38 -43.93
N PHE FC 15 19.20 -33.32 -43.06
CA PHE FC 15 19.19 -32.29 -42.03
C PHE FC 15 20.31 -32.50 -41.01
N HIS FC 16 20.60 -33.76 -40.65
CA HIS FC 16 21.73 -34.03 -39.77
C HIS FC 16 23.04 -33.61 -40.40
N GLY FC 17 23.24 -33.91 -41.69
CA GLY FC 17 24.45 -33.46 -42.34
C GLY FC 17 24.60 -31.96 -42.29
N TYR FC 18 23.54 -31.24 -42.65
CA TYR FC 18 23.61 -29.77 -42.62
C TYR FC 18 23.83 -29.24 -41.21
N PHE FC 19 23.12 -29.78 -40.22
CA PHE FC 19 23.19 -29.26 -38.87
C PHE FC 19 24.54 -29.54 -38.23
N VAL FC 20 25.07 -30.75 -38.44
CA VAL FC 20 26.37 -31.09 -37.89
C VAL FC 20 27.45 -30.25 -38.55
N THR FC 21 27.36 -30.04 -39.86
CA THR FC 21 28.34 -29.19 -40.54
C THR FC 21 28.28 -27.75 -40.01
N GLY FC 22 27.07 -27.23 -39.80
CA GLY FC 22 26.95 -25.88 -39.27
C GLY FC 22 27.50 -25.74 -37.87
N THR FC 23 27.14 -26.67 -36.99
CA THR FC 23 27.67 -26.67 -35.63
C THR FC 23 29.18 -26.78 -35.63
N LEU FC 24 29.71 -27.59 -36.53
CA LEU FC 24 31.15 -27.79 -36.67
C LEU FC 24 31.85 -26.50 -37.07
N GLY FC 25 31.36 -25.87 -38.14
CA GLY FC 25 31.95 -24.63 -38.60
C GLY FC 25 31.86 -23.51 -37.59
N TYR FC 26 30.76 -23.44 -36.85
CA TYR FC 26 30.65 -22.44 -35.79
C TYR FC 26 31.75 -22.60 -34.76
N ILE FC 27 32.01 -23.83 -34.31
CA ILE FC 27 33.06 -24.05 -33.34
C ILE FC 27 34.42 -23.70 -33.91
N ILE FC 28 34.67 -24.03 -35.17
CA ILE FC 28 35.97 -23.69 -35.75
C ILE FC 28 36.16 -22.17 -35.85
N VAL FC 29 35.12 -21.44 -36.24
CA VAL FC 29 35.24 -19.99 -36.34
C VAL FC 29 35.43 -19.38 -34.96
N ALA FC 30 34.75 -19.92 -33.95
CA ALA FC 30 34.96 -19.45 -32.58
C ALA FC 30 36.37 -19.77 -32.10
N ALA FC 31 36.91 -20.92 -32.49
CA ALA FC 31 38.29 -21.26 -32.13
C ALA FC 31 39.29 -20.28 -32.73
N VAL FC 32 39.05 -19.87 -33.98
CA VAL FC 32 39.91 -18.87 -34.60
C VAL FC 32 39.76 -17.52 -33.88
N ALA FC 33 38.55 -17.17 -33.48
CA ALA FC 33 38.35 -15.94 -32.72
C ALA FC 33 39.13 -15.98 -31.41
N HIS FC 34 39.10 -17.13 -30.73
CA HIS FC 34 39.84 -17.27 -29.47
C HIS FC 34 41.34 -17.26 -29.69
N PHE FC 35 41.81 -17.82 -30.81
CA PHE FC 35 43.22 -17.75 -31.15
C PHE FC 35 43.67 -16.30 -31.33
N LEU FC 36 42.89 -15.50 -32.06
CA LEU FC 36 43.22 -14.10 -32.24
C LEU FC 36 43.20 -13.34 -30.93
N ALA FC 37 42.19 -13.60 -30.10
CA ALA FC 37 42.12 -12.93 -28.80
C ALA FC 37 43.31 -13.29 -27.93
N TRP FC 38 43.74 -14.55 -27.97
CA TRP FC 38 44.89 -14.97 -27.17
C TRP FC 38 46.16 -14.30 -27.66
N GLN FC 39 46.34 -14.20 -28.98
CA GLN FC 39 47.51 -13.48 -29.49
C GLN FC 39 47.47 -12.01 -29.08
N TRP FC 40 46.28 -11.43 -28.95
CA TRP FC 40 46.19 -10.01 -28.59
C TRP FC 40 46.43 -9.78 -27.10
N ARG FC 41 45.73 -10.51 -26.24
CA ARG FC 41 45.78 -10.27 -24.79
C ARG FC 41 45.45 -11.57 -24.06
N PRO FC 42 46.45 -12.37 -23.72
CA PRO FC 42 46.20 -13.66 -23.07
C PRO FC 42 45.55 -13.49 -21.71
N TRP FC 43 44.68 -14.43 -21.35
CA TRP FC 43 43.97 -14.37 -20.09
C TRP FC 43 44.51 -15.35 -19.06
N PHE FC 44 45.50 -16.16 -19.40
CA PHE FC 44 46.15 -17.04 -18.43
C PHE FC 44 47.65 -16.76 -18.39
N HIS GC 2 17.86 -48.43 -20.47
CA HIS GC 2 17.43 -49.47 -19.55
C HIS GC 2 15.95 -49.38 -19.25
N ARG GC 3 15.58 -49.63 -17.99
CA ARG GC 3 14.20 -49.62 -17.57
C ARG GC 3 13.77 -48.30 -16.95
N ILE GC 4 14.70 -47.36 -16.73
CA ILE GC 4 14.33 -46.06 -16.21
C ILE GC 4 13.51 -45.29 -17.23
N TRP GC 5 13.83 -45.45 -18.51
CA TRP GC 5 13.09 -44.78 -19.57
C TRP GC 5 11.65 -45.28 -19.67
N LEU GC 6 11.36 -46.46 -19.12
CA LEU GC 6 9.97 -46.88 -19.00
C LEU GC 6 9.25 -46.10 -17.90
N MET GC 7 9.93 -45.87 -16.79
CA MET GC 7 9.31 -45.19 -15.66
C MET GC 7 9.35 -43.68 -15.81
N PHE GC 8 10.30 -43.16 -16.58
CA PHE GC 8 10.45 -41.73 -16.81
C PHE GC 8 10.60 -41.46 -18.31
N ASP GC 9 9.88 -40.47 -18.81
CA ASP GC 9 9.96 -40.11 -20.22
C ASP GC 9 11.34 -39.56 -20.54
N PRO GC 10 12.07 -40.13 -21.51
CA PRO GC 10 13.40 -39.58 -21.84
C PRO GC 10 13.39 -38.13 -22.25
N ARG GC 11 12.35 -37.66 -22.96
CA ARG GC 11 12.28 -36.25 -23.33
C ARG GC 11 12.26 -35.36 -22.09
N ARG GC 12 11.34 -35.64 -21.17
CA ARG GC 12 11.22 -34.83 -19.96
C ARG GC 12 12.51 -34.88 -19.13
N VAL GC 13 13.08 -36.08 -18.98
CA VAL GC 13 14.29 -36.22 -18.18
C VAL GC 13 15.44 -35.44 -18.82
N MET GC 14 15.58 -35.53 -20.15
CA MET GC 14 16.69 -34.84 -20.81
C MET GC 14 16.53 -33.34 -20.75
N VAL GC 15 15.31 -32.82 -20.92
CA VAL GC 15 15.11 -31.38 -20.80
C VAL GC 15 15.41 -30.91 -19.39
N ALA GC 16 14.92 -31.63 -18.38
CA ALA GC 16 15.18 -31.24 -17.00
C ALA GC 16 16.67 -31.31 -16.67
N MET GC 17 17.36 -32.33 -17.18
CA MET GC 17 18.79 -32.49 -16.94
C MET GC 17 19.59 -31.39 -17.61
N VAL GC 18 19.25 -31.04 -18.85
CA VAL GC 18 19.96 -29.96 -19.54
C VAL GC 18 19.76 -28.65 -18.79
N GLY GC 19 18.52 -28.36 -18.37
CA GLY GC 19 18.28 -27.15 -17.62
C GLY GC 19 19.03 -27.09 -16.32
N PHE GC 20 19.01 -28.20 -15.56
CA PHE GC 20 19.69 -28.23 -14.27
C PHE GC 20 21.20 -28.08 -14.44
N LEU GC 21 21.77 -28.78 -15.43
CA LEU GC 21 23.21 -28.69 -15.66
C LEU GC 21 23.62 -27.29 -16.07
N ALA GC 22 22.85 -26.66 -16.96
CA ALA GC 22 23.17 -25.30 -17.36
C ALA GC 22 23.09 -24.34 -16.19
N VAL GC 23 22.05 -24.45 -15.35
CA VAL GC 23 21.92 -23.56 -14.21
C VAL GC 23 23.06 -23.78 -13.23
N LEU GC 24 23.43 -25.04 -12.97
CA LEU GC 24 24.50 -25.32 -12.02
C LEU GC 24 25.83 -24.79 -12.54
N ALA GC 25 26.12 -24.99 -13.83
CA ALA GC 25 27.35 -24.46 -14.39
C ALA GC 25 27.41 -22.95 -14.30
N LEU GC 26 26.30 -22.27 -14.62
CA LEU GC 26 26.28 -20.82 -14.52
C LEU GC 26 26.49 -20.36 -13.09
N VAL GC 27 25.86 -21.04 -12.13
CA VAL GC 27 25.99 -20.63 -10.73
C VAL GC 27 27.43 -20.81 -10.26
N ILE GC 28 28.05 -21.94 -10.62
CA ILE GC 28 29.42 -22.17 -10.18
C ILE GC 28 30.37 -21.16 -10.82
N HIS GC 29 30.24 -20.93 -12.13
CA HIS GC 29 31.10 -19.97 -12.81
C HIS GC 29 30.93 -18.57 -12.21
N PHE GC 30 29.69 -18.17 -11.90
CA PHE GC 30 29.47 -16.85 -11.34
C PHE GC 30 29.99 -16.72 -9.91
N ILE GC 31 29.85 -17.78 -9.10
CA ILE GC 31 30.43 -17.75 -7.76
C ILE GC 31 31.93 -17.59 -7.84
N LEU GC 32 32.57 -18.36 -8.73
CA LEU GC 32 34.03 -18.26 -8.87
C LEU GC 32 34.43 -16.87 -9.36
N LEU GC 33 33.65 -16.30 -10.29
CA LEU GC 33 33.96 -14.97 -10.81
C LEU GC 33 33.80 -13.90 -9.76
N SER GC 34 32.88 -14.09 -8.81
CA SER GC 34 32.68 -13.11 -7.74
C SER GC 34 33.69 -13.23 -6.61
N SER GC 35 34.51 -14.27 -6.58
CA SER GC 35 35.49 -14.46 -5.53
C SER GC 35 36.73 -13.62 -5.80
N GLN GC 36 37.69 -13.68 -4.87
CA GLN GC 36 38.94 -12.96 -5.03
C GLN GC 36 40.05 -13.83 -5.58
N ARG GC 37 40.13 -15.08 -5.13
CA ARG GC 37 41.16 -15.99 -5.59
C ARG GC 37 40.94 -16.42 -7.04
N TYR GC 38 39.69 -16.52 -7.49
CA TYR GC 38 39.38 -17.08 -8.80
C TYR GC 38 38.64 -16.10 -9.71
N SER GC 39 38.93 -14.81 -9.60
CA SER GC 39 38.42 -13.82 -10.56
C SER GC 39 39.30 -13.83 -11.80
N TRP GC 40 39.15 -14.90 -12.59
CA TRP GC 40 40.12 -15.22 -13.64
C TRP GC 40 40.17 -14.17 -14.73
N ILE GC 41 39.10 -13.41 -14.94
CA ILE GC 41 39.10 -12.40 -16.00
C ILE GC 41 40.08 -11.28 -15.65
N GLU GC 42 40.19 -10.92 -14.38
CA GLU GC 42 41.14 -9.90 -13.98
C GLU GC 42 42.50 -10.48 -13.61
N ASN GC 43 42.54 -11.52 -12.79
CA ASN GC 43 43.79 -12.01 -12.23
C ASN GC 43 44.22 -13.36 -12.79
N GLY GC 44 43.66 -13.78 -13.92
CA GLY GC 44 43.95 -15.11 -14.44
C GLY GC 44 45.39 -15.31 -14.87
N THR GC 45 46.12 -14.23 -15.13
CA THR GC 45 47.50 -14.33 -15.55
C THR GC 45 48.46 -14.51 -14.39
N LEU GC 46 48.00 -14.31 -13.15
CA LEU GC 46 48.83 -14.53 -11.98
C LEU GC 46 49.18 -16.01 -11.84
N SER GC 47 50.35 -16.28 -11.28
CA SER GC 47 50.71 -17.65 -10.96
C SER GC 47 50.04 -18.08 -9.66
N ALA GC 48 50.10 -19.38 -9.38
CA ALA GC 48 49.40 -19.91 -8.22
C ALA GC 48 50.01 -19.40 -6.91
N ALA GC 49 51.26 -18.94 -6.96
CA ALA GC 49 51.87 -18.40 -5.75
C ALA GC 49 51.47 -16.95 -5.51
N GLN GC 50 51.05 -16.24 -6.56
CA GLN GC 50 50.65 -14.85 -6.44
C GLN GC 50 49.15 -14.66 -6.28
N ALA GC 51 48.36 -15.72 -6.42
CA ALA GC 51 46.91 -15.58 -6.34
C ALA GC 51 46.47 -15.30 -4.91
N PRO GC 52 45.38 -14.55 -4.73
CA PRO GC 52 44.91 -14.25 -3.37
C PRO GC 52 44.52 -15.51 -2.60
N VAL GC 53 44.73 -15.46 -1.30
CA VAL GC 53 44.36 -16.54 -0.39
C VAL GC 53 43.53 -15.95 0.75
N GLY GC 54 42.51 -16.68 1.18
CA GLY GC 54 41.74 -16.28 2.33
C GLY GC 54 42.61 -16.14 3.56
N ALA GC 55 42.47 -15.02 4.26
CA ALA GC 55 43.42 -14.66 5.31
C ALA GC 55 43.25 -15.55 6.53
N SER GC 56 44.36 -16.16 6.95
CA SER GC 56 44.44 -16.91 8.21
C SER GC 56 45.86 -17.36 8.47
N ASP HC 10 14.76 -53.52 -27.69
CA ASP HC 10 13.94 -52.52 -28.37
C ASP HC 10 14.67 -51.20 -28.60
N GLU HC 11 13.92 -50.11 -28.71
CA GLU HC 11 14.52 -48.81 -28.95
C GLU HC 11 15.37 -48.36 -27.78
N ALA HC 12 15.03 -48.79 -26.57
CA ALA HC 12 15.77 -48.36 -25.39
C ALA HC 12 17.21 -48.84 -25.42
N ARG HC 13 17.51 -49.93 -26.14
CA ARG HC 13 18.88 -50.42 -26.18
C ARG HC 13 19.79 -49.45 -26.92
N ARG HC 14 19.43 -49.10 -28.15
CA ARG HC 14 20.22 -48.12 -28.91
C ARG HC 14 20.17 -46.75 -28.24
N PHE HC 15 19.03 -46.40 -27.64
CA PHE HC 15 18.93 -45.11 -26.97
C PHE HC 15 19.87 -45.05 -25.76
N HIS HC 16 19.95 -46.14 -24.99
CA HIS HC 16 20.89 -46.22 -23.89
C HIS HC 16 22.33 -46.18 -24.37
N GLY HC 17 22.63 -46.86 -25.49
CA GLY HC 17 23.97 -46.76 -26.04
C GLY HC 17 24.37 -45.32 -26.31
N TYR HC 18 23.52 -44.60 -27.04
CA TYR HC 18 23.80 -43.21 -27.37
C TYR HC 18 23.87 -42.33 -26.12
N PHE HC 19 22.94 -42.53 -25.18
CA PHE HC 19 22.90 -41.70 -23.98
C PHE HC 19 24.11 -41.93 -23.09
N VAL HC 20 24.52 -43.19 -22.93
CA VAL HC 20 25.68 -43.49 -22.09
C VAL HC 20 26.95 -42.97 -22.73
N THR HC 21 27.07 -43.10 -24.06
CA THR HC 21 28.24 -42.51 -24.72
C THR HC 21 28.27 -41.00 -24.50
N GLY HC 22 27.14 -40.32 -24.67
CA GLY HC 22 27.11 -38.89 -24.47
C GLY HC 22 27.43 -38.49 -23.04
N THR HC 23 26.89 -39.23 -22.07
CA THR HC 23 27.14 -38.91 -20.67
C THR HC 23 28.60 -39.10 -20.29
N LEU HC 24 29.18 -40.23 -20.70
CA LEU HC 24 30.59 -40.49 -20.42
C LEU HC 24 31.48 -39.43 -21.07
N GLY HC 25 31.16 -39.07 -22.32
CA GLY HC 25 31.94 -38.06 -23.00
C GLY HC 25 31.86 -36.71 -22.32
N TYR HC 26 30.65 -36.29 -21.95
CA TYR HC 26 30.49 -35.07 -21.19
C TYR HC 26 31.21 -35.13 -19.86
N ILE HC 27 31.25 -36.30 -19.23
CA ILE HC 27 31.78 -36.39 -17.87
C ILE HC 27 33.29 -36.17 -17.90
N ILE HC 28 34.01 -36.89 -18.77
CA ILE HC 28 35.42 -36.94 -18.44
C ILE HC 28 36.15 -35.84 -19.20
N VAL HC 29 35.47 -35.11 -20.09
CA VAL HC 29 35.99 -33.82 -20.54
C VAL HC 29 35.91 -32.80 -19.41
N ALA HC 30 34.85 -32.88 -18.59
CA ALA HC 30 34.85 -32.12 -17.35
C ALA HC 30 35.99 -32.52 -16.43
N ALA HC 31 36.35 -33.81 -16.44
CA ALA HC 31 37.55 -34.22 -15.73
C ALA HC 31 38.81 -33.57 -16.30
N VAL HC 32 38.93 -33.49 -17.63
CA VAL HC 32 40.05 -32.77 -18.24
C VAL HC 32 40.06 -31.30 -17.82
N ALA HC 33 38.89 -30.68 -17.81
CA ALA HC 33 38.80 -29.27 -17.41
C ALA HC 33 39.22 -29.07 -15.96
N HIS HC 34 38.80 -29.98 -15.08
CA HIS HC 34 39.19 -29.87 -13.67
C HIS HC 34 40.68 -30.10 -13.49
N PHE HC 35 41.27 -31.03 -14.25
CA PHE HC 35 42.72 -31.22 -14.18
C PHE HC 35 43.47 -29.99 -14.65
N LEU HC 36 43.02 -29.38 -15.76
CA LEU HC 36 43.61 -28.13 -16.22
C LEU HC 36 43.54 -27.05 -15.16
N ALA HC 37 42.35 -26.85 -14.57
CA ALA HC 37 42.19 -25.83 -13.55
C ALA HC 37 43.06 -26.10 -12.34
N TRP HC 38 43.22 -27.37 -11.98
CA TRP HC 38 44.08 -27.71 -10.85
C TRP HC 38 45.53 -27.38 -11.15
N GLN HC 39 46.00 -27.71 -12.36
CA GLN HC 39 47.37 -27.35 -12.72
C GLN HC 39 47.56 -25.84 -12.75
N TRP HC 40 46.50 -25.09 -13.08
CA TRP HC 40 46.61 -23.64 -13.14
C TRP HC 40 46.57 -23.01 -11.75
N ARG HC 41 45.59 -23.41 -10.93
CA ARG HC 41 45.40 -22.79 -9.63
C ARG HC 41 44.70 -23.77 -8.68
N PRO HC 42 45.44 -24.55 -7.90
CA PRO HC 42 44.79 -25.54 -7.03
C PRO HC 42 43.95 -24.88 -5.96
N TRP HC 43 42.81 -25.51 -5.65
CA TRP HC 43 41.92 -25.01 -4.61
C TRP HC 43 42.12 -25.73 -3.29
N PHE HC 44 43.02 -26.71 -3.22
CA PHE HC 44 43.47 -27.29 -1.96
C PHE HC 44 44.98 -27.13 -1.87
MG BCL IC . 4.16 1.70 3.82
CHA BCL IC . 2.86 -0.98 5.63
CHB BCL IC . 1.55 1.40 1.69
CHC BCL IC . 4.73 4.86 2.73
CHD BCL IC . 6.37 2.30 6.44
NA BCL IC . 2.44 0.38 3.71
C1A BCL IC . 2.12 -0.71 4.51
C2A BCL IC . 0.90 -1.40 4.00
C3A BCL IC . 0.80 -0.87 2.58
C4A BCL IC . 1.54 0.42 2.67
CMA BCL IC . 1.47 -1.80 1.57
CAA BCL IC . -0.36 -1.09 4.82
CBA BCL IC . -1.56 -1.96 4.47
CGA BCL IC . -1.59 -3.22 5.25
O1A BCL IC . -0.68 -3.71 5.77
O2A BCL IC . -2.76 -3.77 5.37
NB BCL IC . 3.27 2.96 2.45
C1B BCL IC . 2.21 2.62 1.62
C2B BCL IC . 1.96 3.64 0.70
C3B BCL IC . 2.83 4.70 0.98
C4B BCL IC . 3.67 4.21 2.07
CMB BCL IC . 0.89 3.54 -0.37
CAB BCL IC . 2.83 6.00 0.29
OBB BCL IC . 1.87 6.44 -0.36
CBB BCL IC . 4.03 6.92 0.32
NC BCL IC . 5.37 3.33 4.49
C1C BCL IC . 5.47 4.55 3.88
C2C BCL IC . 6.60 5.36 4.36
C3C BCL IC . 7.01 4.62 5.64
C4C BCL IC . 6.21 3.35 5.58
CMC BCL IC . 7.73 5.47 3.36
CAC BCL IC . 6.81 5.43 6.94
CBC BCL IC . 7.80 6.54 7.10
ND BCL IC . 4.56 0.89 5.65
C1D BCL IC . 5.50 1.19 6.64
C2D BCL IC . 5.43 0.29 7.72
C3D BCL IC . 4.41 -0.60 7.39
C4D BCL IC . 3.92 -0.21 6.15
CMD BCL IC . 6.30 0.32 8.94
CAD BCL IC . 3.51 -1.56 7.91
OBD BCL IC . 3.46 -2.11 9.03
CBD BCL IC . 2.47 -1.88 6.82
CGD BCL IC . 2.43 -3.34 6.60
O1D BCL IC . 2.99 -3.93 5.71
O2D BCL IC . 1.72 -3.99 7.50
CED BCL IC . 1.62 -5.43 7.41
C1 BCL IC . -2.82 -5.00 6.15
C2 BCL IC . -4.05 -4.86 7.02
C3 BCL IC . -4.09 -4.87 8.33
C4 BCL IC . -2.88 -5.03 9.23
C5 BCL IC . -5.41 -4.72 9.08
C6 BCL IC . -5.99 -5.94 9.75
C7 BCL IC . -7.31 -5.61 10.44
C8 BCL IC . -7.74 -6.58 11.55
C9 BCL IC . -8.18 -7.95 10.98
C10 BCL IC . -8.84 -5.97 12.42
C11 BCL IC . -10.17 -5.42 11.92
C12 BCL IC . -11.21 -5.16 13.01
C13 BCL IC . -11.04 -3.93 13.93
C14 BCL IC . -10.19 -4.20 15.17
C15 BCL IC . -12.40 -3.52 14.49
C16 BCL IC . -13.54 -3.04 13.64
C17 BCL IC . -14.74 -2.63 14.51
C18 BCL IC . -16.02 -2.41 13.74
C19 BCL IC . -15.72 -1.20 12.85
C20 BCL IC . -17.25 -2.12 14.61
MG BCL JC . -4.31 1.82 11.32
CHA BCL JC . -5.68 4.53 9.70
CHB BCL JC . -7.43 1.10 12.51
CHC BCL JC . -3.26 -1.29 12.17
CHD BCL JC . -1.45 2.14 9.35
NA BCL JC . -6.29 2.72 11.10
C1A BCL JC . -6.63 3.86 10.40
C2A BCL JC . -7.96 4.40 10.88
C3A BCL JC . -8.47 3.31 11.82
C4A BCL JC . -7.42 2.25 11.74
CMA BCL JC . -8.61 3.85 13.24
CAA BCL JC . -8.97 4.76 9.77
CBA BCL JC . -9.88 3.66 9.26
CGA BCL JC . -9.33 2.61 8.38
O1A BCL JC . -8.27 2.16 8.42
O2A BCL JC . -10.24 2.27 7.53
NB BCL JC . -5.19 0.16 12.21
C1B BCL JC . -6.52 0.05 12.59
C2B BCL JC . -6.77 -1.23 13.09
C3B BCL JC . -5.60 -1.97 13.00
C4B BCL JC . -4.61 -1.06 12.44
CMB BCL JC . -8.13 -1.66 13.62
CAB BCL JC . -5.42 -3.36 13.39
OBB BCL JC . -5.97 -3.86 14.38
CBB BCL JC . -4.55 -4.28 12.59
NC BCL JC . -2.60 0.62 10.85
C1C BCL JC . -2.39 -0.65 11.30
C2C BCL JC . -1.05 -1.15 10.94
C3C BCL JC . -0.69 -0.27 9.76
C4C BCL JC . -1.58 0.93 9.99
CMC BCL JC . -0.05 -1.06 12.08
CAC BCL JC . -0.88 -0.96 8.37
CBC BCL JC . -2.31 -1.32 8.06
ND BCL JC . -3.69 2.98 9.78
C1D BCL JC . -2.44 3.16 9.19
C2D BCL JC . -2.35 4.39 8.51
C3D BCL JC . -3.58 4.98 8.66
C4D BCL JC . -4.37 4.11 9.41
CMD BCL JC . -1.14 4.91 7.79
CAD BCL JC . -4.32 6.19 8.55
OBD BCL JC . -3.98 7.30 8.12
CBD BCL JC . -5.75 5.94 9.08
CGD BCL JC . -6.17 7.01 9.99
O1D BCL JC . -7.17 7.67 9.84
O2D BCL JC . -5.36 7.21 11.00
CED BCL JC . -5.71 8.24 11.96
C1 BCL JC . -9.98 1.23 6.56
C2 BCL JC . -10.99 0.16 6.89
C3 BCL JC . -12.25 0.30 6.61
C4 BCL JC . -12.87 1.52 5.92
C5 BCL JC . -13.26 -0.76 6.96
C6 BCL JC . -14.10 -0.38 8.18
C7 BCL JC . -13.20 -0.11 9.40
C8 BCL JC . -13.69 0.85 10.48
C9 BCL JC . -14.02 2.23 9.87
C10 BCL JC . -12.62 1.03 11.54
C11 BCL JC . -13.28 1.70 12.72
C12 BCL JC . -12.44 1.71 13.98
C13 BCL JC . -13.33 1.77 15.23
C14 BCL JC . -14.27 2.98 15.26
C15 BCL JC . -12.43 1.78 16.49
C16 BCL JC . -11.55 0.55 16.64
C17 BCL JC . -10.90 0.30 18.00
C18 BCL JC . -11.89 0.19 19.16
C19 BCL JC . -11.02 -0.09 20.40
C20 BCL JC . -12.95 -0.92 19.03
O1D BPH KC . -16.99 -8.85 8.20
CGD BPH KC . -16.09 -8.29 7.61
O2D BPH KC . -16.29 -7.12 7.03
CED BPH KC . -17.60 -6.53 7.14
CBD BPH KC . -14.74 -8.80 7.45
CHA BPH KC . -13.60 -7.77 7.48
C4D BPH KC . -12.88 -8.02 6.32
C3D BPH KC . -13.35 -9.05 5.50
CAD BPH KC . -14.57 -9.48 6.07
OBD BPH KC . -15.44 -10.26 5.63
C2D BPH KC . -12.52 -9.13 4.41
CMD BPH KC . -12.58 -10.08 3.24
C1D BPH KC . -11.53 -8.13 4.62
ND BPH KC . -11.76 -7.44 5.80
CHD BPH KC . -10.42 -7.78 3.80
C4C BPH KC . -9.40 -6.89 4.05
C3C BPH KC . -8.12 -6.79 3.28
CAC BPH KC . -7.32 -8.13 3.16
CBC BPH KC . -7.78 -9.03 2.05
C2C BPH KC . -7.30 -5.74 4.06
CMC BPH KC . -6.81 -4.58 3.22
C1C BPH KC . -8.24 -5.34 5.13
NC BPH KC . -9.35 -6.12 5.19
CHC BPH KC . -7.91 -4.43 6.15
C4B BPH KC . -8.67 -3.85 7.18
C3B BPH KC . -8.33 -2.69 8.03
CAB BPH KC . -7.12 -1.86 8.02
CBB BPH KC . -6.18 -1.82 6.84
OBB BPH KC . -6.80 -1.14 8.97
C2B BPH KC . -9.43 -2.54 8.88
CMB BPH KC . -9.66 -1.51 9.97
C1B BPH KC . -10.35 -3.55 8.58
NB BPH KC . -9.88 -4.35 7.55
CHB BPH KC . -11.59 -3.78 9.21
C4A BPH KC . -12.47 -4.84 9.12
C3A BPH KC . -13.72 -4.98 9.93
CMA BPH KC . -14.76 -3.93 9.53
C2A BPH KC . -14.19 -6.40 9.59
C1A BPH KC . -13.43 -6.71 8.34
NA BPH KC . -12.42 -5.80 8.13
CAA BPH KC . -13.89 -7.41 10.71
CBA BPH KC . -14.80 -7.26 11.91
CGA BPH KC . -14.31 -7.99 13.12
O1A BPH KC . -13.37 -8.68 13.18
O2A BPH KC . -15.07 -7.75 14.14
C1 BPH KC . -14.73 -8.37 15.42
C2 BPH KC . -14.24 -7.20 16.26
C3 BPH KC . -15.01 -6.25 16.72
C4 BPH KC . -16.51 -6.15 16.48
C5 BPH KC . -14.46 -5.10 17.57
C6 BPH KC . -13.02 -5.17 18.02
C7 BPH KC . -12.75 -6.18 19.12
C8 BPH KC . -11.34 -6.03 19.69
C9 BPH KC . -11.12 -7.00 20.86
C10 BPH KC . -11.14 -4.60 20.19
C11 BPH KC . -9.70 -4.18 20.37
C12 BPH KC . -9.01 -3.84 19.05
C13 BPH KC . -7.54 -3.46 19.22
C14 BPH KC . -7.35 -2.52 20.41
C15 BPH KC . -6.98 -2.73 18.00
C16 BPH KC . -6.98 -1.19 17.99
C17 BPH KC . -6.26 -0.67 16.75
C18 BPH KC . -5.83 0.79 16.72
C19 BPH KC . -7.09 1.63 16.53
C20 BPH KC . -4.88 1.07 15.56
C1B LMT LC . -1.73 -17.72 3.65
C2B LMT LC . -1.00 -18.38 4.84
C3B LMT LC . -1.97 -19.27 5.64
C4B LMT LC . -3.23 -18.46 6.04
C5B LMT LC . -3.79 -17.79 4.78
C6B LMT LC . -5.02 -16.97 5.12
O1B LMT LC . -2.16 -18.72 2.78
O2B LMT LC . 0.05 -19.11 4.34
O3B LMT LC . -1.35 -19.86 6.70
O4' LMT LC . -4.18 -19.29 6.57
O5B LMT LC . -2.82 -17.00 4.13
O6B LMT LC . -5.51 -17.35 6.34
C1' LMT LC . -0.76 -17.04 -0.74
C2' LMT LC . -2.25 -16.74 -0.45
C3' LMT LC . -2.57 -17.08 1.03
C4' LMT LC . -2.10 -18.52 1.38
C5' LMT LC . -0.63 -18.63 0.91
C6' LMT LC . 0.03 -19.94 1.25
O1' LMT LC . -0.48 -16.83 -2.05
O2' LMT LC . -2.46 -15.40 -0.65
O3' LMT LC . -3.92 -16.97 1.27
O5' LMT LC . -0.54 -18.41 -0.46
O6' LMT LC . 1.37 -19.70 1.29
C1 LMT LC . 0.36 -15.72 -2.30
C2 LMT LC . -0.27 -15.00 -3.46
C3 LMT LC . 0.42 -13.78 -3.95
C4 LMT LC . 1.83 -14.15 -4.31
C5 LMT LC . 1.87 -14.83 -5.65
C6 LMT LC . 1.95 -13.85 -6.77
C7 LMT LC . 3.19 -13.01 -6.64
C8 LMT LC . 3.11 -11.87 -7.59
C9 LMT LC . 4.29 -10.97 -7.58
C10 LMT LC . 5.46 -11.75 -8.13
C11 LMT LC . 6.72 -10.98 -8.05
C12 LMT LC . 6.66 -9.71 -8.84
C1B LMT MC . 8.50 -17.33 -3.46
C2B LMT MC . 7.61 -18.20 -2.56
C3B LMT MC . 6.65 -17.35 -1.70
C4B LMT MC . 7.41 -16.18 -1.02
C5B LMT MC . 8.16 -15.43 -2.13
C6B LMT MC . 8.84 -14.19 -1.56
O1B LMT MC . 7.75 -16.86 -4.54
O2B LMT MC . 6.90 -19.05 -3.37
O3B LMT MC . 5.96 -18.12 -0.80
O4' LMT MC . 6.54 -15.33 -0.40
O5B LMT MC . 9.09 -16.27 -2.77
O6B LMT MC . 9.44 -14.47 -0.35
C1' LMT MC . 7.85 -16.37 -8.65
C2' LMT MC . 7.82 -17.85 -8.18
C3' LMT MC . 7.54 -17.96 -6.65
C4' LMT MC . 8.34 -16.95 -5.82
C5' LMT MC . 8.15 -15.59 -6.53
C6' LMT MC . 8.72 -14.42 -5.77
O1' LMT MC . 8.37 -16.29 -9.92
O2' LMT MC . 6.82 -18.49 -8.87
O3' LMT MC . 7.81 -19.23 -6.22
O5' LMT MC . 8.72 -15.64 -7.81
O6' LMT MC . 10.08 -14.59 -5.78
C1 LMT MC . 9.76 -16.50 -9.99
C2 LMT MC . 10.15 -16.00 -11.35
C3 LMT MC . 11.36 -16.63 -11.96
C4 LMT MC . 11.91 -15.68 -12.98
C5 LMT MC . 10.87 -15.36 -14.02
C6 LMT MC . 11.47 -14.91 -15.30
C7 LMT MC . 10.42 -14.30 -16.17
C8 LMT MC . 9.87 -13.10 -15.48
C9 LMT MC . 8.86 -12.33 -16.28
C10 LMT MC . 9.01 -10.89 -15.88
C11 LMT MC . 7.94 -10.04 -16.49
C12 LMT MC . 8.42 -8.64 -16.73
C1B LMT NC . 19.87 -17.32 -8.10
C2B LMT NC . 19.67 -18.32 -6.92
C3B LMT NC . 20.55 -17.96 -5.70
C4B LMT NC . 22.00 -17.65 -6.13
C5B LMT NC . 21.90 -16.57 -7.20
C6B LMT NC . 23.28 -16.05 -7.56
O1B LMT NC . 19.19 -16.14 -7.82
O2B LMT NC . 18.34 -18.27 -6.58
O3B LMT NC . 20.48 -18.93 -4.72
O4' LMT NC . 22.75 -17.19 -5.07
O5B LMT NC . 21.22 -17.06 -8.34
O6B LMT NC . 23.50 -14.84 -6.92
C1' LMT NC . 16.38 -13.54 -9.36
C2' LMT NC . 15.91 -15.01 -9.29
C3' LMT NC . 16.89 -15.84 -8.41
C4' LMT NC . 18.35 -15.61 -8.83
C5' LMT NC . 18.53 -14.08 -8.85
C6' LMT NC . 19.96 -13.62 -9.07
O1' LMT NC . 15.63 -12.84 -10.27
O2' LMT NC . 14.67 -15.06 -8.71
O3' LMT NC . 16.58 -17.17 -8.48
O5' LMT NC . 17.71 -13.51 -9.82
O6' LMT NC . 20.35 -13.04 -7.88
C1 LMT NC . 14.68 -11.97 -9.70
C2 LMT NC . 13.79 -11.58 -10.85
C3 LMT NC . 12.93 -10.38 -10.65
C4 LMT NC . 13.77 -9.15 -10.90
C5 LMT NC . 13.02 -7.92 -10.49
C6 LMT NC . 13.30 -6.75 -11.38
C7 LMT NC . 14.52 -6.01 -10.89
C8 LMT NC . 14.41 -4.59 -11.33
C9 LMT NC . 14.34 -3.62 -10.20
C10 LMT NC . 13.69 -2.37 -10.72
C11 LMT NC . 12.72 -1.80 -9.73
C12 LMT NC . 11.79 -0.84 -10.38
C1B LMT OC . 15.64 -16.48 1.94
C2B LMT OC . 14.89 -17.55 2.79
C3B LMT OC . 15.42 -17.60 4.23
C4B LMT OC . 16.97 -17.71 4.24
C5B LMT OC . 17.49 -16.54 3.40
C6B LMT OC . 19.02 -16.53 3.43
O1B LMT OC . 15.20 -15.20 2.28
O2B LMT OC . 13.56 -17.22 2.77
O3B LMT OC . 14.83 -18.61 4.96
O4' LMT OC . 17.46 -17.63 5.52
O5B LMT OC . 17.02 -16.60 2.07
O6B LMT OC . 19.51 -17.23 2.37
C1' LMT OC . 14.09 -13.97 -1.54
C2' LMT OC . 15.55 -13.66 -1.18
C3' LMT OC . 15.98 -14.41 0.11
C4' LMT OC . 14.95 -14.24 1.25
C5' LMT OC . 13.56 -14.53 0.63
C6' LMT OC . 12.43 -14.46 1.64
O1' LMT OC . 13.69 -13.15 -2.56
O2' LMT OC . 16.33 -14.08 -2.21
O3' LMT OC . 17.20 -13.97 0.52
O5' LMT OC . 13.28 -13.64 -0.42
O6' LMT OC . 12.95 -13.82 2.74
C1 LMT OC . 12.89 -13.74 -3.55
C2 LMT OC . 12.02 -12.63 -4.04
C3 LMT OC . 12.73 -11.46 -4.65
C4 LMT OC . 11.78 -10.28 -4.68
C5 LMT OC . 12.45 -9.13 -5.36
C6 LMT OC . 11.46 -8.14 -5.87
C7 LMT OC . 12.16 -7.15 -6.78
C8 LMT OC . 11.34 -5.92 -6.86
C9 LMT OC . 10.11 -6.03 -7.72
C10 LMT OC . 9.72 -4.63 -8.09
C11 LMT OC . 8.23 -4.49 -8.18
C12 LMT OC . 7.82 -3.13 -8.64
C1B LMT PC . -14.20 -30.98 4.37
C2B LMT PC . -15.12 -31.95 3.63
C3B LMT PC . -15.54 -33.11 4.54
C4B LMT PC . -14.29 -33.77 5.19
C5B LMT PC . -13.44 -32.66 5.82
C6B LMT PC . -12.17 -33.26 6.44
O1B LMT PC . -14.91 -30.38 5.39
O2B LMT PC . -16.21 -31.21 3.23
O3B LMT PC . -16.32 -34.02 3.87
O4' LMT PC . -14.68 -34.65 6.17
O5B LMT PC . -13.09 -31.66 4.90
O6B LMT PC . -12.43 -34.53 6.89
C1' LMT PC . -15.78 -26.43 6.46
C2' LMT PC . -16.20 -26.88 5.03
C3' LMT PC . -16.23 -28.43 4.93
C4' LMT PC . -14.89 -28.97 5.42
C5' LMT PC . -14.81 -28.49 6.88
C6' LMT PC . -13.78 -29.16 7.73
O1' LMT PC . -15.47 -25.10 6.45
O2' LMT PC . -17.46 -26.41 4.78
O3' LMT PC . -16.48 -28.82 3.65
O5' LMT PC . -14.61 -27.11 6.89
O6' LMT PC . -13.45 -28.27 8.72
C1 LMT PC . -14.98 -24.60 7.68
C2 LMT PC . -13.54 -24.26 7.41
C3 LMT PC . -13.27 -22.91 6.83
C4 LMT PC . -12.23 -22.27 7.69
C5 LMT PC . -12.06 -20.83 7.37
C6 LMT PC . -11.27 -20.12 8.40
C7 LMT PC . -10.16 -19.33 7.75
C8 LMT PC . -9.61 -18.38 8.75
C9 LMT PC . -8.13 -18.45 8.95
C10 LMT PC . -7.81 -19.81 9.54
C11 LMT PC . -8.28 -19.93 10.95
C12 LMT PC . -7.98 -21.27 11.53
C1B LMT QC . 11.94 -13.58 32.56
C2B LMT QC . 11.45 -12.39 33.40
C3B LMT QC . 12.22 -11.09 33.05
C4B LMT QC . 13.74 -11.35 33.06
C5B LMT QC . 13.98 -12.51 32.10
C6B LMT QC . 15.48 -12.76 31.94
O1B LMT QC . 11.42 -13.48 31.28
O2B LMT QC . 10.11 -12.24 33.14
O3B LMT QC . 11.85 -10.05 33.85
O4' LMT QC . 14.43 -10.24 32.64
O5B LMT QC . 13.34 -13.68 32.53
O6B LMT QC . 15.79 -14.02 32.42
C1' LMT QC . 9.30 -15.87 28.62
C2' LMT QC . 8.76 -15.84 30.05
C3' LMT QC . 9.39 -14.67 30.86
C4' LMT QC . 10.91 -14.67 30.71
C5' LMT QC . 11.15 -14.65 29.20
C6' LMT QC . 12.56 -14.36 28.79
O1' LMT QC . 8.92 -17.03 28.02
O2' LMT QC . 7.41 -15.63 29.98
O3' LMT QC . 9.04 -14.76 32.18
O5' LMT QC . 10.72 -15.86 28.64
O6' LMT QC . 12.49 -13.54 27.69
C1 LMT QC . 9.20 -17.09 26.64
C2 LMT QC . 8.08 -17.90 26.07
C3 LMT QC . 6.74 -17.24 26.01
C4 LMT QC . 5.75 -18.25 25.50
C5 LMT QC . 6.18 -18.77 24.17
C6 LMT QC . 5.37 -18.20 23.06
C7 LMT QC . 4.10 -18.96 22.89
C8 LMT QC . 3.37 -18.41 21.72
C9 LMT QC . 2.87 -17.01 21.90
C10 LMT QC . 2.11 -16.62 20.65
C11 LMT QC . 0.66 -16.96 20.75
C12 LMT QC . -0.18 -15.73 20.97
C1 MQ8 RC . -15.04 -5.26 -15.37
O1 MQ8 RC . -15.66 -4.85 -14.37
C2 MQ8 RC . -13.67 -4.79 -15.65
C2M MQ8 RC . -13.03 -3.82 -14.68
C3 MQ8 RC . -13.00 -5.20 -16.74
C4 MQ8 RC . -13.58 -6.24 -17.60
O4 MQ8 RC . -12.86 -6.85 -18.43
C5 MQ8 RC . -15.00 -6.57 -17.46
C6 MQ8 RC . -15.71 -7.21 -18.47
C7 MQ8 RC . -16.93 -7.80 -18.17
C8 MQ8 RC . -17.46 -7.69 -16.90
C9 MQ8 RC . -16.88 -6.84 -15.98
C10 MQ8 RC . -15.66 -6.24 -16.27
C11 MQ8 RC . -11.69 -4.55 -17.09
C12 MQ8 RC . -10.56 -5.48 -16.82
C13 MQ8 RC . -9.42 -5.56 -17.49
C14 MQ8 RC . -9.24 -5.05 -18.90
C15 MQ8 RC . -8.19 -6.17 -16.87
C16 MQ8 RC . -7.79 -5.50 -15.54
C17 MQ8 RC . -6.32 -5.60 -15.28
C18 MQ8 RC . -5.52 -4.69 -14.73
C19 MQ8 RC . -6.00 -3.34 -14.28
C20 MQ8 RC . -4.05 -4.96 -14.53
C21 MQ8 RC . -3.77 -5.99 -13.43
C22 MQ8 RC . -2.32 -6.29 -13.30
C23 MQ8 RC . -1.75 -7.34 -12.69
C24 MQ8 RC . -0.32 -7.34 -12.19
C25 MQ8 RC . -2.52 -8.61 -12.46
C26 MQ8 RC . -1.67 -9.87 -12.65
C27 MQ8 RC . -2.42 -10.95 -13.38
C28 MQ8 RC . -2.78 -12.15 -12.92
C29 MQ8 RC . -4.07 -12.82 -13.30
C30 MQ8 RC . -1.90 -12.91 -11.97
C31 MQ8 RC . -2.59 -14.19 -11.44
C32 MQ8 RC . -1.63 -15.07 -10.70
C33 MQ8 RC . -1.84 -16.31 -10.27
C34 MQ8 RC . -1.31 -17.53 -10.95
C35 MQ8 RC . -2.65 -16.57 -9.01
C36 MQ8 RC . -1.89 -17.36 -7.95
C37 MQ8 RC . -2.71 -17.58 -6.72
C38 MQ8 RC . -3.08 -18.73 -6.17
C39 MQ8 RC . -3.31 -19.99 -6.96
C40 MQ8 RC . -3.31 -18.85 -4.68
C41 MQ8 RC . -4.79 -18.93 -4.31
C42 MQ8 RC . -5.08 -20.01 -3.31
C43 MQ8 RC . -4.78 -21.30 -3.41
C44 MQ8 RC . -5.71 -22.24 -4.15
C45 MQ8 RC . -3.56 -21.92 -2.82
C46 MQ8 RC . -6.48 -23.18 -3.22
C47 MQ8 RC . -5.70 -24.41 -2.90
C48 MQ8 RC . -5.44 -24.91 -1.69
C49 MQ8 RC . -5.68 -26.34 -1.33
C50 MQ8 RC . -4.85 -24.07 -0.59
FE FE SC . -19.64 -7.34 -9.10
C1 CD4 TC . -25.92 17.24 4.06
C2 CD4 TC . -26.07 16.76 2.63
C3 CD4 TC . -24.92 17.20 1.74
C4 CD4 TC . -25.06 16.77 0.28
C5 CD4 TC . -24.86 15.28 0.05
C6 CD4 TC . -25.02 14.88 -1.41
C7 CD4 TC . -24.70 13.42 -1.71
C8 CD4 TC . -24.89 13.04 -3.17
C9 CD4 TC . -24.48 11.61 -3.50
C10 CD4 TC . -24.77 11.20 -4.93
C11 CD4 TC . -26.20 11.46 -5.36
C12 CD4 TC . -26.63 10.75 -6.63
C13 CD4 TC . -25.83 11.15 -7.86
C14 CD4 TC . -26.48 10.71 -9.14
O1 CD4 TC . -25.94 10.69 -10.22
O2 CD4 TC . -27.75 10.35 -8.93
C15 CD4 TC . -28.53 9.89 -10.09
C16 CD4 TC . -29.98 10.14 -9.79
O3 CD4 TC . -30.24 11.56 -9.81
C17 CD4 TC . -31.26 12.00 -9.07
O4 CD4 TC . -31.95 11.29 -8.41
C18 CD4 TC . -31.41 13.48 -9.19
C19 CD4 TC . -30.93 14.25 -7.96
C20 CD4 TC . -29.47 13.97 -7.63
C21 CD4 TC . -28.92 14.87 -6.51
C22 CD4 TC . -28.94 16.35 -6.87
C23 CD4 TC . -28.42 17.25 -5.76
C24 CD4 TC . -27.00 16.91 -5.31
C25 CD4 TC . -26.42 17.90 -4.31
C26 CD4 TC . -26.26 19.31 -4.86
C27 CD4 TC . -25.36 20.21 -4.02
C28 CD4 TC . -28.25 8.42 -10.24
O5 CD4 TC . -27.18 8.25 -11.11
P1 CD4 TC . -27.13 6.89 -11.82
O6 CD4 TC . -27.66 5.87 -10.87
O7 CD4 TC . -25.76 6.75 -12.40
O8 CD4 TC . -28.15 7.17 -12.94
C29 CD4 TC . -27.78 8.08 -13.96
C30 CD4 TC . -28.43 7.65 -15.25
O9 CD4 TC . -28.08 6.28 -15.50
C31 CD4 TC . -27.98 8.47 -16.44
O10 CD4 TC . -26.63 8.16 -16.71
P2 CD4 TC . -25.70 9.36 -16.93
O11 CD4 TC . -24.67 9.01 -17.96
O12 CD4 TC . -26.52 10.61 -17.06
O13 CD4 TC . -25.00 9.37 -15.57
C32 CD4 TC . -23.90 10.12 -15.52
C33 CD4 TC . -23.65 10.55 -14.09
C34 CD4 TC . -22.89 9.49 -13.34
O14 CD4 TC . -22.02 10.15 -12.40
C35 CD4 TC . -22.06 9.71 -11.14
O15 CD4 TC . -22.75 8.80 -10.77
C36 CD4 TC . -21.12 10.49 -10.27
C37 CD4 TC . -21.69 11.82 -9.80
C38 CD4 TC . -20.64 12.65 -9.10
C39 CD4 TC . -19.41 12.90 -9.95
C40 CD4 TC . -18.19 13.30 -9.16
C41 CD4 TC . -16.95 13.50 -10.03
C42 CD4 TC . -15.70 13.87 -9.24
C43 CD4 TC . -14.59 14.46 -10.10
C44 CD4 TC . -13.48 15.07 -9.29
C45 CD4 TC . -12.53 15.92 -10.11
O16 CD4 TC . -22.83 11.76 -14.15
C46 CD4 TC . -23.40 12.94 -13.83
O17 CD4 TC . -22.83 14.00 -13.92
C47 CD4 TC . -24.81 12.78 -13.35
C48 CD4 TC . -25.57 14.08 -13.16
C49 CD4 TC . -25.92 14.76 -14.47
C50 CD4 TC . -26.83 15.98 -14.34
C51 CD4 TC . -26.14 17.28 -13.94
C52 CD4 TC . -25.96 17.48 -12.44
C53 CD4 TC . -25.40 18.84 -12.06
C54 CD4 TC . -26.27 20.01 -12.53
C55 CD4 TC . -25.75 21.38 -12.12
C56 CD4 TC . -24.41 21.75 -12.75
C57 CD4 TC . -24.45 21.82 -14.27
C58 CD4 TC . -23.09 22.05 -14.90
C59 CD4 TC . -22.45 23.36 -14.49
C60 CD4 TC . -23.99 19.62 -3.78
C61 CD4 TC . -23.04 20.52 -2.99
C62 CD4 TC . -21.68 19.90 -2.79
C63 CD4 TC . -13.16 17.14 -10.75
C64 CD4 TC . -12.15 18.05 -11.46
C65 CD4 TC . -11.36 17.34 -12.54
MG BCL UC . 4.22 6.27 -7.98
CHA BCL UC . 4.72 2.94 -7.13
CHB BCL UC . 4.02 5.29 -11.22
CHC BCL UC . 2.56 9.14 -8.71
CHD BCL UC . 3.90 7.02 -4.60
NA BCL UC . 4.36 4.35 -9.00
C1A BCL UC . 4.58 3.09 -8.48
C2A BCL UC . 4.54 2.04 -9.55
C3A BCL UC . 4.74 2.89 -10.82
C4A BCL UC . 4.27 4.24 -10.38
CMA BCL UC . 6.19 2.94 -11.25
CAA BCL UC . 3.25 1.21 -9.58
CBA BCL UC . 1.93 2.00 -9.77
CGA BCL UC . 0.69 1.20 -9.84
O1A BCL UC . 0.41 0.31 -9.14
O2A BCL UC . -0.13 1.59 -10.78
NB BCL UC . 3.40 7.10 -9.68
C1B BCL UC . 3.43 6.54 -10.96
C2B BCL UC . 2.84 7.39 -11.89
C3B BCL UC . 2.40 8.52 -11.20
C4B BCL UC . 2.76 8.29 -9.81
CMB BCL UC . 2.75 7.09 -13.38
CAB BCL UC . 1.72 9.67 -11.79
OBB BCL UC . 2.03 10.12 -12.91
CBB BCL UC . 0.60 10.37 -11.09
NC BCL UC . 3.36 7.84 -6.81
C1C BCL UC . 2.76 8.96 -7.33
C2C BCL UC . 2.61 10.05 -6.33
C3C BCL UC . 3.12 9.39 -5.04
C4C BCL UC . 3.38 7.98 -5.45
CMC BCL UC . 3.38 11.30 -6.72
CAC BCL UC . 2.15 9.56 -3.83
CBC BCL UC . 0.87 8.77 -3.95
ND BCL UC . 4.21 5.23 -6.23
C1D BCL UC . 4.23 5.66 -4.90
C2D BCL UC . 4.62 4.62 -4.02
C3D BCL UC . 4.83 3.52 -4.84
C4D BCL UC . 4.57 3.92 -6.14
CMD BCL UC . 4.77 4.74 -2.53
CAD BCL UC . 5.50 2.27 -4.93
OBD BCL UC . 6.14 1.63 -4.10
CBD BCL UC . 5.33 1.75 -6.37
CGD BCL UC . 6.62 1.28 -6.88
O1D BCL UC . 6.84 0.18 -7.33
O2D BCL UC . 7.57 2.18 -6.79
CED BCL UC . 8.87 1.77 -7.24
C1 BCL UC . -1.38 0.86 -10.94
C2 BCL UC . -1.05 -0.27 -11.91
C3 BCL UC . -1.22 -0.21 -13.21
C4 BCL UC . -1.77 0.99 -13.96
C5 BCL UC . -0.84 -1.40 -14.10
C6 BCL UC . 0.01 -1.09 -15.32
C7 BCL UC . 1.38 -0.49 -14.96
C8 BCL UC . 2.30 -0.05 -16.10
C9 BCL UC . 3.75 0.13 -15.59
C10 BCL UC . 1.81 1.24 -16.78
C11 BCL UC . 0.89 1.09 -17.98
C12 BCL UC . 1.56 0.33 -19.14
C13 BCL UC . 0.68 0.05 -20.39
C14 BCL UC . 1.31 -0.98 -21.31
C15 BCL UC . 0.40 1.35 -21.20
C16 BCL UC . -0.59 2.46 -20.78
C17 BCL UC . -2.07 2.09 -20.76
C18 BCL UC . -2.74 2.06 -22.13
C19 BCL UC . -2.85 3.55 -22.51
C20 BCL UC . -4.13 1.42 -22.15
MG BCL VC . 1.07 8.18 1.38
CHA BCL VC . -0.73 10.04 -0.90
CHB BCL VC . -1.41 5.90 1.38
CHC BCL VC . 2.27 6.96 4.30
CHD BCL VC . 3.41 10.74 1.55
NA BCL VC . -0.84 8.02 0.36
C1A BCL VC . -1.41 8.90 -0.54
C2A BCL VC . -2.65 8.32 -1.16
C3A BCL VC . -2.83 6.98 -0.44
C4A BCL VC . -1.69 6.95 0.54
CMA BCL VC . -4.18 6.88 0.26
CAA BCL VC . -2.51 8.14 -2.67
CBA BCL VC . -3.67 7.53 -3.45
CGA BCL VC . -3.11 7.23 -4.79
O1A BCL VC . -2.02 7.44 -5.09
O2A BCL VC . -3.87 6.72 -5.66
NB BCL VC . 0.48 6.70 2.71
C1B BCL VC . -0.47 5.74 2.40
C2B BCL VC . -0.34 4.64 3.25
C3B BCL VC . 0.73 4.90 4.13
C4B BCL VC . 1.21 6.22 3.75
CMB BCL VC . -1.25 3.42 3.15
CAB BCL VC . 1.33 4.13 5.23
OBB BCL VC . 2.24 4.57 5.95
CBB BCL VC . 0.90 2.72 5.58
NC BCL VC . 2.58 8.79 2.75
C1C BCL VC . 2.98 8.08 3.84
C2C BCL VC . 4.01 8.81 4.62
C3C BCL VC . 4.63 9.69 3.54
C4C BCL VC . 3.50 9.80 2.56
CMC BCL VC . 3.42 9.64 5.74
CAC BCL VC . 5.96 9.14 2.93
CBC BCL VC . 7.11 9.16 3.91
ND BCL VC . 1.28 10.04 0.59
C1D BCL VC . 2.36 10.93 0.61
C2D BCL VC . 2.22 11.93 -0.39
C3D BCL VC . 1.02 11.63 -1.02
C4D BCL VC . 0.49 10.50 -0.40
CMD BCL VC . 3.20 13.05 -0.67
CAD BCL VC . 0.10 12.00 -2.03
OBD BCL VC . 0.21 12.81 -2.96
CBD BCL VC . -1.18 11.17 -1.82
CGD BCL VC . -2.28 11.99 -1.29
O1D BCL VC . -3.34 12.12 -1.83
O2D BCL VC . -2.00 12.58 -0.15
CED BCL VC . -3.01 13.40 0.50
C1 BCL VC . -3.15 6.51 -6.92
C2 BCL VC . -3.62 7.62 -7.84
C3 BCL VC . -2.89 8.54 -8.40
C4 BCL VC . -1.39 8.72 -8.25
C5 BCL VC . -3.57 9.57 -9.28
C6 BCL VC . -2.94 9.88 -10.62
C7 BCL VC . -3.00 8.72 -11.60
C8 BCL VC . -2.75 9.25 -13.01
C9 BCL VC . -4.04 9.85 -13.61
C10 BCL VC . -2.25 8.12 -13.90
C11 BCL VC . -1.56 8.59 -15.15
C12 BCL VC . -0.73 7.48 -15.76
C13 BCL VC . 0.10 7.89 -16.97
C14 BCL VC . -0.75 8.07 -18.21
C15 BCL VC . 1.01 6.72 -17.19
C16 BCL VC . 2.16 6.83 -18.14
C17 BCL VC . 3.35 7.74 -17.82
C18 BCL VC . 4.41 7.59 -18.89
C19 BCL VC . 5.64 8.38 -18.40
C20 BCL VC . 4.00 8.10 -20.28
O1D BPH WC . -8.43 3.68 -19.20
CGD BPH WC . -8.32 3.76 -18.01
O2D BPH WC . -8.11 2.69 -17.26
CED BPH WC . -7.98 1.42 -17.94
CBD BPH WC . -8.42 4.99 -17.22
CHA BPH WC . -7.34 5.15 -16.14
C4D BPH WC . -8.09 5.14 -14.94
C3D BPH WC . -9.47 5.01 -15.07
CAD BPH WC . -9.75 5.05 -16.45
OBD BPH WC . -10.83 5.11 -17.05
C2D BPH WC . -10.00 5.01 -13.79
CMD BPH WC . -11.44 4.90 -13.34
C1D BPH WC . -8.89 5.16 -12.92
ND BPH WC . -7.70 5.23 -13.64
CHD BPH WC . -8.87 5.22 -11.50
C4C BPH WC . -7.78 5.13 -10.66
C3C BPH WC . -7.86 5.08 -9.14
CAC BPH WC . -8.75 6.18 -8.50
CBC BPH WC . -10.22 5.82 -8.44
C2C BPH WC . -6.38 5.21 -8.72
CMC BPH WC . -5.94 4.20 -7.68
C1C BPH WC . -5.66 5.09 -10.00
NC BPH WC . -6.48 5.21 -11.08
CHC BPH WC . -4.27 5.15 -10.13
C4B BPH WC . -3.40 4.97 -11.23
C3B BPH WC . -1.96 4.93 -11.23
CAB BPH WC . -1.07 5.07 -10.10
CBB BPH WC . -1.30 4.25 -8.87
OBB BPH WC . -0.10 5.83 -10.07
C2B BPH WC . -1.59 4.73 -12.54
CMB BPH WC . -0.19 4.60 -13.12
C1B BPH WC . -2.76 4.66 -13.30
NB BPH WC . -3.88 4.79 -12.49
CHB BPH WC . -2.84 4.45 -14.68
C4A BPH WC . -3.90 4.63 -15.55
C3A BPH WC . -3.83 4.37 -17.01
CMA BPH WC . -3.68 2.87 -17.31
C2A BPH WC . -5.17 4.92 -17.52
C1A BPH WC . -5.99 4.98 -16.27
NA BPH WC . -5.21 4.81 -15.15
CAA BPH WC . -5.02 6.28 -18.21
CBA BPH WC . -4.22 6.19 -19.51
CGA BPH WC . -3.80 7.48 -20.12
O1A BPH WC . -4.13 8.54 -19.79
O2A BPH WC . -2.98 7.27 -21.10
C1 BPH WC . -2.41 8.37 -21.88
C2 BPH WC . -1.52 7.68 -22.90
C3 BPH WC . -0.23 7.65 -22.81
C4 BPH WC . 0.57 8.30 -21.69
C5 BPH WC . 0.64 6.93 -23.85
C6 BPH WC . 1.89 6.30 -23.29
C7 BPH WC . 2.54 5.30 -24.24
C8 BPH WC . 3.50 4.32 -23.54
C9 BPH WC . 3.28 4.27 -22.01
C10 BPH WC . 4.95 4.73 -23.83
C11 BPH WC . 5.49 4.19 -25.13
C12 BPH WC . 5.74 2.68 -25.08
C13 BPH WC . 6.41 2.14 -26.34
C14 BPH WC . 5.50 2.16 -27.56
C15 BPH WC . 6.83 0.68 -26.07
C16 BPH WC . 7.75 0.45 -24.87
C17 BPH WC . 9.15 1.10 -24.90
C18 BPH WC . 10.09 0.54 -25.94
C19 BPH WC . 10.22 -0.95 -25.58
C20 BPH WC . 11.49 1.19 -25.95
C1M CRT XC . 14.89 3.30 -25.78
O1 CRT XC . 14.97 4.50 -25.04
C1 CRT XC . 14.13 5.58 -25.42
C2 CRT XC . 14.03 5.75 -26.93
C3 CRT XC . 14.62 6.87 -24.79
C4 CRT XC . 12.75 5.22 -24.83
C5 CRT XC . 12.77 4.83 -23.39
C6 CRT XC . 12.12 5.49 -22.42
C7 CRT XC . 12.11 5.15 -21.01
C8 CRT XC . 12.95 3.99 -20.56
C9 CRT XC . 11.36 5.90 -20.18
C10 CRT XC . 11.21 5.73 -18.76
C11 CRT XC . 10.32 6.43 -18.03
C12 CRT XC . 10.12 6.30 -16.61
C13 CRT XC . 10.89 5.25 -15.87
C14 CRT XC . 9.23 7.14 -16.02
C15 CRT XC . 8.84 7.20 -14.65
C16 CRT XC . 7.80 7.97 -14.24
C17 CRT XC . 7.30 8.11 -12.90
C18 CRT XC . 7.62 7.05 -11.90
C19 CRT XC . 6.54 9.20 -12.64
C20 CRT XC . 5.91 9.54 -11.40
C21 CRT XC . 5.36 10.73 -11.07
C22 CRT XC . 5.30 11.92 -11.85
C23 CRT XC . 4.34 12.88 -11.71
C24 CRT XC . 3.24 12.75 -10.70
C25 CRT XC . 4.41 14.04 -12.55
C26 CRT XC . 3.47 15.01 -12.69
C27 CRT XC . 3.65 16.12 -13.55
C28 CRT XC . 2.77 17.13 -13.80
C29 CRT XC . 1.41 17.23 -13.20
C30 CRT XC . 3.22 18.16 -14.70
C31 CRT XC . 2.47 19.15 -15.25
C32 CRT XC . 3.04 20.12 -16.13
C33 CRT XC . 2.40 21.04 -16.89
C34 CRT XC . 0.91 21.17 -16.96
C35 CRT XC . 3.22 21.93 -17.70
C36 CRT XC . 2.76 22.98 -18.40
C37 CRT XC . 3.62 23.87 -19.22
C38 CRT XC . 3.57 25.37 -18.83
C39 CRT XC . 2.14 25.90 -18.89
C40 CRT XC . 4.11 25.52 -17.41
O2 CRT XC . 4.40 25.98 -19.81
C2M CRT XC . 5.19 27.08 -19.44
C1B LMT YC . -4.00 34.40 2.71
C2B LMT YC . -4.26 34.46 4.23
C3B LMT YC . -5.53 35.28 4.56
C4B LMT YC . -5.52 36.63 3.80
C5B LMT YC . -5.31 36.29 2.32
C6B LMT YC . -5.42 37.55 1.47
O1B LMT YC . -4.94 33.55 2.13
O2B LMT YC . -4.41 33.16 4.65
O3B LMT YC . -5.70 35.44 5.91
O4' LMT YC . -6.72 37.28 3.94
O5B LMT YC . -4.07 35.66 2.12
O6B LMT YC . -5.63 37.18 0.16
C1' LMT YC . -5.23 30.35 -0.40
C2' LMT YC . -4.13 30.22 0.66
C3' LMT YC . -4.35 31.28 1.75
C4' LMT YC . -4.47 32.68 1.13
C5' LMT YC . -5.56 32.55 0.04
C6' LMT YC . -5.99 33.86 -0.58
O1' LMT YC . -5.02 29.45 -1.40
O2' LMT YC . -4.26 29.00 1.22
O3' LMT YC . -3.33 31.26 2.65
O5' LMT YC . -5.16 31.65 -0.95
O6' LMT YC . -7.14 34.22 0.07
C1 LMT YC . -6.14 28.67 -1.71
C2 LMT YC . -5.81 27.29 -1.23
C3 LMT YC . -6.55 26.16 -1.85
C4 LMT YC . -7.93 26.67 -2.22
C5 LMT YC . -8.77 25.55 -2.75
C6 LMT YC . -8.97 25.65 -4.22
C7 LMT YC . -9.71 24.45 -4.72
C8 LMT YC . -11.13 24.56 -4.30
C9 LMT YC . -12.10 23.89 -5.23
C10 LMT YC . -12.08 22.42 -4.94
C11 LMT YC . -12.58 21.62 -6.09
C12 LMT YC . -13.08 20.29 -5.67
O1 PEX ZC . -0.42 32.98 -11.79
O2 PEX ZC . -1.65 34.55 -10.15
P1 PEX ZC . -0.80 33.34 -10.38
O3 PEX ZC . -1.45 32.04 -9.62
C1 PEX ZC . -2.84 31.87 -9.71
C2 PEX ZC . -3.27 30.46 -10.08
C3 PEX ZC . -4.75 30.16 -9.90
O4 PEX ZC . -5.03 28.84 -10.33
C4 PEX ZC . -6.28 28.42 -10.21
O5 PEX ZC . -7.24 29.15 -10.31
C5 PEX ZC . -6.35 26.95 -9.94
C6 PEX ZC . -7.77 26.42 -9.73
C7 PEX ZC . -8.54 26.25 -11.03
C8 PEX ZC . -8.46 24.84 -11.59
C9 PEX ZC . -9.50 24.52 -12.65
C10 PEX ZC . -9.44 25.44 -13.86
C11 PEX ZC . -8.07 25.52 -14.51
C12 PEX ZC . -8.09 26.19 -15.89
C13 PEX ZC . -8.46 27.66 -15.82
O6 PEX ZC . -2.91 30.08 -11.41
C14 PEX ZC . -3.32 30.75 -12.50
O7 PEX ZC . -2.97 31.87 -12.78
C15 PEX ZC . -4.24 29.92 -13.35
C16 PEX ZC . -3.62 28.66 -13.93
C17 PEX ZC . -4.42 28.11 -15.10
C18 PEX ZC . -3.79 26.86 -15.71
C19 PEX ZC . -3.52 26.99 -17.20
C20 PEX ZC . -2.46 26.03 -17.71
C21 PEX ZC . -2.98 25.08 -18.79
C22 PEX ZC . -2.15 23.80 -18.93
C23 PEX ZC . -2.90 22.68 -19.65
O8 PEX ZC . 0.54 33.39 -9.44
C24 PEX ZC . 1.05 34.66 -9.12
C25 PEX ZC . 2.18 35.05 -10.06
N1 PEX ZC . 1.74 35.10 -11.44
C1 MQ8 AD . -24.32 -7.78 -0.94
O1 MQ8 AD . -25.55 -7.74 -1.13
C2 MQ8 AD . -23.73 -7.38 0.33
C2M MQ8 AD . -24.63 -7.23 1.51
C3 MQ8 AD . -22.42 -7.20 0.48
C4 MQ8 AD . -21.51 -7.62 -0.59
O4 MQ8 AD . -20.27 -7.48 -0.43
C5 MQ8 AD . -22.06 -8.22 -1.81
C6 MQ8 AD . -21.22 -8.77 -2.78
C7 MQ8 AD . -21.77 -9.43 -3.87
C8 MQ8 AD . -23.13 -9.41 -4.08
C9 MQ8 AD . -23.96 -8.77 -3.18
C10 MQ8 AD . -23.44 -8.25 -2.00
C11 MQ8 AD . -21.85 -6.63 1.74
C12 MQ8 AD . -22.21 -5.22 1.91
C13 MQ8 AD . -21.37 -4.20 2.04
C14 MQ8 AD . -19.89 -4.32 1.87
C15 MQ8 AD . -21.88 -2.82 2.38
C16 MQ8 AD . -21.20 -2.23 3.63
C17 MQ8 AD . -19.92 -1.52 3.29
C18 MQ8 AD . -18.81 -1.45 4.02
C19 MQ8 AD . -18.06 -0.17 4.27
C20 MQ8 AD . -18.21 -2.69 4.64
C21 MQ8 AD . -17.37 -2.39 5.90
C22 MQ8 AD . -18.20 -2.46 7.14
C23 MQ8 AD . -18.06 -1.75 8.26
C24 MQ8 AD . -17.85 -0.26 8.28
C25 MQ8 AD . -18.11 -2.41 9.60
C26 MQ8 AD . -19.47 -3.05 9.92
C27 MQ8 AD . -19.63 -3.30 11.40
C28 MQ8 AD . -19.53 -4.46 12.04
C29 MQ8 AD . -18.32 -5.36 11.95
C30 MQ8 AD . -20.65 -4.96 12.92
C31 MQ8 AD . -20.25 -6.16 13.77
C32 MQ8 AD . -20.64 -5.98 15.21
C33 MQ8 AD . -20.82 -6.93 16.13
C34 MQ8 AD . -19.76 -7.30 17.13
C35 MQ8 AD . -22.10 -7.70 16.23
C36 MQ8 AD . -21.88 -9.21 16.34
C37 MQ8 AD . -23.19 -9.95 16.48
C38 MQ8 AD . -23.40 -11.13 17.04
C39 MQ8 AD . -22.36 -12.21 17.15
C40 MQ8 AD . -24.76 -11.49 17.60
C41 MQ8 AD . -24.95 -11.03 19.06
C42 MQ8 AD . -25.04 -9.53 19.17
C43 MQ8 AD . -24.94 -8.79 20.27
C44 MQ8 AD . -24.43 -7.38 20.21
C45 MQ8 AD . -25.32 -9.29 21.63
C46 MQ8 AD . -23.81 -6.92 21.54
C47 MQ8 AD . -22.66 -5.98 21.32
C48 MQ8 AD . -21.39 -6.14 21.65
C49 MQ8 AD . -20.96 -6.56 23.02
C50 MQ8 AD . -20.27 -5.93 20.67
FE HEC BD . 59.50 11.51 16.64
CHA HEC BD . 60.08 14.72 17.76
CHB HEC BD . 62.10 10.40 18.57
CHC HEC BD . 58.61 8.25 16.02
CHD HEC BD . 56.82 12.58 14.79
NA HEC BD . 60.81 12.40 17.96
C1A HEC BD . 60.94 13.75 18.22
C2A HEC BD . 62.11 13.94 19.04
C3A HEC BD . 62.67 12.75 19.25
C4A HEC BD . 61.86 11.75 18.59
CMA HEC BD . 63.94 12.48 20.07
CAA HEC BD . 62.66 15.29 19.56
CBA HEC BD . 63.31 16.04 18.41
CGA HEC BD . 64.02 17.26 18.92
O1A HEC BD . 63.95 18.32 18.24
O2A HEC BD . 64.64 17.18 20.01
NB HEC BD . 60.32 9.63 17.09
C1B HEC BD . 61.21 9.46 18.12
C2B HEC BD . 61.03 8.14 18.66
C3B HEC BD . 60.07 7.53 17.95
C4B HEC BD . 59.60 8.46 16.95
CMB HEC BD . 61.82 7.52 19.84
CAB HEC BD . 59.57 6.10 18.21
CBB HEC BD . 59.86 5.18 17.01
NC HEC BD . 57.93 10.58 15.68
C1C HEC BD . 57.88 9.24 15.39
C2C HEC BD . 56.82 9.02 14.43
C3C HEC BD . 56.45 10.22 13.98
C4C HEC BD . 57.06 11.23 14.83
CMC HEC BD . 56.58 7.68 13.70
CAC HEC BD . 55.40 10.50 12.87
CBC HEC BD . 54.00 10.08 13.37
ND HEC BD . 58.61 13.36 16.31
C1D HEC BD . 57.47 13.55 15.53
C2D HEC BD . 57.07 14.93 15.61
C3D HEC BD . 58.08 15.61 16.54
C4D HEC BD . 59.00 14.56 16.92
CMD HEC BD . 55.86 15.60 14.91
CAD HEC BD . 58.13 17.08 16.97
CBD HEC BD . 57.07 17.39 18.02
CGD HEC BD . 57.06 18.88 18.24
O1D HEC BD . 56.39 19.35 19.19
O2D HEC BD . 57.72 19.60 17.46
FE HEC CD . 46.45 11.79 11.28
CHA HEC CD . 47.25 12.12 7.95
CHB HEC CD . 49.84 11.88 12.04
CHC HEC CD . 45.75 12.06 14.66
CHD HEC CD . 43.12 12.32 10.60
NA HEC CD . 48.23 12.02 10.19
C1A HEC CD . 48.31 12.02 8.81
C2A HEC CD . 49.71 11.91 8.46
C3A HEC CD . 50.42 11.84 9.59
C4A HEC CD . 49.50 11.92 10.70
CMA HEC CD . 51.96 11.71 9.69
CAA HEC CD . 50.30 11.87 7.03
CBA HEC CD . 50.16 10.45 6.47
CGA HEC CD . 50.60 10.46 5.02
O1A HEC CD . 50.92 11.56 4.50
O2A HEC CD . 50.64 9.38 4.40
NB HEC CD . 47.58 11.96 13.02
C1B HEC CD . 48.96 11.94 13.10
C2B HEC CD . 49.33 11.98 14.49
C3B HEC CD . 48.21 12.03 15.22
C4B HEC CD . 47.08 12.02 14.31
CMB HEC CD . 50.79 11.96 15.02
CAB HEC CD . 48.09 12.07 16.77
CBB HEC CD . 48.59 13.41 17.33
NC HEC CD . 44.74 12.19 12.43
C1C HEC CD . 44.67 12.13 13.80
C2C HEC CD . 43.28 12.29 14.17
C3C HEC CD . 42.54 12.21 13.06
C4C HEC CD . 43.46 12.25 11.93
CMC HEC CD . 42.73 12.09 15.61
CAC HEC CD . 41.00 12.25 12.97
CBC HEC CD . 40.46 13.65 13.32
ND HEC CD . 45.34 12.11 9.53
C1D HEC CD . 43.98 12.42 9.52
C2D HEC CD . 43.62 12.87 8.21
C3D HEC CD . 44.91 12.80 7.38
C4D HEC CD . 45.93 12.32 8.28
CMD HEC CD . 42.23 13.31 7.73
CAD HEC CD . 45.09 13.17 5.90
CBD HEC CD . 45.14 11.87 5.09
CGD HEC CD . 46.21 11.98 4.04
O1D HEC CD . 47.32 12.45 4.38
O2D HEC CD . 45.95 11.59 2.88
FE HEC DD . 18.56 14.21 11.61
CHA HEC DD . 18.41 17.66 11.48
CHB HEC DD . 16.17 14.07 9.16
CHC HEC DD . 19.05 10.82 11.27
CHD HEC DD . 21.01 14.33 13.97
NA HEC DD . 17.54 15.62 10.47
C1A HEC DD . 17.52 16.98 10.68
C2A HEC DD . 16.42 17.55 9.94
C3A HEC DD . 15.81 16.55 9.30
C4A HEC DD . 16.49 15.32 9.62
CMA HEC DD . 14.58 16.68 8.37
CAA HEC DD . 16.02 19.03 9.88
CBA HEC DD . 15.10 19.38 11.05
CGA HEC DD . 14.53 20.76 10.85
O1A HEC DD . 14.39 21.20 9.69
O2A HEC DD . 14.22 21.42 11.86
NB HEC DD . 17.74 12.72 10.45
C1B HEC DD . 16.81 12.90 9.46
C2B HEC DD . 16.61 11.64 8.79
C3B HEC DD . 17.41 10.74 9.37
C4B HEC DD . 18.13 11.40 10.43
CMB HEC DD . 15.63 11.43 7.62
CAB HEC DD . 17.55 9.24 9.01
CBB HEC DD . 18.12 9.03 7.60
NC HEC DD . 19.82 12.84 12.44
C1C HEC DD . 19.81 11.48 12.21
C2C HEC DD . 20.84 10.88 13.02
C3C HEC DD . 21.29 11.82 13.86
C4C HEC DD . 20.72 13.09 13.45
CMC HEC DD . 21.03 9.36 13.17
CAC HEC DD . 22.34 11.62 14.99
CBC HEC DD . 23.72 11.23 14.42
ND HEC DD . 19.52 15.76 12.61
C1D HEC DD . 20.59 15.55 13.48
C2D HEC DD . 21.19 16.82 13.76
C3D HEC DD . 20.38 17.86 12.99
C4D HEC DD . 19.36 17.10 12.30
CMD HEC DD . 22.41 17.11 14.66
CAD HEC DD . 20.61 19.37 12.92
CBD HEC DD . 21.72 19.60 11.90
CGD HEC DD . 21.91 21.07 11.61
O1D HEC DD . 22.92 21.42 10.96
O2D HEC DD . 21.05 21.88 12.02
FE HEC ED . 31.12 11.73 17.29
CHA HEC ED . 30.25 10.25 20.25
CHB HEC ED . 27.76 11.76 16.37
CHC HEC ED . 31.91 12.89 14.17
CHD HEC ED . 34.46 11.34 17.98
NA HEC ED . 29.35 11.10 18.13
C1A HEC ED . 29.22 10.56 19.38
C2A HEC ED . 27.81 10.36 19.65
C3A HEC ED . 27.13 10.78 18.59
C4A HEC ED . 28.07 11.25 17.61
CMA HEC ED . 25.60 10.76 18.42
CAA HEC ED . 27.23 9.78 20.95
CBA HEC ED . 26.97 8.29 20.76
CGA HEC ED . 26.20 7.78 21.94
O1A HEC ED . 25.98 8.56 22.89
O2A HEC ED . 25.79 6.59 21.93
NB HEC ED . 30.03 12.19 15.57
C1B HEC ED . 28.66 12.23 15.45
C2B HEC ED . 28.33 12.86 14.20
C3B HEC ED . 29.48 13.16 13.57
C4B HEC ED . 30.57 12.76 14.44
CMB HEC ED . 26.89 13.07 13.68
CAB HEC ED . 29.62 13.84 12.20
CBB HEC ED . 29.17 15.31 12.26
NC HEC ED . 32.86 12.03 16.27
C1C HEC ED . 32.96 12.56 14.99
C2C HEC ED . 34.35 12.83 14.73
C3C HEC ED . 35.07 12.27 15.71
C4C HEC ED . 34.14 11.85 16.75
CMC HEC ED . 34.87 13.24 13.34
CAC HEC ED . 36.61 12.22 15.83
CBC HEC ED . 37.20 13.62 16.07
ND HEC ED . 32.20 10.92 18.88
C1D HEC ED . 33.59 10.88 18.95
C2D HEC ED . 33.96 10.27 20.20
C3D HEC ED . 32.65 9.93 20.90
C4D HEC ED . 31.61 10.37 20.01
CMD HEC ED . 35.39 10.02 20.74
CAD HEC ED . 32.48 9.26 22.28
CBD HEC ED . 31.84 10.26 23.24
CGD HEC ED . 31.37 9.58 24.49
O1D HEC ED . 31.98 8.56 24.88
O2D HEC ED . 30.39 10.07 25.10
MG BCL FD . 26.61 27.89 -61.48
CHA BCL FD . 23.18 27.41 -61.37
CHB BCL FD . 26.88 24.87 -63.04
CHC BCL FD . 29.93 27.93 -60.89
CHD BCL FD . 26.24 30.50 -59.19
NA BCL FD . 25.19 26.36 -62.07
C1A BCL FD . 23.80 26.40 -62.06
C2A BCL FD . 23.21 25.39 -62.97
C3A BCL FD . 24.38 24.41 -63.14
C4A BCL FD . 25.57 25.24 -62.80
CMA BCL FD . 24.26 23.20 -62.21
CAA BCL FD . 22.75 26.02 -64.30
CBA BCL FD . 21.78 25.23 -65.20
CGA BCL FD . 22.03 23.77 -65.38
O1A BCL FD . 21.47 22.95 -64.79
O2A BCL FD . 22.96 23.43 -66.27
NB BCL FD . 28.17 26.59 -61.85
C1B BCL FD . 28.10 25.42 -62.60
C2B BCL FD . 29.38 24.91 -62.82
C3B BCL FD . 30.30 25.77 -62.21
C4B BCL FD . 29.49 26.82 -61.61
CMB BCL FD . 29.63 23.64 -63.61
CAB BCL FD . 31.76 25.75 -62.12
OBB BCL FD . 32.42 26.79 -62.01
CBB BCL FD . 32.56 24.48 -62.14
NC BCL FD . 27.88 29.06 -60.23
C1C BCL FD . 29.24 28.90 -60.14
C2C BCL FD . 29.90 29.88 -59.25
C3C BCL FD . 28.73 30.72 -58.75
C4C BCL FD . 27.53 30.07 -59.37
CMC BCL FD . 30.68 29.21 -58.14
CAC BCL FD . 28.85 32.23 -59.07
CBC BCL FD . 29.87 32.92 -58.22
ND BCL FD . 25.08 28.81 -60.49
C1D BCL FD . 25.03 29.83 -59.55
C2D BCL FD . 23.74 30.05 -59.07
C3D BCL FD . 22.94 29.14 -59.75
C4D BCL FD . 23.78 28.41 -60.59
CMD BCL FD . 23.36 31.07 -58.04
CAD BCL FD . 21.63 28.70 -59.99
OBD BCL FD . 20.54 29.06 -59.50
CBD BCL FD . 21.68 27.56 -61.06
CGD BCL FD . 20.97 26.37 -60.57
O1D BCL FD . 21.35 25.62 -59.71
O2D BCL FD . 19.81 26.17 -61.16
CED BCL FD . 19.06 25.02 -60.70
C1 BCL FD . 23.23 22.00 -66.43
C2 BCL FD . 23.50 21.76 -67.91
C3 BCL FD . 24.66 21.74 -68.54
C4 BCL FD . 24.83 21.47 -70.03
C5 BCL FD . 25.98 21.99 -67.77
C6 BCL FD . 26.42 23.45 -67.56
C7 BCL FD . 26.74 24.20 -68.85
C8 BCL FD . 27.23 25.66 -68.69
C9 BCL FD . 26.15 26.51 -67.97
C10 BCL FD . 27.63 26.23 -70.08
C11 BCL FD . 27.94 27.71 -70.33
C12 BCL FD . 29.14 28.28 -69.56
C13 BCL FD . 29.21 29.83 -69.61
C14 BCL FD . 29.16 30.40 -71.03
C15 BCL FD . 30.49 30.33 -68.89
C16 BCL FD . 31.81 29.55 -69.06
C17 BCL FD . 32.52 29.40 -70.43
C18 BCL FD . 33.74 28.50 -70.41
C19 BCL FD . 34.45 28.81 -71.73
C20 BCL FD . 33.44 27.00 -70.28
C1B LMT GD . 30.99 49.73 -60.85
C2B LMT GD . 32.46 49.70 -60.41
C3B LMT GD . 32.55 49.74 -58.87
C4B LMT GD . 31.76 50.95 -58.33
C5B LMT GD . 30.33 50.82 -58.88
C6B LMT GD . 29.45 51.94 -58.34
O1B LMT GD . 30.38 48.54 -60.49
O2B LMT GD . 33.00 48.55 -60.90
O3B LMT GD . 33.85 49.72 -58.43
O4' LMT GD . 31.72 50.94 -56.96
O5B LMT GD . 30.32 50.81 -60.28
O6B LMT GD . 29.42 52.99 -59.21
C1' LMT GD . 28.57 45.19 -61.97
C2' LMT GD . 29.95 45.47 -62.58
C3' LMT GD . 30.68 46.47 -61.67
C4' LMT GD . 29.83 47.74 -61.52
C5' LMT GD . 28.43 47.28 -61.06
C6' LMT GD . 27.47 48.42 -60.81
O1' LMT GD . 27.89 44.29 -62.72
O2' LMT GD . 30.67 44.30 -62.61
O3' LMT GD . 31.90 46.80 -62.18
O5' LMT GD . 27.85 46.39 -61.99
O6' LMT GD . 27.76 48.88 -59.55
C1 LMT GD . 26.68 43.87 -62.15
C2 LMT GD . 26.45 42.49 -62.68
C3 LMT GD . 26.13 41.44 -61.67
C4 LMT GD . 25.71 40.21 -62.42
C5 LMT GD . 24.93 39.32 -61.54
C6 LMT GD . 25.11 37.88 -61.90
C7 LMT GD . 23.80 37.17 -61.88
C8 LMT GD . 22.92 37.80 -62.89
C9 LMT GD . 22.00 36.85 -63.57
C10 LMT GD . 21.09 36.28 -62.53
C11 LMT GD . 20.07 35.39 -63.16
C12 LMT GD . 19.24 36.11 -64.15
MG BCL HD . 14.26 41.42 -57.91
CHA BCL HD . 10.96 40.47 -57.42
CHB BCL HD . 14.61 38.74 -59.99
CHC BCL HD . 17.62 41.75 -57.72
CHD BCL HD . 13.97 43.58 -55.18
NA BCL HD . 12.94 39.81 -58.57
C1A BCL HD . 11.58 39.67 -58.35
C2A BCL HD . 10.97 38.73 -59.33
C3A BCL HD . 12.19 37.97 -59.87
C4A BCL HD . 13.33 38.87 -59.51
CMA BCL HD . 12.34 36.60 -59.24
CAA BCL HD . 10.16 39.44 -60.42
CBA BCL HD . 9.18 38.59 -61.26
CGA BCL HD . 9.64 37.44 -62.09
O1A BCL HD . 9.04 36.46 -62.24
O2A BCL HD . 10.83 37.54 -62.70
NB BCL HD . 15.88 40.39 -58.69
C1B BCL HD . 15.82 39.35 -59.61
C2B BCL HD . 17.09 39.04 -60.08
C3B BCL HD . 18.01 39.89 -59.44
C4B BCL HD . 17.19 40.73 -58.57
CMB BCL HD . 17.35 37.95 -61.09
CAB BCL HD . 19.46 40.03 -59.53
OBB BCL HD . 20.03 41.10 -59.33
CBB BCL HD . 20.36 38.87 -59.87
NC BCL HD . 15.59 42.52 -56.65
C1C BCL HD . 16.95 42.50 -56.74
C2C BCL HD . 17.63 43.34 -55.73
C3C BCL HD . 16.46 43.96 -54.96
C4C BCL HD . 15.26 43.33 -55.59
CMC BCL HD . 18.57 42.57 -54.84
CAC BCL HD . 16.44 45.50 -54.99
CBC BCL HD . 17.55 46.09 -54.18
ND BCL HD . 12.82 41.95 -56.57
C1D BCL HD . 12.81 42.83 -55.50
C2D BCL HD . 11.55 42.83 -54.84
C3D BCL HD . 10.78 41.93 -55.56
C4D BCL HD . 11.56 41.41 -56.58
CMD BCL HD . 11.21 43.65 -53.62
CAD BCL HD . 9.48 41.37 -55.71
OBD BCL HD . 8.46 41.51 -55.03
CBD BCL HD . 9.49 40.45 -56.97
CGD BCL HD . 8.92 39.15 -56.65
O1D BCL HD . 9.42 38.31 -55.93
O2D BCL HD . 7.76 38.93 -57.23
CED BCL HD . 7.13 37.65 -56.95
C1 BCL HD . 11.25 36.38 -63.50
C2 BCL HD . 12.78 36.38 -63.48
C3 BCL HD . 13.56 37.01 -64.33
C4 BCL HD . 15.08 36.99 -64.28
C5 BCL HD . 12.97 37.85 -65.48
C6 BCL HD . 12.71 37.15 -66.82
C7 BCL HD . 13.96 36.77 -67.63
C8 BCL HD . 14.82 37.81 -68.36
C9 BCL HD . 15.90 38.44 -67.45
C10 BCL HD . 13.97 38.93 -69.01
C11 BCL HD . 13.80 40.22 -68.22
C12 BCL HD . 13.40 41.38 -69.12
C13 BCL HD . 13.37 42.75 -68.42
C14 BCL HD . 13.04 43.89 -69.40
C15 BCL HD . 14.76 43.02 -67.78
C16 BCL HD . 14.87 44.24 -66.87
C17 BCL HD . 16.19 44.68 -66.22
C18 BCL HD . 16.03 45.88 -65.30
C19 BCL HD . 15.39 46.97 -66.18
C20 BCL HD . 17.32 46.42 -64.66
C1 V7N ID . 17.16 33.82 -52.47
C10 V7N ID . 10.02 33.13 -59.99
C11 V7N ID . 9.06 32.77 -60.94
C12 V7N ID . 7.91 33.53 -61.12
C13 V7N ID . 6.85 33.26 -62.01
C14 V7N ID . 5.78 34.16 -62.06
C15 V7N ID . 4.65 34.00 -62.86
C16 V7N ID . 3.51 34.80 -62.68
C17 V7N ID . 2.37 34.62 -63.45
C18 V7N ID . 1.18 35.36 -63.30
C19 V7N ID . 0.09 35.06 -64.13
C2 V7N ID . 17.26 34.33 -53.91
C20 V7N ID . -1.19 35.56 -63.95
C21 V7N ID . -2.27 35.22 -64.79
C22 V7N ID . -3.49 35.85 -64.71
C23 V7N ID . -4.60 35.45 -65.60
C24 V7N ID . -5.67 34.73 -64.80
C25 V7N ID . -6.94 34.60 -65.54
C26 V7N ID . -7.22 33.53 -66.30
C27 V7N ID . -8.51 33.40 -67.04
C28 V7N ID . -9.25 32.15 -66.63
C29 V7N ID . -9.89 31.49 -67.77
C3 V7N ID . 16.85 33.37 -54.95
C30 V7N ID . 15.70 33.54 -52.12
C31 V7N ID . 17.99 32.55 -52.29
C33 V7N ID . 15.81 31.45 -57.10
C34 V7N ID . 11.74 31.55 -60.82
C35 V7N ID . 6.82 32.05 -62.85
C36 V7N ID . 1.12 36.43 -62.29
C37 V7N ID . -3.76 36.94 -63.75
C38 V7N ID . -6.27 32.41 -66.46
C39 V7N ID . -10.56 30.33 -67.64
C4 V7N ID . 15.65 33.49 -55.59
C40 V7N ID . -11.19 29.67 -68.79
C41 V7N ID . 16.94 36.09 -51.74
C43 V7N ID . -10.71 29.62 -66.35
C5 V7N ID . 15.11 32.65 -56.61
C6 V7N ID . 13.88 33.04 -57.17
C7 V7N ID . 13.17 32.39 -58.17
C8 V7N ID . 12.14 33.06 -58.83
C9 V7N ID . 11.30 32.58 -59.86
O32 V7N ID . 17.65 34.89 -51.65
O42 V7N ID . 12.22 30.46 -60.52
O44 V7N ID . -11.46 30.45 -69.84
O45 V7N ID . -11.51 28.48 -68.89
C1B LMT JD . 15.83 63.91 -53.76
C2B LMT JD . 17.22 64.22 -53.20
C3B LMT JD . 17.14 64.33 -51.67
C4B LMT JD . 16.07 65.36 -51.26
C5B LMT JD . 14.76 64.98 -51.97
C6B LMT JD . 13.66 65.98 -51.63
O1B LMT JD . 15.45 62.66 -53.31
O2B LMT JD . 18.06 63.21 -53.57
O3B LMT JD . 18.37 64.60 -51.11
O4' LMT JD . 15.88 65.34 -49.90
O5B LMT JD . 14.91 64.87 -53.37
O6B LMT JD . 13.28 66.66 -52.76
C1' LMT JD . 14.68 58.84 -54.57
C2' LMT JD . 15.91 59.48 -55.22
C3' LMT JD . 16.32 60.74 -54.42
C4' LMT JD . 15.12 61.68 -54.26
C5' LMT JD . 13.99 60.82 -53.67
C6' LMT JD . 12.75 61.59 -53.30
O1' LMT JD . 14.27 57.77 -55.30
O2' LMT JD . 16.96 58.60 -55.19
O3' LMT JD . 17.33 61.38 -55.05
O5' LMT JD . 13.64 59.79 -54.56
O6' LMT JD . 13.04 62.19 -52.10
C1 LMT JD . 12.89 57.71 -55.57
C2 LMT JD . 12.70 56.40 -56.24
C3 LMT JD . 12.32 55.26 -55.38
C4 LMT JD . 12.15 54.07 -56.28
C5 LMT JD . 11.38 52.99 -55.61
C6 LMT JD . 11.55 51.69 -56.31
C7 LMT JD . 10.58 50.68 -55.78
C8 LMT JD . 9.44 50.55 -56.74
C9 LMT JD . 8.44 49.53 -56.34
C10 LMT JD . 7.41 49.44 -57.43
C11 LMT JD . 6.23 48.65 -57.00
C12 LMT JD . 5.60 47.92 -58.15
MG BCL KD . 7.80 46.58 -53.39
CHA BCL KD . 7.27 44.79 -56.28
CHB BCL KD . 4.43 46.66 -52.93
CHC BCL KD . 8.22 48.84 -50.92
CHD BCL KD . 11.03 47.33 -54.53
NA BCL KD . 6.10 45.83 -54.50
C1A BCL KD . 6.09 45.05 -55.64
C2A BCL KD . 4.81 44.33 -55.80
C3A BCL KD . 3.88 45.05 -54.83
C4A BCL KD . 4.79 45.95 -54.06
CMA BCL KD . 2.81 45.85 -55.55
CAA BCL KD . 5.06 42.84 -55.50
CBA BCL KD . 4.22 41.83 -56.26
CGA BCL KD . 2.95 41.71 -55.55
O1A BCL KD . 2.06 42.44 -55.69
O2A BCL KD . 2.90 40.71 -54.72
NB BCL KD . 6.52 47.66 -52.17
C1B BCL KD . 5.17 47.40 -52.02
C2B BCL KD . 4.70 47.95 -50.81
C3B BCL KD . 5.77 48.59 -50.19
C4B BCL KD . 6.90 48.40 -51.09
CMB BCL KD . 3.25 47.80 -50.38
CAB BCL KD . 5.87 49.30 -48.91
OBB BCL KD . 6.91 49.36 -48.27
CBB BCL KD . 4.68 50.00 -48.28
NC BCL KD . 9.39 47.90 -52.83
C1C BCL KD . 9.36 48.71 -51.73
C2C BCL KD . 10.70 49.30 -51.42
C3C BCL KD . 11.61 48.57 -52.40
C4C BCL KD . 10.64 47.99 -53.39
CMC BCL KD . 10.73 50.80 -51.58
CAC BCL KD . 12.52 47.48 -51.75
CBC BCL KD . 13.58 48.04 -50.84
ND BCL KD . 8.94 46.19 -55.04
C1D BCL KD . 10.24 46.52 -55.39
C2D BCL KD . 10.60 45.94 -56.62
C3D BCL KD . 9.47 45.25 -57.04
C4D BCL KD . 8.50 45.42 -56.06
CMD BCL KD . 11.94 46.06 -57.30
CAD BCL KD . 8.95 44.31 -57.97
OBD BCL KD . 9.49 43.69 -58.89
CBD BCL KD . 7.45 44.13 -57.64
CGD BCL KD . 6.58 44.77 -58.64
O1D BCL KD . 5.95 44.20 -59.50
O2D BCL KD . 6.56 46.08 -58.46
CED BCL KD . 5.69 46.93 -59.26
C1 BCL KD . 1.63 40.71 -54.03
C2 BCL KD . 0.89 39.43 -54.35
C3 BCL KD . 0.19 38.78 -53.44
C4 BCL KD . -0.58 37.49 -53.74
C5 BCL KD . 0.05 39.25 -51.97
C6 BCL KD . 1.33 39.21 -51.11
C7 BCL KD . 1.11 38.92 -49.63
C8 BCL KD . 0.64 40.00 -48.69
C9 BCL KD . 1.53 41.24 -48.85
C10 BCL KD . 0.77 39.46 -47.26
C11 BCL KD . 0.10 40.25 -46.16
C12 BCL KD . -1.42 40.06 -46.10
C13 BCL KD . -1.89 38.89 -45.24
C14 BCL KD . -1.85 37.54 -45.96
C15 BCL KD . -3.34 39.14 -44.87
C16 BCL KD . -3.77 38.30 -43.68
C17 BCL KD . -2.96 38.77 -42.48
C18 BCL KD . -3.29 38.15 -41.12
C19 BCL KD . -2.55 39.03 -40.11
C20 BCL KD . -2.88 36.68 -40.96
C1B LMT LD . 14.38 47.24 -34.99
C2B LMT LD . 15.25 47.87 -33.88
C3B LMT LD . 14.38 48.51 -32.78
C4B LMT LD . 13.37 49.48 -33.43
C5B LMT LD . 12.55 48.64 -34.40
C6B LMT LD . 11.39 49.46 -34.96
O1B LMT LD . 13.88 46.04 -34.51
O2B LMT LD . 16.01 46.86 -33.36
O3B LMT LD . 15.14 49.10 -31.81
O4' LMT LD . 12.54 50.02 -32.48
O5B LMT LD . 13.35 48.10 -35.42
O6B LMT LD . 11.50 50.77 -34.57
C1' LMT LD . 12.20 42.51 -35.76
C2' LMT LD . 13.15 43.15 -36.78
C3' LMT LD . 14.02 44.22 -36.07
C4' LMT LD . 13.10 45.24 -35.37
C5' LMT LD . 12.18 44.40 -34.47
C6' LMT LD . 11.30 45.23 -33.57
O1' LMT LD . 11.37 41.63 -36.38
O2' LMT LD . 13.99 42.19 -37.29
O3' LMT LD . 14.82 44.85 -36.98
O5' LMT LD . 11.39 43.54 -35.24
O6' LMT LD . 10.50 45.97 -34.40
C1 LMT LD . 10.64 40.81 -35.51
C2 LMT LD . 10.55 39.51 -36.23
C3 LMT LD . 9.65 38.47 -35.64
C4 LMT LD . 10.35 37.16 -35.78
C5 LMT LD . 9.42 36.04 -35.46
C6 LMT LD . 8.67 35.60 -36.66
C7 LMT LD . 7.77 34.45 -36.30
C8 LMT LD . 6.65 34.45 -37.27
C9 LMT LD . 5.60 33.42 -37.02
C10 LMT LD . 4.60 33.59 -38.12
C11 LMT LD . 3.44 32.68 -37.96
C12 LMT LD . 2.34 33.03 -38.91
MG BCL MD . -4.73 55.21 -43.34
CHA BCL MD . -5.55 53.97 -46.46
CHB BCL MD . -7.96 54.67 -42.38
CHC BCL MD . -4.16 57.02 -40.55
CHD BCL MD . -1.86 56.62 -44.76
NA BCL MD . -6.51 54.42 -44.32
C1A BCL MD . -6.64 53.95 -45.62
C2A BCL MD . -7.91 53.18 -45.79
C3A BCL MD . -8.73 53.61 -44.55
C4A BCL MD . -7.73 54.31 -43.69
CMA BCL MD . -9.86 54.56 -44.94
CAA BCL MD . -7.64 51.65 -45.85
CBA BCL MD . -8.74 50.77 -46.44
CGA BCL MD . -9.14 49.68 -45.52
O1A BCL MD . -9.60 49.84 -44.46
O2A BCL MD . -8.92 48.46 -45.93
NB BCL MD . -5.89 55.82 -41.74
C1B BCL MD . -7.17 55.37 -41.45
C2B BCL MD . -7.52 55.69 -40.14
C3B BCL MD . -6.44 56.37 -39.55
C4B BCL MD . -5.44 56.45 -40.61
CMB BCL MD . -8.87 55.31 -39.55
CAB BCL MD . -6.24 56.91 -38.21
OBB BCL MD . -5.13 57.11 -37.73
CBB BCL MD . -7.39 57.27 -37.29
NC BCL MD . -3.25 56.64 -42.76
C1C BCL MD . -3.15 57.16 -41.52
C2C BCL MD . -1.89 57.92 -41.30
C3C BCL MD . -1.06 57.51 -42.52
C4C BCL MD . -2.11 56.98 -43.45
CMC BCL MD . -2.11 59.41 -41.24
CAC BCL MD . 0.08 56.51 -42.19
CBC BCL MD . 1.18 57.11 -41.38
ND BCL MD . -3.87 55.32 -45.19
C1D BCL MD . -2.70 55.90 -45.65
C2D BCL MD . -2.50 55.65 -47.02
C3D BCL MD . -3.60 54.89 -47.42
C4D BCL MD . -4.39 54.72 -46.29
CMD BCL MD . -1.32 56.11 -47.84
CAD BCL MD . -4.14 54.07 -48.43
OBD BCL MD . -3.72 53.80 -49.56
CBD BCL MD . -5.47 53.49 -47.91
CGD BCL MD . -6.59 53.98 -48.71
O1D BCL MD . -7.25 53.37 -49.53
O2D BCL MD . -6.81 55.24 -48.44
CED BCL MD . -7.92 55.89 -49.07
C1 BCL MD . -9.32 47.40 -45.00
C2 BCL MD . -10.80 47.15 -45.28
C3 BCL MD . -11.77 46.65 -44.52
C4 BCL MD . -13.20 46.47 -44.99
C5 BCL MD . -11.56 46.20 -43.06
C6 BCL MD . -11.10 47.23 -42.03
C7 BCL MD . -11.03 46.63 -40.62
C8 BCL MD . -9.99 47.26 -39.68
C9 BCL MD . -8.79 46.32 -39.53
C10 BCL MD . -10.58 47.57 -38.28
C11 BCL MD . -10.90 46.67 -37.10
C12 BCL MD . -12.00 45.63 -37.34
C13 BCL MD . -12.96 45.44 -36.15
C14 BCL MD . -13.76 46.68 -35.85
C15 BCL MD . -12.17 45.08 -34.89
C16 BCL MD . -12.83 45.04 -33.52
C17 BCL MD . -11.74 44.71 -32.48
C18 BCL MD . -12.09 44.80 -31.00
C19 BCL MD . -10.80 44.41 -30.26
C20 BCL MD . -13.24 43.88 -30.57
MG BCL ND . 1.37 52.30 -49.77
CHA BCL ND . -1.65 50.77 -49.05
CHB BCL ND . 1.62 50.34 -52.52
CHC BCL ND . 4.65 53.13 -50.03
CHD BCL ND . 1.38 53.63 -46.54
NA BCL ND . 0.15 50.74 -50.62
C1A BCL ND . -1.14 50.34 -50.25
C2A BCL ND . -1.80 49.53 -51.33
C3A BCL ND . -0.60 49.15 -52.21
C4A BCL ND . 0.43 50.15 -51.84
CMA BCL ND . -0.12 47.71 -51.96
CAA BCL ND . -2.88 50.30 -52.10
CBA BCL ND . -3.83 49.50 -53.05
CGA BCL ND . -3.21 48.57 -54.05
O1A BCL ND . -3.45 47.44 -54.14
O2A BCL ND . -2.33 49.12 -54.87
NB BCL ND . 2.92 51.79 -51.04
C1B BCL ND . 2.79 51.02 -52.18
C2B BCL ND . 3.97 51.06 -52.93
C3B BCL ND . 4.89 51.87 -52.24
C4B BCL ND . 4.18 52.30 -51.05
CMB BCL ND . 4.14 50.33 -54.25
CAB BCL ND . 6.26 52.26 -52.53
OBB BCL ND . 6.72 53.36 -52.20
CBB BCL ND . 7.22 51.35 -53.26
NC BCL ND . 2.79 53.25 -48.47
C1C BCL ND . 4.10 53.47 -48.79
C2C BCL ND . 4.83 54.26 -47.76
C3C BCL ND . 3.76 54.49 -46.69
C4C BCL ND . 2.59 53.70 -47.18
CMC BCL ND . 6.06 53.55 -47.23
CAC BCL ND . 3.45 55.98 -46.44
CBC BCL ND . 4.52 56.65 -45.63
ND BCL ND . 0.17 52.23 -48.12
C1D BCL ND . 0.25 52.83 -46.87
C2D BCL ND . -0.87 52.53 -46.08
C3D BCL ND . -1.67 51.73 -46.88
C4D BCL ND . -1.02 51.56 -48.09
CMD BCL ND . -1.10 53.00 -44.67
CAD BCL ND . -2.87 50.96 -46.95
OBD BCL ND . -3.73 50.73 -46.09
CBD BCL ND . -2.98 50.37 -48.38
CGD BCL ND . -3.31 48.94 -48.27
O1D BCL ND . -2.56 48.07 -47.89
O2D BCL ND . -4.54 48.65 -48.64
CED BCL ND . -4.91 47.25 -48.53
C1 BCL ND . -1.68 48.24 -55.84
C2 BCL ND . -2.09 48.73 -57.21
C3 BCL ND . -1.31 48.90 -58.24
C4 BCL ND . -1.79 49.39 -59.61
C5 BCL ND . 0.20 48.58 -58.16
C6 BCL ND . 1.17 49.71 -57.75
C7 BCL ND . 1.22 50.88 -58.75
C8 BCL ND . 2.32 51.93 -58.56
C9 BCL ND . 2.49 52.26 -57.07
C10 BCL ND . 1.95 53.20 -59.37
C11 BCL ND . 2.80 54.46 -59.18
C12 BCL ND . 4.27 54.23 -59.54
C13 BCL ND . 5.23 55.30 -58.99
C14 BCL ND . 5.01 56.69 -59.62
C15 BCL ND . 6.65 54.78 -59.28
C16 BCL ND . 7.93 55.39 -58.70
C17 BCL ND . 8.60 56.63 -59.31
C18 BCL ND . 9.87 57.00 -58.56
C19 BCL ND . 9.40 57.42 -57.16
C20 BCL ND . 10.68 58.15 -59.20
C1B LMT OD . 1.68 73.09 -41.56
C2B LMT OD . 2.91 72.95 -40.66
C3B LMT OD . 2.49 72.99 -39.18
C4B LMT OD . 1.62 74.23 -38.91
C5B LMT OD . 0.48 74.25 -39.94
C6B LMT OD . -0.43 75.45 -39.71
O1B LMT OD . 0.86 71.99 -41.36
O2B LMT OD . 3.50 71.75 -40.97
O3B LMT OD . 3.57 72.90 -38.34
O4' LMT OD . 1.08 74.18 -37.64
O5B LMT OD . 0.98 74.25 -41.24
O6B LMT OD . -0.05 76.48 -40.52
C1' LMT OD . -0.90 68.91 -43.43
C2' LMT OD . 0.63 68.90 -43.43
C3' LMT OD . 1.17 69.87 -42.35
C4' LMT OD . 0.52 71.24 -42.49
C5' LMT OD . -1.00 70.99 -42.48
C6' LMT OD . -1.84 72.23 -42.44
O1' LMT OD . -1.35 68.20 -44.51
O2' LMT OD . 1.01 67.65 -43.09
O3' LMT OD . 2.52 69.99 -42.46
O5' LMT OD . -1.37 70.24 -43.60
O6' LMT OD . -2.37 72.37 -43.70
C1 LMT OD . -2.33 67.24 -44.20
C2 LMT OD . -1.56 65.96 -44.02
C3 LMT OD . -1.69 64.97 -45.12
C4 LMT OD . -2.02 63.64 -44.49
C5 LMT OD . -1.33 62.55 -45.22
C6 LMT OD . -1.96 61.23 -44.98
C7 LMT OD . -3.32 61.20 -45.60
C8 LMT OD . -3.73 59.79 -45.79
C9 LMT OD . -5.19 59.60 -46.06
C10 LMT OD . -5.40 58.13 -46.25
C11 LMT OD . -6.81 57.71 -46.04
C12 LMT OD . -7.77 58.61 -46.73
C1 V7N PD . 5.86 44.35 -46.82
C10 V7N PD . -2.39 44.27 -53.17
C11 V7N PD . -3.43 43.98 -54.06
C12 V7N PD . -4.66 44.63 -53.91
C13 V7N PD . -5.81 44.45 -54.69
C14 V7N PD . -7.01 45.01 -54.22
C15 V7N PD . -8.23 44.88 -54.87
C16 V7N PD . -9.42 45.21 -54.21
C17 V7N PD . -10.66 45.06 -54.81
C18 V7N PD . -11.86 45.61 -54.35
C19 V7N PD . -13.03 45.33 -55.07
C2 V7N PD . 5.49 45.25 -48.01
C20 V7N PD . -14.32 45.49 -54.62
C21 V7N PD . -15.43 45.17 -55.42
C22 V7N PD . -16.73 45.29 -55.01
C23 V7N PD . -17.83 44.91 -55.92
C24 V7N PD . -18.13 43.42 -55.82
C25 V7N PD . -19.16 42.99 -56.77
C26 V7N PD . -20.48 43.08 -56.53
C27 V7N PD . -21.47 42.62 -57.55
C28 V7N PD . -22.15 41.35 -57.10
C29 V7N PD . -22.82 40.65 -58.21
C3 V7N PD . 5.08 44.50 -49.21
C30 V7N PD . 4.61 43.70 -46.26
C31 V7N PD . 6.86 43.29 -47.24
C33 V7N PD . 3.95 42.79 -51.51
C34 V7N PD . -0.69 43.06 -54.50
C35 V7N PD . -5.80 43.67 -55.95
C36 V7N PD . -11.88 46.47 -53.14
C37 V7N PD . -17.11 45.79 -53.67
C38 V7N PD . -21.05 43.61 -55.27
C39 V7N PD . -23.27 39.39 -58.09
C4 V7N PD . 3.77 44.45 -49.59
C40 V7N PD . -23.93 38.71 -59.22
C41 V7N PD . 5.52 46.20 -45.31
C43 V7N PD . -23.13 38.60 -56.85
C5 V7N PD . 3.21 43.78 -50.72
C6 V7N PD . 1.90 44.14 -51.05
C7 V7N PD . 1.12 43.63 -52.09
C8 V7N PD . -0.13 44.19 -52.32
C9 V7N PD . -1.06 43.85 -53.31
O32 V7N PD . 6.43 45.27 -45.87
O42 V7N PD . -0.67 43.49 -55.65
O44 V7N PD . -23.92 39.36 -60.38
O45 V7N PD . -24.51 37.61 -59.20
MG BCL QD . -11.11 59.48 -38.08
CHA BCL QD . -13.89 57.57 -37.30
CHB BCL QD . -11.06 57.95 -41.12
CHC BCL QD . -7.96 60.61 -38.56
CHD BCL QD . -10.82 60.33 -34.71
NA BCL QD . -12.32 57.94 -39.04
C1A BCL QD . -13.49 57.37 -38.59
C2A BCL QD . -14.25 56.73 -39.70
C3A BCL QD . -13.16 56.57 -40.78
C4A BCL QD . -12.13 57.57 -40.36
CMA BCL QD . -12.59 55.15 -40.79
CAA BCL QD . -15.44 57.58 -40.17
CBA BCL QD . -16.56 56.90 -40.97
CGA BCL QD . -16.15 55.86 -41.97
O1A BCL QD . -16.28 54.71 -41.82
O2A BCL QD . -15.60 56.36 -43.05
NB BCL QD . -9.69 59.28 -39.58
C1B BCL QD . -9.89 58.68 -40.81
C2B BCL QD . -8.81 58.92 -41.66
C3B BCL QD . -7.88 59.70 -40.95
C4B BCL QD . -8.48 59.90 -39.64
CMB BCL QD . -8.76 58.39 -43.08
CAB BCL QD . -6.58 60.24 -41.33
OBB BCL QD . -6.11 61.27 -40.81
CBB BCL QD . -5.70 59.60 -42.38
NC BCL QD . -9.63 60.36 -36.82
C1C BCL QD . -8.38 60.73 -37.23
C2C BCL QD . -7.57 61.36 -36.16
C3C BCL QD . -8.53 61.38 -34.97
C4C BCL QD . -9.71 60.60 -35.47
CMC BCL QD . -6.29 60.60 -35.87
CAC BCL QD . -8.90 62.81 -34.48
CBC BCL QD . -7.80 63.44 -33.68
ND BCL QD . -12.10 59.06 -36.36
C1D BCL QD . -11.91 59.47 -35.04
C2D BCL QD . -12.87 58.92 -34.18
C3D BCL QD . -13.70 58.15 -35.01
C4D BCL QD . -13.21 58.27 -36.29
CMD BCL QD . -12.95 59.13 -32.70
CAD BCL QD . -14.83 57.30 -35.07
OBD BCL QD . -15.55 56.85 -34.17
CBD BCL QD . -15.08 56.93 -36.55
CGD BCL QD . -15.25 55.48 -36.68
O1D BCL QD . -14.40 54.64 -36.48
O2D BCL QD . -16.46 55.12 -37.03
CED BCL QD . -16.70 53.69 -37.14
C1 BCL QD . -15.17 55.35 -44.03
C2 BCL QD . -15.37 55.98 -45.39
C3 BCL QD . -14.51 56.72 -46.04
C4 BCL QD . -14.75 57.32 -47.42
C5 BCL QD . -13.13 57.05 -45.42
C6 BCL QD . -13.03 58.29 -44.53
C7 BCL QD . -13.30 59.60 -45.26
C8 BCL QD . -13.26 60.93 -44.50
C9 BCL QD . -14.02 60.82 -43.16
C10 BCL QD . -13.82 62.04 -45.42
C11 BCL QD . -14.00 63.49 -44.96
C12 BCL QD . -12.70 64.24 -44.67
C13 BCL QD . -12.92 65.56 -43.89
C14 BCL QD . -13.67 66.61 -44.70
C15 BCL QD . -11.55 66.15 -43.50
C16 BCL QD . -11.64 67.41 -42.66
C17 BCL QD . -10.44 68.01 -41.93
C18 BCL QD . -9.34 68.72 -42.70
C19 BCL QD . -10.08 69.74 -43.58
C20 BCL QD . -8.43 67.83 -43.57
C1B LMT RD . -12.41 78.78 -26.64
C2B LMT RD . -11.44 78.58 -25.45
C3B LMT RD . -12.16 78.78 -24.10
C4B LMT RD . -12.94 80.10 -24.13
C5B LMT RD . -13.90 80.01 -25.31
C6B LMT RD . -14.86 81.20 -25.31
O1B LMT RD . -13.21 77.67 -26.80
O2B LMT RD . -10.95 77.30 -25.54
O3B LMT RD . -11.29 78.68 -23.05
O4' LMT RD . -13.66 80.26 -22.96
O5B LMT RD . -13.19 79.93 -26.52
O6B LMT RD . -14.26 82.30 -25.87
C1' LMT RD . -13.91 74.72 -29.60
C2' LMT RD . -12.43 74.98 -29.29
C3' LMT RD . -12.31 75.81 -27.99
C4' LMT RD . -13.19 77.06 -28.07
C5' LMT RD . -14.61 76.54 -28.41
C6' LMT RD . -15.68 77.60 -28.35
O1' LMT RD . -14.01 74.14 -30.84
O2' LMT RD . -11.83 73.79 -29.08
O3' LMT RD . -11.01 76.15 -27.78
O5' LMT RD . -14.60 75.95 -29.68
O6' LMT RD . -16.86 76.93 -28.60
C1 LMT RD . -15.00 73.15 -30.93
C2 LMT RD . -14.43 71.96 -30.20
C3 LMT RD . -15.23 70.72 -30.27
C4 LMT RD . -14.29 69.58 -30.51
C5 LMT RD . -14.90 68.66 -31.52
C6 LMT RD . -14.79 67.24 -31.11
C7 LMT RD . -15.21 66.37 -32.25
C8 LMT RD . -16.66 66.09 -32.14
C9 LMT RD . -17.06 64.75 -32.67
C10 LMT RD . -18.55 64.70 -32.72
C11 LMT RD . -19.01 63.32 -33.07
C12 LMT RD . -20.49 63.26 -33.19
C1 V7N SD . -5.38 51.57 -37.27
C10 V7N SD . -14.48 51.72 -42.64
C11 V7N SD . -15.59 51.46 -43.45
C12 V7N SD . -16.86 51.85 -43.04
C13 V7N SD . -18.09 51.66 -43.69
C14 V7N SD . -19.25 52.13 -43.05
C15 V7N SD . -20.56 52.00 -43.55
C16 V7N SD . -21.69 52.31 -42.78
C17 V7N SD . -22.98 52.15 -43.29
C18 V7N SD . -24.17 52.44 -42.60
C19 V7N SD . -25.39 52.20 -43.26
C2 V7N SD . -6.04 52.61 -38.20
C20 V7N SD . -26.64 52.11 -42.65
C21 V7N SD . -27.83 51.85 -43.37
C22 V7N SD . -29.09 51.84 -42.81
C23 V7N SD . -30.29 51.55 -43.63
C24 V7N SD . -31.06 50.37 -43.06
C25 V7N SD . -32.37 50.17 -43.75
C26 V7N SD . -32.63 49.08 -44.49
C27 V7N SD . -33.95 48.91 -45.17
C28 V7N SD . -34.58 47.57 -44.82
C29 V7N SD . -35.38 47.03 -45.95
C3 V7N SD . -6.61 52.03 -39.43
C30 V7N SD . -6.44 50.61 -36.76
C31 V7N SD . -4.29 50.81 -38.00
C33 V7N SD . -7.90 50.60 -41.78
C34 V7N SD . -12.84 50.54 -44.08
C35 V7N SD . -18.21 50.98 -45.00
C36 V7N SD . -24.10 52.99 -41.23
C37 V7N SD . -29.31 52.11 -41.39
C38 V7N SD . -31.63 48.00 -44.69
C39 V7N SD . -35.62 45.71 -46.12
C4 V7N SD . -7.95 51.94 -39.63
C40 V7N SD . -36.42 45.24 -47.26
C41 V7N SD . -5.78 52.94 -35.31
C43 V7N SD . -35.11 44.66 -45.20
C5 V7N SD . -8.61 51.41 -40.76
C6 V7N SD . -9.98 51.69 -40.90
C7 V7N SD . -10.82 51.26 -41.94
C8 V7N SD . -12.16 51.65 -41.93
C9 V7N SD . -13.16 51.31 -42.87
O32 V7N SD . -4.84 52.36 -36.20
O42 V7N SD . -12.88 50.98 -45.22
O44 V7N SD . -36.94 46.19 -48.04
O45 V7N SD . -36.68 44.07 -47.57
MG BCL TD . -12.28 41.01 -17.24
CHA BCL TD . -14.83 38.76 -16.60
CHB BCL TD . -12.49 40.14 -20.53
CHC BCL TD . -9.36 42.61 -17.79
CHD BCL TD . -11.56 41.07 -13.82
NA BCL TD . -13.49 39.60 -18.37
C1A BCL TD . -14.57 38.84 -17.93
C2A BCL TD . -15.44 38.47 -19.06
C3A BCL TD . -14.52 38.63 -20.27
C4A BCL TD . -13.44 39.52 -19.75
CMA BCL TD . -13.96 37.30 -20.76
CAA BCL TD . -16.69 39.36 -19.12
CBA BCL TD . -17.92 38.75 -19.78
CGA BCL TD . -17.72 38.20 -21.15
O1A BCL TD . -17.88 37.08 -21.43
O2A BCL TD . -17.36 39.09 -22.04
NB BCL TD . -11.08 41.30 -18.89
C1B BCL TD . -11.37 40.91 -20.19
C2B BCL TD . -10.38 41.39 -21.08
C3B BCL TD . -9.46 42.13 -20.31
C4B BCL TD . -9.93 42.04 -18.95
CMB BCL TD . -10.42 41.10 -22.56
CAB BCL TD . -8.27 42.89 -20.70
OBB BCL TD . -7.86 43.84 -20.04
CBB BCL TD . -7.46 42.56 -21.92
NC BCL TD . -10.71 41.75 -15.99
C1C BCL TD . -9.57 42.35 -16.43
C2C BCL TD . -8.75 42.92 -15.34
C3C BCL TD . -9.54 42.53 -14.09
C4C BCL TD . -10.60 41.63 -14.62
CMC BCL TD . -7.32 42.42 -15.31
CAC BCL TD . -10.12 43.72 -13.28
CBC BCL TD . -9.13 44.28 -12.29
ND BCL TD . -12.99 40.11 -15.55
C1D BCL TD . -12.64 40.23 -14.20
C2D BCL TD . -13.47 39.44 -13.39
C3D BCL TD . -14.36 38.83 -14.27
C4D BCL TD . -14.04 39.25 -15.54
CMD BCL TD . -13.38 39.34 -11.90
CAD BCL TD . -15.50 37.99 -14.38
OBD BCL TD . -16.14 37.38 -13.52
CBD BCL TD . -15.88 37.91 -15.88
CGD BCL TD . -15.96 36.49 -16.30
O1D BCL TD . -15.05 35.71 -16.31
O2D BCL TD . -17.16 36.12 -16.67
CED BCL TD . -17.28 34.73 -17.05
C1 BCL TD . -17.15 38.61 -23.40
C2 BCL TD . -15.78 39.15 -23.83
C3 BCL TD . -15.58 40.11 -24.69
C4 BCL TD . -14.20 40.62 -25.09
C5 BCL TD . -16.76 40.81 -25.38
C6 BCL TD . -16.57 42.22 -25.98
C7 BCL TD . -16.37 43.32 -24.94
C8 BCL TD . -16.36 44.79 -25.38
C9 BCL TD . -17.80 45.25 -25.73
C10 BCL TD . -15.36 45.04 -26.53
C11 BCL TD . -15.82 45.58 -27.89
C12 BCL TD . -16.37 44.51 -28.84
C13 BCL TD . -17.02 45.10 -30.10
C14 BCL TD . -18.20 46.01 -29.78
C15 BCL TD . -17.53 43.92 -30.91
C16 BCL TD . -16.63 42.81 -31.44
C17 BCL TD . -17.25 41.54 -32.08
C18 BCL TD . -18.14 41.81 -33.30
C19 BCL TD . -19.63 41.93 -32.81
C20 BCL TD . -18.03 40.74 -34.40
MG BCL UD . -27.18 62.61 -15.87
CHA BCL UD . -28.63 62.22 -18.96
CHB BCL UD . -29.89 61.05 -14.50
CHC BCL UD . -26.10 63.49 -12.79
CHD BCL UD . -25.13 65.10 -17.21
NA BCL UD . -29.01 61.74 -16.66
C1A BCL UD . -29.42 61.67 -17.98
C2A BCL UD . -30.56 60.71 -18.14
C3A BCL UD . -31.03 60.49 -16.69
C4A BCL UD . -29.98 61.16 -15.87
CMA BCL UD . -32.42 61.09 -16.45
CAA BCL UD . -30.18 59.40 -18.83
CBA BCL UD . -31.36 58.45 -18.94
CGA BCL UD . -31.07 57.26 -19.78
O1A BCL UD . -30.29 57.22 -20.63
O2A BCL UD . -31.79 56.23 -19.46
NB BCL UD . -27.91 62.37 -13.94
C1B BCL UD . -28.97 61.56 -13.57
C2B BCL UD . -28.95 61.31 -12.19
C3B BCL UD . -27.85 62.00 -11.65
C4B BCL UD . -27.24 62.67 -12.79
CMB BCL UD . -29.98 60.42 -11.52
CAB BCL UD . -27.33 62.11 -10.29
OBB BCL UD . -26.17 62.48 -10.05
CBB BCL UD . -28.14 61.78 -9.06
NC BCL UD . -25.84 64.10 -15.13
C1C BCL UD . -25.47 64.22 -13.82
C2C BCL UD . -24.28 65.06 -13.61
C3C BCL UD . -23.85 65.38 -15.04
C4C BCL UD . -25.04 64.95 -15.85
CMC BCL UD . -24.57 66.28 -12.77
CAC BCL UD . -22.53 64.68 -15.46
CBC BCL UD . -21.33 65.18 -14.68
ND BCL UD . -26.93 63.53 -17.66
C1D BCL UD . -26.02 64.47 -18.13
C2D BCL UD . -26.13 64.65 -19.52
C3D BCL UD . -27.14 63.80 -19.93
C4D BCL UD . -27.60 63.14 -18.78
CMD BCL UD . -25.30 65.59 -20.36
CAD BCL UD . -27.75 63.15 -21.02
OBD BCL UD . -27.58 63.29 -22.25
CBD BCL UD . -28.77 62.11 -20.48
CGD BCL UD . -30.10 62.46 -20.95
O1D BCL UD . -30.78 61.84 -21.74
O2D BCL UD . -30.51 63.56 -20.38
CED BCL UD . -31.84 63.93 -20.72
C1 BCL UD . -31.57 55.03 -20.27
C2 BCL UD . -32.00 53.86 -19.40
C3 BCL UD . -32.84 52.93 -19.79
C4 BCL UD . -33.49 52.88 -21.17
C5 BCL UD . -33.21 51.77 -18.86
C6 BCL UD . -34.42 51.94 -17.93
C7 BCL UD . -35.76 51.95 -18.66
C8 BCL UD . -36.94 51.71 -17.72
C9 BCL UD . -37.07 52.87 -16.73
C10 BCL UD . -36.75 50.38 -16.97
C11 BCL UD . -37.71 50.02 -15.85
C12 BCL UD . -39.16 49.78 -16.27
C13 BCL UD . -39.46 48.43 -16.95
C14 BCL UD . -39.45 48.51 -18.48
C15 BCL UD . -40.87 48.02 -16.53
C16 BCL UD . -41.50 46.72 -17.04
C17 BCL UD . -41.10 45.28 -16.67
C18 BCL UD . -39.79 44.67 -17.14
C19 BCL UD . -40.02 43.15 -17.02
C20 BCL UD . -38.53 45.06 -16.35
C1 V7N VD . -16.35 56.13 -25.15
C10 V7N VD . -25.61 56.04 -29.08
C11 V7N VD . -26.81 55.66 -29.71
C12 V7N VD . -28.06 56.05 -29.21
C13 V7N VD . -29.32 55.73 -29.73
C14 V7N VD . -30.47 56.10 -29.02
C15 V7N VD . -31.78 55.80 -29.42
C16 V7N VD . -32.87 55.87 -28.54
C17 V7N VD . -34.18 55.55 -28.91
C18 V7N VD . -35.29 55.57 -28.04
C19 V7N VD . -36.55 55.20 -28.54
C2 V7N VD . -17.05 57.16 -26.03
C20 V7N VD . -37.65 54.86 -27.77
C21 V7N VD . -38.89 54.49 -28.34
C22 V7N VD . -40.05 54.35 -27.60
C23 V7N VD . -41.32 53.96 -28.27
C24 V7N VD . -41.46 52.45 -28.34
C25 V7N VD . -42.64 52.05 -29.12
C26 V7N VD . -43.84 51.79 -28.58
C27 V7N VD . -44.98 51.39 -29.43
C28 V7N VD . -44.99 49.90 -29.67
C29 V7N VD . -45.92 49.53 -30.75
C3 V7N VD . -18.29 56.65 -26.67
C30 V7N VD . -17.33 55.04 -24.71
C31 V7N VD . -15.18 55.49 -25.90
C33 V7N VD . -19.26 55.61 -30.18
C34 V7N VD . -24.16 55.19 -30.90
C35 V7N VD . -29.49 54.98 -31.00
C36 V7N VD . -35.12 55.98 -26.63
C37 V7N VD . -40.11 54.59 -26.15
C38 V7N VD . -44.09 51.89 -27.12
C39 V7N VD . -46.18 48.26 -31.08
C4 V7N VD . -18.37 56.56 -28.03
C40 V7N VD . -47.13 47.96 -32.17
C41 V7N VD . -15.53 56.16 -22.86
C43 V7N VD . -45.56 47.09 -30.43
C5 V7N VD . -19.47 56.10 -28.81
C6 V7N VD . -20.78 56.15 -28.28
C7 V7N VD . -21.90 55.73 -29.02
C8 V7N VD . -23.18 56.24 -28.86
C9 V7N VD . -24.31 55.83 -29.59
O32 V7N VD . -15.91 56.89 -24.01
O42 V7N VD . -24.63 55.62 -31.96
O44 V7N VD . -47.63 49.02 -32.83
O45 V7N VD . -47.51 46.85 -32.54
MG BCL WD . -22.75 63.19 -24.07
CHA BCL WD . -25.24 60.91 -23.33
CHB BCL WD . -22.96 62.23 -27.32
CHC BCL WD . -19.81 64.76 -24.70
CHD BCL WD . -22.09 63.47 -20.66
NA BCL WD . -23.94 61.73 -25.14
C1A BCL WD . -25.01 60.97 -24.68
C2A BCL WD . -25.68 60.25 -25.79
C3A BCL WD . -24.75 60.47 -26.98
C4A BCL WD . -23.90 61.60 -26.52
CMA BCL WD . -23.90 59.24 -27.26
CAA BCL WD . -27.13 60.72 -26.06
CBA BCL WD . -27.87 59.81 -27.03
CGA BCL WD . -27.94 60.24 -28.45
O1A BCL WD . -28.41 59.58 -29.30
O2A BCL WD . -27.43 61.43 -28.69
NB BCL WD . -21.54 63.42 -25.74
C1B BCL WD . -21.85 63.00 -27.02
C2B BCL WD . -20.90 63.49 -27.93
C3B BCL WD . -19.96 64.24 -27.21
C4B BCL WD . -20.40 64.17 -25.82
CMB BCL WD . -20.98 63.20 -29.43
CAB BCL WD . -18.76 64.97 -27.63
OBB BCL WD . -18.34 65.95 -27.01
CBB BCL WD . -17.95 64.58 -28.84
NC BCL WD . -21.18 63.98 -22.85
C1C BCL WD . -20.09 64.64 -23.33
C2C BCL WD . -19.24 65.22 -22.26
C3C BCL WD . -20.00 64.86 -20.98
C4C BCL WD . -21.14 64.05 -21.48
CMC BCL WD . -17.81 64.69 -22.29
CAC BCL WD . -20.43 66.09 -20.15
CBC BCL WD . -19.30 66.65 -19.35
ND BCL WD . -23.47 62.38 -22.34
C1D BCL WD . -23.14 62.57 -21.01
C2D BCL WD . -23.93 61.79 -20.16
C3D BCL WD . -24.80 61.10 -21.01
C4D BCL WD . -24.49 61.48 -22.30
CMD BCL WD . -23.82 61.74 -18.66
CAD BCL WD . -25.81 60.12 -21.09
OBD BCL WD . -26.34 59.43 -20.22
CBD BCL WD . -26.22 59.98 -22.59
CGD BCL WD . -26.23 58.55 -22.95
O1D BCL WD . -25.27 57.82 -23.00
O2D BCL WD . -27.44 58.10 -23.25
CED BCL WD . -27.53 56.70 -23.61
C1 BCL WD . -27.44 62.01 -30.05
C2 BCL WD . -26.44 61.24 -30.89
C3 BCL WD . -26.02 61.64 -32.08
C4 BCL WD . -25.03 60.89 -32.95
C5 BCL WD . -26.52 62.96 -32.71
C6 BCL WD . -26.61 62.97 -34.25
C7 BCL WD . -26.95 64.34 -34.84
C8 BCL WD . -28.27 65.03 -34.46
C9 BCL WD . -29.47 64.08 -34.71
C10 BCL WD . -28.47 66.32 -35.27
C11 BCL WD . -27.39 67.38 -35.19
C12 BCL WD . -27.21 67.96 -33.77
C13 BCL WD . -25.81 68.51 -33.52
C14 BCL WD . -24.72 67.45 -33.69
C15 BCL WD . -25.78 69.05 -32.07
C16 BCL WD . -24.45 69.57 -31.53
C17 BCL WD . -23.83 70.78 -32.26
C18 BCL WD . -22.46 71.17 -31.73
C19 BCL WD . -22.04 72.36 -32.61
C20 BCL WD . -21.42 70.04 -31.81
C1B LMT XD . -21.81 79.20 -9.03
C2B LMT XD . -22.35 79.35 -7.59
C3B LMT XD . -23.08 80.70 -7.44
C4B LMT XD . -22.14 81.86 -7.86
C5B LMT XD . -21.62 81.53 -9.28
C6B LMT XD . -20.70 82.65 -9.77
O1B LMT XD . -22.87 79.14 -9.92
O2B LMT XD . -23.22 78.31 -7.37
O3B LMT XD . -23.58 80.85 -6.18
O4' LMT XD . -22.81 83.05 -7.88
O5B LMT XD . -20.98 80.28 -9.35
O6B LMT XD . -20.88 83.78 -9.03
C1' LMT XD . -24.88 76.59 -12.45
C2' LMT XD . -24.64 76.03 -11.04
C3' LMT XD . -24.16 77.15 -10.08
C4' LMT XD . -23.01 77.97 -10.70
C5' LMT XD . -23.53 78.38 -12.09
C6' LMT XD . -22.67 79.40 -12.80
O1' LMT XD . -25.11 75.55 -13.31
O2' LMT XD . -25.84 75.58 -10.55
O3' LMT XD . -23.76 76.61 -8.90
O5' LMT XD . -23.71 77.26 -12.89
O6' LMT XD . -21.61 78.70 -13.32
C1 LMT XD . -26.43 75.42 -13.73
C2 LMT XD . -26.91 74.14 -13.12
C3 LMT XD . -26.06 72.93 -13.33
C4 LMT XD . -26.28 72.49 -14.75
C5 LMT XD . -25.77 71.11 -14.96
C6 LMT XD . -26.88 70.13 -14.98
C7 LMT XD . -26.68 69.16 -16.10
C8 LMT XD . -27.62 68.03 -15.93
C9 LMT XD . -28.06 67.42 -17.20
C10 LMT XD . -28.92 66.24 -16.86
C11 LMT XD . -30.34 66.46 -17.27
C12 LMT XD . -31.09 65.19 -17.38
MG BCL YD . -32.30 62.89 -8.09
CHA BCL YD . -34.34 60.15 -7.55
CHB BCL YD . -32.89 62.55 -11.42
CHC BCL YD . -29.73 64.99 -8.72
CHD BCL YD . -31.13 62.57 -4.82
NA BCL YD . -33.44 61.50 -9.30
C1A BCL YD . -34.34 60.53 -8.87
C2A BCL YD . -35.25 60.11 -9.98
C3A BCL YD . -34.47 60.58 -11.21
C4A BCL YD . -33.62 61.66 -10.66
CMA BCL YD . -33.62 59.47 -11.81
CAA BCL YD . -36.66 60.74 -9.87
CBA BCL YD . -37.80 60.21 -10.78
CGA BCL YD . -37.50 59.97 -12.23
O1A BCL YD . -37.46 58.90 -12.72
O2A BCL YD . -37.25 61.05 -12.96
NB BCL YD . -31.40 63.62 -9.80
C1B BCL YD . -31.87 63.45 -11.09
C2B BCL YD . -31.18 64.30 -11.98
C3B BCL YD . -30.26 65.04 -11.22
C4B BCL YD . -30.42 64.57 -9.86
CMB BCL YD . -31.47 64.34 -13.47
CAB BCL YD . -29.30 66.05 -11.61
OBB BCL YD . -29.00 67.00 -10.86
CBB BCL YD . -28.59 66.04 -12.94
NC BCL YD . -30.68 63.66 -6.93
C1C BCL YD . -29.72 64.51 -7.41
C2C BCL YD . -28.75 64.95 -6.37
C3C BCL YD . -29.26 64.25 -5.11
C4C BCL YD . -30.38 63.39 -5.62
CMC BCL YD . -27.32 64.59 -6.72
CAC BCL YD . -29.72 65.21 -3.98
CBC BCL YD . -28.57 65.77 -3.19
ND BCL YD . -32.64 61.67 -6.50
C1D BCL YD . -32.08 61.60 -5.22
C2D BCL YD . -32.58 60.50 -4.51
C3D BCL YD . -33.48 59.88 -5.36
C4D BCL YD . -33.49 60.60 -6.54
CMD BCL YD . -32.17 60.13 -3.10
CAD BCL YD . -34.48 58.89 -5.48
OBD BCL YD . -34.87 58.04 -4.66
CBD BCL YD . -35.11 58.99 -6.88
CGD BCL YD . -35.06 57.68 -7.54
O1D BCL YD . -34.10 57.17 -8.04
O2D BCL YD . -36.21 57.05 -7.55
CED BCL YD . -36.22 55.74 -8.17
C1 BCL YD . -36.91 60.84 -14.37
C2 BCL YD . -37.78 61.78 -15.17
C3 BCL YD . -37.50 62.98 -15.63
C4 BCL YD . -38.45 63.85 -16.44
C5 BCL YD . -36.14 63.65 -15.38
C6 BCL YD . -36.17 65.17 -15.40
C7 BCL YD . -34.79 65.81 -15.17
C8 BCL YD . -34.77 67.33 -15.11
C9 BCL YD . -35.26 67.95 -16.43
C10 BCL YD . -33.36 67.83 -14.78
C11 BCL YD . -33.03 69.30 -14.72
C12 BCL YD . -31.73 69.53 -13.96
C13 BCL YD . -31.30 70.99 -13.77
C14 BCL YD . -30.21 71.14 -12.72
C15 BCL YD . -32.51 71.79 -13.29
C16 BCL YD . -32.28 73.29 -13.16
C17 BCL YD . -31.93 73.90 -14.52
C18 BCL YD . -31.85 75.42 -14.50
C19 BCL YD . -33.23 75.90 -13.99
C20 BCL YD . -31.54 76.04 -15.86
C1 V7N ZD . -25.60 57.34 -11.38
C10 V7N ZD . -35.55 56.55 -14.28
C11 V7N ZD . -36.79 56.21 -14.83
C12 V7N ZD . -37.90 56.09 -14.01
C13 V7N ZD . -39.21 55.73 -14.38
C14 V7N ZD . -40.21 55.69 -13.38
C15 V7N ZD . -41.52 55.30 -13.60
C16 V7N ZD . -42.36 54.98 -12.54
C17 V7N ZD . -43.67 54.54 -12.74
C18 V7N ZD . -44.58 54.22 -11.71
C19 V7N ZD . -45.85 53.77 -12.09
C2 V7N ZD . -26.53 58.38 -12.02
C20 V7N ZD . -46.85 53.33 -11.25
C21 V7N ZD . -48.08 52.89 -11.77
C22 V7N ZD . -49.20 52.61 -11.01
C23 V7N ZD . -50.44 52.15 -11.69
C24 V7N ZD . -50.30 50.70 -12.14
C25 V7N ZD . -51.48 50.29 -12.94
C26 V7N ZD . -52.62 49.82 -12.42
C27 V7N ZD . -53.75 49.44 -13.29
C28 V7N ZD . -53.75 47.96 -13.60
C29 V7N ZD . -54.87 47.60 -14.49
C3 V7N ZD . -27.26 57.94 -13.21
C30 V7N ZD . -26.37 56.05 -11.08
C31 V7N ZD . -24.43 57.03 -12.30
C33 V7N ZD . -28.99 57.00 -15.55
C34 V7N ZD . -34.31 56.24 -16.40
C35 V7N ZD . -39.57 55.33 -15.76
C36 V7N ZD . -44.16 54.34 -10.30
C37 V7N ZD . -49.24 52.75 -9.55
C38 V7N ZD . -52.84 49.65 -10.96
C39 V7N ZD . -55.09 46.34 -14.91
C4 V7N ZD . -28.59 57.67 -13.14
C40 V7N ZD . -56.23 46.05 -15.81
C41 V7N ZD . -24.59 57.15 -9.19
C43 V7N ZD . -54.25 45.19 -14.53
C5 V7N ZD . -29.46 57.25 -14.18
C6 V7N ZD . -30.81 57.09 -13.83
C7 V7N ZD . -31.86 56.69 -14.66
C8 V7N ZD . -33.16 56.93 -14.27
C9 V7N ZD . -34.33 56.58 -14.97
O32 V7N ZD . -25.19 57.98 -10.16
O42 V7N ZD . -33.58 55.39 -16.90
O44 V7N ZD . -56.28 44.82 -16.31
O45 V7N ZD . -57.13 46.81 -16.15
MG BCL AE . -35.17 59.94 0.33
CHA BCL AE . -37.03 60.00 -2.56
CHB BCL AE . -37.46 57.80 1.68
CHC BCL AE . -33.69 60.31 3.34
CHD BCL AE . -33.57 62.88 -0.72
NA BCL AE . -37.02 59.05 -0.38
C1A BCL AE . -37.57 59.13 -1.64
C2A BCL AE . -38.66 58.11 -1.83
C3A BCL AE . -38.91 57.59 -0.41
C4A BCL AE . -37.74 58.13 0.37
CMA BCL AE . -40.23 58.08 0.15
CAA BCL AE . -38.29 57.00 -2.82
CBA BCL AE . -39.44 56.06 -3.15
CGA BCL AE . -39.02 54.98 -4.08
O1A BCL AE . -38.96 55.08 -5.24
O2A BCL AE . -38.67 53.87 -3.49
NB BCL AE . -35.55 59.23 2.24
C1B BCL AE . -36.47 58.24 2.56
C2B BCL AE . -36.24 57.75 3.85
C3B BCL AE . -35.14 58.46 4.39
C4B BCL AE . -34.74 59.38 3.33
CMB BCL AE . -37.08 56.65 4.46
CAB BCL AE . -34.48 58.38 5.68
OBB BCL AE . -33.30 58.73 5.85
CBB BCL AE . -35.17 57.88 6.92
NC BCL AE . -33.86 61.39 1.18
C1C BCL AE . -33.32 61.31 2.43
C2C BCL AE . -32.29 62.35 2.69
C3C BCL AE . -32.04 62.90 1.29
C4C BCL AE . -33.28 62.48 0.56
CMC BCL AE . -32.75 63.40 3.67
CAC BCL AE . -30.74 62.39 0.62
CBC BCL AE . -29.49 62.96 1.23
ND BCL AE . -35.28 61.20 -1.26
C1D BCL AE . -34.54 62.34 -1.61
C2D BCL AE . -34.91 62.80 -2.89
C3D BCL AE . -35.90 61.93 -3.33
C4D BCL AE . -36.09 60.99 -2.33
CMD BCL AE . -34.34 64.00 -3.58
CAD BCL AE . -36.65 61.48 -4.44
OBD BCL AE . -36.75 61.95 -5.58
CBD BCL AE . -37.41 60.20 -4.03
CGD BCL AE . -38.83 60.42 -4.25
O1D BCL AE . -39.56 59.82 -5.01
O2D BCL AE . -39.27 61.39 -3.48
CED BCL AE . -40.66 61.68 -3.54
C1 BCL AE . -38.23 52.79 -4.37
C2 BCL AE . -39.22 51.65 -4.13
C3 BCL AE . -39.16 50.88 -3.07
C4 BCL AE . -40.11 49.73 -2.80
C5 BCL AE . -38.06 51.08 -2.02
C6 BCL AE . -37.84 49.94 -1.04
C7 BCL AE . -36.75 50.25 -0.02
C8 BCL AE . -36.69 49.26 1.14
C9 BCL AE . -35.56 49.64 2.12
C10 BCL AE . -36.48 47.84 0.58
C11 BCL AE . -37.09 46.67 1.32
C12 BCL AE . -36.36 46.20 2.57
C13 BCL AE . -37.00 44.93 3.14
C14 BCL AE . -38.14 45.24 4.09
C15 BCL AE . -35.93 44.14 3.91
C16 BCL AE . -35.30 44.84 5.08
C17 BCL AE . -34.03 44.22 5.68
C18 BCL AE . -34.09 43.08 6.67
C19 BCL AE . -32.64 42.95 7.15
C20 BCL AE . -34.59 41.73 6.12
C1 V7N BE . -32.31 53.82 3.15
C10 V7N BE . -42.51 52.71 1.54
C11 V7N BE . -43.80 52.42 1.09
C12 V7N BE . -44.81 52.09 2.00
C13 V7N BE . -46.15 51.75 1.72
C14 V7N BE . -46.96 51.36 2.81
C15 V7N BE . -48.30 50.97 2.70
C16 V7N BE . -48.99 50.46 3.82
C17 V7N BE . -50.31 50.03 3.72
C18 V7N BE . -51.09 49.53 4.79
C19 V7N BE . -52.41 49.12 4.52
C2 V7N BE . -33.39 54.91 3.15
C20 V7N BE . -53.21 48.34 5.35
C21 V7N BE . -54.52 47.96 4.98
C22 V7N BE . -55.38 47.21 5.75
C23 V7N BE . -56.73 46.87 5.23
C24 V7N BE . -56.61 45.92 4.05
C25 V7N BE . -57.93 45.48 3.56
C26 V7N BE . -58.44 44.26 3.80
C27 V7N BE . -59.78 43.87 3.27
C28 V7N BE . -59.76 42.47 2.69
C29 V7N BE . -60.98 42.17 1.92
C3 V7N BE . -34.31 54.81 2.00
C30 V7N BE . -32.90 52.45 2.84
C31 V7N BE . -31.25 54.16 2.11
C33 V7N BE . -36.25 54.41 -0.27
C34 V7N BE . -41.65 53.43 -0.68
C35 V7N BE . -46.72 51.79 0.36
C36 V7N BE . -50.50 49.43 6.14
C37 V7N BE . -55.03 46.71 7.09
C38 V7N BE . -57.70 43.25 4.59
C39 V7N BE . -61.30 40.94 1.48
C4 V7N BE . -35.58 54.32 2.15
C40 V7N BE . -62.54 40.70 0.71
C41 V7N BE . -31.25 54.99 4.98
C43 V7N BE . -60.47 39.74 1.73
C5 V7N BE . -36.56 54.16 1.15
C6 V7N BE . -37.83 53.74 1.56
C7 V7N BE . -38.96 53.51 0.76
C8 V7N BE . -40.21 53.42 1.38
C9 V7N BE . -41.44 53.19 0.76
O32 V7N BE . -31.80 53.79 4.49
O42 V7N BE . -41.07 52.84 -1.58
O44 V7N BE . -63.42 41.71 0.69
O45 V7N BE . -62.85 39.68 0.09
O1 PEX CE . -26.18 49.31 17.11
O2 PEX CE . -26.34 50.25 14.71
P1 PEX CE . -26.98 49.55 15.86
O3 PEX CE . -27.65 48.13 15.37
C1 PEX CE . -26.79 47.03 15.22
C2 PEX CE . -27.48 45.70 15.47
C3 PEX CE . -28.82 45.85 16.15
O4 PEX CE . -28.98 44.86 17.15
C4 PEX CE . -29.92 45.03 18.07
O5 PEX CE . -30.09 46.07 18.66
C5 PEX CE . -30.75 43.79 18.26
C6 PEX CE . -30.07 42.54 17.75
C7 PEX CE . -30.89 41.81 16.72
C8 PEX CE . -32.36 41.72 17.09
C9 PEX CE . -33.19 40.98 16.06
C10 PEX CE . -34.68 41.00 16.38
C11 PEX CE . -35.42 42.18 15.78
C12 PEX CE . -36.46 42.76 16.73
C13 PEX CE . -35.84 43.74 17.72
O6 PEX CE . -27.66 44.98 14.26
C14 PEX CE . -27.71 43.65 14.26
O7 PEX CE . -27.95 42.98 15.24
C15 PEX CE . -27.44 43.09 12.89
C16 PEX CE . -28.68 42.58 12.18
C17 PEX CE . -28.70 41.06 12.05
C18 PEX CE . -28.71 40.33 13.38
C19 PEX CE . -30.10 39.88 13.82
C20 PEX CE . -30.52 38.53 13.25
C21 PEX CE . -31.85 38.06 13.83
C22 PEX CE . -32.36 36.76 13.24
C23 PEX CE . -33.79 36.47 13.67
O8 PEX CE . -28.42 50.22 16.23
C24 PEX CE . -28.50 51.64 16.20
C25 PEX CE . -27.43 52.24 17.10
N1 PEX CE . -27.93 53.32 17.93
C1B LMT DE . -32.05 75.97 10.70
C2B LMT DE . -30.64 75.94 11.30
C3B LMT DE . -30.63 75.08 12.56
C4B LMT DE . -31.71 75.59 13.55
C5B LMT DE . -33.04 75.57 12.80
C6B LMT DE . -34.17 76.02 13.72
O1B LMT DE . -32.33 74.70 10.23
O2B LMT DE . -29.81 75.41 10.35
O3B LMT DE . -29.38 75.01 13.13
O4' LMT DE . -31.79 74.76 14.64
O5B LMT DE . -33.00 76.37 11.64
O6B LMT DE . -35.15 76.67 12.99
C1' LMT DE . -33.58 72.82 6.79
C2' LMT DE . -32.61 74.00 6.57
C3' LMT DE . -31.92 74.33 7.91
C4' LMT DE . -32.98 74.61 8.98
C5' LMT DE . -33.89 73.36 9.00
C6' LMT DE . -34.94 73.39 10.08
O1' LMT DE . -34.28 72.59 5.66
O2' LMT DE . -31.68 73.62 5.66
O3' LMT DE . -31.10 75.41 7.76
O5' LMT DE . -34.52 73.20 7.77
O6' LMT DE . -34.49 72.58 11.08
C1 LMT DE . -34.76 71.28 5.53
C2 LMT DE . -35.54 71.32 4.26
C3 LMT DE . -36.17 70.04 3.83
C4 LMT DE . -35.11 68.99 3.90
C5 LMT DE . -35.56 67.78 3.19
C6 LMT DE . -34.75 67.53 1.96
C7 LMT DE . -34.89 66.10 1.55
C8 LMT DE . -36.28 65.86 1.10
C9 LMT DE . -36.47 64.53 0.48
C10 LMT DE . -37.94 64.25 0.44
C11 LMT DE . -38.20 62.83 0.05
C12 LMT DE . -39.64 62.55 -0.11
MG BCL EE . -39.31 58.47 8.45
CHA BCL EE . -41.07 55.51 8.79
CHB BCL EE . -40.15 58.49 5.15
CHC BCL EE . -36.98 60.87 7.89
CHD BCL EE . -37.81 57.85 11.54
NA BCL EE . -40.44 57.14 7.17
C1A BCL EE . -41.19 56.03 7.52
C2A BCL EE . -42.13 55.64 6.42
C3A BCL EE . -41.51 56.34 5.22
C4A BCL EE . -40.71 57.43 5.84
CMA BCL EE . -40.63 55.39 4.40
CAA BCL EE . -43.58 56.08 6.71
CBA BCL EE . -44.71 55.49 5.82
CGA BCL EE . -44.61 55.57 4.34
O1A BCL EE . -44.72 54.66 3.61
O2A BCL EE . -44.36 56.77 3.83
NB BCL EE . -38.61 59.48 6.78
C1B BCL EE . -39.19 59.45 5.52
C2B BCL EE . -38.70 60.48 4.72
C3B BCL EE . -37.77 61.21 5.49
C4B BCL EE . -37.75 60.53 6.78
CMB BCL EE . -39.16 60.71 3.29
CAB BCL EE . -36.95 62.37 5.18
OBB BCL EE . -36.65 63.22 6.03
CBB BCL EE . -36.40 62.63 3.79
NC BCL EE . -37.65 59.25 9.56
C1C BCL EE . -36.81 60.23 9.13
C2C BCL EE . -35.80 60.63 10.13
C3C BCL EE . -36.10 59.70 11.31
C4C BCL EE . -37.19 58.83 10.80
CMC BCL EE . -34.37 60.52 9.62
CAC BCL EE . -36.46 60.42 12.62
CBC BCL EE . -35.27 61.06 13.27
ND BCL EE . -39.40 57.04 9.89
C1D BCL EE . -38.71 56.86 11.09
C2D BCL EE . -39.04 55.63 11.69
C3D BCL EE . -39.98 55.05 10.85
C4D BCL EE . -40.17 55.91 9.78
CMD BCL EE . -38.47 55.12 12.98
CAD BCL EE . -40.87 53.97 10.66
OBD BCL EE . -41.08 52.96 11.36
CBD BCL EE . -41.65 54.20 9.34
CGD BCL EE . -41.53 53.00 8.50
O1D BCL EE . -40.52 52.63 7.94
O2D BCL EE . -42.64 52.31 8.40
CED BCL EE . -42.60 51.10 7.59
C1 BCL EE . -44.24 56.83 2.37
C2 BCL EE . -45.48 57.51 1.85
C3 BCL EE . -45.52 58.77 1.49
C4 BCL EE . -46.77 59.48 0.95
C5 BCL EE . -44.29 59.66 1.58
C6 BCL EE . -44.58 61.15 1.73
C7 BCL EE . -43.31 61.99 1.81
C8 BCL EE . -43.54 63.50 1.89
C9 BCL EE . -44.41 63.96 0.70
C10 BCL EE . -42.20 64.24 1.89
C11 BCL EE . -42.19 65.75 1.97
C12 BCL EE . -42.82 66.29 3.26
C13 BCL EE . -42.62 67.80 3.43
C14 BCL EE . -41.16 68.16 3.72
C15 BCL EE . -43.47 68.28 4.61
C16 BCL EE . -43.36 69.75 4.99
C17 BCL EE . -44.27 70.08 6.19
C18 BCL EE . -44.16 71.48 6.77
C19 BCL EE . -45.00 71.42 8.04
C20 BCL EE . -44.64 72.62 5.86
C1B LMT FE . -37.45 68.72 28.67
C2B LMT FE . -35.95 68.95 28.90
C3B LMT FE . -35.38 67.83 29.78
C4B LMT FE . -36.21 67.68 31.09
C5B LMT FE . -37.69 67.54 30.68
C6B LMT FE . -38.57 67.42 31.93
O1B LMT FE . -37.58 67.55 27.94
O2B LMT FE . -35.35 68.95 27.67
O3B LMT FE . -34.05 68.00 30.03
O4' LMT FE . -35.82 66.56 31.78
O5B LMT FE . -38.13 68.61 29.88
O6B LMT FE . -39.84 67.07 31.57
C1' LMT FE . -39.51 65.95 24.71
C2' LMT FE . -39.13 67.43 24.53
C3' LMT FE . -38.14 67.85 25.64
C4' LMT FE . -38.64 67.45 27.03
C5' LMT FE . -39.02 65.96 26.93
C6' LMT FE . -39.44 65.35 28.24
O1' LMT FE . -40.49 65.59 23.85
O2' LMT FE . -38.52 67.59 23.31
O3' LMT FE . -37.93 69.20 25.58
O5' LMT FE . -40.04 65.78 26.00
O6' LMT FE . -40.52 66.08 28.66
C1 LMT FE . -40.51 64.23 23.53
C2 LMT FE . -41.53 64.12 22.44
C3 LMT FE . -41.95 62.75 22.06
C4 LMT FE . -41.18 62.41 20.81
C5 LMT FE . -41.68 61.16 20.19
C6 LMT FE . -41.12 60.97 18.84
C7 LMT FE . -41.30 59.56 18.40
C8 LMT FE . -42.74 59.33 18.09
C9 LMT FE . -42.99 58.01 17.46
C10 LMT FE . -44.44 57.69 17.65
C11 LMT FE . -44.77 56.36 17.05
C12 LMT FE . -46.15 55.94 17.36
MG BCL GE . -44.06 45.02 32.34
CHA BCL GE . -46.63 45.50 30.12
CHB BCL GE . -45.55 42.12 33.31
CHC BCL GE . -41.88 44.81 34.90
CHD BCL GE . -43.29 48.43 32.08
NA BCL GE . -45.88 43.98 31.77
C1A BCL GE . -46.78 44.32 30.78
C2A BCL GE . -47.64 43.16 30.41
C3A BCL GE . -47.37 42.15 31.53
C4A BCL GE . -46.24 42.76 32.30
CMA BCL GE . -48.59 41.92 32.41
CAA BCL GE . -47.33 42.58 29.02
CBA BCL GE . -48.38 41.57 28.63
CGA BCL GE . -48.25 40.90 27.31
O1A BCL GE . -48.64 41.29 26.30
O2A BCL GE . -47.62 39.77 27.40
NB BCL GE . -43.80 43.71 33.92
C1B BCL GE . -44.41 42.47 34.03
C2B BCL GE . -43.70 41.65 34.90
C3B BCL GE . -42.60 42.39 35.39
C4B BCL GE . -42.73 43.69 34.75
CMB BCL GE . -44.13 40.23 35.20
CAB BCL GE . -41.54 42.04 36.32
OBB BCL GE . -40.43 42.61 36.29
CBB BCL GE . -41.67 40.97 37.36
NC BCL GE . -42.79 46.43 33.34
C1C BCL GE . -41.94 46.10 34.35
C2C BCL GE . -41.03 47.21 34.72
C3C BCL GE . -41.28 48.22 33.59
C4C BCL GE . -42.59 47.75 33.04
CMC BCL GE . -41.31 47.78 36.08
CAC BCL GE . -40.17 48.27 32.52
CBC BCL GE . -38.88 48.84 33.05
ND BCL GE . -44.79 46.65 31.35
C1D BCL GE . -44.37 47.98 31.29
C2D BCL GE . -45.15 48.70 30.35
C3D BCL GE . -46.08 47.79 29.86
C4D BCL GE . -45.82 46.58 30.48
CMD BCL GE . -44.96 50.16 30.01
CAD BCL GE . -46.97 47.52 28.79
OBD BCL GE . -47.37 48.23 27.87
CBD BCL GE . -47.45 46.06 28.93
CGD BCL GE . -48.88 46.04 29.19
O1D BCL GE . -49.75 45.71 28.41
O2D BCL GE . -49.13 46.43 30.41
CED BCL GE . -50.50 46.46 30.83
C1 BCL GE . -47.49 39.03 26.16
C2 BCL GE . -48.61 38.01 26.28
C3 BCL GE . -48.46 36.72 26.44
C4 BCL GE . -49.61 35.71 26.55
C5 BCL GE . -47.08 36.08 26.48
C6 BCL GE . -46.27 36.09 27.76
C7 BCL GE . -44.91 35.46 27.48
C8 BCL GE . -43.92 35.13 28.58
C9 BCL GE . -43.50 36.39 29.32
C10 BCL GE . -42.68 34.47 27.96
C11 BCL GE . -41.69 33.83 28.93
C12 BCL GE . -42.21 32.59 29.67
C13 BCL GE . -42.15 31.26 28.90
C14 BCL GE . -43.37 31.02 28.02
C15 BCL GE . -42.10 30.10 29.90
C16 BCL GE . -41.90 28.67 29.36
C17 BCL GE . -40.58 28.25 28.70
C18 BCL GE . -39.40 27.70 29.51
C19 BCL GE . -39.92 26.41 30.16
C20 BCL GE . -38.83 28.60 30.62
C1 V7N HE . -39.40 39.44 32.07
C10 V7N HE . -49.34 36.17 32.35
C11 V7N HE . -50.64 35.69 32.10
C12 V7N HE . -51.20 34.74 32.95
C13 V7N HE . -52.47 34.12 32.85
C14 V7N HE . -52.84 33.20 33.86
C15 V7N HE . -54.03 32.47 33.87
C16 V7N HE . -54.20 31.36 34.70
C17 V7N HE . -55.37 30.59 34.70
C18 V7N HE . -55.68 29.53 35.58
C19 V7N HE . -56.91 28.86 35.39
C2 V7N HE . -40.62 40.03 32.79
C20 V7N HE . -57.23 27.58 35.82
C21 V7N HE . -58.49 26.99 35.56
C22 V7N HE . -58.95 25.82 36.11
C23 V7N HE . -60.29 25.28 35.76
C24 V7N HE . -60.20 24.33 34.57
C25 V7N HE . -61.47 23.64 34.27
C26 V7N HE . -61.79 22.44 34.79
C27 V7N HE . -63.08 21.76 34.47
C28 V7N HE . -63.72 22.30 33.21
C29 V7N HE . -64.71 21.36 32.65
C3 V7N HE . -41.82 40.09 31.93
C30 V7N HE . -39.64 37.95 31.82
C31 V7N HE . -39.17 40.14 30.76
C33 V7N HE . -44.25 39.94 30.11
C34 V7N HE . -49.12 37.53 30.27
C35 V7N HE . -53.39 34.36 31.73
C36 V7N HE . -54.75 29.16 36.65
C37 V7N HE . -58.16 25.03 37.09
C38 V7N HE . -60.88 21.71 35.70
C39 V7N HE . -64.41 20.47 31.69
C4 V7N HE . -42.86 39.22 32.11
C40 V7N HE . -65.42 19.54 31.14
C41 V7N HE . -38.25 38.75 34.09
C43 V7N HE . -63.08 20.36 31.06
C5 V7N HE . -44.06 39.16 31.36
C6 V7N HE . -45.06 38.32 31.85
C7 V7N HE . -46.32 38.10 31.26
C8 V7N HE . -47.27 37.36 31.96
C9 V7N HE . -48.57 37.02 31.55
O32 V7N HE . -38.30 39.62 32.98
O42 V7N HE . -50.05 38.33 30.20
O44 V7N HE . -66.69 19.79 31.45
O45 V7N HE . -65.20 18.55 30.44
C1B LMT IE . -44.90 67.47 28.31
C2B LMT IE . -45.90 68.03 29.37
C3B LMT IE . -46.72 69.20 28.80
C4B LMT IE . -45.83 70.21 28.03
C5B LMT IE . -45.04 69.40 27.00
C6B LMT IE . -44.22 70.32 26.10
O1B LMT IE . -45.60 66.67 27.41
O2B LMT IE . -46.72 66.99 29.72
O3B LMT IE . -47.46 69.81 29.78
O4' LMT IE . -46.60 71.16 27.39
O5B LMT IE . -44.20 68.47 27.65
O6B LMT IE . -43.45 69.58 25.24
C1' LMT IE . -45.16 63.00 25.55
C2' LMT IE . -45.45 62.95 27.07
C3' LMT IE . -45.96 64.33 27.56
C4' LMT IE . -45.01 65.44 27.10
C5' LMT IE . -44.98 65.28 25.57
C6' LMT IE . -44.37 66.42 24.81
O1' LMT IE . -44.49 61.86 25.17
O2' LMT IE . -46.44 62.02 27.27
O3' LMT IE . -46.08 64.35 28.92
O5' LMT IE . -44.31 64.09 25.25
O6' LMT IE . -45.26 66.73 23.82
C1 LMT IE . -44.88 61.38 23.91
C2 LMT IE . -44.15 60.08 23.79
C3 LMT IE . -44.71 58.93 24.55
C4 LMT IE . -45.38 58.04 23.55
C5 LMT IE . -45.73 56.73 24.18
C6 LMT IE . -46.47 55.86 23.23
C7 LMT IE . -47.03 54.68 23.97
C8 LMT IE . -47.70 53.78 23.00
C9 LMT IE . -48.16 52.50 23.58
C10 LMT IE . -49.23 52.83 24.55
C11 LMT IE . -50.53 53.06 23.87
C12 LMT IE . -51.24 51.77 23.62
MG BCL JE . -43.99 50.90 24.95
CHA BCL JE . -45.34 47.72 24.92
CHB BCL JE . -45.34 51.41 21.88
CHC BCL JE . -42.04 53.62 24.56
CHD BCL JE . -41.99 49.93 27.63
NA BCL JE . -45.18 49.69 23.60
C1A BCL JE . -45.68 48.42 23.80
C2A BCL JE . -46.73 48.09 22.78
C3A BCL JE . -46.48 49.13 21.69
C4A BCL JE . -45.67 50.17 22.39
CMA BCL JE . -45.75 48.55 20.50
CAA BCL JE . -48.14 48.13 23.39
CBA BCL JE . -49.25 47.41 22.62
CGA BCL JE . -49.98 48.22 21.60
O1A BCL JE . -50.85 47.79 20.93
O2A BCL JE . -49.54 49.46 21.54
NB BCL JE . -43.69 52.28 23.45
C1B BCL JE . -44.40 52.37 22.27
C2B BCL JE . -44.07 53.53 21.58
C3B BCL JE . -43.11 54.22 22.33
C4B BCL JE . -42.90 53.39 23.50
CMB BCL JE . -44.72 53.90 20.25
CAB BCL JE . -42.41 55.47 22.10
OBB BCL JE . -42.06 56.21 23.03
CBB BCL JE . -42.05 55.96 20.73
NC BCL JE . -42.30 51.69 26.00
C1C BCL JE . -41.58 52.78 25.59
C2C BCL JE . -40.45 53.12 26.49
C3C BCL JE . -40.53 52.00 27.53
C4C BCL JE . -41.57 51.07 26.97
CMC BCL JE . -39.11 53.19 25.77
CAC BCL JE . -40.89 52.48 28.95
CBC BCL JE . -39.71 53.04 29.67
ND BCL JE . -43.70 49.21 26.07
C1D BCL JE . -42.85 48.92 27.13
C2D BCL JE . -42.98 47.58 27.55
C3D BCL JE . -43.96 47.05 26.73
C4D BCL JE . -44.36 48.05 25.86
CMD BCL JE . -42.20 46.94 28.67
CAD BCL JE . -44.80 45.93 26.48
OBD BCL JE . -44.86 44.83 27.04
CBD BCL JE . -45.75 46.29 25.32
CGD BCL JE . -45.62 45.29 24.26
O1D BCL JE . -44.63 45.09 23.61
O2D BCL JE . -46.71 44.57 24.06
CED BCL JE . -46.61 43.59 23.01
C1 BCL JE . -50.07 50.47 20.62
C2 BCL JE . -49.82 50.01 19.20
C3 BCL JE . -49.48 50.86 18.28
C4 BCL JE . -49.21 50.52 16.82
C5 BCL JE . -49.31 52.36 18.61
C6 BCL JE . -50.49 53.28 18.31
C7 BCL JE . -50.15 54.76 18.58
C8 BCL JE . -49.96 55.19 20.05
C9 BCL JE . -51.27 55.04 20.83
C10 BCL JE . -49.50 56.66 20.16
C11 BCL JE . -50.55 57.74 19.86
C12 BCL JE . -50.06 59.17 20.12
C13 BCL JE . -51.21 60.21 20.12
C14 BCL JE . -52.04 60.16 18.82
C15 BCL JE . -50.64 61.64 20.29
C16 BCL JE . -51.65 62.77 20.50
C17 BCL JE . -52.44 62.69 21.83
C18 BCL JE . -53.38 63.87 22.09
C19 BCL JE . -53.96 63.61 23.50
C20 BCL JE . -54.51 64.01 21.07
C1 V7N KE . -37.46 48.04 18.45
C10 V7N KE . -47.16 46.16 17.64
C11 V7N KE . -48.45 45.73 17.29
C12 V7N KE . -49.37 45.28 18.25
C13 V7N KE . -50.67 44.82 18.01
C14 V7N KE . -51.36 44.20 19.07
C15 V7N KE . -52.65 43.67 18.98
C16 V7N KE . -53.17 42.80 19.95
C17 V7N KE . -54.44 42.25 19.87
C18 V7N KE . -55.06 41.53 20.90
C19 V7N KE . -56.36 41.02 20.66
C2 V7N KE . -38.63 49.04 18.51
C20 V7N KE . -56.89 39.87 21.24
C21 V7N KE . -58.20 39.43 20.95
C22 V7N KE . -58.89 38.51 21.70
C23 V7N KE . -60.27 38.12 21.32
C24 V7N KE . -60.30 36.74 20.68
C25 V7N KE . -61.69 36.28 20.51
C26 V7N KE . -62.01 35.00 20.28
C27 V7N KE . -63.43 34.58 20.11
C28 V7N KE . -63.57 33.63 18.93
C29 V7N KE . -64.98 33.40 18.56
C3 V7N KE . -39.93 48.49 18.06
C30 V7N KE . -38.00 46.62 18.36
C31 V7N KE . -36.57 48.33 17.26
C33 V7N KE . -41.88 48.78 14.81
C34 V7N KE . -46.80 47.26 15.47
C35 V7N KE . -51.34 44.94 16.70
C36 V7N KE . -54.38 41.33 22.20
C37 V7N KE . -58.32 37.89 22.91
C38 V7N KE . -60.98 33.95 20.19
C39 V7N KE . -65.35 32.56 17.59
C4 V7N KE . -40.43 48.86 16.85
C40 V7N KE . -66.78 32.37 17.24
C41 V7N KE . -37.58 48.11 20.85
C43 V7N KE . -64.40 31.76 16.79
C5 V7N KE . -41.66 48.47 16.24
C6 V7N KE . -42.65 47.82 16.99
C7 V7N KE . -43.89 47.42 16.45
C8 V7N KE . -45.02 47.27 17.25
C9 V7N KE . -46.31 46.88 16.80
O32 V7N KE . -36.77 48.22 19.70
O42 V7N KE . -46.21 47.06 14.41
O44 V7N KE . -67.65 33.17 17.86
O45 V7N KE . -67.25 31.54 16.45
MG BCL LE . -43.14 32.53 45.50
CHA BCL LE . -46.11 33.05 43.82
CHB BCL LE . -44.10 29.30 46.01
CHC BCL LE . -40.58 32.13 47.65
CHD BCL LE . -42.85 35.99 45.90
NA BCL LE . -44.90 31.36 44.97
C1A BCL LE . -45.99 31.74 44.21
C2A BCL LE . -46.75 30.55 43.72
C3A BCL LE . -46.17 29.38 44.53
C4A BCL LE . -45.02 30.01 45.25
CMA BCL LE . -47.18 28.79 45.51
CAA BCL LE . -46.65 30.33 42.19
CBA BCL LE . -47.33 29.07 41.64
CGA BCL LE . -47.54 29.14 40.17
O1A BCL LE . -48.12 30.00 39.64
O2A BCL LE . -47.07 28.19 39.39
NB BCL LE . -42.49 30.98 46.70
C1B BCL LE . -42.93 29.67 46.64
C2B BCL LE . -42.03 28.81 47.28
C3B BCL LE . -40.98 29.59 47.78
C4B BCL LE . -41.31 30.96 47.40
CMB BCL LE . -42.25 27.31 47.38
CAB BCL LE . -39.77 29.23 48.50
OBB BCL LE . -38.73 29.89 48.42
CBB BCL LE . -39.69 28.04 49.42
NC BCL LE . -41.91 33.87 46.61
C1C BCL LE . -40.87 33.48 47.41
C2C BCL LE . -40.03 34.61 47.86
C3C BCL LE . -40.61 35.80 47.08
C4C BCL LE . -41.93 35.25 46.59
CMC BCL LE . -40.06 34.81 49.35
CAC BCL LE . -39.71 36.32 45.93
CBC BCL LE . -38.39 36.87 46.41
ND BCL LE . -44.22 34.19 45.01
C1D BCL LE . -44.00 35.56 45.19
C2D BCL LE . -45.02 36.33 44.60
C3D BCL LE . -45.89 35.41 44.04
C4D BCL LE . -45.39 34.14 44.31
CMD BCL LE . -45.10 37.83 44.60
CAD BCL LE . -46.97 35.22 43.15
OBD BCL LE . -47.68 36.04 42.56
CBD BCL LE . -47.20 33.71 42.97
CGD BCL LE . -48.54 33.35 43.41
O1D BCL LE . -49.49 33.06 42.70
O2D BCL LE . -48.61 33.40 44.71
CED BCL LE . -49.84 33.01 45.33
C1 BCL LE . -46.32 27.08 39.97
C2 BCL LE . -46.76 25.83 39.22
C3 BCL LE . -46.03 24.75 39.14
C4 BCL LE . -46.41 23.48 38.40
C5 BCL LE . -44.65 24.70 39.82
C6 BCL LE . -43.47 25.01 38.92
C7 BCL LE . -42.15 25.06 39.68
C8 BCL LE . -41.83 23.77 40.40
C9 BCL LE . -40.48 23.91 41.15
C10 BCL LE . -41.75 22.62 39.39
C11 BCL LE . -41.40 21.40 40.18
C12 BCL LE . -41.17 20.17 39.34
C13 BCL LE . -40.50 19.10 40.19
C14 BCL LE . -39.33 19.66 40.98
C15 BCL LE . -40.04 18.01 39.22
C16 BCL LE . -39.07 16.91 39.56
C17 BCL LE . -37.64 17.27 39.14
C18 BCL LE . -36.63 16.16 39.23
C19 BCL LE . -36.58 15.77 40.72
C20 BCL LE . -35.24 16.60 38.73
C1 V7N ME . -38.40 27.77 43.82
C10 V7N ME . -47.73 23.24 44.51
C11 V7N ME . -48.93 22.57 44.25
C12 V7N ME . -49.27 21.45 45.00
C13 V7N ME . -50.41 20.66 44.86
C14 V7N ME . -50.59 19.59 45.76
C15 V7N ME . -51.66 18.71 45.73
C16 V7N ME . -51.70 17.55 46.51
C17 V7N ME . -52.77 16.66 46.45
C18 V7N ME . -52.90 15.50 47.23
C19 V7N ME . -54.04 14.69 47.05
C2 V7N ME . -39.71 28.48 44.16
C20 V7N ME . -54.20 13.42 47.60
C21 V7N ME . -55.35 12.64 47.39
C22 V7N ME . -55.49 11.36 47.87
C23 V7N ME . -56.74 10.61 47.61
C24 V7N ME . -56.45 9.47 46.64
C25 V7N ME . -57.64 9.15 45.80
C26 V7N ME . -58.58 8.27 46.18
C27 V7N ME . -59.75 7.99 45.30
C28 V7N ME . -60.02 6.50 45.20
C29 V7N ME . -60.29 6.11 43.79
C3 V7N ME . -40.86 28.11 43.33
C30 V7N ME . -38.67 26.48 43.03
C31 V7N ME . -37.52 28.69 43.01
C33 V7N ME . -43.45 27.64 41.91
C34 V7N ME . -47.73 24.51 42.36
C35 V7N ME . -51.42 20.87 43.80
C36 V7N ME . -51.85 15.17 48.22
C37 V7N ME . -54.45 10.67 48.66
C38 V7N ME . -58.52 7.54 47.45
C39 V7N ME . -61.51 6.12 43.24
C4 V7N ME . -41.89 27.41 43.86
C40 V7N ME . -61.71 5.71 41.84
C41 V7N ME . -36.44 27.22 45.12
C43 V7N ME . -62.74 6.53 43.96
C5 V7N ME . -43.07 26.99 43.17
C6 V7N ME . -43.82 25.97 43.75
C7 V7N ME . -45.01 25.44 43.23
C8 V7N ME . -45.89 24.74 44.05
C9 V7N ME . -47.09 24.16 43.64
O32 V7N ME . -37.84 27.42 45.10
O42 V7N ME . -48.72 25.24 42.24
O44 V7N ME . -62.92 5.90 41.32
O45 V7N ME . -60.85 5.22 41.09
C1B LMT NE . -40.38 57.46 45.89
C2B LMT NE . -38.92 57.94 46.06
C3B LMT NE . -38.08 56.94 46.89
C4B LMT NE . -38.83 56.42 48.14
C5B LMT NE . -40.24 56.02 47.71
C6B LMT NE . -41.02 55.51 48.92
O1B LMT NE . -40.43 56.40 44.97
O2B LMT NE . -38.39 58.08 44.80
O3B LMT NE . -36.86 57.48 47.21
O4' LMT NE . -38.19 55.32 48.66
O5B LMT NE . -40.93 57.07 47.11
O6B LMT NE . -42.37 55.71 48.72
C1' LMT NE . -42.68 54.84 41.95
C2' LMT NE . -42.57 56.36 41.91
C3' LMT NE . -41.38 56.76 42.82
C4' LMT NE . -41.62 56.25 44.24
C5' LMT NE . -41.92 54.73 44.13
C6' LMT NE . -42.17 54.08 45.45
O1' LMT NE . -43.69 54.40 41.14
O2' LMT NE . -42.34 56.77 40.64
O3' LMT NE . -41.21 58.11 42.81
O5' LMT NE . -43.01 54.48 43.28
O6' LMT NE . -42.53 52.80 45.17
C1 LMT NE . -43.37 53.23 40.40
C2 LMT NE . -44.40 53.16 39.33
C3 LMT NE . -44.47 51.88 38.55
C4 LMT NE . -44.34 52.24 37.09
C5 LMT NE . -44.25 51.00 36.25
C6 LMT NE . -45.52 50.70 35.55
C7 LMT NE . -45.42 49.38 34.86
C8 LMT NE . -46.77 48.77 34.78
C9 LMT NE . -46.82 47.51 34.01
C10 LMT NE . -48.25 47.09 33.94
C11 LMT NE . -48.39 45.64 33.62
C12 LMT NE . -49.73 45.11 33.97
MG BCL OE . -45.00 39.80 39.94
CHA BCL OE . -45.96 36.52 39.35
CHB BCL OE . -47.02 40.75 37.37
CHC BCL OE . -43.45 42.80 39.88
CHD BCL OE . -42.43 38.59 41.96
NA BCL OE . -46.29 38.74 38.55
C1A BCL OE . -46.63 37.39 38.53
C2A BCL OE . -47.82 37.14 37.65
C3A BCL OE . -47.94 38.43 36.86
C4A BCL OE . -47.09 39.39 37.62
CMA BCL OE . -47.44 38.27 35.42
CAA BCL OE . -49.10 36.79 38.43
CBA BCL OE . -50.22 36.24 37.54
CGA BCL OE . -51.13 37.22 36.88
O1A BCL OE . -51.61 37.06 35.82
O2A BCL OE . -51.34 38.27 37.66
NB BCL OE . -45.15 41.49 38.77
C1B BCL OE . -46.15 41.74 37.83
C2B BCL OE . -46.14 43.09 37.46
C3B BCL OE . -45.11 43.72 38.17
C4B BCL OE . -44.52 42.69 38.98
CMB BCL OE . -47.13 43.67 36.46
CAB BCL OE . -44.63 45.10 38.16
OBB BCL OE . -44.12 45.64 39.17
CBB BCL OE . -44.69 45.98 36.95
NC BCL OE . -43.21 40.58 40.81
C1C BCL OE . -42.75 41.85 40.64
C2C BCL OE . -41.55 42.17 41.44
C3C BCL OE . -41.24 40.83 42.13
C4C BCL OE . -42.30 39.91 41.60
CMC BCL OE . -40.41 42.69 40.61
CAC BCL OE . -41.24 40.89 43.68
CBC BCL OE . -40.02 41.58 44.21
ND BCL OE . -44.31 37.98 40.55
C1D BCL OE . -43.25 37.59 41.38
C2D BCL OE . -43.16 36.20 41.48
C3D BCL OE . -44.21 35.71 40.72
C4D BCL OE . -44.86 36.80 40.17
CMD BCL OE . -42.10 35.46 42.27
CAD BCL OE . -44.87 34.55 40.24
OBD BCL OE . -44.60 33.35 40.41
CBD BCL OE . -46.09 34.99 39.41
CGD BCL OE . -46.12 34.25 38.13
O1D BCL OE . -45.42 34.48 37.17
O2D BCL OE . -47.00 33.27 38.09
CED BCL OE . -47.07 32.50 36.87
C1 BCL OE . -52.20 39.44 37.38
C2 BCL OE . -51.96 39.92 35.96
C3 BCL OE . -51.98 41.20 35.63
C4 BCL OE . -51.75 41.75 34.24
C5 BCL OE . -52.24 42.29 36.70
C6 BCL OE . -53.06 43.49 36.23
C7 BCL OE . -53.06 44.64 37.25
C8 BCL OE . -53.45 44.33 38.69
C9 BCL OE . -54.87 43.73 38.77
C10 BCL OE . -53.39 45.61 39.54
C11 BCL OE . -53.73 45.44 41.00
C12 BCL OE . -52.67 44.64 41.78
C13 BCL OE . -53.10 44.34 43.22
C14 BCL OE . -53.61 45.58 43.96
C15 BCL OE . -51.91 43.72 43.99
C16 BCL OE . -50.51 44.31 44.14
C17 BCL OE . -50.21 45.53 45.02
C18 BCL OE . -48.76 45.92 44.93
C19 BCL OE . -48.63 47.21 45.77
C20 BCL OE . -48.25 46.18 43.52
C1B LMT PE . -39.75 42.65 61.91
C2B LMT PE . -38.24 42.51 62.18
C3B LMT PE . -37.95 41.23 62.98
C4B LMT PE . -38.87 41.14 64.22
C5B LMT PE . -40.31 41.27 63.74
C6B LMT PE . -41.27 41.15 64.92
O1B LMT PE . -40.10 41.68 60.97
O2B LMT PE . -37.61 42.48 60.97
O3B LMT PE . -36.62 41.13 63.30
O4' LMT PE . -38.72 39.92 64.86
O5B LMT PE . -40.51 42.50 63.07
O6B LMT PE . -41.46 39.82 65.22
C1' LMT PE . -41.71 41.26 57.27
C2' LMT PE . -41.29 42.70 57.55
C3' LMT PE . -40.41 42.73 58.82
C4' LMT PE . -41.09 42.01 60.01
C5' LMT PE . -41.64 40.66 59.47
C6' LMT PE . -42.36 39.84 60.52
O1' LMT PE . -42.50 41.17 56.17
O2' LMT PE . -40.56 43.15 56.49
O3' LMT PE . -40.13 44.03 59.16
O5' LMT PE . -42.48 40.84 58.38
O6' LMT PE . -43.55 40.47 60.71
C1 LMT PE . -43.25 39.98 56.08
C2 LMT PE . -42.56 39.20 55.00
C3 LMT PE . -43.34 38.06 54.44
C4 LMT PE . -43.74 38.44 53.03
C5 LMT PE . -42.64 38.08 52.10
C6 LMT PE . -43.13 37.81 50.72
C7 LMT PE . -44.35 36.95 50.78
C8 LMT PE . -44.56 36.30 49.46
C9 LMT PE . -45.90 35.69 49.33
C10 LMT PE . -45.80 34.54 48.37
C11 LMT PE . -47.10 33.84 48.25
C12 LMT PE . -46.99 32.61 47.44
MG BCL QE . -42.56 25.90 52.12
CHA BCL QE . -43.30 22.68 51.11
CHB BCL QE . -44.91 27.02 49.92
CHC BCL QE . -41.32 29.04 52.43
CHD BCL QE . -39.65 24.70 53.60
NA BCL QE . -43.89 24.95 50.69
C1A BCL QE . -44.12 23.60 50.51
C2A BCL QE . -45.40 23.36 49.78
C3A BCL QE . -45.65 24.72 49.13
C4A BCL QE . -44.84 25.65 49.97
CMA BCL QE . -45.20 24.75 47.67
CAA BCL QE . -46.53 22.93 50.73
CBA BCL QE . -47.78 22.27 50.11
CGA BCL QE . -48.25 22.83 48.80
O1A BCL QE . -47.97 22.39 47.75
O2A BCL QE . -49.02 23.90 48.91
NB BCL QE . -43.00 27.74 51.28
C1B BCL QE . -44.09 28.02 50.46
C2B BCL QE . -44.22 29.40 50.26
C3B BCL QE . -43.19 30.03 50.98
C4B BCL QE . -42.45 28.95 51.60
CMB BCL QE . -45.35 29.98 49.41
CAB BCL QE . -42.86 31.44 51.14
OBB BCL QE . -42.25 31.87 52.13
CBB BCL QE . -43.21 32.49 50.10
NC BCL QE . -40.77 26.74 52.94
C1C BCL QE . -40.42 28.06 52.89
C2C BCL QE . -39.15 28.36 53.58
C3C BCL QE . -38.70 26.97 54.07
C4C BCL QE . -39.67 26.05 53.41
CMC BCL QE . -38.12 29.04 52.69
CAC BCL QE . -38.67 26.81 55.60
CBC BCL QE . -37.44 27.42 56.21
ND BCL QE . -41.63 24.11 52.34
C1D BCL QE . -40.46 23.72 52.96
C2D BCL QE . -40.23 22.34 52.84
C3D BCL QE . -41.31 21.87 52.12
C4D BCL QE . -42.14 22.95 51.83
CMD BCL QE . -39.04 21.61 53.38
CAD BCL QE . -41.96 20.72 51.60
OBD BCL QE . -41.61 19.53 51.60
CBD BCL QE . -43.28 21.15 50.93
CGD BCL QE . -43.35 20.64 49.55
O1D BCL QE . -42.65 21.02 48.65
O2D BCL QE . -44.26 19.71 49.38
CED BCL QE . -44.36 19.14 48.05
C1 BCL QE . -49.48 24.47 47.64
C2 BCL QE . -50.80 25.16 47.93
C3 BCL QE . -50.98 26.41 48.31
C4 BCL QE . -52.35 27.03 48.57
C5 BCL QE . -49.81 27.39 48.50
C6 BCL QE . -49.06 27.32 49.83
C7 BCL QE . -49.93 27.63 51.06
C8 BCL QE . -49.26 27.68 52.45
C9 BCL QE . -48.54 26.36 52.78
C10 BCL QE . -50.34 28.01 53.49
C11 BCL QE . -50.05 28.15 54.99
C12 BCL QE . -49.16 29.35 55.35
C13 BCL QE . -48.73 29.37 56.84
C14 BCL QE . -49.91 29.50 57.79
C15 BCL QE . -47.75 30.54 57.04
C16 BCL QE . -47.99 31.97 56.49
C17 BCL QE . -49.05 32.95 57.04
C18 BCL QE . -49.07 34.32 56.34
C19 BCL QE . -49.91 35.23 57.26
C20 BCL QE . -49.65 34.31 54.92
MG BCL RE . -32.68 2.58 63.66
CHA BCL RE . -36.06 2.77 63.04
CHB BCL RE . -32.86 -0.78 63.14
CHC BCL RE . -29.55 2.25 64.86
CHD BCL RE . -32.88 5.70 65.23
NA BCL RE . -34.29 1.20 63.17
C1A BCL RE . -35.60 1.49 62.87
C2A BCL RE . -36.25 0.36 62.13
C3A BCL RE . -35.28 -0.81 62.37
C4A BCL RE . -34.07 -0.15 62.95
CMA BCL RE . -35.86 -1.85 63.33
CAA BCL RE . -36.44 0.68 60.64
CBA BCL RE . -37.50 -0.19 59.98
CGA BCL RE . -37.16 -0.66 58.61
O1A BCL RE . -36.18 -1.21 58.34
O2A BCL RE . -38.03 -0.45 57.68
NB BCL RE . -31.41 0.98 64.02
C1B BCL RE . -31.62 -0.31 63.56
C2B BCL RE . -30.43 -1.05 63.61
C3B BCL RE . -29.43 -0.20 64.10
C4B BCL RE . -30.10 1.06 64.36
CMB BCL RE . -30.35 -2.50 63.16
CAB BCL RE . -28.00 -0.39 64.31
OBB BCL RE . -27.19 0.55 64.31
CBB BCL RE . -27.38 -1.74 64.56
NC BCL RE . -31.42 3.79 64.88
C1C BCL RE . -30.13 3.48 65.21
C2C BCL RE . -29.40 4.62 65.83
C3C BCL RE . -30.39 5.77 65.69
C4C BCL RE . -31.67 5.06 65.37
CMC BCL RE . -29.01 4.34 67.26
CAC BCL RE . -30.00 6.84 64.64
CBC BCL RE . -28.75 7.60 64.97
ND BCL RE . -34.12 3.95 64.10
C1D BCL RE . -34.09 5.20 64.70
C2D BCL RE . -35.35 5.83 64.65
C3D BCL RE . -36.19 4.92 64.03
C4D BCL RE . -35.42 3.82 63.70
CMD BCL RE . -35.68 7.20 65.18
CAD BCL RE . -37.43 4.74 63.37
OBD BCL RE . -38.42 5.49 63.30
CBD BCL RE . -37.42 3.36 62.69
CGD BCL RE . -38.54 2.56 63.17
O1D BCL RE . -39.60 2.36 62.62
O2D BCL RE . -38.25 2.04 64.34
CED BCL RE . -39.20 1.15 64.91
C1 BCL RE . -37.63 -0.96 56.37
C2 BCL RE . -38.08 -2.41 56.34
C3 BCL RE . -37.41 -3.38 55.76
C4 BCL RE . -37.85 -4.83 55.71
C5 BCL RE . -36.08 -3.08 55.06
C6 BCL RE . -34.77 -3.40 55.77
C7 BCL RE . -33.60 -3.04 54.84
C8 BCL RE . -32.21 -3.61 55.07
C9 BCL RE . -31.47 -2.83 56.15
C10 BCL RE . -31.41 -3.51 53.77
C11 BCL RE . -30.12 -4.26 53.61
C12 BCL RE . -30.31 -5.74 53.27
C13 BCL RE . -29.20 -6.25 52.35
C14 BCL RE . -29.06 -5.36 51.11
C15 BCL RE . -29.47 -7.70 51.90
C16 BCL RE . -28.35 -8.58 51.28
C17 BCL RE . -27.53 -8.30 50.01
C18 BCL RE . -26.03 -8.20 50.20
C19 BCL RE . -25.46 -7.96 48.80
C20 BCL RE . -25.37 -9.45 50.79
C1B LMT SE . -14.52 6.71 58.69
C2B LMT SE . -13.14 7.32 59.01
C3B LMT SE . -12.04 6.24 58.96
C4B LMT SE . -12.42 5.06 59.88
C5B LMT SE . -13.81 4.58 59.45
C6B LMT SE . -14.22 3.39 60.31
O1B LMT SE . -14.55 6.39 57.34
O2B LMT SE . -12.92 8.29 58.06
O3B LMT SE . -10.81 6.75 59.23
O4' LMT SE . -11.52 4.04 59.75
O5B LMT SE . -14.78 5.60 59.49
O6B LMT SE . -15.49 3.58 60.79
C1' LMT SE . -17.11 5.75 54.21
C2' LMT SE . -17.66 6.73 55.27
C3' LMT SE . -16.50 7.19 56.19
C4' LMT SE . -15.75 5.97 56.76
C5' LMT SE . -15.38 5.11 55.54
C6' LMT SE . -14.49 3.94 55.86
O1' LMT SE . -18.13 5.24 53.46
O2' LMT SE . -18.19 7.83 54.65
O3' LMT SE . -16.98 7.98 57.19
O5' LMT SE . -16.53 4.66 54.88
O6' LMT SE . -15.31 2.87 56.00
C1 LMT SE . -17.76 4.84 52.17
C2 LMT SE . -19.05 4.77 51.42
C3 LMT SE . -19.01 4.12 50.09
C4 LMT SE . -18.97 5.21 49.06
C5 LMT SE . -19.40 4.70 47.74
C6 LMT SE . -20.79 4.18 47.77
C7 LMT SE . -21.15 3.64 46.43
C8 LMT SE . -22.05 2.48 46.62
C9 LMT SE . -22.48 1.85 45.34
C10 LMT SE . -23.41 0.73 45.68
C11 LMT SE . -23.83 0.00 44.46
C12 LMT SE . -24.88 -1.01 44.74
C1B LMT TE . -33.99 25.24 72.91
C2B LMT TE . -33.79 26.27 74.03
C3B LMT TE . -32.89 27.43 73.56
C4B LMT TE . -31.58 26.88 72.96
C5B LMT TE . -31.98 25.88 71.87
C6B LMT TE . -30.72 25.34 71.20
O1B LMT TE . -34.79 25.79 71.91
O2B LMT TE . -35.03 26.73 74.39
O3B LMT TE . -32.67 28.34 74.56
O4' LMT TE . -30.84 27.90 72.39
O5B LMT TE . -32.76 24.84 72.38
O6B LMT TE . -30.15 24.36 71.98
C1' LMT TE . -37.69 24.61 69.16
C2' LMT TE . -38.17 24.71 70.64
C3' LMT TE . -37.13 25.40 71.56
C4' LMT TE . -35.70 24.92 71.27
C5' LMT TE . -35.54 25.06 69.75
C6' LMT TE . -34.14 24.87 69.28
O1' LMT TE . -38.42 23.69 68.49
O2' LMT TE . -39.34 25.45 70.66
O3' LMT TE . -37.43 25.19 72.87
O5' LMT TE . -36.37 24.14 69.12
O6' LMT TE . -33.67 23.82 70.00
C1 LMT TE . -38.75 24.04 67.17
C2 LMT TE . -38.24 22.93 66.31
C3 LMT TE . -39.26 22.23 65.48
C4 LMT TE . -38.90 22.45 64.04
C5 LMT TE . -39.91 21.80 63.16
C6 LMT TE . -39.62 22.01 61.71
C7 LMT TE . -40.82 21.63 60.90
C8 LMT TE . -40.61 20.25 60.35
C9 LMT TE . -41.85 19.59 59.86
C10 LMT TE . -42.80 19.57 61.01
C11 LMT TE . -44.01 18.75 60.71
C12 LMT TE . -45.08 18.95 61.74
MG BCL UE . -37.38 10.46 61.53
CHA BCL UE . -37.92 7.38 60.05
CHB BCL UE . -40.18 11.59 59.99
CHC BCL UE . -36.48 13.63 62.29
CHD BCL UE . -34.14 9.44 62.32
NA BCL UE . -38.82 9.58 60.18
C1A BCL UE . -38.93 8.26 59.79
C2A BCL UE . -40.25 8.00 59.12
C3A BCL UE . -40.76 9.42 58.82
C4A BCL UE . -39.97 10.25 59.76
CMA BCL UE . -40.49 9.82 57.38
CAA BCL UE . -41.23 7.18 59.97
CBA BCL UE . -42.44 6.64 59.19
CGA BCL UE . -43.66 7.47 59.01
O1A BCL UE . -44.38 7.41 58.07
O2A BCL UE . -43.96 8.32 59.99
NB BCL UE . -38.17 12.33 61.17
C1B BCL UE . -39.40 12.58 60.57
C2B BCL UE . -39.70 13.95 60.62
C3B BCL UE . -38.64 14.58 61.30
C4B BCL UE . -37.70 13.52 61.62
CMB BCL UE . -40.97 14.54 60.04
CAB BCL UE . -38.42 15.99 61.65
OBB BCL UE . -37.81 16.31 62.68
CBB BCL UE . -38.89 17.12 60.79
NC BCL UE . -35.56 11.39 62.20
C1C BCL UE . -35.43 12.72 62.46
C2C BCL UE . -34.09 13.09 62.96
C3C BCL UE . -33.39 11.74 63.09
C4C BCL UE . -34.37 10.78 62.48
CMC BCL UE . -33.35 14.06 62.05
CAC BCL UE . -32.98 11.36 64.52
CBC BCL UE . -31.74 12.10 64.97
ND BCL UE . -36.22 8.81 61.23
C1D BCL UE . -34.94 8.47 61.66
C2D BCL UE . -34.63 7.13 61.35
C3D BCL UE . -35.77 6.64 60.73
C4D BCL UE . -36.69 7.67 60.66
CMD BCL UE . -33.33 6.46 61.65
CAD BCL UE . -36.32 5.55 59.98
OBD BCL UE . -35.82 4.47 59.65
CBD BCL UE . -37.77 5.93 59.58
CGD BCL UE . -37.97 5.66 58.16
O1D BCL UE . -37.55 6.32 57.24
O2D BCL UE . -38.69 4.58 57.92
CED BCL UE . -38.93 4.28 56.52
C1 BCL UE . -45.18 9.12 59.84
C2 BCL UE . -44.82 10.40 59.09
C3 BCL UE . -45.01 11.59 59.59
C4 BCL UE . -44.68 12.89 58.89
C5 BCL UE . -45.62 11.82 60.98
C6 BCL UE . -47.09 12.19 61.04
C7 BCL UE . -47.51 12.68 62.42
C8 BCL UE . -47.33 11.72 63.61
C9 BCL UE . -48.27 10.52 63.46
C10 BCL UE . -47.63 12.46 64.92
C11 BCL UE . -47.49 11.69 66.22
C12 BCL UE . -46.06 11.22 66.56
C13 BCL UE . -45.07 12.23 67.17
C14 BCL UE . -44.42 13.16 66.15
C15 BCL UE . -43.94 11.39 67.82
C16 BCL UE . -42.62 11.94 68.36
C17 BCL UE . -42.56 12.88 69.58
C18 BCL UE . -41.14 13.32 69.94
C19 BCL UE . -41.28 14.29 71.13
C20 BCL UE . -40.37 14.00 68.81
C1B LMT VE . -25.33 6.23 79.29
C2B LMT VE . -24.39 5.19 79.93
C3B LMT VE . -24.18 5.53 81.41
C4B LMT VE . -23.67 6.98 81.56
C5B LMT VE . -24.64 7.90 80.80
C6B LMT VE . -24.14 9.34 80.87
O1B LMT VE . -26.57 6.14 79.92
O2B LMT VE . -24.97 3.96 79.78
O3B LMT VE . -23.36 4.61 82.02
O4' LMT VE . -23.64 7.35 82.88
O5B LMT VE . -24.80 7.51 79.45
O6B LMT VE . -23.68 9.62 82.12
C1' LMT VE . -28.83 6.12 76.45
C2' LMT VE . -28.84 7.45 77.23
C3' LMT VE . -27.64 7.45 78.19
C4' LMT VE . -27.73 6.24 79.13
C5' LMT VE . -27.86 4.98 78.23
C6' LMT VE . -27.97 3.70 79.01
O1' LMT VE . -29.90 6.06 75.61
O2' LMT VE . -28.69 8.48 76.35
O3' LMT VE . -27.59 8.59 78.92
O5' LMT VE . -28.98 5.08 77.39
O6' LMT VE . -29.16 3.80 79.71
C1 LMT VE . -30.58 4.84 75.61
C2 LMT VE . -30.92 4.62 74.17
C3 LMT VE . -31.28 5.82 73.41
C4 LMT VE . -31.07 5.53 71.96
C5 LMT VE . -32.39 5.35 71.29
C6 LMT VE . -32.24 5.23 69.82
C7 LMT VE . -33.58 5.05 69.19
C8 LMT VE . -33.64 3.67 68.64
C9 LMT VE . -34.84 3.41 67.79
C10 LMT VE . -35.08 1.94 67.79
C11 LMT VE . -36.03 1.55 66.71
C12 LMT VE . -36.30 0.09 66.71
C1 V7N WE . -34.26 13.97 53.24
C10 V7N WE . -42.64 8.74 54.16
C11 V7N WE . -43.81 7.98 53.94
C12 V7N WE . -44.10 6.85 54.72
C13 V7N WE . -45.23 6.03 54.60
C14 V7N WE . -45.18 4.73 55.15
C15 V7N WE . -46.21 3.79 55.10
C16 V7N WE . -45.99 2.45 55.43
C17 V7N WE . -46.99 1.48 55.37
C18 V7N WE . -46.86 0.18 55.91
C19 V7N WE . -47.93 -0.72 55.79
C2 V7N WE . -35.46 14.26 54.16
C20 V7N WE . -47.81 -2.10 55.81
C21 V7N WE . -48.94 -2.94 55.70
C22 V7N WE . -48.96 -4.25 56.11
C23 V7N WE . -50.20 -5.06 55.95
C24 V7N WE . -50.07 -6.09 54.86
C25 V7N WE . -51.40 -6.58 54.45
C26 V7N WE . -51.61 -7.70 53.75
C27 V7N WE . -52.99 -8.11 53.39
C28 V7N WE . -53.13 -9.58 53.05
C29 V7N WE . -54.47 -9.92 52.56
C3 V7N WE . -36.67 13.48 53.84
C30 V7N WE . -34.36 12.56 52.68
C31 V7N WE . -34.22 14.99 52.11
C33 V7N WE . -39.83 14.11 51.83
C34 V7N WE . -43.18 10.43 52.43
C35 V7N WE . -46.46 6.47 53.91
C36 V7N WE . -45.61 -0.20 56.59
C37 V7N WE . -47.80 -4.91 56.74
C38 V7N WE . -50.49 -8.55 53.30
C39 V7N WE . -54.80 -9.92 51.24
C4 V7N WE . -37.70 14.04 53.15
C40 V7N WE . -56.14 -10.25 50.77
C41 V7N WE . -31.87 13.88 53.47
C43 V7N WE . -53.82 -9.60 50.18
C5 V7N WE . -38.92 13.43 52.77
C6 V7N WE . -39.28 12.18 53.31
C7 V7N WE . -40.48 11.54 52.98
C8 V7N WE . -41.08 10.57 53.78
C9 V7N WE . -42.28 9.91 53.47
O32 V7N WE . -33.12 14.08 54.10
O42 V7N WE . -44.24 11.01 52.65
O44 V7N WE . -56.37 -10.18 49.45
O45 V7N WE . -57.13 -10.58 51.46
MG BCL XE . -22.86 -12.67 66.01
CHA BCL XE . -26.30 -12.82 65.88
CHB BCL XE . -22.76 -15.84 64.75
CHC BCL XE . -19.55 -12.80 66.68
CHD BCL XE . -23.14 -10.03 68.29
NA BCL XE . -24.37 -14.12 65.41
C1A BCL XE . -25.74 -13.97 65.37
C2A BCL XE . -26.38 -15.03 64.56
C3A BCL XE . -25.27 -16.08 64.41
C4A BCL XE . -24.05 -15.36 64.87
CMA BCL XE . -25.53 -17.32 65.25
CAA BCL XE . -26.90 -14.50 63.22
CBA BCL XE . -27.73 -15.53 62.48
CGA BCL XE . -28.14 -15.09 61.12
O1A BCL XE . -29.00 -14.34 60.86
O2A BCL XE . -27.42 -15.63 60.18
NB BCL XE . -21.39 -14.12 65.83
C1B BCL XE . -21.53 -15.31 65.13
C2B BCL XE . -20.27 -15.86 64.85
C3B BCL XE . -19.30 -15.01 65.39
C4B BCL XE . -20.05 -13.93 66.00
CMB BCL XE . -20.10 -17.16 64.06
CAB BCL XE . -17.85 -15.09 65.38
OBB BCL XE . -17.14 -14.08 65.38
CBB BCL XE . -17.10 -16.40 65.40
NC BCL XE . -21.56 -11.59 67.32
C1C BCL XE . -20.21 -11.76 67.37
C2C BCL XE . -19.51 -10.70 68.12
C3C BCL XE . -20.63 -9.70 68.38
C4C BCL XE . -21.86 -10.50 68.10
CMC BCL XE . -18.86 -11.20 69.38
CAC BCL XE . -20.52 -8.40 67.53
CBC BCL XE . -19.28 -7.60 67.82
ND BCL XE . -24.36 -11.62 66.91
C1D BCL XE . -24.36 -10.58 67.83
C2D BCL XE . -25.68 -10.21 68.17
C3D BCL XE . -26.51 -11.06 67.43
C4D BCL XE . -25.67 -11.89 66.70
CMD BCL XE . -26.07 -9.09 69.12
CAD BCL XE . -27.82 -11.26 66.95
OBD BCL XE . -28.87 -10.63 67.15
CBD BCL XE . -27.80 -12.50 66.02
CGD BCL XE . -28.55 -13.60 66.59
O1D BCL XE . -29.66 -13.97 66.26
O2D BCL XE . -27.88 -14.17 67.57
CED BCL XE . -28.45 -15.32 68.20
C1 BCL XE . -27.79 -15.24 58.84
C2 BCL XE . -28.01 -16.54 58.08
C3 BCL XE . -27.06 -17.07 57.36
C4 BCL XE . -27.18 -18.36 56.56
C5 BCL XE . -25.71 -16.37 57.25
C6 BCL XE . -24.54 -17.19 56.77
C7 BCL XE . -23.25 -16.38 56.76
C8 BCL XE . -22.04 -17.19 56.29
C9 BCL XE . -20.76 -16.34 56.40
C10 BCL XE . -22.24 -17.65 54.85
C11 BCL XE . -21.17 -18.52 54.24
C12 BCL XE . -21.57 -18.94 52.83
C13 BCL XE . -20.56 -19.83 52.09
C14 BCL XE . -20.34 -21.17 52.80
C15 BCL XE . -19.24 -19.07 52.06
C16 BCL XE . -18.15 -19.62 51.20
C17 BCL XE . -17.17 -18.47 50.96
C18 BCL XE . -15.93 -18.82 50.18
C19 BCL XE . -15.10 -19.70 51.13
C20 BCL XE . -15.12 -17.59 49.74
C1 V7N YE . -18.70 -13.25 60.25
C10 V7N YE . -25.12 -21.56 61.03
C11 V7N YE . -26.12 -22.53 60.93
C12 V7N YE . -25.81 -23.90 61.04
C13 V7N YE . -26.73 -24.96 60.93
C14 V7N YE . -26.22 -26.28 60.84
C15 V7N YE . -26.98 -27.44 60.69
C16 V7N YE . -26.42 -28.70 60.45
C17 V7N YE . -27.20 -29.84 60.27
C18 V7N YE . -26.74 -31.16 60.05
C19 V7N YE . -27.69 -32.19 59.87
C2 V7N YE . -19.32 -13.99 61.45
C20 V7N YE . -27.49 -33.35 59.12
C21 V7N YE . -28.49 -34.34 58.96
C22 V7N YE . -28.26 -35.63 58.53
C23 V7N YE . -29.38 -36.60 58.41
C24 V7N YE . -29.89 -36.75 56.97
C25 V7N YE . -30.72 -37.96 56.84
C26 V7N YE . -30.30 -39.07 56.19
C27 V7N YE . -31.15 -40.29 56.06
C28 V7N YE . -32.57 -39.97 55.63
C29 V7N YE . -32.71 -39.92 54.17
C3 V7N YE . -20.77 -14.26 61.30
C30 V7N YE . -18.61 -14.19 59.05
C31 V7N YE . -19.53 -12.03 59.89
C33 V7N YE . -23.70 -14.96 60.85
C34 V7N YE . -26.67 -19.61 60.99
C35 V7N YE . -28.20 -24.74 60.88
C36 V7N YE . -25.28 -31.41 60.04
C37 V7N YE . -26.90 -36.11 58.21
C38 V7N YE . -28.96 -39.14 55.57
C39 V7N YE . -33.87 -40.16 53.54
C4 V7N YE . -21.25 -15.53 61.15
C40 V7N YE . -33.98 -40.11 52.06
C41 V7N YE . -16.42 -13.88 60.78
C43 V7N YE . -35.13 -40.50 54.25
C5 V7N YE . -22.60 -15.93 61.00
C6 V7N YE . -22.84 -17.32 61.00
C7 V7N YE . -24.08 -17.97 60.87
C8 V7N YE . -24.17 -19.34 61.13
C9 V7N YE . -25.30 -20.17 61.05
O32 V7N YE . -17.39 -12.86 60.70
O42 V7N YE . -27.09 -18.85 60.13
O44 V7N YE . -32.85 -39.85 51.40
O45 V7N YE . -34.99 -40.27 51.37
C1 V7N ZE . -27.62 0.08 59.20
C10 V7N ZE . -35.17 -6.56 60.00
C11 V7N ZE . -36.23 -7.44 59.75
C12 V7N ZE . -36.16 -8.77 60.18
C13 V7N ZE . -37.11 -9.79 59.99
C14 V7N ZE . -36.77 -11.12 60.34
C15 V7N ZE . -37.63 -12.21 60.18
C16 V7N ZE . -37.20 -13.55 60.35
C17 V7N ZE . -38.07 -14.61 60.15
C18 V7N ZE . -37.72 -15.99 60.22
C19 V7N ZE . -38.72 -16.95 59.97
C2 V7N ZE . -28.67 -0.18 60.29
C20 V7N ZE . -38.52 -18.30 59.72
C21 V7N ZE . -39.58 -19.21 59.47
C22 V7N ZE . -39.43 -20.57 59.35
C23 V7N ZE . -40.60 -21.44 59.09
C24 V7N ZE . -40.51 -22.10 57.72
C25 V7N ZE . -41.85 -22.43 57.17
C26 V7N ZE . -42.39 -23.65 57.22
C27 V7N ZE . -43.75 -23.93 56.65
C28 V7N ZE . -43.89 -25.38 56.22
C29 V7N ZE . -45.18 -25.63 55.52
C3 V7N ZE . -29.77 -1.03 59.83
C30 V7N ZE . -27.71 -1.00 58.13
C31 V7N ZE . -27.83 1.45 58.58
C33 V7N ZE . -33.30 -0.40 58.78
C34 V7N ZE . -36.23 -4.60 58.90
C35 V7N ZE . -38.45 -9.54 59.41
C36 V7N ZE . -36.33 -16.38 60.54
C37 V7N ZE . -38.12 -21.24 59.49
C38 V7N ZE . -41.68 -24.79 57.83
C39 V7N ZE . -45.31 -25.56 54.19
C4 V7N ZE . -31.03 -0.54 59.81
C40 V7N ZE . -46.62 -25.82 53.53
C41 V7N ZE . -25.22 0.20 59.14
C43 V7N ZE . -44.21 -25.21 53.26
C5 V7N ZE . -32.23 -1.19 59.41
C6 V7N ZE . -32.39 -2.58 59.60
C7 V7N ZE . -33.53 -3.29 59.23
C8 V7N ZE . -33.95 -4.44 59.93
C9 V7N ZE . -35.09 -5.20 59.62
O32 V7N ZE . -26.37 -0.02 59.91
O42 V7N ZE . -37.29 -4.27 59.44
O44 V7N ZE . -47.63 -26.18 54.34
O45 V7N ZE . -46.87 -25.75 52.32
MG BCL AF . -28.70 -5.36 66.63
CHA BCL AF . -29.11 -8.07 64.51
CHB BCL AF . -31.88 -4.40 65.85
CHC BCL AF . -28.08 -2.32 67.97
CHD BCL AF . -25.29 -6.03 66.72
NA BCL AF . -30.25 -6.15 65.32
C1A BCL AF . -30.25 -7.33 64.60
C2A BCL AF . -31.62 -7.67 64.10
C3A BCL AF . -32.39 -6.35 64.30
C4A BCL AF . -31.52 -5.59 65.24
CMA BCL AF . -32.54 -5.59 62.99
CAA BCL AF . -32.26 -8.86 64.83
CBA BCL AF . -33.52 -9.36 64.14
CGA BCL AF . -34.81 -8.93 64.74
O1A BCL AF . -35.88 -9.23 64.32
O2A BCL AF . -34.65 -8.14 65.80
NB BCL AF . -29.78 -3.61 66.84
C1B BCL AF . -31.11 -3.43 66.52
C2B BCL AF . -31.56 -2.17 66.93
C3B BCL AF . -30.48 -1.53 67.57
C4B BCL AF . -29.38 -2.47 67.48
CMB BCL AF . -32.98 -1.68 66.68
CAB BCL AF . -30.37 -0.21 68.21
OBB BCL AF . -29.57 -0.01 69.14
CBB BCL AF . -31.20 0.96 67.78
NC BCL AF . -26.93 -4.34 67.25
C1C BCL AF . -26.91 -3.09 67.80
C2C BCL AF . -25.56 -2.64 68.20
C3C BCL AF . -24.68 -3.85 67.85
C4C BCL AF . -25.64 -4.80 67.22
CMC BCL AF . -25.11 -1.36 67.50
CAC BCL AF . -23.92 -4.45 69.05
CBC BCL AF . -22.73 -3.62 69.45
ND BCL AF . -27.44 -6.73 65.81
C1D BCL AF . -26.07 -6.91 65.92
C2D BCL AF . -25.63 -8.01 65.15
C3D BCL AF . -26.79 -8.52 64.57
C4D BCL AF . -27.84 -7.73 64.98
CMD BCL AF . -24.21 -8.47 65.02
CAD BCL AF . -27.32 -9.54 63.75
OBD BCL AF . -26.77 -10.47 63.14
CBD BCL AF . -28.86 -9.34 63.67
CGD BCL AF . -29.28 -9.33 62.26
O1D BCL AF . -29.20 -8.41 61.50
O2D BCL AF . -29.82 -10.47 61.86
CED BCL AF . -30.24 -10.54 60.48
C1 BCL AF . -35.79 -7.63 66.55
C2 BCL AF . -36.57 -6.68 65.66
C3 BCL AF . -36.94 -5.49 66.08
C4 BCL AF . -37.72 -4.48 65.24
C5 BCL AF . -36.58 -5.02 67.48
C6 BCL AF . -37.57 -4.06 68.15
C7 BCL AF . -37.13 -3.64 69.56
C8 BCL AF . -37.02 -4.71 70.65
C9 BCL AF . -38.21 -5.69 70.60
C10 BCL AF . -36.96 -4.03 72.03
C11 BCL AF . -36.70 -4.99 73.17
C12 BCL AF . -35.30 -5.59 73.07
C13 BCL AF . -35.01 -6.71 74.08
C14 BCL AF . -35.33 -6.32 75.52
C15 BCL AF . -33.51 -7.02 73.90
C16 BCL AF . -32.41 -5.97 73.95
C17 BCL AF . -31.93 -5.36 75.27
C18 BCL AF . -30.73 -4.46 75.11
C19 BCL AF . -30.34 -4.06 76.54
C20 BCL AF . -30.95 -3.21 74.25
C1B LMT BF . -13.95 -10.49 82.05
C2B LMT BF . -12.94 -9.34 81.87
C3B LMT BF . -11.53 -9.87 81.54
C4B LMT BF . -11.12 -10.98 82.53
C5B LMT BF . -12.22 -12.04 82.49
C6B LMT BF . -11.83 -13.21 83.39
O1B LMT BF . -14.32 -10.97 80.80
O2B LMT BF . -13.41 -8.57 80.84
O3B LMT BF . -10.61 -8.85 81.48
O4' LMT BF . -9.93 -11.54 82.15
O5B LMT BF . -13.46 -11.52 82.88
O6B LMT BF . -12.91 -14.01 83.62
C1' LMT BF . -17.71 -11.75 78.60
C2' LMT BF . -17.74 -10.44 79.40
C3' LMT BF . -16.30 -10.05 79.80
C4' LMT BF . -15.69 -11.21 80.59
C5' LMT BF . -15.81 -12.45 79.69
C6' LMT BF . -15.14 -13.66 80.25
O1' LMT BF . -18.98 -12.14 78.31
O2' LMT BF . -18.25 -9.46 78.60
O3' LMT BF . -16.31 -8.92 80.56
O5' LMT BF . -17.17 -12.75 79.43
O6' LMT BF . -13.81 -13.51 79.97
C1 LMT BF . -19.18 -12.52 76.97
C2 LMT BF . -19.57 -11.26 76.28
C3 LMT BF . -19.89 -11.35 74.84
C4 LMT BF . -21.32 -11.78 74.73
C5 LMT BF . -21.61 -12.25 73.35
C6 LMT BF . -22.21 -11.18 72.51
C7 LMT BF . -23.47 -11.68 71.88
C8 LMT BF . -23.09 -12.59 70.77
C9 LMT BF . -24.24 -13.19 70.05
C10 LMT BF . -24.35 -14.60 70.51
C11 LMT BF . -25.27 -15.37 69.63
C12 LMT BF . -25.79 -16.59 70.34
MG BCL CF . -11.45 -26.92 64.44
CHA BCL CF . -14.84 -27.42 64.71
CHB BCL CF . -11.24 -29.82 62.67
CHC BCL CF . -8.08 -26.80 64.68
CHD BCL CF . -11.63 -24.69 67.13
NA BCL CF . -12.88 -28.42 63.81
C1A BCL CF . -14.26 -28.42 63.97
C2A BCL CF . -14.92 -29.42 63.07
C3A BCL CF . -13.74 -30.25 62.54
C4A BCL CF . -12.54 -29.52 63.03
CMA BCL CF . -13.78 -31.68 63.06
CAA BCL CF . -15.73 -28.77 61.94
CBA BCL CF . -16.44 -29.80 61.08
CGA BCL CF . -17.25 -29.19 60.00
O1A BCL CF . -18.30 -28.72 60.13
O2A BCL CF . -16.68 -29.24 58.82
NB BCL CF . -9.90 -28.16 63.84
C1B BCL CF . -10.03 -29.23 62.97
C2B BCL CF . -8.78 -29.58 62.44
C3B BCL CF . -7.82 -28.73 63.01
C4B BCL CF . -8.57 -27.85 63.88
CMB BCL CF . -8.63 -30.71 61.43
CAB BCL CF . -6.36 -28.66 62.83
OBB BCL CF . -5.74 -27.61 63.00
CBB BCL CF . -5.53 -29.84 62.44
NC BCL CF . -10.08 -25.89 65.72
C1C BCL CF . -8.72 -25.98 65.63
C2C BCL CF . -8.01 -24.99 66.47
C3C BCL CF . -9.17 -24.16 67.04
C4C BCL CF . -10.36 -25.01 66.73
CMC BCL CF . -7.15 -25.63 67.53
CAC BCL CF . -9.27 -22.73 66.44
CBC BCL CF . -8.10 -21.85 66.78
ND BCL CF . -12.89 -26.19 65.68
C1D BCL CF . -12.86 -25.28 66.73
C2D BCL CF . -14.15 -25.07 67.27
C3D BCL CF . -14.99 -25.90 66.52
C4D BCL CF . -14.20 -26.55 65.59
CMD BCL CF . -14.49 -24.15 68.41
CAD BCL CF . -16.33 -26.16 66.15
OBD BCL CF . -17.39 -25.70 66.60
CBD BCL CF . -16.32 -27.18 65.00
CGD BCL CF . -17.03 -28.41 65.37
O1D BCL CF . -18.17 -28.71 65.09
O2D BCL CF . -16.25 -29.17 66.09
CED BCL CF . -16.73 -30.48 66.46
C1 BCL CF . -17.44 -28.65 57.72
C2 BCL CF . -17.67 -29.78 56.73
C3 BCL CF . -16.79 -30.19 55.85
C4 BCL CF . -17.02 -31.33 54.86
C5 BCL CF . -15.40 -29.55 55.76
C6 BCL CF . -14.29 -30.45 55.26
C7 BCL CF . -12.94 -29.76 55.10
C8 BCL CF . -12.85 -28.65 54.05
C9 BCL CF . -13.49 -29.11 52.72
C10 BCL CF . -11.39 -28.21 53.85
C11 BCL CF . -10.16 -28.91 53.29
C12 BCL CF . -9.90 -28.62 51.81
C13 BCL CF . -10.56 -29.61 50.83
C14 BCL CF . -9.74 -30.88 50.66
C15 BCL CF . -10.68 -28.87 49.48
C16 BCL CF . -11.47 -27.53 49.52
C17 BCL CF . -11.46 -26.70 48.22
C18 BCL CF . -12.09 -25.30 48.29
C19 BCL CF . -11.15 -24.45 49.16
C20 BCL CF . -13.52 -25.26 48.84
MG BCL DF . -17.81 -20.44 66.95
CHA BCL DF . -18.30 -22.81 64.47
CHB BCL DF . -21.10 -19.61 66.68
CHC BCL DF . -17.21 -17.60 68.69
CHD BCL DF . -14.36 -20.79 66.52
NA BCL DF . -19.45 -21.12 65.70
C1A BCL DF . -19.48 -22.21 64.83
C2A BCL DF . -20.89 -22.57 64.46
C3A BCL DF . -21.66 -21.31 64.88
C4A BCL DF . -20.75 -20.68 65.87
CMA BCL DF . -21.95 -20.38 63.70
CAA BCL DF . -21.44 -23.85 65.11
CBA BCL DF . -22.89 -24.33 64.74
CGA BCL DF . -24.07 -23.50 65.15
O1A BCL DF . -24.85 -23.03 64.41
O2A BCL DF . -24.19 -23.30 66.46
NB BCL DF . -18.95 -18.82 67.55
C1B BCL DF . -20.33 -18.72 67.43
C2B BCL DF . -20.79 -17.60 68.15
C3B BCL DF . -19.69 -17.01 68.76
C4B BCL DF . -18.55 -17.80 68.36
CMB BCL DF . -22.26 -17.22 68.21
CAB BCL DF . -19.56 -15.85 69.63
OBB BCL DF . -18.70 -15.79 70.52
CBB BCL DF . -20.45 -14.65 69.51
NC BCL DF . -16.05 -19.38 67.54
C1C BCL DF . -16.03 -18.20 68.23
C2C BCL DF . -14.68 -17.75 68.62
C3C BCL DF . -13.78 -18.79 67.96
C4C BCL DF . -14.73 -19.68 67.23
CMC BCL DF . -14.37 -16.33 68.16
CAC BCL DF . -12.86 -19.53 68.97
CBC BCL DF . -11.70 -18.68 69.40
ND BCL DF . -16.56 -21.54 65.77
C1D BCL DF . -15.17 -21.61 65.69
C2D BCL DF . -14.76 -22.53 64.69
C3D BCL DF . -15.95 -23.05 64.17
C4D BCL DF . -17.00 -22.43 64.84
CMD BCL DF . -13.34 -22.83 64.33
CAD BCL DF . -16.52 -24.03 63.34
OBD BCL DF . -15.97 -24.87 62.61
CBD BCL DF . -18.06 -23.94 63.44
CGD BCL DF . -18.63 -23.78 62.10
O1D BCL DF . -18.52 -22.81 61.40
O2D BCL DF . -19.32 -24.83 61.68
CED BCL DF . -19.92 -24.73 60.37
C1 BCL DF . -25.28 -22.46 67.01
C2 BCL DF . -26.58 -23.23 66.90
C3 BCL DF . -27.61 -23.07 67.72
C4 BCL DF . -28.93 -23.86 67.60
C5 BCL DF . -27.55 -22.05 68.87
C6 BCL DF . -28.47 -22.25 70.10
C7 BCL DF . -28.17 -23.50 70.94
C8 BCL DF . -26.77 -23.79 71.48
C9 BCL DF . -26.78 -25.02 72.38
C10 BCL DF . -26.24 -22.59 72.28
C11 BCL DF . -24.90 -22.86 72.94
C12 BCL DF . -24.32 -21.60 73.59
C13 BCL DF . -24.19 -21.68 75.13
C14 BCL DF . -25.53 -21.89 75.81
C15 BCL DF . -23.57 -20.36 75.61
C16 BCL DF . -23.11 -20.38 77.06
C17 BCL DF . -22.39 -19.13 77.61
C18 BCL DF . -21.80 -19.36 78.99
C19 BCL DF . -20.68 -20.41 78.82
C20 BCL DF . -22.81 -19.84 80.05
C1B LMT EF . 0.97 -27.10 79.69
C2B LMT EF . 1.90 -26.17 80.50
C3B LMT EF . 3.07 -25.60 79.64
C4B LMT EF . 3.71 -26.71 78.78
C5B LMT EF . 2.58 -27.37 78.01
C6B LMT EF . 3.14 -28.34 76.98
O1B LMT EF . 0.12 -26.32 78.91
O2B LMT EF . 1.12 -25.15 80.98
O3B LMT EF . 3.97 -24.93 80.42
O4' LMT EF . 4.63 -26.17 77.91
O5B LMT EF . 1.67 -27.99 78.88
O6B LMT EF . 4.28 -28.94 77.45
C1' LMT EF . -3.59 -26.10 77.20
C2' LMT EF . -3.59 -25.71 78.69
C3' LMT EF . -2.13 -25.61 79.24
C4' LMT EF . -1.21 -26.76 78.76
C5' LMT EF . -1.49 -26.95 77.26
C6' LMT EF . -0.65 -28.01 76.59
O1' LMT EF . -4.85 -26.40 76.81
O2' LMT EF . -4.17 -24.48 78.80
O3' LMT EF . -2.14 -25.58 80.61
O5' LMT EF . -2.83 -27.27 77.05
O6' LMT EF . -1.08 -29.20 77.11
C1 LMT EF . -4.99 -27.66 76.20
C2 LMT EF . -6.36 -27.67 75.62
C3 LMT EF . -6.54 -26.92 74.34
C4 LMT EF . -7.90 -27.28 73.83
C5 LMT EF . -8.21 -26.55 72.57
C6 LMT EF . -9.36 -27.16 71.87
C7 LMT EF . -9.89 -26.23 70.82
C8 LMT EF . -11.16 -26.78 70.29
C9 LMT EF . -11.04 -28.13 69.70
C10 LMT EF . -12.14 -28.28 68.70
C11 LMT EF . -12.30 -29.70 68.27
C12 LMT EF . -13.17 -29.83 67.07
MG BCL FF . -5.45 -34.17 63.29
CHA BCL FF . -6.00 -36.12 60.48
CHB BCL FF . -8.83 -33.79 63.57
CHC BCL FF . -4.96 -31.63 65.47
CHD BCL FF . -2.09 -33.93 62.37
NA BCL FF . -7.15 -34.86 62.14
C1A BCL FF . -7.18 -35.74 61.08
C2A BCL FF . -8.53 -36.32 60.88
C3A BCL FF . -9.42 -35.28 61.60
C4A BCL FF . -8.47 -34.63 62.53
CMA BCL FF . -10.02 -34.27 60.63
CAA BCL FF . -8.62 -37.72 61.50
CBA BCL FF . -9.73 -38.66 61.01
CGA BCL FF . -11.04 -38.02 60.74
O1A BCL FF . -11.43 -37.75 59.67
O2A BCL FF . -11.74 -37.79 61.83
NB BCL FF . -6.68 -32.87 64.33
C1B BCL FF . -8.07 -32.94 64.38
C2B BCL FF . -8.57 -32.07 65.34
C3B BCL FF . -7.47 -31.42 65.94
C4B BCL FF . -6.30 -31.95 65.26
CMB BCL FF . -10.05 -31.92 65.64
CAB BCL FF . -7.39 -30.41 66.99
OBB BCL FF . -6.40 -30.31 67.74
CBB BCL FF . -8.48 -29.39 67.23
NC BCL FF . -3.76 -32.98 63.84
C1C BCL FF . -3.79 -31.97 64.76
C2C BCL FF . -2.46 -31.37 65.03
C3C BCL FF . -1.54 -32.17 64.10
C4C BCL FF . -2.49 -33.04 63.34
CMC BCL FF . -2.43 -29.88 64.76
CAC BCL FF . -0.45 -32.96 64.84
CBC BCL FF . 0.64 -32.07 65.37
ND BCL FF . -4.26 -34.84 61.77
C1D BCL FF . -2.90 -34.72 61.51
C2D BCL FF . -2.54 -35.42 60.35
C3D BCL FF . -3.72 -36.01 59.90
C4D BCL FF . -4.72 -35.64 60.77
CMD BCL FF . -1.15 -35.49 59.78
CAD BCL FF . -4.30 -36.86 58.92
OBD BCL FF . -3.80 -37.41 57.93
CBD BCL FF . -5.80 -37.04 59.28
CGD BCL FF . -6.64 -36.76 58.10
O1D BCL FF . -6.76 -35.68 57.56
O2D BCL FF . -7.29 -37.81 57.65
CED BCL FF . -8.12 -37.58 56.48
C1 BCL FF . -13.04 -37.13 61.62
C2 BCL FF . -14.04 -37.86 62.48
C3 BCL FF . -14.66 -37.35 63.51
C4 BCL FF . -15.68 -38.12 64.35
C5 BCL FF . -14.40 -35.89 63.94
C6 BCL FF . -13.38 -35.62 65.06
C7 BCL FF . -13.83 -36.12 66.43
C8 BCL FF . -12.86 -35.94 67.61
C9 BCL FF . -13.18 -36.93 68.75
C10 BCL FF . -12.90 -34.50 68.15
C11 BCL FF . -11.95 -34.32 69.31
C12 BCL FF . -12.00 -32.92 69.90
C13 BCL FF . -10.99 -32.68 71.03
C14 BCL FF . -11.03 -31.25 71.53
C15 BCL FF . -9.57 -32.99 70.49
C16 BCL FF . -8.29 -32.96 71.34
C17 BCL FF . -7.53 -31.68 71.69
C18 BCL FF . -6.29 -31.87 72.56
C19 BCL FF . -5.53 -33.01 71.86
C20 BCL FF . -6.56 -32.25 74.02
C1B LMT GF . 14.23 -40.03 72.41
C2B LMT GF . 14.87 -38.77 73.03
C3B LMT GF . 16.00 -38.25 72.13
C4B LMT GF . 17.00 -39.39 71.80
C5B LMT GF . 16.20 -40.57 71.24
C6B LMT GF . 17.15 -41.72 70.93
O1B LMT GF . 13.53 -39.68 71.28
O2B LMT GF . 13.88 -37.84 73.14
O3B LMT GF . 16.61 -37.15 72.66
O4' LMT GF . 17.93 -38.97 70.87
O5B LMT GF . 15.19 -41.00 72.11
O6B LMT GF . 17.21 -42.55 72.01
C1' LMT GF . 9.79 -40.13 69.64
C2' LMT GF . 9.79 -39.62 71.08
C3' LMT GF . 11.21 -39.08 71.39
C4' LMT GF . 12.22 -40.21 71.17
C5' LMT GF . 12.00 -40.68 69.72
C6' LMT GF . 13.01 -41.70 69.25
O1' LMT GF . 8.58 -40.62 69.28
O2' LMT GF . 8.89 -38.60 71.19
O3' LMT GF . 11.28 -38.62 72.67
O5' LMT GF . 10.72 -41.20 69.56
O6' LMT GF . 14.06 -40.97 68.75
C1 LMT GF . 8.12 -40.07 68.07
C2 LMT GF . 6.77 -40.67 67.82
C3 LMT GF . 6.16 -40.30 66.51
C4 LMT GF . 4.68 -40.41 66.65
C5 LMT GF . 4.02 -39.86 65.44
C6 LMT GF . 2.74 -40.56 65.15
C7 LMT GF . 2.43 -40.45 63.70
C8 LMT GF . 1.30 -41.36 63.40
C9 LMT GF . 1.50 -42.15 62.15
C10 LMT GF . 0.16 -42.37 61.52
C11 LMT GF . 0.09 -43.72 60.91
C12 LMT GF . 0.34 -44.77 61.93
C1 V7N HF . -7.85 -26.23 58.34
C10 V7N HF . -13.39 -34.95 58.08
C11 V7N HF . -14.31 -35.99 57.89
C12 V7N HF . -13.87 -37.32 57.75
C13 V7N HF . -14.69 -38.44 57.52
C14 V7N HF . -14.07 -39.66 57.17
C15 V7N HF . -14.74 -40.84 56.88
C16 V7N HF . -14.08 -41.91 56.26
C17 V7N HF . -14.73 -43.10 55.91
C18 V7N HF . -14.10 -44.27 55.42
C19 V7N HF . -14.90 -45.37 55.09
C2 V7N HF . -8.30 -27.06 59.54
C20 V7N HF . -14.47 -46.55 54.51
C21 V7N HF . -15.37 -47.60 54.21
C22 V7N HF . -15.04 -48.77 53.57
C23 V7N HF . -16.07 -49.79 53.29
C24 V7N HF . -16.45 -49.77 51.82
C25 V7N HF . -17.80 -50.32 51.58
C26 V7N HF . -18.04 -51.31 50.71
C27 V7N HF . -19.42 -51.82 50.52
C28 V7N HF . -19.47 -53.16 49.81
C29 V7N HF . -20.85 -53.45 49.37
C3 V7N HF . -9.73 -27.45 59.51
C30 V7N HF . -8.83 -25.08 58.13
C31 V7N HF . -6.43 -25.71 58.52
C33 V7N HF . -12.62 -28.33 59.03
C34 V7N HF . -15.09 -33.27 58.76
C35 V7N HF . -16.17 -38.38 57.60
C36 V7N HF . -12.63 -44.29 55.27
C37 V7N HF . -13.67 -49.07 53.12
C38 V7N HF . -16.97 -51.92 49.89
C39 V7N HF . -21.33 -53.06 48.17
C4 V7N HF . -10.11 -28.64 58.99
C40 V7N HF . -22.72 -53.37 47.78
C41 V7N HF . -7.03 -28.23 57.28
C43 V7N HF . -20.52 -52.31 47.18
C5 V7N HF . -11.43 -29.18 58.89
C6 V7N HF . -11.53 -30.55 58.66
C7 V7N HF . -12.70 -31.31 58.54
C8 V7N HF . -12.63 -32.71 58.59
C9 V7N HF . -13.69 -33.63 58.47
O32 V7N HF . -7.93 -27.14 57.23
O42 V7N HF . -15.60 -32.16 58.59
O44 V7N HF . -23.17 -52.74 46.69
O45 V7N HF . -23.49 -54.14 48.34
MG BCL IF . 1.12 -39.17 58.85
CHA BCL IF . -2.11 -40.19 59.44
CHB BCL IF . 1.36 -41.58 56.47
CHC BCL IF . 4.44 -38.61 58.67
CHD BCL IF . 1.11 -37.59 61.97
NA BCL IF . -0.23 -40.69 58.08
C1A BCL IF . -1.54 -40.93 58.43
C2A BCL IF . -2.21 -41.82 57.45
C3A BCL IF . -1.04 -42.43 56.67
C4A BCL IF . 0.11 -41.55 57.05
CMA BCL IF . -0.78 -43.87 57.07
CAA BCL IF . -3.21 -41.09 56.53
CBA BCL IF . -4.08 -42.02 55.73
CGA BCL IF . -4.95 -41.31 54.75
O1A BCL IF . -6.02 -40.90 54.96
O2A BCL IF . -4.39 -41.19 53.59
NB BCL IF . 2.69 -40.01 57.79
C1B BCL IF . 2.54 -40.88 56.72
C2B BCL IF . 3.72 -40.95 55.98
C3B BCL IF . 4.66 -40.10 56.58
C4B BCL IF . 3.96 -39.54 57.73
CMB BCL IF . 3.85 -41.85 54.76
CAB BCL IF . 6.04 -39.75 56.22
OBB BCL IF . 6.60 -38.73 56.64
CBB BCL IF . 6.89 -40.61 55.32
NC BCL IF . 2.55 -38.24 60.14
C1C BCL IF . 3.87 -38.10 59.85
C2C BCL IF . 4.58 -37.21 60.79
C3C BCL IF . 3.45 -36.67 61.66
C4C BCL IF . 2.33 -37.62 61.34
CMC BCL IF . 5.65 -37.93 61.57
CAC BCL IF . 3.07 -35.19 61.41
CBC BCL IF . 4.06 -34.21 62.01
ND BCL IF . -0.18 -38.94 60.40
C1D BCL IF . -0.10 -38.24 61.61
C2D BCL IF . -1.31 -38.30 62.31
C3D BCL IF . -2.16 -39.07 61.52
C4D BCL IF . -1.45 -39.42 60.39
CMD BCL IF . -1.59 -37.64 63.64
CAD BCL IF . -3.50 -39.44 61.28
OBD BCL IF . -4.53 -39.22 61.93
CBD BCL IF . -3.56 -40.24 59.95
CGD BCL IF . -4.01 -41.60 60.22
O1D BCL IF . -5.06 -42.09 59.88
O2D BCL IF . -3.11 -42.25 60.91
CED BCL IF . -3.38 -43.62 61.22
C1 BCL IF . -5.19 -40.50 52.60
C2 BCL IF . -5.28 -41.45 51.43
C3 BCL IF . -4.40 -41.50 50.47
C4 BCL IF . -4.47 -42.45 49.29
C5 BCL IF . -3.17 -40.58 50.49
C6 BCL IF . -2.38 -40.48 49.19
C7 BCL IF . -1.19 -39.55 49.30
C8 BCL IF . -0.25 -39.55 48.10
C9 BCL IF . 0.98 -38.65 48.36
C10 BCL IF . -1.00 -39.09 46.84
C11 BCL IF . -0.05 -38.69 45.71
C12 BCL IF . 0.59 -39.87 44.99
C13 BCL IF . -0.23 -40.32 43.78
C14 BCL IF . 0.33 -41.57 43.12
C15 BCL IF . -0.18 -39.14 42.79
C16 BCL IF . 1.17 -38.64 42.29
C17 BCL IF . 1.72 -39.17 40.95
C18 BCL IF . 3.13 -38.76 40.62
C19 BCL IF . 3.18 -37.23 40.73
C20 BCL IF . 3.56 -39.20 39.22
MG BCL JF . 13.70 -47.86 48.91
CHA BCL JF . 10.77 -49.49 49.71
CHB BCL JF . 13.78 -49.63 45.99
CHC BCL JF . 16.85 -46.78 48.38
CHD BCL JF . 14.04 -46.95 52.27
NA BCL JF . 12.43 -49.38 48.02
C1A BCL JF . 11.20 -49.82 48.45
C2A BCL JF . 10.49 -50.60 47.39
C3A BCL JF . 11.56 -50.81 46.32
C4A BCL JF . 12.64 -49.87 46.73
CMA BCL JF . 12.05 -52.25 46.25
CAA BCL JF . 9.24 -49.89 46.84
CBA BCL JF . 8.45 -50.72 45.85
CGA BCL JF . 7.26 -50.03 45.31
O1A BCL JF . 6.64 -49.22 45.85
O2A BCL JF . 6.95 -50.41 44.11
NB BCL JF . 15.13 -48.19 47.44
C1B BCL JF . 14.93 -48.87 46.25
C2B BCL JF . 16.01 -48.69 45.39
C3B BCL JF . 16.94 -47.85 46.04
C4B BCL JF . 16.35 -47.58 47.35
CMB BCL JF . 16.06 -49.30 44.00
CAB BCL JF . 18.23 -47.31 45.62
OBB BCL JF . 18.71 -46.29 46.13
CBB BCL JF . 19.07 -47.94 44.54
NC BCL JF . 15.21 -47.02 50.15
C1C BCL JF . 16.43 -46.58 49.70
C2C BCL JF . 17.19 -45.82 50.72
C3C BCL JF . 16.16 -45.64 51.84
C4C BCL JF . 15.12 -46.66 51.48
CMC BCL JF . 18.45 -46.53 51.18
CAC BCL JF . 15.58 -44.21 51.94
CBC BCL JF . 16.62 -43.18 52.29
ND BCL JF . 12.70 -48.18 50.65
C1D BCL JF . 12.86 -47.67 51.94
C2D BCL JF . 11.74 -47.97 52.75
C3D BCL JF . 10.88 -48.69 51.94
C4D BCL JF . 11.49 -48.80 50.70
CMD BCL JF . 11.57 -47.57 54.19
CAD BCL JF . 9.57 -49.20 51.79
OBD BCL JF . 8.67 -49.38 52.62
CBD BCL JF . 9.36 -49.54 50.30
CGD BCL JF . 8.62 -50.80 50.16
O1D BCL JF . 7.48 -50.90 49.77
O2D BCL JF . 9.29 -51.86 50.50
CED BCL JF . 8.53 -53.07 50.30
C1 BCL JF . 5.78 -49.76 43.52
C2 BCL JF . 5.60 -50.43 42.16
C3 BCL JF . 6.23 -50.00 41.10
C4 BCL JF . 6.11 -50.60 39.71
C5 BCL JF . 7.18 -48.82 41.21
C6 BCL JF . 8.13 -48.55 40.06
C7 BCL JF . 8.92 -47.27 40.29
C8 BCL JF . 10.00 -46.93 39.28
C9 BCL JF . 10.84 -45.74 39.78
C10 BCL JF . 9.40 -46.59 37.91
C11 BCL JF . 10.56 -46.54 36.94
C12 BCL JF . 10.18 -46.17 35.52
C13 BCL JF . 11.42 -46.10 34.61
C14 BCL JF . 12.68 -45.64 35.36
C15 BCL JF . 11.14 -45.11 33.48
C16 BCL JF . 12.37 -44.69 32.72
C17 BCL JF . 12.24 -43.34 32.00
C18 BCL JF . 13.60 -42.80 31.59
C19 BCL JF . 13.34 -41.34 31.19
C20 BCL JF . 14.27 -43.59 30.46
O1 PEX KF . 16.17 -31.62 47.05
O2 PEX KF . 15.51 -30.53 49.29
P1 PEX KF . 15.66 -31.75 48.45
O3 PEX KF . 14.26 -32.61 48.46
C1 PEX KF . 13.07 -31.89 48.21
C2 PEX KF . 11.91 -32.78 47.79
C3 PEX KF . 11.09 -33.29 48.94
O4 PEX KF . 10.50 -34.52 48.55
C4 PEX KF . 9.23 -34.50 48.19
O5 PEX KF . 8.33 -34.30 48.97
C5 PEX KF . 9.06 -34.77 46.73
C6 PEX KF . 7.63 -34.65 46.25
C7 PEX KF . 7.13 -33.21 46.25
C8 PEX KF . 5.86 -33.05 45.43
C9 PEX KF . 6.00 -33.61 44.03
C10 PEX KF . 4.66 -33.91 43.36
C11 PEX KF . 3.90 -32.66 42.94
C12 PEX KF . 2.86 -32.94 41.85
C13 PEX KF . 1.94 -34.09 42.21
O6 PEX KF . 11.02 -32.13 46.86
C14 PEX KF . 11.30 -32.19 45.56
O7 PEX KF . 12.35 -32.59 45.16
C15 PEX KF . 10.17 -31.71 44.68
C16 PEX KF . 10.25 -32.26 43.26
C17 PEX KF . 9.39 -31.47 42.28
C18 PEX KF . 8.57 -32.35 41.33
C19 PEX KF . 7.80 -31.55 40.27
C20 PEX KF . 6.48 -32.18 39.84
C21 PEX KF . 6.61 -33.21 38.71
C22 PEX KF . 5.42 -33.26 37.79
C23 PEX KF . 5.39 -34.48 36.89
O8 PEX KF . 16.53 -32.91 49.22
C24 PEX KF . 17.24 -33.82 48.41
C25 PEX KF . 16.51 -35.14 48.26
N1 PEX KF . 15.26 -34.99 47.54
C1 V7N LF . 3.93 -37.07 52.61
C10 V7N LF . -0.96 -45.80 51.26
C11 V7N LF . -1.81 -46.86 50.96
C12 V7N LF . -1.29 -48.10 50.57
C13 V7N LF . -2.02 -49.24 50.22
C14 V7N LF . -1.35 -50.23 49.50
C15 V7N LF . -1.91 -51.42 49.03
C16 V7N LF . -1.23 -52.22 48.10
C17 V7N LF . -1.78 -53.41 47.59
C18 V7N LF . -1.09 -54.37 46.86
C19 V7N LF . -1.80 -55.50 46.39
C2 V7N LF . 3.49 -37.90 53.83
C20 V7N LF . -1.36 -56.41 45.44
C21 V7N LF . -2.16 -57.51 45.04
C22 V7N LF . -1.82 -58.44 44.08
C23 V7N LF . -2.76 -59.54 43.75
C24 V7N LF . -3.03 -59.57 42.26
C25 V7N LF . -4.42 -59.97 41.95
C26 V7N LF . -4.71 -61.01 41.15
C27 V7N LF . -6.12 -61.38 40.86
C28 V7N LF . -6.27 -62.77 40.27
C29 V7N LF . -7.68 -63.17 40.10
C3 V7N LF . 2.09 -38.35 53.76
C30 V7N LF . 4.10 -37.99 51.40
C31 V7N LF . 2.94 -35.98 52.31
C33 V7N LF . -0.76 -39.53 53.54
C34 V7N LF . -2.77 -44.39 52.25
C35 V7N LF . -3.46 -49.43 50.56
C36 V7N LF . 0.35 -54.19 46.58
C37 V7N LF . -0.53 -58.42 43.33
C38 V7N LF . -3.65 -61.81 40.51
C39 V7N LF . -8.42 -62.84 39.04
C4 V7N LF . 1.77 -39.57 53.27
C40 V7N LF . -9.83 -63.27 38.93
C41 V7N LF . 5.86 -35.82 51.95
C43 V7N LF . -7.92 -62.04 37.89
C5 V7N LF . 0.50 -40.18 53.13
C6 V7N LF . 0.50 -41.46 52.58
C7 V7N LF . -0.61 -42.28 52.35
C8 V7N LF . -0.39 -43.63 52.10
C9 V7N LF . -1.36 -44.60 51.86
O32 V7N LF . 5.21 -36.55 52.98
O42 V7N LF . -3.30 -44.86 53.25
O44 V7N LF . -10.50 -62.83 37.85
O45 V7N LF . -10.46 -63.99 39.71
MG BCL MF . 7.47 -44.93 55.23
CHA BCL MF . 6.68 -46.28 52.15
CHB BCL MF . 4.19 -45.18 56.08
CHC BCL MF . 8.04 -42.87 57.86
CHD BCL MF . 10.59 -44.04 53.96
NA BCL MF . 5.68 -45.61 54.21
C1A BCL MF . 5.60 -46.26 52.98
C2A BCL MF . 4.23 -46.82 52.76
C3A BCL MF . 3.41 -46.19 53.89
C4A BCL MF . 4.45 -45.71 54.84
CMA BCL MF . 2.56 -45.04 53.38
CAA BCL MF . 4.17 -48.36 52.76
CBA BCL MF . 2.78 -48.88 52.38
CGA BCL MF . 2.02 -49.55 53.48
O1A BCL MF . 1.25 -50.41 53.33
O2A BCL MF . 2.26 -49.10 54.70
NB BCL MF . 6.29 -44.09 56.71
C1B BCL MF . 4.97 -44.40 56.97
C2B BCL MF . 4.56 -43.87 58.20
C3B BCL MF . 5.66 -43.20 58.75
C4B BCL MF . 6.73 -43.36 57.78
CMB BCL MF . 3.16 -44.06 58.76
CAB BCL MF . 5.81 -42.47 59.99
OBB BCL MF . 6.86 -42.49 60.64
CBB BCL MF . 4.71 -41.62 60.57
NC BCL MF . 9.09 -43.65 55.82
C1C BCL MF . 9.11 -42.90 56.95
C2C BCL MF . 10.42 -42.26 57.21
C3C BCL MF . 11.20 -42.57 55.93
C4C BCL MF . 10.26 -43.45 55.15
CMC BCL MF . 10.32 -40.78 57.49
CAC BCL MF . 12.58 -43.25 56.16
CBC BCL MF . 13.59 -42.29 56.75
ND BCL MF . 8.46 -45.10 53.46
C1D BCL MF . 9.73 -44.69 53.05
C2D BCL MF . 9.96 -45.00 51.70
C3D BCL MF . 8.79 -45.63 51.27
C4D BCL MF . 7.93 -45.67 52.35
CMD BCL MF . 11.21 -44.70 50.94
CAD BCL MF . 8.16 -46.34 50.22
OBD BCL MF . 8.55 -46.58 49.07
CBD BCL MF . 6.78 -46.83 50.72
CGD BCL MF . 5.73 -46.42 49.76
O1D BCL MF . 5.25 -45.33 49.69
O2D BCL MF . 5.36 -47.40 48.95
CED BCL MF . 4.33 -47.06 47.99
C1 BCL MF . 1.54 -49.74 55.80
C2 BCL MF . 0.24 -48.98 55.95
C3 BCL MF . -0.19 -48.46 57.08
C4 BCL MF . -1.51 -47.71 57.23
C5 BCL MF . 0.62 -48.58 58.38
C6 BCL MF . -0.20 -48.56 59.67
C7 BCL MF . 0.65 -48.57 60.94
C8 BCL MF . 1.50 -49.81 61.24
C9 BCL MF . 0.62 -51.09 61.21
C10 BCL MF . 2.16 -49.66 62.61
C11 BCL MF . 3.06 -50.82 63.03
C12 BCL MF . 4.32 -50.90 62.19
C13 BCL MF . 5.25 -52.07 62.58
C14 BCL MF . 5.59 -52.08 64.07
C15 BCL MF . 6.53 -51.96 61.72
C16 BCL MF . 7.47 -50.75 61.71
C17 BCL MF . 8.56 -50.61 62.77
C18 BCL MF . 9.42 -49.38 62.62
C19 BCL MF . 10.47 -49.48 63.74
C20 BCL MF . 8.66 -48.05 62.76
C1B LMT NF . 26.33 -48.09 60.79
C2B LMT NF . 27.30 -47.00 60.33
C3B LMT NF . 28.75 -47.42 60.68
C4B LMT NF . 28.84 -47.71 62.20
C5B LMT NF . 27.75 -48.74 62.55
C6B LMT NF . 27.80 -49.05 64.05
O1B LMT NF . 26.64 -49.26 60.11
O2B LMT NF . 27.15 -46.87 58.97
O3B LMT NF . 29.67 -46.50 60.27
O4' LMT NF . 30.07 -48.22 62.53
O5B LMT NF . 26.47 -48.31 62.16
O6B LMT NF . 26.96 -50.09 64.34
C1' LMT NF . 23.08 -50.10 58.15
C2' LMT NF . 23.13 -50.56 59.62
C3' LMT NF . 24.30 -49.88 60.37
C4' LMT NF . 25.61 -50.05 59.58
C5' LMT NF . 25.30 -49.53 58.16
C6' LMT NF . 26.51 -49.46 57.26
O1' LMT NF . 22.20 -50.85 57.46
O2' LMT NF . 21.95 -50.21 60.23
O3' LMT NF . 24.43 -50.43 61.61
O5' LMT NF . 24.35 -50.36 57.56
O6' LMT NF . 27.42 -50.33 57.78
C1 LMT NF . 21.45 -50.15 56.50
C2 LMT NF . 20.08 -50.73 56.61
C3 LMT NF . 19.21 -50.63 55.41
C4 LMT NF . 18.81 -49.18 55.29
C5 LMT NF . 17.92 -49.01 54.11
C6 LMT NF . 16.49 -49.18 54.47
C7 LMT NF . 16.00 -50.50 53.97
C8 LMT NF . 15.55 -50.36 52.57
C9 LMT NF . 15.35 -51.66 51.88
C10 LMT NF . 14.04 -51.59 51.16
C11 LMT NF . 13.66 -52.94 50.65
C12 LMT NF . 12.46 -52.86 49.77
MG BCL OF . 20.12 -52.06 43.59
CHA BCL OF . 19.06 -53.08 40.45
CHB BCL OF . 16.99 -52.70 44.75
CHC BCL OF . 20.88 -50.39 46.42
CHD BCL OF . 22.93 -50.62 42.09
NA BCL OF . 18.28 -52.79 42.68
C1A BCL OF . 18.06 -53.19 41.37
C2A BCL OF . 16.76 -53.93 41.26
C3A BCL OF . 16.05 -53.60 42.58
C4A BCL OF . 17.11 -52.98 43.40
CMA BCL OF . 14.87 -52.65 42.37
CAA BCL OF . 16.94 -55.44 40.98
CBA BCL OF . 15.68 -56.31 41.06
CGA BCL OF . 15.58 -56.90 42.43
O1A BCL OF . 16.29 -57.75 42.86
O2A BCL OF . 14.64 -56.37 43.20
NB BCL OF . 19.08 -51.55 45.30
C1B BCL OF . 17.82 -52.03 45.65
C2B BCL OF . 17.55 -51.74 46.99
C3B BCL OF . 18.67 -51.07 47.52
C4B BCL OF . 19.60 -50.97 46.42
CMB BCL OF . 16.26 -52.15 47.68
CAB BCL OF . 18.94 -50.52 48.84
OBB BCL OF . 20.08 -50.49 49.32
CBB BCL OF . 17.85 -49.94 49.72
NC BCL OF . 21.68 -50.72 44.16
C1C BCL OF . 21.78 -50.13 45.39
C2C BCL OF . 22.99 -49.29 45.55
C3C BCL OF . 23.69 -49.45 44.19
C4C BCL OF . 22.71 -50.25 43.39
CMC BCL OF . 22.66 -47.84 45.88
CAC BCL OF . 25.09 -50.10 44.30
CBC BCL OF . 26.12 -49.13 44.82
ND BCL OF . 20.88 -51.89 41.70
C1D BCL OF . 22.01 -51.24 41.20
C2D BCL OF . 22.05 -51.30 39.80
C3D BCL OF . 20.92 -52.03 39.43
C4D BCL OF . 20.25 -52.35 40.59
CMD BCL OF . 23.12 -50.69 38.93
CAD BCL OF . 20.23 -52.61 38.36
OBD BCL OF . 20.44 -52.61 37.14
CBD BCL OF . 19.00 -53.37 38.93
CGD BCL OF . 17.77 -52.93 38.24
O1D BCL OF . 17.27 -51.85 38.32
O2D BCL OF . 17.24 -53.86 37.48
CED BCL OF . 16.03 -53.45 36.77
C1 BCL OF . 14.59 -56.92 44.55
C2 BCL OF . 13.13 -56.90 44.97
C3 BCL OF . 12.74 -56.56 46.18
C4 BCL OF . 11.29 -56.52 46.64
C5 BCL OF . 13.75 -56.13 47.25
C6 BCL OF . 14.48 -57.22 48.05
C7 BCL OF . 13.55 -58.10 48.90
C8 BCL OF . 14.32 -59.25 49.52
C9 BCL OF . 13.40 -60.08 50.45
C10 BCL OF . 15.51 -58.69 50.31
C11 BCL OF . 16.43 -59.69 50.98
C12 BCL OF . 17.53 -59.00 51.78
C13 BCL OF . 18.49 -59.99 52.49
C14 BCL OF . 19.46 -59.29 53.46
C15 BCL OF . 19.23 -60.79 51.40
C16 BCL OF . 19.92 -60.16 50.16
C17 BCL OF . 21.08 -59.17 50.34
C18 BCL OF . 21.87 -58.89 49.11
C19 BCL OF . 22.89 -57.82 49.56
C20 BCL OF . 21.01 -58.41 47.95
C1B LMT PF . 41.64 -54.78 45.37
C2B LMT PF . 41.93 -53.30 45.67
C3B LMT PF . 42.99 -52.73 44.71
C4B LMT PF . 44.22 -53.66 44.64
C5B LMT PF . 43.71 -55.08 44.31
C6B LMT PF . 44.88 -56.04 44.17
O1B LMT PF . 40.92 -54.87 44.18
O2B LMT PF . 40.75 -52.62 45.55
O3B LMT PF . 43.34 -51.45 45.03
O4' LMT PF . 45.07 -53.24 43.64
O5B LMT PF . 42.81 -55.53 45.29
O6B LMT PF . 45.05 -56.38 42.86
C1' LMT PF . 37.49 -56.77 42.78
C2' LMT PF . 37.29 -55.78 43.95
C3' LMT PF . 38.54 -54.89 44.19
C4' LMT PF . 39.82 -55.74 44.19
C5' LMT PF . 39.78 -56.52 42.87
C6' LMT PF . 41.04 -57.25 42.53
O1' LMT PF . 36.53 -57.72 42.84
O2' LMT PF . 36.24 -54.98 43.60
O3' LMT PF . 38.42 -54.24 45.38
O5' LMT PF . 38.73 -57.45 42.92
O6' LMT PF . 40.72 -58.58 42.55
C1 LMT PF . 35.87 -57.93 41.63
C2 LMT PF . 34.41 -57.76 41.95
C3 LMT PF . 33.92 -56.35 42.03
C4 LMT PF . 32.47 -56.38 41.67
C5 LMT PF . 31.89 -55.03 41.79
C6 LMT PF . 30.75 -54.81 40.85
C7 LMT PF . 29.91 -56.03 40.75
C8 LMT PF . 28.75 -55.74 39.88
C9 LMT PF . 28.13 -56.92 39.23
C10 LMT PF . 27.27 -56.40 38.12
C11 LMT PF . 26.44 -57.47 37.51
C12 LMT PF . 27.25 -58.64 37.11
C1 V7N QF . 14.75 -44.27 43.10
C10 V7N QF . 11.15 -53.73 40.33
C11 V7N QF . 10.41 -54.82 39.88
C12 V7N QF . 11.00 -55.83 39.13
C13 V7N QF . 10.35 -56.96 38.59
C14 V7N QF . 11.10 -57.83 37.77
C15 V7N QF . 10.59 -58.98 37.15
C16 V7N QF . 11.31 -59.70 36.18
C17 V7N QF . 10.77 -60.83 35.58
C18 V7N QF . 11.21 -61.37 34.35
C19 V7N QF . 10.57 -62.52 33.85
C2 V7N QF . 14.55 -45.54 43.96
C20 V7N QF . 10.92 -63.21 32.70
C21 V7N QF . 10.22 -64.35 32.25
C22 V7N QF . 10.77 -65.26 31.37
C23 V7N QF . 9.98 -66.44 30.93
C24 V7N QF . 9.21 -66.19 29.65
C25 V7N QF . 8.08 -67.13 29.54
C26 V7N QF . 7.23 -67.20 28.52
C27 V7N QF . 6.12 -68.20 28.52
C28 V7N QF . 6.03 -68.96 27.21
C29 V7N QF . 4.80 -69.79 27.18
C3 V7N QF . 13.27 -46.24 43.78
C30 V7N QF . 14.35 -44.52 41.66
C31 V7N QF . 13.96 -43.11 43.66
C33 V7N QF . 10.71 -47.79 43.37
C34 V7N QF . 9.34 -52.79 41.75
C35 V7N QF . 8.92 -57.25 38.85
C36 V7N QF . 12.34 -60.73 33.63
C37 V7N QF . 12.13 -65.11 30.83
C38 V7N QF . 7.31 -66.31 27.34
C39 V7N QF . 3.61 -69.34 26.75
C4 V7N QF . 13.21 -47.45 43.15
C40 V7N QF . 2.43 -70.22 26.75
C41 V7N QF . 16.72 -43.09 42.35
C43 V7N QF . 3.38 -67.97 26.24
C5 V7N QF . 12.05 -48.24 42.92
C6 V7N QF . 12.24 -49.48 42.30
C7 V7N QF . 11.23 -50.42 42.00
C8 V7N QF . 11.59 -51.69 41.57
C9 V7N QF . 10.71 -52.72 41.21
O32 V7N QF . 16.16 -44.06 43.20
O42 V7N QF . 8.48 -51.94 41.58
O44 V7N QF . 2.65 -71.51 27.03
O45 V7N QF . 1.25 -69.89 26.53
MG BCL RF . 25.54 -53.27 36.11
CHA BCL RF . 22.89 -55.33 37.02
CHB BCL RF . 25.38 -54.62 32.99
CHC BCL RF . 28.52 -51.86 35.39
CHD BCL RF . 26.19 -52.76 39.51
NA BCL RF . 24.30 -54.79 35.16
C1A BCL RF . 23.19 -55.46 35.69
C2A BCL RF . 22.41 -56.14 34.62
C3A BCL RF . 23.34 -56.08 33.41
C4A BCL RF . 24.40 -55.11 33.82
CMA BCL RF . 23.93 -57.44 33.07
CAA BCL RF . 21.05 -55.48 34.36
CBA BCL RF . 20.28 -56.27 33.31
CGA BCL RF . 18.97 -55.68 32.90
O1A BCL RF . 18.58 -54.63 33.18
O2A BCL RF . 18.27 -56.48 32.16
NB BCL RF . 26.80 -53.29 34.48
C1B BCL RF . 26.47 -53.78 33.22
C2B BCL RF . 27.38 -53.31 32.26
C3B BCL RF . 28.31 -52.49 32.92
C4B BCL RF . 27.92 -52.52 34.31
CMB BCL RF . 27.25 -53.67 30.79
CAB BCL RF . 29.46 -51.73 32.41
OBB BCL RF . 29.91 -50.74 33.00
CBB BCL RF . 30.18 -52.08 31.14
NC BCL RF . 27.11 -52.44 37.29
C1C BCL RF . 28.24 -51.88 36.77
C2C BCL RF . 29.07 -51.18 37.81
C3C BCL RF . 28.20 -51.28 39.06
C4C BCL RF . 27.16 -52.29 38.66
CMC BCL RF . 30.43 -51.80 37.98
CAC BCL RF . 27.61 -49.94 39.54
CBC BCL RF . 28.65 -48.97 40.03
ND BCL RF . 24.77 -53.90 37.89
C1D BCL RF . 25.07 -53.59 39.22
C2D BCL RF . 24.16 -54.18 40.11
C3D BCL RF . 23.27 -54.87 39.31
C4D BCL RF . 23.67 -54.69 38.00
CMD BCL RF . 24.18 -54.07 41.62
CAD BCL RF . 22.07 -55.60 39.26
OBD BCL RF . 21.19 -55.79 40.12
CBD BCL RF . 21.95 -56.21 37.86
CGD BCL RF . 22.36 -57.60 38.02
O1D BCL RF . 21.91 -58.57 37.43
O2D BCL RF . 23.31 -57.69 38.94
CED BCL RF . 23.90 -58.92 39.40
C1 BCL RF . 16.96 -55.98 31.70
C2 BCL RF . 16.73 -56.68 30.37
C3 BCL RF . 16.96 -56.12 29.20
C4 BCL RF . 16.73 -56.80 27.86
C5 BCL RF . 17.49 -54.69 29.10
C6 BCL RF . 18.11 -54.29 27.76
C7 BCL RF . 18.47 -52.82 27.69
C8 BCL RF . 19.71 -52.31 28.41
C9 BCL RF . 19.38 -51.15 29.36
C10 BCL RF . 20.75 -51.84 27.38
C11 BCL RF . 20.15 -50.86 26.39
C12 BCL RF . 21.09 -50.49 25.23
C13 BCL RF . 20.47 -49.82 23.98
C14 BCL RF . 21.48 -49.71 22.84
C15 BCL RF . 19.90 -48.38 24.19
C16 BCL RF . 18.69 -48.06 25.03
C17 BCL RF . 17.43 -48.85 24.65
C18 BCL RF . 16.85 -48.36 23.35
C19 BCL RF . 16.51 -46.90 23.68
C20 BCL RF . 15.61 -49.12 22.89
C1 V7N SF . 25.40 -48.22 30.97
C10 V7N SF . 22.41 -57.58 27.29
C11 V7N SF . 21.68 -58.69 26.86
C12 V7N SF . 22.19 -59.49 25.83
C13 V7N SF . 21.63 -60.63 25.24
C14 V7N SF . 22.26 -61.13 24.09
C15 V7N SF . 21.84 -62.25 23.35
C16 V7N SF . 22.33 -62.51 22.06
C17 V7N SF . 21.92 -63.61 21.30
C18 V7N SF . 22.50 -64.01 20.09
C19 V7N SF . 21.97 -65.14 19.43
C2 V7N SF . 25.80 -49.63 31.44
C20 V7N SF . 22.16 -65.47 18.09
C21 V7N SF . 21.61 -66.63 17.51
C22 V7N SF . 21.76 -66.99 16.19
C23 V7N SF . 21.14 -68.24 15.68
C24 V7N SF . 20.15 -67.92 14.57
C25 V7N SF . 19.41 -69.13 14.14
C26 V7N SF . 18.50 -69.05 13.16
C27 V7N SF . 17.72 -70.23 12.70
C28 V7N SF . 16.25 -69.85 12.67
C29 V7N SF . 15.31 -70.95 12.33
C3 V7N SF . 24.66 -50.56 31.53
C30 V7N SF . 24.77 -48.32 29.56
C31 V7N SF . 24.40 -47.59 31.90
C33 V7N SF . 22.34 -52.48 31.56
C34 V7N SF . 20.65 -56.72 28.84
C35 V7N SF . 20.41 -61.32 25.75
C36 V7N SF . 23.64 -63.25 19.52
C37 V7N SF . 22.53 -66.18 15.22
C38 V7N SF . 18.21 -67.77 12.49
C39 V7N SF . 14.36 -70.78 11.39
C4 V7N SF . 24.51 -51.56 30.62
C40 V7N SF . 13.41 -71.84 11.03
C41 V7N SF . 27.56 -47.95 29.92
C43 V7N SF . 14.19 -69.50 10.66
C5 V7N SF . 23.45 -52.51 30.59
C6 V7N SF . 23.51 -53.48 29.59
C7 V7N SF . 22.56 -54.49 29.38
C8 V7N SF . 22.84 -55.55 28.52
C9 V7N SF . 21.98 -56.61 28.22
O32 V7N SF . 26.63 -47.50 30.89
O42 V7N SF . 20.20 -57.73 29.39
O44 V7N SF . 13.39 -72.93 11.81
O45 V7N SF . 12.60 -71.84 10.09
MG BCL TF . 19.07 -35.10 21.47
CHA BCL TF . 17.63 -35.79 18.41
CHB BCL TF . 16.31 -36.47 22.95
CHC BCL TF . 20.02 -33.75 24.42
CHD BCL TF . 21.35 -33.02 19.86
NA BCL TF . 17.22 -35.97 20.74
C1A BCL TF . 16.87 -36.26 19.43
C2A BCL TF . 15.78 -37.27 19.38
C3A BCL TF . 15.19 -37.21 20.79
C4A BCL TF . 16.28 -36.56 21.58
CMA BCL TF . 13.92 -36.39 20.84
CAA BCL TF . 16.32 -38.66 19.00
CBA BCL TF . 15.31 -39.66 18.43
CGA BCL TF . 14.19 -40.07 19.32
O1A BCL TF . 13.07 -39.88 19.08
O2A BCL TF . 14.54 -40.67 20.43
NB BCL TF . 18.27 -35.06 23.38
C1B BCL TF . 17.17 -35.79 23.82
C2B BCL TF . 17.06 -35.71 25.22
C3B BCL TF . 18.13 -34.94 25.69
C4B BCL TF . 18.86 -34.53 24.50
CMB BCL TF . 15.94 -36.40 25.98
CAB BCL TF . 18.52 -34.54 27.04
OBB BCL TF . 19.70 -34.38 27.35
CBB BCL TF . 17.52 -34.31 28.14
NC BCL TF . 20.47 -33.59 22.05
C1C BCL TF . 20.74 -33.24 23.34
C2C BCL TF . 21.93 -32.38 23.47
C3C BCL TF . 22.38 -32.18 22.02
C4C BCL TF . 21.34 -32.92 21.24
CMC BCL TF . 21.63 -31.07 24.19
CAC BCL TF . 23.82 -32.64 21.72
CBC BCL TF . 24.87 -31.64 22.16
ND BCL TF . 19.45 -34.50 19.57
C1D BCL TF . 20.41 -33.66 19.03
C2D BCL TF . 20.28 -33.58 17.63
C3D BCL TF . 19.21 -34.40 17.31
C4D BCL TF . 18.73 -34.93 18.50
CMD BCL TF . 21.14 -32.75 16.72
CAD BCL TF . 18.44 -34.96 16.27
OBD BCL TF . 18.49 -34.79 15.04
CBD BCL TF . 17.42 -35.94 16.90
CGD BCL TF . 16.06 -35.65 16.42
O1D BCL TF . 15.42 -34.67 16.68
O2D BCL TF . 15.57 -36.57 15.63
CED BCL TF . 14.22 -36.34 15.13
C1 BCL TF . 13.45 -41.09 21.32
C2 BCL TF . 13.67 -40.34 22.64
C3 BCL TF . 13.67 -40.94 23.80
C4 BCL TF . 13.89 -40.24 25.14
C5 BCL TF . 13.46 -42.47 23.88
C6 BCL TF . 12.05 -43.00 24.21
C7 BCL TF . 11.63 -42.93 25.69
C8 BCL TF . 11.86 -44.21 26.51
C9 BCL TF . 13.35 -44.42 26.87
C10 BCL TF . 11.31 -45.47 25.80
C11 BCL TF . 9.87 -46.04 25.79
C12 BCL TF . 8.82 -45.05 25.17
C13 BCL TF . 8.87 -44.58 23.69
C14 BCL TF . 7.65 -43.74 23.31
C15 BCL TF . 8.93 -45.71 22.64
C16 BCL TF . 8.53 -45.52 21.19
C17 BCL TF . 7.85 -46.84 20.77
C18 BCL TF . 6.62 -47.17 21.63
C19 BCL TF . 6.26 -48.64 21.34
C20 BCL TF . 5.40 -46.26 21.40
MG BCL UF . 36.07 -55.12 21.31
CHA BCL UF . 33.70 -57.51 22.07
CHB BCL UF . 35.67 -55.92 18.02
CHC BCL UF . 38.76 -53.23 20.56
CHD BCL UF . 37.16 -55.22 24.63
NA BCL UF . 34.85 -56.56 20.22
C1A BCL UF . 33.85 -57.38 20.72
C2A BCL UF . 32.97 -57.91 19.64
C3A BCL UF . 33.67 -57.45 18.35
C4A BCL UF . 34.81 -56.62 18.84
CMA BCL UF . 34.17 -58.63 17.53
CAA BCL UF . 31.52 -57.40 19.77
CBA BCL UF . 30.47 -58.11 18.90
CGA BCL UF . 29.99 -57.17 17.85
O1A BCL UF . 30.56 -56.93 16.88
O2A BCL UF . 28.83 -56.63 18.08
NB BCL UF . 37.11 -54.70 19.57
C1B BCL UF . 36.67 -54.98 18.29
C2B BCL UF . 37.34 -54.20 17.35
C3B BCL UF . 38.26 -53.39 18.04
C4B BCL UF . 38.09 -53.76 19.44
CMB BCL UF . 37.04 -54.30 15.86
CAB BCL UF . 39.21 -52.37 17.58
OBB BCL UF . 39.70 -51.53 18.35
CBB BCL UF . 39.67 -52.26 16.15
NC BCL UF . 37.72 -54.37 22.43
C1C BCL UF . 38.68 -53.54 21.93
C2C BCL UF . 39.56 -52.96 22.97
C3C BCL UF . 38.86 -53.38 24.27
C4C BCL UF . 37.92 -54.46 23.79
CMC BCL UF . 40.98 -53.46 22.88
CAC BCL UF . 38.13 -52.22 24.98
CBC BCL UF . 39.06 -51.13 25.47
ND BCL UF . 35.57 -56.13 23.01
C1D BCL UF . 36.09 -56.10 24.30
C2D BCL UF . 35.38 -56.99 25.14
C3D BCL UF . 34.43 -57.60 24.33
C4D BCL UF . 34.57 -57.04 23.06
CMD BCL UF . 35.65 -57.21 26.60
CAD BCL UF . 33.24 -58.37 24.30
OBD BCL UF . 32.59 -58.89 25.21
CBD BCL UF . 32.80 -58.49 22.83
CGD BCL UF . 32.94 -59.87 22.35
O1D BCL UF . 32.03 -60.65 22.15
O2D BCL UF . 34.19 -60.20 22.15
CED BCL UF . 34.47 -61.49 21.60
C1 BCL UF . 28.38 -55.67 17.06
C2 BCL UF . 27.68 -56.44 15.96
C3 BCL UF . 27.91 -56.13 14.70
C4 BCL UF . 27.27 -56.82 13.49
C5 BCL UF . 28.89 -55.00 14.34
C6 BCL UF . 28.30 -53.64 14.01
C7 BCL UF . 29.36 -52.56 13.86
C8 BCL UF . 28.82 -51.22 13.36
C9 BCL UF . 27.39 -51.00 13.92
C10 BCL UF . 28.73 -51.18 11.84
C11 BCL UF . 28.08 -49.91 11.34
C12 BCL UF . 27.23 -50.12 10.09
C13 BCL UF . 26.51 -48.84 9.63
C14 BCL UF . 25.60 -49.06 8.44
C15 BCL UF . 27.71 -47.94 9.30
C16 BCL UF . 27.72 -46.58 8.64
C17 BCL UF . 27.85 -46.65 7.12
C18 BCL UF . 28.52 -45.46 6.51
C19 BCL UF . 29.92 -45.43 7.16
C20 BCL UF . 27.83 -44.12 6.76
C1B LMT VF . 41.06 -36.38 20.30
C2B LMT VF . 42.23 -35.37 20.32
C3B LMT VF . 42.83 -35.14 18.91
C4B LMT VF . 43.12 -36.48 18.22
C5B LMT VF . 41.82 -37.28 18.22
C6B LMT VF . 42.02 -38.59 17.47
O1B LMT VF . 39.89 -35.71 19.91
O2B LMT VF . 41.73 -34.19 20.81
O3B LMT VF . 43.92 -34.33 18.97
O4' LMT VF . 43.53 -36.27 16.93
O5B LMT VF . 41.32 -37.52 19.52
O6B LMT VF . 43.25 -39.12 17.75
C1' LMT VF . 35.87 -36.49 19.24
C2' LMT VF . 36.49 -37.21 20.47
C3' LMT VF . 37.82 -36.53 20.87
C4' LMT VF . 38.75 -36.49 19.64
C5' LMT VF . 37.92 -35.74 18.57
C6' LMT VF . 38.73 -35.39 17.34
O1' LMT VF . 34.79 -37.20 18.79
O2' LMT VF . 35.62 -37.13 21.51
O3' LMT VF . 38.42 -37.21 21.88
O5' LMT VF . 36.81 -36.49 18.19
O6' LMT VF . 39.03 -36.58 16.75
C1 LMT VF . 33.96 -36.51 17.89
C2 LMT VF . 32.62 -37.12 18.07
C3 LMT VF . 31.56 -36.77 17.09
C4 LMT VF . 30.62 -35.82 17.75
C5 LMT VF . 29.34 -35.72 16.99
C6 LMT VF . 28.59 -36.99 17.01
C7 LMT VF . 27.27 -36.82 16.34
C8 LMT VF . 26.99 -38.04 15.53
C9 LMT VF . 25.77 -37.94 14.69
C10 LMT VF . 25.61 -39.27 14.01
C11 LMT VF . 24.41 -39.28 13.12
C12 LMT VF . 24.23 -40.61 12.47
MG BCL WF . 23.50 -34.39 13.41
CHA BCL WF . 21.33 -36.94 14.25
CHB BCL WF . 23.00 -35.15 10.13
CHC BCL WF . 26.19 -32.51 12.61
CHD BCL WF . 24.56 -34.33 16.74
NA BCL WF . 22.32 -35.89 12.36
C1A BCL WF . 21.42 -36.80 12.88
C2A BCL WF . 20.57 -37.41 11.82
C3A BCL WF . 21.32 -37.02 10.53
C4A BCL WF . 22.24 -35.94 10.97
CMA BCL WF . 22.10 -38.19 9.94
CAA BCL WF . 19.11 -36.93 11.83
CBA BCL WF . 18.21 -37.75 10.92
CGA BCL WF . 16.78 -37.35 10.92
O1A BCL WF . 16.38 -36.26 10.83
O2A BCL WF . 15.95 -38.34 11.01
NB BCL WF . 24.50 -33.95 11.65
C1B BCL WF . 24.02 -34.23 10.38
C2B BCL WF . 24.69 -33.45 9.43
C3B BCL WF . 25.64 -32.67 10.10
C4B BCL WF . 25.48 -33.03 11.50
CMB BCL WF . 24.35 -33.52 7.95
CAB BCL WF . 26.62 -31.69 9.63
OBB BCL WF . 27.61 -31.39 10.30
CBB BCL WF . 26.50 -30.97 8.32
NC BCL WF . 25.13 -33.56 14.51
C1C BCL WF . 26.10 -32.77 13.98
C2C BCL WF . 26.92 -32.08 15.01
C3C BCL WF . 26.23 -32.49 16.32
C4C BCL WF . 25.34 -33.61 15.88
CMC BCL WF . 28.37 -32.50 14.97
CAC BCL WF . 25.46 -31.35 17.02
CBC BCL WF . 26.35 -30.38 17.75
ND BCL WF . 23.08 -35.41 15.13
C1D BCL WF . 23.55 -35.28 16.44
C2D BCL WF . 22.89 -36.17 17.31
C3D BCL WF . 21.99 -36.85 16.51
C4D BCL WF . 22.14 -36.38 15.22
CMD BCL WF . 23.15 -36.31 18.79
CAD BCL WF . 20.83 -37.66 16.50
OBD BCL WF . 20.28 -38.30 17.41
CBD BCL WF . 20.25 -37.65 15.08
CGD BCL WF . 19.96 -39.01 14.67
O1D BCL WF . 18.87 -39.50 14.46
O2D BCL WF . 21.04 -39.72 14.53
CED BCL WF . 20.75 -41.04 14.07
C1 BCL WF . 14.52 -38.02 11.00
C2 BCL WF . 14.13 -37.90 9.53
C3 BCL WF . 13.71 -38.90 8.80
C4 BCL WF . 13.32 -38.78 7.33
C5 BCL WF . 13.55 -40.31 9.37
C6 BCL WF . 14.29 -41.41 8.61
C7 BCL WF . 14.06 -42.78 9.23
C8 BCL WF . 15.12 -43.82 8.82
C9 BCL WF . 14.97 -44.18 7.33
C10 BCL WF . 15.01 -45.10 9.69
C11 BCL WF . 16.32 -45.86 9.67
C12 BCL WF . 16.38 -47.03 10.65
C13 BCL WF . 16.29 -48.43 10.02
C14 BCL WF . 14.93 -48.72 9.40
C15 BCL WF . 16.51 -49.41 11.15
C16 BCL WF . 16.58 -50.95 11.02
C17 BCL WF . 16.37 -51.37 12.47
C18 BCL WF . 16.70 -52.71 13.10
C19 BCL WF . 18.19 -52.74 13.54
C20 BCL WF . 16.34 -53.84 12.13
MG BCL XF . 31.51 -55.84 29.42
CHA BCL XF . 30.11 -56.35 26.31
CHB BCL XF . 28.62 -56.97 30.82
CHC BCL XF . 32.48 -54.55 32.40
CHD BCL XF . 34.00 -53.95 27.90
NA BCL XF . 29.62 -56.52 28.64
C1A BCL XF . 29.28 -56.78 27.32
C2A BCL XF . 28.15 -57.74 27.23
C3A BCL XF . 27.51 -57.62 28.62
C4A BCL XF . 28.61 -57.04 29.44
CMA BCL XF . 26.28 -56.72 28.61
CAA BCL XF . 28.61 -59.18 26.90
CBA BCL XF . 27.57 -60.16 26.34
CGA BCL XF . 26.21 -60.17 26.94
O1A BCL XF . 25.27 -59.62 26.49
O2A BCL XF . 26.12 -60.87 28.07
NB BCL XF . 30.66 -55.71 31.31
C1B BCL XF . 29.52 -56.37 31.72
C2B BCL XF . 29.40 -56.33 33.11
C3B BCL XF . 30.51 -55.64 33.61
C4B BCL XF . 31.28 -55.26 32.44
CMB BCL XF . 28.24 -56.97 33.86
CAB BCL XF . 30.94 -55.30 34.97
OBB BCL XF . 32.13 -55.17 35.28
CBB BCL XF . 29.96 -55.06 36.09
NC BCL XF . 33.06 -54.49 30.05
C1C BCL XF . 33.19 -54.01 31.32
C2C BCL XF . 34.31 -53.05 31.48
C3C BCL XF . 34.83 -52.90 30.05
C4C BCL XF . 33.89 -53.75 29.25
CMC BCL XF . 33.85 -51.74 32.09
CAC BCL XF . 36.30 -53.34 29.88
CBC BCL XF . 37.24 -52.43 30.61
ND BCL XF . 32.01 -55.26 27.53
C1D BCL XF . 33.03 -54.47 27.02
C2D BCL XF . 32.89 -54.29 25.64
C3D BCL XF . 31.75 -55.01 25.28
C4D BCL XF . 31.26 -55.58 26.44
CMD BCL XF . 33.83 -53.48 24.78
CAD BCL XF . 31.03 -55.57 24.22
OBD BCL XF . 31.18 -55.45 22.99
CBD BCL XF . 29.89 -56.43 24.80
CGD BCL XF . 28.58 -55.96 24.29
O1D BCL XF . 28.04 -54.94 24.61
O2D BCL XF . 28.03 -56.76 23.40
CED BCL XF . 26.75 -56.30 22.86
C1 BCL XF . 24.81 -60.91 28.73
C2 BCL XF . 24.90 -62.00 29.79
C3 BCL XF . 25.37 -61.87 31.01
C4 BCL XF . 25.45 -63.01 32.04
C5 BCL XF . 25.91 -60.53 31.52
C6 BCL XF . 27.37 -60.18 31.20
C7 BCL XF . 28.42 -61.04 31.91
C8 BCL XF . 29.89 -60.73 31.61
C9 BCL XF . 30.16 -60.86 30.10
C10 BCL XF . 30.81 -61.68 32.40
C11 BCL XF . 32.33 -61.74 32.26
C12 BCL XF . 32.94 -62.89 33.09
C13 BCL XF . 34.44 -63.13 32.86
C14 BCL XF . 34.91 -64.46 33.44
C15 BCL XF . 35.31 -62.01 33.48
C16 BCL XF . 35.54 -62.07 34.97
C17 BCL XF . 36.35 -60.90 35.55
C18 BCL XF . 36.59 -60.98 37.05
C19 BCL XF . 37.43 -62.26 37.23
C20 BCL XF . 35.32 -61.02 37.92
C1B LMT YF . 54.71 -55.74 26.74
C2B LMT YF . 55.29 -54.58 27.56
C3B LMT YF . 55.24 -53.27 26.76
C4B LMT YF . 55.85 -53.46 25.35
C5B LMT YF . 55.18 -54.69 24.71
C6B LMT YF . 55.72 -54.92 23.31
O1B LMT YF . 53.37 -55.46 26.53
O2B LMT YF . 54.53 -54.48 28.70
O3B LMT YF . 55.84 -52.23 27.44
O4' LMT YF . 55.60 -52.36 24.56
O5B LMT YF . 55.35 -55.84 25.51
O6B LMT YF . 55.77 -53.71 22.63
C1' LMT YF . 49.57 -56.84 26.98
C2' LMT YF . 50.45 -57.06 28.22
C3' LMT YF . 51.75 -56.25 28.08
C4' LMT YF . 52.43 -56.49 26.72
C5' LMT YF . 51.35 -56.34 25.65
C6' LMT YF . 51.87 -56.48 24.23
O1' LMT YF . 48.46 -57.64 27.03
O2' LMT YF . 49.76 -56.62 29.31
O3' LMT YF . 52.61 -56.55 29.09
O5' LMT YF . 50.30 -57.24 25.85
O6' LMT YF . 52.08 -55.21 23.77
C1 LMT YF . 47.33 -57.08 26.42
C2 LMT YF . 46.93 -58.07 25.38
C3 LMT YF . 45.54 -58.61 25.49
C4 LMT YF . 44.60 -57.44 25.44
C5 LMT YF . 43.20 -57.91 25.42
C6 LMT YF . 42.25 -56.79 25.13
C7 LMT YF . 41.33 -57.19 24.02
C8 LMT YF . 40.10 -57.76 24.60
C9 LMT YF . 39.59 -58.96 23.88
C10 LMT YF . 38.70 -58.49 22.77
C11 LMT YF . 38.11 -59.64 22.05
C12 LMT YF . 37.29 -59.23 20.89
MG BCL ZF . 41.07 -55.39 13.36
CHA BCL ZF . 39.25 -55.40 10.40
CHB BCL ZF . 38.68 -57.40 14.72
CHC BCL ZF . 42.29 -54.69 16.42
CHD BCL ZF . 42.96 -52.75 12.07
NA BCL ZF . 39.20 -56.25 12.63
C1A BCL ZF . 38.69 -56.23 11.34
C2A BCL ZF . 37.48 -57.09 11.22
C3A BCL ZF . 37.21 -57.51 12.67
C4A BCL ZF . 38.45 -57.14 13.38
CMA BCL ZF . 35.99 -56.78 13.25
CAA BCL ZF . 37.66 -58.27 10.27
CBA BCL ZF . 36.34 -58.99 9.98
CGA BCL ZF . 36.17 -60.28 10.69
O1A BCL ZF . 35.38 -61.08 10.41
O2A BCL ZF . 37.02 -60.42 11.69
NB BCL ZF . 40.55 -55.91 15.28
C1B BCL ZF . 39.58 -56.83 15.64
C2B BCL ZF . 39.64 -57.10 17.01
C3B BCL ZF . 40.69 -56.33 17.55
C4B BCL ZF . 41.24 -55.60 16.42
CMB BCL ZF . 38.69 -58.08 17.68
CAB BCL ZF . 41.21 -56.19 18.91
OBB BCL ZF . 42.36 -55.84 19.16
CBB BCL ZF . 40.36 -56.46 20.13
NC BCL ZF . 42.44 -53.93 14.12
C1C BCL ZF . 42.80 -53.83 15.43
C2C BCL ZF . 43.90 -52.87 15.66
C3C BCL ZF . 44.11 -52.25 14.27
C4C BCL ZF . 43.09 -52.95 13.43
CMC BCL ZF . 43.57 -51.83 16.72
CAC BCL ZF . 45.54 -52.42 13.69
CBC BCL ZF . 46.48 -51.36 14.19
ND BCL ZF . 41.14 -54.30 11.64
C1D BCL ZF . 41.94 -53.23 11.22
C2D BCL ZF . 41.57 -52.77 9.96
C3D BCL ZF . 40.51 -53.58 9.57
C4D BCL ZF . 40.29 -54.48 10.59
CMD BCL ZF . 42.21 -51.62 9.25
CAD BCL ZF . 39.63 -53.92 8.51
OBD BCL ZF . 39.49 -53.42 7.38
CBD BCL ZF . 38.76 -55.11 8.97
CGD BCL ZF . 37.33 -54.78 8.80
O1D BCL ZF . 36.72 -53.97 9.46
O2D BCL ZF . 36.74 -55.46 7.84
CED BCL ZF . 35.33 -55.17 7.63
C1 BCL ZF . 37.06 -61.63 12.53
C2 BCL ZF . 35.83 -61.63 13.42
C3 BCL ZF . 35.91 -61.89 14.71
C4 BCL ZF . 34.72 -61.91 15.66
C5 BCL ZF . 37.24 -62.20 15.39
C6 BCL ZF . 37.69 -63.67 15.44
C7 BCL ZF . 39.08 -63.79 16.05
C8 BCL ZF . 39.85 -65.11 15.94
C9 BCL ZF . 39.24 -66.19 16.85
C10 BCL ZF . 41.33 -64.87 16.32
C11 BCL ZF . 41.95 -63.84 15.39
C12 BCL ZF . 43.43 -63.49 15.66
C13 BCL ZF . 44.47 -64.55 15.21
C14 BCL ZF . 44.80 -65.57 16.30
C15 BCL ZF . 45.77 -63.81 14.85
C16 BCL ZF . 46.48 -62.96 15.89
C17 BCL ZF . 47.92 -62.61 15.48
C18 BCL ZF . 48.74 -61.93 16.55
C19 BCL ZF . 50.17 -61.90 15.99
C20 BCL ZF . 48.77 -62.65 17.89
C1B LMT AG . 62.97 -51.06 8.90
C2B LMT AG . 63.18 -50.25 10.19
C3B LMT AG . 62.93 -48.75 9.92
C4B LMT AG . 63.76 -48.28 8.70
C5B LMT AG . 63.53 -49.24 7.54
C6B LMT AG . 64.39 -48.83 6.35
O1B LMT AG . 61.64 -50.95 8.52
O2B LMT AG . 62.29 -50.73 11.12
O3B LMT AG . 63.15 -47.99 11.04
O4' LMT AG . 63.37 -47.01 8.32
O5B LMT AG . 63.79 -50.58 7.89
O6B LMT AG . 65.71 -48.93 6.68
C1' LMT AG . 58.39 -53.48 8.00
C2' LMT AG . 58.98 -53.42 9.42
C3' LMT AG . 59.87 -52.17 9.57
C4' LMT AG . 60.91 -52.15 8.45
C5' LMT AG . 60.07 -52.15 7.16
C6' LMT AG . 60.84 -51.85 5.91
O1' LMT AG . 57.78 -54.67 7.81
O2' LMT AG . 57.94 -53.33 10.29
O3' LMT AG . 60.50 -52.16 10.78
O5' LMT AG . 59.44 -53.39 7.04
O6' LMT AG . 61.90 -52.72 5.88
C1 LMT AG . 56.73 -54.64 6.88
C2 LMT AG . 55.53 -54.31 7.69
C3 LMT AG . 54.30 -55.08 7.38
C4 LMT AG . 53.13 -54.19 7.69
C5 LMT AG . 51.92 -55.02 7.85
C6 LMT AG . 50.69 -54.28 7.48
C7 LMT AG . 49.61 -55.25 7.16
C8 LMT AG . 48.42 -54.50 6.71
C9 LMT AG . 47.22 -55.35 6.47
C10 LMT AG . 47.49 -56.16 5.24
C11 LMT AG . 46.24 -56.33 4.45
C12 LMT AG . 46.39 -57.39 3.42
C1 V7N BG . 34.70 -49.23 17.19
C10 V7N BG . 32.27 -57.95 12.01
C11 V7N BG . 31.65 -59.05 11.42
C12 V7N BG . 32.07 -59.52 10.18
C13 V7N BG . 31.52 -60.61 9.47
C14 V7N BG . 31.82 -60.70 8.11
C15 V7N BG . 31.34 -61.67 7.24
C16 V7N BG . 31.62 -61.60 5.87
C17 V7N BG . 31.14 -62.52 4.93
C18 V7N BG . 31.65 -62.67 3.63
C19 V7N BG . 31.06 -63.63 2.79
C2 V7N BG . 35.34 -50.62 17.26
C20 V7N BG . 31.28 -63.72 1.42
C21 V7N BG . 30.62 -64.71 0.65
C22 V7N BG . 30.98 -65.05 -0.63
C23 V7N BG . 30.22 -66.09 -1.35
C24 V7N BG . 29.26 -65.45 -2.35
C25 V7N BG . 28.54 -66.48 -3.13
C26 V7N BG . 27.34 -66.97 -2.77
C27 V7N BG . 26.67 -68.01 -3.59
C28 V7N BG . 25.30 -67.54 -4.09
C29 V7N BG . 24.46 -68.69 -4.44
C3 V7N BG . 34.35 -51.70 17.35
C30 V7N BG . 33.92 -49.07 15.88
C31 V7N BG . 33.77 -49.00 18.36
C33 V7N BG . 32.19 -53.86 17.35
C34 V7N BG . 30.78 -57.96 14.00
C35 V7N BG . 30.64 -61.61 10.11
C36 V7N BG . 32.78 -61.82 3.20
C37 V7N BG . 32.11 -64.41 -1.34
C38 V7N BG . 26.63 -66.51 -1.57
C39 V7N BG . 23.19 -68.59 -4.87
C4 V7N BG . 34.08 -52.51 16.29
C40 V7N BG . 22.41 -69.79 -5.20
C41 V7N BG . 36.65 -48.38 16.08
C43 V7N BG . 22.47 -67.31 -5.03
C5 V7N BG . 33.15 -53.58 16.25
C6 V7N BG . 33.17 -54.39 15.10
C7 V7N BG . 32.35 -55.49 14.83
C8 V7N BG . 32.60 -56.24 13.70
C9 V7N BG . 31.90 -57.36 13.24
O32 V7N BG . 35.81 -48.33 17.20
O42 V7N BG . 30.81 -59.10 14.48
O44 V7N BG . 23.07 -70.95 -5.15
O45 V7N BG . 21.22 -69.85 -5.52
MG BCL CG . 44.36 -52.52 4.98
CHA BCL CG . 42.09 -55.01 5.65
CHB BCL CG . 43.03 -52.21 1.88
CHC BCL CG . 46.29 -49.79 4.53
CHD BCL CG . 45.55 -52.77 8.24
NA BCL CG . 42.72 -53.47 3.96
C1A BCL CG . 42.01 -54.59 4.34
C2A BCL CG . 41.05 -55.02 3.28
C3A BCL CG . 41.63 -54.33 2.03
C4A BCL CG . 42.48 -53.26 2.60
CMA BCL CG . 42.46 -55.30 1.19
CAA BCL CG . 39.61 -54.60 3.61
CBA BCL CG . 38.59 -54.97 2.53
CGA BCL CG . 37.21 -55.08 3.08
O1A BCL CG . 36.90 -55.88 3.87
O2A BCL CG . 36.26 -54.30 2.59
NB BCL CG . 44.57 -51.13 3.47
C1B BCL CG . 44.04 -51.28 2.19
C2B BCL CG . 44.61 -50.35 1.33
C3B BCL CG . 45.56 -49.61 2.05
C4B BCL CG . 45.53 -50.18 3.39
CMB BCL CG . 44.18 -50.24 -0.13
CAB BCL CG . 46.43 -48.51 1.66
OBB BCL CG . 46.85 -47.69 2.48
CBB BCL CG . 46.87 -48.28 0.24
NC BCL CG . 45.65 -51.39 6.24
C1C BCL CG . 46.49 -50.42 5.77
C2C BCL CG . 47.47 -49.96 6.79
C3C BCL CG . 47.06 -50.76 8.03
C4C BCL CG . 46.14 -51.79 7.46
CMC BCL CG . 48.91 -50.20 6.37
CAC BCL CG . 46.38 -49.92 9.14
CBC BCL CG . 47.30 -48.93 9.81
ND BCL CG . 43.87 -53.54 6.66
C1D BCL CG . 44.58 -53.74 7.84
C2D BCL CG . 44.21 -54.93 8.48
C3D BCL CG . 43.22 -55.49 7.67
C4D BCL CG . 43.05 -54.64 6.60
CMD BCL CG . 44.78 -55.44 9.77
CAD BCL CG . 42.17 -56.43 7.62
OBD BCL CG . 41.81 -57.28 8.44
CBD BCL CG . 41.44 -56.26 6.27
CGD BCL CG . 41.61 -57.46 5.46
O1D BCL CG . 40.82 -58.35 5.28
O2D BCL CG . 42.81 -57.47 4.91
CED BCL CG . 43.13 -58.57 4.03
C1 BCL CG . 36.60 -53.28 1.60
C2 BCL CG . 35.43 -53.23 0.64
C3 BCL CG . 35.12 -52.20 -0.13
C4 BCL CG . 33.94 -52.17 -1.09
C5 BCL CG . 35.94 -50.91 -0.12
C6 BCL CG . 35.12 -49.62 0.04
C7 BCL CG . 35.99 -48.36 0.07
C8 BCL CG . 36.57 -47.91 -1.26
C9 BCL CG . 37.66 -46.86 -1.02
C10 BCL CG . 35.51 -47.30 -2.19
C11 BCL CG . 36.12 -47.14 -3.58
C12 BCL CG . 35.82 -45.83 -4.32
C13 BCL CG . 34.36 -45.53 -4.69
C14 BCL CG . 33.59 -46.76 -5.16
C15 BCL CG . 34.34 -44.49 -5.83
C16 BCL CG . 34.28 -42.99 -5.63
C17 BCL CG . 35.35 -42.31 -4.77
C18 BCL CG . 35.37 -40.79 -4.79
C19 BCL CG . 34.04 -40.31 -4.19
C20 BCL CG . 35.61 -40.19 -6.18
MG BCL DG . 48.16 -50.74 -3.09
CHA BCL DG . 46.04 -50.56 -5.82
CHB BCL DG . 45.98 -52.94 -1.68
CHC BCL DG . 49.72 -50.33 -0.13
CHD BCL DG . 49.75 -47.87 -4.24
NA BCL DG . 46.24 -51.58 -3.68
C1A BCL DG . 45.61 -51.49 -4.91
C2A BCL DG . 44.72 -52.66 -5.15
C3A BCL DG . 44.49 -53.18 -3.72
C4A BCL DG . 45.61 -52.58 -2.95
CMA BCL DG . 43.14 -52.76 -3.17
CAA BCL DG . 45.38 -53.69 -6.07
CBA BCL DG . 44.42 -54.62 -6.82
CGA BCL DG . 43.25 -55.12 -6.05
O1A BCL DG . 42.15 -54.73 -6.20
O2A BCL DG . 43.53 -56.05 -5.16
NB BCL DG . 47.86 -51.45 -1.17
C1B BCL DG . 46.99 -52.48 -0.83
C2B BCL DG . 47.30 -52.96 0.45
C3B BCL DG . 48.37 -52.22 0.95
C4B BCL DG . 48.71 -51.29 -0.12
CMB BCL DG . 46.52 -54.10 1.11
CAB BCL DG . 49.08 -52.27 2.22
OBB BCL DG . 50.29 -52.10 2.30
CBB BCL DG . 48.35 -52.51 3.52
NC BCL DG . 49.57 -49.33 -2.33
C1C BCL DG . 50.01 -49.31 -1.04
C2C BCL DG . 51.00 -48.22 -0.78
C3C BCL DG . 51.02 -47.45 -2.10
C4C BCL DG . 50.01 -48.17 -2.94
CMC BCL DG . 50.64 -47.37 0.42
CAC BCL DG . 52.40 -47.35 -2.77
CBC BCL DG . 53.35 -46.47 -2.03
ND BCL DG . 48.00 -49.47 -4.69
C1D BCL DG . 48.67 -48.31 -5.03
C2D BCL DG . 48.09 -47.71 -6.17
C3D BCL DG . 47.06 -48.55 -6.54
C4D BCL DG . 47.02 -49.59 -5.64
CMD BCL DG . 48.56 -46.42 -6.79
CAD BCL DG . 46.09 -48.84 -7.53
OBD BCL DG . 45.77 -48.20 -8.55
CBD BCL DG . 45.38 -50.16 -7.15
CGD BCL DG . 43.92 -49.98 -7.14
O1D BCL DG . 43.32 -49.20 -6.45
O2D BCL DG . 43.28 -50.75 -7.98
CED BCL DG . 41.83 -50.60 -7.98
C1 BCL DG . 42.35 -56.49 -4.41
C2 BCL DG . 42.70 -57.79 -3.71
C3 BCL DG . 43.38 -57.93 -2.60
C4 BCL DG . 43.98 -56.78 -1.80
C5 BCL DG . 43.64 -59.32 -2.02
C6 BCL DG . 42.42 -60.01 -1.38
C7 BCL DG . 41.88 -59.24 -0.17
C8 BCL DG . 40.39 -59.34 0.17
C9 BCL DG . 40.01 -60.79 0.57
C10 BCL DG . 39.56 -58.85 -1.03
C11 BCL DG . 38.16 -58.27 -0.87
C12 BCL DG . 37.06 -59.29 -0.56
C13 BCL DG . 35.66 -58.66 -0.41
C14 BCL DG . 35.59 -57.64 0.73
C15 BCL DG . 34.68 -59.81 -0.11
C16 BCL DG . 33.20 -59.50 0.08
C17 BCL DG . 32.42 -58.93 -1.11
C18 BCL DG . 30.94 -58.70 -0.77
C19 BCL DG . 30.39 -60.12 -0.53
C20 BCL DG . 30.13 -58.01 -1.86
C1B LMT EG . 67.82 -46.33 -7.96
C2B LMT EG . 68.33 -44.88 -7.78
C3B LMT EG . 69.87 -44.78 -7.77
C4B LMT EG . 70.48 -45.88 -6.87
C5B LMT EG . 69.93 -47.21 -7.37
C6B LMT EG . 70.61 -48.36 -6.66
O1B LMT EG . 67.86 -46.69 -9.30
O2B LMT EG . 67.82 -44.13 -8.81
O3B LMT EG . 70.29 -43.53 -7.41
O4' LMT EG . 71.85 -45.88 -6.95
O5B LMT EG . 68.53 -47.25 -7.19
O6B LMT EG . 71.98 -48.22 -6.74
C1' LMT EG . 63.84 -47.58 -9.65
C2' LMT EG . 64.70 -48.79 -9.23
C3' LMT EG . 66.13 -48.32 -8.84
C4' LMT EG . 66.73 -47.35 -9.87
C5' LMT EG . 65.65 -46.29 -10.18
C6' LMT EG . 66.09 -45.25 -11.17
O1' LMT EG . 62.68 -48.02 -10.20
O2' LMT EG . 64.12 -49.39 -8.15
O3' LMT EG . 66.95 -49.40 -8.68
O5' LMT EG . 64.50 -46.89 -10.68
O6' LMT EG . 66.33 -45.93 -12.34
C1 LMT EG . 61.59 -47.17 -10.02
C2 LMT EG . 60.39 -48.01 -10.32
C3 LMT EG . 59.09 -47.47 -9.81
C4 LMT EG . 58.02 -48.48 -10.14
C5 LMT EG . 56.84 -48.25 -9.27
C6 LMT EG . 55.61 -48.01 -10.06
C7 LMT EG . 54.96 -49.30 -10.42
C8 LMT EG . 53.61 -49.02 -10.99
C9 LMT EG . 53.22 -49.93 -12.11
C10 LMT EG . 54.37 -49.95 -13.06
C11 LMT EG . 54.28 -51.07 -14.05
C12 LMT EG . 55.52 -51.21 -14.85
C1 V7N FG . 41.39 -46.10 2.60
C10 V7N FG . 39.31 -54.14 -3.95
C11 V7N FG . 38.81 -55.26 -4.62
C12 V7N FG . 39.01 -55.43 -5.99
C13 V7N FG . 38.57 -56.48 -6.80
C14 V7N FG . 38.66 -56.33 -8.21
C15 V7N FG . 38.27 -57.27 -9.17
C16 V7N FG . 38.24 -56.95 -10.53
C17 V7N FG . 37.84 -57.87 -11.51
C18 V7N FG . 38.16 -57.79 -12.89
C19 V7N FG . 37.69 -58.81 -13.75
C2 V7N FG . 42.14 -47.38 2.21
C20 V7N FG . 37.60 -58.75 -15.13
C21 V7N FG . 37.13 -59.84 -15.90
C22 V7N FG . 37.15 -59.91 -17.27
C23 V7N FG . 36.63 -61.12 -17.96
C24 V7N FG . 35.35 -60.85 -18.72
C25 V7N FG . 34.79 -62.08 -19.32
C26 V7N FG . 33.49 -62.23 -19.63
C27 V7N FG . 32.97 -63.48 -20.24
C28 V7N FG . 32.35 -63.21 -21.60
C29 V7N FG . 31.28 -64.18 -21.92
C3 V7N FG . 41.30 -48.60 2.19
C30 V7N FG . 40.38 -45.73 1.51
C31 V7N FG . 40.67 -46.28 3.93
C33 V7N FG . 39.36 -50.92 2.01
C34 V7N FG . 38.45 -54.86 -1.73
C35 V7N FG . 38.02 -57.75 -6.26
C36 V7N FG . 38.97 -56.65 -13.38
C37 V7N FG . 37.67 -58.83 -18.14
C38 V7N FG . 32.51 -61.15 -19.37
C39 V7N FG . 29.99 -63.99 -21.61
C4 V7N FG . 40.95 -49.21 1.03
C40 V7N FG . 28.97 -65.01 -21.97
C41 V7N FG . 43.18 -44.86 1.52
C43 V7N FG . 29.46 -62.80 -20.91
C5 V7N FG . 40.16 -50.38 0.88
C6 V7N FG . 40.18 -51.02 -0.37
C7 V7N FG . 39.51 -52.18 -0.75
C8 V7N FG . 39.73 -52.73 -2.01
C9 V7N FG . 39.17 -53.89 -2.56
O32 V7N FG . 42.42 -45.10 2.69
O42 V7N FG . 37.32 -54.71 -1.29
O44 V7N FG . 29.45 -66.21 -22.30
O45 V7N FG . 27.74 -64.87 -22.00
MG BCL GG . 52.69 -43.32 -19.55
CHA BCL GG . 50.25 -43.01 -21.99
CHB BCL GG . 50.99 -46.00 -18.33
CHC BCL GG . 54.55 -43.18 -16.74
CHD BCL GG . 53.78 -40.11 -20.35
NA BCL GG . 50.84 -44.32 -20.10
C1A BCL GG . 50.05 -44.13 -21.23
C2A BCL GG . 49.13 -45.29 -21.45
C3A BCL GG . 49.13 -45.95 -20.06
C4A BCL GG . 50.41 -45.48 -19.47
CMA BCL GG . 47.92 -45.51 -19.23
CAA BCL GG . 49.61 -46.25 -22.56
CBA BCL GG . 48.65 -47.37 -23.06
CGA BCL GG . 48.00 -48.25 -22.05
O1A BCL GG . 46.83 -48.39 -21.94
O2A BCL GG . 48.82 -48.91 -21.24
NB BCL GG . 52.73 -44.38 -17.78
C1B BCL GG . 52.03 -45.55 -17.52
C2B BCL GG . 52.51 -46.16 -16.35
C3B BCL GG . 53.55 -45.36 -15.86
C4B BCL GG . 53.66 -44.26 -16.78
CMB BCL GG . 51.93 -47.45 -15.80
CAB BCL GG . 54.41 -45.51 -14.70
OBB BCL GG . 55.58 -45.14 -14.70
CBB BCL GG . 53.92 -46.11 -13.41
NC BCL GG . 54.00 -41.87 -18.70
C1C BCL GG . 54.62 -42.00 -17.49
C2C BCL GG . 55.54 -40.88 -17.17
C3C BCL GG . 55.34 -39.93 -18.36
C4C BCL GG . 54.26 -40.60 -19.15
CMC BCL GG . 55.24 -40.22 -15.84
CAC BCL GG . 56.63 -39.68 -19.17
CBC BCL GG . 57.57 -38.73 -18.46
ND BCL GG . 52.18 -41.86 -20.88
C1D BCL GG . 52.67 -40.57 -21.09
C2D BCL GG . 51.92 -39.88 -22.05
C3D BCL GG . 50.95 -40.79 -22.46
C4D BCL GG . 51.13 -41.96 -21.74
CMD BCL GG . 52.16 -38.47 -22.50
CAD BCL GG . 49.87 -41.03 -23.36
OBD BCL GG . 49.37 -40.28 -24.22
CBD BCL GG . 49.37 -42.47 -23.13
CGD BCL GG . 47.91 -42.45 -22.89
O1D BCL GG . 47.38 -41.98 -21.91
O2D BCL GG . 47.20 -43.01 -23.83
CED BCL GG . 45.76 -43.01 -23.64
C1 BCL GG . 48.20 -49.76 -20.22
C2 BCL GG . 48.44 -51.20 -20.61
C3 BCL GG . 49.57 -51.86 -20.45
C4 BCL GG . 49.77 -53.32 -20.86
C5 BCL GG . 50.81 -51.22 -19.84
C6 BCL GG . 51.65 -52.10 -18.93
C7 BCL GG . 52.99 -51.45 -18.63
C8 BCL GG . 53.86 -51.38 -19.89
C9 BCL GG . 54.55 -52.74 -20.13
C10 BCL GG . 54.92 -50.26 -19.79
C11 BCL GG . 55.83 -50.17 -21.02
C12 BCL GG . 56.87 -49.04 -20.98
C13 BCL GG . 57.98 -49.16 -19.91
C14 BCL GG . 57.65 -48.42 -18.61
C15 BCL GG . 59.25 -48.52 -20.49
C16 BCL GG . 60.49 -48.76 -19.67
C17 BCL GG . 61.74 -48.00 -20.08
C18 BCL GG . 62.98 -48.45 -19.34
C19 BCL GG . 63.44 -49.74 -20.05
C20 BCL GG . 62.74 -48.71 -17.85
C1 V7N HG . 46.57 -40.00 -12.39
C10 V7N HG . 44.17 -47.26 -19.61
C11 V7N HG . 43.57 -48.26 -20.39
C12 V7N HG . 43.70 -48.23 -21.78
C13 V7N HG . 43.17 -49.12 -22.74
C14 V7N HG . 43.25 -48.74 -24.10
C15 V7N HG . 42.75 -49.47 -25.18
C16 V7N HG . 42.96 -49.07 -26.51
C17 V7N HG . 42.41 -49.79 -27.57
C18 V7N HG . 42.47 -49.42 -28.93
C19 V7N HG . 41.83 -50.24 -29.88
C2 V7N HG . 47.39 -41.19 -12.90
C20 V7N HG . 41.65 -49.94 -31.22
C21 V7N HG . 40.99 -50.83 -32.10
C22 V7N HG . 41.01 -50.76 -33.48
C23 V7N HG . 40.26 -51.75 -34.27
C24 V7N HG . 38.77 -51.49 -34.17
C25 V7N HG . 37.97 -52.60 -34.73
C26 V7N HG . 36.94 -52.42 -35.57
C27 V7N HG . 36.17 -53.59 -36.09
C28 V7N HG . 35.52 -53.31 -37.43
C29 V7N HG . 34.66 -54.44 -37.83
C3 V7N HG . 46.60 -42.43 -13.01
C30 V7N HG . 45.39 -39.72 -13.32
C31 V7N HG . 46.04 -40.27 -10.98
C33 V7N HG . 44.94 -44.95 -13.35
C34 V7N HG . 43.16 -47.97 -17.44
C35 V7N HG . 42.50 -50.39 -22.38
C36 V7N HG . 43.19 -48.19 -29.34
C37 V7N HG . 41.76 -49.72 -34.21
C38 V7N HG . 36.52 -51.09 -36.01
C39 V7N HG . 33.36 -54.52 -37.53
C4 V7N HG . 46.26 -42.96 -14.21
C40 V7N HG . 32.56 -55.68 -37.96
C41 V7N HG . 47.98 -38.51 -13.65
C43 V7N HG . 32.62 -53.49 -36.78
C5 V7N HG . 45.50 -44.14 -14.45
C6 V7N HG . 45.31 -44.51 -15.80
C7 V7N HG . 44.59 -45.63 -16.27
C8 V7N HG . 44.67 -45.98 -17.61
C9 V7N HG . 44.01 -47.06 -18.22
O32 V7N HG . 47.49 -38.89 -12.38
O42 V7N HG . 43.52 -49.09 -17.05
O44 V7N HG . 31.23 -55.56 -37.88
O45 V7N HG . 32.98 -56.77 -38.37
C1B LMT IG . 71.60 -33.26 -27.42
C2B LMT IG . 71.88 -32.00 -26.57
C3B LMT IG . 71.76 -30.73 -27.43
C4B LMT IG . 72.62 -30.86 -28.70
C5B LMT IG . 72.18 -32.14 -29.42
C6B LMT IG . 72.96 -32.30 -30.72
O1B LMT IG . 70.25 -33.32 -27.70
O2B LMT IG . 70.95 -31.98 -25.56
O3B LMT IG . 72.05 -29.60 -26.71
O4' LMT IG . 72.44 -29.78 -29.53
O5B LMT IG . 72.36 -33.27 -28.60
O6B LMT IG . 73.10 -33.63 -31.02
C1' LMT IG . 67.06 -35.88 -27.38
C2' LMT IG . 68.09 -36.00 -26.24
C3' LMT IG . 69.02 -34.78 -26.25
C4' LMT IG . 69.64 -34.59 -27.65
C5' LMT IG . 68.45 -34.58 -28.64
C6' LMT IG . 68.83 -34.27 -30.05
O1' LMT IG . 66.29 -37.00 -27.44
O2' LMT IG . 67.42 -36.02 -25.06
O3' LMT IG . 69.99 -34.93 -25.32
O5' LMT IG . 67.78 -35.80 -28.60
O6' LMT IG . 69.42 -35.40 -30.53
C1 LMT IG . 65.07 -36.83 -28.11
C2 LMT IG . 64.04 -37.31 -27.14
C3 LMT IG . 62.86 -38.01 -27.70
C4 LMT IG . 61.86 -38.16 -26.59
C5 LMT IG . 60.60 -38.76 -27.09
C6 LMT IG . 59.44 -38.41 -26.22
C7 LMT IG . 58.33 -39.38 -26.42
C8 LMT IG . 57.82 -39.26 -27.80
C9 LMT IG . 56.64 -40.12 -28.08
C10 LMT IG . 56.11 -39.76 -29.44
C11 LMT IG . 54.66 -40.08 -29.55
C12 LMT IG . 54.41 -41.33 -30.29
MG BCL JG . 53.06 -37.33 -26.76
CHA BCL JG . 51.97 -40.59 -26.95
CHB BCL JG . 51.34 -36.68 -29.62
CHC BCL JG . 54.70 -34.37 -27.04
CHD BCL JG . 55.48 -38.35 -24.47
NA BCL JG . 51.83 -38.51 -28.10
C1A BCL JG . 51.43 -39.83 -27.95
C2A BCL JG . 50.27 -40.15 -28.84
C3A BCL JG . 50.24 -38.96 -29.82
C4A BCL JG . 51.17 -37.97 -29.19
CMA BCL JG . 50.70 -39.36 -31.21
CAA BCL JG . 48.95 -40.32 -28.07
CBA BCL JG . 47.83 -40.85 -28.93
CGA BCL JG . 46.51 -40.81 -28.27
O1A BCL JG . 46.04 -41.63 -27.58
O2A BCL JG . 45.86 -39.71 -28.53
NB BCL JG . 53.08 -35.79 -28.15
C1B BCL JG . 52.16 -35.64 -29.18
C2B BCL JG . 52.18 -34.33 -29.67
C3B BCL JG . 53.15 -33.61 -28.95
C4B BCL JG . 53.70 -34.58 -28.01
CMB BCL JG . 51.27 -33.88 -30.80
CAB BCL JG . 53.59 -32.21 -29.02
OBB BCL JG . 54.14 -31.65 -28.07
CBB BCL JG . 53.41 -31.35 -30.24
NC BCL JG . 54.83 -36.51 -25.88
C1C BCL JG . 55.30 -35.24 -26.12
C2C BCL JG . 56.39 -34.85 -25.19
C3C BCL JG . 56.41 -36.02 -24.19
C4C BCL JG . 55.65 -37.07 -24.94
CMC BCL JG . 57.71 -34.64 -25.89
CAC BCL JG . 55.81 -35.69 -22.80
CBC BCL JG . 56.59 -34.65 -22.05
ND BCL JG . 53.67 -39.07 -25.90
C1D BCL JG . 54.60 -39.36 -24.93
C2D BCL JG . 54.52 -40.71 -24.51
C3D BCL JG . 53.50 -41.26 -25.28
C4D BCL JG . 53.01 -40.25 -26.10
CMD BCL JG . 55.37 -41.36 -23.47
CAD BCL JG . 52.64 -42.37 -25.44
OBD BCL JG . 52.63 -43.48 -24.88
CBD BCL JG . 51.58 -42.01 -26.52
CGD BCL JG . 51.55 -43.03 -27.57
O1D BCL JG . 52.45 -43.24 -28.37
O2D BCL JG . 50.43 -43.73 -27.59
CED BCL JG . 50.32 -44.78 -28.59
C1 BCL JG . 44.55 -39.58 -27.92
C2 BCL JG . 43.63 -39.15 -29.02
C3 BCL JG . 43.45 -37.90 -29.38
C4 BCL JG . 42.53 -37.47 -30.51
C5 BCL JG . 44.22 -36.76 -28.67
C6 BCL JG . 43.80 -35.31 -28.90
C7 BCL JG . 42.49 -34.91 -28.22
C8 BCL JG . 41.91 -33.60 -28.75
C9 BCL JG . 42.86 -32.42 -28.46
C10 BCL JG . 40.55 -33.32 -28.10
C11 BCL JG . 39.40 -34.31 -28.29
C12 BCL JG . 38.92 -34.43 -29.74
C13 BCL JG . 37.52 -35.06 -29.89
C14 BCL JG . 37.52 -36.57 -29.60
C15 BCL JG . 37.07 -34.83 -31.34
C16 BCL JG . 35.59 -35.08 -31.58
C17 BCL JG . 34.99 -35.02 -32.99
C18 BCL JG . 33.49 -35.27 -32.93
C19 BCL JG . 33.01 -35.31 -34.39
C20 BCL JG . 32.69 -34.22 -32.14
C1 V7N KG . 48.90 -31.26 -26.32
C10 V7N KG . 46.24 -37.39 -34.29
C11 V7N KG . 45.66 -38.30 -35.19
C12 V7N KG . 45.33 -37.85 -36.47
C13 V7N KG . 44.74 -38.58 -37.51
C14 V7N KG . 44.64 -37.96 -38.76
C15 V7N KG . 44.03 -38.53 -39.88
C16 V7N KG . 43.83 -37.81 -41.06
C17 V7N KG . 43.20 -38.38 -42.17
C18 V7N KG . 42.99 -37.72 -43.39
C19 V7N KG . 42.32 -38.44 -44.40
C2 V7N KG . 49.76 -32.19 -27.20
C20 V7N KG . 41.82 -37.91 -45.58
C21 V7N KG . 41.16 -38.74 -46.50
C22 V7N KG . 40.96 -38.42 -47.83
C23 V7N KG . 40.26 -39.36 -48.71
C24 V7N KG . 38.89 -38.80 -49.05
C25 V7N KG . 38.23 -39.59 -50.11
C26 V7N KG . 36.91 -39.54 -50.29
C27 V7N KG . 36.24 -40.33 -51.36
C28 V7N KG . 34.93 -40.91 -50.87
C29 V7N KG . 34.49 -42.07 -51.68
C3 V7N KG . 49.18 -33.53 -27.37
C30 V7N KG . 47.63 -30.89 -27.06
C31 V7N KG . 48.56 -31.97 -25.02
C33 V7N KG . 47.78 -36.22 -27.87
C34 V7N KG . 45.87 -38.79 -32.27
C35 V7N KG . 44.18 -39.94 -37.34
C36 V7N KG . 43.47 -36.34 -43.60
C37 V7N KG . 41.42 -37.15 -48.44
C38 V7N KG . 36.04 -38.69 -49.43
C39 V7N KG . 33.21 -42.45 -51.74
C4 V7N KG . 48.60 -33.90 -28.53
C40 V7N KG . 32.80 -43.62 -52.56
C41 V7N KG . 50.07 -29.40 -27.29
C43 V7N KG . 32.12 -41.76 -51.03
C5 V7N KG . 48.00 -35.15 -28.87
C6 V7N KG . 47.62 -35.30 -30.19
C7 V7N KG . 47.00 -36.42 -30.77
C8 V7N KG . 46.95 -36.52 -32.16
C9 V7N KG . 46.36 -37.56 -32.90
O32 V7N KG . 49.70 -30.10 -26.11
O42 V7N KG . 46.18 -39.93 -32.62
O44 V7N KG . 31.51 -43.96 -52.49
O45 V7N KG . 33.52 -44.31 -53.30
O1 PEX LG . 49.22 -23.02 -21.55
O2 PEX LG . 47.58 -24.28 -20.02
P1 PEX LG . 48.14 -24.05 -21.39
O3 PEX LG . 46.95 -23.68 -22.46
C1 PEX LG . 45.60 -23.93 -22.09
C2 PEX LG . 44.80 -22.68 -21.78
C3 PEX LG . 44.74 -21.59 -22.84
O4 PEX LG . 44.48 -22.14 -24.13
C4 PEX LG . 44.73 -21.39 -25.19
O5 PEX LG . 45.85 -21.22 -25.61
C5 PEX LG . 43.48 -20.80 -25.77
C6 PEX LG . 43.67 -20.24 -27.16
C7 PEX LG . 42.52 -20.58 -28.10
C8 PEX LG . 42.51 -22.04 -28.52
C9 PEX LG . 41.39 -22.38 -29.49
C10 PEX LG . 41.42 -23.83 -29.97
C11 PEX LG . 40.30 -24.69 -29.41
C12 PEX LG . 40.05 -25.96 -30.21
C13 PEX LG . 38.62 -26.47 -30.09
O6 PEX LG . 43.46 -23.00 -21.35
C14 PEX LG . 42.54 -23.56 -22.15
O7 PEX LG . 42.60 -24.67 -22.59
C15 PEX LG . 41.39 -22.62 -22.38
C16 PEX LG . 40.83 -22.66 -23.79
C17 PEX LG . 40.24 -21.33 -24.21
C18 PEX LG . 39.47 -21.39 -25.51
C19 PEX LG . 38.42 -22.49 -25.50
C20 PEX LG . 37.20 -22.16 -26.34
C21 PEX LG . 37.45 -22.39 -27.83
C22 PEX LG . 36.17 -22.26 -28.65
C23 PEX LG . 36.16 -23.23 -29.83
O8 PEX LG . 48.57 -25.47 -22.09
C24 PEX LG . 48.80 -26.57 -21.21
C25 PEX LG . 48.38 -27.89 -21.81
N1 PEX LG . 47.90 -28.86 -20.82
MG BCL MG . 34.30 -22.96 -17.43
CHA BCL MG . 33.31 -26.27 -17.68
CHB BCL MG . 32.73 -22.36 -20.38
CHC BCL MG . 36.04 -20.07 -17.74
CHD BCL MG . 36.52 -23.91 -14.91
NA BCL MG . 33.20 -24.19 -18.84
C1A BCL MG . 32.79 -25.51 -18.72
C2A BCL MG . 31.62 -25.83 -19.59
C3A BCL MG . 31.56 -24.62 -20.54
C4A BCL MG . 32.56 -23.66 -19.95
CMA BCL MG . 31.91 -25.00 -21.96
CAA BCL MG . 30.28 -26.06 -18.87
CBA BCL MG . 29.15 -26.30 -19.84
CGA BCL MG . 27.95 -26.98 -19.26
O1A BCL MG . 27.73 -27.10 -18.13
O2A BCL MG . 27.15 -27.50 -20.15
NB BCL MG . 34.43 -21.47 -18.86
C1B BCL MG . 33.57 -21.33 -19.94
C2B BCL MG . 33.68 -20.04 -20.49
C3B BCL MG . 34.63 -19.33 -19.74
C4B BCL MG . 35.09 -20.29 -18.74
CMB BCL MG . 32.83 -19.59 -21.68
CAB BCL MG . 35.14 -17.96 -19.83
OBB BCL MG . 36.20 -17.61 -19.30
CBB BCL MG . 34.42 -16.87 -20.58
NC BCL MG . 36.02 -22.11 -16.45
C1C BCL MG . 36.56 -20.91 -16.74
C2C BCL MG . 37.57 -20.47 -15.74
C3C BCL MG . 37.55 -21.62 -14.72
C4C BCL MG . 36.77 -22.67 -15.45
CMC BCL MG . 38.94 -20.23 -16.33
CAC BCL MG . 36.93 -21.25 -13.35
CBC BCL MG . 37.83 -20.37 -12.52
ND BCL MG . 34.84 -24.69 -16.50
C1D BCL MG . 35.72 -24.96 -15.44
C2D BCL MG . 35.68 -26.31 -15.07
C3D BCL MG . 34.75 -26.90 -15.91
C4D BCL MG . 34.27 -25.90 -16.75
CMD BCL MG . 36.48 -26.94 -13.96
CAD BCL MG . 33.93 -28.03 -16.14
OBD BCL MG . 33.96 -29.16 -15.63
CBD BCL MG . 32.87 -27.67 -17.20
CGD BCL MG . 32.77 -28.73 -18.21
O1D BCL MG . 31.84 -29.50 -18.35
O2D BCL MG . 33.81 -28.80 -19.00
CED BCL MG . 33.69 -29.83 -20.02
C1 BCL MG . 25.98 -28.20 -19.64
C2 BCL MG . 24.78 -27.63 -20.38
C3 BCL MG . 24.50 -27.77 -21.66
C4 BCL MG . 23.27 -27.17 -22.34
C5 BCL MG . 25.38 -28.59 -22.61
C6 BCL MG . 25.25 -30.11 -22.59
C7 BCL MG . 26.20 -30.81 -23.58
C8 BCL MG . 27.73 -30.75 -23.41
C9 BCL MG . 28.37 -29.51 -24.08
C10 BCL MG . 28.37 -32.02 -24.01
C11 BCL MG . 29.88 -32.05 -24.12
C12 BCL MG . 30.48 -33.42 -24.47
C13 BCL MG . 29.93 -34.11 -25.73
C14 BCL MG . 28.94 -35.23 -25.42
C15 BCL MG . 31.09 -34.72 -26.52
C16 BCL MG . 30.64 -35.40 -27.83
C17 BCL MG . 31.53 -35.92 -28.98
C18 BCL MG . 32.33 -37.22 -28.81
C19 BCL MG . 31.30 -38.33 -28.55
C20 BCL MG . 33.38 -37.25 -27.70
C1B LMT NG . 66.25 -23.59 -46.77
C2B LMT NG . 67.18 -22.37 -46.87
C3B LMT NG . 66.99 -21.61 -48.20
C4B LMT NG . 67.07 -22.59 -49.39
C5B LMT NG . 66.05 -23.71 -49.14
C6B LMT NG . 66.06 -24.68 -50.31
O1B LMT NG . 64.95 -23.17 -46.48
O2B LMT NG . 66.87 -21.56 -45.80
O3B LMT NG . 67.87 -20.57 -48.32
O4' LMT NG . 66.76 -21.94 -50.57
O5B LMT NG . 66.30 -24.39 -47.93
O6B LMT NG . 67.31 -24.71 -50.89
C1' LMT NG . 61.87 -23.90 -43.75
C2' LMT NG . 63.27 -23.66 -43.13
C3' LMT NG . 64.26 -23.07 -44.17
C4' LMT NG . 64.23 -23.87 -45.49
C5' LMT NG . 62.75 -23.90 -45.90
C6' LMT NG . 62.50 -24.46 -47.28
O1' LMT NG . 61.11 -24.66 -42.90
O2' LMT NG . 63.13 -22.76 -42.11
O3' LMT NG . 65.52 -23.05 -43.65
O5' LMT NG . 61.99 -24.63 -44.96
O6' LMT NG . 61.68 -25.55 -47.12
C1 LMT NG . 59.81 -24.95 -43.37
C2 LMT NG . 59.02 -25.43 -42.18
C3 LMT NG . 57.62 -25.88 -42.46
C4 LMT NG . 57.65 -26.81 -43.65
C5 LMT NG . 56.56 -26.48 -44.62
C6 LMT NG . 56.91 -26.87 -46.03
C7 LMT NG . 55.70 -26.77 -46.91
C8 LMT NG . 56.06 -27.11 -48.31
C9 LMT NG . 56.53 -28.53 -48.52
C10 LMT NG . 56.52 -28.80 -50.00
C11 LMT NG . 57.43 -27.87 -50.74
C12 LMT NG . 58.86 -28.02 -50.31
MG BCL OG . 54.05 -32.10 -34.41
CHA BCL OG . 51.23 -31.66 -36.39
CHB BCL OG . 52.89 -35.21 -33.64
CHC BCL OG . 56.39 -32.31 -32.00
CHD BCL OG . 54.59 -28.65 -34.53
NA BCL OG . 52.27 -33.23 -34.93
C1A BCL OG . 51.32 -32.92 -35.88
C2A BCL OG . 50.51 -34.12 -36.26
C3A BCL OG . 50.88 -35.13 -35.18
C4A BCL OG . 52.12 -34.56 -34.57
CMA BCL OG . 49.77 -35.28 -34.14
CAA BCL OG . 50.82 -34.60 -37.69
CBA BCL OG . 49.80 -35.60 -38.23
CGA BCL OG . 50.09 -37.06 -38.07
O1A BCL OG . 50.58 -37.73 -38.91
O2A BCL OG . 49.70 -37.58 -36.92
NB BCL OG . 54.53 -33.50 -32.97
C1B BCL OG . 54.03 -34.79 -32.91
C2B BCL OG . 54.82 -35.59 -32.07
C3B BCL OG . 55.85 -34.79 -31.58
C4B BCL OG . 55.63 -33.48 -32.17
CMB BCL OG . 54.52 -37.05 -31.81
CAB BCL OG . 56.96 -35.08 -30.69
OBB BCL OG . 58.07 -34.53 -30.82
CBB BCL OG . 56.84 -36.05 -29.54
NC BCL OG . 55.32 -30.68 -33.43
C1C BCL OG . 56.19 -30.99 -32.42
C2C BCL OG . 56.98 -29.83 -31.94
C3C BCL OG . 56.45 -28.69 -32.80
C4C BCL OG . 55.35 -29.32 -33.61
CMC BCL OG . 56.85 -29.58 -30.45
CAC BCL OG . 57.52 -28.00 -33.69
CBC BCL OG . 58.43 -27.09 -32.91
ND BCL OG . 53.17 -30.48 -35.27
C1D BCL OG . 53.43 -29.12 -35.20
C2D BCL OG . 52.42 -28.36 -35.85
C3D BCL OG . 51.53 -29.29 -36.33
C4D BCL OG . 52.00 -30.55 -35.98
CMD BCL OG . 52.39 -26.86 -35.93
CAD BCL OG . 50.37 -29.50 -37.13
OBD BCL OG . 49.69 -28.71 -37.79
CBD BCL OG . 50.02 -31.00 -37.07
CGD BCL OG . 48.84 -31.15 -36.25
O1D BCL OG . 47.74 -31.53 -36.58
O2D BCL OG . 49.15 -30.77 -35.02
CED BCL OG . 48.23 -30.84 -33.93
C1 BCL OG . 49.89 -39.01 -36.64
C2 BCL OG . 51.39 -39.25 -36.46
C3 BCL OG . 51.81 -40.18 -35.64
C4 BCL OG . 50.91 -41.07 -34.80
C5 BCL OG . 53.31 -40.47 -35.44
C6 BCL OG . 53.90 -40.05 -34.09
C7 BCL OG . 55.28 -40.64 -33.77
C8 BCL OG . 56.58 -40.25 -34.49
C9 BCL OG . 56.73 -40.93 -35.88
C10 BCL OG . 57.80 -40.68 -33.65
C11 BCL OG . 58.45 -39.69 -32.70
C12 BCL OG . 59.82 -40.20 -32.23
C13 BCL OG . 60.66 -39.20 -31.42
C14 BCL OG . 60.81 -37.84 -32.12
C15 BCL OG . 62.06 -39.81 -31.21
C16 BCL OG . 62.88 -40.22 -32.44
C17 BCL OG . 64.39 -40.40 -32.20
C18 BCL OG . 64.85 -41.62 -31.42
C19 BCL OG . 66.14 -41.18 -30.72
C20 BCL OG . 65.11 -42.86 -32.28
MG BCL PG . 52.50 -24.82 -40.34
CHA BCL PG . 51.43 -28.06 -40.61
CHB BCL PG . 49.85 -23.84 -42.20
CHC BCL PG . 53.41 -21.61 -39.81
CHD BCL PG . 55.05 -25.86 -38.23
NA BCL PG . 50.81 -25.85 -41.21
C1A BCL PG . 50.65 -27.21 -41.36
C2A BCL PG . 49.43 -27.52 -42.16
C3A BCL PG . 49.11 -26.19 -42.84
C4A BCL PG . 49.94 -25.21 -42.08
CMA BCL PG . 49.48 -26.19 -44.32
CAA BCL PG . 48.27 -28.04 -41.30
CBA BCL PG . 47.11 -28.50 -42.16
CGA BCL PG . 45.90 -28.82 -41.38
O1A BCL PG . 45.67 -29.84 -40.85
O2A BCL PG . 45.10 -27.80 -41.31
NB BCL PG . 51.71 -22.98 -40.84
C1B BCL PG . 50.68 -22.80 -41.75
C2B BCL PG . 50.57 -21.45 -42.10
C3B BCL PG . 51.57 -20.75 -41.40
C4B BCL PG . 52.30 -21.77 -40.67
CMB BCL PG . 49.50 -20.94 -43.06
CAB BCL PG . 51.88 -19.31 -41.33
OBB BCL PG . 52.47 -18.82 -40.37
CBB BCL PG . 51.48 -18.34 -42.41
NC BCL PG . 53.95 -23.88 -39.10
C1C BCL PG . 54.28 -22.56 -39.22
C2C BCL PG . 55.51 -22.22 -38.46
C3C BCL PG . 55.82 -23.51 -37.73
C4C BCL PG . 55.01 -24.50 -38.49
CMC BCL PG . 56.64 -21.76 -39.35
CAC BCL PG . 55.47 -23.51 -36.22
CBC BCL PG . 56.43 -22.72 -35.39
ND BCL PG . 53.07 -26.54 -39.45
C1D BCL PG . 54.26 -26.88 -38.82
C2D BCL PG . 54.51 -28.26 -38.89
C3D BCL PG . 53.43 -28.79 -39.58
C4D BCL PG . 52.59 -27.73 -39.90
CMD BCL PG . 55.70 -28.96 -38.31
CAD BCL PG . 52.69 -29.98 -39.82
OBD BCL PG . 52.97 -31.16 -39.58
CBD BCL PG . 51.37 -29.59 -40.51
CGD BCL PG . 51.22 -30.34 -41.76
O1D BCL PG . 50.32 -31.11 -42.03
O2D BCL PG . 52.19 -30.11 -42.61
CED BCL PG . 52.13 -30.82 -43.87
C1 BCL PG . 43.86 -27.98 -40.57
C2 BCL PG . 43.22 -26.61 -40.53
C3 BCL PG . 42.23 -26.27 -41.30
C4 BCL PG . 41.58 -27.17 -42.34
C5 BCL PG . 41.61 -24.87 -41.23
C6 BCL PG . 41.47 -24.27 -39.83
C7 BCL PG . 40.80 -22.91 -39.86
C8 BCL PG . 41.61 -21.85 -40.60
C9 BCL PG . 42.97 -21.66 -39.88
C10 BCL PG . 40.85 -20.52 -40.67
C11 BCL PG . 39.64 -20.62 -41.57
C12 BCL PG . 38.95 -19.28 -41.79
C13 BCL PG . 38.36 -18.71 -40.51
C14 BCL PG . 37.28 -19.61 -39.92
C15 BCL PG . 37.73 -17.35 -40.84
C16 BCL PG . 37.33 -16.54 -39.65
C17 BCL PG . 36.97 -15.09 -39.95
C18 BCL PG . 36.66 -14.32 -38.70
C19 BCL PG . 36.35 -12.88 -39.17
C20 BCL PG . 37.80 -14.29 -37.66
MG BCL QG . 48.42 -10.62 -50.90
CHA BCL QG . 47.82 -13.84 -52.00
CHB BCL QG . 45.83 -9.58 -52.86
CHC BCL QG . 49.37 -7.42 -50.41
CHD BCL QG . 51.60 -11.64 -49.86
NA BCL QG . 47.03 -11.62 -52.26
C1A BCL QG . 46.87 -12.97 -52.48
C2A BCL QG . 45.59 -13.28 -53.19
C3A BCL QG . 45.10 -11.89 -53.63
C4A BCL QG . 45.98 -10.95 -52.87
CMA BCL QG . 45.25 -11.67 -55.13
CAA BCL QG . 44.54 -14.02 -52.33
CBA BCL QG . 43.26 -14.32 -53.11
CGA BCL QG . 42.17 -15.00 -52.37
O1A BCL QG . 42.00 -14.95 -51.22
O2A BCL QG . 41.35 -15.67 -53.13
NB BCL QG . 47.75 -8.79 -51.58
C1B BCL QG . 46.57 -8.57 -52.27
C2B BCL QG . 46.23 -7.21 -52.25
C3B BCL QG . 47.24 -6.54 -51.54
C4B BCL QG . 48.18 -7.56 -51.15
CMB BCL QG . 44.98 -6.66 -52.91
CAB BCL QG . 47.36 -5.13 -51.19
OBB BCL QG . 47.81 -4.75 -50.10
CBB BCL QG . 46.96 -4.03 -52.15
NC BCL QG . 50.22 -9.68 -50.25
C1C BCL QG . 50.38 -8.34 -50.09
C2C BCL QG . 51.65 -7.99 -49.40
C3C BCL QG . 52.17 -9.36 -48.97
C4C BCL QG . 51.39 -10.28 -49.85
CMC BCL QG . 52.62 -7.22 -50.28
CAC BCL QG . 51.98 -9.65 -47.45
CBC BCL QG . 52.84 -8.82 -46.55
ND BCL QG . 49.52 -12.33 -50.93
C1D BCL QG . 50.79 -12.65 -50.46
C2D BCL QG . 51.08 -14.02 -50.64
C3D BCL QG . 49.95 -14.56 -51.25
C4D BCL QG . 49.05 -13.52 -51.40
CMD BCL QG . 52.35 -14.71 -50.23
CAD BCL QG . 49.26 -15.74 -51.56
OBD BCL QG . 49.64 -16.93 -51.57
CBD BCL QG . 47.80 -15.37 -51.93
CGD BCL QG . 47.40 -16.07 -53.15
O1D BCL QG . 46.62 -17.00 -53.21
O2D BCL QG . 47.95 -15.60 -54.24
CED BCL QG . 47.50 -16.26 -55.44
C1 BCL QG . 40.25 -16.39 -52.46
C2 BCL QG . 39.05 -15.45 -52.46
C3 BCL QG . 37.87 -15.81 -52.93
C4 BCL QG . 37.57 -17.18 -53.52
C5 BCL QG . 36.68 -14.83 -52.90
C6 BCL QG . 36.47 -13.88 -54.09
C7 BCL QG . 36.01 -14.58 -55.37
C8 BCL QG . 35.56 -13.65 -56.50
C9 BCL QG . 34.38 -12.79 -56.04
C10 BCL QG . 35.14 -14.47 -57.73
C11 BCL QG . 33.90 -15.31 -57.45
C12 BCL QG . 33.46 -16.13 -58.66
C13 BCL QG . 32.08 -16.80 -58.47
C14 BCL QG . 31.69 -17.70 -59.64
C15 BCL QG . 31.07 -15.66 -58.36
C16 BCL QG . 29.60 -16.01 -58.29
C17 BCL QG . 29.15 -16.91 -57.14
C18 BCL QG . 27.63 -16.97 -57.02
C19 BCL QG . 27.23 -15.50 -56.78
C20 BCL QG . 27.12 -17.87 -55.90
C1 V7N RG . 47.75 -19.37 -38.37
C10 V7N RG . 44.45 -24.51 -46.49
C11 V7N RG . 43.75 -25.27 -47.45
C12 V7N RG . 43.52 -24.77 -48.74
C13 V7N RG . 42.83 -25.38 -49.80
C14 V7N RG . 42.36 -24.56 -50.83
C15 V7N RG . 41.63 -25.00 -51.95
C16 V7N RG . 41.32 -24.16 -53.02
C17 V7N RG . 40.57 -24.60 -54.11
C18 V7N RG . 40.13 -23.80 -55.19
C19 V7N RG . 39.36 -24.41 -56.19
C2 V7N RG . 48.62 -20.56 -38.78
C20 V7N RG . 38.74 -23.77 -57.25
C21 V7N RG . 37.96 -24.47 -58.20
C22 V7N RG . 37.42 -23.90 -59.33
C23 V7N RG . 36.61 -24.71 -60.27
C24 V7N RG . 35.13 -24.53 -60.00
C25 V7N RG . 34.31 -24.66 -61.22
C26 V7N RG . 33.77 -25.83 -61.62
C27 V7N RG . 32.95 -25.92 -62.86
C28 V7N RG . 31.52 -26.34 -62.54
C29 V7N RG . 31.10 -27.53 -63.30
C3 V7N RG . 47.86 -21.77 -39.14
C30 V7N RG . 46.50 -19.86 -37.66
C31 V7N RG . 48.52 -18.40 -37.49
C33 V7N RG . 46.42 -24.29 -40.09
C34 V7N RG . 44.16 -26.12 -44.62
C35 V7N RG . 42.58 -26.84 -49.87
C36 V7N RG . 40.48 -22.36 -55.24
C37 V7N RG . 37.61 -22.48 -59.67
C38 V7N RG . 33.96 -27.07 -60.86
C39 V7N RG . 29.95 -28.18 -63.05
C4 V7N RG . 47.44 -21.99 -40.42
C40 V7N RG . 29.55 -29.37 -63.84
C41 V7N RG . 48.39 -17.94 -40.21
C43 V7N RG . 28.99 -27.79 -61.99
C5 V7N RG . 46.72 -23.11 -40.93
C6 V7N RG . 46.31 -23.06 -42.26
C7 V7N RG . 45.59 -24.05 -42.95
C8 V7N RG . 45.39 -23.94 -44.33
C9 V7N RG . 44.68 -24.84 -45.15
O32 V7N RG . 47.39 -18.75 -39.62
O42 V7N RG . 44.52 -27.23 -45.00
O44 V7N RG . 30.42 -29.79 -64.76
O45 V7N RG . 28.51 -30.02 -63.75
MG BCL SG . 51.54 -18.40 -46.72
CHA BCL SG . 48.39 -18.05 -48.13
CHB BCL SG . 50.89 -21.71 -46.35
CHC BCL SG . 54.20 -18.65 -44.64
CHD BCL SG . 51.72 -14.94 -46.40
NA BCL SG . 49.84 -19.68 -47.17
C1A BCL SG . 48.66 -19.36 -47.82
C2A BCL SG . 47.92 -20.59 -48.24
C3A BCL SG . 48.57 -21.68 -47.38
C4A BCL SG . 49.86 -21.05 -46.96
CMA BCL SG . 47.71 -22.06 -46.20
CAA BCL SG . 48.00 -20.87 -49.75
CBA BCL SG . 49.44 -21.00 -50.30
CGA BCL SG . 50.06 -22.36 -50.29
O1A BCL SG . 51.21 -22.61 -50.49
O2A BCL SG . 49.14 -23.27 -50.01
NB BCL SG . 52.39 -19.92 -45.61
C1B BCL SG . 52.04 -21.27 -45.69
C2B BCL SG . 52.98 -22.06 -45.02
C3B BCL SG . 53.97 -21.20 -44.52
C4B BCL SG . 53.55 -19.87 -44.91
CMB BCL SG . 52.84 -23.57 -44.93
CAB BCL SG . 55.19 -21.47 -43.77
OBB BCL SG . 56.20 -20.78 -43.91
CBB BCL SG . 55.30 -22.60 -42.78
NC BCL SG . 52.78 -16.99 -45.71
C1C BCL SG . 53.79 -17.33 -44.83
C2C BCL SG . 54.54 -16.14 -44.33
C3C BCL SG . 53.78 -14.97 -44.96
C4C BCL SG . 52.63 -15.63 -45.65
CMC BCL SG . 54.62 -16.08 -42.82
CAC BCL SG . 54.63 -14.11 -45.92
CBC BCL SG . 55.51 -13.15 -45.19
ND BCL SG . 50.35 -16.81 -47.15
C1D BCL SG . 50.53 -15.44 -46.99
C2D BCL SG . 49.40 -14.72 -47.45
C3D BCL SG . 48.52 -15.69 -47.93
C4D BCL SG . 49.12 -16.92 -47.72
CMD BCL SG . 49.25 -13.23 -47.41
CAD BCL SG . 47.28 -15.93 -48.55
OBD BCL SG . 46.40 -15.14 -48.92
CBD BCL SG . 47.11 -17.46 -48.73
CGD BCL SG . 45.84 -17.90 -48.14
O1D BCL SG . 45.55 -17.87 -46.96
O2D BCL SG . 44.96 -18.34 -49.01
CED BCL SG . 43.69 -18.81 -48.50
C1 BCL SG . 49.56 -24.67 -49.93
C2 BCL SG . 48.36 -25.41 -49.34
C3 BCL SG . 48.47 -26.56 -48.75
C4 BCL SG . 49.78 -27.31 -48.56
C5 BCL SG . 47.24 -27.27 -48.17
C6 BCL SG . 47.50 -28.54 -47.35
C7 BCL SG . 46.20 -29.15 -46.81
C8 BCL SG . 46.29 -30.37 -45.89
C9 BCL SG . 46.73 -31.63 -46.67
C10 BCL SG . 44.94 -30.56 -45.18
C11 BCL SG . 43.69 -30.31 -46.02
C12 BCL SG . 42.43 -30.06 -45.17
C13 BCL SG . 41.25 -29.49 -45.99
C14 BCL SG . 41.58 -28.13 -46.61
C15 BCL SG . 40.00 -29.28 -45.10
C16 BCL SG . 38.81 -30.09 -45.59
C17 BCL SG . 37.41 -29.83 -45.03
C18 BCL SG . 36.43 -30.84 -45.57
C19 BCL SG . 35.09 -30.55 -44.86
C20 BCL SG . 36.87 -32.29 -45.32
C1B LMT TG . 63.54 -0.97 -52.84
C2B LMT TG . 63.39 0.56 -53.09
C3B LMT TG . 64.74 1.29 -52.93
C4B LMT TG . 65.41 0.91 -51.61
C5B LMT TG . 65.53 -0.61 -51.59
C6B LMT TG . 66.26 -1.06 -50.34
O1B LMT TG . 64.12 -1.58 -53.95
O2B LMT TG . 62.90 0.71 -54.35
O3B LMT TG . 64.58 2.65 -53.08
O4' LMT TG . 66.67 1.46 -51.51
O5B LMT TG . 64.27 -1.23 -51.66
O6B LMT TG . 65.60 -0.60 -49.22
C1' LMT TG . 61.56 -4.86 -54.14
C2' LMT TG . 62.94 -5.14 -53.52
C3' LMT TG . 63.60 -3.80 -53.14
C4' LMT TG . 63.65 -2.86 -54.36
C5' LMT TG . 62.19 -2.75 -54.86
C6' LMT TG . 62.01 -1.81 -56.02
O1' LMT TG . 61.02 -6.03 -54.60
O2' LMT TG . 62.74 -5.86 -52.38
O3' LMT TG . 64.85 -4.00 -52.66
O5' LMT TG . 61.73 -4.02 -55.27
O6' LMT TG . 62.29 -2.52 -57.16
C1 LMT TG . 59.63 -5.99 -54.79
C2 LMT TG . 59.13 -7.21 -54.11
C3 LMT TG . 57.76 -7.67 -54.48
C4 LMT TG . 57.21 -8.40 -53.28
C5 LMT TG . 55.98 -9.15 -53.64
C6 LMT TG . 55.09 -9.33 -52.47
C7 LMT TG . 54.38 -10.64 -52.54
C8 LMT TG . 53.42 -10.61 -53.68
C9 LMT TG . 52.21 -11.46 -53.47
C10 LMT TG . 51.42 -11.43 -54.75
C11 LMT TG . 50.02 -11.87 -54.53
C12 LMT TG . 49.32 -12.15 -55.81
MG BCL UG . 41.62 4.97 -58.30
CHA BCL UG . 41.20 1.98 -59.96
CHB BCL UG . 38.63 6.00 -59.58
CHC BCL UG . 42.26 8.10 -57.20
CHD BCL UG . 45.02 4.24 -57.97
NA BCL UG . 40.13 4.09 -59.61
C1A BCL UG . 40.13 2.82 -60.15
C2A BCL UG . 38.79 2.47 -60.72
C3A BCL UG . 38.06 3.82 -60.76
C4A BCL UG . 38.96 4.72 -59.96
CMA BCL UG . 37.89 4.33 -62.18
CAA BCL UG . 38.04 1.43 -59.89
CBA BCL UG . 36.78 0.92 -60.59
CGA BCL UG . 35.98 0.00 -59.76
O1A BCL UG . 36.19 -1.13 -59.62
O2A BCL UG . 34.99 0.59 -59.17
NB BCL UG . 40.64 6.80 -58.44
C1B BCL UG . 39.33 6.97 -58.84
C2B BCL UG . 38.82 8.20 -58.41
C3B BCL UG . 39.84 8.85 -57.70
C4B BCL UG . 40.98 7.94 -57.76
CMB BCL UG . 37.40 8.63 -58.70
CAB BCL UG . 39.88 10.14 -57.00
OBB BCL UG . 40.70 10.39 -56.12
CBB BCL UG . 38.93 11.26 -57.31
NC BCL UG . 43.39 6.01 -57.69
C1C BCL UG . 43.40 7.28 -57.21
C2C BCL UG . 44.71 7.67 -56.65
C3C BCL UG . 45.47 6.34 -56.63
C4C BCL UG . 44.65 5.50 -57.57
CMC BCL UG . 45.43 8.74 -57.44
CAC BCL UG . 45.61 5.70 -55.22
CBC BCL UG . 46.43 6.54 -54.27
ND BCL UG . 42.88 3.48 -58.86
C1D BCL UG . 44.24 3.25 -58.61
C2D BCL UG . 44.63 1.97 -59.07
C3D BCL UG . 43.48 1.41 -59.61
C4D BCL UG . 42.46 2.35 -59.47
CMD BCL UG . 46.00 1.38 -58.95
CAD BCL UG . 42.89 0.24 -60.14
OBD BCL UG . 43.37 -0.88 -60.34
CBD BCL UG . 41.42 0.55 -60.47
CGD BCL UG . 41.18 0.42 -61.91
O1D BCL UG . 40.58 -0.46 -62.47
O2D BCL UG . 41.73 1.42 -62.56
CED BCL UG . 41.56 1.50 -63.99
C1 BCL UG . 34.13 -0.23 -58.33
C2 BCL UG . 32.72 0.13 -58.76
C3 BCL UG . 32.05 1.13 -58.25
C4 BCL UG . 30.63 1.50 -58.66
C5 BCL UG . 32.63 2.02 -57.15
C6 BCL UG . 31.65 2.94 -56.44
C7 BCL UG . 32.30 3.74 -55.31
C8 BCL UG . 31.54 5.02 -54.94
C9 BCL UG . 32.18 5.72 -53.73
C10 BCL UG . 30.06 4.75 -54.65
C11 BCL UG . 29.39 6.07 -54.26
C12 BCL UG . 27.85 6.07 -54.29
C13 BCL UG . 27.14 5.07 -53.40
C14 BCL UG . 26.77 3.77 -54.13
C15 BCL UG . 25.83 5.71 -52.93
C16 BCL UG . 25.01 4.74 -52.08
C17 BCL UG . 25.60 4.29 -50.73
C18 BCL UG . 25.57 5.41 -49.73
C19 BCL UG . 26.26 4.86 -48.49
C20 BCL UG . 24.14 5.87 -49.41
C1 V7N VG . 43.59 -6.45 -47.37
C10 V7N VG . 39.64 -9.96 -56.33
C11 V7N VG . 38.95 -10.64 -57.34
C12 V7N VG . 38.23 -9.93 -58.30
C13 V7N VG . 37.47 -10.46 -59.35
C14 V7N VG . 37.00 -9.57 -60.34
C15 V7N VG . 36.21 -9.94 -61.43
C16 V7N VG . 35.48 -8.99 -62.17
C17 V7N VG . 34.66 -9.35 -63.25
C18 V7N VG . 33.97 -8.44 -64.06
C19 V7N VG . 33.17 -8.96 -65.11
C2 V7N VG . 44.40 -6.97 -48.57
C20 V7N VG . 32.17 -8.24 -65.77
C21 V7N VG . 31.38 -8.79 -66.81
C22 V7N VG . 30.51 -8.04 -67.57
C23 V7N VG . 29.72 -8.68 -68.65
C24 V7N VG . 28.55 -9.48 -68.12
C25 V7N VG . 27.65 -9.93 -69.21
C26 V7N VG . 26.36 -9.57 -69.32
C27 V7N VG . 25.51 -10.05 -70.43
C28 V7N VG . 25.77 -11.53 -70.63
C29 V7N VG . 24.78 -12.25 -71.48
C3 V7N VG . 43.87 -8.23 -49.14
C30 V7N VG . 42.12 -6.30 -47.76
C31 V7N VG . 43.71 -7.41 -46.20
C33 V7N VG . 42.93 -10.77 -50.51
C34 V7N VG . 40.03 -12.00 -54.96
C35 V7N VG . 37.12 -11.90 -59.44
C36 V7N VG . 34.08 -6.99 -63.82
C37 V7N VG . 30.33 -6.59 -67.35
C38 V7N VG . 25.72 -8.67 -68.32
C39 V7N VG . 23.58 -12.68 -71.03
C4 V7N VG . 43.25 -8.26 -50.35
C40 V7N VG . 22.68 -13.42 -71.93
C41 V7N VG . 44.13 -4.22 -48.12
C43 V7N VG . 23.08 -12.48 -69.66
C5 V7N VG . 42.72 -9.39 -51.01
C6 V7N VG . 41.97 -9.15 -52.17
C7 V7N VG . 41.34 -10.10 -52.99
C8 V7N VG . 40.84 -9.72 -54.24
C9 V7N VG . 40.18 -10.54 -55.17
O32 V7N VG . 44.15 -5.17 -47.06
O42 V7N VG . 39.46 -12.50 -53.99
O44 V7N VG . 23.14 -13.68 -73.16
O45 V7N VG . 21.54 -13.84 -71.67
MG BCL WG . 46.10 -3.09 -56.37
CHA BCL WG . 42.76 -2.85 -57.30
CHB BCL WG . 45.83 -6.48 -56.58
CHC BCL WG . 49.09 -3.39 -54.84
CHD BCL WG . 45.96 0.23 -55.31
NA BCL WG . 44.49 -4.46 -56.85
C1A BCL WG . 43.21 -4.16 -57.30
C2A BCL WG . 42.44 -5.39 -57.67
C3A BCL WG . 43.36 -6.52 -57.17
C4A BCL WG . 44.66 -5.83 -56.93
CMA BCL WG . 42.83 -7.18 -55.91
CAA BCL WG . 42.11 -5.47 -59.16
CBA BCL WG . 41.07 -6.55 -59.47
CGA BCL WG . 41.66 -7.76 -60.09
O1A BCL WG . 41.05 -8.64 -60.57
O2A BCL WG . 42.97 -7.70 -60.01
NB BCL WG . 47.27 -4.69 -55.76
C1B BCL WG . 47.01 -6.03 -55.99
C2B BCL WG . 48.09 -6.81 -55.56
C3B BCL WG . 49.07 -5.94 -55.04
C4B BCL WG . 48.51 -4.61 -55.21
CMB BCL WG . 48.09 -8.33 -55.68
CAB BCL WG . 50.37 -6.23 -54.45
OBB BCL WG . 51.32 -5.43 -54.56
CBB BCL WG . 50.64 -7.48 -53.67
NC BCL WG . 47.32 -1.77 -55.22
C1C BCL WG . 48.57 -2.09 -54.74
C2C BCL WG . 49.21 -0.98 -54.00
C3C BCL WG . 48.26 0.20 -54.25
C4C BCL WG . 47.11 -0.44 -54.97
CMC BCL WG . 49.40 -1.29 -52.53
CAC BCL WG . 48.88 1.38 -55.02
CBC BCL WG . 49.84 2.15 -54.18
ND BCL WG . 44.70 -1.61 -56.30
C1D BCL WG . 44.75 -0.29 -55.84
C2D BCL WG . 43.50 0.35 -55.97
C3D BCL WG . 42.67 -0.61 -56.55
C4D BCL WG . 43.42 -1.76 -56.73
CMD BCL WG . 43.19 1.75 -55.53
CAD BCL WG . 41.37 -0.90 -57.02
OBD BCL WG . 40.34 -0.18 -57.04
CBD BCL WG . 41.34 -2.34 -57.56
CGD BCL WG . 40.22 -3.09 -56.97
O1D BCL WG . 40.13 -3.44 -55.82
O2D BCL WG . 39.26 -3.38 -57.83
CED BCL WG . 38.13 -4.12 -57.30
C1 BCL WG . 43.88 -8.70 -60.54
C2 BCL WG . 43.68 -10.01 -59.78
C3 BCL WG . 44.74 -10.67 -59.42
C4 BCL WG . 44.74 -11.99 -58.66
C5 BCL WG . 46.15 -10.14 -59.77
C6 BCL WG . 47.18 -11.15 -60.27
C7 BCL WG . 48.50 -10.47 -60.65
C8 BCL WG . 48.37 -9.41 -61.75
C9 BCL WG . 47.89 -10.05 -63.07
C10 BCL WG . 49.72 -8.67 -61.95
C11 BCL WG . 49.70 -7.45 -62.89
C12 BCL WG . 50.90 -6.51 -62.63
C13 BCL WG . 50.84 -5.17 -63.37
C14 BCL WG . 51.04 -5.33 -64.87
C15 BCL WG . 51.91 -4.18 -62.85
C16 BCL WG . 53.38 -4.47 -63.14
C17 BCL WG . 54.45 -3.40 -62.88
C18 BCL WG . 55.83 -3.78 -63.45
C19 BCL WG . 56.74 -2.58 -63.16
C20 BCL WG . 55.86 -4.09 -64.95
C1 V7N XG . 27.98 21.21 -54.56
C10 V7N XG . 22.07 19.90 -62.71
C11 V7N XG . 21.15 19.40 -63.65
C12 V7N XG . 20.19 20.24 -64.24
C13 V7N XG . 19.20 19.93 -65.19
C14 V7N XG . 18.33 20.94 -65.64
C15 V7N XG . 17.29 20.77 -66.56
C16 V7N XG . 16.20 21.64 -66.65
C17 V7N XG . 15.16 21.47 -67.57
C18 V7N XG . 14.10 22.37 -67.81
C19 V7N XG . 13.12 22.03 -68.77
C2 V7N XG . 28.04 21.71 -56.01
C20 V7N XG . 11.80 22.46 -68.80
C21 V7N XG . 10.90 22.05 -69.81
C22 V7N XG . 9.62 22.52 -69.98
C23 V7N XG . 8.77 22.01 -71.10
C24 V7N XG . 7.34 21.72 -70.67
C25 V7N XG . 6.66 20.80 -71.61
C26 V7N XG . 5.35 20.82 -71.86
C27 V7N XG . 4.72 19.88 -72.83
C28 V7N XG . 3.38 19.39 -72.32
C29 V7N XG . 2.72 18.43 -73.23
C3 V7N XG . 27.04 21.08 -56.88
C30 V7N XG . 26.54 20.91 -54.18
C31 V7N XG . 28.82 19.95 -54.38
C33 V7N XG . 26.79 17.77 -58.60
C34 V7N XG . 23.25 17.74 -62.38
C35 V7N XG . 19.02 18.56 -65.74
C36 V7N XG . 14.02 23.65 -67.08
C37 V7N XG . 9.02 23.52 -69.09
C38 V7N XG . 4.44 21.80 -71.21
C39 V7N XG . 1.89 17.47 -72.79
C4 V7N XG . 27.36 19.99 -57.62
C40 V7N XG . 1.22 16.52 -73.69
C41 V7N XG . 27.72 23.48 -53.82
C43 V7N XG . 1.55 17.30 -71.35
C5 V7N XG . 26.55 19.23 -58.49
C6 V7N XG . 25.54 19.84 -59.25
C7 V7N XG . 24.70 19.16 -60.15
C8 V7N XG . 23.93 19.79 -61.13
C9 V7N XG . 23.09 19.17 -62.06
O32 V7N XG . 28.49 22.30 -53.79
O42 V7N XG . 23.42 17.28 -63.51
O44 V7N XG . 1.68 16.47 -74.94
O45 V7N XG . 0.29 15.76 -73.42
MG BCL YG . 31.73 20.18 -60.53
CHA BCL YG . 31.41 17.52 -62.71
CHB BCL YG . 28.49 21.00 -61.22
CHC BCL YG . 32.16 23.08 -58.87
CHD BCL YG . 35.21 19.94 -60.88
NA BCL YG . 30.18 19.34 -61.81
C1A BCL YG . 30.23 18.21 -62.61
C2A BCL YG . 28.86 17.78 -63.04
C3A BCL YG . 27.98 18.98 -62.66
C4A BCL YG . 28.90 19.87 -61.89
CMA BCL YG . 27.41 19.67 -63.89
CAA BCL YG . 28.43 16.47 -62.38
CBA BCL YG . 27.16 15.82 -62.91
CGA BCL YG . 26.29 15.43 -61.78
O1A BCL YG . 25.93 16.17 -60.99
O2A BCL YG . 25.92 14.18 -61.68
NB BCL YG . 30.54 21.82 -60.15
C1B BCL YG . 29.18 21.90 -60.39
C2B BCL YG . 28.62 22.98 -59.70
C3B BCL YG . 29.66 23.63 -59.02
C4B BCL YG . 30.86 22.86 -59.33
CMB BCL YG . 27.13 23.30 -59.77
CAB BCL YG . 29.67 24.83 -58.16
OBB BCL YG . 30.56 25.04 -57.33
CBB BCL YG . 28.60 25.89 -58.22
NC BCL YG . 33.44 21.33 -59.99
C1C BCL YG . 33.38 22.48 -59.24
C2C BCL YG . 34.71 22.92 -58.75
C3C BCL YG . 35.63 21.80 -59.20
C4C BCL YG . 34.77 21.03 -60.16
CMC BCL YG . 35.12 24.27 -59.29
CAC BCL YG . 36.18 20.91 -58.05
CBC BCL YG . 37.05 21.67 -57.07
ND BCL YG . 33.06 19.04 -61.59
C1D BCL YG . 34.45 18.98 -61.59
C2D BCL YG . 34.92 17.89 -62.36
C3D BCL YG . 33.77 17.26 -62.84
C4D BCL YG . 32.68 17.98 -62.35
CMD BCL YG . 36.36 17.50 -62.57
CAD BCL YG . 33.24 16.16 -63.55
OBD BCL YG . 33.81 15.24 -64.14
CBD BCL YG . 31.70 16.24 -63.49
CGD BCL YG . 31.20 16.26 -64.86
O1D BCL YG . 30.45 15.46 -65.39
O2D BCL YG . 31.66 17.29 -65.50
CED BCL YG . 31.24 17.44 -66.85
C1 BCL YG . 25.09 13.88 -60.51
C2 BCL YG . 23.65 14.24 -60.88
C3 BCL YG . 22.90 15.03 -60.14
C4 BCL YG . 21.47 15.40 -60.46
C5 BCL YG . 23.45 15.66 -58.86
C6 BCL YG . 22.42 16.22 -57.88
C7 BCL YG . 23.07 16.89 -56.67
C8 BCL YG . 22.26 18.02 -56.05
C9 BCL YG . 23.09 18.75 -54.97
C10 BCL YG . 20.96 17.49 -55.44
C11 BCL YG . 19.95 18.45 -54.86
C12 BCL YG . 18.80 17.67 -54.22
C13 BCL YG . 17.75 18.51 -53.48
C14 BCL YG . 17.12 19.56 -54.37
C15 BCL YG . 18.39 19.21 -52.29
C16 BCL YG . 17.50 20.03 -51.41
C17 BCL YG . 18.20 20.36 -50.08
C18 BCL YG . 17.45 21.31 -49.18
C19 BCL YG . 18.27 21.28 -47.89
C20 BCL YG . 16.01 20.90 -48.89
C1B LMT ZG . 56.94 16.28 -62.29
C2B LMT ZG . 56.71 17.62 -61.58
C3B LMT ZG . 56.70 18.75 -62.62
C4B LMT ZG . 57.99 18.71 -63.48
C5B LMT ZG . 58.17 17.27 -64.03
C6B LMT ZG . 59.47 17.16 -64.81
O1B LMT ZG . 55.88 16.04 -63.16
O2B LMT ZG . 55.51 17.54 -60.94
O3B LMT ZG . 56.50 19.97 -62.02
O4' LMT ZG . 57.90 19.58 -64.54
O5B LMT ZG . 58.13 16.30 -63.00
O6B LMT ZG . 59.95 18.40 -65.12
C1' LMT ZG . 52.73 13.35 -63.68
C2' LMT ZG . 52.82 14.04 -62.30
C3' LMT ZG . 53.84 15.20 -62.26
C4' LMT ZG . 55.14 14.85 -62.99
C5' LMT ZG . 54.69 14.36 -64.37
C6' LMT ZG . 55.78 14.23 -65.40
O1' LMT ZG . 52.16 12.11 -63.54
O2' LMT ZG . 51.58 14.56 -62.04
O3' LMT ZG . 54.12 15.53 -60.96
O5' LMT ZG . 54.03 13.13 -64.21
O6' LMT ZG . 56.34 13.00 -65.21
C1 LMT ZG . 52.70 11.31 -62.52
C2 LMT ZG . 51.53 10.81 -61.73
C3 LMT ZG . 50.77 9.68 -62.33
C4 LMT ZG . 49.78 9.21 -61.31
C5 LMT ZG . 48.81 8.28 -61.95
C6 LMT ZG . 48.74 6.97 -61.25
C7 LMT ZG . 47.52 6.93 -60.38
C8 LMT ZG . 46.69 5.76 -60.78
C9 LMT ZG . 45.80 6.01 -61.94
C10 LMT ZG . 44.58 5.14 -61.75
C11 LMT ZG . 43.68 5.24 -62.92
C12 LMT ZG . 42.32 4.70 -62.62
C1 V7N AH . 37.13 7.77 -53.35
C10 V7N AH . 32.22 5.50 -61.58
C11 V7N AH . 31.36 4.95 -62.54
C12 V7N AH . 30.66 5.77 -63.42
C13 V7N AH . 29.76 5.35 -64.39
C14 V7N AH . 29.00 6.32 -65.08
C15 V7N AH . 28.06 6.01 -66.05
C16 V7N AH . 27.07 6.93 -66.45
C17 V7N AH . 26.13 6.61 -67.41
C18 V7N AH . 25.13 7.49 -67.91
C19 V7N AH . 24.25 7.00 -68.88
C2 V7N AH . 37.62 7.72 -54.80
C20 V7N AH . 22.99 7.54 -69.16
C21 V7N AH . 22.17 6.97 -70.15
C22 V7N AH . 21.20 7.67 -70.84
C23 V7N AH . 20.41 6.95 -71.87
C24 V7N AH . 19.03 6.59 -71.36
C25 V7N AH . 18.04 7.53 -71.92
C26 V7N AH . 16.76 7.20 -72.12
C27 V7N AH . 16.25 5.84 -71.80
C28 V7N AH . 15.51 5.20 -72.96
C29 V7N AH . 14.53 4.22 -72.43
C3 V7N AH . 36.73 6.99 -55.71
C30 V7N AH . 35.61 7.83 -53.35
C31 V7N AH . 37.60 6.56 -52.59
C33 V7N AH . 36.33 3.46 -57.01
C34 V7N AH . 33.01 3.29 -60.80
C35 V7N AH . 29.55 3.92 -64.72
C36 V7N AH . 25.06 8.88 -67.42
C37 V7N AH . 20.93 9.10 -70.61
C38 V7N AH . 15.80 8.18 -72.68
C39 V7N AH . 13.75 3.38 -73.15
C4 V7N AH . 36.97 5.71 -56.08
C40 V7N AH . 13.73 3.29 -74.62
C41 V7N AH . 37.09 9.50 -51.66
C43 V7N AH . 12.81 2.43 -72.48
C5 V7N AH . 36.16 4.93 -56.95
C6 V7N AH . 35.19 5.56 -57.75
C7 V7N AH . 34.37 4.86 -58.63
C8 V7N AH . 33.86 5.43 -59.79
C9 V7N AH . 33.04 4.76 -60.71
O32 V7N AH . 37.68 8.99 -52.84
O42 V7N AH . 33.28 2.64 -61.81
O44 V7N AH . 13.15 2.20 -75.13
O45 V7N AH . 14.16 4.10 -75.45
MG BCL BH . 37.53 12.85 -61.22
CHA BCL BH . 34.06 12.75 -61.44
CHB BCL BH . 37.59 9.65 -62.35
CHC BCL BH . 40.72 12.59 -60.16
CHD BCL BH . 37.23 15.79 -59.38
NA BCL BH . 36.00 11.41 -61.78
C1A BCL BH . 34.63 11.59 -61.87
C2A BCL BH . 33.97 10.43 -62.54
C3A BCL BH . 35.08 9.37 -62.57
C4A BCL BH . 36.31 10.16 -62.29
CMA BCL BH . 34.86 8.29 -61.52
CAA BCL BH . 33.43 10.80 -63.92
CBA BCL BH . 32.53 9.73 -64.52
CGA BCL BH . 33.21 9.01 -65.62
O1A BCL BH . 33.24 9.37 -66.74
O2A BCL BH . 33.83 7.92 -65.26
NB BCL BH . 38.94 11.34 -61.20
C1B BCL BH . 38.81 10.11 -61.82
C2B BCL BH . 40.03 9.44 -61.84
C3B BCL BH . 40.98 10.25 -61.21
C4B BCL BH . 40.25 11.45 -60.83
CMB BCL BH . 40.21 8.06 -62.47
CAB BCL BH . 42.40 10.07 -60.95
OBB BCL BH . 43.20 11.02 -60.93
CBB BCL BH . 43.01 8.71 -60.66
NC BCL BH . 38.80 14.04 -59.97
C1C BCL BH . 40.08 13.71 -59.63
C2C BCL BH . 40.78 14.80 -58.91
C3C BCL BH . 39.67 15.84 -58.70
C4C BCL BH . 38.47 15.18 -59.29
CMC BCL BH . 41.44 14.33 -57.63
CAC BCL BH . 39.97 17.23 -59.29
CBC BCL BH . 40.96 17.99 -58.46
ND BCL BH . 36.02 14.05 -60.53
C1D BCL BH . 36.01 15.22 -59.79
C2D BCL BH . 34.69 15.67 -59.54
C3D BCL BH . 33.87 14.74 -60.18
C4D BCL BH . 34.69 13.78 -60.75
CMD BCL BH . 34.31 16.88 -58.75
CAD BCL BH . 32.54 14.42 -60.54
OBD BCL BH . 31.47 14.99 -60.30
CBD BCL BH . 32.57 13.11 -61.37
CGD BCL BH . 31.66 12.13 -60.78
O1D BCL BH . 31.84 11.52 -59.74
O2D BCL BH . 30.57 11.92 -61.48
CED BCL BH . 29.61 10.96 -60.93
C1 BCL BH . 34.50 7.26 -66.37
C2 BCL BH . 34.45 5.78 -66.06
C3 BCL BH . 35.52 5.13 -65.73
C4 BCL BH . 35.56 3.64 -65.40
C5 BCL BH . 36.87 5.85 -65.61
C6 BCL BH . 37.79 5.77 -66.82
C7 BCL BH . 39.11 6.49 -66.53
C8 BCL BH . 40.24 6.42 -67.57
C9 BCL BH . 40.50 4.98 -68.03
C10 BCL BH . 41.51 7.00 -66.92
C11 BCL BH . 42.79 6.74 -67.67
C12 BCL BH . 44.02 7.27 -66.95
C13 BCL BH . 43.95 8.79 -66.75
C14 BCL BH . 43.68 9.54 -68.07
C15 BCL BH . 45.27 9.26 -66.10
C16 BCL BH . 46.65 9.02 -66.73
C17 BCL BH . 47.23 9.57 -68.05
C18 BCL BH . 47.62 11.05 -68.19
C19 BCL BH . 46.34 11.88 -68.34
C20 BCL BH . 48.50 11.34 -69.41
C1B LMT CH . 44.24 33.44 -64.45
C2B LMT CH . 45.69 33.30 -63.95
C3B LMT CH . 46.10 34.55 -63.14
C4B LMT CH . 45.84 35.82 -63.96
C5B LMT CH . 44.38 35.80 -64.43
C6B LMT CH . 44.08 37.04 -65.27
O1B LMT CH . 43.35 33.36 -63.37
O2B LMT CH . 45.76 32.18 -63.18
O3B LMT CH . 47.38 34.45 -62.70
O4' LMT CH . 46.07 36.96 -63.19
O5B LMT CH . 44.06 34.64 -65.15
O6B LMT CH . 44.34 38.18 -64.56
C1' LMT CH . 41.05 30.22 -64.82
C2' LMT CH . 40.54 31.62 -65.21
C3' LMT CH . 41.60 32.71 -64.90
C4' LMT CH . 42.19 32.55 -63.48
C5' LMT CH . 42.59 31.07 -63.37
C6' LMT CH . 43.32 30.72 -62.10
O1' LMT CH . 40.04 29.31 -64.87
O2' LMT CH . 40.28 31.62 -66.56
O3' LMT CH . 41.06 33.95 -65.05
O5' LMT CH . 41.48 30.25 -63.47
O6' LMT CH . 44.34 29.92 -62.50
C1 LMT CH . 40.35 28.04 -64.38
C2 LMT CH . 39.11 27.23 -64.64
C3 LMT CH . 39.15 25.80 -64.21
C4 LMT CH . 37.75 25.35 -63.95
C5 LMT CH . 37.77 24.06 -63.21
C6 LMT CH . 36.42 23.46 -63.09
C7 LMT CH . 36.22 22.45 -64.15
C8 LMT CH . 34.93 21.75 -63.92
C9 LMT CH . 33.96 21.91 -65.02
C10 LMT CH . 32.75 21.08 -64.69
C11 LMT CH . 31.85 20.96 -65.87
C12 LMT CH . 30.48 20.58 -65.50
MG BCL DH . 30.74 -31.15 -2.27
CHA BCL DH . 29.16 -34.22 -1.91
CHB BCL DH . 29.71 -31.13 -5.51
CHC BCL DH . 32.96 -28.68 -2.93
CHD BCL DH . 32.39 -31.73 0.74
NA BCL DH . 29.57 -32.50 -3.50
C1A BCL DH . 28.99 -33.71 -3.17
C2A BCL DH . 28.20 -34.26 -4.32
C3A BCL DH . 28.81 -33.51 -5.50
C4A BCL DH . 29.31 -32.27 -4.84
CMA BCL DH . 29.96 -34.29 -6.13
CAA BCL DH . 26.70 -33.98 -4.27
CBA BCL DH . 25.80 -34.68 -3.29
CGA BCL DH . 24.45 -34.63 -3.89
O1A BCL DH . 24.26 -34.57 -5.04
O2A BCL DH . 23.45 -34.63 -3.08
NB BCL DH . 31.30 -30.10 -3.96
C1B BCL DH . 30.65 -30.16 -5.19
C2B BCL DH . 31.07 -29.12 -6.01
C3B BCL DH . 32.04 -28.37 -5.31
C4B BCL DH . 32.16 -29.04 -4.02
CMB BCL DH . 30.51 -28.91 -7.41
CAB BCL DH . 32.81 -27.18 -5.67
OBB BCL DH . 33.86 -26.87 -5.08
CBB BCL DH . 32.40 -26.24 -6.78
NC BCL DH . 32.43 -30.35 -1.24
C1C BCL DH . 33.18 -29.29 -1.67
C2C BCL DH . 34.03 -28.71 -0.61
C3C BCL DH . 33.66 -29.56 0.61
C4C BCL DH . 32.89 -30.69 0.00
CMC BCL DH . 35.50 -28.74 -0.93
CAC BCL DH . 32.86 -28.79 1.70
CBC BCL DH . 33.73 -27.87 2.53
ND BCL DH . 30.82 -32.64 -0.88
C1D BCL DH . 31.48 -32.76 0.34
C2D BCL DH . 31.09 -33.92 1.04
C3D BCL DH . 30.18 -34.56 0.20
C4D BCL DH . 30.04 -33.76 -0.93
CMD BCL DH . 31.59 -34.34 2.40
CAD BCL DH . 29.22 -35.58 0.10
OBD BCL DH . 28.90 -36.47 0.91
CBD BCL DH . 28.52 -35.47 -1.27
CGD BCL DH . 28.68 -36.73 -1.99
O1D BCL DH . 27.81 -37.52 -2.26
O2D BCL DH . 29.92 -36.96 -2.35
CED BCL DH . 30.15 -38.17 -3.09
C1 BCL DH . 22.16 -34.55 -3.76
C2 BCL DH . 21.57 -35.95 -3.67
C3 BCL DH . 21.35 -36.77 -4.66
C4 BCL DH . 20.74 -38.16 -4.45
C5 BCL DH . 21.69 -36.35 -6.11
C6 BCL DH . 21.09 -37.13 -7.29
C7 BCL DH . 21.78 -38.47 -7.60
C8 BCL DH . 20.96 -39.49 -8.39
C9 BCL DH . 19.46 -39.39 -8.05
C10 BCL DH . 21.46 -40.89 -8.05
C11 BCL DH . 22.95 -41.01 -8.26
C12 BCL DH . 23.51 -42.24 -7.57
C13 BCL DH . 22.70 -43.52 -7.83
C14 BCL DH . 22.52 -44.34 -6.56
C15 BCL DH . 23.38 -44.40 -8.92
C16 BCL DH . 23.72 -43.78 -10.29
C17 BCL DH . 24.00 -44.61 -11.55
C18 BCL DH . 22.85 -44.69 -12.53
C19 BCL DH . 21.75 -45.53 -11.85
C20 BCL DH . 23.20 -45.32 -13.89
C1 V7N EH . 22.31 -29.34 9.14
C10 V7N EH . 19.56 -38.09 4.96
C11 V7N EH . 18.89 -39.09 4.25
C12 V7N EH . 19.44 -39.73 3.13
C13 V7N EH . 18.82 -40.72 2.35
C14 V7N EH . 19.50 -41.19 1.20
C15 V7N EH . 18.96 -42.16 0.34
C16 V7N EH . 19.21 -42.10 -1.05
C17 V7N EH . 18.69 -43.02 -1.96
C18 V7N EH . 19.13 -43.18 -3.28
C19 V7N EH . 18.51 -44.14 -4.09
C2 V7N EH . 22.09 -30.74 9.75
C20 V7N EH . 18.84 -44.47 -5.40
C21 V7N EH . 18.12 -45.45 -6.13
C22 V7N EH . 18.32 -45.73 -7.46
C23 V7N EH . 17.51 -46.77 -8.14
C24 V7N EH . 16.58 -46.10 -9.13
C25 V7N EH . 15.78 -47.02 -9.95
C26 V7N EH . 16.19 -47.58 -11.10
C27 V7N EH . 15.31 -48.49 -11.87
C28 V7N EH . 13.87 -48.36 -11.41
C29 V7N EH . 12.88 -48.89 -12.39
C3 V7N EH . 21.27 -31.66 8.93
C30 V7N EH . 21.84 -29.31 7.69
C31 V7N EH . 21.59 -28.27 9.94
C33 V7N EH . 18.10 -33.52 9.29
C34 V7N EH . 17.73 -37.89 6.62
C35 V7N EH . 17.49 -41.28 2.67
C36 V7N EH . 20.26 -42.34 -3.78
C37 V7N EH . 19.33 -45.04 -8.27
C38 V7N EH . 17.54 -47.34 -11.66
C39 V7N EH . 12.54 -50.18 -12.48
C4 V7N EH . 20.39 -32.50 9.53
C40 V7N EH . 11.55 -50.64 -13.47
C41 V7N EH . 24.22 -27.93 8.80
C43 V7N EH . 13.09 -51.24 -11.60
C5 V7N EH . 19.53 -33.45 8.92
C6 V7N EH . 20.04 -34.34 7.97
C7 V7N EH . 19.25 -35.31 7.33
C8 V7N EH . 19.78 -36.45 6.75
C9 V7N EH . 19.04 -37.45 6.11
O32 V7N EH . 23.74 -29.19 9.20
O42 V7N EH . 16.82 -37.13 6.95
O44 V7N EH . 10.78 -51.68 -13.12
O45 V7N EH . 11.35 -50.18 -14.61
MG BCL FH . 28.38 -34.45 5.90
CHA BCL FH . 26.44 -34.61 3.05
CHB BCL FH . 26.19 -36.57 7.41
CHC BCL FH . 29.76 -33.69 8.90
CHD BCL FH . 29.98 -31.66 4.55
NA BCL FH . 26.55 -35.44 5.28
C1A BCL FH . 25.95 -35.43 4.04
C2A BCL FH . 24.96 -36.53 3.91
C3A BCL FH . 24.74 -36.97 5.37
C4A BCL FH . 25.87 -36.32 6.09
CMA BCL FH . 23.39 -36.50 5.90
CAA BCL FH . 25.46 -37.65 3.00
CBA BCL FH . 24.34 -38.41 2.35
CGA BCL FH . 23.84 -39.56 3.13
O1A BCL FH . 22.75 -39.96 3.09
O2A BCL FH . 24.85 -40.03 3.86
NB BCL FH . 28.00 -34.99 7.87
C1B BCL FH . 27.10 -35.96 8.28
C2B BCL FH . 27.28 -36.24 9.64
C3B BCL FH . 28.31 -35.42 10.11
C4B BCL FH . 28.73 -34.65 8.96
CMB BCL FH . 26.44 -37.26 10.37
CAB BCL FH . 28.91 -35.30 11.44
OBB BCL FH . 30.11 -35.06 11.60
CBB BCL FH . 28.11 -35.46 12.70
NC BCL FH . 29.68 -32.90 6.61
C1C BCL FH . 30.14 -32.80 7.88
C2C BCL FH . 31.13 -31.70 8.07
C3C BCL FH . 31.28 -31.14 6.65
C4C BCL FH . 30.23 -31.87 5.88
CMC BCL FH . 30.67 -30.65 9.07
CAC BCL FH . 32.70 -31.29 6.04
CBC BCL FH . 33.66 -30.26 6.54
ND BCL FH . 28.28 -33.34 4.19
C1D BCL FH . 28.96 -32.22 3.75
C2D BCL FH . 28.51 -31.81 2.49
C3D BCL FH . 27.51 -32.71 2.14
C4D BCL FH . 27.39 -33.61 3.18
CMD BCL FH . 29.04 -30.63 1.71
CAD BCL FH . 26.69 -33.20 1.09
OBD BCL FH . 26.53 -32.79 -0.07
CBD BCL FH . 25.93 -34.44 1.61
CGD BCL FH . 24.49 -34.26 1.44
O1D BCL FH . 23.81 -33.41 1.97
O2D BCL FH . 23.94 -35.12 0.62
CED BCL FH . 22.52 -34.97 0.40
C1 BCL FH . 24.84 -41.18 4.78
C2 BCL FH . 23.57 -41.12 5.61
C3 BCL FH . 23.53 -41.03 6.90
C4 BCL FH . 22.25 -40.98 7.72
C5 BCL FH . 24.81 -40.99 7.76
C6 BCL FH . 25.22 -42.27 8.48
C7 BCL FH . 26.39 -42.01 9.43
C8 BCL FH . 27.00 -43.19 10.17
C9 BCL FH . 25.90 -44.00 10.88
C10 BCL FH . 28.05 -42.72 11.21
C11 BCL FH . 29.20 -43.67 11.48
C12 BCL FH . 29.66 -43.68 12.95
C13 BCL FH . 31.06 -44.27 13.16
C14 BCL FH . 31.32 -44.75 14.59
C15 BCL FH . 31.98 -43.09 12.77
C16 BCL FH . 33.50 -42.99 12.53
C17 BCL FH . 34.67 -43.21 13.51
C18 BCL FH . 35.99 -42.69 12.95
C19 BCL FH . 36.06 -43.26 11.52
C20 BCL FH . 37.26 -43.08 13.73
O1 PEX GH . 37.13 -41.53 17.18
O2 PEX GH . 38.82 -39.96 16.01
P1 PEX GH . 37.70 -40.15 17.00
O3 PEX GH . 36.48 -39.09 16.73
C1 PEX GH . 36.52 -38.36 15.54
C2 PEX GH . 35.44 -38.72 14.53
C3 PEX GH . 35.96 -38.96 13.14
O4 PEX GH . 35.00 -38.58 12.17
C4 PEX GH . 35.40 -38.65 10.92
O5 PEX GH . 36.49 -39.08 10.62
C5 PEX GH . 34.38 -38.14 9.96
C6 PEX GH . 33.81 -39.19 9.03
C7 PEX GH . 34.83 -39.77 8.08
C8 PEX GH . 34.26 -40.85 7.19
C9 PEX GH . 33.74 -42.06 7.96
C10 PEX GH . 32.53 -42.71 7.30
C11 PEX GH . 31.48 -43.16 8.30
C12 PEX GH . 30.56 -44.23 7.75
C13 PEX GH . 31.30 -45.36 7.07
O6 PEX GH . 34.70 -39.88 14.92
C14 PEX GH . 33.39 -39.80 15.16
O7 PEX GH . 32.93 -39.74 16.26
C15 PEX GH . 32.58 -39.79 13.89
C16 PEX GH . 31.08 -39.59 14.09
C17 PEX GH . 30.29 -39.91 12.84
C18 PEX GH . 30.51 -38.93 11.70
C19 PEX GH . 29.71 -39.28 10.45
C20 PEX GH . 30.18 -38.55 9.19
C21 PEX GH . 29.98 -39.38 7.93
C22 PEX GH . 28.55 -39.37 7.40
C23 PEX GH . 28.41 -40.16 6.10
O8 PEX GH . 38.09 -39.53 18.47
C24 PEX GH . 38.10 -40.43 19.56
C25 PEX GH . 39.53 -40.77 19.96
N1 PEX GH . 39.58 -41.90 20.87
C1B LMT HH . 49.62 -31.56 0.75
C2B LMT HH . 50.52 -30.34 1.03
C3B LMT HH . 50.76 -29.54 -0.27
C4B LMT HH . 51.33 -30.48 -1.35
C5B LMT HH . 50.31 -31.60 -1.55
C6B LMT HH . 50.79 -32.54 -2.65
O1B LMT HH . 48.32 -31.08 0.56
O2B LMT HH . 49.87 -29.58 1.96
O3B LMT HH . 51.54 -28.44 -0.04
O4' LMT HH . 51.51 -29.80 -2.53
O5B LMT HH . 50.06 -32.32 -0.35
O6B LMT HH . 50.22 -33.78 -2.50
C1' LMT HH . 44.40 -32.31 0.59
C2' LMT HH . 45.31 -33.09 1.56
C3' LMT HH . 46.65 -32.33 1.76
C4' LMT HH . 47.28 -32.02 0.39
C5' LMT HH . 46.19 -31.32 -0.43
C6' LMT HH . 46.68 -30.80 -1.76
O1' LMT HH . 43.27 -33.03 0.32
O2' LMT HH . 44.69 -33.20 2.77
O3' LMT HH . 47.50 -33.06 2.53
O5' LMT HH . 45.09 -32.16 -0.63
O6' LMT HH . 47.06 -31.90 -2.46
C1 LMT HH . 42.73 -32.79 -0.95
C2 LMT HH . 41.41 -33.49 -0.95
C3 LMT HH . 40.26 -32.73 -0.38
C4 LMT HH . 39.05 -33.60 -0.52
C5 LMT HH . 37.81 -32.77 -0.60
C6 LMT HH . 36.68 -33.40 0.11
C7 LMT HH . 35.41 -33.16 -0.63
C8 LMT HH . 35.21 -34.26 -1.60
C9 LMT HH . 33.82 -34.36 -2.12
C10 LMT HH . 33.81 -35.49 -3.08
C11 LMT HH . 32.58 -35.51 -3.91
C12 LMT HH . 32.70 -36.45 -5.06
C1 V7N IH . 13.82 -28.34 22.02
C10 V7N IH . 10.21 -37.54 19.87
C11 V7N IH . 9.51 -38.64 19.33
C12 V7N IH . 10.13 -39.55 18.48
C13 V7N IH . 9.57 -40.68 17.87
C14 V7N IH . 10.33 -41.35 16.88
C15 V7N IH . 9.89 -42.47 16.18
C16 V7N IH . 10.53 -42.89 15.01
C17 V7N IH . 10.10 -44.00 14.28
C18 V7N IH . 10.56 -44.34 12.98
C19 V7N IH . 10.02 -45.48 12.37
C2 V7N IH . 13.39 -29.52 22.89
C20 V7N IH . 10.17 -45.79 11.03
C21 V7N IH . 9.60 -46.95 10.45
C22 V7N IH . 10.13 -47.56 9.34
C23 V7N IH . 9.50 -48.78 8.78
C24 V7N IH . 8.44 -48.40 7.76
C25 V7N IH . 8.37 -49.37 6.64
C26 V7N IH . 7.54 -50.41 6.64
C27 V7N IH . 7.51 -51.37 5.49
C28 V7N IH . 6.58 -52.54 5.70
C29 V7N IH . 5.29 -52.34 5.01
C3 V7N IH . 12.49 -30.49 22.22
C30 V7N IH . 13.62 -28.64 20.55
C31 V7N IH . 13.05 -27.08 22.40
C33 V7N IH . 9.06 -31.80 22.72
C34 V7N IH . 8.17 -36.26 20.43
C35 V7N IH . 8.22 -41.19 18.21
C36 V7N IH . 11.56 -43.49 12.31
C37 V7N IH . 11.33 -47.06 8.65
C38 V7N IH . 6.61 -50.67 7.77
C39 V7N IH . 4.43 -53.34 4.76
C4 V7N IH . 11.45 -31.03 22.90
C40 V7N IH . 3.15 -53.10 4.06
C41 V7N IH . 15.90 -27.14 21.70
C43 V7N IH . 4.69 -54.75 5.15
C5 V7N IH . 10.49 -31.97 22.42
C6 V7N IH . 10.93 -33.07 21.67
C7 V7N IH . 10.04 -34.05 21.17
C8 V7N IH . 10.46 -35.35 20.91
C9 V7N IH . 9.64 -36.38 20.41
O32 V7N IH . 15.22 -28.22 22.32
O42 V7N IH . 7.39 -37.08 20.90
O44 V7N IH . 2.83 -51.81 3.88
O45 V7N IH . 2.36 -53.93 3.63
O1 PEX JH . 27.08 -38.05 34.45
O2 PEX JH . 25.00 -38.22 35.98
P1 PEX JH . 25.83 -38.76 34.85
O3 PEX JH . 24.87 -39.01 33.53
C1 PEX JH . 24.29 -37.87 32.94
C2 PEX JH . 23.95 -38.07 31.49
C3 PEX JH . 24.63 -39.24 30.82
O4 PEX JH . 24.68 -39.07 29.41
C4 PEX JH . 25.42 -39.91 28.72
O5 PEX JH . 26.27 -40.62 29.21
C5 PEX JH . 25.11 -39.86 27.25
C6 PEX JH . 23.67 -39.49 26.96
C7 PEX JH . 23.14 -40.23 25.75
C8 PEX JH . 23.34 -41.73 25.86
C9 PEX JH . 22.13 -42.53 25.40
C10 PEX JH . 21.73 -43.62 26.40
C11 PEX JH . 22.53 -44.90 26.26
C12 PEX JH . 21.65 -46.14 26.36
C13 PEX JH . 22.43 -47.42 26.59
O6 PEX JH . 22.53 -38.22 31.31
C14 PEX JH . 21.96 -37.74 30.22
O7 PEX JH . 22.59 -37.18 29.35
C15 PEX JH . 20.49 -37.97 30.22
C16 PEX JH . 19.74 -37.47 29.00
C17 PEX JH . 20.20 -38.17 27.73
C18 PEX JH . 19.16 -38.17 26.63
C19 PEX JH . 19.64 -38.83 25.36
C20 PEX JH . 18.54 -39.02 24.34
C21 PEX JH . 18.81 -40.17 23.39
C22 PEX JH . 17.78 -40.26 22.27
C23 PEX JH . 17.68 -41.67 21.69
O8 PEX JH . 26.12 -40.36 35.11
C24 PEX JH . 26.33 -41.16 33.96
C25 PEX JH . 27.79 -41.19 33.57
N1 PEX JH . 28.64 -41.57 34.68
MG BCL KH . 13.15 -32.38 27.56
CHA BCL KH . 10.47 -34.36 28.52
CHB BCL KH . 13.12 -33.95 24.55
CHC BCL KH . 16.25 -31.17 26.91
CHD BCL KH . 13.62 -31.53 30.91
NA BCL KH . 11.94 -33.97 26.68
C1A BCL KH . 10.82 -34.60 27.21
C2A BCL KH . 10.33 -35.69 26.28
C3A BCL KH . 11.13 -35.46 25.00
C4A BCL KH . 12.11 -34.40 25.37
CMA BCL KH . 11.82 -36.73 24.53
CAA BCL KH . 8.81 -35.76 26.00
CBA BCL KH . 8.17 -34.51 25.45
CGA BCL KH . 6.74 -34.68 25.08
O1A BCL KH . 5.88 -34.87 25.85
O2A BCL KH . 6.63 -34.61 23.76
NB BCL KH . 14.52 -32.59 26.01
C1B BCL KH . 14.23 -33.14 24.77
C2B BCL KH . 15.17 -32.74 23.82
C3B BCL KH . 16.11 -31.92 24.46
C4B BCL KH . 15.67 -31.87 25.85
CMB BCL KH . 15.07 -33.17 22.37
CAB BCL KH . 17.32 -31.23 23.98
OBB BCL KH . 18.16 -30.76 24.75
CBB BCL KH . 17.63 -31.03 22.52
NC BCL KH . 14.69 -31.49 28.75
C1C BCL KH . 15.88 -31.03 28.26
C2C BCL KH . 16.63 -30.20 29.24
C3C BCL KH . 15.68 -30.16 30.44
C4C BCL KH . 14.66 -31.19 30.08
CMC BCL KH . 17.98 -30.76 29.58
CAC BCL KH . 15.08 -28.76 30.72
CBC BCL KH . 16.06 -27.79 31.36
ND BCL KH . 12.29 -32.84 29.35
C1D BCL KH . 12.53 -32.40 30.65
C2D BCL KH . 11.60 -32.93 31.55
C3D BCL KH . 10.75 -33.72 30.79
C4D BCL KH . 11.19 -33.63 29.47
CMD BCL KH . 11.56 -32.66 33.03
CAD BCL KH . 9.50 -34.37 30.75
OBD BCL KH . 8.69 -34.61 31.66
CBD BCL KH . 9.22 -34.81 29.30
CGD BCL KH . 8.88 -36.23 29.29
O1D BCL KH . 7.78 -36.71 29.13
O2D BCL KH . 9.91 -37.01 29.48
CED BCL KH . 9.60 -38.41 29.49
C1 BCL KH . 5.46 -34.69 22.84
C2 BCL KH . 4.34 -35.51 23.48
C3 BCL KH . 4.36 -36.77 23.82
C4 BCL KH . 3.18 -37.50 24.46
C5 BCL KH . 5.60 -37.64 23.60
C6 BCL KH . 5.39 -39.15 23.65
C7 BCL KH . 6.70 -39.91 23.50
C8 BCL KH . 7.76 -39.63 24.59
C9 BCL KH . 9.06 -40.39 24.26
C10 BCL KH . 7.25 -40.07 25.96
C11 BCL KH . 6.86 -41.52 25.87
C12 BCL KH . 6.32 -42.14 27.16
C13 BCL KH . 5.52 -43.42 26.85
C14 BCL KH . 4.12 -43.11 26.30
C15 BCL KH . 5.36 -44.26 28.13
C16 BCL KH . 4.59 -45.53 27.92
C17 BCL KH . 4.59 -46.52 29.09
C18 BCL KH . 3.77 -47.77 28.81
C19 BCL KH . 2.37 -47.26 28.44
C20 BCL KH . 3.67 -48.76 29.99
C1B LMT LH . 28.96 -34.25 38.01
C2B LMT LH . 30.10 -33.22 38.13
C3B LMT LH . 30.97 -33.21 36.86
C4B LMT LH . 31.42 -34.63 36.52
C5B LMT LH . 30.15 -35.47 36.36
C6B LMT LH . 30.50 -36.88 35.91
O1B LMT LH . 27.96 -33.73 37.18
O2B LMT LH . 29.52 -32.00 38.34
O3B LMT LH . 32.02 -32.33 36.98
O4' LMT LH . 32.13 -34.66 35.34
O5B LMT LH . 29.40 -35.50 37.56
O6B LMT LH . 30.17 -37.79 36.88
C1' LMT LH . 23.99 -34.35 36.27
C2' LMT LH . 24.34 -34.53 37.76
C3' LMT LH . 25.73 -33.92 38.05
C4' LMT LH . 26.77 -34.47 37.07
C5' LMT LH . 26.19 -34.21 35.66
C6' LMT LH . 27.13 -34.51 34.54
O1' LMT LH . 22.85 -35.03 35.96
O2' LMT LH . 23.40 -33.88 38.51
O3' LMT LH . 26.11 -34.19 39.34
O5' LMT LH . 25.01 -34.93 35.48
O6' LMT LH . 27.15 -35.87 34.44
C1 LMT LH . 22.59 -35.12 34.58
C2 LMT LH . 21.12 -35.39 34.49
C3 LMT LH . 20.29 -34.35 33.80
C4 LMT LH . 18.93 -34.94 33.61
C5 LMT LH . 18.04 -34.01 32.87
C6 LMT LH . 16.62 -34.43 33.01
C7 LMT LH . 15.92 -34.33 31.69
C8 LMT LH . 15.48 -35.69 31.29
C9 LMT LH . 14.55 -35.72 30.13
C10 LMT LH . 14.31 -37.16 29.81
C11 LMT LH . 13.33 -37.31 28.71
C12 LMT LH . 13.03 -38.74 28.44
C1 V7N MH . 3.32 -22.93 31.63
C10 V7N MH . -1.56 -32.02 31.18
C11 V7N MH . -2.34 -33.14 30.84
C12 V7N MH . -1.74 -34.33 30.45
C13 V7N MH . -2.39 -35.53 30.08
C14 V7N MH . -1.62 -36.54 29.48
C15 V7N MH . -2.11 -37.77 29.05
C16 V7N MH . -1.40 -38.56 28.13
C17 V7N MH . -1.88 -39.79 27.67
C18 V7N MH . -1.17 -40.61 26.77
C19 V7N MH . -1.75 -41.84 26.38
C2 V7N MH . 2.61 -23.62 32.80
C20 V7N MH . -1.48 -42.51 25.20
C21 V7N MH . -2.09 -43.76 24.87
C22 V7N MH . -1.33 -44.88 24.65
C23 V7N MH . -1.97 -46.18 24.30
C24 V7N MH . -3.05 -46.04 23.24
C25 V7N MH . -3.15 -47.28 22.46
C26 V7N MH . -4.10 -47.49 21.54
C27 V7N MH . -4.17 -48.77 20.77
C28 V7N MH . -5.37 -49.61 21.14
C29 V7N MH . -6.46 -49.52 20.13
C3 V7N MH . 1.29 -24.17 32.43
C30 V7N MH . 3.05 -23.68 30.34
C31 V7N MH . 2.87 -21.48 31.49
C33 V7N MH . -1.50 -25.41 32.14
C34 V7N MH . -3.49 -30.51 31.60
C35 V7N MH . -3.85 -35.74 30.29
C36 V7N MH . 0.15 -40.19 26.28
C37 V7N MH . 0.15 -44.88 24.74
C38 V7N MH . -5.14 -46.48 21.24
C39 V7N MH . -7.58 -50.26 20.20
C4 V7N MH . 1.00 -25.49 32.59
C40 V7N MH . -8.64 -50.12 19.19
C41 V7N MH . 5.20 -22.08 32.89
C43 V7N MH . -7.83 -51.23 21.28
C5 V7N MH . -0.23 -26.15 32.26
C6 V7N MH . -0.18 -27.53 32.06
C7 V7N MH . -1.25 -28.36 31.73
C8 V7N MH . -1.09 -29.75 31.82
C9 V7N MH . -2.03 -30.75 31.53
O32 V7N MH . 4.71 -23.03 31.97
O42 V7N MH . -4.07 -29.60 31.01
O44 V7N MH . -8.44 -49.19 18.25
O45 V7N MH . -9.70 -50.78 19.10
MG BCL NH . 7.55 -30.15 34.40
CHA BCL NH . 6.52 -31.42 31.36
CHB BCL NH . 4.38 -30.58 35.55
CHC BCL NH . 8.28 -28.18 37.07
CHD BCL NH . 10.44 -28.96 32.85
NA BCL NH . 5.70 -30.87 33.53
C1A BCL NH . 5.52 -31.47 32.29
C2A BCL NH . 4.29 -32.31 32.26
C3A BCL NH . 3.50 -31.75 33.47
C4A BCL NH . 4.54 -31.05 34.26
CMA BCL NH . 2.39 -30.80 33.02
CAA BCL NH . 4.60 -33.82 32.39
CBA BCL NH . 3.53 -34.82 31.91
CGA BCL NH . 2.12 -34.36 32.02
O1A BCL NH . 1.45 -34.02 31.13
O2A BCL NH . 1.66 -34.35 33.25
NB BCL NH . 6.49 -29.45 36.04
C1B BCL NH . 5.18 -29.80 36.37
C2B BCL NH . 4.84 -29.26 37.61
C3B BCL NH . 5.94 -28.54 38.10
C4B BCL NH . 6.97 -28.70 37.07
CMB BCL NH . 3.46 -29.46 38.23
CAB BCL NH . 6.15 -27.77 39.32
OBB BCL NH . 7.27 -27.60 39.81
CBB BCL NH . 5.02 -27.13 40.08
NC BCL NH . 9.13 -28.78 34.88
C1C BCL NH . 9.24 -28.09 36.06
C2C BCL NH . 10.54 -27.41 36.22
C3C BCL NH . 11.26 -27.73 34.90
C4C BCL NH . 10.22 -28.45 34.10
CMC BCL NH . 10.42 -25.93 36.50
CAC BCL NH . 12.58 -28.53 35.07
CBC BCL NH . 13.75 -27.66 35.42
ND BCL NH . 8.34 -30.14 32.53
C1D BCL NH . 9.54 -29.66 32.01
C2D BCL NH . 9.66 -29.97 30.64
C3D BCL NH . 8.52 -30.67 30.32
C4D BCL NH . 7.74 -30.76 31.46
CMD BCL NH . 10.81 -29.57 29.76
CAD BCL NH . 7.84 -31.41 29.32
OBD BCL NH . 8.13 -31.61 28.13
CBD BCL NH . 6.53 -31.98 29.93
CGD BCL NH . 5.39 -31.65 29.08
O1D BCL NH . 5.00 -30.55 28.80
O2D BCL NH . 4.76 -32.70 28.59
CED BCL NH . 3.64 -32.41 27.74
C1 BCL NH . 0.31 -33.86 33.44
C2 BCL NH . -0.45 -34.92 34.21
C3 BCL NH . -0.25 -35.35 35.42
C4 BCL NH . -1.11 -36.43 36.06
C5 BCL NH . 0.90 -34.79 36.31
C6 BCL NH . 0.97 -35.21 37.79
C7 BCL NH . -0.08 -34.53 38.67
C8 BCL NH . -0.62 -35.28 39.89
C9 BCL NH . -0.63 -36.79 39.65
C10 BCL NH . -2.07 -34.82 40.20
C11 BCL NH . -3.04 -35.35 39.14
C12 BCL NH . -3.84 -34.29 38.36
C13 BCL NH . -3.10 -33.33 37.39
C14 BCL NH . -2.64 -32.07 38.10
C15 BCL NH . -3.95 -32.80 36.21
C16 BCL NH . -4.99 -33.65 35.51
C17 BCL NH . -4.43 -34.90 34.77
C18 BCL NH . -5.47 -35.97 34.46
C19 BCL NH . -4.70 -37.18 33.89
C20 BCL NH . -6.58 -35.57 33.46
C1B LMT OH . 13.81 -25.35 52.21
C2B LMT OH . 14.88 -24.26 52.43
C3B LMT OH . 16.28 -24.87 52.67
C4B LMT OH . 16.62 -25.95 51.61
C5B LMT OH . 15.43 -26.89 51.44
C6B LMT OH . 15.90 -28.34 51.59
O1B LMT OH . 13.22 -25.16 50.98
O2B LMT OH . 14.88 -23.46 51.31
O3B LMT OH . 16.42 -25.34 53.95
O4' LMT OH . 16.92 -25.37 50.39
O5B LMT OH . 14.37 -26.63 52.33
O6B LMT OH . 14.90 -29.10 52.14
C1' LMT OH . 9.75 -25.79 48.91
C2' LMT OH . 9.53 -25.63 50.41
C3' LMT OH . 10.82 -25.06 51.07
C4' LMT OH . 12.06 -25.89 50.67
C5' LMT OH . 12.01 -26.02 49.13
C6' LMT OH . 13.20 -26.69 48.52
O1' LMT OH . 8.67 -26.39 48.33
O2' LMT OH . 8.51 -24.75 50.62
O3' LMT OH . 10.68 -25.05 52.43
O5' LMT OH . 10.84 -26.68 48.72
O6' LMT OH . 13.16 -27.97 48.95
C1 LMT OH . 8.23 -25.78 47.14
C2 LMT OH . 6.83 -26.27 46.96
C3 LMT OH . 6.28 -26.25 45.59
C4 LMT OH . 5.61 -24.91 45.40
C5 LMT OH . 4.76 -24.91 44.18
C6 LMT OH . 3.67 -25.92 44.27
C7 LMT OH . 2.80 -25.82 43.06
C8 LMT OH . 2.22 -27.15 42.81
C9 LMT OH . 1.44 -27.25 41.55
C10 LMT OH . 0.97 -28.66 41.45
C11 LMT OH . 0.11 -28.85 40.25
C12 LMT OH . -0.16 -30.30 40.01
C1 MQ8 PH . -15.19 -17.79 28.53
O1 MQ8 PH . -15.00 -17.63 29.75
C2 MQ8 PH . -14.06 -17.93 27.60
C2M MQ8 PH . -12.67 -17.93 28.16
C3 MQ8 PH . -14.24 -18.03 26.28
C4 MQ8 PH . -15.57 -17.76 25.71
O4 MQ8 PH . -15.69 -17.55 24.48
C5 MQ8 PH . -16.76 -17.75 26.60
C6 MQ8 PH . -18.06 -17.66 26.09
C7 MQ8 PH . -19.14 -17.62 26.95
C8 MQ8 PH . -18.95 -17.80 28.30
C9 MQ8 PH . -17.68 -17.90 28.82
C10 MQ8 PH . -16.57 -17.82 27.98
C11 MQ8 PH . -13.10 -18.40 25.38
C12 MQ8 PH . -12.71 -19.82 25.57
C13 MQ8 PH . -13.04 -20.85 24.81
C14 MQ8 PH . -12.68 -20.95 23.36
C15 MQ8 PH . -13.81 -22.01 25.37
C16 MQ8 PH . -14.28 -23.00 24.28
C17 MQ8 PH . -13.31 -24.12 24.10
C18 MQ8 PH . -12.77 -24.57 22.96
C19 MQ8 PH . -13.56 -25.30 21.91
C20 MQ8 PH . -11.31 -24.37 22.67
C21 MQ8 PH . -11.08 -23.36 21.53
C22 MQ8 PH . -9.62 -23.14 21.26
C23 MQ8 PH . -9.00 -23.15 20.09
C24 MQ8 PH . -9.69 -22.95 18.77
C25 MQ8 PH . -7.50 -23.38 20.01
C26 MQ8 PH . -6.76 -22.19 19.38
C27 MQ8 PH . -5.66 -22.66 18.46
C28 MQ8 PH . -5.28 -23.90 18.22
C29 MQ8 PH . -6.10 -24.89 17.44
C30 MQ8 PH . -3.96 -24.42 18.73
C31 MQ8 PH . -2.99 -23.32 19.19
C32 MQ8 PH . -1.58 -23.62 18.78
C33 MQ8 PH . -0.49 -22.91 19.05
C34 MQ8 PH . -0.19 -22.30 20.40
C35 MQ8 PH . 0.56 -22.67 17.99
C36 MQ8 PH . 1.96 -22.45 18.58
C37 MQ8 PH . 3.03 -22.61 17.55
C38 MQ8 PH . 4.01 -23.51 17.51
C39 MQ8 PH . 5.01 -23.70 18.61
C40 MQ8 PH . 4.16 -24.43 16.32
C41 MQ8 PH . 4.46 -23.69 15.00
C42 MQ8 PH . 4.07 -24.51 13.81
C43 MQ8 PH . 4.78 -25.45 13.20
C44 MQ8 PH . 4.12 -26.44 12.26
C45 MQ8 PH . 6.26 -25.63 13.38
C46 MQ8 PH . 5.07 -27.53 11.74
C47 MQ8 PH . 4.46 -28.89 11.88
C48 MQ8 PH . 4.82 -30.01 11.26
C49 MQ8 PH . 4.32 -31.36 11.67
C50 MQ8 PH . 5.74 -30.03 10.08
C1 V7N QH . -16.17 -1.00 37.26
C10 V7N QH . -23.91 -7.54 38.34
C11 V7N QH . -24.95 -8.46 38.14
C12 V7N QH . -24.93 -9.72 38.74
C13 V7N QH . -25.91 -10.72 38.61
C14 V7N QH . -25.53 -12.05 38.89
C15 V7N QH . -26.37 -13.15 38.79
C16 V7N QH . -25.91 -14.46 38.98
C17 V7N QH . -26.75 -15.58 38.88
C18 V7N QH . -26.34 -16.92 38.97
C19 V7N QH . -27.33 -17.91 38.83
C2 V7N QH . -17.54 -0.99 37.96
C20 V7N QH . -27.15 -19.28 38.69
C21 V7N QH . -28.27 -20.14 38.58
C22 V7N QH . -28.23 -21.51 38.69
C23 V7N QH . -29.46 -22.32 38.56
C24 V7N QH . -29.41 -23.24 37.36
C25 V7N QH . -29.98 -24.57 37.66
C26 V7N QH . -30.51 -25.35 36.71
C27 V7N QH . -31.06 -26.71 37.04
C28 V7N QH . -32.57 -26.76 36.91
C29 V7N QH . -33.04 -27.26 35.59
C3 V7N QH . -18.52 -1.94 37.39
C30 V7N QH . -15.84 -2.40 36.76
C31 V7N QH . -16.13 -0.02 36.09
C33 V7N QH . -21.62 -2.05 35.68
C34 V7N QH . -25.23 -5.73 37.32
C35 V7N QH . -27.29 -10.42 38.19
C36 V7N QH . -24.91 -17.23 39.19
C37 V7N QH . -26.98 -22.24 38.96
C38 V7N QH . -30.56 -24.93 35.30
C39 V7N QH . -34.29 -27.70 35.38
C4 V7N QH . -19.84 -1.64 37.42
C40 V7N QH . -34.72 -28.20 34.05
C41 V7N QH . -13.91 -0.69 38.03
C43 V7N QH . -35.34 -27.74 36.43
C5 V7N QH . -20.92 -2.43 36.92
C6 V7N QH . -21.33 -3.55 37.64
C7 V7N QH . -22.40 -4.38 37.27
C8 V7N QH . -22.91 -5.31 38.17
C9 V7N QH . -23.98 -6.20 37.94
O32 V7N QH . -15.29 -0.60 38.32
O42 V7N QH . -25.30 -5.01 36.33
O44 V7N QH . -33.80 -28.89 33.35
O45 V7N QH . -35.82 -28.05 33.52
MG BCL RH . 1.30 -24.80 38.03
CHA BCL RH . -1.87 -25.96 38.77
CHB BCL RH . 1.53 -27.20 35.63
CHC BCL RH . 4.65 -24.29 37.88
CHD BCL RH . 1.25 -23.01 41.04
NA BCL RH . -0.01 -26.38 37.33
C1A BCL RH . -1.32 -26.65 37.72
C2A BCL RH . -1.99 -27.59 36.78
C3A BCL RH . -0.82 -28.13 35.93
C4A BCL RH . 0.31 -27.21 36.27
CMA BCL RH . -0.49 -29.57 36.25
CAA BCL RH . -3.06 -26.91 35.91
CBA BCL RH . -3.85 -27.95 35.16
CGA BCL RH . -4.87 -27.42 34.22
O1A BCL RH . -4.87 -26.39 33.71
O2A BCL RH . -5.78 -28.29 34.01
NB BCL RH . 2.87 -25.66 36.98
C1B BCL RH . 2.72 -26.54 35.92
C2B BCL RH . 3.91 -26.62 35.17
C3B BCL RH . 4.86 -25.79 35.80
C4B BCL RH . 4.16 -25.22 36.95
CMB BCL RH . 4.04 -27.49 33.94
CAB BCL RH . 6.25 -25.49 35.48
OBB BCL RH . 7.06 -25.10 36.32
CBB BCL RH . 6.80 -25.60 34.08
NC BCL RH . 2.73 -23.80 39.28
C1C BCL RH . 4.06 -23.69 39.00
C2C BCL RH . 4.75 -22.72 39.88
C3C BCL RH . 3.62 -22.18 40.76
C4C BCL RH . 2.48 -23.11 40.44
CMC BCL RH . 5.87 -23.34 40.69
CAC BCL RH . 3.26 -20.69 40.50
CBC BCL RH . 4.24 -19.71 41.10
ND BCL RH . 0.02 -24.54 39.60
C1D BCL RH . 0.08 -23.75 40.73
C2D BCL RH . -1.13 -23.79 41.46
C3D BCL RH . -1.95 -24.66 40.74
C4D BCL RH . -1.23 -25.08 39.64
CMD BCL RH . -1.43 -23.05 42.73
CAD BCL RH . -3.28 -25.12 40.56
OBD BCL RH . -4.29 -24.97 41.26
CBD BCL RH . -3.33 -25.92 39.24
CGD BCL RH . -3.95 -27.22 39.46
O1D BCL RH . -5.06 -27.57 39.12
O2D BCL RH . -3.17 -28.03 40.11
CED BCL RH . -3.76 -29.31 40.27
C1 BCL RH . -6.90 -27.98 33.13
C2 BCL RH . -7.34 -29.32 32.50
C3 BCL RH . -7.43 -30.56 32.97
C4 BCL RH . -7.91 -31.75 32.15
C5 BCL RH . -7.04 -30.96 34.41
C6 BCL RH . -6.14 -32.19 34.55
C7 BCL RH . -5.72 -32.44 36.00
C8 BCL RH . -6.86 -32.57 37.03
C9 BCL RH . -6.48 -32.03 38.43
C10 BCL RH . -7.38 -34.01 37.14
C11 BCL RH . -8.42 -34.00 38.23
C12 BCL RH . -9.65 -34.82 37.88
C13 BCL RH . -9.36 -36.32 37.82
C14 BCL RH . -10.59 -37.14 37.43
C15 BCL RH . -8.82 -36.86 39.16
C16 BCL RH . -9.46 -36.74 40.49
C17 BCL RH . -8.87 -37.40 41.74
C18 BCL RH . -7.62 -36.42 42.28
C19 BCL RH . -7.38 -34.83 41.97
C20 BCL RH . -6.29 -37.06 41.91
C1 V7N SH . -7.08 -13.25 37.09
C10 V7N SH . -13.26 -21.16 37.85
C11 V7N SH . -14.16 -22.21 37.61
C12 V7N SH . -13.78 -23.54 37.78
C13 V7N SH . -14.56 -24.69 37.58
C14 V7N SH . -13.89 -25.93 37.50
C15 V7N SH . -14.50 -27.17 37.29
C16 V7N SH . -13.81 -28.22 36.67
C17 V7N SH . -14.38 -29.47 36.45
C18 V7N SH . -13.73 -30.58 35.90
C19 V7N SH . -14.47 -31.78 35.76
C2 V7N SH . -8.25 -13.54 38.05
C20 V7N SH . -14.09 -32.95 35.13
C21 V7N SH . -14.96 -34.06 35.10
C22 V7N SH . -14.62 -35.31 34.66
C23 V7N SH . -15.63 -36.39 34.70
C24 V7N SH . -15.18 -37.65 33.99
C25 V7N SH . -16.32 -38.55 33.71
C26 V7N SH . -17.16 -38.43 32.68
C27 V7N SH . -18.29 -39.36 32.46
C28 V7N SH . -18.17 -40.16 31.18
C29 V7N SH . -19.52 -40.48 30.66
C3 V7N SH . -9.16 -14.61 37.63
C30 V7N SH . -6.88 -14.40 36.13
C31 V7N SH . -7.31 -11.95 36.32
C33 V7N SH . -12.72 -14.89 36.54
C34 V7N SH . -14.93 -19.41 37.39
C35 V7N SH . -16.04 -24.66 37.46
C36 V7N SH . -12.30 -30.51 35.49
C37 V7N SH . -13.28 -35.63 34.12
C38 V7N SH . -17.02 -37.35 31.68
C39 V7N SH . -20.26 -41.53 31.08
C4 V7N SH . -10.51 -14.42 37.66
C40 V7N SH . -21.60 -41.77 30.52
C41 V7N SH . -4.74 -12.84 37.40
C43 V7N SH . -19.81 -42.51 32.09
C5 V7N SH . -11.54 -15.34 37.30
C6 V7N SH . -11.44 -16.68 37.67
C7 V7N SH . -12.44 -17.62 37.35
C8 V7N SH . -12.58 -18.82 38.03
C9 V7N SH . -13.57 -19.79 37.76
O32 V7N SH . -5.98 -13.14 38.00
O42 V7N SH . -15.22 -18.58 36.52
O44 V7N SH . -22.05 -40.86 29.66
O45 V7N SH . -22.36 -42.72 30.77
MG BCL TH . -5.05 -19.84 42.43
CHA BCL TH . -5.70 -21.81 39.67
CHB BCL TH . -8.42 -19.51 42.86
CHC BCL TH . -4.49 -17.33 44.63
CHD BCL TH . -1.78 -19.47 41.30
NA BCL TH . -6.81 -20.56 41.36
C1A BCL TH . -6.87 -21.45 40.31
C2A BCL TH . -8.19 -22.11 40.25
C3A BCL TH . -9.08 -21.14 41.01
C4A BCL TH . -8.09 -20.35 41.82
CMA BCL TH . -9.87 -20.23 40.08
CAA BCL TH . -8.15 -23.50 40.88
CBA BCL TH . -9.13 -24.53 40.33
CGA BCL TH . -10.55 -24.10 40.23
O1A BCL TH . -11.13 -23.98 39.24
O2A BCL TH . -11.10 -23.85 41.40
NB BCL TH . -6.26 -18.59 43.56
C1B BCL TH . -7.64 -18.63 43.63
C2B BCL TH . -8.11 -17.71 44.56
C3B BCL TH . -7.00 -17.05 45.10
C4B BCL TH . -5.85 -17.64 44.45
CMB BCL TH . -9.60 -17.54 44.85
CAB BCL TH . -6.89 -15.98 46.11
OBB BCL TH . -5.88 -15.85 46.79
CBB BCL TH . -7.99 -14.98 46.38
NC BCL TH . -3.37 -18.60 42.90
C1C BCL TH . -3.38 -17.61 43.84
C2C BCL TH . -2.03 -17.04 44.09
C3C BCL TH . -1.15 -17.80 43.10
C4C BCL TH . -2.14 -18.60 42.30
CMC BCL TH . -1.97 -15.54 43.91
CAC BCL TH . -0.03 -18.67 43.73
CBC BCL TH . 1.19 -17.87 44.11
ND BCL TH . -3.95 -20.44 40.83
C1D BCL TH . -2.60 -20.29 40.51
C2D BCL TH . -2.27 -21.03 39.36
C3D BCL TH . -3.44 -21.66 38.98
C4D BCL TH . -4.43 -21.29 39.87
CMD BCL TH . -0.92 -21.08 38.72
CAD BCL TH . -4.04 -22.56 38.07
OBD BCL TH . -3.57 -23.13 37.08
CBD BCL TH . -5.51 -22.78 38.50
CGD BCL TH . -6.39 -22.57 37.33
O1D BCL TH . -6.57 -21.52 36.77
O2D BCL TH . -7.00 -23.66 36.92
CED BCL TH . -7.86 -23.49 35.77
C1 BCL TH . -12.49 -23.40 41.41
C2 BCL TH . -12.50 -22.12 42.24
C3 BCL TH . -12.61 -22.08 43.55
C4 BCL TH . -12.62 -20.80 44.38
C5 BCL TH . -12.72 -23.36 44.36
C6 BCL TH . -14.13 -23.93 44.61
C7 BCL TH . -14.97 -23.11 45.59
C8 BCL TH . -16.32 -23.75 45.96
C9 BCL TH . -16.20 -25.29 46.02
C10 BCL TH . -17.41 -23.37 44.95
C11 BCL TH . -18.00 -21.99 45.18
C12 BCL TH . -19.36 -21.81 44.48
C13 BCL TH . -19.99 -20.42 44.59
C14 BCL TH . -21.32 -20.30 43.85
C15 BCL TH . -18.99 -19.41 43.99
C16 BCL TH . -18.68 -19.69 42.56
C17 BCL TH . -17.68 -18.84 41.80
C18 BCL TH . -17.47 -19.40 40.41
C19 BCL TH . -18.86 -19.40 39.76
C20 BCL TH . -16.91 -20.84 40.41
O1 PEX UH . -6.25 -15.00 58.62
O2 PEX UH . -5.55 -17.27 59.61
P1 PEX UH . -5.17 -15.96 59.00
O3 PEX UH . -4.17 -16.17 57.72
C1 PEX UH . -4.72 -15.99 56.44
C2 PEX UH . -4.55 -17.18 55.51
C3 PEX UH . -4.54 -18.53 56.20
O4 PEX UH . -3.42 -19.30 55.76
C4 PEX UH . -3.43 -20.60 56.01
O5 PEX UH . -3.69 -21.07 57.10
C5 PEX UH . -3.09 -21.40 54.80
C6 PEX UH . -3.79 -20.91 53.54
C7 PEX UH . -3.56 -21.83 52.35
C8 PEX UH . -3.98 -21.20 51.03
C9 PEX UH . -4.70 -22.19 50.14
C10 PEX UH . -5.83 -22.90 50.87
C11 PEX UH . -6.44 -24.07 50.09
C12 PEX UH . -7.75 -24.57 50.67
C13 PEX UH . -7.58 -25.23 52.04
O6 PEX UH . -5.59 -17.19 54.53
C14 PEX UH . -5.26 -17.34 53.25
O7 PEX UH . -4.20 -17.77 52.88
C15 PEX UH . -6.39 -16.92 52.34
C16 PEX UH . -6.20 -17.38 50.90
C17 PEX UH . -7.55 -17.58 50.22
C18 PEX UH . -7.44 -18.03 48.77
C19 PEX UH . -7.23 -19.51 48.56
C20 PEX UH . -7.55 -19.95 47.14
C21 PEX UH . -7.70 -21.45 46.95
C22 PEX UH . -8.31 -21.83 45.61
C23 PEX UH . -8.51 -23.33 45.43
O8 PEX UH . -4.03 -15.21 59.92
C24 PEX UH . -3.47 -15.95 60.99
C25 PEX UH . -2.35 -15.16 61.62
N1 PEX UH . -1.98 -15.67 62.93
C1B LMT VH . -1.14 -11.44 59.25
C2B LMT VH . 0.01 -10.44 59.51
C3B LMT VH . 1.29 -10.90 58.78
C4B LMT VH . 1.61 -12.36 59.14
C5B LMT VH . 0.37 -13.19 58.77
C6B LMT VH . 0.63 -14.67 59.02
O1B LMT VH . -1.57 -11.28 57.94
O2B LMT VH . -0.40 -9.23 59.06
O3B LMT VH . 2.35 -10.06 59.05
O4' LMT VH . 2.70 -12.81 58.43
O5B LMT VH . -0.76 -12.76 59.48
O6B LMT VH . 0.78 -14.91 60.37
C1' LMT VH . -4.95 -11.58 55.63
C2' LMT VH . -5.21 -11.02 57.04
C3' LMT VH . -3.85 -10.60 57.67
C4' LMT VH . -2.85 -11.77 57.62
C5' LMT VH . -2.82 -12.20 56.15
C6' LMT VH . -1.78 -13.24 55.83
O1' LMT VH . -6.10 -12.06 55.09
O2' LMT VH . -6.00 -9.92 56.94
O3' LMT VH . -4.03 -10.18 58.96
O5' LMT VH . -4.07 -12.68 55.76
O6' LMT VH . -2.05 -14.30 56.64
C1 LMT VH . -5.94 -12.59 53.80
C2 LMT VH . -7.30 -12.51 53.18
C3 LMT VH . -7.34 -12.06 51.76
C4 LMT VH . -8.65 -12.55 51.19
C5 LMT VH . -8.80 -12.09 49.79
C6 LMT VH . -10.24 -12.05 49.39
C7 LMT VH . -10.42 -12.66 48.04
C8 LMT VH . -11.34 -13.81 48.18
C9 LMT VH . -11.93 -14.25 46.88
C10 LMT VH . -12.60 -15.58 47.14
C11 LMT VH . -13.11 -16.15 45.87
C12 LMT VH . -13.56 -17.55 46.05
MG BCL WH . -10.72 -12.94 42.95
CHA BCL WH . -14.15 -13.35 43.23
CHB BCL WH . -10.58 -15.93 41.35
CHC BCL WH . -7.38 -13.03 43.47
CHD BCL WH . -10.93 -10.39 45.33
NA BCL WH . -12.20 -14.43 42.38
C1A BCL WH . -13.57 -14.39 42.56
C2A BCL WH . -14.24 -15.47 41.78
C3A BCL WH . -13.09 -16.40 41.39
C4A BCL WH . -11.87 -15.58 41.69
CMA BCL WH . -13.10 -17.68 42.19
CAA BCL WH . -15.02 -14.92 40.56
CBA BCL WH . -15.95 -15.97 40.00
CGA BCL WH . -16.86 -15.46 38.94
O1A BCL WH . -17.04 -14.34 38.68
O2A BCL WH . -17.47 -16.44 38.32
NB BCL WH . -9.22 -14.29 42.54
C1B BCL WH . -9.34 -15.41 41.72
C2B BCL WH . -8.09 -15.87 41.31
C3B BCL WH . -7.12 -15.05 41.92
C4B BCL WH . -7.88 -14.08 42.69
CMB BCL WH . -7.93 -17.06 40.39
CAB BCL WH . -5.65 -15.06 41.86
OBB BCL WH . -4.96 -14.41 42.66
CBB BCL WH . -4.86 -15.83 40.84
NC BCL WH . -9.36 -11.86 44.21
C1C BCL WH . -8.02 -12.05 44.25
C2C BCL WH . -7.30 -10.96 44.94
C3C BCL WH . -8.43 -10.02 45.35
C4C BCL WH . -9.65 -10.84 45.09
CMC BCL WH . -6.47 -11.44 46.11
CAC BCL WH . -8.43 -8.65 44.61
CBC BCL WH . -7.36 -7.71 45.08
ND BCL WH . -12.18 -12.05 44.08
C1D BCL WH . -12.16 -10.99 44.98
C2D BCL WH . -13.46 -10.66 45.41
C3D BCL WH . -14.31 -11.56 44.77
C4D BCL WH . -13.50 -12.37 43.98
CMD BCL WH . -13.81 -9.56 46.38
CAD BCL WH . -15.64 -11.83 44.40
OBD BCL WH . -16.70 -11.27 44.72
CBD BCL WH . -15.64 -13.03 43.43
CGD BCL WH . -16.48 -14.11 43.95
O1D BCL WH . -17.55 -14.47 43.53
O2D BCL WH . -15.95 -14.69 45.00
CED BCL WH . -16.74 -15.76 45.58
C1 BCL WH . -18.41 -16.10 37.25
C2 BCL WH . -17.69 -16.51 35.98
C3 BCL WH . -17.89 -17.58 35.26
C4 BCL WH . -17.11 -17.90 33.98
C5 BCL WH . -18.98 -18.61 35.64
C6 BCL WH . -18.57 -20.01 36.18
C7 BCL WH . -17.83 -20.91 35.17
C8 BCL WH . -17.99 -22.42 35.24
C9 BCL WH . -17.02 -23.09 34.27
C10 BCL WH . -19.44 -22.79 34.87
C11 BCL WH . -19.86 -24.23 35.05
C12 BCL WH . -21.23 -24.45 34.42
C13 BCL WH . -21.88 -25.80 34.73
C14 BCL WH . -21.03 -26.98 34.28
C15 BCL WH . -23.22 -25.78 33.97
C16 BCL WH . -23.22 -25.71 32.45
C17 BCL WH . -24.06 -24.63 31.76
C18 BCL WH . -23.47 -23.23 31.73
C19 BCL WH . -24.60 -22.33 31.21
C20 BCL WH . -22.23 -23.08 30.84
MG BCL XH . -16.54 -5.95 44.31
CHA BCL XH . -17.09 -8.59 42.13
CHB BCL XH . -19.77 -4.99 43.82
CHC BCL XH . -15.83 -2.95 45.69
CHD BCL XH . -13.12 -6.57 44.06
NA BCL XH . -18.18 -6.70 43.09
C1A BCL XH . -18.23 -7.88 42.37
C2A BCL XH . -19.64 -8.29 42.12
C3A BCL XH . -20.41 -6.98 42.34
C4A BCL XH . -19.46 -6.18 43.17
CMA BCL XH . -20.73 -6.29 41.02
CAA BCL XH . -20.05 -9.41 43.10
CBA BCL XH . -21.25 -10.29 42.72
CGA BCL XH . -22.34 -9.62 41.98
O1A BCL XH . -22.54 -9.73 40.84
O2A BCL XH . -23.05 -8.83 42.74
NB BCL XH . -17.61 -4.21 44.65
C1B BCL XH . -18.97 -4.04 44.46
C2B BCL XH . -19.39 -2.81 44.98
C3B BCL XH . -18.27 -2.19 45.56
C4B BCL XH . -17.17 -3.10 45.32
CMB BCL XH . -20.83 -2.32 44.89
CAB BCL XH . -18.10 -0.93 46.27
OBB BCL XH . -17.27 -0.81 47.17
CBB BCL XH . -18.92 0.29 45.97
NC BCL XH . -14.73 -4.93 44.83
C1C BCL XH . -14.67 -3.67 45.35
C2C BCL XH . -13.31 -3.29 45.80
C3C BCL XH . -12.46 -4.48 45.33
C4C BCL XH . -13.44 -5.34 44.60
CMC BCL XH . -12.85 -1.97 45.24
CAC BCL XH . -11.72 -5.24 46.45
CBC BCL XH . -10.43 -4.57 46.86
ND BCL XH . -15.33 -7.26 43.32
C1D BCL XH . -13.95 -7.43 43.31
C2D BCL XH . -13.58 -8.50 42.47
C3D BCL XH . -14.77 -9.01 41.98
C4D BCL XH . -15.80 -8.24 42.51
CMD BCL XH . -12.17 -8.94 42.19
CAD BCL XH . -15.39 -10.09 41.29
OBD BCL XH . -14.89 -11.06 40.71
CBD BCL XH . -16.92 -9.89 41.35
CGD BCL XH . -17.50 -9.95 40.01
O1D BCL XH . -17.33 -9.14 39.14
O2D BCL XH . -18.26 -11.00 39.80
CED BCL XH . -18.86 -11.10 38.48
C1 BCL XH . -24.11 -8.10 42.05
C2 BCL XH . -25.32 -8.16 42.95
C3 BCL XH . -25.62 -7.34 43.92
C4 BCL XH . -26.87 -7.45 44.80
C5 BCL XH . -24.74 -6.16 44.30
C6 BCL XH . -24.85 -5.76 45.76
C7 BCL XH . -24.24 -4.40 46.07
C8 BCL XH . -24.22 -4.13 47.57
C9 BCL XH . -25.61 -4.35 48.19
C10 BCL XH . -23.79 -2.69 47.86
C11 BCL XH . -23.37 -2.58 49.30
C12 BCL XH . -23.40 -1.14 49.82
C13 BCL XH . -22.65 -0.96 51.17
C14 BCL XH . -21.16 -0.71 50.98
C15 BCL XH . -22.86 -2.21 52.05
C16 BCL XH . -21.97 -2.48 53.27
C17 BCL XH . -21.93 -1.50 54.44
C18 BCL XH . -21.61 -2.21 55.74
C19 BCL XH . -21.81 -1.17 56.85
C20 BCL XH . -20.20 -2.80 55.83
O1 PEX YH . -18.01 1.03 58.82
O2 PEX YH . -19.15 -1.23 58.37
P1 PEX YH . -17.96 -0.33 58.20
O3 PEX YH . -17.51 -0.23 56.63
C1 PEX YH . -18.14 0.74 55.81
C2 PEX YH . -18.35 0.28 54.37
C3 PEX YH . -18.72 1.38 53.41
O4 PEX YH . -18.89 0.84 52.10
C4 PEX YH . -20.11 0.91 51.56
O5 PEX YH . -21.00 1.50 52.10
C5 PEX YH . -20.20 0.17 50.25
C6 PEX YH . -19.87 -1.31 50.33
C7 PEX YH . -19.83 -2.03 48.98
C8 PEX YH . -19.49 -3.50 49.11
C9 PEX YH . -19.85 -4.33 47.89
C10 PEX YH . -20.11 -5.80 48.18
C11 PEX YH . -20.64 -6.58 47.00
C12 PEX YH . -21.21 -7.93 47.41
C13 PEX YH . -21.73 -8.74 46.23
O6 PEX YH . -17.18 -0.39 53.87
C14 PEX YH . -17.26 -1.39 53.00
O7 PEX YH . -17.23 -1.24 51.81
C15 PEX YH . -17.36 -2.73 53.66
C16 PEX YH . -17.02 -3.88 52.73
C17 PEX YH . -18.26 -4.67 52.34
C18 PEX YH . -18.01 -6.17 52.30
C19 PEX YH . -19.19 -6.99 52.80
C20 PEX YH . -20.44 -6.81 51.96
C21 PEX YH . -21.72 -6.97 52.76
C22 PEX YH . -22.97 -7.04 51.90
C23 PEX YH . -23.13 -5.83 50.99
O8 PEX YH . -16.59 -1.09 58.66
C24 PEX YH . -15.55 -0.27 59.16
C25 PEX YH . -14.36 -1.11 59.56
N1 PEX YH . -13.12 -0.42 59.28
C1 CD4 ZH . -23.51 -8.05 28.56
C2 CD4 ZH . -22.97 -8.20 27.15
C3 CD4 ZH . -21.51 -8.59 27.10
C4 CD4 ZH . -21.22 -9.98 27.63
C5 CD4 ZH . -21.99 -11.08 26.92
C6 CD4 ZH . -21.50 -12.48 27.21
C7 CD4 ZH . -22.37 -13.56 26.61
C8 CD4 ZH . -22.41 -13.57 25.09
C9 CD4 ZH . -23.39 -14.56 24.51
C10 CD4 ZH . -24.83 -14.07 24.47
C11 CD4 ZH . -25.13 -13.10 23.33
C12 CD4 ZH . -26.53 -12.49 23.35
C13 CD4 ZH . -27.62 -13.41 22.83
C14 CD4 ZH . -28.11 -14.44 23.80
O1 CD4 ZH . -27.53 -15.47 24.06
O2 CD4 ZH . -29.30 -14.11 24.35
C15 CD4 ZH . -30.03 -12.97 23.80
C16 CD4 ZH . -30.44 -12.08 24.93
O3 CD4 ZH . -30.75 -12.89 26.08
C17 CD4 ZH . -31.49 -12.35 27.06
O4 CD4 ZH . -31.80 -12.94 28.06
C18 CD4 ZH . -31.89 -10.94 26.76
C19 CD4 ZH . -32.22 -10.12 28.01
C20 CD4 ZH . -31.03 -9.98 28.95
C21 CD4 ZH . -29.80 -9.39 28.28
C22 CD4 ZH . -28.55 -9.39 29.15
C23 CD4 ZH . -28.18 -10.77 29.69
C24 CD4 ZH . -26.79 -10.84 30.34
C25 CD4 ZH . -26.75 -10.47 31.82
C26 CD4 ZH . -26.93 -8.99 32.11
C27 CD4 ZH . -25.95 -8.09 31.38
C28 CD4 ZH . -31.21 -13.51 23.04
O5 CD4 ZH . -32.29 -13.74 23.95
P1 CD4 ZH . -33.71 -13.86 23.34
O6 CD4 ZH . -34.50 -12.70 23.86
O7 CD4 ZH . -34.19 -15.28 23.57
O8 CD4 ZH . -33.39 -13.64 21.83
C29 CD4 ZH . -34.47 -13.86 20.87
C30 CD4 ZH . -34.10 -13.27 19.53
O9 CD4 ZH . -32.87 -13.84 19.10
C31 CD4 ZH . -34.02 -11.76 19.51
O10 CD4 ZH . -34.42 -11.25 18.20
P2 CD4 ZH . -35.22 -9.92 18.21
O11 CD4 ZH . -35.62 -9.54 16.81
O12 CD4 ZH . -36.26 -9.97 19.31
O13 CD4 ZH . -34.09 -8.95 18.67
C32 CD4 ZH . -34.42 -7.62 18.71
C33 CD4 ZH . -33.21 -6.77 19.02
C34 CD4 ZH . -32.15 -6.87 17.94
O14 CD4 ZH . -32.00 -5.56 17.34
C35 CD4 ZH . -32.59 -5.37 16.16
O15 CD4 ZH . -33.22 -6.21 15.57
C36 CD4 ZH . -32.37 -3.97 15.66
C37 CD4 ZH . -31.53 -3.90 14.40
C38 CD4 ZH . -30.06 -4.19 14.65
C39 CD4 ZH . -29.44 -3.27 15.68
C40 CD4 ZH . -29.55 -1.79 15.34
C41 CD4 ZH . -29.04 -0.88 16.44
C42 CD4 ZH . -29.10 0.60 16.08
C43 CD4 ZH . -28.56 1.52 17.16
C44 CD4 ZH . -27.12 1.24 17.55
C45 CD4 ZH . -26.12 1.41 16.41
O16 CD4 ZH . -33.70 -5.39 18.99
C46 CD4 ZH . -33.74 -4.72 20.15
O17 CD4 ZH . -33.36 -5.18 21.20
C47 CD4 ZH . -34.30 -3.35 19.97
C48 CD4 ZH . -33.53 -2.23 20.64
C49 CD4 ZH . -32.10 -2.07 20.16
C50 CD4 ZH . -31.09 -2.90 20.93
C51 CD4 ZH . -29.68 -2.33 20.90
C52 CD4 ZH . -29.54 -0.99 21.58
C53 CD4 ZH . -28.11 -0.53 21.76
C54 CD4 ZH . -27.96 0.80 22.48
C55 CD4 ZH . -26.52 1.31 22.53
C56 CD4 ZH . -26.36 2.67 23.18
C57 CD4 ZH . -24.94 3.22 23.10
C58 CD4 ZH . -24.44 3.41 21.67
C59 CD4 ZH . -23.02 3.94 21.61
C60 CD4 ZH . -26.17 -6.60 31.64
C61 CD4 ZH . -26.23 -6.23 33.10
C62 CD4 ZH . -26.39 -4.75 33.34
C63 CD4 ZH . -24.67 1.26 16.85
C64 CD4 ZH . -23.64 1.47 15.74
C65 CD4 ZH . -22.22 1.25 16.20
MG BCL AI . -20.54 1.66 41.60
CHA BCL AI . -23.94 1.86 41.08
CHB BCL AI . -20.75 -1.70 41.06
CHC BCL AI . -17.42 1.28 42.82
CHD BCL AI . -20.67 4.80 43.11
NA BCL AI . -22.17 0.28 41.15
C1A BCL AI . -23.49 0.57 40.88
C2A BCL AI . -24.18 -0.56 40.19
C3A BCL AI . -23.20 -1.73 40.37
C4A BCL AI . -21.96 -1.07 40.90
CMA BCL AI . -23.72 -2.77 41.35
CAA BCL AI . -24.51 -0.30 38.71
CBA BCL AI . -25.52 -1.31 38.21
CGA BCL AI . -25.79 -1.38 36.75
O1A BCL AI . -25.01 -1.34 35.90
O2A BCL AI . -27.05 -1.54 36.50
NB BCL AI . -19.29 0.04 41.95
C1B BCL AI . -19.52 -1.26 41.51
C2B BCL AI . -18.34 -2.01 41.56
C3B BCL AI . -17.33 -1.19 42.09
C4B BCL AI . -17.99 0.10 42.31
CMB BCL AI . -18.28 -3.45 41.08
CAB BCL AI . -15.92 -1.43 42.39
OBB BCL AI . -15.27 -0.67 43.12
CBB BCL AI . -15.14 -2.60 41.84
NC BCL AI . -19.24 2.87 42.79
C1C BCL AI . -17.98 2.53 43.15
C2C BCL AI . -17.19 3.67 43.67
C3C BCL AI . -18.20 4.83 43.58
C4C BCL AI . -19.48 4.13 43.29
CMC BCL AI . -16.67 3.46 45.06
CAC BCL AI . -17.84 5.93 42.54
CBC BCL AI . -16.74 6.85 42.98
ND BCL AI . -21.97 3.03 42.06
C1D BCL AI . -21.90 4.31 42.62
C2D BCL AI . -23.15 4.96 42.57
C3D BCL AI . -24.01 4.05 41.98
C4D BCL AI . -23.27 2.91 41.69
CMD BCL AI . -23.45 6.34 43.07
CAD BCL AI . -25.28 3.85 41.39
OBD BCL AI . -26.28 4.57 41.38
CBD BCL AI . -25.27 2.50 40.66
CGD BCL AI . -26.47 1.74 40.99
O1D BCL AI . -27.45 1.59 40.29
O2D BCL AI . -26.41 1.18 42.17
CED BCL AI . -27.55 0.38 42.43
C1 BCL AI . -27.44 -1.66 35.10
C2 BCL AI . -28.67 -2.58 35.05
C3 BCL AI . -29.15 -3.58 35.79
C4 BCL AI . -30.43 -4.34 35.48
C5 BCL AI . -28.48 -4.10 37.08
C6 BCL AI . -29.21 -3.74 38.37
C7 BCL AI . -28.53 -4.24 39.64
C8 BCL AI . -29.21 -3.70 40.90
C9 BCL AI . -28.64 -4.38 42.16
C10 BCL AI . -30.73 -3.90 40.83
C11 BCL AI . -31.53 -3.95 42.12
C12 BCL AI . -33.06 -3.74 41.98
C13 BCL AI . -33.92 -4.89 41.42
C14 BCL AI . -33.48 -6.24 41.97
C15 BCL AI . -33.87 -4.89 39.87
C16 BCL AI . -34.59 -5.77 38.84
C17 BCL AI . -34.35 -7.28 38.63
C18 BCL AI . -35.18 -8.21 39.51
C19 BCL AI . -34.64 -9.62 39.22
C20 BCL AI . -36.69 -8.14 39.24
MG BCL BI . -39.47 18.13 56.15
CHA BCL BI . -42.61 18.63 54.86
CHB BCL BI . -40.14 14.79 56.27
CHC BCL BI . -36.67 17.66 57.98
CHD BCL BI . -39.41 21.49 57.11
NA BCL BI . -41.18 16.91 55.63
C1A BCL BI . -42.36 17.30 55.03
C2A BCL BI . -43.07 16.14 54.42
C3A BCL BI . -42.33 14.92 54.99
C4A BCL BI . -41.17 15.53 55.71
CMA BCL BI . -43.21 14.12 55.94
CAA BCL BI . -43.07 16.16 52.89
CBA BCL BI . -44.00 15.11 52.36
CGA BCL BI . -44.07 15.08 50.88
O1A BCL BI . -44.52 15.92 50.21
O2A BCL BI . -43.57 14.01 50.40
NB BCL BI . -38.58 16.49 57.05
C1B BCL BI . -38.93 15.17 56.84
C2B BCL BI . -37.91 14.31 57.25
C3B BCL BI . -36.87 15.10 57.75
C4B BCL BI . -37.34 16.47 57.63
CMB BCL BI . -38.04 12.80 57.12
CAB BCL BI . -35.54 14.73 58.26
OBB BCL BI . -34.58 15.51 58.22
CBB BCL BI . -35.26 13.40 58.91
NC BCL BI . -38.23 19.40 57.35
C1C BCL BI . -37.12 18.98 58.00
C2C BCL BI . -36.34 20.09 58.60
C3C BCL BI . -37.08 21.33 58.07
C4C BCL BI . -38.37 20.74 57.60
CMC BCL BI . -36.28 20.02 60.10
CAC BCL BI . -36.32 22.11 56.97
CBC BCL BI . -34.99 22.65 57.42
ND BCL BI . -40.70 19.75 56.01
C1D BCL BI . -40.60 21.05 56.49
C2D BCL BI . -41.79 21.78 56.22
C3D BCL BI . -42.64 20.89 55.57
C4D BCL BI . -41.95 19.68 55.48
CMD BCL BI . -42.02 23.22 56.57
CAD BCL BI . -43.74 20.77 54.70
OBD BCL BI . -44.54 21.64 54.28
CBD BCL BI . -43.87 19.30 54.26
CGD BCL BI . -45.10 18.72 54.76
O1D BCL BI . -46.11 18.47 54.13
O2D BCL BI . -45.02 18.49 56.05
CED BCL BI . -46.11 17.81 56.67
C1 BCL BI . -43.59 13.88 48.94
C2 BCL BI . -43.88 12.41 48.70
C3 BCL BI . -42.93 11.52 48.69
C4 BCL BI . -43.14 10.03 48.45
C5 BCL BI . -41.47 11.94 48.92
C6 BCL BI . -40.50 10.85 49.33
C7 BCL BI . -39.07 11.36 49.46
C8 BCL BI . -38.11 10.24 49.84
C9 BCL BI . -36.69 10.80 50.05
C10 BCL BI . -38.10 9.18 48.73
C11 BCL BI . -37.71 7.79 49.18
C12 BCL BI . -36.41 7.27 48.59
C13 BCL BI . -36.16 5.81 48.99
C14 BCL BI . -34.74 5.37 48.62
C15 BCL BI . -37.21 4.80 48.41
C16 BCL BI . -37.87 4.47 46.97
C17 BCL BI . -38.90 5.59 46.47
C18 BCL BI . -39.03 6.61 45.31
C19 BCL BI . -38.05 7.79 45.40
C20 BCL BI . -40.42 7.28 45.28
C1 V7N CI . -22.70 11.93 31.86
C10 V7N CI . -31.27 7.34 32.72
C11 V7N CI . -32.32 6.42 32.61
C12 V7N CI . -32.69 5.57 33.67
C13 V7N CI . -33.72 4.61 33.63
C14 V7N CI . -33.73 3.54 34.55
C15 V7N CI . -34.69 2.54 34.54
C16 V7N CI . -34.40 1.22 34.94
C17 V7N CI . -35.36 0.20 34.89
C18 V7N CI . -35.18 -1.14 35.33
C19 V7N CI . -36.25 -2.04 35.14
C2 V7N CI . -24.10 12.58 31.91
C20 V7N CI . -36.38 -3.34 35.59
C21 V7N CI . -37.53 -4.09 35.23
C22 V7N CI . -37.65 -5.46 35.32
C23 V7N CI . -38.91 -6.11 34.89
C24 V7N CI . -39.45 -7.11 35.89
C25 V7N CI . -39.65 -8.48 35.35
C26 V7N CI . -40.63 -8.86 34.51
C27 V7N CI . -40.73 -10.27 34.03
C28 V7N CI . -42.08 -10.88 34.39
C29 V7N CI . -42.96 -11.04 33.21
C3 V7N CI . -25.21 11.66 31.59
C30 V7N CI . -22.82 10.42 31.98
C31 V7N CI . -22.00 12.27 30.56
C33 V7N CI . -27.56 10.84 28.81
C34 V7N CI . -31.91 8.61 30.66
C35 V7N CI . -34.78 4.66 32.60
C36 V7N CI . -33.90 -1.57 35.92
C37 V7N CI . -36.58 -6.32 35.85
C38 V7N CI . -41.65 -7.94 33.96
C39 V7N CI . -44.20 -11.55 33.30
C4 V7N CI . -26.09 11.90 30.59
C40 V7N CI . -45.05 -11.70 32.11
C41 V7N CI . -20.66 12.16 33.11
C43 V7N CI . -44.80 -12.01 34.57
C5 V7N CI . -27.18 11.07 30.22
C6 V7N CI . -27.93 10.46 31.24
C7 V7N CI . -29.03 9.63 31.02
C8 V7N CI . -29.91 9.25 32.02
C9 V7N CI . -31.01 8.40 31.82
O32 V7N CI . -22.02 12.48 32.99
O42 V7N CI . -33.01 9.16 30.72
O44 V7N CI . -44.45 -11.59 30.92
O45 V7N CI . -46.28 -11.90 32.07
MG BCL DI . -24.96 9.48 39.60
CHA BCL DI . -25.65 6.45 38.10
CHB BCL DI . -27.74 10.75 38.07
CHC BCL DI . -23.93 12.60 40.38
CHD BCL DI . -21.73 8.33 40.27
NA BCL DI . -26.46 8.68 38.25
C1A BCL DI . -26.63 7.37 37.84
C2A BCL DI . -28.02 7.12 37.41
C3A BCL DI . -28.54 8.53 37.11
C4A BCL DI . -27.57 9.40 37.85
CMA BCL DI . -28.54 8.83 35.62
CAA BCL DI . -28.80 6.43 38.52
CBA BCL DI . -29.51 5.23 37.96
CGA BCL DI . -30.78 5.57 37.29
O1A BCL DI . -31.14 5.12 36.27
O2A BCL DI . -31.42 6.45 38.01
NB BCL DI . -25.70 11.39 39.26
C1B BCL DI . -26.89 11.71 38.62
C2B BCL DI . -27.11 13.09 38.66
C3B BCL DI . -26.02 13.67 39.33
C4B BCL DI . -25.16 12.55 39.69
CMB BCL DI . -28.33 13.73 38.05
CAB BCL DI . -25.72 15.06 39.67
OBB BCL DI . -25.08 15.36 40.67
CBB BCL DI . -26.17 16.22 38.82
NC BCL DI . -23.10 10.33 40.22
C1C BCL DI . -22.92 11.65 40.54
C2C BCL DI . -21.59 11.94 41.13
C3C BCL DI . -20.94 10.55 41.18
C4C BCL DI . -21.93 9.67 40.49
CMC BCL DI . -20.78 12.95 40.35
CAC BCL DI . -20.56 10.06 42.59
CBC BCL DI . -19.24 10.60 43.05
ND BCL DI . -23.88 7.79 39.25
C1D BCL DI . -22.60 7.41 39.61
C2D BCL DI . -22.32 6.08 39.22
C3D BCL DI . -23.49 5.63 38.62
C4D BCL DI . -24.39 6.69 38.65
CMD BCL DI . -21.02 5.36 39.42
CAD BCL DI . -24.19 4.52 38.10
OBD BCL DI . -23.81 3.35 37.91
CBD BCL DI . -25.63 4.96 37.74
CGD BCL DI . -25.94 4.62 36.35
O1D BCL DI . -25.43 5.09 35.37
O2D BCL DI . -26.87 3.70 36.23
CED BCL DI . -27.21 3.33 34.87
C1 BCL DI . -32.75 6.96 37.64
C2 BCL DI . -32.63 7.71 36.33
C3 BCL DI . -32.70 9.00 36.24
C4 BCL DI . -32.59 9.78 34.95
C5 BCL DI . -32.88 9.86 37.50
C6 BCL DI . -32.39 11.29 37.42
C7 BCL DI . -32.60 12.04 38.74
C8 BCL DI . -34.03 12.09 39.26
C9 BCL DI . -34.99 12.67 38.20
C10 BCL DI . -34.14 12.93 40.55
C11 BCL DI . -33.17 12.70 41.70
C12 BCL DI . -32.06 13.75 41.74
C13 BCL DI . -32.35 15.03 42.54
C14 BCL DI . -31.51 16.22 42.06
C15 BCL DI . -32.02 14.73 44.03
C16 BCL DI . -31.86 15.91 45.01
C17 BCL DI . -31.09 15.72 46.32
C18 BCL DI . -31.77 15.20 47.59
C19 BCL DI . -32.64 16.34 48.09
C20 BCL DI . -30.83 14.90 48.75
O1 PEX EI . -25.63 20.54 48.89
O2 PEX EI . -27.99 21.09 48.02
P1 PEX EI . -27.06 20.14 48.71
O3 PEX EI . -27.14 18.63 48.04
C1 PEX EI . -27.48 18.52 46.68
C2 PEX EI . -26.53 17.61 45.92
C3 PEX EI . -26.43 16.19 46.44
O4 PEX EI . -27.58 15.80 47.16
C4 PEX EI . -27.44 15.25 48.38
O5 PEX EI . -27.69 15.85 49.39
C5 PEX EI . -26.94 13.83 48.33
C6 PEX EI . -27.38 12.99 47.15
C7 PEX EI . -28.67 12.24 47.42
C8 PEX EI . -29.03 11.30 46.29
C9 PEX EI . -30.51 11.22 45.99
C10 PEX EI . -31.30 10.56 47.11
C11 PEX EI . -32.21 11.52 47.86
C12 PEX EI . -33.43 10.86 48.44
C13 PEX EI . -34.33 10.22 47.38
O6 PEX EI . -26.78 17.58 44.51
C14 PEX EI . -27.71 16.79 43.98
O7 PEX EI . -28.89 16.95 44.17
C15 PEX EI . -27.12 15.72 43.10
C16 PEX EI . -28.14 14.69 42.62
C17 PEX EI . -27.64 13.26 42.84
C18 PEX EI . -28.75 12.22 42.71
C19 PEX EI . -28.83 11.62 41.32
C20 PEX EI . -30.00 10.66 41.13
C21 PEX EI . -29.83 9.34 41.84
C22 PEX EI . -30.81 8.27 41.37
C23 PEX EI . -32.14 8.32 42.12
O8 PEX EI . -27.69 19.62 50.13
C24 PEX EI . -27.26 20.31 51.30
C25 PEX EI . -28.00 21.62 51.46
N1 PEX EI . -27.28 22.53 52.34
MG BCL FI . -26.59 16.39 33.98
CHA BCL FI . -29.76 16.94 32.70
CHB BCL FI . -27.38 13.10 34.27
CHC BCL FI . -23.95 15.97 36.05
CHD BCL FI . -26.31 19.85 34.46
NA BCL FI . -28.35 15.20 33.50
C1A BCL FI . -29.57 15.61 33.01
C2A BCL FI . -30.42 14.44 32.63
C3A BCL FI . -29.71 13.25 33.27
C4A BCL FI . -28.43 13.84 33.78
CMA BCL FI . -30.52 12.62 34.39
CAA BCL FI . -30.51 14.29 31.13
CBA BCL FI . -31.53 13.30 30.66
CGA BCL FI . -31.30 13.12 29.22
O1A BCL FI . -30.27 12.82 28.78
O2A BCL FI . -32.37 13.38 28.52
NB BCL FI . -25.82 14.81 35.06
C1B BCL FI . -26.20 13.47 34.91
C2B BCL FI . -25.24 12.61 35.44
C3B BCL FI . -24.22 13.41 36.00
C4B BCL FI . -24.63 14.78 35.73
CMB BCL FI . -25.39 11.10 35.37
CAB BCL FI . -22.98 13.06 36.71
OBB BCL FI . -22.32 13.90 37.34
CBB BCL FI . -22.40 11.66 36.73
NC BCL FI . -25.32 17.72 35.10
C1C BCL FI . -24.27 17.32 35.86
C2C BCL FI . -23.38 18.44 36.24
C3C BCL FI . -24.01 19.64 35.51
C4C BCL FI . -25.35 19.09 35.12
CMC BCL FI . -23.28 18.65 37.75
CAC BCL FI . -23.20 20.15 34.30
CBC BCL FI . -22.10 21.11 34.66
ND BCL FI . -27.75 18.06 33.70
C1D BCL FI . -27.51 19.41 33.87
C2D BCL FI . -28.58 20.19 33.36
C3D BCL FI . -29.50 19.28 32.89
C4D BCL FI . -28.98 18.01 33.11
CMD BCL FI . -28.65 21.69 33.35
CAD BCL FI . -30.64 19.11 32.06
OBD BCL FI . -31.41 19.94 31.58
CBD BCL FI . -30.84 17.60 31.82
CGD BCL FI . -32.23 17.23 32.05
O1D BCL FI . -33.05 16.98 31.21
O2D BCL FI . -32.55 17.17 33.32
CED BCL FI . -33.91 16.76 33.56
C1 BCL FI . -32.32 13.27 27.06
C2 BCL FI . -32.08 11.80 26.75
C3 BCL FI . -32.84 10.76 26.96
C4 BCL FI . -32.47 9.34 26.60
C5 BCL FI . -34.21 10.87 27.63
C6 BCL FI . -35.38 11.18 26.69
C7 BCL FI . -36.74 10.71 27.21
C8 BCL FI . -37.42 11.17 28.52
C9 BCL FI . -36.88 10.42 29.76
C10 BCL FI . -38.92 10.88 28.39
C11 BCL FI . -39.78 10.93 29.64
C12 BCL FI . -39.88 12.32 30.28
C13 BCL FI . -40.84 12.28 31.46
C14 BCL FI . -42.22 11.77 31.06
C15 BCL FI . -40.98 13.67 32.09
C16 BCL FI . -42.03 13.69 33.17
C17 BCL FI . -42.26 14.99 33.92
C18 BCL FI . -43.41 14.95 34.92
C19 BCL FI . -44.66 14.73 34.04
C20 BCL FI . -43.54 16.20 35.78
C1 V7N GI . -22.32 31.45 8.53
C10 V7N GI . -32.16 30.32 7.07
C11 V7N GI . -33.44 29.80 6.84
C12 V7N GI . -34.40 29.72 7.86
C13 V7N GI . -35.71 29.21 7.76
C14 V7N GI . -36.35 28.74 8.93
C15 V7N GI . -37.63 28.18 9.00
C16 V7N GI . -38.03 27.32 10.04
C17 V7N GI . -39.30 26.75 10.11
C18 V7N GI . -39.80 25.88 11.10
C19 V7N GI . -41.13 25.40 10.98
C2 V7N GI . -23.35 32.33 7.82
C20 V7N GI . -41.75 24.41 11.75
C21 V7N GI . -43.09 24.03 11.50
C22 V7N GI . -43.91 23.35 12.39
C23 V7N GI . -45.31 22.99 12.02
C24 V7N GI . -45.38 21.55 11.55
C25 V7N GI . -46.67 20.87 11.82
C26 V7N GI . -47.72 20.90 10.99
C27 V7N GI . -49.00 20.19 11.31
C28 V7N GI . -49.81 19.74 10.10
C29 V7N GI . -49.22 18.69 9.24
C3 V7N GI . -24.59 31.62 7.44
C30 V7N GI . -23.01 30.29 9.24
C31 V7N GI . -21.29 30.91 7.54
C33 V7N GI . -26.24 30.24 4.43
C34 V7N GI . -31.43 30.08 4.72
C35 V7N GI . -36.43 29.14 6.46
C36 V7N GI . -38.94 25.49 12.24
C37 V7N GI . -43.46 22.97 13.74
C38 V7N GI . -47.66 21.66 9.72
C39 V7N GI . -49.95 18.08 8.29
C4 V7N GI . -25.08 31.65 6.18
C40 V7N GI . -49.42 17.03 7.38
C41 V7N GI . -20.56 31.84 10.13
C43 V7N GI . -51.38 18.40 8.07
C5 V7N GI . -26.25 31.01 5.70
C6 V7N GI . -27.43 31.11 6.44
C7 V7N GI . -28.66 30.53 6.04
C8 V7N GI . -29.90 31.00 6.47
C9 V7N GI . -31.15 30.47 6.11
O32 V7N GI . -21.72 32.34 9.49
O42 V7N GI . -30.60 29.63 3.93
O44 V7N GI . -48.09 16.90 7.24
O45 V7N GI . -50.10 16.24 6.72
C1B LMT HI . -22.81 26.16 49.14
C2B LMT HI . -21.36 26.39 49.62
C3B LMT HI . -20.84 25.17 50.39
C4B LMT HI . -21.79 24.84 51.55
C5B LMT HI . -23.16 24.57 50.91
C6B LMT HI . -24.17 24.17 51.99
O1B LMT HI . -22.80 25.34 48.02
O2B LMT HI . -20.60 26.61 48.50
O3B LMT HI . -19.55 25.35 50.82
O4' LMT HI . -21.38 23.71 52.21
O5B LMT HI . -23.65 25.68 50.16
O6B LMT HI . -23.73 23.04 52.65
C1' LMT HI . -25.20 23.45 45.30
C2' LMT HI . -25.71 24.84 45.72
C3' LMT HI . -24.55 25.60 46.39
C4' LMT HI . -24.03 24.78 47.58
C5' LMT HI . -23.70 23.37 47.02
C6' LMT HI . -23.11 22.44 48.03
O1' LMT HI . -26.19 22.72 44.72
O2' LMT HI . -26.11 25.52 44.60
O3' LMT HI . -24.96 26.82 46.79
O5' LMT HI . -24.84 22.77 46.47
O6' LMT HI . -24.11 22.16 48.91
C1 LMT HI . -25.79 21.96 43.62
C2 LMT HI . -27.00 21.89 42.76
C3 LMT HI . -26.95 20.96 41.60
C4 LMT HI . -26.12 21.62 40.53
C5 LMT HI . -26.25 20.86 39.26
C6 LMT HI . -27.67 20.77 38.83
C7 LMT HI . -27.81 19.79 37.70
C8 LMT HI . -29.05 19.01 37.92
C9 LMT HI . -29.27 17.92 36.94
C10 LMT HI . -30.59 17.31 37.26
C11 LMT HI . -30.88 16.13 36.37
C12 LMT HI . -32.19 15.50 36.70
C1 V7N II . -24.32 23.29 21.73
C10 V7N II . -33.79 20.53 21.21
C11 V7N II . -35.05 19.96 20.98
C12 V7N II . -35.74 19.33 22.03
C13 V7N II . -37.00 18.71 21.97
C14 V7N II . -37.42 17.94 23.08
C15 V7N II . -38.64 17.27 23.17
C16 V7N II . -38.81 16.14 23.99
C17 V7N II . -40.03 15.46 24.07
C18 V7N II . -40.25 14.32 24.87
C19 V7N II . -41.53 13.73 24.86
C2 V7N II . -25.52 24.16 21.35
C20 V7N II . -41.88 12.57 25.55
C21 V7N II . -43.18 12.00 25.52
C22 V7N II . -43.58 11.05 26.42
C23 V7N II . -44.96 10.49 26.37
C24 V7N II . -45.08 9.40 25.32
C25 V7N II . -45.77 8.19 25.81
C26 V7N II . -46.94 7.77 25.28
C27 V7N II . -47.63 6.55 25.78
C28 V7N II . -49.07 6.47 25.31
C29 V7N II . -49.28 5.43 24.27
C3 V7N II . -26.77 23.43 21.07
C30 V7N II . -24.78 21.92 22.19
C31 V7N II . -23.35 23.15 20.56
C33 V7N II . -28.83 22.80 17.96
C34 V7N II . -33.85 21.94 19.16
C35 V7N II . -37.89 18.83 20.79
C36 V7N II . -39.15 13.78 25.71
C37 V7N II . -42.69 10.54 27.48
C38 V7N II . -47.59 8.52 24.19
C39 V7N II . -50.46 5.26 23.65
C4 V7N II . -27.37 23.56 19.86
C40 V7N II . -50.64 4.22 22.62
C41 V7N II . -22.49 23.51 23.28
C43 V7N II . -51.65 6.09 23.92
C5 V7N II . -28.57 22.96 19.40
C6 V7N II . -29.53 22.52 20.31
C7 V7N II . -30.75 21.94 19.90
C8 V7N II . -31.90 22.00 20.70
C9 V7N II . -33.16 21.48 20.38
O32 V7N II . -23.73 24.01 22.82
O42 V7N II . -34.97 22.45 19.14
O44 V7N II . -49.53 3.76 22.02
O45 V7N II . -51.71 3.73 22.25
MG BCL JI . -28.76 23.69 28.97
CHA BCL JI . -29.77 20.47 28.22
CHB BCL JI . -30.90 24.81 26.57
CHC BCL JI . -27.23 26.71 29.06
CHD BCL JI . -26.04 22.36 30.70
NA BCL JI . -30.11 22.73 27.57
C1A BCL JI . -30.47 21.40 27.49
C2A BCL JI . -31.79 21.25 26.85
C3A BCL JI . -31.92 22.54 26.05
C4A BCL JI . -30.96 23.44 26.75
CMA BCL JI . -31.52 22.33 24.59
CAA BCL JI . -32.88 21.05 27.90
CBA BCL JI . -34.31 21.17 27.41
CGA BCL JI . -34.64 20.44 26.17
O1A BCL JI . -34.29 19.37 25.91
O2A BCL JI . -35.44 21.09 25.35
NB BCL JI . -28.98 25.48 27.95
C1B BCL JI . -29.99 25.77 27.03
C2B BCL JI . -29.92 27.11 26.64
C3B BCL JI . -28.86 27.71 27.36
C4B BCL JI . -28.30 26.64 28.16
CMB BCL JI . -30.87 27.71 25.63
CAB BCL JI . -28.37 29.08 27.37
OBB BCL JI . -27.88 29.58 28.38
CBB BCL JI . -28.41 29.97 26.15
NC BCL JI . -26.92 24.42 29.79
C1C BCL JI . -26.48 25.71 29.70
C2C BCL JI . -25.28 25.98 30.53
C3C BCL JI . -24.95 24.60 31.10
C4C BCL JI . -25.95 23.71 30.44
CMC BCL JI . -24.14 26.59 29.75
CAC BCL JI . -24.98 24.51 32.64
CBC BCL JI . -23.67 24.90 33.27
ND BCL JI . -28.02 21.84 29.39
C1D BCL JI . -26.92 21.41 30.12
C2D BCL JI . -26.86 20.01 30.19
C3D BCL JI . -27.97 19.56 29.45
C4D BCL JI . -28.62 20.69 28.98
CMD BCL JI . -25.81 19.22 30.90
CAD BCL JI . -28.76 18.44 29.08
OBD BCL JI . -28.59 17.24 29.28
CBD BCL JI . -29.99 18.96 28.31
CGD BCL JI . -30.13 18.28 27.01
O1D BCL JI . -29.39 18.41 26.05
O2D BCL JI . -31.18 17.49 26.93
CED BCL JI . -31.37 16.82 25.67
C1 BCL JI . -35.88 22.44 25.72
C2 BCL JI . -36.70 22.95 24.56
C3 BCL JI . -36.19 23.30 23.42
C4 BCL JI . -34.71 23.25 23.09
C5 BCL JI . -37.05 23.81 22.27
C6 BCL JI . -37.73 25.17 22.53
C7 BCL JI . -36.73 26.28 22.89
C8 BCL JI . -36.68 26.70 24.38
C9 BCL JI . -35.45 26.14 25.12
C10 BCL JI . -37.99 26.32 25.09
C11 BCL JI . -38.74 27.51 25.65
C12 BCL JI . -38.95 28.63 24.62
C13 BCL JI . -39.67 29.86 25.20
C14 BCL JI . -41.16 29.60 25.39
C15 BCL JI . -39.47 31.04 24.21
C16 BCL JI . -39.80 32.48 24.58
C17 BCL JI . -41.21 33.10 24.76
C18 BCL JI . -41.99 33.46 23.50
C19 BCL JI . -42.61 32.17 22.92
C20 BCL JI . -41.14 34.19 22.45
O1 PEX KI . -28.38 37.40 33.91
O2 PEX KI . -29.38 39.11 32.23
P1 PEX KI . -29.56 38.17 33.40
O3 PEX KI . -30.76 37.11 33.03
C1 PEX KI . -30.79 36.67 31.70
C2 PEX KI . -30.17 35.30 31.49
C3 PEX KI . -29.62 34.66 32.75
O4 PEX KI . -30.04 33.31 32.85
C4 PEX KI . -30.89 33.01 33.84
O5 PEX KI . -31.66 33.79 34.32
C5 PEX KI . -30.74 31.57 34.25
C6 PEX KI . -30.84 30.58 33.12
C7 PEX KI . -31.15 29.18 33.64
C8 PEX KI . -32.47 29.12 34.39
C9 PEX KI . -33.54 28.32 33.67
C10 PEX KI . -34.94 28.78 34.03
C11 PEX KI . -35.70 29.36 32.84
C12 PEX KI . -34.92 30.41 32.07
C13 PEX KI . -34.61 31.67 32.87
O6 PEX KI . -31.11 34.39 30.89
C14 PEX KI . -30.70 33.51 29.98
O7 PEX KI . -29.56 33.12 29.91
C15 PEX KI . -31.81 33.10 29.07
C16 PEX KI . -31.61 31.74 28.41
C17 PEX KI . -31.42 30.63 29.43
C18 PEX KI . -31.94 29.28 28.97
C19 PEX KI . -31.47 28.12 29.82
C20 PEX KI . -32.58 27.12 30.14
C21 PEX KI . -33.16 26.47 28.90
C22 PEX KI . -34.42 25.68 29.20
C23 PEX KI . -34.15 24.20 29.40
O8 PEX KI . -30.34 38.89 34.63
C24 PEX KI . -31.03 40.09 34.34
C25 PEX KI . -30.11 41.30 34.27
N1 PEX KI . -30.65 42.36 33.44
C1B LMT LI . -24.72 42.15 34.73
C2B LMT LI . -23.31 42.78 34.85
C3B LMT LI . -22.38 41.92 35.71
C4B LMT LI . -23.07 41.58 37.05
C5B LMT LI . -24.42 40.94 36.72
C6B LMT LI . -25.12 40.53 38.01
O1B LMT LI . -24.62 41.03 33.91
O2B LMT LI . -22.81 42.91 33.57
O3B LMT LI . -21.15 42.49 35.88
O4' LMT LI . -22.31 40.71 37.79
O5B LMT LI . -25.24 41.80 35.97
O6B LMT LI . -26.11 39.62 37.74
C1' LMT LI . -26.54 39.12 30.86
C2' LMT LI . -26.85 40.62 30.93
C3' LMT LI . -25.86 41.33 31.88
C4' LMT LI . -25.79 40.61 33.24
C5' LMT LI . -25.57 39.11 32.93
C6' LMT LI . -25.39 38.27 34.16
O1' LMT LI . -27.49 38.48 30.13
O2' LMT LI . -26.72 41.16 29.68
O3' LMT LI . -26.23 42.63 32.05
O5' LMT LI . -26.61 38.59 32.16
O6' LMT LI . -26.40 38.62 35.02
C1 LMT LI . -27.23 37.13 29.85
C2 LMT LI . -27.79 36.93 28.48
C3 LMT LI . -27.67 35.57 27.90
C4 LMT LI . -27.71 35.70 26.41
C5 LMT LI . -28.06 34.38 25.81
C6 LMT LI . -28.56 34.50 24.43
C7 LMT LI . -28.81 33.16 23.85
C8 LMT LI . -30.21 32.76 24.07
C9 LMT LI . -30.57 31.46 23.43
C10 LMT LI . -32.03 31.24 23.64
C11 LMT LI . -32.48 29.98 22.97
C12 LMT LI . -33.85 29.61 23.40
MG BCL MI . -27.87 28.81 21.55
CHA BCL MI . -30.54 29.38 19.44
CHB BCL MI . -29.37 25.91 22.52
CHC BCL MI . -25.74 28.62 24.17
CHD BCL MI . -26.94 32.15 21.13
NA BCL MI . -29.73 27.80 21.03
C1A BCL MI . -30.68 28.19 20.11
C2A BCL MI . -31.65 27.08 19.82
C3A BCL MI . -31.34 26.05 20.92
C4A BCL MI . -30.11 26.59 21.58
CMA BCL MI . -32.48 25.92 21.92
CAA BCL MI . -31.46 26.49 18.43
CBA BCL MI . -32.59 25.60 17.98
CGA BCL MI . -32.20 24.89 16.75
O1A BCL MI . -31.20 24.39 16.57
O2A BCL MI . -33.10 24.85 15.84
NB BCL MI . -27.63 27.52 23.14
C1B BCL MI . -28.26 26.29 23.27
C2B BCL MI . -27.62 25.50 24.23
C3B BCL MI . -26.54 26.25 24.76
C4B BCL MI . -26.60 27.52 24.04
CMB BCL MI . -28.06 24.08 24.55
CAB BCL MI . -25.56 25.96 25.79
OBB BCL MI . -24.93 26.85 26.38
CBB BCL MI . -25.20 24.56 26.21
NC BCL MI . -26.55 30.19 22.51
C1C BCL MI . -25.74 29.88 23.55
C2C BCL MI . -24.72 30.93 23.83
C3C BCL MI . -24.97 31.94 22.71
C4C BCL MI . -26.29 31.49 22.15
CMC BCL MI . -24.87 31.55 25.19
CAC BCL MI . -23.85 32.01 21.64
CBC BCL MI . -22.67 32.84 22.05
ND BCL MI . -28.56 30.43 20.54
C1D BCL MI . -28.09 31.73 20.42
C2D BCL MI . -28.88 32.49 19.53
C3D BCL MI . -29.87 31.62 19.10
C4D BCL MI . -29.66 30.40 19.74
CMD BCL MI . -28.65 33.92 19.16
CAD BCL MI . -30.88 31.39 18.13
OBD BCL MI . -31.38 32.15 17.30
CBD BCL MI . -31.32 29.93 18.24
CGD BCL MI . -32.76 29.90 18.44
O1D BCL MI . -33.61 29.49 17.68
O2D BCL MI . -33.04 30.41 19.60
CED BCL MI . -34.42 30.38 19.93
C1 BCL MI . -32.70 24.13 14.62
C2 BCL MI . -33.67 22.98 14.49
C3 BCL MI . -33.53 21.84 15.09
C4 BCL MI . -32.38 21.47 16.03
C5 BCL MI . -34.54 20.71 14.91
C6 BCL MI . -36.01 21.14 14.90
C7 BCL MI . -36.42 21.83 16.19
C8 BCL MI . -37.90 22.18 16.31
C9 BCL MI . -38.72 20.96 16.77
C10 BCL MI . -38.43 22.70 14.98
C11 BCL MI . -39.75 23.41 15.21
C12 BCL MI . -39.55 24.56 16.19
C13 BCL MI . -40.85 25.24 16.61
C14 BCL MI . -41.62 25.80 15.42
C15 BCL MI . -40.54 26.38 17.58
C16 BCL MI . -41.67 27.19 18.17
C17 BCL MI . -42.78 26.57 19.06
C18 BCL MI . -44.05 26.04 18.40
C19 BCL MI . -45.11 26.19 19.51
C20 BCL MI . -44.05 24.60 17.89
MG BCL NI . -40.97 54.14 16.55
CHA BCL NI . -43.13 54.39 13.87
CHB BCL NI . -42.94 51.65 17.79
CHC BCL NI . -39.26 54.27 19.45
CHD BCL NI . -39.76 57.34 15.79
NA BCL NI . -42.81 53.19 15.90
C1A BCL NI . -43.48 53.36 14.70
C2A BCL NI . -44.46 52.26 14.45
C3A BCL NI . -44.51 51.53 15.80
C4A BCL NI . -43.37 52.10 16.56
CMA BCL NI . -45.82 51.77 16.53
CAA BCL NI . -44.07 51.34 13.28
CBA BCL NI . -45.21 50.42 12.91
CGA BCL NI . -44.98 49.47 11.79
O1A BCL NI . -45.13 49.69 10.66
O2A BCL NI . -44.58 48.32 12.21
NB BCL NI . -41.11 53.17 18.38
C1B BCL NI . -41.90 52.06 18.63
C2B BCL NI . -41.50 51.43 19.81
C3B BCL NI . -40.41 52.15 20.33
C4B BCL NI . -40.22 53.25 19.40
CMB BCL NI . -42.18 50.17 20.33
CAB BCL NI . -39.60 51.93 21.51
OBB BCL NI . -38.44 52.33 21.61
CBB BCL NI . -40.11 51.21 22.74
NC BCL NI . -39.71 55.60 17.47
C1C BCL NI . -39.06 55.41 18.66
C2C BCL NI . -38.08 56.48 18.96
C3C BCL NI . -38.06 57.29 17.65
C4C BCL NI . -39.31 56.81 16.97
CMC BCL NI . -38.45 57.32 20.16
CAC BCL NI . -36.78 57.08 16.79
CBC BCL NI . -35.52 57.64 17.42
ND BCL NI . -41.34 55.59 15.16
C1D BCL NI . -40.79 56.85 14.94
C2D BCL NI . -41.38 57.47 13.81
C3D BCL NI . -42.32 56.55 13.35
C4D BCL NI . -42.26 55.45 14.17
CMD BCL NI . -41.03 58.83 13.29
CAD BCL NI . -43.17 56.21 12.27
OBD BCL NI . -43.47 56.83 11.23
CBD BCL NI . -43.77 54.82 12.55
CGD BCL NI . -45.22 54.92 12.62
O1D BCL NI . -46.03 54.41 11.87
O2D BCL NI . -45.58 55.67 13.62
CED BCL NI . -46.98 55.83 13.87
C1 BCL NI . -44.32 47.29 11.23
C2 BCL NI . -44.88 46.03 11.88
C3 BCL NI . -44.16 45.25 12.65
C4 BCL NI . -44.71 44.00 13.31
C5 BCL NI . -42.67 45.61 12.90
C6 BCL NI . -42.00 45.33 14.25
C7 BCL NI . -41.56 43.90 14.49
C8 BCL NI . -41.23 43.67 15.96
C9 BCL NI . -39.77 44.05 16.28
C10 BCL NI . -41.46 42.21 16.32
C11 BCL NI . -40.88 41.71 17.64
C12 BCL NI . -41.56 40.43 18.13
C13 BCL NI . -40.83 39.10 17.90
C14 BCL NI . -39.74 39.25 16.85
C15 BCL NI . -41.88 38.01 17.48
C16 BCL NI . -42.41 38.80 16.16
C17 BCL NI . -43.27 38.43 14.93
C18 BCL NI . -43.15 39.37 13.72
C19 BCL NI . -44.27 38.97 12.73
C20 BCL NI . -41.78 39.35 13.00
MG BCL OI . -27.57 34.63 14.47
CHA BCL OI . -29.04 31.52 14.43
CHB BCL OI . -28.97 35.22 11.41
CHC BCL OI . -25.55 37.30 14.10
CHD BCL OI . -25.50 33.53 17.05
NA BCL OI . -28.81 33.47 13.12
C1A BCL OI . -29.41 32.25 13.34
C2A BCL OI . -30.61 32.09 12.50
C3A BCL OI . -30.34 33.08 11.35
C4A BCL OI . -29.34 34.01 11.95
CMA BCL OI . -29.77 32.39 10.12
CAA BCL OI . -31.87 32.41 13.30
CBA BCL OI . -33.06 31.56 12.93
CGA BCL OI . -33.44 31.69 11.50
O1A BCL OI . -33.56 30.80 10.73
O2A BCL OI . -33.58 32.95 11.20
NB BCL OI . -27.27 36.04 12.98
C1B BCL OI . -27.98 36.14 11.80
C2B BCL OI . -27.60 37.29 11.09
C3B BCL OI . -26.59 37.92 11.84
C4B BCL OI . -26.42 37.10 13.02
CMB BCL OI . -28.23 37.68 9.77
CAB BCL OI . -25.80 39.12 11.59
OBB BCL OI . -25.34 39.80 12.51
CBB BCL OI . -25.50 39.63 10.21
NC BCL OI . -25.79 35.32 15.45
C1C BCL OI . -25.10 36.44 15.10
C2C BCL OI . -24.00 36.77 16.05
C3C BCL OI . -24.07 35.60 17.05
C4C BCL OI . -25.09 34.70 16.46
CMC BCL OI . -22.65 36.91 15.38
CAC BCL OI . -24.40 36.02 18.49
CBC BCL OI . -23.19 36.49 19.26
ND BCL OI . -27.30 32.92 15.54
C1D BCL OI . -26.41 32.56 16.56
C2D BCL OI . -26.59 31.23 16.95
C3D BCL OI . -27.62 30.74 16.15
C4D BCL OI . -28.02 31.78 15.32
CMD BCL OI . -25.79 30.53 18.01
CAD BCL OI . -28.57 29.71 15.97
OBD BCL OI . -28.70 28.63 16.57
CBD BCL OI . -29.53 30.12 14.83
CGD BCL OI . -29.53 29.12 13.75
O1D BCL OI . -28.59 28.86 13.03
O2D BCL OI . -30.68 28.49 13.60
CED BCL OI . -30.72 27.50 12.56
C1 BCL OI . -33.94 33.28 9.83
C2 BCL OI . -33.35 34.66 9.57
C3 BCL OI . -33.59 35.28 8.46
C4 BCL OI . -33.07 36.66 8.09
C5 BCL OI . -34.48 34.62 7.41
C6 BCL OI . -35.93 35.05 7.39
C7 BCL OI . -36.76 34.21 6.42
C8 BCL OI . -38.17 34.76 6.16
C9 BCL OI . -38.84 35.17 7.49
C10 BCL OI . -39.00 33.72 5.43
C11 BCL OI . -40.38 34.26 5.12
C12 BCL OI . -40.33 35.47 4.17
C13 BCL OI . -40.55 35.11 2.69
C14 BCL OI . -39.30 34.56 2.02
C15 BCL OI . -40.96 36.40 1.94
C16 BCL OI . -42.17 37.18 2.48
C17 BCL OI . -43.47 36.41 2.82
C18 BCL OI . -44.07 35.60 1.69
C19 BCL OI . -44.40 36.62 0.59
C20 BCL OI . -45.33 34.80 2.09
MG BCL PI . -24.39 37.12 6.36
CHA BCL PI . -26.48 37.43 3.63
CHB BCL PI . -26.59 34.86 7.66
CHC BCL PI . -22.87 37.41 9.37
CHD BCL PI . -22.76 40.03 5.35
NA BCL PI . -26.29 36.29 5.70
C1A BCL PI . -26.97 36.51 4.53
C2A BCL PI . -28.04 35.51 4.31
C3A BCL PI . -28.22 34.89 5.71
C4A BCL PI . -26.99 35.33 6.43
CMA BCL PI . -29.48 35.38 6.41
CAA BCL PI . -27.66 34.47 3.25
CBA BCL PI . -28.87 33.73 2.74
CGA BCL PI . -28.56 32.56 1.87
O1A BCL PI . -28.33 31.48 2.25
O2A BCL PI . -28.58 32.82 0.61
NB BCL PI . -24.71 36.32 8.25
C1B BCL PI . -25.59 35.28 8.54
C2B BCL PI . -25.29 34.73 9.79
C3B BCL PI . -24.23 35.46 10.34
C4B BCL PI . -23.89 36.44 9.33
CMB BCL PI . -26.07 33.54 10.36
CAB BCL PI . -23.51 35.36 11.62
OBB BCL PI . -22.83 36.28 12.07
CBB BCL PI . -23.54 34.12 12.47
NC BCL PI . -23.03 38.53 7.22
C1C BCL PI . -22.49 38.42 8.47
C2C BCL PI . -21.38 39.36 8.72
C3C BCL PI . -21.21 40.03 7.34
C4C BCL PI . -22.45 39.62 6.62
CMC BCL PI . -21.68 40.35 9.82
CAC BCL PI . -19.91 39.64 6.59
CBC BCL PI . -18.67 40.32 7.14
ND BCL PI . -24.57 38.48 4.86
C1D BCL PI . -23.82 39.60 4.51
C2D BCL PI . -24.26 40.16 3.30
C3D BCL PI . -25.32 39.35 2.89
C4D BCL PI . -25.47 38.36 3.85
CMD BCL PI . -23.69 41.38 2.63
CAD BCL PI . -26.16 39.00 1.81
OBD BCL PI . -26.31 39.52 0.70
CBD BCL PI . -26.98 37.76 2.21
CGD BCL PI . -28.40 38.04 2.08
O1D BCL PI . -29.16 37.62 1.23
O2D BCL PI . -28.84 38.85 3.01
CED BCL PI . -30.23 39.17 2.91
C1 BCL PI . -28.28 31.65 -0.21
C2 BCL PI . -29.40 31.59 -1.25
C3 BCL PI . -30.46 30.82 -1.18
C4 BCL PI . -31.57 30.77 -2.23
C5 BCL PI . -30.69 29.88 0.01
C6 BCL PI . -32.05 29.98 0.66
C7 BCL PI . -32.35 31.39 1.15
C8 BCL PI . -33.76 31.63 1.71
C9 BCL PI . -34.82 30.96 0.83
C10 BCL PI . -34.02 33.14 1.83
C11 BCL PI . -33.07 33.91 2.74
C12 BCL PI . -32.82 35.36 2.26
C13 BCL PI . -33.70 36.49 2.81
C14 BCL PI . -33.71 36.51 4.33
C15 BCL PI . -35.18 36.43 2.32
C16 BCL PI . -35.51 36.38 0.83
C17 BCL PI . -36.97 36.75 0.51
C18 BCL PI . -37.39 36.63 -0.95
C19 BCL PI . -38.81 37.21 -1.00
C20 BCL PI . -37.38 35.20 -1.51
C1B LMT QI . -21.23 52.86 15.45
C2B LMT QI . -19.90 52.99 16.23
C3B LMT QI . -20.06 52.54 17.69
C4B LMT QI . -21.22 53.28 18.37
C5B LMT QI . -22.48 53.08 17.51
C6B LMT QI . -23.66 53.83 18.11
O1B LMT QI . -21.45 51.52 15.10
O2B LMT QI . -18.99 52.20 15.58
O3B LMT QI . -18.89 52.66 18.38
O4' LMT QI . -21.46 52.75 19.61
O5B LMT QI . -22.32 53.44 16.15
O6B LMT QI . -24.66 53.97 17.18
C1' LMT QI . -23.05 49.11 12.67
C2' LMT QI . -22.87 50.60 12.30
C3' LMT QI . -23.26 51.55 13.47
C4' LMT QI . -22.76 51.06 14.86
C5' LMT QI . -22.74 49.53 14.86
C6' LMT QI . -23.00 48.91 16.21
O1' LMT QI . -23.92 48.51 11.79
O2' LMT QI . -21.55 50.81 12.00
O3' LMT QI . -24.60 51.74 13.52
O5' LMT QI . -23.65 49.04 13.94
O6' LMT QI . -23.88 49.74 16.84
C1 LMT QI . -24.42 47.28 12.25
C2 LMT QI . -24.98 46.62 11.03
C3 LMT QI . -24.10 45.69 10.29
C4 LMT QI . -24.98 44.77 9.50
C5 LMT QI . -24.18 43.80 8.72
C6 LMT QI . -24.81 43.51 7.40
C7 LMT QI . -25.12 42.06 7.27
C8 LMT QI . -26.59 41.92 7.12
C9 LMT QI . -27.02 40.58 6.64
C10 LMT QI . -28.51 40.57 6.61
C11 LMT QI . -29.03 39.20 6.34
C12 LMT QI . -30.51 39.12 6.51
C1 V7N RI . -15.82 35.15 -5.13
C10 V7N RI . -25.29 34.82 -8.67
C11 V7N RI . -26.53 34.44 -9.17
C12 V7N RI . -27.71 34.64 -8.44
C13 V7N RI . -29.02 34.29 -8.81
C14 V7N RI . -30.03 34.40 -7.83
C15 V7N RI . -31.38 34.08 -8.02
C16 V7N RI . -32.20 33.69 -6.95
C17 V7N RI . -33.54 33.36 -7.10
C18 V7N RI . -34.41 32.93 -6.08
C19 V7N RI . -35.74 32.63 -6.42
C2 V7N RI . -16.50 35.85 -6.31
C20 V7N RI . -36.73 32.08 -5.62
C21 V7N RI . -38.03 31.85 -6.12
C22 V7N RI . -39.16 31.72 -5.35
C23 V7N RI . -40.48 31.47 -5.98
C24 V7N RI . -40.91 30.01 -5.90
C25 V7N RI . -42.35 29.86 -5.59
C26 V7N RI . -43.10 28.83 -6.02
C27 V7N RI . -44.54 28.71 -5.68
C28 V7N RI . -45.47 29.18 -6.79
C29 V7N RI . -45.75 28.14 -7.80
C3 V7N RI . -17.77 35.23 -6.77
C30 V7N RI . -16.83 34.36 -4.33
C31 V7N RI . -14.69 34.25 -5.59
C33 V7N RI . -19.00 33.71 -9.92
C34 V7N RI . -24.11 34.11 -10.74
C35 V7N RI . -29.37 33.80 -10.16
C36 V7N RI . -33.90 32.81 -4.69
C37 V7N RI . -39.14 31.81 -3.88
C38 V7N RI . -42.49 27.75 -6.85
C39 V7N RI . -46.98 27.72 -8.15
C4 V7N RI . -18.03 35.16 -8.10
C40 V7N RI . -47.16 26.67 -9.18
C41 V7N RI . -14.69 35.92 -3.14
C43 V7N RI . -48.23 28.26 -7.58
C5 V7N RI . -19.17 34.62 -8.76
C6 V7N RI . -20.45 34.94 -8.33
C7 V7N RI . -21.63 34.46 -8.93
C8 V7N RI . -22.85 35.10 -8.79
C9 V7N RI . -24.07 34.68 -9.37
O32 V7N RI . -15.32 36.26 -4.36
O42 V7N RI . -23.41 33.18 -11.13
O44 V7N RI . -46.07 25.95 -9.48
O45 V7N RI . -48.19 26.37 -9.78
MG BCL SI . -21.68 40.57 -1.72
CHA BCL SI . -23.76 37.82 -1.35
CHB BCL SI . -22.32 40.48 -5.06
CHC BCL SI . -19.14 42.74 -2.22
CHD BCL SI . -20.37 39.90 1.45
NA BCL SI . -22.86 39.27 -3.01
C1A BCL SI . -23.74 38.27 -2.65
C2A BCL SI . -24.72 37.99 -3.74
C3A BCL SI . -23.99 38.55 -4.97
C4A BCL SI . -23.03 39.53 -4.37
CMA BCL SI . -23.26 37.46 -5.75
CAA BCL SI . -26.09 38.64 -3.51
CBA BCL SI . -27.30 38.12 -4.33
CGA BCL SI . -27.12 38.01 -5.81
O1A BCL SI . -27.23 37.02 -6.42
O2A BCL SI . -26.78 39.15 -6.40
NB BCL SI . -20.83 41.44 -3.38
C1B BCL SI . -21.28 41.33 -4.69
C2B BCL SI . -20.57 42.20 -5.52
C3B BCL SI . -19.64 42.89 -4.73
C4B BCL SI . -19.84 42.38 -3.39
CMB BCL SI . -20.86 42.31 -7.02
CAB BCL SI . -18.63 43.89 -5.07
OBB BCL SI . -18.27 44.74 -4.26
CBB BCL SI . -17.97 43.96 -6.42
NC BCL SI . -20.01 41.23 -0.54
C1C BCL SI . -19.08 42.13 -0.96
C2C BCL SI . -18.13 42.54 0.11
C3C BCL SI . -18.60 41.70 1.30
C4C BCL SI . -19.65 40.81 0.71
CMC BCL SI . -16.68 42.31 -0.25
CAC BCL SI . -19.13 42.51 2.52
CBC BCL SI . -18.00 43.03 3.38
ND BCL SI . -21.97 39.19 -0.25
C1D BCL SI . -21.36 38.99 1.00
C2D BCL SI . -21.88 37.86 1.65
C3D BCL SI . -22.82 37.34 0.78
C4D BCL SI . -22.85 38.16 -0.33
CMD BCL SI . -21.44 37.36 3.00
CAD BCL SI . -23.91 36.44 0.65
OBD BCL SI . -24.36 35.60 1.43
CBD BCL SI . -24.54 36.65 -0.76
CGD BCL SI . -24.51 35.39 -1.52
O1D BCL SI . -23.53 34.77 -1.82
O2D BCL SI . -25.70 34.95 -1.87
CED BCL SI . -25.74 33.71 -2.61
C1 BCL SI . -26.55 39.13 -7.85
C2 BCL SI . -27.48 40.16 -8.45
C3 BCL SI . -27.23 41.41 -8.82
C4 BCL SI . -28.28 42.34 -9.42
C5 BCL SI . -25.86 42.08 -8.65
C6 BCL SI . -25.90 43.63 -8.71
C7 BCL SI . -24.55 44.32 -8.61
C8 BCL SI . -24.62 45.85 -8.73
C9 BCL SI . -25.38 46.26 -10.01
C10 BCL SI . -23.22 46.50 -8.73
C11 BCL SI . -23.03 48.02 -8.71
C12 BCL SI . -23.47 48.73 -7.42
C13 BCL SI . -22.98 50.18 -7.33
C14 BCL SI . -21.47 50.30 -7.32
C15 BCL SI . -23.51 50.90 -6.06
C16 BCL SI . -22.99 52.32 -5.78
C17 BCL SI . -23.82 53.08 -4.73
C18 BCL SI . -23.34 54.45 -4.28
C19 BCL SI . -23.04 55.24 -5.55
C20 BCL SI . -22.10 54.45 -3.39
O1 PEX TI . -18.20 54.51 -3.35
O2 PEX TI . -17.16 55.00 -5.66
P1 PEX TI . -18.29 54.46 -4.84
O3 PEX TI . -18.72 52.95 -5.29
C1 PEX TI . -18.04 51.89 -4.65
C2 PEX TI . -18.93 50.78 -4.13
C3 PEX TI . -20.26 51.25 -3.59
O4 PEX TI . -20.94 50.14 -3.02
C4 PEX TI . -21.71 50.42 -2.00
O5 PEX TI . -21.94 51.56 -1.70
C5 PEX TI . -22.22 49.20 -1.29
C6 PEX TI . -23.08 48.31 -2.18
C7 PEX TI . -24.54 48.39 -1.80
C8 PEX TI . -25.46 48.08 -2.97
C9 PEX TI . -26.85 48.63 -2.82
C10 PEX TI . -27.57 48.82 -4.14
C11 PEX TI . -27.60 47.57 -5.00
C12 PEX TI . -28.71 47.59 -6.06
C13 PEX TI . -28.84 46.28 -6.82
O6 PEX TI . -19.21 49.80 -5.14
C14 PEX TI . -19.24 48.51 -4.79
O7 PEX TI . -19.25 48.14 -3.65
C15 PEX TI . -19.28 47.60 -5.98
C16 PEX TI . -20.62 46.95 -6.27
C17 PEX TI . -21.21 46.22 -5.08
C18 PEX TI . -22.47 45.45 -5.44
C19 PEX TI . -23.12 44.76 -4.25
C20 PEX TI . -23.96 43.55 -4.66
C21 PEX TI . -25.44 43.71 -4.36
C22 PEX TI . -26.17 42.37 -4.37
C23 PEX TI . -27.67 42.53 -4.48
O8 PEX TI . -19.69 55.14 -5.36
C24 PEX TI . -19.64 56.53 -5.61
C25 PEX TI . -19.25 57.29 -4.36
N1 PEX TI . -20.02 56.88 -3.20
MG BCL UI . -16.79 40.29 -9.26
CHA BCL UI . -18.30 40.11 -12.36
CHB BCL UI . -19.52 38.76 -7.95
CHC BCL UI . -15.78 41.20 -6.16
CHD BCL UI . -14.54 42.62 -10.58
NA BCL UI . -18.66 39.55 -10.08
C1A BCL UI . -19.06 39.51 -11.40
C2A BCL UI . -20.27 38.64 -11.57
C3A BCL UI . -20.73 38.39 -10.14
C4A BCL UI . -19.60 38.89 -9.31
CMA BCL UI . -22.04 39.10 -9.82
CAA BCL UI . -19.97 37.33 -12.31
CBA BCL UI . -21.24 36.62 -12.70
CGA BCL UI . -21.04 35.34 -13.41
O1A BCL UI . -20.14 34.64 -13.28
O2A BCL UI . -22.01 35.09 -14.23
NB BCL UI . -17.56 40.10 -7.34
C1B BCL UI . -18.63 39.26 -7.01
C2B BCL UI . -18.63 39.00 -5.64
C3B BCL UI . -17.56 39.70 -5.06
C4B BCL UI . -16.91 40.37 -6.18
CMB BCL UI . -19.67 38.08 -5.01
CAB BCL UI . -17.10 39.81 -3.67
OBB BCL UI . -16.32 40.70 -3.30
CBB BCL UI . -17.56 38.89 -2.57
NC BCL UI . -15.38 41.70 -8.49
C1C BCL UI . -15.09 41.90 -7.17
C2C BCL UI . -13.86 42.68 -6.94
C3C BCL UI . -13.37 42.98 -8.37
C4C BCL UI . -14.54 42.53 -9.21
CMC BCL UI . -14.08 43.93 -6.12
CAC BCL UI . -12.05 42.29 -8.76
CBC BCL UI . -10.85 42.87 -8.08
ND BCL UI . -16.46 41.20 -11.06
C1D BCL UI . -15.50 42.10 -11.49
C2D BCL UI . -15.65 42.38 -12.87
C3D BCL UI . -16.73 41.63 -13.28
C4D BCL UI . -17.20 40.94 -12.17
CMD BCL UI . -14.78 43.31 -13.68
CAD BCL UI . -17.43 41.10 -14.41
OBD BCL UI . -17.35 41.36 -15.61
CBD BCL UI . -18.42 40.03 -13.89
CGD BCL UI . -19.75 40.30 -14.41
O1D BCL UI . -20.37 39.65 -15.24
O2D BCL UI . -20.29 41.36 -13.90
CED BCL UI . -21.60 41.63 -14.38
C1 BCL UI . -21.97 33.85 -15.01
C2 BCL UI . -23.23 33.09 -14.63
C3 BCL UI . -24.49 33.47 -14.82
C4 BCL UI . -25.70 32.65 -14.41
C5 BCL UI . -24.84 34.80 -15.48
C6 BCL UI . -25.96 35.63 -14.84
C7 BCL UI . -25.61 36.21 -13.47
C8 BCL UI . -25.09 37.65 -13.47
C9 BCL UI . -24.69 38.10 -12.06
C10 BCL UI . -26.18 38.61 -13.99
C11 BCL UI . -25.66 39.45 -15.12
C12 BCL UI . -26.78 40.11 -15.94
C13 BCL UI . -27.72 39.12 -16.64
C14 BCL UI . -26.99 37.99 -17.35
C15 BCL UI . -28.53 39.92 -17.68
C16 BCL UI . -29.81 39.37 -18.32
C17 BCL UI . -29.91 38.15 -19.24
C18 BCL UI . -30.71 36.97 -18.72
C19 BCL UI . -32.07 37.57 -18.32
C20 BCL UI . -30.11 36.24 -17.52
MG BCL VI . -16.55 60.72 -30.63
CHA BCL VI . -17.63 60.01 -33.83
CHB BCL VI . -19.57 59.66 -29.47
CHC BCL VI . -15.81 62.03 -27.61
CHD BCL VI . -14.00 62.67 -32.01
NA BCL VI . -18.36 59.98 -31.56
C1A BCL VI . -18.55 59.63 -32.89
C2A BCL VI . -19.79 58.82 -33.08
C3A BCL VI . -20.48 58.91 -31.72
C4A BCL VI . -19.43 59.50 -30.83
CMA BCL VI . -21.72 59.79 -31.78
CAA BCL VI . -19.53 57.37 -33.52
CBA BCL VI . -20.86 56.83 -33.96
CGA BCL VI . -20.97 55.41 -34.35
O1A BCL VI . -21.22 55.02 -35.43
O2A BCL VI . -20.81 54.60 -33.37
NB BCL VI . -17.55 60.88 -28.83
C1B BCL VI . -18.75 60.27 -28.52
C2B BCL VI . -19.01 60.33 -27.14
C3B BCL VI . -17.93 61.00 -26.54
C4B BCL VI . -17.04 61.35 -27.66
CMB BCL VI . -20.26 59.73 -26.53
CAB BCL VI . -17.63 61.34 -25.15
OBB BCL VI . -16.50 61.64 -24.77
CBB BCL VI . -18.67 61.33 -24.07
NC BCL VI . -15.13 62.15 -29.93
C1C BCL VI . -14.98 62.52 -28.62
C2C BCL VI . -13.75 63.31 -28.38
C3C BCL VI . -13.06 63.30 -29.75
C4C BCL VI . -14.15 62.79 -30.65
CMC BCL VI . -14.04 64.71 -27.88
CAC BCL VI . -11.78 62.45 -29.81
CBC BCL VI . -10.66 63.00 -28.96
ND BCL VI . -15.93 61.28 -32.49
C1D BCL VI . -14.86 62.04 -32.94
C2D BCL VI . -14.78 62.03 -34.36
C3D BCL VI . -15.85 61.25 -34.78
C4D BCL VI . -16.51 60.82 -33.63
CMD BCL VI . -13.73 62.72 -35.19
CAD BCL VI . -16.39 60.52 -35.86
OBD BCL VI . -16.13 60.53 -37.07
CBD BCL VI . -17.50 59.59 -35.30
CGD BCL VI . -18.72 59.69 -36.09
O1D BCL VI . -19.18 58.83 -36.81
O2D BCL VI . -19.32 60.85 -35.97
CED BCL VI . -20.55 60.93 -36.72
C1 BCL VI . -20.98 53.21 -33.75
C2 BCL VI . -22.44 52.93 -33.34
C3 BCL VI . -22.94 52.14 -32.40
C4 BCL VI . -24.43 51.96 -32.11
C5 BCL VI . -22.05 51.29 -31.52
C6 BCL VI . -21.00 51.96 -30.62
C7 BCL VI . -21.46 52.23 -29.20
C8 BCL VI . -20.21 52.01 -28.33
C9 BCL VI . -19.55 50.65 -28.66
C10 BCL VI . -20.55 52.05 -26.84
C11 BCL VI . -19.42 51.48 -25.99
C12 BCL VI . -19.78 51.43 -24.52
C13 BCL VI . -21.17 50.81 -24.27
C14 BCL VI . -21.69 51.10 -22.89
C15 BCL VI . -21.09 49.29 -24.36
C16 BCL VI . -22.39 48.54 -24.59
C17 BCL VI . -23.88 48.55 -24.13
C18 BCL VI . -24.46 47.17 -24.53
C19 BCL VI . -24.06 46.98 -26.02
C20 BCL VI . -25.96 46.80 -24.45
C1B LMT WI . -12.90 57.80 -3.10
C2B LMT WI . -11.56 58.22 -2.46
C3B LMT WI . -11.48 57.73 -1.00
C4B LMT WI . -12.74 58.13 -0.21
C5B LMT WI . -13.97 57.65 -1.00
C6B LMT WI . -15.25 58.01 -0.26
O1B LMT WI . -12.88 56.42 -3.29
O2B LMT WI . -10.57 57.66 -3.21
O3B LMT WI . -10.33 58.17 -0.38
O4' LMT WI . -12.75 57.55 1.03
O5B LMT WI . -13.98 58.18 -2.31
O6B LMT WI . -16.26 58.22 -1.15
C1' LMT WI . -14.25 53.45 -5.72
C2' LMT WI . -13.97 54.76 -6.45
C3' LMT WI . -13.10 55.65 -5.54
C4' LMT WI . -13.80 55.86 -4.20
C5' LMT WI . -14.15 54.45 -3.66
C6' LMT WI . -14.79 54.45 -2.31
O1' LMT WI . -15.05 52.63 -6.45
O2' LMT WI . -13.29 54.49 -7.60
O3' LMT WI . -12.84 56.84 -6.15
O5' LMT WI . -14.97 53.76 -4.55
O6' LMT WI . -16.06 54.94 -2.50
C1 LMT WI . -14.93 51.28 -6.10
C2 LMT WI . -15.62 50.53 -7.18
C3 LMT WI . -15.11 49.14 -7.40
C4 LMT WI . -16.00 48.52 -8.44
C5 LMT WI . -15.61 47.09 -8.64
C6 LMT WI . -16.15 46.56 -9.90
C7 LMT WI . -16.81 45.25 -9.66
C8 LMT WI . -18.19 45.29 -10.18
C9 LMT WI . -18.82 43.95 -10.26
C10 LMT WI . -20.26 44.14 -10.65
C11 LMT WI . -20.97 42.84 -10.70
C12 LMT WI . -22.39 43.00 -11.09
C1 V7N XI . -6.99 33.92 -17.57
C10 V7N XI . -15.45 34.20 -22.95
C11 V7N XI . -16.63 33.97 -23.67
C12 V7N XI . -17.84 34.52 -23.24
C13 V7N XI . -19.11 34.41 -23.83
C14 V7N XI . -20.24 34.74 -23.03
C15 V7N XI . -21.58 34.70 -23.44
C16 V7N XI . -22.62 34.62 -22.52
C17 V7N XI . -23.98 34.59 -22.88
C18 V7N XI . -25.04 34.42 -21.97
C19 V7N XI . -26.36 34.42 -22.46
C2 V7N XI . -7.27 34.71 -18.87
C20 V7N XI . -27.50 34.11 -21.72
C21 V7N XI . -28.81 34.16 -22.26
C22 V7N XI . -29.96 33.96 -21.55
C23 V7N XI . -31.29 34.04 -22.20
C24 V7N XI . -31.90 32.66 -22.39
C25 V7N XI . -33.39 32.72 -22.37
C26 V7N XI . -34.12 31.67 -22.75
C27 V7N XI . -35.62 31.72 -22.73
C28 V7N XI . -36.22 31.70 -24.12
C29 V7N XI . -36.59 30.34 -24.56
C3 V7N XI . -8.49 34.27 -19.60
C30 V7N XI . -8.14 32.99 -17.25
C31 V7N XI . -5.70 33.12 -17.69
C33 V7N XI . -9.14 32.49 -22.86
C34 V7N XI . -14.00 32.86 -24.46
C35 V7N XI . -19.32 33.98 -25.22
C36 V7N XI . -24.76 34.27 -20.53
C37 V7N XI . -29.95 33.63 -20.11
C38 V7N XI . -33.49 30.41 -23.19
C39 V7N XI . -37.31 30.10 -25.67
C4 V7N XI . -8.42 33.86 -20.89
C40 V7N XI . -37.65 28.73 -26.07
C41 V7N XI . -5.69 35.64 -16.46
C43 V7N XI . -37.81 31.17 -26.56
C5 V7N XI . -9.45 33.41 -21.75
C6 V7N XI . -10.78 33.82 -21.57
C7 V7N XI . -11.81 33.41 -22.42
C8 V7N XI . -13.07 34.03 -22.44
C9 V7N XI . -14.17 33.70 -23.27
O32 V7N XI . -6.91 34.94 -16.56
O42 V7N XI . -13.36 31.82 -24.50
O44 V7N XI . -36.97 27.75 -25.46
O45 V7N XI . -38.49 28.37 -26.91
O1 PEX YI . -4.78 54.24 -22.66
O2 PEX YI . -6.41 53.05 -24.27
P1 PEX YI . -6.16 53.75 -22.96
O3 PEX YI . -6.70 52.84 -21.71
C1 PEX YI . -6.64 51.45 -21.86
C2 PEX YI . -7.95 50.76 -21.51
C3 PEX YI . -9.19 51.61 -21.66
O4 PEX YI . -9.43 52.32 -20.45
C4 PEX YI . -10.60 52.93 -20.32
O5 PEX YI . -10.74 54.12 -20.18
C5 PEX YI . -11.73 51.93 -20.38
C6 PEX YI . -11.78 50.98 -19.20
C7 PEX YI . -11.86 49.52 -19.60
C8 PEX YI . -13.27 48.97 -19.62
C9 PEX YI . -14.00 49.22 -20.93
C10 PEX YI . -15.41 48.65 -20.94
C11 PEX YI . -16.41 49.56 -21.64
C12 PEX YI . -16.27 49.56 -23.15
C13 PEX YI . -16.34 48.17 -23.76
O6 PEX YI . -8.14 49.58 -22.31
C14 PEX YI . -8.56 48.46 -21.72
O7 PEX YI . -9.00 48.45 -20.60
C15 PEX YI . -8.39 47.28 -22.62
C16 PEX YI . -9.67 46.50 -22.90
C17 PEX YI . -10.22 45.81 -21.66
C18 PEX YI . -11.35 44.85 -21.98
C19 PEX YI . -12.51 44.94 -20.99
C20 PEX YI . -13.40 43.71 -21.02
C21 PEX YI . -14.85 44.03 -21.32
C22 PEX YI . -15.76 42.82 -21.25
C23 PEX YI . -17.22 43.16 -21.46
O8 PEX YI . -7.24 54.95 -22.71
C24 PEX YI . -7.59 55.75 -23.82
C25 PEX YI . -6.36 56.38 -24.44
N1 PEX YI . -5.53 57.06 -23.46
MG BCL ZI . -6.45 38.12 -23.47
CHA BCL ZI . -7.49 37.42 -26.70
CHB BCL ZI . -9.56 37.28 -22.39
CHC BCL ZI . -5.80 39.65 -20.52
CHD BCL ZI . -3.63 39.67 -24.81
NA BCL ZI . -8.28 37.46 -24.45
C1A BCL ZI . -8.48 37.15 -25.78
C2A BCL ZI . -9.64 36.22 -25.94
C3A BCL ZI . -10.45 36.52 -24.66
C4A BCL ZI . -9.41 37.11 -23.75
CMA BCL ZI . -11.59 37.49 -24.92
CAA BCL ZI . -9.21 34.75 -26.02
CBA BCL ZI . -9.40 34.06 -27.35
CGA BCL ZI . -10.65 33.27 -27.34
O1A BCL ZI . -10.95 32.55 -26.48
O2A BCL ZI . -11.41 33.45 -28.41
NB BCL ZI . -7.52 38.48 -21.74
C1B BCL ZI . -8.76 37.92 -21.44
C2B BCL ZI . -9.06 38.09 -20.08
C3B BCL ZI . -7.99 38.78 -19.49
C4B BCL ZI . -7.04 39.00 -20.58
CMB BCL ZI . -10.33 37.55 -19.47
CAB BCL ZI . -7.76 39.25 -18.12
OBB BCL ZI . -6.89 40.08 -17.84
CBB BCL ZI . -8.55 38.75 -16.93
NC BCL ZI . -4.93 39.46 -22.78
C1C BCL ZI . -4.84 39.93 -21.50
C2C BCL ZI . -3.54 40.59 -21.22
C3C BCL ZI . -2.79 40.44 -22.55
C4C BCL ZI . -3.86 39.94 -23.48
CMC BCL ZI . -3.67 42.03 -20.77
CAC BCL ZI . -1.55 39.52 -22.49
CBC BCL ZI . -0.37 40.13 -21.78
ND BCL ZI . -5.71 38.52 -25.33
C1D BCL ZI . -4.52 39.10 -25.75
C2D BCL ZI . -4.37 39.00 -27.15
C3D BCL ZI . -5.51 38.34 -27.60
C4D BCL ZI . -6.29 38.08 -26.48
CMD BCL ZI . -3.20 39.51 -27.95
CAD BCL ZI . -6.06 37.58 -28.65
OBD BCL ZI . -5.64 37.36 -29.79
CBD BCL ZI . -7.40 36.99 -28.17
CGD BCL ZI . -8.50 37.42 -29.05
O1D BCL ZI . -9.08 36.73 -29.86
O2D BCL ZI . -8.83 38.68 -28.88
CED BCL ZI . -9.91 39.15 -29.71
C1 BCL ZI . -12.68 32.73 -28.50
C2 BCL ZI . -12.39 31.28 -28.85
C3 BCL ZI . -13.30 30.54 -29.42
C4 BCL ZI . -13.13 29.09 -29.82
C5 BCL ZI . -14.68 31.13 -29.77
C6 BCL ZI . -15.15 30.94 -31.21
C7 BCL ZI . -16.52 31.58 -31.48
C8 BCL ZI . -16.60 33.11 -31.70
C9 BCL ZI . -18.02 33.63 -31.39
C10 BCL ZI . -16.20 33.48 -33.14
C11 BCL ZI . -16.46 34.93 -33.52
C12 BCL ZI . -16.26 35.23 -35.01
C13 BCL ZI . -17.15 36.38 -35.54
C14 BCL ZI . -17.40 36.27 -37.04
C15 BCL ZI . -16.54 37.77 -35.27
C16 BCL ZI . -17.54 38.87 -35.70
C17 BCL ZI . -17.21 40.37 -35.59
C18 BCL ZI . -16.09 40.80 -36.54
C19 BCL ZI . -15.91 42.30 -36.28
C20 BCL ZI . -16.37 40.58 -38.04
C1B LMT AJ . 0.05 55.03 -21.60
C2B LMT AJ . 0.84 55.37 -20.33
C3B LMT AJ . -0.14 55.51 -19.16
C4B LMT AJ . -1.11 56.67 -19.46
C5B LMT AJ . -1.84 56.31 -20.77
C6B LMT AJ . -2.73 57.48 -21.20
O1B LMT AJ . -0.37 53.70 -21.52
O2B LMT AJ . 1.72 54.34 -20.11
O3B LMT AJ . 0.49 55.64 -17.95
O4' LMT AJ . -2.02 56.81 -18.45
O5B LMT AJ . -1.00 55.93 -21.86
O6B LMT AJ . -3.42 57.99 -20.12
C1' LMT AJ . -2.69 50.84 -23.21
C2' LMT AJ . -2.02 51.74 -24.24
C3' LMT AJ . -0.85 52.46 -23.53
C4' LMT AJ . -1.42 53.26 -22.34
C5' LMT AJ . -2.26 52.27 -21.50
C6' LMT AJ . -2.85 52.89 -20.26
O1' LMT AJ . -3.69 50.11 -23.78
O2' LMT AJ . -1.54 50.98 -25.25
O3' LMT AJ . -0.18 53.27 -24.39
O5' LMT AJ . -3.28 51.66 -22.24
O6' LMT AJ . -3.87 53.69 -20.68
C1 LMT AJ . -4.01 48.95 -23.07
C2 LMT AJ . -4.36 47.94 -24.10
C3 LMT AJ . -3.71 46.61 -23.96
C4 LMT AJ . -4.58 45.63 -24.71
C5 LMT AJ . -4.14 44.24 -24.41
C6 LMT AJ . -4.69 43.28 -25.40
C7 LMT AJ . -6.18 43.30 -25.37
C8 LMT AJ . -6.66 42.10 -26.10
C9 LMT AJ . -7.95 41.54 -25.63
C10 LMT AJ . -8.99 41.90 -26.65
C11 LMT AJ . -10.16 40.99 -26.54
C12 LMT AJ . -11.35 41.52 -27.27
C1 V7N BJ . 3.33 28.56 -27.50
C10 V7N BJ . -4.03 28.24 -34.68
C11 V7N BJ . -5.10 27.93 -35.52
C12 V7N BJ . -6.27 28.66 -35.43
C13 V7N BJ . -7.44 28.47 -36.18
C14 V7N BJ . -8.60 29.16 -35.78
C15 V7N BJ . -9.84 29.05 -36.40
C16 V7N BJ . -10.99 29.63 -35.87
C17 V7N BJ . -12.22 29.49 -36.50
C18 V7N BJ . -13.47 29.92 -36.02
C19 V7N BJ . -14.59 29.66 -36.81
C2 V7N BJ . 3.51 28.95 -28.97
C20 V7N BJ . -15.89 30.03 -36.52
C21 V7N BJ . -16.97 29.73 -37.37
C22 V7N BJ . -18.27 30.02 -37.05
C23 V7N BJ . -19.38 29.67 -37.97
C24 V7N BJ . -20.16 28.50 -37.44
C25 V7N BJ . -21.61 28.77 -37.37
C26 V7N BJ . -22.47 28.35 -38.31
C27 V7N BJ . -23.92 28.64 -38.23
C28 V7N BJ . -24.66 28.32 -39.51
C29 V7N BJ . -25.30 26.98 -39.49
C3 V7N BJ . 2.92 27.98 -29.90
C30 V7N BJ . 1.94 27.98 -27.27
C31 V7N BJ . 4.37 27.53 -27.07
C33 V7N BJ . 1.76 26.15 -32.05
C34 V7N BJ . -2.70 26.20 -35.21
C35 V7N BJ . -7.51 27.57 -37.35
C36 V7N BJ . -13.55 30.62 -34.71
C37 V7N BJ . -18.64 30.66 -35.78
C38 V7N BJ . -21.97 27.58 -39.47
C39 V7N BJ . -25.52 26.27 -40.62
C4 V7N BJ . 1.85 28.28 -30.69
C40 V7N BJ . -26.15 24.94 -40.57
C41 V7N BJ . 4.71 30.14 -26.28
C43 V7N BJ . -25.16 26.75 -41.96
C5 V7N BJ . 1.20 27.44 -31.61
C6 V7N BJ . -0.04 27.89 -32.11
C7 V7N BJ . -0.86 27.23 -33.01
C8 V7N BJ . -1.92 27.94 -33.57
C9 V7N BJ . -2.87 27.47 -34.48
O32 V7N BJ . 3.43 29.81 -26.80
O42 V7N BJ . -2.54 26.10 -36.42
O44 V7N BJ . -26.20 24.35 -39.38
O45 V7N BJ . -26.65 24.32 -41.53
MG BCL CJ . -0.49 36.06 -30.06
CHA BCL CJ . -3.43 34.38 -29.45
CHB BCL CJ . -0.18 34.26 -32.95
CHC BCL CJ . 2.72 37.07 -30.32
CHD BCL CJ . -0.45 37.07 -26.72
NA BCL CJ . -1.67 34.50 -31.02
C1A BCL CJ . -2.92 34.05 -30.67
C2A BCL CJ . -3.62 33.48 -31.83
C3A BCL CJ . -2.48 33.18 -32.82
C4A BCL CJ . -1.37 34.01 -32.29
CMA BCL CJ . -2.11 31.71 -32.85
CAA BCL CJ . -4.66 34.46 -32.39
CBA BCL CJ . -5.91 33.78 -32.91
CGA BCL CJ . -5.63 32.77 -33.94
O1A BCL CJ . -5.87 31.64 -33.85
O2A BCL CJ . -5.06 33.28 -34.96
NB BCL CJ . 1.07 35.70 -31.39
C1B BCL CJ . 0.97 34.98 -32.57
C2B BCL CJ . 2.15 35.07 -33.30
C3B BCL CJ . 3.03 35.90 -32.57
C4B BCL CJ . 2.30 36.25 -31.38
CMB BCL CJ . 2.35 34.38 -34.64
CAB BCL CJ . 4.39 36.36 -32.86
OBB BCL CJ . 4.79 37.47 -32.49
CBB BCL CJ . 5.38 35.53 -33.63
NC BCL CJ . 0.91 36.96 -28.72
C1C BCL CJ . 2.22 37.25 -29.02
C2C BCL CJ . 2.92 38.02 -27.97
C3C BCL CJ . 1.85 38.10 -26.87
C4C BCL CJ . 0.74 37.24 -27.39
CMC BCL CJ . 4.21 37.38 -27.52
CAC BCL CJ . 1.39 39.53 -26.52
CBC BCL CJ . 2.30 40.24 -25.55
ND BCL CJ . -1.65 35.80 -28.41
C1D BCL CJ . -1.56 36.27 -27.11
C2D BCL CJ . -2.64 35.83 -26.33
C3D BCL CJ . -3.43 35.08 -27.19
C4D BCL CJ . -2.81 35.09 -28.43
CMD BCL CJ . -2.85 36.13 -24.87
CAD BCL CJ . -4.67 34.44 -27.37
OBD BCL CJ . -5.61 34.23 -26.57
CBD BCL CJ . -4.77 33.96 -28.83
CGD BCL CJ . -5.07 32.52 -28.89
O1D BCL CJ . -4.38 31.64 -28.44
O2D BCL CJ . -6.21 32.24 -29.48
CED BCL CJ . -6.56 30.85 -29.55
C1 BCL CJ . -4.69 32.40 -36.06
C2 BCL CJ . -3.87 33.25 -36.99
C3 BCL CJ . -2.86 32.81 -37.67
C4 BCL CJ . -2.01 33.64 -38.61
C5 BCL CJ . -2.44 31.34 -37.55
C6 BCL CJ . -2.42 30.54 -38.85
C7 BCL CJ . -1.94 29.11 -38.62
C8 BCL CJ . -1.76 28.26 -39.89
C9 BCL CJ . -1.30 26.84 -39.49
C10 BCL CJ . -0.72 28.91 -40.81
C11 BCL CJ . -1.13 29.10 -42.27
C12 BCL CJ . -1.66 27.82 -42.92
C13 BCL CJ . -1.89 27.92 -44.44
C14 BCL CJ . -2.60 29.20 -44.86
C15 BCL CJ . -2.74 26.70 -44.84
C16 BCL CJ . -3.20 26.75 -46.27
C17 BCL CJ . -4.49 25.93 -46.50
C18 BCL CJ . -5.15 26.22 -47.84
C19 BCL CJ . -5.44 27.72 -47.82
C20 BCL CJ . -6.43 25.43 -48.11
O1 PEX DJ . 9.80 46.90 -36.63
O2 PEX DJ . 8.77 45.93 -38.77
P1 PEX DJ . 8.61 46.35 -37.34
O3 PEX DJ . 7.94 45.14 -36.43
C1 PEX DJ . 8.16 43.80 -36.79
C2 PEX DJ . 7.21 42.86 -36.05
C3 PEX DJ . 6.04 43.58 -35.41
O4 PEX DJ . 5.03 42.68 -34.99
C4 PEX DJ . 3.96 43.23 -34.46
O5 PEX DJ . 3.85 44.41 -34.34
C5 PEX DJ . 2.94 42.21 -34.02
C6 PEX DJ . 1.68 42.23 -34.86
C7 PEX DJ . 0.70 43.31 -34.42
C8 PEX DJ . -0.42 43.51 -35.43
C9 PEX DJ . -0.96 42.22 -36.03
C10 PEX DJ . -0.70 42.09 -37.52
C11 PEX DJ . -1.95 41.74 -38.31
C12 PEX DJ . -1.75 40.68 -39.38
C13 PEX DJ . -3.00 40.44 -40.19
O6 PEX DJ . 6.68 41.81 -36.88
C14 PEX DJ . 6.40 40.62 -36.33
O7 PEX DJ . 6.55 40.39 -35.16
C15 PEX DJ . 5.84 39.63 -37.33
C16 PEX DJ . 4.36 39.32 -37.24
C17 PEX DJ . 3.92 38.75 -35.90
C18 PEX DJ . 2.57 38.05 -35.93
C19 PEX DJ . 1.50 38.70 -35.05
C20 PEX DJ . 0.40 37.75 -34.61
C21 PEX DJ . -0.97 38.00 -35.24
C22 PEX DJ . -2.03 37.03 -34.76
C23 PEX DJ . -3.36 37.15 -35.50
O8 PEX DJ . 7.33 47.37 -37.17
C24 PEX DJ . 6.83 47.57 -35.86
C25 PEX DJ . 6.70 49.04 -35.52
N1 PEX DJ . 7.49 49.46 -34.38
MG BCL EJ . 5.69 30.67 -33.70
CHA BCL EJ . 5.17 29.03 -36.70
CHB BCL EJ . 2.33 30.67 -33.23
CHC BCL EJ . 6.06 33.00 -31.28
CHD BCL EJ . 8.94 31.39 -34.77
NA BCL EJ . 3.98 29.92 -34.84
C1A BCL EJ . 3.98 29.27 -36.06
C2A BCL EJ . 2.63 28.72 -36.38
C3A BCL EJ . 1.72 29.46 -35.38
C4A BCL EJ . 2.68 30.07 -34.41
CMA BCL EJ . 0.86 30.51 -36.06
CAA BCL EJ . 2.56 27.20 -36.22
CBA BCL EJ . 1.33 26.58 -36.84
CGA BCL EJ . 1.24 25.13 -36.55
O1A BCL EJ . 2.01 24.54 -35.97
O2A BCL EJ . 0.20 24.55 -37.02
NB BCL EJ . 4.40 31.74 -32.49
C1B BCL EJ . 3.05 31.45 -32.33
C2B BCL EJ . 2.55 32.03 -31.16
C3B BCL EJ . 3.60 32.75 -30.56
C4B BCL EJ . 4.74 32.52 -31.43
CMB BCL EJ . 1.11 31.83 -30.72
CAB BCL EJ . 3.66 33.57 -29.34
OBB BCL EJ . 4.64 34.27 -29.05
CBB BCL EJ . 2.56 33.61 -28.31
NC BCL EJ . 7.27 32.00 -33.12
C1C BCL EJ . 7.22 32.85 -32.06
C2C BCL EJ . 8.55 33.38 -31.68
C3C BCL EJ . 9.48 32.75 -32.71
C4C BCL EJ . 8.52 32.10 -33.67
CMC BCL EJ . 8.59 34.90 -31.69
CAC BCL EJ . 10.50 31.74 -32.12
CBC BCL EJ . 11.68 32.40 -31.44
ND BCL EJ . 6.84 30.33 -35.37
C1D BCL EJ . 8.15 30.62 -35.67
C2D BCL EJ . 8.53 30.05 -36.90
C3D BCL EJ . 7.40 29.41 -37.37
C4D BCL EJ . 6.41 29.60 -36.42
CMD BCL EJ . 9.90 30.15 -37.54
CAD BCL EJ . 6.90 28.49 -38.31
OBD BCL EJ . 7.44 27.96 -39.28
CBD BCL EJ . 5.44 28.16 -37.94
CGD BCL EJ . 4.56 28.42 -39.09
O1D BCL EJ . 3.94 27.59 -39.72
O2D BCL EJ . 4.47 29.69 -39.38
CED BCL EJ . 3.58 29.99 -40.45
C1 BCL EJ . 0.08 23.12 -36.73
C2 BCL EJ . -0.58 23.07 -35.37
C3 BCL EJ . -1.73 22.55 -35.10
C4 BCL EJ . -2.37 22.53 -33.72
C5 BCL EJ . -2.55 21.88 -36.23
C6 BCL EJ . -3.66 22.69 -36.90
C7 BCL EJ . -4.85 22.96 -35.98
C8 BCL EJ . -6.02 23.72 -36.60
C9 BCL EJ . -7.07 24.03 -35.53
C10 BCL EJ . -6.64 22.89 -37.73
C11 BCL EJ . -7.58 23.70 -38.56
C12 BCL EJ . -8.34 22.85 -39.57
C13 BCL EJ . -9.16 23.72 -40.54
C14 BCL EJ . -10.11 24.66 -39.80
C15 BCL EJ . -9.98 22.80 -41.45
C16 BCL EJ . -10.36 23.58 -42.69
C17 BCL EJ . -11.19 22.89 -43.78
C18 BCL EJ . -11.30 23.77 -45.02
C19 BCL EJ . -9.86 23.87 -45.54
C20 BCL EJ . -11.88 25.15 -44.74
MG BCL FJ . 20.31 34.28 -58.95
CHA BCL FJ . 19.89 32.03 -61.53
CHB BCL FJ . 16.96 34.83 -59.01
CHC BCL FJ . 20.74 36.96 -56.95
CHD BCL FJ . 23.72 34.37 -59.69
NA BCL FJ . 18.67 33.53 -60.15
C1A BCL FJ . 18.69 32.53 -61.11
C2A BCL FJ . 17.31 32.05 -61.44
C3A BCL FJ . 16.40 33.09 -60.75
C4A BCL FJ . 17.34 33.87 -59.90
CMA BCL FJ . 15.70 34.01 -61.74
CAA BCL FJ . 17.01 30.61 -60.99
CBA BCL FJ . 15.62 30.16 -61.42
CGA BCL FJ . 15.25 28.80 -60.99
O1A BCL FJ . 15.86 28.12 -60.28
O2A BCL FJ . 14.12 28.39 -61.49
NB BCL FJ . 19.06 35.73 -58.16
C1B BCL FJ . 17.68 35.68 -58.17
C2B BCL FJ . 17.14 36.57 -57.25
C3B BCL FJ . 18.22 37.22 -56.61
C4B BCL FJ . 19.40 36.67 -57.24
CMB BCL FJ . 15.65 36.74 -57.05
CAB BCL FJ . 18.24 38.22 -55.55
OBB BCL FJ . 19.20 38.33 -54.78
CBB BCL FJ . 17.11 39.19 -55.31
NC BCL FJ . 21.99 35.48 -58.41
C1C BCL FJ . 21.94 36.54 -57.54
C2C BCL FJ . 23.29 37.04 -57.16
C3C BCL FJ . 24.23 36.03 -57.84
C4C BCL FJ . 23.30 35.33 -58.79
CMC BCL FJ . 23.54 38.46 -57.60
CAC BCL FJ . 24.96 35.08 -56.85
CBC BCL FJ . 25.83 35.81 -55.86
ND BCL FJ . 21.57 33.43 -60.31
C1D BCL FJ . 22.95 33.52 -60.50
C2D BCL FJ . 23.37 32.66 -61.55
C3D BCL FJ . 22.21 32.05 -62.01
C4D BCL FJ . 21.16 32.53 -61.24
CMD BCL FJ . 24.79 32.51 -62.02
CAD BCL FJ . 21.70 30.99 -62.78
OBD BCL FJ . 22.26 30.18 -63.53
CBD BCL FJ . 20.17 30.91 -62.56
CGD BCL FJ . 19.46 31.10 -63.83
O1D BCL FJ . 18.84 30.26 -64.44
O2D BCL FJ . 19.60 32.33 -64.25
CED BCL FJ . 18.90 32.64 -65.46
C1 BCL FJ . 13.68 27.05 -61.10
C2 BCL FJ . 12.20 27.20 -60.75
C3 BCL FJ . 11.78 27.45 -59.53
C4 BCL FJ . 10.31 27.61 -59.16
C5 BCL FJ . 12.82 27.61 -58.40
C6 BCL FJ . 12.97 28.93 -57.62
C7 BCL FJ . 11.87 29.20 -56.57
C8 BCL FJ . 12.31 29.95 -55.30
C9 BCL FJ . 13.36 29.11 -54.54
C10 BCL FJ . 11.11 30.30 -54.42
C11 BCL FJ . 11.31 30.94 -53.03
C12 BCL FJ . 10.09 31.70 -52.47
C13 BCL FJ . 8.70 31.00 -52.50
C14 BCL FJ . 7.81 31.50 -53.58
C15 BCL FJ . 7.83 31.08 -51.19
C16 BCL FJ . 7.10 29.75 -50.61
C17 BCL FJ . 8.69 29.20 -50.64
C18 BCL FJ . 9.43 27.97 -51.38
C19 BCL FJ . 8.49 26.90 -52.02
C20 BCL FJ . 10.49 27.18 -50.60
C1 V7N GJ . 13.82 19.14 -32.98
C10 V7N GJ . 7.84 17.78 -41.25
C11 V7N GJ . 6.79 17.44 -42.11
C12 V7N GJ . 5.94 18.42 -42.60
C13 V7N GJ . 4.84 18.25 -43.46
C14 V7N GJ . 3.78 19.17 -43.39
C15 V7N GJ . 2.63 19.09 -44.18
C16 V7N GJ . 1.49 19.88 -43.94
C17 V7N GJ . 0.35 19.77 -44.73
C18 V7N GJ . -0.83 20.52 -44.59
C19 V7N GJ . -1.89 20.25 -45.48
C2 V7N GJ . 14.21 18.49 -34.31
C20 V7N GJ . -3.11 20.92 -45.53
C21 V7N GJ . -4.11 20.57 -46.46
C22 V7N GJ . -5.28 21.28 -46.62
C23 V7N GJ . -6.29 20.85 -47.61
C24 V7N GJ . -7.32 19.96 -46.96
C25 V7N GJ . -8.70 20.20 -47.44
C26 V7N GJ . -9.25 19.47 -48.42
C27 V7N GJ . -10.64 19.73 -48.89
C28 V7N GJ . -10.99 19.06 -50.20
C29 V7N GJ . -11.72 17.77 -50.01
C3 V7N GJ . 13.14 17.67 -34.92
C30 V7N GJ . 12.32 19.33 -32.92
C31 V7N GJ . 14.28 18.30 -31.79
C33 V7N GJ . 11.92 15.30 -36.73
C34 V7N GJ . 8.69 15.47 -40.96
C35 V7N GJ . 4.76 17.12 -44.42
C36 V7N GJ . -0.95 21.54 -43.52
C37 V7N GJ . -5.58 22.49 -45.85
C38 V7N GJ . -8.48 18.39 -49.07
C39 V7N GJ . -12.31 17.12 -51.01
C4 V7N GJ . 13.07 17.50 -36.27
C40 V7N GJ . -13.02 15.84 -50.78
C41 V7N GJ . 14.27 21.27 -31.97
C43 V7N GJ . -12.31 17.58 -52.42
C5 V7N GJ . 12.09 16.75 -36.98
C6 V7N GJ . 11.30 17.41 -37.92
C7 V7N GJ . 10.32 16.79 -38.70
C8 V7N GJ . 9.76 17.43 -39.81
C9 V7N GJ . 8.77 16.91 -40.66
O32 V7N GJ . 14.49 20.40 -33.04
O42 V7N GJ . 8.85 14.56 -40.15
O44 V7N GJ . -12.97 15.36 -49.53
O45 V7N GJ . -13.66 15.17 -51.61
MG BCL HJ . 12.13 25.80 -38.10
CHA BCL HJ . 8.82 24.86 -37.78
CHB BCL HJ . 12.56 23.20 -40.27
CHC BCL HJ . 15.47 26.21 -37.88
CHD BCL HJ . 11.78 27.74 -35.23
NA BCL HJ . 10.84 24.23 -38.87
C1A BCL HJ . 9.47 24.11 -38.72
C2A BCL HJ . 8.88 23.20 -39.76
C3A BCL HJ . 10.13 22.48 -40.30
C4A BCL HJ . 11.25 23.34 -39.86
CMA BCL HJ . 10.25 21.06 -39.76
CAA BCL HJ . 8.05 23.96 -40.82
CBA BCL HJ . 7.12 23.15 -41.77
CGA BCL HJ . 7.86 22.18 -42.60
O1A BCL HJ . 7.60 21.04 -42.72
O2A BCL HJ . 8.89 22.81 -43.13
NB BCL HJ . 13.78 24.83 -38.91
C1B BCL HJ . 13.75 23.82 -39.85
C2B BCL HJ . 15.04 23.55 -40.31
C3B BCL HJ . 15.92 24.40 -39.64
C4B BCL HJ . 15.07 25.20 -38.76
CMB BCL HJ . 15.32 22.48 -41.37
CAB BCL HJ . 17.38 24.57 -39.71
OBB BCL HJ . 17.94 25.64 -39.46
CBB BCL HJ . 18.30 23.44 -40.11
NC BCL HJ . 13.43 26.84 -36.76
C1C BCL HJ . 14.79 26.87 -36.85
C2C BCL HJ . 15.43 27.81 -35.91
C3C BCL HJ . 14.24 28.36 -35.12
C4C BCL HJ . 13.08 27.56 -35.64
CMC BCL HJ . 16.48 27.14 -35.03
CAC BCL HJ . 14.06 29.89 -35.23
CBC BCL HJ . 15.00 30.65 -34.34
ND BCL HJ . 10.66 26.23 -36.76
C1D BCL HJ . 10.62 27.04 -35.64
C2D BCL HJ . 9.34 27.02 -35.04
C3D BCL HJ . 8.58 26.18 -35.83
C4D BCL HJ . 9.39 25.73 -36.85
CMD BCL HJ . 8.96 27.77 -33.80
CAD BCL HJ . 7.28 25.70 -36.10
OBD BCL HJ . 6.21 25.89 -35.51
CBD BCL HJ . 7.34 24.82 -37.37
CGD BCL HJ . 6.75 23.49 -37.10
O1D BCL HJ . 7.22 22.64 -36.39
O2D BCL HJ . 5.62 23.28 -37.74
CED BCL HJ . 5.02 21.98 -37.53
C1 BCL HJ . 9.96 22.22 -43.96
C2 BCL HJ . 9.33 21.46 -45.11
C3 BCL HJ . 10.18 21.14 -46.05
C4 BCL HJ . 11.66 21.47 -46.04
C5 BCL HJ . 9.72 20.37 -47.29
C6 BCL HJ . 9.31 21.21 -48.48
C7 BCL HJ . 8.90 20.36 -49.68
C8 BCL HJ . 8.45 21.18 -50.87
C9 BCL HJ . 7.29 22.12 -50.49
C10 BCL HJ . 8.03 20.25 -52.01
C11 BCL HJ . 7.34 20.99 -53.15
C12 BCL HJ . 7.27 20.16 -54.43
C13 BCL HJ . 6.32 20.77 -55.47
C14 BCL HJ . 6.35 20.01 -56.79
C15 BCL HJ . 6.77 22.23 -55.72
C16 BCL HJ . 8.12 22.55 -56.31
C17 BCL HJ . 8.05 22.96 -57.78
C18 BCL HJ . 7.28 24.24 -57.99
C19 BCL HJ . 7.32 24.44 -59.51
C20 BCL HJ . 7.91 25.44 -57.25
O1 PEX IJ . 25.15 31.64 -45.64
O2 PEX IJ . 22.79 31.38 -46.64
P1 PEX IJ . 23.68 31.90 -45.55
O3 PEX IJ . 23.12 31.43 -44.08
C1 PEX IJ . 22.63 30.11 -43.97
C2 PEX IJ . 21.13 30.06 -43.76
C3 PEX IJ . 20.34 31.02 -44.63
O4 PEX IJ . 19.12 31.37 -44.00
C4 PEX IJ . 18.50 32.45 -44.44
O5 PEX IJ . 19.07 33.37 -44.96
C5 PEX IJ . 17.02 32.35 -44.21
C6 PEX IJ . 16.65 31.27 -43.21
C7 PEX IJ . 15.62 30.30 -43.78
C8 PEX IJ . 14.40 31.01 -44.36
C9 PEX IJ . 14.22 30.79 -45.86
C10 PEX IJ . 13.59 29.45 -46.21
C11 PEX IJ . 13.64 29.15 -47.70
C12 PEX IJ . 13.43 30.40 -48.56
C13 PEX IJ . 12.75 30.07 -49.89
O6 PEX IJ . 20.61 28.74 -44.00
C14 PEX IJ . 19.66 28.26 -43.21
O7 PEX IJ . 18.89 28.95 -42.61
C15 PEX IJ . 19.70 26.75 -43.15
C16 PEX IJ . 18.42 26.05 -43.60
C17 PEX IJ . 17.24 26.34 -42.67
C18 PEX IJ . 15.90 25.85 -43.22
C19 PEX IJ . 14.74 26.70 -42.74
C20 PEX IJ . 13.44 25.92 -42.64
C21 PEX IJ . 12.38 26.37 -43.63
C22 PEX IJ . 11.04 25.67 -43.42
C23 PEX IJ . 10.05 25.93 -44.53
O8 PEX IJ . 23.40 33.49 -45.29
C24 PEX IJ . 22.20 34.02 -45.83
C25 PEX IJ . 22.27 35.53 -45.90
N1 PEX IJ . 22.07 36.16 -44.61
C1B LMT JJ . 29.56 33.06 -42.07
C2B LMT JJ . 30.03 34.05 -40.99
C3B LMT JJ . 28.87 34.95 -40.55
C4B LMT JJ . 28.32 35.70 -41.77
C5B LMT JJ . 27.92 34.65 -42.82
C6B LMT JJ . 27.44 35.35 -44.09
O1B LMT JJ . 28.74 32.10 -41.51
O2B LMT JJ . 30.49 33.28 -39.94
O3B LMT JJ . 29.24 35.79 -39.53
O4' LMT JJ . 27.22 36.45 -41.44
O5B LMT JJ . 28.94 33.72 -43.14
O6B LMT JJ . 28.50 35.51 -44.95
C1' LMT JJ . 26.86 28.57 -42.33
C2' LMT JJ . 28.17 28.75 -43.11
C3' LMT JJ . 28.97 29.91 -42.49
C4' LMT JJ . 28.10 31.18 -42.36
C5' LMT JJ . 26.80 30.74 -41.66
C6' LMT JJ . 25.85 31.87 -41.38
O1' LMT JJ . 26.08 27.60 -42.89
O2' LMT JJ . 28.90 27.61 -43.02
O3' LMT JJ . 30.07 30.16 -43.25
O5' LMT JJ . 26.13 29.77 -42.41
O6' LMT JJ . 25.21 32.12 -42.56
C1 LMT JJ . 24.75 27.62 -42.44
C2 LMT JJ . 24.19 26.29 -42.83
C3 LMT JJ . 24.11 25.28 -41.74
C4 LMT JJ . 23.06 24.30 -42.15
C5 LMT JJ . 23.02 23.15 -41.21
C6 LMT JJ . 22.56 21.92 -41.88
C7 LMT JJ . 21.17 21.60 -41.47
C8 LMT JJ . 20.37 21.29 -42.69
C9 LMT JJ . 19.19 20.42 -42.42
C10 LMT JJ . 18.29 20.53 -43.60
C11 LMT JJ . 17.05 19.72 -43.40
C12 LMT JJ . 16.16 19.78 -44.59
MG BCL KJ . 17.58 18.71 -38.68
CHA BCL KJ . 17.29 16.44 -41.28
CHB BCL KJ . 14.27 19.39 -39.02
CHC BCL KJ . 18.02 21.61 -36.97
CHD BCL KJ . 21.05 18.51 -39.03
NA BCL KJ . 16.01 18.00 -40.00
C1A BCL KJ . 16.08 16.99 -40.95
C2A BCL KJ . 14.71 16.50 -41.32
C3A BCL KJ . 13.79 17.60 -40.76
C4A BCL KJ . 14.69 18.40 -39.88
CMA BCL KJ . 13.19 18.46 -41.87
CAA BCL KJ . 14.37 15.11 -40.75
CBA BCL KJ . 13.14 14.49 -41.40
CGA BCL KJ . 12.75 13.17 -40.84
O1A BCL KJ . 13.47 12.34 -40.50
O2A BCL KJ . 11.43 13.03 -40.83
NB BCL KJ . 16.36 20.30 -38.13
C1B BCL KJ . 14.97 20.30 -38.23
C2B BCL KJ . 14.42 21.28 -37.40
C3B BCL KJ . 15.48 21.98 -36.79
C4B BCL KJ . 16.68 21.32 -37.28
CMB BCL KJ . 12.92 21.47 -37.27
CAB BCL KJ . 15.52 23.11 -35.85
OBB BCL KJ . 16.55 23.75 -35.63
CBB BCL KJ . 14.32 23.56 -35.07
NC BCL KJ . 19.28 19.88 -38.09
C1C BCL KJ . 19.22 21.04 -37.37
C2C BCL KJ . 20.55 21.48 -36.87
C3C BCL KJ . 21.48 20.36 -37.36
C4C BCL KJ . 20.61 19.61 -38.33
CMC BCL KJ . 20.96 22.84 -37.38
CAC BCL KJ . 22.05 19.46 -36.22
CBC BCL KJ . 23.20 20.09 -35.49
ND BCL KJ . 18.91 17.74 -39.89
C1D BCL KJ . 20.30 17.69 -39.91
C2D BCL KJ . 20.77 16.75 -40.85
C3D BCL KJ . 19.63 16.22 -41.44
C4D BCL KJ . 18.54 16.84 -40.84
CMD BCL KJ . 22.21 16.42 -41.13
CAD BCL KJ . 19.12 15.16 -42.20
OBD BCL KJ . 19.69 14.30 -42.88
CBD BCL KJ . 17.58 15.18 -42.11
CGD BCL KJ . 16.98 15.09 -43.44
O1D BCL KJ . 16.39 14.13 -43.89
O2D BCL KJ . 17.13 16.18 -44.16
CED BCL KJ . 16.52 16.09 -45.47
C1 BCL KJ . 10.78 11.81 -40.32
C2 BCL KJ . 11.03 10.72 -41.37
C3 BCL KJ . 10.58 10.69 -42.59
C4 BCL KJ . 10.86 9.56 -43.60
C5 BCL KJ . 9.70 11.78 -43.18
C6 BCL KJ . 8.75 11.36 -44.30
C7 BCL KJ . 8.08 12.59 -44.92
C8 BCL KJ . 9.09 13.43 -45.70
C9 BCL KJ . 8.51 14.82 -46.01
C10 BCL KJ . 9.47 12.69 -47.00
C11 BCL KJ . 10.57 13.32 -47.83
C12 BCL KJ . 10.81 12.56 -49.13
C13 BCL KJ . 11.87 13.19 -50.04
C14 BCL KJ . 11.89 14.72 -49.96
C15 BCL KJ . 11.44 12.74 -51.43
C16 BCL KJ . 11.89 13.38 -52.72
C17 BCL KJ . 11.19 12.53 -53.80
C18 BCL KJ . 11.17 13.10 -55.21
C19 BCL KJ . 10.21 12.14 -55.95
C20 BCL KJ . 12.52 13.17 -55.92
C1 V7N LJ . 28.71 -6.41 -28.09
C10 V7N LJ . 25.28 -10.56 -36.42
C11 V7N LJ . 24.52 -11.09 -37.46
C12 V7N LJ . 24.53 -10.52 -38.73
C13 V7N LJ . 23.79 -10.97 -39.84
C14 V7N LJ . 23.39 -10.02 -40.79
C15 V7N LJ . 22.64 -10.32 -41.93
C16 V7N LJ . 21.99 -9.33 -42.67
C17 V7N LJ . 21.23 -9.62 -43.79
C18 V7N LJ . 20.45 -8.70 -44.51
C19 V7N LJ . 19.73 -9.19 -45.63
C2 V7N LJ . 29.20 -7.63 -28.88
C20 V7N LJ . 18.66 -8.57 -46.24
C21 V7N LJ . 18.02 -9.17 -47.35
C22 V7N LJ . 17.60 -8.48 -48.46
C23 V7N LJ . 16.95 -9.19 -49.59
C24 V7N LJ . 15.44 -9.03 -49.53
C25 V7N LJ . 14.84 -8.97 -50.88
C26 V7N LJ . 13.67 -9.58 -51.13
C27 V7N LJ . 13.01 -9.54 -52.47
C28 V7N LJ . 12.83 -10.91 -53.09
C29 V7N LJ . 11.55 -11.54 -52.73
C3 V7N LJ . 28.22 -8.17 -29.85
C30 V7N LJ . 27.61 -5.67 -28.86
C31 V7N LJ . 28.17 -6.79 -26.72
C33 V7N LJ . 26.08 -11.16 -30.22
C34 V7N LJ . 25.55 -12.78 -35.37
C35 V7N LJ . 23.42 -12.40 -40.02
C36 V7N LJ . 20.37 -7.30 -44.07
C37 V7N LJ . 17.78 -7.01 -48.60
C38 V7N LJ . 13.00 -10.32 -50.05
C39 V7N LJ . 11.08 -12.65 -53.32
C4 V7N LJ . 27.95 -9.50 -29.89
C40 V7N LJ . 9.79 -13.22 -52.91
C41 V7N LJ . 29.73 -4.40 -27.25
C43 V7N LJ . 11.78 -13.36 -54.41
C5 V7N LJ . 27.04 -10.17 -30.76
C6 V7N LJ . 27.06 -9.91 -32.12
C7 V7N LJ . 26.19 -10.53 -33.05
C8 V7N LJ . 26.57 -10.71 -34.37
C9 V7N LJ . 25.81 -11.32 -35.37
O32 V7N LJ . 29.89 -5.60 -27.98
O42 V7N LJ . 24.96 -13.39 -34.49
O44 V7N LJ . 9.15 -12.56 -51.94
O45 V7N LJ . 9.23 -14.23 -53.37
C1 V7N MJ . 23.23 7.17 -33.01
C10 V7N MJ . 18.59 3.97 -41.54
C11 V7N MJ . 17.65 3.44 -42.45
C12 V7N MJ . 16.99 4.27 -43.36
C13 V7N MJ . 16.03 3.90 -44.31
C14 V7N MJ . 15.33 4.93 -44.98
C15 V7N MJ . 14.34 4.72 -45.93
C16 V7N MJ . 13.45 5.74 -46.30
C17 V7N MJ . 12.44 5.53 -47.24
C18 V7N MJ . 11.43 6.46 -47.58
C19 V7N MJ . 10.48 6.06 -48.53
C2 V7N MJ . 23.64 6.34 -34.24
C20 V7N MJ . 9.51 6.84 -49.13
C21 V7N MJ . 8.59 6.29 -50.07
C22 V7N MJ . 7.74 7.03 -50.85
C23 V7N MJ . 6.81 6.36 -51.79
C24 V7N MJ . 5.38 6.72 -51.50
C25 V7N MJ . 4.44 5.68 -51.97
C26 V7N MJ . 3.54 5.87 -52.94
C27 V7N MJ . 2.63 4.76 -53.35
C28 V7N MJ . 1.39 5.25 -54.06
C29 V7N MJ . 0.39 4.17 -54.21
C3 V7N MJ . 22.53 5.68 -34.94
C30 V7N MJ . 21.71 7.29 -32.96
C31 V7N MJ . 23.76 6.53 -31.74
C33 V7N MJ . 21.41 2.36 -35.88
C34 V7N MJ . 18.61 1.95 -40.10
C35 V7N MJ . 15.70 2.50 -44.63
C36 V7N MJ . 11.40 7.78 -46.93
C37 V7N MJ . 7.69 8.51 -50.80
C38 V7N MJ . 3.37 7.17 -53.64
C39 V7N MJ . 0.39 3.27 -55.22
C4 V7N MJ . 22.73 4.50 -35.59
C40 V7N MJ . -0.64 2.22 -55.29
C41 V7N MJ . 24.14 9.24 -32.13
C43 V7N MJ . 1.38 3.25 -56.32
C5 V7N MJ . 21.78 3.73 -36.31
C6 V7N MJ . 21.21 4.27 -37.46
C7 V7N MJ . 20.27 3.59 -38.25
C8 V7N MJ . 20.00 3.97 -39.57
C9 V7N MJ . 19.08 3.32 -40.40
O32 V7N MJ . 23.83 8.45 -33.27
O42 V7N MJ . 18.79 0.98 -40.83
O44 V7N MJ . -1.57 2.23 -54.33
O45 V7N MJ . -0.73 1.32 -56.13
MG BCL NJ . 23.54 11.94 -40.02
CHA BCL NJ . 20.11 11.63 -40.20
CHB BCL NJ . 23.80 8.80 -41.32
CHC BCL NJ . 26.80 11.86 -39.09
CHD BCL NJ . 23.11 14.70 -37.93
NA BCL NJ . 22.11 10.42 -40.64
C1A BCL NJ . 20.74 10.54 -40.75
C2A BCL NJ . 20.18 9.53 -41.67
C3A BCL NJ . 21.31 8.49 -41.74
C4A BCL NJ . 22.50 9.25 -41.26
CMA BCL NJ . 21.02 7.28 -40.85
CAA BCL NJ . 19.80 10.13 -43.04
CBA BCL NJ . 18.63 9.45 -43.76
CGA BCL NJ . 18.84 8.01 -43.99
O1A BCL NJ . 18.13 7.14 -43.64
O2A BCL NJ . 19.95 7.80 -44.59
NB BCL NJ . 25.07 10.54 -40.13
C1B BCL NJ . 24.99 9.32 -40.79
C2B BCL NJ . 26.26 8.72 -40.85
C3B BCL NJ . 27.16 9.59 -40.21
C4B BCL NJ . 26.37 10.72 -39.77
CMB BCL NJ . 26.50 7.37 -41.50
CAB BCL NJ . 28.60 9.50 -39.99
OBB BCL NJ . 29.32 10.50 -40.01
CBB BCL NJ . 29.30 8.20 -39.72
NC BCL NJ . 24.76 13.11 -38.70
C1C BCL NJ . 26.09 12.91 -38.49
C2C BCL NJ . 26.73 13.99 -37.71
C3C BCL NJ . 25.56 14.91 -37.37
C4C BCL NJ . 24.38 14.20 -37.96
CMC BCL NJ . 27.48 13.48 -36.50
CAC BCL NJ . 25.69 16.38 -37.85
CBC BCL NJ . 26.63 17.18 -37.00
ND BCL NJ . 21.99 12.97 -39.22
C1D BCL NJ . 21.91 14.07 -38.38
C2D BCL NJ . 20.59 14.40 -38.08
C3D BCL NJ . 19.81 13.48 -38.77
C4D BCL NJ . 20.68 12.64 -39.43
CMD BCL NJ . 20.16 15.54 -37.18
CAD BCL NJ . 18.52 13.16 -39.22
OBD BCL NJ . 17.42 13.70 -38.98
CBD BCL NJ . 18.62 11.94 -40.17
CGD BCL NJ . 17.74 10.85 -39.71
O1D BCL NJ . 17.94 10.13 -38.76
O2D BCL NJ . 16.68 10.67 -40.46
CED BCL NJ . 15.79 9.62 -40.01
C1 BCL NJ . 20.34 6.42 -44.87
C2 BCL NJ . 21.86 6.47 -44.83
C3 BCL NJ . 22.60 5.80 -45.64
C4 BCL NJ . 24.13 5.81 -45.63
C5 BCL NJ . 21.98 4.90 -46.70
C6 BCL NJ . 22.03 3.41 -46.40
C7 BCL NJ . 21.32 2.56 -47.46
C8 BCL NJ . 19.80 2.49 -47.41
C9 BCL NJ . 19.30 2.31 -45.97
C10 BCL NJ . 19.32 1.32 -48.28
C11 BCL NJ . 17.83 1.16 -48.42
C12 BCL NJ . 17.45 -0.04 -49.31
C13 BCL NJ . 16.22 0.28 -50.19
C14 BCL NJ . 15.59 -0.97 -50.82
C15 BCL NJ . 16.68 1.24 -51.32
C16 BCL NJ . 17.34 0.64 -52.56
C17 BCL NJ . 16.46 0.80 -53.80
C18 BCL NJ . 16.91 0.07 -55.05
C19 BCL NJ . 16.94 -1.42 -54.64
C20 BCL NJ . 18.28 0.49 -55.60
O1 PEX OJ . 37.52 13.62 -43.75
O2 PEX OJ . 37.40 11.21 -44.63
P1 PEX OJ . 36.95 12.64 -44.71
O3 PEX OJ . 35.30 12.70 -44.60
C1 PEX OJ . 34.75 12.36 -43.36
C2 PEX OJ . 33.24 12.18 -43.41
C3 PEX OJ . 32.51 13.18 -44.27
O4 PEX OJ . 31.11 13.11 -44.04
C4 PEX OJ . 30.36 14.01 -44.67
O5 PEX OJ . 30.40 15.19 -44.40
C5 PEX OJ . 29.49 13.42 -45.72
C6 PEX OJ . 28.61 14.46 -46.39
C7 PEX OJ . 27.55 13.85 -47.29
C8 PEX OJ . 28.06 12.72 -48.18
C9 PEX OJ . 26.93 12.03 -48.92
C10 PEX OJ . 27.27 10.62 -49.38
C11 PEX OJ . 26.34 10.10 -50.47
C12 PEX OJ . 25.11 9.37 -49.93
C13 PEX OJ . 24.05 9.14 -50.99
O6 PEX OJ . 32.89 10.86 -43.84
C14 PEX OJ . 32.00 10.18 -43.13
O7 PEX OJ . 31.53 10.58 -42.11
C15 PEX OJ . 31.66 8.85 -43.76
C16 PEX OJ . 30.37 8.81 -44.55
C17 PEX OJ . 29.13 9.13 -43.71
C18 PEX OJ . 28.74 10.61 -43.77
C19 PEX OJ . 27.27 10.89 -43.50
C20 PEX OJ . 26.32 10.01 -44.28
C21 PEX OJ . 25.08 10.74 -44.77
C22 PEX OJ . 23.89 9.81 -44.95
C23 PEX OJ . 22.81 10.39 -45.84
O8 PEX OJ . 37.05 13.22 -46.24
C24 PEX OJ . 35.88 13.77 -46.82
C25 PEX OJ . 36.23 14.99 -47.66
N1 PEX OJ . 37.06 15.93 -46.92
C1B LMT PJ . 42.57 14.94 -41.71
C2B LMT PJ . 43.08 16.22 -41.02
C3B LMT PJ . 42.07 17.36 -41.18
C4B LMT PJ . 41.84 17.59 -42.69
C5B LMT PJ . 41.26 16.28 -43.23
C6B LMT PJ . 40.91 16.43 -44.71
O1B LMT PJ . 41.56 14.38 -40.90
O2B LMT PJ . 43.28 15.92 -39.71
O3B LMT PJ . 42.45 18.50 -40.54
O4' LMT PJ . 40.94 18.62 -42.90
O5B LMT PJ . 42.12 15.17 -43.03
O6B LMT PJ . 40.55 15.21 -45.24
C1' LMT PJ . 38.92 11.19 -40.80
C2' LMT PJ . 40.37 10.83 -41.21
C3' LMT PJ . 41.33 11.98 -40.84
C4' LMT PJ . 40.81 13.30 -41.41
C5' LMT PJ . 39.40 13.42 -40.83
C6' LMT PJ . 38.76 14.78 -41.00
O1' LMT PJ . 38.05 10.27 -41.31
O2' LMT PJ . 40.74 9.70 -40.53
O3' LMT PJ . 42.58 11.72 -41.32
O5' LMT PJ . 38.58 12.44 -41.37
O6' LMT PJ . 38.48 14.88 -42.33
C1 LMT PJ . 36.80 10.23 -40.66
C2 LMT PJ . 36.33 8.82 -40.83
C3 LMT PJ . 34.97 8.50 -40.32
C4 LMT PJ . 35.08 7.29 -39.44
C5 LMT PJ . 33.74 6.73 -39.14
C6 LMT PJ . 33.24 5.86 -40.23
C7 LMT PJ . 31.88 5.34 -39.90
C8 LMT PJ . 31.23 4.87 -41.14
C9 LMT PJ . 29.77 4.64 -41.03
C10 LMT PJ . 29.29 4.29 -42.41
C11 LMT PJ . 27.86 3.84 -42.38
C12 LMT PJ . 27.32 3.69 -43.75
MG BCL QJ . 27.48 4.31 -37.54
CHA BCL QJ . 27.16 1.40 -39.38
CHB BCL QJ . 24.50 5.35 -38.81
CHC BCL QJ . 28.13 7.43 -36.43
CHD BCL QJ . 30.85 3.51 -37.03
NA BCL QJ . 26.05 3.47 -38.95
C1A BCL QJ . 26.04 2.20 -39.51
C2A BCL QJ . 24.67 1.84 -40.00
C3A BCL QJ . 23.95 3.20 -40.04
C4A BCL QJ . 24.83 4.08 -39.22
CMA BCL QJ . 23.80 3.73 -41.46
CAA BCL QJ . 23.97 0.83 -39.08
CBA BCL QJ . 22.57 0.47 -39.52
CGA BCL QJ . 22.25 -0.96 -39.31
O1A BCL QJ . 23.03 -1.81 -39.19
O2A BCL QJ . 20.97 -1.21 -39.24
NB BCL QJ . 26.52 6.14 -37.67
C1B BCL QJ . 25.20 6.31 -38.09
C2B BCL QJ . 24.70 7.53 -37.64
C3B BCL QJ . 25.73 8.20 -36.95
C4B BCL QJ . 26.86 7.27 -37.00
CMB BCL QJ . 23.27 7.96 -37.91
CAB BCL QJ . 25.78 9.51 -36.31
OBB BCL QJ . 26.84 10.02 -35.92
CBB BCL QJ . 24.57 10.38 -36.07
NC BCL QJ . 29.23 5.31 -36.85
C1C BCL QJ . 29.25 6.59 -36.37
C2C BCL QJ . 30.52 6.94 -35.69
C3C BCL QJ . 31.29 5.62 -35.71
C4C BCL QJ . 30.48 4.78 -36.66
CMC BCL QJ . 31.28 8.05 -36.38
CAC BCL QJ . 31.48 4.95 -34.31
CBC BCL QJ . 32.59 5.56 -33.49
ND BCL QJ . 28.77 2.83 -38.11
C1D BCL QJ . 30.09 2.56 -37.76
C2D BCL QJ . 30.49 1.29 -38.23
C3D BCL QJ . 29.38 0.77 -38.87
C4D BCL QJ . 28.37 1.73 -38.79
CMD BCL QJ . 31.86 0.67 -38.04
CAD BCL QJ . 28.80 -0.38 -39.45
OBD BCL QJ . 29.30 -1.46 -39.78
CBD BCL QJ . 27.29 -0.11 -39.62
CGD BCL QJ . 26.84 -0.57 -40.93
O1D BCL QJ . 26.14 -1.52 -41.17
O2D BCL QJ . 27.29 0.17 -41.91
CED BCL QJ . 26.79 -0.27 -43.17
C1 BCL QJ . 20.59 -2.61 -39.07
C2 BCL QJ . 19.41 -2.87 -40.01
C3 BCL QJ . 19.27 -2.58 -41.30
C4 BCL QJ . 18.03 -2.91 -42.12
C5 BCL QJ . 20.36 -1.86 -42.11
C6 BCL QJ . 19.89 -0.98 -43.26
C7 BCL QJ . 20.99 -0.07 -43.81
C8 BCL QJ . 22.31 -0.66 -44.32
C9 BCL QJ . 23.27 0.48 -44.72
C10 BCL QJ . 22.08 -1.62 -45.50
C11 BCL QJ . 23.03 -1.50 -46.68
C12 BCL QJ . 23.06 -2.72 -47.62
C13 BCL QJ . 21.74 -3.18 -48.24
C14 BCL QJ . 21.14 -4.39 -47.53
C15 BCL QJ . 22.13 -3.59 -49.66
C16 BCL QJ . 21.13 -3.89 -50.78
C17 BCL QJ . 20.25 -5.16 -50.87
C18 BCL QJ . 19.56 -5.26 -52.22
C19 BCL QJ . 18.49 -4.15 -52.18
C20 BCL QJ . 18.92 -6.63 -52.53
C1 V7N RJ . 30.26 -18.02 -18.10
C10 V7N RJ . 27.86 -23.87 -25.71
C11 V7N RJ . 27.22 -24.59 -26.73
C12 V7N RJ . 27.46 -24.37 -28.09
C13 V7N RJ . 26.85 -25.05 -29.15
C14 V7N RJ . 26.82 -24.43 -30.41
C15 V7N RJ . 26.22 -24.96 -31.56
C16 V7N RJ . 25.91 -24.19 -32.69
C17 V7N RJ . 25.30 -24.74 -33.81
C18 V7N RJ . 24.94 -24.04 -34.98
C19 V7N RJ . 24.31 -24.78 -36.02
C2 V7N RJ . 30.60 -19.50 -18.34
C20 V7N RJ . 23.89 -24.28 -37.24
C21 V7N RJ . 23.28 -25.12 -38.21
C22 V7N RJ . 22.97 -24.74 -39.48
C23 V7N RJ . 22.33 -25.69 -40.42
C24 V7N RJ . 20.91 -25.27 -40.75
C25 V7N RJ . 20.51 -25.68 -42.11
C26 V7N RJ . 19.28 -26.15 -42.42
C27 V7N RJ . 18.94 -26.54 -43.81
C28 V7N RJ . 18.24 -27.89 -43.89
C29 V7N RJ . 16.78 -27.75 -44.06
C3 V7N RJ . 29.77 -20.17 -19.35
C30 V7N RJ . 29.60 -17.43 -19.34
C31 V7N RJ . 29.36 -17.86 -16.90
C33 V7N RJ . 26.95 -22.60 -19.45
C34 V7N RJ . 27.11 -25.46 -23.99
C35 V7N RJ . 26.24 -26.38 -28.99
C36 V7N RJ . 25.20 -22.59 -35.08
C37 V7N RJ . 23.26 -23.38 -40.00
C38 V7N RJ . 18.23 -26.28 -41.37
C39 V7N RJ . 15.95 -28.79 -44.26
C4 V7N RJ . 29.08 -21.31 -19.04
C40 V7N RJ . 14.49 -28.58 -44.42
C41 V7N RJ . 31.50 -16.02 -17.58
C43 V7N RJ . 16.41 -30.19 -44.31
C5 V7N RJ . 28.24 -22.07 -19.92
C6 V7N RJ . 28.68 -22.32 -21.22
C7 V7N RJ . 27.95 -23.07 -22.16
C8 V7N RJ . 28.49 -23.46 -23.38
C9 V7N RJ . 27.83 -24.23 -24.36
O32 V7N RJ . 31.54 -17.41 -17.88
O42 V7N RJ . 26.42 -25.59 -22.98
O44 V7N RJ . 13.97 -27.57 -43.71
O45 V7N RJ . 13.70 -29.22 -45.12
MG BCL SJ . 31.89 -3.55 -35.59
CHA BCL SJ . 28.57 -3.41 -36.55
CHB BCL SJ . 31.71 -6.95 -35.85
CHC BCL SJ . 34.79 -3.80 -33.87
CHD BCL SJ . 31.65 -0.24 -34.54
NA BCL SJ . 30.32 -4.95 -36.10
C1A BCL SJ . 29.06 -4.69 -36.61
C2A BCL SJ . 28.54 -5.83 -37.39
C3A BCL SJ . 29.39 -7.00 -36.88
C4A BCL SJ . 30.56 -6.32 -36.27
CMA BCL SJ . 28.63 -7.83 -35.83
CAA BCL SJ . 28.67 -5.59 -38.89
CBA BCL SJ . 27.54 -6.18 -39.75
CGA BCL SJ . 27.27 -7.59 -39.41
O1A BCL SJ . 26.37 -7.98 -38.79
O2A BCL SJ . 28.19 -8.36 -39.93
NB BCL SJ . 33.06 -5.12 -34.91
C1B BCL SJ . 32.85 -6.47 -35.19
C2B BCL SJ . 33.92 -7.24 -34.71
C3B BCL SJ . 34.85 -6.35 -34.14
C4B BCL SJ . 34.25 -5.03 -34.28
CMB BCL SJ . 33.98 -8.74 -34.84
CAB BCL SJ . 36.16 -6.58 -33.53
OBB BCL SJ . 37.07 -5.75 -33.62
CBB BCL SJ . 36.47 -7.82 -32.75
NC BCL SJ . 33.06 -2.20 -34.39
C1C BCL SJ . 34.21 -2.53 -33.77
C2C BCL SJ . 34.90 -1.35 -33.18
C3C BCL SJ . 33.92 -0.21 -33.43
C4C BCL SJ . 32.76 -0.89 -34.09
CMC BCL SJ . 35.23 -1.55 -31.71
CAC BCL SJ . 34.49 0.98 -34.24
CBC BCL SJ . 35.40 1.86 -33.42
ND BCL SJ . 30.47 -2.10 -35.55
C1D BCL SJ . 30.46 -0.79 -35.06
C2D BCL SJ . 29.17 -0.22 -35.15
C3D BCL SJ . 28.38 -1.20 -35.74
C4D BCL SJ . 29.18 -2.30 -35.96
CMD BCL SJ . 28.80 1.17 -34.69
CAD BCL SJ . 27.12 -1.48 -36.33
OBD BCL SJ . 26.10 -0.78 -36.43
CBD BCL SJ . 27.17 -2.91 -36.90
CGD BCL SJ . 26.04 -3.71 -36.38
O1D BCL SJ . 25.88 -4.06 -35.24
O2D BCL SJ . 25.14 -4.02 -37.29
CED BCL SJ . 24.00 -4.76 -36.80
C1 BCL SJ . 28.13 -9.80 -39.69
C2 BCL SJ . 29.45 -10.09 -39.01
C3 BCL SJ . 30.37 -10.88 -39.46
C4 BCL SJ . 31.68 -11.12 -38.73
C5 BCL SJ . 30.15 -11.61 -40.80
C6 BCL SJ . 30.63 -13.06 -40.95
C7 BCL SJ . 32.08 -13.21 -41.41
C8 BCL SJ . 32.35 -12.82 -42.87
C9 BCL SJ . 31.34 -13.55 -43.79
C10 BCL SJ . 33.81 -13.16 -43.23
C11 BCL SJ . 34.34 -12.80 -44.61
C12 BCL SJ . 33.87 -11.42 -45.11
C13 BCL SJ . 34.61 -10.13 -44.71
C14 BCL SJ . 34.53 -9.78 -43.23
C15 BCL SJ . 33.89 -9.00 -45.49
C16 BCL SJ . 33.75 -8.78 -47.01
C17 BCL SJ . 32.98 -9.61 -48.06
C18 BCL SJ . 33.63 -10.86 -48.62
C19 BCL SJ . 35.01 -10.42 -49.11
C20 BCL SJ . 32.87 -11.55 -49.76
O1 PEX TJ . 46.95 -5.94 -36.58
O2 PEX TJ . 46.31 -5.62 -39.06
P1 PEX TJ . 46.31 -5.10 -37.65
O3 PEX TJ . 44.80 -4.68 -37.17
C1 PEX TJ . 43.86 -5.70 -36.97
C2 PEX TJ . 42.44 -5.25 -37.30
C3 PEX TJ . 42.24 -4.79 -38.73
O4 PEX TJ . 41.00 -4.08 -38.86
C4 PEX TJ . 40.77 -3.42 -39.98
O5 PEX TJ . 41.63 -3.00 -40.70
C5 PEX TJ . 39.29 -3.27 -40.23
C6 PEX TJ . 38.60 -4.59 -40.54
C7 PEX TJ . 37.48 -4.43 -41.56
C8 PEX TJ . 37.99 -4.47 -42.99
C9 PEX TJ . 37.73 -5.78 -43.70
C10 PEX TJ . 38.19 -5.77 -45.15
C11 PEX TJ . 37.73 -7.00 -45.94
C12 PEX TJ . 38.31 -7.05 -47.35
C13 PEX TJ . 38.05 -8.36 -48.06
O6 PEX TJ . 41.49 -6.28 -37.01
C14 PEX TJ . 40.30 -5.98 -36.50
O7 PEX TJ . 39.82 -4.88 -36.54
C15 PEX TJ . 39.63 -7.17 -35.89
C16 PEX TJ . 38.75 -7.98 -36.83
C17 PEX TJ . 37.28 -7.60 -36.73
C18 PEX TJ . 36.97 -6.20 -37.26
C19 PEX TJ . 35.53 -6.02 -37.69
C20 PEX TJ . 35.16 -6.87 -38.90
C21 PEX TJ . 34.16 -6.20 -39.82
C22 PEX TJ . 32.74 -6.71 -39.65
C23 PEX TJ . 31.87 -6.41 -40.85
O8 PEX TJ . 46.89 -3.57 -37.60
C24 PEX TJ . 47.58 -3.12 -38.75
C25 PEX TJ . 47.24 -1.68 -39.08
N1 PEX TJ . 46.94 -1.47 -40.47
MG BCL UJ . 33.35 -10.50 -30.08
CHA BCL UJ . 32.77 -13.76 -31.05
CHB BCL UJ . 31.04 -9.50 -32.36
CHC BCL UJ . 34.53 -7.33 -29.86
CHD BCL UJ . 36.23 -11.57 -28.43
NA BCL UJ . 32.10 -11.53 -31.53
C1A BCL UJ . 31.93 -12.90 -31.71
C2A BCL UJ . 30.74 -13.20 -32.56
C3A BCL UJ . 30.37 -11.83 -33.14
C4A BCL UJ . 31.16 -10.88 -32.31
CMA BCL UJ . 30.72 -11.72 -34.62
CAA BCL UJ . 29.57 -13.85 -31.79
CBA BCL UJ . 28.60 -14.56 -32.72
CGA BCL UJ . 27.27 -14.90 -32.17
O1A BCL UJ . 26.77 -14.43 -31.23
O2A BCL UJ . 26.64 -15.83 -32.87
NB BCL UJ . 32.91 -8.69 -31.01
C1B BCL UJ . 31.79 -8.48 -31.81
C2B BCL UJ . 31.53 -7.10 -31.92
C3B BCL UJ . 32.54 -6.42 -31.21
C4B BCL UJ . 33.38 -7.47 -30.66
CMB BCL UJ . 30.34 -6.57 -32.69
CAB BCL UJ . 32.81 -5.00 -31.02
OBB BCL UJ . 33.89 -4.57 -30.59
CBB BCL UJ . 31.79 -3.92 -31.29
NC BCL UJ . 35.12 -9.59 -29.26
C1C BCL UJ . 35.39 -8.26 -29.27
C2C BCL UJ . 36.51 -7.90 -28.36
C3C BCL UJ . 36.89 -9.25 -27.75
C4C BCL UJ . 36.15 -10.22 -28.62
CMC BCL UJ . 37.65 -7.22 -29.07
CAC BCL UJ . 36.54 -9.42 -26.25
CBC BCL UJ . 37.51 -8.73 -25.31
ND BCL UJ . 34.34 -12.25 -29.80
C1D BCL UJ . 35.47 -12.60 -29.07
C2D BCL UJ . 35.69 -13.98 -29.08
C3D BCL UJ . 34.66 -14.51 -29.85
C4D BCL UJ . 33.88 -13.45 -30.27
CMD BCL UJ . 36.83 -14.70 -28.39
CAD BCL UJ . 33.97 -15.68 -30.20
OBD BCL UJ . 34.25 -16.88 -30.03
CBD BCL UJ . 32.66 -15.28 -30.93
CGD BCL UJ . 32.55 -16.00 -32.19
O1D BCL UJ . 31.74 -16.85 -32.47
O2D BCL UJ . 33.47 -15.62 -33.04
CED BCL UJ . 33.40 -16.26 -34.32
C1 BCL UJ . 25.31 -16.23 -32.42
C2 BCL UJ . 24.77 -17.26 -33.43
C3 BCL UJ . 24.92 -17.46 -34.75
C4 BCL UJ . 24.23 -18.60 -35.50
C5 BCL UJ . 25.80 -16.60 -35.68
C6 BCL UJ . 27.13 -17.22 -36.09
C7 BCL UJ . 27.97 -16.32 -37.01
C8 BCL UJ . 29.43 -16.75 -37.17
C9 BCL UJ . 30.35 -15.50 -37.24
C10 BCL UJ . 29.69 -17.66 -38.41
C11 BCL UJ . 28.93 -18.95 -38.67
C12 BCL UJ . 29.63 -19.90 -39.66
C13 BCL UJ . 28.76 -21.09 -40.07
C14 BCL UJ . 29.58 -22.31 -40.49
C15 BCL UJ . 27.84 -20.70 -41.26
C16 BCL UJ . 28.43 -20.74 -42.69
C17 BCL UJ . 27.52 -20.48 -43.91
C18 BCL UJ . 28.13 -20.89 -45.25
C19 BCL UJ . 29.38 -20.02 -45.45
C20 BCL UJ . 27.19 -20.75 -46.47
C1B LMT VJ . 51.20 -4.86 -32.19
C2B LMT VJ . 51.91 -3.64 -31.59
C3B LMT VJ . 51.77 -2.41 -32.50
C4B LMT VJ . 52.15 -2.73 -33.97
C5B LMT VJ . 51.38 -4.00 -34.40
C6B LMT VJ . 51.77 -4.39 -35.82
O1B LMT VJ . 49.82 -4.74 -32.02
O2B LMT VJ . 51.32 -3.40 -30.37
O3B LMT VJ . 52.49 -1.34 -32.01
O4' LMT VJ . 51.79 -1.69 -34.79
O5B LMT VJ . 51.57 -5.09 -33.52
O6B LMT VJ . 50.82 -4.01 -36.71
C1' LMT VJ . 46.41 -7.02 -32.41
C2' LMT VJ . 47.70 -7.83 -32.20
C3' LMT VJ . 48.79 -6.89 -31.63
C4' LMT VJ . 48.98 -5.71 -32.60
C5' LMT VJ . 47.58 -5.09 -32.76
C6' LMT VJ . 47.57 -3.81 -33.56
O1' LMT VJ . 45.43 -7.81 -32.94
O2' LMT VJ . 47.45 -8.82 -31.30
O3' LMT VJ . 49.95 -7.59 -31.46
O5' LMT VJ . 46.69 -6.00 -33.34
O6' LMT VJ . 46.77 -4.05 -34.64
C1 LMT VJ . 44.14 -7.38 -32.63
C2 LMT VJ . 43.29 -8.59 -32.76
C3 LMT VJ . 42.37 -8.87 -31.62
C4 LMT VJ . 41.37 -9.87 -32.11
C5 LMT VJ . 40.22 -9.95 -31.18
C6 LMT VJ . 39.59 -11.29 -31.22
C7 LMT VJ . 38.10 -11.16 -31.37
C8 LMT VJ . 37.72 -11.65 -32.71
C9 LMT VJ . 36.26 -11.85 -32.87
C10 LMT VJ . 36.05 -12.49 -34.20
C11 LMT VJ . 34.61 -12.58 -34.56
C12 LMT VJ . 34.43 -13.12 -35.92
MG BCL WJ . 35.48 -17.85 -24.92
CHA BCL WJ . 32.54 -17.52 -26.70
CHB BCL WJ . 34.62 -21.09 -24.29
CHC BCL WJ . 37.84 -17.97 -22.50
CHD BCL WJ . 35.79 -14.38 -24.92
NA BCL WJ . 33.78 -19.10 -25.42
C1A BCL WJ . 32.73 -18.80 -26.27
C2A BCL WJ . 32.12 -20.04 -26.80
C3A BCL WJ . 32.53 -21.08 -25.75
C4A BCL WJ . 33.71 -20.44 -25.12
CMA BCL WJ . 31.42 -21.33 -24.74
CAA BCL WJ . 32.63 -20.36 -28.21
CBA BCL WJ . 31.52 -20.77 -29.14
CGA BCL WJ . 30.79 -21.98 -28.69
O1A BCL WJ . 29.64 -22.03 -28.45
O2A BCL WJ . 31.59 -23.00 -28.58
NB BCL WJ . 36.10 -19.28 -23.56
C1B BCL WJ . 35.68 -20.60 -23.52
C2B BCL WJ . 36.48 -21.34 -22.63
C3B BCL WJ . 37.42 -20.47 -22.08
C4B BCL WJ . 37.16 -19.19 -22.70
CMB BCL WJ . 36.26 -22.83 -22.39
CAB BCL WJ . 38.47 -20.67 -21.08
OBB BCL WJ . 39.51 -20.01 -21.09
CBB BCL WJ . 38.36 -21.68 -19.98
NC BCL WJ . 36.65 -16.38 -23.88
C1C BCL WJ . 37.56 -16.67 -22.90
C2C BCL WJ . 38.31 -15.48 -22.44
C3C BCL WJ . 37.69 -14.35 -23.26
C4C BCL WJ . 36.59 -15.02 -24.01
CMC BCL WJ . 38.22 -15.26 -20.94
CAC BCL WJ . 38.69 -13.59 -24.18
CBC BCL WJ . 39.51 -12.59 -23.42
ND BCL WJ . 34.43 -16.26 -25.65
C1D BCL WJ . 34.63 -14.89 -25.57
C2D BCL WJ . 33.58 -14.19 -26.19
C3D BCL WJ . 32.72 -15.16 -26.66
C4D BCL WJ . 33.26 -16.39 -26.32
CMD BCL WJ . 33.46 -12.68 -26.29
CAD BCL WJ . 31.62 -15.43 -27.51
OBD BCL WJ . 30.87 -14.65 -28.13
CBD BCL WJ . 31.45 -16.97 -27.62
CGD BCL WJ . 30.07 -17.34 -27.28
O1D BCL WJ . 29.53 -17.20 -26.21
O2D BCL WJ . 29.41 -17.86 -28.30
CED BCL WJ . 28.05 -18.25 -28.02
C1 BCL WJ . 31.02 -24.28 -28.13
C2 BCL WJ . 31.58 -24.51 -26.74
C3 BCL WJ . 32.85 -24.74 -26.47
C4 BCL WJ . 33.41 -24.96 -25.08
C5 BCL WJ . 33.90 -24.78 -27.59
C6 BCL WJ . 34.32 -26.13 -28.14
C7 BCL WJ . 35.19 -26.93 -27.18
C8 BCL WJ . 34.63 -28.32 -26.95
C9 BCL WJ . 33.13 -28.27 -26.57
C10 BCL WJ . 35.42 -29.07 -25.87
C11 BCL WJ . 35.04 -30.52 -25.72
C12 BCL WJ . 35.35 -31.36 -26.98
C13 BCL WJ . 34.12 -31.78 -27.79
C14 BCL WJ . 34.13 -33.27 -28.11
C15 BCL WJ . 34.06 -30.98 -29.12
C16 BCL WJ . 32.70 -30.43 -29.59
C17 BCL WJ . 31.57 -31.41 -29.90
C18 BCL WJ . 30.32 -30.73 -30.42
C19 BCL WJ . 29.71 -29.96 -29.22
C20 BCL WJ . 29.27 -31.69 -30.99
MG BCL XJ . 49.93 -46.33 -11.06
CHA BCL XJ . 48.37 -49.39 -10.76
CHB BCL XJ . 48.74 -46.15 -14.26
CHC BCL XJ . 51.95 -43.69 -11.63
CHD BCL XJ . 51.94 -47.17 -8.33
NA BCL XJ . 48.73 -47.64 -12.32
C1A BCL XJ . 48.10 -48.82 -11.98
C2A BCL XJ . 47.02 -49.16 -12.95
C3A BCL XJ . 47.26 -48.19 -14.11
C4A BCL XJ . 48.31 -47.27 -13.60
CMA BCL XJ . 47.73 -48.92 -15.38
CAA BCL XJ . 45.62 -49.04 -12.37
CBA BCL XJ . 44.61 -49.40 -13.42
CGA BCL XJ . 43.22 -49.54 -12.93
O1A BCL XJ . 42.90 -50.06 -11.93
O2A BCL XJ . 42.37 -49.03 -13.77
NB BCL XJ . 50.35 -45.14 -12.70
C1B BCL XJ . 49.64 -45.14 -13.90
C2B BCL XJ . 49.93 -43.98 -14.64
C3B BCL XJ . 50.86 -43.23 -13.90
C4B BCL XJ . 51.10 -44.01 -12.70
CMB BCL XJ . 49.27 -43.71 -15.97
CAB BCL XJ . 51.49 -41.94 -14.19
OBB BCL XJ . 51.91 -41.20 -13.30
CBB BCL XJ . 51.69 -41.42 -15.59
NC BCL XJ . 51.67 -45.55 -10.11
C1C BCL XJ . 52.36 -44.44 -10.53
C2C BCL XJ . 53.42 -44.03 -9.58
C3C BCL XJ . 53.23 -45.01 -8.42
C4C BCL XJ . 52.34 -46.06 -9.02
CMC BCL XJ . 54.80 -44.07 -10.21
CAC BCL XJ . 52.62 -44.38 -7.14
CBC BCL XJ . 53.46 -43.26 -6.56
ND BCL XJ . 50.16 -47.91 -9.81
C1D BCL XJ . 50.98 -48.15 -8.71
C2D BCL XJ . 50.70 -49.39 -8.10
C3D BCL XJ . 49.68 -49.94 -8.87
C4D BCL XJ . 49.38 -49.03 -9.88
CMD BCL XJ . 51.39 -49.96 -6.90
CAD BCL XJ . 48.71 -50.96 -8.95
OBD BCL XJ . 48.53 -51.96 -8.23
CBD BCL XJ . 47.81 -50.69 -10.17
CGD BCL XJ . 47.85 -51.83 -11.08
O1D BCL XJ . 46.92 -52.54 -11.41
O2D BCL XJ . 49.06 -52.02 -11.55
CED BCL XJ . 49.19 -53.09 -12.50
C1 BCL XJ . 40.97 -49.14 -13.40
C2 BCL XJ . 40.27 -47.95 -14.04
C3 BCL XJ . 39.75 -47.94 -15.24
C4 BCL XJ . 39.75 -49.12 -16.20
C5 BCL XJ . 39.06 -46.70 -15.79
C6 BCL XJ . 39.92 -45.48 -16.15
C7 BCL XJ . 40.56 -44.72 -14.99
C8 BCL XJ . 41.31 -43.48 -15.53
C9 BCL XJ . 42.05 -42.81 -14.36
C10 BCL XJ . 40.40 -42.45 -16.26
C11 BCL XJ . 41.29 -41.65 -17.22
C12 BCL XJ . 40.82 -40.30 -17.86
C13 BCL XJ . 39.45 -40.27 -18.60
C14 BCL XJ . 39.78 -40.69 -19.95
C15 BCL XJ . 38.61 -38.95 -18.88
C16 BCL XJ . 38.87 -38.68 -17.16
C17 BCL XJ . 38.49 -39.46 -15.79
C18 BCL XJ . 37.12 -40.11 -15.53
C19 BCL XJ . 36.75 -40.07 -14.03
C20 BCL XJ . 36.95 -41.54 -16.07
C1B LMT YJ . 52.99 -20.67 -17.89
C2B LMT YJ . 53.80 -19.49 -17.35
C3B LMT YJ . 53.70 -18.28 -18.28
C4B LMT YJ . 54.11 -18.68 -19.71
C5B LMT YJ . 53.23 -19.88 -20.12
C6B LMT YJ . 53.61 -20.33 -21.54
O1B LMT YJ . 51.63 -20.35 -17.78
O2B LMT YJ . 53.29 -19.20 -16.11
O3B LMT YJ . 54.40 -17.21 -17.81
O4' LMT YJ . 53.89 -17.65 -20.60
O5B LMT YJ . 53.34 -20.96 -19.22
O6B LMT YJ . 53.06 -21.55 -21.81
C1' LMT YJ . 47.98 -22.16 -17.34
C2' LMT YJ . 49.16 -23.02 -16.86
C3' LMT YJ . 50.42 -22.14 -16.72
C4' LMT YJ . 50.69 -21.38 -18.03
C5' LMT YJ . 49.37 -20.67 -18.40
C6' LMT YJ . 49.47 -19.81 -19.63
O1' LMT YJ . 46.89 -22.94 -17.55
O2' LMT YJ . 48.85 -23.53 -15.65
O3' LMT YJ . 51.48 -22.92 -16.40
O5' LMT YJ . 48.34 -21.59 -18.58
O6' LMT YJ . 49.40 -20.66 -20.68
C1 LMT YJ . 45.86 -22.32 -18.27
C2 LMT YJ . 44.68 -22.42 -17.38
C3 LMT YJ . 43.73 -23.53 -17.65
C4 LMT YJ . 42.56 -23.30 -16.74
C5 LMT YJ . 41.29 -23.52 -17.47
C6 LMT YJ . 40.50 -24.62 -16.89
C7 LMT YJ . 39.07 -24.50 -17.30
C8 LMT YJ . 38.88 -25.22 -18.59
C9 LMT YJ . 37.45 -25.37 -18.96
C10 LMT YJ . 37.38 -26.11 -20.26
C11 LMT YJ . 35.98 -26.43 -20.62
C12 LMT YJ . 35.88 -27.02 -21.99
C1 V7N ZJ . 28.12 -25.61 -4.97
C10 V7N ZJ . 25.77 -33.44 -10.79
C11 V7N ZJ . 25.20 -34.37 -11.66
C12 V7N ZJ . 25.49 -34.38 -13.03
C13 V7N ZJ . 25.00 -35.27 -14.01
C14 V7N ZJ . 25.38 -35.06 -15.35
C15 V7N ZJ . 24.98 -35.83 -16.45
C16 V7N ZJ . 25.16 -35.38 -17.78
C17 V7N ZJ . 24.78 -36.12 -18.90
C18 V7N ZJ . 24.71 -35.60 -20.22
C19 V7N ZJ . 24.31 -36.46 -21.27
C2 V7N ZJ . 28.12 -27.11 -4.65
C20 V7N ZJ . 24.15 -36.10 -22.61
C21 V7N ZJ . 23.75 -37.03 -23.60
C22 V7N ZJ . 23.79 -36.77 -24.95
C23 V7N ZJ . 23.34 -37.80 -25.91
C24 V7N ZJ . 22.20 -37.29 -26.78
C25 V7N ZJ . 20.99 -38.11 -26.61
C26 V7N ZJ . 20.30 -38.63 -27.63
C27 V7N ZJ . 19.08 -39.46 -27.37
C28 V7N ZJ . 18.23 -39.70 -28.60
C29 V7N ZJ . 18.28 -41.10 -29.06
C3 V7N ZJ . 27.29 -27.96 -5.54
C30 V7N ZJ . 27.49 -25.37 -6.34
C31 V7N ZJ . 27.38 -24.81 -3.91
C33 V7N ZJ . 24.39 -30.25 -5.19
C34 V7N ZJ . 24.23 -33.99 -8.93
C35 V7N ZJ . 24.09 -36.40 -13.68
C36 V7N ZJ . 25.06 -34.20 -20.47
C37 V7N ZJ . 24.27 -35.50 -25.51
C38 V7N ZJ . 20.69 -38.43 -29.05
C39 V7N ZJ . 17.41 -41.59 -29.95
C4 V7N ZJ . 26.58 -29.01 -5.04
C40 V7N ZJ . 17.45 -42.98 -30.43
C41 V7N ZJ . 29.79 -23.89 -5.23
C43 V7N ZJ . 16.32 -40.77 -30.55
C5 V7N ZJ . 25.74 -29.93 -5.71
C6 V7N ZJ . 26.18 -30.55 -6.89
C7 V7N ZJ . 25.45 -31.48 -7.63
C8 V7N ZJ . 26.01 -32.23 -8.68
C9 V7N ZJ . 25.35 -33.19 -9.46
O32 V7N ZJ . 29.52 -25.26 -5.01
O42 V7N ZJ . 23.16 -33.53 -8.55
O44 V7N ZJ . 18.31 -43.80 -29.80
O45 V7N ZJ . 16.78 -43.48 -31.34
MG BCL AK . 34.04 -28.59 -10.26
CHA BCL AK . 31.61 -28.45 -12.71
CHB BCL AK . 32.44 -31.33 -8.97
CHC BCL AK . 35.90 -28.33 -7.45
CHD BCL AK . 34.91 -25.31 -11.03
NA BCL AK . 32.24 -29.70 -10.78
C1A BCL AK . 31.44 -29.55 -11.90
C2A BCL AK . 30.75 -30.83 -12.22
C3A BCL AK . 30.74 -31.53 -10.87
C4A BCL AK . 31.86 -30.86 -10.13
CMA BCL AK . 29.40 -31.35 -10.14
CAA BCL AK . 31.52 -31.62 -13.26
CBA BCL AK . 30.63 -32.03 -14.41
CGA BCL AK . 29.50 -32.89 -14.02
O1A BCL AK . 28.37 -32.60 -14.06
O2A BCL AK . 29.89 -34.05 -13.62
NB BCL AK . 34.13 -29.63 -8.47
C1B BCL AK . 33.44 -30.79 -8.16
C2B BCL AK . 33.91 -31.34 -6.96
C3B BCL AK . 34.92 -30.50 -6.48
C4B BCL AK . 35.02 -29.43 -7.46
CMB BCL AK . 33.36 -32.63 -6.39
CAB BCL AK . 35.75 -30.60 -5.29
OBB BCL AK . 36.94 -30.27 -5.28
CBB BCL AK . 35.21 -31.10 -3.97
NC BCL AK . 35.26 -27.05 -9.40
C1C BCL AK . 35.89 -27.15 -8.19
C2C BCL AK . 36.80 -26.00 -7.93
C3C BCL AK . 36.52 -25.06 -9.11
C4C BCL AK . 35.42 -25.76 -9.85
CMC BCL AK . 36.54 -25.35 -6.57
CAC BCL AK . 37.73 -24.78 -10.01
CBC BCL AK . 38.69 -23.76 -9.42
ND BCL AK . 33.44 -27.17 -11.57
C1D BCL AK . 33.85 -25.85 -11.79
C2D BCL AK . 33.09 -25.23 -12.80
C3D BCL AK . 32.18 -26.21 -13.22
C4D BCL AK . 32.42 -27.35 -12.45
CMD BCL AK . 33.26 -23.82 -13.28
CAD BCL AK . 31.20 -26.55 -14.16
OBD BCL AK . 30.68 -25.88 -15.07
CBD BCL AK . 30.76 -28.02 -13.91
CGD BCL AK . 29.31 -28.09 -13.74
O1D BCL AK . 28.68 -27.60 -12.83
O2D BCL AK . 28.70 -28.77 -14.68
CED BCL AK . 27.27 -28.89 -14.57
C1 BCL AK . 28.81 -34.97 -13.25
C2 BCL AK . 28.67 -34.95 -11.76
C3 BCL AK . 29.54 -35.31 -10.86
C4 BCL AK . 29.23 -35.24 -9.38
C5 BCL AK . 30.94 -35.82 -11.23
C6 BCL AK . 31.78 -36.49 -10.15
C7 BCL AK . 31.29 -37.90 -9.75
C8 BCL AK . 31.75 -38.29 -8.35
C9 BCL AK . 33.28 -38.42 -8.30
C10 BCL AK . 31.09 -39.63 -7.93
C11 BCL AK . 29.58 -39.56 -7.91
C12 BCL AK . 28.96 -40.90 -7.54
C13 BCL AK . 27.43 -40.89 -7.44
C14 BCL AK . 26.91 -39.97 -6.34
C15 BCL AK . 26.99 -42.33 -7.13
C16 BCL AK . 27.44 -43.37 -8.16
C17 BCL AK . 26.90 -44.80 -8.36
C18 BCL AK . 26.94 -45.80 -7.22
C19 BCL AK . 26.65 -47.16 -7.88
C20 BCL AK . 25.90 -45.55 -6.12
O1 PEX BK . 48.16 -34.20 -3.58
O2 PEX BK . 46.73 -35.66 -5.15
P1 PEX BK . 47.24 -34.30 -4.75
O3 PEX BK . 46.01 -33.23 -4.57
C1 PEX BK . 44.70 -33.72 -4.39
C2 PEX BK . 43.78 -33.31 -5.52
C3 PEX BK . 44.13 -33.95 -6.84
O4 PEX BK . 43.71 -33.14 -7.93
C4 PEX BK . 44.29 -33.33 -9.11
O5 PEX BK . 45.42 -33.71 -9.24
C5 PEX BK . 43.35 -33.03 -10.24
C6 PEX BK . 42.07 -32.33 -9.79
C7 PEX BK . 40.82 -33.12 -10.16
C8 PEX BK . 40.97 -33.85 -11.48
C9 PEX BK . 40.00 -35.01 -11.65
C10 PEX BK . 40.21 -35.73 -12.97
C11 PEX BK . 40.65 -37.18 -12.82
C12 PEX BK . 42.04 -37.43 -13.37
C13 PEX BK . 43.12 -36.61 -12.67
O6 PEX BK . 42.41 -33.61 -5.23
C14 PEX BK . 41.43 -32.85 -5.72
O7 PEX BK . 41.58 -32.11 -6.65
C15 PEX BK . 40.15 -33.03 -4.97
C16 PEX BK . 39.00 -33.63 -5.76
C17 PEX BK . 38.49 -32.71 -6.87
C18 PEX BK . 37.22 -33.22 -7.52
C19 PEX BK . 37.02 -32.72 -8.94
C20 PEX BK . 35.73 -33.22 -9.57
C21 PEX BK . 35.90 -33.70 -11.00
C22 PEX BK . 34.59 -33.77 -11.78
C23 PEX BK . 34.70 -34.56 -13.07
O8 PEX BK . 47.89 -33.50 -6.03
C24 PEX BK . 48.29 -34.27 -7.16
C25 PEX BK . 48.50 -33.39 -8.36
N1 PEX BK . 49.29 -32.21 -8.06
#